data_8QP0
#
_entry.id   8QP0
#
_entity_poly.entity_id   1
_entity_poly.type   'polypeptide(L)'
_entity_poly.pdbx_seq_one_letter_code
;MNKLVGLLVSSLFLASILIGIAPAITTTALTPPVSAGGIQAYLLTGSGAPASGLVLFVVNVSNIQVSSSNVTNVISTVVS
NIQINAKTENAQTGATTGSVTVRFPTSGYNAYYDSVDKVVFVVVSFLYPYTTTSVNIPLSYLSKYLPGLLTAQPYDETGA
QVTSVSSTPFGSLIDTSTGQQILGTNPVLTSYNSYTTQANTNMQEGVVSGTLTSFTLGGQSFSGSTVPVILYAPFIFSNS
PYQAGLYNPMQVNGNLGSLSSEAYYHPVIWGRALINTTLIDTYASGSVPFTFQLNYSVPGPLTINMAQLAWIASINNLPT
SFTYLSYKFSNGYESFLGIISNSTQLTAGALTINPSGNFTINGKKFYVYLLVVGSTNSTTPVEYVTKLVVEYPSSTNFLP
QGVTVTTSSNKYTLPVYEIGGPAGTTITLTGNWYSTPYTVQITVGSTPTLTNYVSQILLKAVAYEGINVSTTQSPYYSTA
ILSTPPSEISITGSSTITAQGKLTATSASATVNLLTNATLTYENIPLTQYSFNGIIVTPGYAAINGTTAMAYVIGALYNK
TSDYVLSFAGSQEPMQVMNNNLTEVTTLAPFGLTLLAPSVPATETGTSPLQLEFFTVPSTSYIALVDFGLWGNLTSVTVS
AYDTVNNKLSVNLGYFYGIVIPPSISTAPYNYQNFICPNNYVTVTIYDPDAVLDPYPSGSFTTSSLPLKYGNMNITGAVI
FPGSSVYNPSGVFGYSNFNKGAAVTTFTYTAQSGPFSPVALTGNTNYLSQYADNNPTDNYYFIQTVNGMPVLMGGLSIVA
SPVSASLPSSTSSPGFMYLLPSAAQVPSPLPGMATPNYNLNIYITYKIDGATVGNNMINGLYVASQNTLIYVVPNGSFVG
SNIKLTYTTTDYAVLHYFYSTGQYKVFKTVSVPNVTANLYFPSSTTPLYQLSVPLYLSEPYYGSPLPTYIGLGTNGTSLW
NSPNYVLFGVSAVQQYLGFIKSISVTLSNGTTVVIPLTTSNMQTLFPQLVGQELQACNGTFQFGISITGLEKLLNLNVQQ
LNNSILSVTYHDYVTGETLTATTKLVALSTLSLVAKGAGVVEFLLTAYPYTGNITFAPPWFIAENVVKQPFMTYSDLQFA
KTNPSAILSLSTVNITVVGLGGKASVYYNSTSGQTVITNIYGQTVATLSGNVLPTLTELAAGNGTFTGSLQFTIVPNNTV
VQIPSSLTKTSFAVYTNGSLAIVLNGKAYSLGPAGLFLLPFVTYTGSAIGANATAIITVSDGVGTSTTQVPITAENFTPI
RLAPFQVPAQVPLPNAPKLKYEYNGSIVITPQQQVLKIYVTSILPYPQEFQIQAFVYEASQFNVHTGSPTAAPVYFSYSA
VRAYPALGIGTSVPNLLVYVQLQGISNLPAGKYVIVLSAVPFAGGPVLSEYPAQLIFTNVTLTQ
;
_entity_poly.pdbx_strand_id   A,D,E,F,G,H
#
# COMPACT_ATOMS: atom_id res chain seq x y z
N LEU A 30 -46.80 23.81 -11.57
CA LEU A 30 -48.14 24.11 -12.05
C LEU A 30 -48.73 22.89 -12.75
N THR A 31 -49.00 23.02 -14.05
CA THR A 31 -49.41 21.90 -14.88
C THR A 31 -48.51 21.84 -16.11
N PRO A 32 -48.19 20.64 -16.62
CA PRO A 32 -48.58 19.29 -16.15
C PRO A 32 -47.93 18.88 -14.83
N PRO A 33 -48.58 18.00 -14.07
CA PRO A 33 -47.97 17.51 -12.83
C PRO A 33 -46.79 16.61 -13.13
N VAL A 34 -45.85 16.55 -12.18
CA VAL A 34 -44.64 15.77 -12.34
C VAL A 34 -44.47 14.85 -11.13
N SER A 35 -43.86 13.70 -11.35
CA SER A 35 -43.63 12.72 -10.30
C SER A 35 -42.16 12.75 -9.86
N ALA A 36 -41.86 12.02 -8.79
CA ALA A 36 -40.50 11.95 -8.28
C ALA A 36 -39.61 11.22 -9.28
N GLY A 37 -38.71 11.96 -9.93
CA GLY A 37 -37.84 11.40 -10.94
C GLY A 37 -38.51 11.14 -12.27
N GLY A 38 -39.66 11.75 -12.53
CA GLY A 38 -40.38 11.53 -13.76
C GLY A 38 -39.80 12.29 -14.94
N ILE A 39 -40.46 12.11 -16.09
CA ILE A 39 -40.07 12.75 -17.34
C ILE A 39 -41.24 13.59 -17.84
N GLN A 40 -40.93 14.77 -18.38
CA GLN A 40 -41.95 15.70 -18.84
C GLN A 40 -41.41 16.39 -20.09
N ALA A 41 -42.29 17.10 -20.80
CA ALA A 41 -41.92 17.75 -22.05
C ALA A 41 -42.48 19.17 -22.10
N TYR A 42 -41.89 19.98 -22.97
CA TYR A 42 -42.36 21.35 -23.19
C TYR A 42 -42.05 21.76 -24.62
N LEU A 43 -43.07 22.20 -25.35
CA LEU A 43 -42.85 22.67 -26.72
C LEU A 43 -42.42 24.13 -26.72
N LEU A 44 -41.47 24.47 -27.60
CA LEU A 44 -41.07 25.86 -27.79
C LEU A 44 -41.84 26.46 -28.95
N THR A 45 -42.84 27.29 -28.64
CA THR A 45 -43.62 27.96 -29.66
C THR A 45 -44.25 29.20 -29.06
N GLY A 46 -44.80 30.06 -29.93
CA GLY A 46 -45.47 31.26 -29.51
C GLY A 46 -45.02 32.45 -30.32
N SER A 47 -45.44 33.64 -29.86
CA SER A 47 -45.02 34.88 -30.51
C SER A 47 -43.55 35.12 -30.25
N GLY A 48 -42.76 35.18 -31.32
CA GLY A 48 -41.32 35.33 -31.22
C GLY A 48 -40.55 34.03 -31.12
N ALA A 49 -41.16 32.90 -31.44
CA ALA A 49 -40.48 31.63 -31.38
C ALA A 49 -39.37 31.58 -32.45
N PRO A 50 -38.21 31.01 -32.11
CA PRO A 50 -37.11 30.94 -33.10
C PRO A 50 -37.37 29.92 -34.20
N ALA A 51 -37.95 28.77 -33.87
CA ALA A 51 -38.25 27.74 -34.87
C ALA A 51 -39.31 26.81 -34.32
N SER A 52 -40.30 26.51 -35.15
CA SER A 52 -41.38 25.61 -34.76
C SER A 52 -40.97 24.17 -34.96
N GLY A 53 -41.08 23.36 -33.90
CA GLY A 53 -40.70 21.97 -33.96
C GLY A 53 -39.68 21.56 -32.94
N LEU A 54 -39.39 22.43 -31.96
CA LEU A 54 -38.42 22.14 -30.92
C LEU A 54 -39.16 21.71 -29.65
N VAL A 55 -38.79 20.55 -29.14
CA VAL A 55 -39.39 20.01 -27.92
C VAL A 55 -38.29 19.76 -26.91
N LEU A 56 -38.52 20.23 -25.69
CA LEU A 56 -37.58 20.12 -24.57
C LEU A 56 -38.06 19.00 -23.66
N PHE A 57 -37.29 17.91 -23.62
CA PHE A 57 -37.56 16.83 -22.68
C PHE A 57 -36.75 17.03 -21.40
N VAL A 58 -37.45 17.03 -20.27
CA VAL A 58 -36.83 17.25 -18.97
C VAL A 58 -37.09 16.04 -18.09
N VAL A 59 -36.13 15.75 -17.22
CA VAL A 59 -36.27 14.72 -16.19
C VAL A 59 -35.79 15.31 -14.87
N ASN A 60 -36.58 15.11 -13.83
CA ASN A 60 -36.36 15.74 -12.53
C ASN A 60 -35.16 15.08 -11.85
N VAL A 61 -34.15 15.89 -11.53
CA VAL A 61 -32.91 15.37 -10.95
C VAL A 61 -32.72 16.09 -9.61
N SER A 62 -33.83 16.43 -8.98
CA SER A 62 -33.85 16.89 -7.59
C SER A 62 -33.69 15.74 -6.60
N ASN A 63 -33.78 14.49 -7.05
CA ASN A 63 -33.69 13.36 -6.12
C ASN A 63 -32.24 13.07 -5.75
N ILE A 64 -31.29 13.43 -6.61
CA ILE A 64 -29.86 13.27 -6.32
C ILE A 64 -29.16 14.60 -6.60
N GLN A 65 -27.98 14.78 -6.01
CA GLN A 65 -27.17 15.97 -6.27
C GLN A 65 -26.12 15.69 -7.33
N VAL A 66 -26.00 16.60 -8.29
CA VAL A 66 -25.06 16.42 -9.40
C VAL A 66 -24.07 17.57 -9.40
N SER A 67 -22.78 17.22 -9.40
CA SER A 67 -21.71 18.20 -9.46
C SER A 67 -21.20 18.30 -10.89
N SER A 68 -20.19 19.15 -11.08
CA SER A 68 -19.62 19.35 -12.41
C SER A 68 -18.49 18.39 -12.71
N SER A 69 -18.07 17.58 -11.73
CA SER A 69 -16.97 16.64 -11.92
C SER A 69 -17.44 15.29 -12.39
N ASN A 70 -18.74 15.01 -12.31
CA ASN A 70 -19.28 13.73 -12.76
C ASN A 70 -20.58 13.91 -13.53
N VAL A 71 -20.92 15.15 -13.89
CA VAL A 71 -22.19 15.41 -14.57
C VAL A 71 -22.27 14.62 -15.87
N THR A 72 -21.15 14.52 -16.60
CA THR A 72 -21.16 13.76 -17.84
C THR A 72 -21.61 12.33 -17.63
N ASN A 73 -21.11 11.67 -16.58
CA ASN A 73 -21.51 10.30 -16.31
C ASN A 73 -23.00 10.21 -16.01
N VAL A 74 -23.50 11.07 -15.12
CA VAL A 74 -24.89 10.93 -14.69
C VAL A 74 -25.84 11.23 -15.84
N ILE A 75 -25.54 12.27 -16.63
CA ILE A 75 -26.40 12.58 -17.77
C ILE A 75 -26.32 11.47 -18.81
N SER A 76 -25.14 10.86 -18.98
CA SER A 76 -25.02 9.75 -19.91
C SER A 76 -25.93 8.60 -19.47
N THR A 77 -25.92 8.29 -18.17
CA THR A 77 -26.79 7.23 -17.66
C THR A 77 -28.25 7.61 -17.86
N VAL A 78 -28.59 8.87 -17.60
CA VAL A 78 -29.98 9.29 -17.65
C VAL A 78 -30.51 9.19 -19.07
N VAL A 79 -29.77 9.72 -20.05
CA VAL A 79 -30.19 9.62 -21.43
C VAL A 79 -30.12 8.19 -21.93
N SER A 80 -29.32 7.33 -21.28
CA SER A 80 -29.35 5.92 -21.62
C SER A 80 -30.64 5.28 -21.14
N ASN A 81 -31.21 5.79 -20.04
CA ASN A 81 -32.43 5.22 -19.49
C ASN A 81 -33.69 5.87 -20.03
N ILE A 82 -33.58 7.00 -20.74
CA ILE A 82 -34.76 7.65 -21.30
C ILE A 82 -35.08 7.03 -22.66
N GLN A 83 -36.38 6.82 -22.92
CA GLN A 83 -36.86 6.38 -24.21
C GLN A 83 -37.91 7.36 -24.73
N ILE A 84 -37.93 7.52 -26.05
CA ILE A 84 -38.82 8.47 -26.72
C ILE A 84 -39.75 7.70 -27.63
N ASN A 85 -41.05 7.91 -27.47
CA ASN A 85 -42.06 7.18 -28.22
C ASN A 85 -42.66 8.07 -29.30
N ALA A 86 -42.79 7.51 -30.50
CA ALA A 86 -43.51 8.15 -31.59
C ALA A 86 -44.75 7.33 -31.90
N LYS A 87 -45.88 8.03 -32.05
CA LYS A 87 -47.16 7.36 -32.13
C LYS A 87 -47.97 7.94 -33.29
N THR A 88 -48.76 7.08 -33.91
CA THR A 88 -49.75 7.48 -34.91
C THR A 88 -51.16 7.36 -34.32
N GLU A 89 -51.95 8.40 -34.56
CA GLU A 89 -53.28 8.55 -33.99
C GLU A 89 -54.14 9.37 -34.95
N ASN A 90 -55.29 9.81 -34.45
CA ASN A 90 -56.13 10.73 -35.20
C ASN A 90 -55.93 12.15 -34.69
N ALA A 91 -56.42 13.12 -35.44
CA ALA A 91 -56.31 14.53 -35.05
C ALA A 91 -57.49 15.00 -34.22
N GLN A 92 -58.29 14.07 -33.72
CA GLN A 92 -59.46 14.38 -32.90
C GLN A 92 -59.49 13.58 -31.60
N THR A 93 -58.62 12.58 -31.47
CA THR A 93 -58.75 11.59 -30.42
C THR A 93 -57.56 11.67 -29.47
N GLY A 94 -57.62 10.87 -28.41
CA GLY A 94 -56.51 10.70 -27.51
C GLY A 94 -56.27 9.22 -27.26
N ALA A 95 -56.66 8.40 -28.23
CA ALA A 95 -56.57 6.95 -28.12
C ALA A 95 -55.38 6.43 -28.91
N THR A 96 -54.49 5.71 -28.22
CA THR A 96 -53.28 5.22 -28.85
C THR A 96 -53.62 4.22 -29.96
N THR A 97 -53.17 4.51 -31.18
CA THR A 97 -53.43 3.66 -32.32
C THR A 97 -52.19 2.93 -32.82
N GLY A 98 -51.00 3.53 -32.72
CA GLY A 98 -49.77 2.83 -33.02
C GLY A 98 -48.58 3.48 -32.34
N SER A 99 -47.66 2.69 -31.79
CA SER A 99 -46.57 3.26 -31.00
C SER A 99 -45.25 2.55 -31.32
N VAL A 100 -44.18 3.34 -31.37
CA VAL A 100 -42.82 2.84 -31.57
C VAL A 100 -41.91 3.58 -30.59
N THR A 101 -40.82 2.94 -30.18
CA THR A 101 -39.91 3.52 -29.20
C THR A 101 -38.50 3.62 -29.76
N VAL A 102 -37.78 4.66 -29.37
CA VAL A 102 -36.38 4.88 -29.73
C VAL A 102 -35.64 5.34 -28.49
N ARG A 103 -34.32 5.46 -28.58
CA ARG A 103 -33.52 5.85 -27.43
C ARG A 103 -32.44 6.83 -27.90
N PHE A 104 -32.02 7.71 -26.98
CA PHE A 104 -30.94 8.62 -27.29
C PHE A 104 -29.64 7.85 -27.52
N PRO A 105 -28.78 8.30 -28.43
CA PRO A 105 -27.51 7.61 -28.65
C PRO A 105 -26.56 7.77 -27.47
N THR A 106 -25.53 6.93 -27.44
CA THR A 106 -24.46 7.05 -26.46
C THR A 106 -23.24 7.76 -27.02
N SER A 107 -23.30 8.21 -28.28
CA SER A 107 -22.20 8.91 -28.92
C SER A 107 -22.75 9.85 -29.98
N GLY A 108 -22.46 11.13 -29.85
CA GLY A 108 -23.00 12.13 -30.75
C GLY A 108 -24.29 12.75 -30.26
N TYR A 109 -24.75 12.37 -29.08
CA TYR A 109 -25.98 12.89 -28.50
C TYR A 109 -25.71 14.20 -27.77
N ASN A 110 -26.79 14.84 -27.33
CA ASN A 110 -26.72 16.07 -26.56
C ASN A 110 -27.47 15.89 -25.25
N ALA A 111 -26.88 16.36 -24.16
CA ALA A 111 -27.51 16.29 -22.85
C ALA A 111 -27.10 17.52 -22.04
N TYR A 112 -28.05 18.08 -21.30
CA TYR A 112 -27.82 19.29 -20.54
C TYR A 112 -28.40 19.11 -19.14
N TYR A 113 -27.87 19.89 -18.19
CA TYR A 113 -28.34 19.82 -16.81
C TYR A 113 -28.43 21.24 -16.24
N ASP A 114 -29.58 21.57 -15.69
CA ASP A 114 -29.77 22.85 -15.01
C ASP A 114 -29.75 22.63 -13.50
N SER A 115 -28.82 23.31 -12.82
CA SER A 115 -28.62 23.11 -11.39
C SER A 115 -29.53 23.99 -10.54
N VAL A 116 -30.16 25.00 -11.12
CA VAL A 116 -31.13 25.83 -10.41
C VAL A 116 -32.54 25.26 -10.52
N ASP A 117 -32.98 24.98 -11.75
CA ASP A 117 -34.15 24.13 -11.93
C ASP A 117 -33.82 22.66 -11.76
N LYS A 118 -32.53 22.35 -11.58
CA LYS A 118 -32.05 21.03 -11.13
C LYS A 118 -32.74 19.87 -11.84
N VAL A 119 -32.71 19.91 -13.17
CA VAL A 119 -33.27 18.87 -14.00
C VAL A 119 -32.37 18.66 -15.21
N VAL A 120 -32.35 17.43 -15.73
CA VAL A 120 -31.59 17.14 -16.95
C VAL A 120 -32.52 17.27 -18.15
N PHE A 121 -32.13 18.10 -19.11
CA PHE A 121 -32.97 18.40 -20.26
C PHE A 121 -32.20 18.23 -21.55
N VAL A 122 -32.94 17.87 -22.59
CA VAL A 122 -32.43 17.68 -23.95
C VAL A 122 -33.44 18.26 -24.93
N VAL A 123 -32.95 18.96 -25.95
CA VAL A 123 -33.81 19.56 -26.96
C VAL A 123 -33.75 18.71 -28.22
N VAL A 124 -34.93 18.40 -28.77
CA VAL A 124 -35.05 17.61 -30.00
C VAL A 124 -35.86 18.42 -31.02
N SER A 125 -35.37 18.44 -32.26
CA SER A 125 -36.04 19.13 -33.35
C SER A 125 -36.86 18.13 -34.15
N PHE A 126 -38.16 18.38 -34.27
CA PHE A 126 -39.06 17.45 -34.95
C PHE A 126 -39.64 18.01 -36.24
N LEU A 127 -40.33 19.15 -36.17
CA LEU A 127 -41.09 19.64 -37.30
C LEU A 127 -40.23 20.46 -38.26
N TYR A 128 -40.85 20.85 -39.38
CA TYR A 128 -40.21 21.62 -40.42
C TYR A 128 -39.79 22.98 -39.89
N PRO A 129 -38.64 23.52 -40.32
CA PRO A 129 -37.66 22.93 -41.25
C PRO A 129 -36.70 21.96 -40.56
N TYR A 130 -36.37 22.18 -39.29
CA TYR A 130 -35.32 21.44 -38.62
C TYR A 130 -35.86 20.11 -38.14
N THR A 131 -35.54 19.04 -38.90
CA THR A 131 -35.90 17.69 -38.53
C THR A 131 -34.66 16.82 -38.31
N THR A 132 -33.72 16.86 -39.25
CA THR A 132 -32.47 16.12 -39.12
C THR A 132 -31.25 17.03 -38.98
N THR A 133 -31.45 18.35 -39.05
CA THR A 133 -30.36 19.31 -38.96
C THR A 133 -30.38 19.99 -37.60
N SER A 134 -29.24 20.00 -36.93
CA SER A 134 -29.12 20.62 -35.62
C SER A 134 -29.27 22.13 -35.73
N VAL A 135 -29.95 22.71 -34.74
CA VAL A 135 -30.17 24.16 -34.68
C VAL A 135 -29.78 24.65 -33.30
N ASN A 136 -29.39 25.91 -33.22
CA ASN A 136 -28.99 26.53 -31.98
C ASN A 136 -30.18 27.18 -31.29
N ILE A 137 -30.42 26.80 -30.04
CA ILE A 137 -31.54 27.28 -29.24
C ILE A 137 -31.02 28.41 -28.36
N PRO A 138 -31.54 29.63 -28.49
CA PRO A 138 -31.10 30.72 -27.63
C PRO A 138 -31.43 30.47 -26.18
N LEU A 139 -30.58 30.97 -25.29
CA LEU A 139 -30.79 30.82 -23.85
C LEU A 139 -32.00 31.60 -23.36
N SER A 140 -32.20 32.82 -23.88
CA SER A 140 -33.26 33.70 -23.39
C SER A 140 -34.65 33.17 -23.71
N TYR A 141 -34.84 32.49 -24.85
CA TYR A 141 -36.16 31.97 -25.18
C TYR A 141 -36.43 30.64 -24.49
N LEU A 142 -35.42 29.79 -24.34
CA LEU A 142 -35.58 28.57 -23.54
C LEU A 142 -35.77 28.88 -22.07
N SER A 143 -35.33 30.06 -21.61
CA SER A 143 -35.54 30.46 -20.22
C SER A 143 -37.01 30.64 -19.87
N LYS A 144 -37.88 30.80 -20.88
CA LYS A 144 -39.31 30.93 -20.61
C LYS A 144 -39.87 29.68 -19.96
N TYR A 145 -39.46 28.51 -20.44
CA TYR A 145 -39.93 27.24 -19.89
C TYR A 145 -39.05 26.72 -18.75
N LEU A 146 -37.88 27.32 -18.55
CA LEU A 146 -37.00 26.95 -17.44
C LEU A 146 -36.26 28.20 -16.97
N PRO A 147 -36.81 28.89 -15.96
CA PRO A 147 -36.16 30.13 -15.49
C PRO A 147 -34.75 29.93 -14.97
N GLY A 148 -34.43 28.76 -14.43
CA GLY A 148 -33.12 28.52 -13.84
C GLY A 148 -31.96 28.75 -14.78
N LEU A 149 -32.16 28.56 -16.09
CA LEU A 149 -31.08 28.80 -17.04
C LEU A 149 -30.62 30.25 -17.06
N LEU A 150 -31.41 31.18 -16.53
CA LEU A 150 -30.99 32.57 -16.43
C LEU A 150 -29.98 32.79 -15.33
N THR A 151 -30.04 32.03 -14.24
CA THR A 151 -29.11 32.23 -13.12
C THR A 151 -27.84 31.41 -13.27
N ALA A 152 -27.97 30.09 -13.49
CA ALA A 152 -26.82 29.23 -13.66
C ALA A 152 -26.84 28.68 -15.07
N GLN A 153 -25.72 28.85 -15.77
CA GLN A 153 -25.62 28.37 -17.14
C GLN A 153 -25.70 26.85 -17.15
N PRO A 154 -26.66 26.27 -17.87
CA PRO A 154 -26.80 24.81 -17.87
C PRO A 154 -25.54 24.11 -18.37
N TYR A 155 -25.23 22.99 -17.72
CA TYR A 155 -24.04 22.21 -18.05
C TYR A 155 -24.26 21.46 -19.36
N ASP A 156 -23.15 21.10 -20.00
CA ASP A 156 -23.17 20.26 -21.19
C ASP A 156 -22.24 19.07 -20.98
N GLU A 157 -22.03 18.31 -22.06
CA GLU A 157 -21.09 17.20 -22.01
C GLU A 157 -19.67 17.74 -21.83
N THR A 158 -18.76 16.86 -21.39
CA THR A 158 -17.38 17.18 -21.07
C THR A 158 -17.26 18.19 -19.93
N GLY A 159 -18.33 18.38 -19.17
CA GLY A 159 -18.30 19.28 -18.02
C GLY A 159 -18.19 20.75 -18.35
N ALA A 160 -18.55 21.13 -19.58
CA ALA A 160 -18.43 22.51 -20.03
C ALA A 160 -19.80 23.19 -20.00
N GLN A 161 -19.84 24.39 -19.44
CA GLN A 161 -21.07 25.18 -19.43
C GLN A 161 -21.19 25.94 -20.73
N VAL A 162 -22.22 25.61 -21.50
CA VAL A 162 -22.43 26.20 -22.82
C VAL A 162 -23.54 27.24 -22.72
N THR A 163 -23.38 28.33 -23.47
CA THR A 163 -24.32 29.45 -23.41
C THR A 163 -25.52 29.28 -24.33
N SER A 164 -25.46 28.33 -25.27
CA SER A 164 -26.58 28.07 -26.16
C SER A 164 -26.78 26.57 -26.24
N VAL A 165 -28.01 26.18 -26.56
CA VAL A 165 -28.38 24.76 -26.60
C VAL A 165 -28.29 24.25 -28.02
N SER A 166 -27.78 23.03 -28.17
CA SER A 166 -27.72 22.36 -29.45
C SER A 166 -28.76 21.25 -29.49
N SER A 167 -29.67 21.36 -30.44
CA SER A 167 -30.77 20.40 -30.53
C SER A 167 -30.25 19.06 -31.03
N THR A 168 -30.76 17.99 -30.44
CA THR A 168 -30.47 16.65 -30.92
C THR A 168 -31.34 16.35 -32.14
N PRO A 169 -30.76 16.08 -33.30
CA PRO A 169 -31.58 15.81 -34.49
C PRO A 169 -32.42 14.55 -34.29
N PHE A 170 -33.65 14.58 -34.81
CA PHE A 170 -34.53 13.43 -34.68
C PHE A 170 -33.98 12.23 -35.44
N GLY A 171 -33.40 12.46 -36.62
CA GLY A 171 -32.84 11.39 -37.42
C GLY A 171 -31.61 10.75 -36.83
N SER A 172 -30.98 11.36 -35.83
CA SER A 172 -29.80 10.80 -35.20
C SER A 172 -30.12 9.85 -34.05
N LEU A 173 -31.39 9.76 -33.65
CA LEU A 173 -31.76 8.86 -32.55
C LEU A 173 -31.56 7.41 -32.95
N ILE A 174 -31.21 6.58 -31.97
CA ILE A 174 -30.92 5.18 -32.18
C ILE A 174 -32.13 4.35 -31.79
N ASP A 175 -32.55 3.45 -32.67
CA ASP A 175 -33.68 2.57 -32.38
C ASP A 175 -33.34 1.62 -31.24
N THR A 176 -34.29 1.45 -30.33
CA THR A 176 -34.09 0.54 -29.20
C THR A 176 -34.24 -0.92 -29.61
N SER A 177 -35.15 -1.21 -30.54
CA SER A 177 -35.40 -2.59 -30.94
C SER A 177 -34.48 -3.03 -32.07
N THR A 178 -33.68 -2.11 -32.60
CA THR A 178 -32.76 -2.43 -33.69
C THR A 178 -31.31 -2.18 -33.35
N GLY A 179 -31.03 -1.20 -32.49
CA GLY A 179 -29.66 -0.83 -32.18
C GLY A 179 -29.00 0.05 -33.21
N GLN A 180 -29.77 0.62 -34.14
CA GLN A 180 -29.22 1.46 -35.19
C GLN A 180 -29.95 2.80 -35.19
N GLN A 181 -29.26 3.82 -35.71
CA GLN A 181 -29.88 5.12 -35.88
C GLN A 181 -31.04 5.03 -36.86
N ILE A 182 -32.10 5.82 -36.60
CA ILE A 182 -33.27 5.75 -37.46
C ILE A 182 -32.92 6.28 -38.85
N LEU A 183 -33.63 5.79 -39.85
CA LEU A 183 -33.35 6.16 -41.23
C LEU A 183 -33.79 7.60 -41.50
N GLY A 184 -33.47 8.07 -42.70
CA GLY A 184 -33.91 9.39 -43.12
C GLY A 184 -35.25 9.39 -43.82
N THR A 185 -35.76 8.21 -44.20
CA THR A 185 -37.03 8.09 -44.89
C THR A 185 -38.10 7.42 -44.04
N ASN A 186 -37.89 7.32 -42.73
CA ASN A 186 -38.89 6.72 -41.87
C ASN A 186 -40.15 7.58 -41.84
N PRO A 187 -41.34 6.97 -41.78
CA PRO A 187 -42.57 7.73 -42.01
C PRO A 187 -42.80 8.87 -41.02
N VAL A 188 -42.45 8.70 -39.75
CA VAL A 188 -42.75 9.74 -38.76
C VAL A 188 -41.86 10.95 -39.00
N LEU A 189 -40.65 10.75 -39.52
CA LEU A 189 -39.77 11.88 -39.81
C LEU A 189 -40.34 12.76 -40.91
N THR A 190 -40.77 12.14 -42.02
CA THR A 190 -41.40 12.91 -43.09
C THR A 190 -42.71 13.52 -42.63
N SER A 191 -43.44 12.81 -41.76
CA SER A 191 -44.66 13.37 -41.19
C SER A 191 -44.35 14.63 -40.40
N TYR A 192 -43.28 14.61 -39.60
CA TYR A 192 -42.90 15.81 -38.86
C TYR A 192 -42.46 16.92 -39.80
N ASN A 193 -41.71 16.58 -40.85
CA ASN A 193 -41.23 17.56 -41.81
C ASN A 193 -42.33 18.19 -42.65
N SER A 194 -43.47 17.51 -42.80
CA SER A 194 -44.58 18.09 -43.55
C SER A 194 -45.88 18.13 -42.76
N TYR A 195 -45.80 18.20 -41.42
CA TYR A 195 -46.95 18.06 -40.52
C TYR A 195 -48.21 18.76 -41.03
N THR A 196 -48.11 20.01 -41.49
CA THR A 196 -49.29 20.74 -41.92
C THR A 196 -50.05 19.97 -43.00
N THR A 197 -49.42 19.79 -44.16
CA THR A 197 -50.05 19.10 -45.26
C THR A 197 -50.35 17.64 -44.94
N GLN A 198 -49.46 16.97 -44.21
CA GLN A 198 -49.66 15.55 -43.91
C GLN A 198 -50.92 15.33 -43.09
N ALA A 199 -51.05 16.06 -41.97
CA ALA A 199 -52.23 15.91 -41.12
C ALA A 199 -53.48 16.43 -41.82
N ASN A 200 -53.33 17.44 -42.68
CA ASN A 200 -54.48 17.97 -43.40
C ASN A 200 -55.02 16.95 -44.40
N THR A 201 -54.12 16.22 -45.06
CA THR A 201 -54.56 15.32 -46.14
C THR A 201 -54.93 13.93 -45.62
N ASN A 202 -54.00 13.24 -44.96
CA ASN A 202 -54.20 11.84 -44.61
C ASN A 202 -54.79 11.66 -43.22
N MET A 203 -55.14 12.75 -42.53
CA MET A 203 -55.81 12.76 -41.23
C MET A 203 -55.12 11.85 -40.20
N GLN A 204 -53.86 11.52 -40.45
CA GLN A 204 -53.05 10.81 -39.48
C GLN A 204 -52.18 11.78 -38.69
N GLU A 205 -52.08 11.56 -37.39
CA GLU A 205 -51.41 12.47 -36.46
C GLU A 205 -50.21 11.79 -35.83
N GLY A 206 -49.07 12.49 -35.85
CA GLY A 206 -47.87 12.01 -35.19
C GLY A 206 -47.68 12.70 -33.85
N VAL A 207 -47.72 11.91 -32.78
CA VAL A 207 -47.62 12.41 -31.41
C VAL A 207 -46.43 11.76 -30.73
N VAL A 208 -45.58 12.58 -30.12
CA VAL A 208 -44.38 12.10 -29.45
C VAL A 208 -44.67 12.03 -27.95
N SER A 209 -43.88 11.25 -27.23
CA SER A 209 -43.99 11.16 -25.78
C SER A 209 -42.65 10.66 -25.23
N GLY A 210 -42.51 10.65 -23.91
CA GLY A 210 -41.28 10.20 -23.29
C GLY A 210 -41.56 9.26 -22.13
N THR A 211 -40.56 8.46 -21.81
CA THR A 211 -40.65 7.55 -20.68
C THR A 211 -39.25 7.34 -20.12
N LEU A 212 -39.20 6.94 -18.85
CA LEU A 212 -37.94 6.70 -18.14
C LEU A 212 -37.98 5.30 -17.56
N THR A 213 -37.14 4.41 -18.10
CA THR A 213 -37.02 3.07 -17.54
C THR A 213 -36.55 3.16 -16.10
N SER A 214 -37.23 2.45 -15.21
CA SER A 214 -36.91 2.51 -13.79
C SER A 214 -35.48 2.05 -13.54
N PHE A 215 -34.73 2.87 -12.80
CA PHE A 215 -33.35 2.52 -12.48
C PHE A 215 -32.98 3.16 -11.15
N THR A 216 -31.95 2.62 -10.53
CA THR A 216 -31.49 3.08 -9.22
C THR A 216 -30.11 3.71 -9.35
N LEU A 217 -29.99 4.94 -8.86
CA LEU A 217 -28.72 5.66 -8.85
C LEU A 217 -28.70 6.52 -7.59
N GLY A 218 -27.53 6.62 -6.97
CA GLY A 218 -27.39 7.35 -5.73
C GLY A 218 -28.26 6.84 -4.61
N GLY A 219 -28.68 5.58 -4.66
CA GLY A 219 -29.60 5.06 -3.67
C GLY A 219 -31.04 5.46 -3.87
N GLN A 220 -31.37 6.04 -5.02
CA GLN A 220 -32.73 6.53 -5.26
C GLN A 220 -33.19 6.05 -6.64
N SER A 221 -34.51 5.87 -6.77
CA SER A 221 -35.11 5.29 -7.97
C SER A 221 -35.67 6.38 -8.87
N PHE A 222 -35.67 6.08 -10.17
CA PHE A 222 -36.22 6.98 -11.18
C PHE A 222 -37.07 6.17 -12.15
N SER A 223 -38.26 6.68 -12.42
CA SER A 223 -39.22 6.08 -13.35
C SER A 223 -40.41 7.02 -13.55
N GLY A 224 -41.04 6.98 -14.72
CA GLY A 224 -42.20 7.80 -14.95
C GLY A 224 -42.53 7.89 -16.43
N SER A 225 -43.59 8.66 -16.70
CA SER A 225 -44.06 8.89 -18.06
C SER A 225 -44.65 10.29 -18.15
N THR A 226 -44.66 10.84 -19.36
CA THR A 226 -45.11 12.21 -19.55
C THR A 226 -46.61 12.26 -19.77
N VAL A 227 -47.29 13.11 -18.99
CA VAL A 227 -48.63 13.54 -19.36
C VAL A 227 -48.52 14.23 -20.71
N PRO A 228 -49.39 13.93 -21.69
CA PRO A 228 -49.16 14.43 -23.05
C PRO A 228 -49.09 15.96 -23.09
N VAL A 229 -47.87 16.45 -23.25
CA VAL A 229 -47.54 17.88 -23.22
C VAL A 229 -46.60 18.13 -24.40
N ILE A 230 -46.82 17.40 -25.49
CA ILE A 230 -45.80 17.25 -26.52
C ILE A 230 -46.13 18.13 -27.71
N LEU A 231 -45.22 18.15 -28.70
CA LEU A 231 -45.18 19.12 -29.79
C LEU A 231 -46.54 19.66 -30.21
N TYR A 232 -47.50 18.80 -30.55
CA TYR A 232 -48.89 19.25 -30.67
C TYR A 232 -49.83 18.04 -30.64
N ALA A 233 -50.63 17.94 -29.58
CA ALA A 233 -51.67 16.93 -29.47
C ALA A 233 -52.98 17.53 -29.98
N PRO A 234 -53.96 16.70 -30.34
CA PRO A 234 -55.22 17.25 -30.87
C PRO A 234 -55.92 18.16 -29.87
N PHE A 235 -56.77 19.04 -30.41
CA PHE A 235 -57.43 20.08 -29.62
C PHE A 235 -58.60 19.47 -28.86
N ILE A 236 -58.31 18.92 -27.68
CA ILE A 236 -59.32 18.35 -26.79
C ILE A 236 -58.99 18.75 -25.36
N PHE A 237 -59.90 18.46 -24.43
CA PHE A 237 -59.62 18.60 -23.01
C PHE A 237 -58.76 17.43 -22.59
N SER A 238 -57.66 17.72 -21.90
CA SER A 238 -56.70 16.68 -21.53
C SER A 238 -57.33 15.70 -20.56
N ASN A 239 -57.47 14.45 -20.99
CA ASN A 239 -57.91 13.39 -20.08
C ASN A 239 -56.94 12.21 -20.08
N SER A 240 -55.81 12.34 -19.37
CA SER A 240 -54.88 11.25 -19.13
C SER A 240 -53.82 11.70 -18.12
N PRO A 241 -53.57 10.93 -17.06
CA PRO A 241 -54.32 9.76 -16.60
C PRO A 241 -55.49 10.22 -15.74
N TYR A 242 -55.90 11.48 -15.94
CA TYR A 242 -56.96 12.08 -15.14
C TYR A 242 -58.26 11.31 -15.28
N GLN A 243 -58.95 11.13 -14.16
CA GLN A 243 -60.21 10.42 -14.12
C GLN A 243 -61.41 11.33 -14.37
N ALA A 244 -61.18 12.63 -14.47
CA ALA A 244 -62.25 13.58 -14.75
C ALA A 244 -61.94 14.47 -15.96
N GLY A 245 -60.68 14.89 -16.10
CA GLY A 245 -60.31 15.80 -17.16
C GLY A 245 -60.35 17.26 -16.75
N LEU A 246 -61.52 17.73 -16.30
CA LEU A 246 -61.65 19.05 -15.72
C LEU A 246 -61.68 18.95 -14.20
N TYR A 247 -60.99 19.89 -13.56
CA TYR A 247 -60.66 19.77 -12.14
C TYR A 247 -60.19 21.12 -11.63
N ASN A 248 -60.30 21.31 -10.31
CA ASN A 248 -59.85 22.53 -9.67
C ASN A 248 -59.05 22.19 -8.43
N PRO A 249 -57.81 22.69 -8.30
CA PRO A 249 -56.99 22.31 -7.14
C PRO A 249 -57.59 22.67 -5.78
N MET A 250 -58.28 23.81 -5.69
CA MET A 250 -58.85 24.22 -4.42
C MET A 250 -60.00 23.30 -4.00
N GLN A 251 -60.52 22.50 -4.94
CA GLN A 251 -61.47 21.45 -4.58
C GLN A 251 -60.76 20.31 -3.86
N VAL A 252 -59.53 19.98 -4.29
CA VAL A 252 -58.79 18.88 -3.67
C VAL A 252 -58.48 19.22 -2.21
N ASN A 253 -58.09 20.45 -1.94
CA ASN A 253 -57.72 20.87 -0.59
C ASN A 253 -58.94 21.30 0.22
N GLY A 254 -60.00 20.51 0.23
CA GLY A 254 -61.24 20.92 0.87
C GLY A 254 -61.54 20.17 2.14
N ASN A 255 -62.34 20.79 2.99
CA ASN A 255 -62.78 20.18 4.25
C ASN A 255 -64.08 19.40 4.06
N LEU A 256 -64.02 18.30 3.34
CA LEU A 256 -65.20 17.51 3.02
C LEU A 256 -65.65 16.72 4.25
N GLY A 257 -66.59 17.27 5.01
CA GLY A 257 -67.02 16.67 6.25
C GLY A 257 -67.66 15.30 6.12
N SER A 258 -68.59 15.13 5.18
CA SER A 258 -69.27 13.86 5.01
C SER A 258 -69.36 13.46 3.55
N LEU A 259 -68.68 14.21 2.67
CA LEU A 259 -68.65 13.92 1.25
C LEU A 259 -67.33 13.27 0.84
N SER A 260 -66.79 12.41 1.70
CA SER A 260 -65.47 11.82 1.49
C SER A 260 -65.53 10.57 0.63
N SER A 261 -66.72 10.20 0.17
CA SER A 261 -66.88 9.05 -0.71
C SER A 261 -66.81 9.45 -2.18
N GLU A 262 -66.65 10.74 -2.45
CA GLU A 262 -66.60 11.27 -3.81
C GLU A 262 -65.55 12.35 -3.95
N ALA A 263 -64.46 12.25 -3.17
CA ALA A 263 -63.44 13.30 -3.14
C ALA A 263 -62.81 13.50 -4.51
N TYR A 264 -62.13 12.48 -5.04
CA TYR A 264 -61.56 12.55 -6.39
C TYR A 264 -62.51 11.98 -7.43
N TYR A 265 -63.70 11.50 -7.03
CA TYR A 265 -64.62 10.86 -7.95
C TYR A 265 -65.57 11.89 -8.53
N HIS A 266 -65.74 13.02 -7.84
CA HIS A 266 -66.79 13.98 -8.16
C HIS A 266 -66.20 15.37 -8.38
N PRO A 267 -65.96 15.74 -9.64
CA PRO A 267 -65.33 17.05 -9.93
C PRO A 267 -66.30 18.22 -9.75
N VAL A 268 -66.41 18.71 -8.52
CA VAL A 268 -67.40 19.72 -8.17
C VAL A 268 -66.78 21.12 -8.28
N ILE A 269 -67.62 22.11 -8.57
CA ILE A 269 -67.23 23.52 -8.57
C ILE A 269 -68.34 24.31 -7.89
N TRP A 270 -68.01 25.52 -7.47
CA TRP A 270 -68.91 26.33 -6.65
C TRP A 270 -69.32 27.61 -7.36
N GLY A 271 -70.62 27.92 -7.29
CA GLY A 271 -71.15 29.21 -7.69
C GLY A 271 -70.63 29.76 -8.99
N ARG A 272 -69.93 30.89 -8.93
CA ARG A 272 -69.30 31.50 -10.09
C ARG A 272 -67.80 31.27 -10.12
N ALA A 273 -67.27 30.39 -9.27
CA ALA A 273 -65.83 30.19 -9.17
C ALA A 273 -65.29 29.57 -10.45
N LEU A 274 -63.97 29.64 -10.60
CA LEU A 274 -63.29 29.20 -11.81
C LEU A 274 -62.87 27.74 -11.66
N ILE A 275 -62.99 26.99 -12.75
CA ILE A 275 -62.49 25.62 -12.82
C ILE A 275 -61.43 25.57 -13.92
N ASN A 276 -60.31 24.92 -13.62
CA ASN A 276 -59.17 24.95 -14.52
C ASN A 276 -59.30 23.92 -15.64
N THR A 277 -58.76 24.27 -16.81
CA THR A 277 -58.66 23.38 -17.94
C THR A 277 -57.34 23.66 -18.67
N THR A 278 -56.88 22.66 -19.43
CA THR A 278 -55.64 22.74 -20.19
C THR A 278 -55.93 22.26 -21.61
N LEU A 279 -56.08 23.21 -22.53
CA LEU A 279 -56.37 22.87 -23.92
C LEU A 279 -55.06 22.70 -24.68
N ILE A 280 -54.90 21.57 -25.35
CA ILE A 280 -53.71 21.37 -26.18
C ILE A 280 -53.99 21.86 -27.59
N ASP A 281 -53.31 22.93 -28.00
CA ASP A 281 -53.60 23.55 -29.28
C ASP A 281 -52.36 24.30 -29.77
N THR A 282 -51.77 23.82 -30.87
CA THR A 282 -50.62 24.48 -31.47
C THR A 282 -50.75 24.60 -32.97
N TYR A 283 -51.89 25.10 -33.46
CA TYR A 283 -52.06 25.34 -34.89
C TYR A 283 -51.83 26.80 -35.25
N ALA A 284 -51.38 27.60 -34.28
CA ALA A 284 -51.10 29.01 -34.52
C ALA A 284 -49.95 29.45 -33.61
N SER A 285 -49.38 30.61 -33.92
CA SER A 285 -48.30 31.17 -33.14
C SER A 285 -48.78 32.44 -32.45
N GLY A 286 -48.33 32.64 -31.22
CA GLY A 286 -48.74 33.80 -30.44
C GLY A 286 -49.86 33.47 -29.48
N SER A 287 -50.78 34.42 -29.32
CA SER A 287 -51.91 34.25 -28.41
C SER A 287 -53.09 33.64 -29.16
N VAL A 288 -53.80 32.74 -28.48
CA VAL A 288 -54.91 32.03 -29.10
C VAL A 288 -56.20 32.29 -28.32
N PRO A 289 -57.15 33.03 -28.90
CA PRO A 289 -58.51 33.03 -28.34
C PRO A 289 -59.12 31.64 -28.37
N PHE A 290 -59.88 31.30 -27.33
CA PHE A 290 -60.58 30.03 -27.23
C PHE A 290 -62.01 30.31 -26.78
N THR A 291 -62.97 29.65 -27.42
CA THR A 291 -64.37 29.77 -27.06
C THR A 291 -64.80 28.54 -26.27
N PHE A 292 -65.71 28.74 -25.33
CA PHE A 292 -66.23 27.67 -24.49
C PHE A 292 -67.74 27.68 -24.52
N GLN A 293 -68.31 26.48 -24.56
CA GLN A 293 -69.76 26.29 -24.49
C GLN A 293 -70.06 25.37 -23.32
N LEU A 294 -70.99 25.81 -22.46
CA LEU A 294 -71.33 25.12 -21.23
C LEU A 294 -72.79 24.70 -21.27
N ASN A 295 -73.04 23.43 -20.99
CA ASN A 295 -74.39 22.86 -20.98
C ASN A 295 -74.73 22.47 -19.55
N TYR A 296 -75.77 23.08 -19.00
CA TYR A 296 -76.21 22.82 -17.65
C TYR A 296 -77.48 21.98 -17.65
N SER A 297 -77.47 20.93 -16.82
CA SER A 297 -78.62 20.05 -16.67
C SER A 297 -78.89 19.83 -15.19
N VAL A 298 -80.15 19.58 -14.84
CA VAL A 298 -80.55 19.42 -13.45
C VAL A 298 -81.46 18.20 -13.31
N PRO A 299 -81.23 17.34 -12.31
CA PRO A 299 -82.12 16.18 -12.12
C PRO A 299 -83.45 16.56 -11.48
N GLY A 300 -84.38 17.03 -12.31
CA GLY A 300 -85.70 17.38 -11.86
C GLY A 300 -86.54 18.05 -12.92
N PRO A 301 -87.81 17.67 -13.03
CA PRO A 301 -88.68 18.28 -14.04
C PRO A 301 -89.11 19.67 -13.61
N LEU A 302 -88.73 20.67 -14.42
CA LEU A 302 -88.78 22.04 -13.95
C LEU A 302 -90.19 22.60 -14.07
N THR A 303 -90.79 22.87 -12.91
CA THR A 303 -92.13 23.48 -12.88
C THR A 303 -91.99 24.98 -13.07
N ILE A 304 -92.37 25.46 -14.25
CA ILE A 304 -92.21 26.85 -14.62
C ILE A 304 -93.57 27.53 -14.60
N ASN A 305 -93.63 28.68 -13.93
CA ASN A 305 -94.73 29.61 -14.03
C ASN A 305 -94.34 30.69 -15.04
N MET A 306 -95.19 30.90 -16.04
CA MET A 306 -94.86 31.76 -17.17
C MET A 306 -96.06 32.62 -17.53
N ALA A 307 -95.80 33.90 -17.78
CA ALA A 307 -96.86 34.86 -18.07
C ALA A 307 -97.13 34.92 -19.58
N GLN A 308 -98.36 35.30 -19.91
CA GLN A 308 -98.74 35.47 -21.31
C GLN A 308 -98.38 36.88 -21.76
N LEU A 309 -97.25 37.01 -22.45
CA LEU A 309 -96.83 38.30 -22.97
C LEU A 309 -97.78 38.78 -24.06
N ALA A 310 -98.38 37.85 -24.80
CA ALA A 310 -99.30 38.20 -25.86
C ALA A 310 -100.24 37.03 -26.15
N TRP A 311 -101.43 37.38 -26.62
CA TRP A 311 -102.40 36.41 -27.13
C TRP A 311 -102.80 36.82 -28.53
N ILE A 312 -102.61 35.91 -29.49
CA ILE A 312 -102.96 36.16 -30.88
C ILE A 312 -103.97 35.11 -31.31
N ALA A 313 -105.11 35.57 -31.81
CA ALA A 313 -106.16 34.68 -32.27
C ALA A 313 -107.10 35.44 -33.20
N SER A 314 -107.88 34.70 -33.97
CA SER A 314 -108.84 35.31 -34.87
C SER A 314 -110.01 35.90 -34.08
N ILE A 315 -110.79 36.77 -34.74
CA ILE A 315 -111.89 37.43 -34.06
C ILE A 315 -112.96 36.43 -33.64
N ASN A 316 -113.18 35.39 -34.45
CA ASN A 316 -114.13 34.33 -34.07
C ASN A 316 -113.52 33.39 -33.04
N ASN A 317 -112.22 33.11 -33.13
CA ASN A 317 -111.57 32.23 -32.18
C ASN A 317 -111.52 32.83 -30.78
N LEU A 318 -111.44 34.15 -30.68
CA LEU A 318 -111.46 34.81 -29.38
C LEU A 318 -112.87 34.72 -28.78
N PRO A 319 -112.98 34.64 -27.45
CA PRO A 319 -114.30 34.63 -26.82
C PRO A 319 -115.05 35.94 -27.05
N THR A 320 -116.38 35.87 -27.01
CA THR A 320 -117.20 37.05 -27.23
C THR A 320 -116.99 38.10 -26.13
N SER A 321 -116.70 37.66 -24.90
CA SER A 321 -116.50 38.60 -23.81
C SER A 321 -115.63 37.97 -22.74
N PHE A 322 -114.73 38.77 -22.17
CA PHE A 322 -113.88 38.35 -21.07
C PHE A 322 -113.28 39.59 -20.43
N THR A 323 -112.59 39.38 -19.30
CA THR A 323 -111.94 40.44 -18.56
C THR A 323 -110.42 40.32 -18.73
N TYR A 324 -109.76 41.43 -19.04
CA TYR A 324 -108.34 41.40 -19.32
C TYR A 324 -107.70 42.70 -18.89
N LEU A 325 -106.44 42.62 -18.48
CA LEU A 325 -105.62 43.79 -18.21
C LEU A 325 -104.15 43.39 -18.39
N SER A 326 -103.38 44.27 -19.03
CA SER A 326 -102.01 43.95 -19.38
C SER A 326 -101.15 43.75 -18.13
N TYR A 327 -100.15 42.88 -18.28
CA TYR A 327 -99.19 42.61 -17.22
C TYR A 327 -97.92 43.41 -17.48
N LYS A 328 -97.59 44.30 -16.56
CA LYS A 328 -96.40 45.12 -16.72
C LYS A 328 -95.14 44.26 -16.61
N PHE A 329 -94.13 44.60 -17.41
CA PHE A 329 -92.92 43.79 -17.50
C PHE A 329 -91.75 44.55 -16.91
N SER A 330 -90.57 43.92 -16.95
CA SER A 330 -89.41 44.44 -16.24
C SER A 330 -88.56 45.34 -17.13
N ASN A 331 -89.06 45.65 -18.32
CA ASN A 331 -88.34 46.52 -19.25
C ASN A 331 -89.26 47.52 -19.95
N GLY A 332 -90.45 47.75 -19.40
CA GLY A 332 -91.39 48.69 -19.99
C GLY A 332 -92.34 48.09 -20.99
N TYR A 333 -92.18 46.81 -21.33
CA TYR A 333 -93.10 46.15 -22.24
C TYR A 333 -94.40 45.83 -21.54
N GLU A 334 -95.44 45.59 -22.33
CA GLU A 334 -96.76 45.31 -21.80
C GLU A 334 -97.36 44.12 -22.53
N SER A 335 -98.27 43.43 -21.85
CA SER A 335 -99.04 42.37 -22.45
C SER A 335 -100.05 42.96 -23.43
N PHE A 336 -100.22 42.30 -24.57
CA PHE A 336 -101.11 42.80 -25.61
C PHE A 336 -101.85 41.65 -26.25
N LEU A 337 -102.95 42.00 -26.93
CA LEU A 337 -103.81 41.04 -27.61
C LEU A 337 -103.70 41.27 -29.11
N GLY A 338 -103.63 40.18 -29.86
CA GLY A 338 -103.58 40.25 -31.32
C GLY A 338 -104.85 39.74 -31.97
N ILE A 339 -105.63 40.65 -32.54
CA ILE A 339 -106.87 40.28 -33.21
C ILE A 339 -106.62 40.18 -34.71
N ILE A 340 -106.94 39.04 -35.29
CA ILE A 340 -106.78 38.80 -36.72
C ILE A 340 -108.16 38.75 -37.35
N SER A 341 -108.40 39.61 -38.33
CA SER A 341 -109.71 39.74 -38.92
C SER A 341 -109.60 40.01 -40.42
N ASN A 342 -110.63 39.62 -41.16
CA ASN A 342 -110.71 40.00 -42.56
C ASN A 342 -111.13 41.45 -42.73
N SER A 343 -111.74 42.05 -41.70
CA SER A 343 -112.14 43.44 -41.77
C SER A 343 -110.91 44.34 -41.87
N THR A 344 -111.07 45.43 -42.61
CA THR A 344 -109.98 46.38 -42.77
C THR A 344 -109.73 47.20 -41.51
N GLN A 345 -110.70 47.22 -40.58
CA GLN A 345 -110.58 48.00 -39.36
C GLN A 345 -111.35 47.30 -38.25
N LEU A 346 -111.07 47.70 -37.01
CA LEU A 346 -111.92 47.32 -35.89
C LEU A 346 -112.75 48.51 -35.44
N THR A 347 -114.00 48.25 -35.07
CA THR A 347 -114.92 49.29 -34.64
C THR A 347 -115.41 48.98 -33.24
N ALA A 348 -115.37 49.99 -32.36
CA ALA A 348 -115.92 49.85 -31.02
C ALA A 348 -116.84 51.03 -30.72
N GLY A 349 -117.59 51.47 -31.72
CA GLY A 349 -118.41 52.66 -31.59
C GLY A 349 -117.68 53.89 -32.12
N ALA A 350 -117.31 54.79 -31.22
CA ALA A 350 -116.56 55.98 -31.61
C ALA A 350 -115.09 55.66 -31.87
N LEU A 351 -114.61 54.51 -31.39
CA LEU A 351 -113.20 54.16 -31.54
C LEU A 351 -113.00 53.25 -32.75
N THR A 352 -111.93 53.54 -33.50
CA THR A 352 -111.57 52.75 -34.66
C THR A 352 -110.12 52.34 -34.55
N ILE A 353 -109.84 51.11 -34.97
CA ILE A 353 -108.51 50.50 -34.90
C ILE A 353 -108.00 50.27 -36.31
N ASN A 354 -106.84 50.86 -36.61
CA ASN A 354 -106.22 50.90 -37.93
C ASN A 354 -105.25 49.72 -38.09
N PRO A 355 -104.80 49.42 -39.31
CA PRO A 355 -103.92 48.27 -39.51
C PRO A 355 -102.59 48.39 -38.78
N SER A 356 -102.41 47.56 -37.75
CA SER A 356 -101.08 47.34 -37.19
C SER A 356 -100.22 46.53 -38.14
N GLY A 357 -100.81 45.52 -38.77
CA GLY A 357 -100.13 44.77 -39.80
C GLY A 357 -101.13 44.01 -40.64
N ASN A 358 -100.66 43.50 -41.77
CA ASN A 358 -101.53 42.73 -42.63
C ASN A 358 -100.70 41.75 -43.44
N PHE A 359 -101.37 40.69 -43.92
CA PHE A 359 -100.70 39.68 -44.74
C PHE A 359 -101.72 39.08 -45.69
N THR A 360 -101.21 38.28 -46.62
CA THR A 360 -102.04 37.66 -47.66
C THR A 360 -101.66 36.20 -47.82
N ILE A 361 -102.67 35.34 -47.95
CA ILE A 361 -102.50 33.93 -48.21
C ILE A 361 -103.45 33.53 -49.34
N ASN A 362 -102.90 33.03 -50.44
CA ASN A 362 -103.69 32.59 -51.59
C ASN A 362 -104.62 33.69 -52.10
N GLY A 363 -104.18 34.94 -51.98
CA GLY A 363 -104.95 36.08 -52.40
C GLY A 363 -105.88 36.66 -51.36
N LYS A 364 -106.17 35.92 -50.29
CA LYS A 364 -107.02 36.43 -49.23
C LYS A 364 -106.21 37.27 -48.24
N LYS A 365 -106.76 38.41 -47.84
CA LYS A 365 -106.06 39.36 -47.00
C LYS A 365 -106.58 39.28 -45.57
N PHE A 366 -105.65 39.36 -44.61
CA PHE A 366 -105.98 39.37 -43.20
C PHE A 366 -105.22 40.49 -42.51
N TYR A 367 -105.83 41.06 -41.47
CA TYR A 367 -105.26 42.16 -40.73
C TYR A 367 -105.04 41.73 -39.30
N VAL A 368 -103.83 41.99 -38.79
CA VAL A 368 -103.45 41.67 -37.42
C VAL A 368 -103.31 42.99 -36.66
N TYR A 369 -104.07 43.12 -35.57
CA TYR A 369 -104.11 44.35 -34.79
C TYR A 369 -103.60 44.03 -33.39
N LEU A 370 -102.60 44.77 -32.93
CA LEU A 370 -101.95 44.51 -31.65
C LEU A 370 -102.31 45.63 -30.68
N LEU A 371 -103.02 45.28 -29.61
CA LEU A 371 -103.59 46.28 -28.70
C LEU A 371 -103.19 45.96 -27.27
N VAL A 372 -102.71 46.97 -26.55
CA VAL A 372 -102.36 46.82 -25.14
C VAL A 372 -103.55 47.25 -24.28
N VAL A 373 -104.01 46.36 -23.41
CA VAL A 373 -105.10 46.69 -22.49
C VAL A 373 -104.53 47.48 -21.32
N GLY A 374 -104.81 48.77 -21.29
CA GLY A 374 -104.24 49.62 -20.26
C GLY A 374 -105.21 50.64 -19.70
N SER A 375 -104.69 51.81 -19.33
CA SER A 375 -105.49 52.85 -18.70
C SER A 375 -106.11 53.82 -19.70
N THR A 376 -105.85 53.65 -20.99
CA THR A 376 -106.42 54.54 -22.00
C THR A 376 -106.32 53.88 -23.36
N ASN A 377 -107.06 54.42 -24.32
CA ASN A 377 -106.97 54.00 -25.70
C ASN A 377 -106.01 54.93 -26.45
N SER A 378 -104.98 54.34 -27.04
CA SER A 378 -103.94 55.11 -27.71
C SER A 378 -103.86 54.70 -29.17
N THR A 379 -103.90 55.69 -30.06
CA THR A 379 -103.69 55.47 -31.48
C THR A 379 -102.22 55.26 -31.84
N THR A 380 -101.31 55.95 -31.15
CA THR A 380 -99.88 55.90 -31.39
C THR A 380 -99.31 54.53 -31.04
N PRO A 381 -98.23 54.11 -31.72
CA PRO A 381 -97.57 52.86 -31.32
C PRO A 381 -96.99 52.97 -29.91
N VAL A 382 -97.38 52.04 -29.06
CA VAL A 382 -96.88 52.05 -27.68
C VAL A 382 -95.68 51.13 -27.54
N GLU A 383 -95.68 50.01 -28.24
CA GLU A 383 -94.50 49.15 -28.33
C GLU A 383 -94.42 48.61 -29.76
N TYR A 384 -93.45 47.74 -30.01
CA TYR A 384 -93.27 47.19 -31.35
C TYR A 384 -92.89 45.73 -31.27
N VAL A 385 -93.25 45.00 -32.33
CA VAL A 385 -92.66 43.70 -32.61
C VAL A 385 -91.84 43.84 -33.88
N THR A 386 -90.54 43.55 -33.78
CA THR A 386 -89.60 43.83 -34.85
C THR A 386 -89.53 42.67 -35.83
N LYS A 387 -89.99 41.50 -35.43
CA LYS A 387 -90.05 40.34 -36.32
C LYS A 387 -90.99 39.29 -35.75
N LEU A 388 -92.10 39.06 -36.44
CA LEU A 388 -93.04 38.02 -36.06
C LEU A 388 -93.48 37.24 -37.30
N VAL A 389 -93.35 35.93 -37.22
CA VAL A 389 -93.65 35.05 -38.35
C VAL A 389 -94.94 34.29 -38.06
N VAL A 390 -95.92 34.44 -38.95
CA VAL A 390 -97.18 33.71 -38.85
C VAL A 390 -97.09 32.52 -39.80
N GLU A 391 -97.50 31.35 -39.30
CA GLU A 391 -97.44 30.11 -40.05
C GLU A 391 -98.83 29.69 -40.48
N TYR A 392 -98.90 29.05 -41.65
CA TYR A 392 -100.15 28.54 -42.17
C TYR A 392 -99.87 27.29 -43.00
N PRO A 393 -100.76 26.31 -42.96
CA PRO A 393 -100.56 25.11 -43.78
C PRO A 393 -100.69 25.43 -45.27
N SER A 394 -99.98 24.66 -46.08
CA SER A 394 -100.06 24.83 -47.53
C SER A 394 -101.43 24.38 -48.03
N SER A 395 -101.92 25.07 -49.07
CA SER A 395 -103.24 24.74 -49.62
C SER A 395 -103.23 23.41 -50.36
N THR A 396 -102.11 23.07 -51.00
CA THR A 396 -102.04 21.86 -51.80
C THR A 396 -101.23 20.74 -51.16
N ASN A 397 -100.27 21.07 -50.31
CA ASN A 397 -99.40 20.05 -49.71
C ASN A 397 -99.54 19.97 -48.20
N PHE A 398 -100.26 20.91 -47.58
CA PHE A 398 -100.46 20.95 -46.13
C PHE A 398 -99.13 20.98 -45.38
N LEU A 399 -98.16 21.70 -45.93
CA LEU A 399 -96.88 21.89 -45.28
C LEU A 399 -96.79 23.29 -44.69
N PRO A 400 -96.09 23.46 -43.57
CA PRO A 400 -96.02 24.79 -42.95
C PRO A 400 -95.39 25.82 -43.88
N GLN A 401 -95.94 27.02 -43.87
CA GLN A 401 -95.38 28.15 -44.60
C GLN A 401 -95.45 29.36 -43.70
N GLY A 402 -94.31 30.01 -43.48
CA GLY A 402 -94.23 31.14 -42.59
C GLY A 402 -93.97 32.43 -43.35
N VAL A 403 -94.70 33.47 -42.96
CA VAL A 403 -94.57 34.79 -43.57
C VAL A 403 -94.49 35.83 -42.47
N THR A 404 -93.68 36.87 -42.69
CA THR A 404 -93.56 37.96 -41.73
C THR A 404 -94.66 38.98 -42.02
N VAL A 405 -95.41 39.36 -40.99
CA VAL A 405 -96.51 40.30 -41.16
C VAL A 405 -95.96 41.68 -41.47
N THR A 406 -96.55 42.33 -42.47
CA THR A 406 -96.15 43.66 -42.89
C THR A 406 -97.24 44.66 -42.52
N THR A 407 -96.83 45.91 -42.32
CA THR A 407 -97.78 46.97 -42.01
C THR A 407 -98.48 47.45 -43.28
N SER A 408 -99.35 48.44 -43.11
CA SER A 408 -100.00 49.07 -44.26
C SER A 408 -99.02 49.87 -45.10
N SER A 409 -97.87 50.22 -44.54
CA SER A 409 -96.82 50.92 -45.27
C SER A 409 -95.64 50.01 -45.62
N ASN A 410 -95.87 48.69 -45.65
CA ASN A 410 -94.85 47.70 -45.99
C ASN A 410 -93.66 47.79 -45.04
N LYS A 411 -93.91 47.56 -43.77
CA LYS A 411 -92.85 47.52 -42.76
C LYS A 411 -92.98 46.25 -41.94
N TYR A 412 -91.83 45.70 -41.56
CA TYR A 412 -91.78 44.46 -40.80
C TYR A 412 -91.75 44.69 -39.29
N THR A 413 -91.84 45.94 -38.84
CA THR A 413 -91.90 46.27 -37.42
C THR A 413 -93.34 46.68 -37.10
N LEU A 414 -94.13 45.73 -36.63
CA LEU A 414 -95.54 45.99 -36.36
C LEU A 414 -95.70 46.81 -35.08
N PRO A 415 -96.44 47.91 -35.13
CA PRO A 415 -96.71 48.70 -33.94
C PRO A 415 -97.78 48.04 -33.07
N VAL A 416 -97.74 48.36 -31.77
CA VAL A 416 -98.70 47.85 -30.80
C VAL A 416 -99.23 49.04 -30.01
N TYR A 417 -100.54 49.27 -30.09
CA TYR A 417 -101.17 50.41 -29.43
C TYR A 417 -101.75 49.99 -28.08
N GLU A 418 -102.48 50.92 -27.47
CA GLU A 418 -103.24 50.63 -26.26
C GLU A 418 -104.73 50.85 -26.49
N ILE A 419 -105.54 50.03 -25.84
CA ILE A 419 -106.97 50.28 -25.67
C ILE A 419 -107.30 50.05 -24.21
N GLY A 420 -108.39 50.67 -23.76
CA GLY A 420 -108.83 50.49 -22.40
C GLY A 420 -109.23 51.83 -21.80
N GLY A 421 -109.13 51.89 -20.48
CA GLY A 421 -109.50 53.06 -19.73
C GLY A 421 -109.48 52.81 -18.24
N PRO A 422 -110.37 53.47 -17.51
CA PRO A 422 -110.46 53.23 -16.06
C PRO A 422 -110.95 51.82 -15.74
N ALA A 423 -110.71 51.39 -14.52
CA ALA A 423 -111.13 50.06 -14.08
C ALA A 423 -112.64 49.91 -14.22
N GLY A 424 -113.06 48.78 -14.77
CA GLY A 424 -114.46 48.50 -15.00
C GLY A 424 -114.97 48.88 -16.39
N THR A 425 -114.15 49.59 -17.17
CA THR A 425 -114.57 49.99 -18.51
C THR A 425 -114.58 48.77 -19.44
N THR A 426 -115.62 48.68 -20.26
CA THR A 426 -115.78 47.61 -21.22
C THR A 426 -115.76 48.16 -22.64
N ILE A 427 -115.02 47.50 -23.51
CA ILE A 427 -114.88 47.91 -24.90
C ILE A 427 -115.26 46.72 -25.78
N THR A 428 -116.20 46.95 -26.70
CA THR A 428 -116.64 45.90 -27.61
C THR A 428 -116.09 46.14 -29.01
N LEU A 429 -115.07 45.38 -29.38
CA LEU A 429 -114.41 45.49 -30.66
C LEU A 429 -115.10 44.58 -31.66
N THR A 430 -115.52 45.14 -32.79
CA THR A 430 -116.23 44.39 -33.82
C THR A 430 -115.34 44.27 -35.04
N GLY A 431 -115.11 43.03 -35.48
CA GLY A 431 -114.34 42.78 -36.69
C GLY A 431 -115.07 41.84 -37.62
N ASN A 432 -114.40 41.42 -38.68
CA ASN A 432 -114.99 40.49 -39.64
C ASN A 432 -114.03 39.34 -39.89
N TRP A 433 -114.55 38.12 -39.75
CA TRP A 433 -113.84 36.91 -40.15
C TRP A 433 -114.46 36.45 -41.46
N TYR A 434 -113.71 36.62 -42.56
CA TYR A 434 -114.23 36.47 -43.91
C TYR A 434 -115.45 37.38 -44.06
N SER A 435 -116.65 36.83 -44.23
CA SER A 435 -117.83 37.67 -44.37
C SER A 435 -118.66 37.73 -43.09
N THR A 436 -118.22 37.07 -42.02
CA THR A 436 -119.05 37.02 -40.82
C THR A 436 -118.58 38.06 -39.80
N PRO A 437 -119.43 38.99 -39.40
CA PRO A 437 -119.07 39.91 -38.32
C PRO A 437 -119.02 39.20 -36.98
N TYR A 438 -118.04 39.59 -36.17
CA TYR A 438 -117.83 39.02 -34.85
C TYR A 438 -117.48 40.13 -33.87
N THR A 439 -117.76 39.88 -32.59
CA THR A 439 -117.54 40.87 -31.55
C THR A 439 -116.77 40.24 -30.40
N VAL A 440 -115.90 41.04 -29.80
CA VAL A 440 -115.17 40.64 -28.60
C VAL A 440 -115.26 41.78 -27.59
N GLN A 441 -115.70 41.45 -26.36
CA GLN A 441 -115.93 42.46 -25.33
C GLN A 441 -114.87 42.30 -24.25
N ILE A 442 -113.93 43.25 -24.18
CA ILE A 442 -112.88 43.21 -23.19
C ILE A 442 -113.23 44.14 -22.04
N THR A 443 -113.17 43.61 -20.82
CA THR A 443 -113.43 44.37 -19.61
C THR A 443 -112.11 44.75 -18.95
N VAL A 444 -111.93 46.04 -18.72
CA VAL A 444 -110.71 46.54 -18.09
C VAL A 444 -110.82 46.33 -16.59
N GLY A 445 -110.20 45.26 -16.10
CA GLY A 445 -110.26 44.97 -14.67
C GLY A 445 -109.38 45.89 -13.86
N SER A 446 -109.69 45.99 -12.58
CA SER A 446 -108.91 46.82 -11.66
C SER A 446 -107.54 46.22 -11.36
N THR A 447 -107.37 44.91 -11.58
CA THR A 447 -106.10 44.24 -11.37
C THR A 447 -105.75 43.51 -12.66
N PRO A 448 -104.46 43.28 -12.92
CA PRO A 448 -104.07 42.53 -14.13
C PRO A 448 -104.74 41.17 -14.18
N THR A 449 -105.61 41.00 -15.19
CA THR A 449 -106.31 39.75 -15.40
C THR A 449 -105.57 38.94 -16.46
N LEU A 450 -104.35 38.50 -16.14
CA LEU A 450 -103.50 37.82 -17.09
C LEU A 450 -103.62 36.31 -16.93
N THR A 451 -103.44 35.59 -18.03
CA THR A 451 -103.40 34.14 -18.02
C THR A 451 -101.97 33.67 -17.80
N ASN A 452 -101.77 32.93 -16.70
CA ASN A 452 -100.46 32.43 -16.33
C ASN A 452 -100.46 30.91 -16.40
N TYR A 453 -99.42 30.34 -17.00
CA TYR A 453 -99.31 28.90 -17.21
C TYR A 453 -98.25 28.34 -16.28
N VAL A 454 -98.64 27.37 -15.45
CA VAL A 454 -97.71 26.68 -14.55
C VAL A 454 -97.64 25.23 -15.00
N SER A 455 -96.49 24.83 -15.54
CA SER A 455 -96.38 23.50 -16.13
C SER A 455 -94.99 22.93 -15.89
N GLN A 456 -94.92 21.60 -15.82
CA GLN A 456 -93.66 20.89 -15.71
C GLN A 456 -93.07 20.71 -17.10
N ILE A 457 -91.81 21.11 -17.26
CA ILE A 457 -91.16 21.16 -18.57
C ILE A 457 -89.79 20.51 -18.46
N LEU A 458 -89.36 19.89 -19.57
CA LEU A 458 -87.97 19.49 -19.80
C LEU A 458 -87.16 20.75 -20.07
N LEU A 459 -86.16 21.00 -19.22
CA LEU A 459 -85.33 22.17 -19.42
C LEU A 459 -83.84 21.84 -19.21
N LYS A 460 -83.01 22.52 -20.00
CA LYS A 460 -81.57 22.54 -19.83
C LYS A 460 -81.08 23.90 -20.33
N ALA A 461 -79.79 24.18 -20.15
CA ALA A 461 -79.29 25.50 -20.51
C ALA A 461 -77.99 25.34 -21.29
N VAL A 462 -77.72 26.31 -22.17
CA VAL A 462 -76.45 26.38 -22.87
C VAL A 462 -75.98 27.83 -22.89
N ALA A 463 -74.71 28.03 -22.51
CA ALA A 463 -74.10 29.34 -22.38
C ALA A 463 -72.77 29.35 -23.10
N TYR A 464 -72.29 30.55 -23.41
CA TYR A 464 -71.06 30.73 -24.16
C TYR A 464 -70.12 31.65 -23.41
N GLU A 465 -68.82 31.47 -23.66
CA GLU A 465 -67.78 32.25 -23.02
C GLU A 465 -66.56 32.25 -23.93
N GLY A 466 -65.61 33.14 -23.68
CA GLY A 466 -64.39 33.18 -24.44
C GLY A 466 -63.25 33.75 -23.62
N ILE A 467 -62.03 33.35 -23.99
CA ILE A 467 -60.85 33.83 -23.27
C ILE A 467 -59.65 33.73 -24.21
N ASN A 468 -58.86 34.80 -24.26
CA ASN A 468 -57.60 34.78 -24.98
C ASN A 468 -56.54 34.16 -24.07
N VAL A 469 -55.91 33.09 -24.54
CA VAL A 469 -54.95 32.36 -23.73
C VAL A 469 -53.59 32.42 -24.41
N SER A 470 -52.57 32.82 -23.65
CA SER A 470 -51.19 32.82 -24.11
C SER A 470 -50.29 32.59 -22.91
N THR A 471 -49.96 31.34 -22.64
CA THR A 471 -49.20 31.00 -21.45
C THR A 471 -47.93 30.26 -21.87
N THR A 472 -46.92 30.29 -20.99
CA THR A 472 -45.64 29.65 -21.25
C THR A 472 -45.68 28.18 -20.85
N GLN A 473 -46.70 27.47 -21.34
CA GLN A 473 -46.86 26.05 -21.05
C GLN A 473 -47.18 25.26 -22.31
N SER A 474 -46.79 25.77 -23.49
CA SER A 474 -47.12 25.17 -24.77
C SER A 474 -46.71 23.70 -24.82
N PRO A 475 -47.56 22.82 -25.36
CA PRO A 475 -48.84 23.09 -26.03
C PRO A 475 -50.01 23.34 -25.08
N TYR A 476 -49.86 23.11 -23.78
CA TYR A 476 -50.93 23.45 -22.84
C TYR A 476 -51.19 24.95 -22.84
N TYR A 477 -52.38 25.32 -23.30
CA TYR A 477 -52.97 26.62 -23.04
C TYR A 477 -53.84 26.38 -21.81
N SER A 478 -53.30 26.72 -20.63
CA SER A 478 -53.94 26.42 -19.36
C SER A 478 -54.61 27.66 -18.80
N THR A 479 -55.90 27.54 -18.48
CA THR A 479 -56.67 28.69 -18.04
C THR A 479 -57.76 28.18 -17.09
N ALA A 480 -58.59 29.11 -16.62
CA ALA A 480 -59.71 28.79 -15.76
C ALA A 480 -60.97 29.42 -16.33
N ILE A 481 -62.03 28.61 -16.42
CA ILE A 481 -63.29 29.04 -17.00
C ILE A 481 -64.30 29.26 -15.89
N LEU A 482 -65.17 30.25 -16.10
CA LEU A 482 -66.24 30.54 -15.15
C LEU A 482 -67.27 29.44 -15.16
N SER A 483 -67.89 29.20 -14.00
CA SER A 483 -69.00 28.25 -13.93
C SER A 483 -70.22 28.77 -14.67
N THR A 484 -70.47 30.08 -14.60
CA THR A 484 -71.57 30.71 -15.33
C THR A 484 -71.12 32.10 -15.78
N PRO A 485 -70.73 32.27 -17.04
CA PRO A 485 -70.25 33.57 -17.51
C PRO A 485 -71.41 34.53 -17.72
N PRO A 486 -71.15 35.84 -17.66
CA PRO A 486 -72.20 36.82 -17.96
C PRO A 486 -72.34 37.05 -19.46
N SER A 487 -73.04 36.14 -20.14
CA SER A 487 -73.21 36.18 -21.57
C SER A 487 -74.66 35.85 -21.90
N GLU A 488 -74.97 35.85 -23.20
CA GLU A 488 -76.30 35.43 -23.63
C GLU A 488 -76.46 33.94 -23.39
N ILE A 489 -77.21 33.59 -22.35
CA ILE A 489 -77.45 32.20 -21.97
C ILE A 489 -78.80 31.81 -22.52
N SER A 490 -78.82 30.79 -23.37
CA SER A 490 -80.06 30.31 -23.96
C SER A 490 -80.49 29.05 -23.24
N ILE A 491 -81.60 29.14 -22.51
CA ILE A 491 -82.20 27.97 -21.90
C ILE A 491 -83.10 27.28 -22.93
N THR A 492 -82.77 26.03 -23.24
CA THR A 492 -83.54 25.25 -24.19
C THR A 492 -84.38 24.25 -23.41
N GLY A 493 -85.39 23.72 -24.07
CA GLY A 493 -86.27 22.79 -23.40
C GLY A 493 -87.22 22.10 -24.35
N SER A 494 -87.81 21.03 -23.85
CA SER A 494 -88.72 20.20 -24.64
C SER A 494 -90.05 20.04 -23.92
N SER A 495 -91.11 19.98 -24.72
CA SER A 495 -92.46 19.67 -24.26
C SER A 495 -93.20 19.03 -25.42
N THR A 496 -94.51 18.86 -25.27
CA THR A 496 -95.33 18.24 -26.30
C THR A 496 -96.41 19.20 -26.77
N ILE A 497 -96.75 19.11 -28.05
CA ILE A 497 -97.90 19.81 -28.61
C ILE A 497 -98.84 18.77 -29.21
N THR A 498 -100.12 18.90 -28.87
CA THR A 498 -101.12 17.98 -29.36
C THR A 498 -102.26 18.77 -29.99
N ALA A 499 -102.94 18.14 -30.94
CA ALA A 499 -104.06 18.75 -31.63
C ALA A 499 -105.22 17.78 -31.70
N GLN A 500 -106.36 18.22 -31.19
CA GLN A 500 -107.60 17.46 -31.29
C GLN A 500 -108.55 18.23 -32.19
N GLY A 501 -109.40 17.52 -32.90
CA GLY A 501 -110.32 18.19 -33.81
C GLY A 501 -111.53 17.34 -34.11
N LYS A 502 -112.65 18.02 -34.34
CA LYS A 502 -113.85 17.41 -34.90
C LYS A 502 -113.95 17.86 -36.35
N LEU A 503 -114.12 16.89 -37.25
CA LEU A 503 -114.10 17.13 -38.68
C LEU A 503 -115.43 16.68 -39.29
N THR A 504 -116.02 17.59 -40.07
CA THR A 504 -117.24 17.30 -40.82
C THR A 504 -116.94 17.48 -42.30
N ALA A 505 -117.99 17.37 -43.12
CA ALA A 505 -117.82 17.50 -44.56
C ALA A 505 -117.52 18.94 -44.96
N THR A 506 -118.14 19.91 -44.28
CA THR A 506 -118.03 21.31 -44.69
C THR A 506 -117.21 22.17 -43.74
N SER A 507 -117.06 21.77 -42.47
CA SER A 507 -116.32 22.58 -41.51
C SER A 507 -115.66 21.64 -40.51
N ALA A 508 -114.74 22.20 -39.73
CA ALA A 508 -114.02 21.42 -38.72
C ALA A 508 -113.54 22.35 -37.63
N SER A 509 -113.80 21.97 -36.38
CA SER A 509 -113.32 22.73 -35.23
C SER A 509 -112.15 22.01 -34.60
N ALA A 510 -111.33 22.75 -33.84
CA ALA A 510 -110.10 22.15 -33.34
C ALA A 510 -109.69 22.84 -32.03
N THR A 511 -108.87 22.14 -31.26
CA THR A 511 -108.17 22.68 -30.11
C THR A 511 -106.74 22.16 -30.15
N VAL A 512 -105.82 22.95 -29.61
CA VAL A 512 -104.42 22.54 -29.54
C VAL A 512 -103.87 22.85 -28.15
N ASN A 513 -103.05 21.93 -27.66
CA ASN A 513 -102.41 22.06 -26.37
C ASN A 513 -100.91 22.08 -26.55
N LEU A 514 -100.28 23.20 -26.20
CA LEU A 514 -98.84 23.37 -26.29
C LEU A 514 -98.32 23.82 -24.94
N LEU A 515 -97.04 23.51 -24.69
CA LEU A 515 -96.37 23.85 -23.43
C LEU A 515 -97.03 23.17 -22.23
N THR A 516 -97.71 22.06 -22.50
CA THR A 516 -98.18 21.07 -21.53
C THR A 516 -99.38 21.56 -20.72
N ASN A 517 -99.71 22.85 -20.77
CA ASN A 517 -100.99 23.29 -20.22
C ASN A 517 -101.61 24.44 -20.99
N ALA A 518 -100.94 24.89 -22.05
CA ALA A 518 -101.44 26.03 -22.81
C ALA A 518 -102.43 25.57 -23.86
N THR A 519 -103.56 26.27 -23.95
CA THR A 519 -104.65 25.84 -24.81
C THR A 519 -105.01 26.93 -25.80
N LEU A 520 -105.23 26.54 -27.05
CA LEU A 520 -105.72 27.42 -28.10
C LEU A 520 -106.89 26.76 -28.80
N THR A 521 -107.84 27.58 -29.26
CA THR A 521 -109.07 27.08 -29.83
C THR A 521 -109.21 27.57 -31.27
N TYR A 522 -109.97 26.81 -32.06
CA TYR A 522 -110.26 27.16 -33.45
C TYR A 522 -111.71 26.78 -33.72
N GLU A 523 -112.54 27.79 -33.96
CA GLU A 523 -113.93 27.55 -34.31
C GLU A 523 -114.01 26.74 -35.61
N ASN A 524 -115.20 26.23 -35.92
CA ASN A 524 -115.38 25.39 -37.09
C ASN A 524 -114.88 26.09 -38.34
N ILE A 525 -113.80 25.56 -38.91
CA ILE A 525 -113.12 26.18 -40.04
C ILE A 525 -113.81 25.71 -41.32
N PRO A 526 -114.38 26.63 -42.12
CA PRO A 526 -115.04 26.19 -43.35
C PRO A 526 -114.04 25.65 -44.38
N LEU A 527 -114.58 25.13 -45.47
CA LEU A 527 -113.75 24.56 -46.52
C LEU A 527 -112.87 25.63 -47.15
N THR A 528 -111.62 25.27 -47.44
CA THR A 528 -110.61 26.10 -48.07
C THR A 528 -110.32 27.37 -47.26
N GLN A 529 -110.57 27.37 -45.96
CA GLN A 529 -110.41 28.56 -45.14
C GLN A 529 -109.41 28.32 -44.01
N TYR A 530 -108.90 29.42 -43.47
CA TYR A 530 -107.91 29.39 -42.41
C TYR A 530 -108.49 29.95 -41.11
N SER A 531 -107.81 29.62 -40.01
CA SER A 531 -108.13 30.14 -38.69
C SER A 531 -106.84 30.19 -37.89
N PHE A 532 -106.52 31.37 -37.36
CA PHE A 532 -105.24 31.60 -36.72
C PHE A 532 -105.41 31.72 -35.22
N ASN A 533 -104.39 31.25 -34.49
CA ASN A 533 -104.35 31.40 -33.04
C ASN A 533 -102.90 31.32 -32.62
N GLY A 534 -102.64 31.60 -31.35
CA GLY A 534 -101.27 31.51 -30.87
C GLY A 534 -101.04 32.28 -29.58
N ILE A 535 -99.83 32.13 -29.04
CA ILE A 535 -99.46 32.77 -27.78
C ILE A 535 -97.98 33.14 -27.81
N ILE A 536 -97.67 34.25 -27.16
CA ILE A 536 -96.29 34.59 -26.80
C ILE A 536 -96.18 34.48 -25.29
N VAL A 537 -95.20 33.72 -24.82
CA VAL A 537 -95.05 33.44 -23.41
C VAL A 537 -93.68 33.91 -22.94
N THR A 538 -93.66 34.55 -21.77
CA THR A 538 -92.46 35.03 -21.12
C THR A 538 -92.33 34.33 -19.78
N PRO A 539 -91.10 34.16 -19.28
CA PRO A 539 -90.94 33.58 -17.94
C PRO A 539 -91.64 34.43 -16.89
N GLY A 540 -92.33 33.76 -15.97
CA GLY A 540 -93.09 34.46 -14.96
C GLY A 540 -92.26 35.02 -13.83
N TYR A 541 -90.99 34.66 -13.76
CA TYR A 541 -90.11 35.18 -12.71
C TYR A 541 -89.89 36.67 -12.91
N ALA A 542 -89.87 37.41 -11.81
CA ALA A 542 -89.78 38.86 -11.87
C ALA A 542 -88.34 39.33 -12.07
N ALA A 543 -87.61 38.73 -13.01
CA ALA A 543 -86.29 39.22 -13.40
C ALA A 543 -86.05 39.10 -14.89
N ILE A 544 -86.79 38.23 -15.60
CA ILE A 544 -86.66 38.09 -17.03
C ILE A 544 -88.02 38.14 -17.72
N ASN A 545 -89.06 38.54 -16.98
CA ASN A 545 -90.40 38.65 -17.53
C ASN A 545 -90.46 39.84 -18.48
N GLY A 546 -90.97 39.60 -19.69
CA GLY A 546 -91.05 40.66 -20.68
C GLY A 546 -89.73 41.05 -21.29
N THR A 547 -88.68 40.24 -21.10
CA THR A 547 -87.39 40.46 -21.73
C THR A 547 -87.03 39.37 -22.73
N THR A 548 -87.44 38.12 -22.49
CA THR A 548 -87.24 37.03 -23.43
C THR A 548 -88.54 36.22 -23.46
N ALA A 549 -88.83 35.63 -24.62
CA ALA A 549 -90.12 35.01 -24.82
C ALA A 549 -90.03 33.93 -25.89
N MET A 550 -91.11 33.15 -25.98
CA MET A 550 -91.38 32.19 -27.05
C MET A 550 -92.65 32.63 -27.76
N ALA A 551 -92.56 32.79 -29.07
CA ALA A 551 -93.71 33.12 -29.90
C ALA A 551 -94.13 31.91 -30.71
N TYR A 552 -95.39 31.49 -30.53
CA TYR A 552 -95.97 30.40 -31.30
C TYR A 552 -97.22 30.93 -31.97
N VAL A 553 -97.24 30.90 -33.30
CA VAL A 553 -98.39 31.32 -34.09
C VAL A 553 -98.82 30.15 -34.96
N ILE A 554 -99.89 29.48 -34.57
CA ILE A 554 -100.38 28.28 -35.23
C ILE A 554 -101.56 28.69 -36.09
N GLY A 555 -101.43 28.52 -37.40
CA GLY A 555 -102.58 28.64 -38.28
C GLY A 555 -103.13 27.27 -38.63
N ALA A 556 -104.42 27.24 -38.96
CA ALA A 556 -105.08 26.00 -39.32
C ALA A 556 -105.86 26.19 -40.60
N LEU A 557 -105.85 25.15 -41.44
CA LEU A 557 -106.50 25.17 -42.73
C LEU A 557 -107.39 23.96 -42.85
N TYR A 558 -108.64 24.15 -43.26
CA TYR A 558 -109.55 23.03 -43.49
C TYR A 558 -109.80 22.87 -44.98
N ASN A 559 -109.70 21.63 -45.47
CA ASN A 559 -109.80 21.42 -46.91
C ASN A 559 -110.27 19.99 -47.16
N LYS A 560 -110.56 19.72 -48.43
CA LYS A 560 -110.95 18.40 -48.90
C LYS A 560 -110.38 18.15 -50.29
N THR A 561 -109.44 17.21 -50.38
CA THR A 561 -108.89 16.80 -51.66
C THR A 561 -109.41 15.39 -51.95
N SER A 562 -109.10 14.42 -51.11
CA SER A 562 -109.71 13.10 -51.17
C SER A 562 -110.34 12.71 -49.84
N ASP A 563 -109.78 13.21 -48.73
CA ASP A 563 -110.35 13.07 -47.41
C ASP A 563 -110.36 14.44 -46.74
N TYR A 564 -111.27 14.63 -45.80
CA TYR A 564 -111.35 15.88 -45.06
C TYR A 564 -110.10 16.06 -44.21
N VAL A 565 -109.34 17.11 -44.50
CA VAL A 565 -108.05 17.33 -43.86
C VAL A 565 -108.09 18.66 -43.11
N LEU A 566 -107.80 18.60 -41.82
CA LEU A 566 -107.59 19.78 -40.99
C LEU A 566 -106.12 19.83 -40.61
N SER A 567 -105.40 20.83 -41.13
CA SER A 567 -103.96 20.91 -40.97
C SER A 567 -103.59 22.10 -40.10
N PHE A 568 -102.53 21.94 -39.32
CA PHE A 568 -102.03 22.97 -38.43
C PHE A 568 -100.55 23.20 -38.71
N ALA A 569 -100.18 24.46 -38.82
CA ALA A 569 -98.78 24.84 -39.03
C ALA A 569 -98.40 25.89 -38.00
N GLY A 570 -97.36 25.61 -37.22
CA GLY A 570 -96.96 26.50 -36.16
C GLY A 570 -95.51 26.91 -36.18
N SER A 571 -95.24 28.19 -35.95
CA SER A 571 -93.87 28.68 -35.90
C SER A 571 -93.37 28.68 -34.46
N GLN A 572 -92.04 28.72 -34.32
CA GLN A 572 -91.40 28.73 -33.01
C GLN A 572 -90.33 29.83 -33.03
N GLU A 573 -90.56 30.91 -32.30
CA GLU A 573 -89.64 32.04 -32.35
C GLU A 573 -89.12 32.40 -30.96
N PRO A 574 -87.88 32.05 -30.62
CA PRO A 574 -87.23 32.68 -29.46
C PRO A 574 -87.13 34.18 -29.70
N MET A 575 -87.39 34.96 -28.66
CA MET A 575 -87.85 36.32 -28.88
C MET A 575 -87.26 37.17 -27.76
N GLN A 576 -86.91 38.41 -28.04
CA GLN A 576 -86.34 39.26 -26.99
C GLN A 576 -86.83 40.68 -27.09
N VAL A 577 -86.86 41.38 -25.96
CA VAL A 577 -87.35 42.75 -25.91
C VAL A 577 -86.19 43.69 -25.63
N MET A 578 -86.05 44.71 -26.47
CA MET A 578 -85.09 45.77 -26.20
C MET A 578 -85.59 47.05 -26.86
N ASN A 579 -85.44 48.17 -26.14
CA ASN A 579 -85.97 49.46 -26.55
C ASN A 579 -87.49 49.42 -26.73
N ASN A 580 -88.19 48.61 -25.94
CA ASN A 580 -89.62 48.34 -26.06
C ASN A 580 -89.96 47.72 -27.40
N ASN A 581 -88.97 47.29 -28.15
CA ASN A 581 -89.17 46.60 -29.41
C ASN A 581 -89.06 45.10 -29.16
N LEU A 582 -90.08 44.36 -29.57
CA LEU A 582 -90.05 42.90 -29.55
C LEU A 582 -89.32 42.45 -30.82
N THR A 583 -88.05 42.09 -30.69
CA THR A 583 -87.22 41.69 -31.81
C THR A 583 -86.90 40.20 -31.72
N GLU A 584 -86.97 39.52 -32.87
CA GLU A 584 -86.69 38.09 -32.89
C GLU A 584 -85.19 37.86 -32.97
N VAL A 585 -84.67 37.05 -32.06
CA VAL A 585 -83.27 36.65 -32.11
C VAL A 585 -83.03 35.67 -33.24
N THR A 586 -83.85 34.64 -33.32
CA THR A 586 -83.79 33.64 -34.39
C THR A 586 -85.10 32.88 -34.41
N THR A 587 -85.25 32.02 -35.41
CA THR A 587 -86.45 31.21 -35.57
C THR A 587 -86.07 29.74 -35.69
N LEU A 588 -86.91 28.87 -35.13
CA LEU A 588 -86.70 27.44 -35.20
C LEU A 588 -87.53 26.85 -36.34
N ALA A 589 -87.33 25.55 -36.58
CA ALA A 589 -88.03 24.88 -37.65
C ALA A 589 -89.53 24.82 -37.33
N PRO A 590 -90.40 25.27 -38.23
CA PRO A 590 -91.84 25.21 -37.97
C PRO A 590 -92.33 23.77 -37.93
N PHE A 591 -93.38 23.54 -37.15
CA PHE A 591 -93.94 22.21 -36.99
C PHE A 591 -95.29 22.13 -37.68
N GLY A 592 -95.68 20.92 -38.03
CA GLY A 592 -96.93 20.70 -38.74
C GLY A 592 -97.63 19.46 -38.25
N LEU A 593 -98.95 19.53 -38.19
CA LEU A 593 -99.80 18.41 -37.80
C LEU A 593 -100.96 18.30 -38.78
N THR A 594 -101.46 17.08 -38.95
CA THR A 594 -102.54 16.81 -39.89
C THR A 594 -103.59 15.94 -39.24
N LEU A 595 -104.86 16.21 -39.57
CA LEU A 595 -105.98 15.37 -39.15
C LEU A 595 -106.74 14.98 -40.41
N LEU A 596 -106.71 13.68 -40.74
CA LEU A 596 -107.31 13.17 -41.96
C LEU A 596 -108.54 12.34 -41.61
N ALA A 597 -109.60 12.52 -42.40
CA ALA A 597 -110.85 11.83 -42.14
C ALA A 597 -111.53 11.43 -43.45
N PRO A 598 -111.59 10.13 -43.77
CA PRO A 598 -112.36 9.70 -44.94
C PRO A 598 -113.86 9.64 -44.69
N SER A 599 -114.29 9.68 -43.43
CA SER A 599 -115.70 9.64 -43.08
C SER A 599 -116.18 11.05 -42.78
N VAL A 600 -117.47 11.31 -43.05
CA VAL A 600 -118.00 12.66 -42.88
C VAL A 600 -117.92 13.12 -41.41
N PRO A 601 -118.47 12.39 -40.44
CA PRO A 601 -118.23 12.78 -39.04
C PRO A 601 -117.01 12.06 -38.48
N ALA A 602 -116.10 12.84 -37.92
CA ALA A 602 -114.90 12.20 -37.38
C ALA A 602 -114.33 13.05 -36.25
N THR A 603 -113.59 12.39 -35.37
CA THR A 603 -112.76 13.02 -34.36
C THR A 603 -111.33 12.53 -34.52
N GLU A 604 -110.41 13.47 -34.69
CA GLU A 604 -109.03 13.13 -35.01
C GLU A 604 -108.10 13.81 -34.02
N THR A 605 -106.90 13.23 -33.89
CA THR A 605 -105.90 13.74 -32.96
C THR A 605 -104.51 13.52 -33.55
N GLY A 606 -103.57 14.35 -33.09
CA GLY A 606 -102.19 14.25 -33.52
C GLY A 606 -101.28 14.89 -32.48
N THR A 607 -99.99 14.60 -32.61
CA THR A 607 -99.03 15.10 -31.63
C THR A 607 -97.69 15.37 -32.32
N SER A 608 -96.86 16.16 -31.64
CA SER A 608 -95.55 16.56 -32.13
C SER A 608 -94.73 17.06 -30.97
N PRO A 609 -93.39 17.03 -31.07
CA PRO A 609 -92.57 17.69 -30.05
C PRO A 609 -92.66 19.21 -30.17
N LEU A 610 -92.38 19.88 -29.05
CA LEU A 610 -92.37 21.33 -29.00
C LEU A 610 -91.09 21.80 -28.32
N GLN A 611 -90.49 22.86 -28.87
CA GLN A 611 -89.22 23.36 -28.39
C GLN A 611 -89.41 24.71 -27.72
N LEU A 612 -88.81 24.84 -26.54
CA LEU A 612 -88.86 26.04 -25.72
C LEU A 612 -87.47 26.65 -25.66
N GLU A 613 -87.38 27.97 -25.81
CA GLU A 613 -86.07 28.60 -25.84
C GLU A 613 -86.15 30.00 -25.25
N PHE A 614 -85.11 30.37 -24.50
CA PHE A 614 -85.05 31.69 -23.89
C PHE A 614 -83.61 32.18 -23.92
N PHE A 615 -83.32 33.13 -24.81
CA PHE A 615 -82.03 33.82 -24.79
C PHE A 615 -82.10 34.95 -23.78
N THR A 616 -81.68 34.67 -22.55
CA THR A 616 -81.78 35.65 -21.49
C THR A 616 -80.75 36.75 -21.66
N VAL A 617 -81.11 37.95 -21.21
CA VAL A 617 -80.19 39.10 -21.20
C VAL A 617 -78.98 38.73 -20.33
N PRO A 618 -77.75 39.00 -20.78
CA PRO A 618 -76.57 38.57 -20.02
C PRO A 618 -76.57 39.04 -18.57
N SER A 619 -76.97 40.30 -18.35
CA SER A 619 -76.95 40.85 -17.00
C SER A 619 -77.82 40.03 -16.05
N THR A 620 -78.95 39.53 -16.53
CA THR A 620 -79.81 38.68 -15.74
C THR A 620 -79.61 37.19 -16.01
N SER A 621 -78.74 36.84 -16.98
CA SER A 621 -78.64 35.45 -17.41
C SER A 621 -78.35 34.51 -16.25
N TYR A 622 -77.30 34.81 -15.46
CA TYR A 622 -77.02 34.01 -14.28
C TYR A 622 -78.20 33.99 -13.33
N ILE A 623 -78.81 35.15 -13.09
CA ILE A 623 -79.99 35.21 -12.22
C ILE A 623 -81.09 34.34 -12.79
N ALA A 624 -81.31 34.40 -14.11
CA ALA A 624 -82.29 33.54 -14.75
C ALA A 624 -81.94 32.07 -14.50
N LEU A 625 -80.65 31.73 -14.57
CA LEU A 625 -80.23 30.36 -14.28
C LEU A 625 -80.63 29.95 -12.87
N VAL A 626 -80.60 30.90 -11.93
CA VAL A 626 -81.09 30.61 -10.59
C VAL A 626 -82.61 30.57 -10.58
N ASP A 627 -83.25 31.45 -11.34
CA ASP A 627 -84.71 31.53 -11.32
C ASP A 627 -85.34 30.23 -11.86
N PHE A 628 -84.82 29.71 -12.97
CA PHE A 628 -85.36 28.47 -13.52
C PHE A 628 -84.95 27.25 -12.70
N GLY A 629 -84.03 27.42 -11.75
CA GLY A 629 -83.55 26.29 -10.97
C GLY A 629 -82.53 25.44 -11.66
N LEU A 630 -81.77 26.03 -12.60
CA LEU A 630 -80.77 25.29 -13.37
C LEU A 630 -79.38 25.37 -12.77
N TRP A 631 -79.26 25.69 -11.49
CA TRP A 631 -77.97 25.78 -10.82
C TRP A 631 -78.15 25.46 -9.35
N GLY A 632 -77.06 25.04 -8.70
CA GLY A 632 -77.08 24.74 -7.28
C GLY A 632 -76.26 23.52 -6.96
N ASN A 633 -76.78 22.70 -6.04
CA ASN A 633 -76.13 21.44 -5.67
C ASN A 633 -76.52 20.30 -6.62
N LEU A 634 -77.35 20.60 -7.62
CA LEU A 634 -77.96 19.56 -8.43
C LEU A 634 -77.35 19.51 -9.83
N THR A 635 -76.90 20.66 -10.33
CA THR A 635 -76.58 20.81 -11.74
C THR A 635 -75.34 20.03 -12.13
N SER A 636 -75.28 19.66 -13.41
CA SER A 636 -74.14 19.01 -14.03
C SER A 636 -73.83 19.74 -15.32
N VAL A 637 -72.54 19.97 -15.58
CA VAL A 637 -72.09 20.86 -16.64
C VAL A 637 -71.22 20.10 -17.62
N THR A 638 -71.59 20.15 -18.89
CA THR A 638 -70.79 19.69 -20.01
C THR A 638 -70.04 20.87 -20.62
N VAL A 639 -68.78 20.66 -20.98
CA VAL A 639 -67.91 21.71 -21.49
C VAL A 639 -67.41 21.32 -22.87
N SER A 640 -67.46 22.26 -23.81
CA SER A 640 -66.88 22.08 -25.12
C SER A 640 -66.02 23.29 -25.48
N ALA A 641 -64.90 23.02 -26.15
CA ALA A 641 -63.94 24.06 -26.50
C ALA A 641 -63.97 24.30 -28.00
N TYR A 642 -63.49 25.48 -28.40
CA TYR A 642 -63.52 25.91 -29.78
C TYR A 642 -62.27 26.73 -30.07
N ASP A 643 -61.48 26.28 -31.05
CA ASP A 643 -60.32 27.03 -31.50
C ASP A 643 -60.80 28.20 -32.35
N THR A 644 -60.92 29.37 -31.72
CA THR A 644 -61.53 30.53 -32.36
C THR A 644 -60.68 31.08 -33.51
N VAL A 645 -59.38 30.84 -33.49
CA VAL A 645 -58.51 31.37 -34.53
C VAL A 645 -58.54 30.49 -35.77
N ASN A 646 -58.23 29.20 -35.63
CA ASN A 646 -58.06 28.31 -36.76
C ASN A 646 -59.20 27.30 -36.91
N ASN A 647 -60.36 27.55 -36.27
CA ASN A 647 -61.58 26.83 -36.55
C ASN A 647 -61.48 25.33 -36.28
N LYS A 648 -61.23 24.97 -35.02
CA LYS A 648 -61.45 23.60 -34.55
C LYS A 648 -62.40 23.60 -33.37
N LEU A 649 -63.30 22.62 -33.38
CA LEU A 649 -64.20 22.34 -32.27
C LEU A 649 -63.70 21.10 -31.53
N SER A 650 -63.62 21.19 -30.22
CA SER A 650 -63.21 20.05 -29.41
C SER A 650 -64.32 19.01 -29.40
N VAL A 651 -64.08 17.89 -30.10
CA VAL A 651 -65.02 16.78 -30.08
C VAL A 651 -65.15 16.21 -28.68
N ASN A 652 -64.11 16.34 -27.87
CA ASN A 652 -64.18 15.99 -26.46
C ASN A 652 -65.04 17.00 -25.73
N LEU A 653 -65.88 16.50 -24.82
CA LEU A 653 -66.70 17.33 -23.97
C LEU A 653 -66.38 17.00 -22.53
N GLY A 654 -65.65 17.89 -21.86
CA GLY A 654 -65.35 17.70 -20.45
C GLY A 654 -66.60 17.82 -19.60
N TYR A 655 -66.44 17.51 -18.32
CA TYR A 655 -67.59 17.48 -17.43
C TYR A 655 -67.19 17.95 -16.05
N PHE A 656 -68.11 18.61 -15.37
CA PHE A 656 -67.99 18.83 -13.93
C PHE A 656 -69.39 19.02 -13.37
N TYR A 657 -69.45 19.39 -12.09
CA TYR A 657 -70.71 19.48 -11.38
C TYR A 657 -70.74 20.72 -10.52
N GLY A 658 -71.90 21.38 -10.50
CA GLY A 658 -72.10 22.47 -9.58
C GLY A 658 -72.61 21.99 -8.24
N ILE A 659 -71.95 22.47 -7.18
CA ILE A 659 -72.36 22.15 -5.81
C ILE A 659 -71.96 23.33 -4.94
N VAL A 660 -72.56 23.41 -3.76
CA VAL A 660 -72.30 24.49 -2.81
C VAL A 660 -71.89 23.87 -1.49
N ILE A 661 -70.68 24.19 -1.03
CA ILE A 661 -70.18 23.79 0.28
C ILE A 661 -70.25 25.02 1.19
N PRO A 662 -70.88 24.92 2.36
CA PRO A 662 -71.03 26.11 3.20
C PRO A 662 -69.70 26.52 3.79
N PRO A 663 -69.39 27.82 3.78
CA PRO A 663 -68.15 28.29 4.42
C PRO A 663 -68.09 27.93 5.90
N SER A 664 -66.88 27.66 6.38
CA SER A 664 -66.65 27.36 7.78
C SER A 664 -65.57 28.29 8.31
N ILE A 665 -65.29 28.17 9.61
CA ILE A 665 -64.29 28.99 10.26
C ILE A 665 -63.38 28.11 11.09
N SER A 666 -62.13 28.54 11.25
CA SER A 666 -61.18 27.80 12.08
C SER A 666 -60.27 28.81 12.79
N THR A 667 -60.24 28.66 14.11
CA THR A 667 -59.52 29.58 15.00
C THR A 667 -58.73 28.76 16.00
N ALA A 668 -57.70 29.38 16.58
CA ALA A 668 -56.85 28.75 17.58
C ALA A 668 -56.49 29.79 18.62
N PRO A 669 -56.08 29.37 19.82
CA PRO A 669 -55.62 30.35 20.82
C PRO A 669 -54.44 31.16 20.30
N TYR A 670 -54.40 32.44 20.69
CA TYR A 670 -53.44 33.39 20.16
C TYR A 670 -52.47 33.82 21.24
N ASN A 671 -51.17 33.82 20.92
CA ASN A 671 -50.16 34.26 21.86
C ASN A 671 -50.06 35.78 21.87
N TYR A 672 -49.79 36.34 23.05
CA TYR A 672 -49.60 37.78 23.14
C TYR A 672 -48.36 38.23 22.40
N GLN A 673 -47.37 37.35 22.23
CA GLN A 673 -46.17 37.69 21.47
C GLN A 673 -46.51 38.12 20.05
N ASN A 674 -47.57 37.55 19.46
CA ASN A 674 -47.99 37.92 18.12
C ASN A 674 -48.64 39.30 18.06
N PHE A 675 -48.59 40.06 19.15
CA PHE A 675 -49.17 41.39 19.20
C PHE A 675 -48.17 42.46 19.58
N ILE A 676 -46.99 42.10 20.06
CA ILE A 676 -46.05 43.04 20.66
C ILE A 676 -45.11 43.64 19.62
N CYS A 677 -44.31 42.79 18.98
CA CYS A 677 -43.31 43.30 18.06
C CYS A 677 -43.84 43.28 16.63
N PRO A 678 -43.42 44.25 15.79
CA PRO A 678 -43.99 44.35 14.43
C PRO A 678 -43.34 43.37 13.45
N ASN A 679 -43.11 42.15 13.92
CA ASN A 679 -42.73 41.03 13.06
C ASN A 679 -43.52 39.80 13.43
N ASN A 680 -44.24 39.85 14.56
CA ASN A 680 -45.09 38.78 15.02
C ASN A 680 -46.54 39.20 14.82
N TYR A 681 -47.29 38.41 14.07
CA TYR A 681 -48.67 38.75 13.75
C TYR A 681 -49.53 37.51 13.96
N VAL A 682 -50.83 37.71 13.80
CA VAL A 682 -51.82 36.64 14.04
C VAL A 682 -52.36 36.16 12.70
N THR A 683 -52.38 34.85 12.52
CA THR A 683 -52.91 34.24 11.30
C THR A 683 -54.26 33.61 11.61
N VAL A 684 -55.27 34.02 10.84
CA VAL A 684 -56.64 33.52 11.01
C VAL A 684 -57.00 32.71 9.78
N THR A 685 -57.56 31.52 9.99
CA THR A 685 -57.86 30.61 8.90
C THR A 685 -59.36 30.56 8.66
N ILE A 686 -59.78 31.03 7.48
CA ILE A 686 -61.19 31.11 7.12
C ILE A 686 -61.45 30.15 5.97
N TYR A 687 -62.46 29.31 6.12
CA TYR A 687 -62.82 28.35 5.08
C TYR A 687 -63.95 28.90 4.23
N ASP A 688 -63.65 29.20 2.98
CA ASP A 688 -64.68 29.61 2.02
C ASP A 688 -64.16 29.38 0.60
N PRO A 689 -64.38 28.19 0.04
CA PRO A 689 -63.89 27.93 -1.33
C PRO A 689 -64.52 28.82 -2.38
N ASP A 690 -65.70 29.37 -2.10
CA ASP A 690 -66.55 29.93 -3.13
C ASP A 690 -66.15 31.33 -3.56
N ALA A 691 -65.31 32.01 -2.78
CA ALA A 691 -64.95 33.39 -3.08
C ALA A 691 -63.81 33.51 -4.08
N VAL A 692 -63.26 32.40 -4.54
CA VAL A 692 -62.13 32.44 -5.47
C VAL A 692 -62.64 32.70 -6.88
N LEU A 693 -62.17 33.79 -7.48
CA LEU A 693 -62.48 34.10 -8.88
C LEU A 693 -61.22 34.35 -9.69
N ASP A 694 -60.05 34.04 -9.12
CA ASP A 694 -58.77 34.20 -9.79
C ASP A 694 -57.75 33.29 -9.12
N PRO A 695 -57.71 32.00 -9.46
CA PRO A 695 -56.80 31.07 -8.79
C PRO A 695 -55.36 31.15 -9.28
N TYR A 696 -54.75 32.33 -9.20
CA TYR A 696 -53.35 32.49 -9.55
C TYR A 696 -52.77 33.70 -8.83
N PRO A 697 -51.88 33.50 -7.85
CA PRO A 697 -51.31 34.65 -7.13
C PRO A 697 -50.55 35.58 -8.08
N SER A 698 -50.57 36.87 -7.75
CA SER A 698 -49.94 37.92 -8.54
C SER A 698 -50.46 37.90 -9.98
N GLY A 699 -51.77 37.68 -10.13
CA GLY A 699 -52.40 37.65 -11.44
C GLY A 699 -53.67 38.48 -11.46
N SER A 700 -54.07 38.85 -12.69
CA SER A 700 -55.28 39.64 -12.89
C SER A 700 -55.72 39.52 -14.35
N PHE A 701 -56.98 39.87 -14.62
CA PHE A 701 -57.49 39.82 -15.99
C PHE A 701 -58.69 40.75 -16.12
N THR A 702 -59.06 41.05 -17.35
CA THR A 702 -60.21 41.90 -17.66
C THR A 702 -61.14 41.13 -18.58
N THR A 703 -62.31 41.70 -18.84
CA THR A 703 -63.29 41.06 -19.71
C THR A 703 -64.01 42.10 -20.55
N SER A 704 -64.56 41.66 -21.68
CA SER A 704 -65.30 42.55 -22.57
C SER A 704 -66.32 41.74 -23.37
N SER A 705 -67.48 42.36 -23.60
CA SER A 705 -68.56 41.73 -24.32
C SER A 705 -68.34 41.86 -25.83
N LEU A 706 -68.52 40.74 -26.53
CA LEU A 706 -68.25 40.67 -27.96
C LEU A 706 -69.17 39.62 -28.58
N PRO A 707 -69.42 39.70 -29.88
CA PRO A 707 -70.08 38.58 -30.57
C PRO A 707 -69.07 37.48 -30.87
N LEU A 708 -69.13 36.41 -30.08
CA LEU A 708 -68.17 35.32 -30.14
C LEU A 708 -68.59 34.33 -31.20
N LYS A 709 -67.63 33.89 -32.00
CA LYS A 709 -67.87 32.87 -33.01
C LYS A 709 -67.73 31.48 -32.39
N TYR A 710 -68.73 30.63 -32.61
CA TYR A 710 -68.71 29.26 -32.10
C TYR A 710 -69.53 28.40 -33.04
N GLY A 711 -69.05 27.19 -33.31
CA GLY A 711 -69.75 26.30 -34.22
C GLY A 711 -69.87 26.93 -35.59
N ASN A 712 -71.07 27.39 -35.91
CA ASN A 712 -71.31 28.10 -37.17
C ASN A 712 -72.10 29.37 -36.96
N MET A 713 -72.01 30.00 -35.79
CA MET A 713 -72.81 31.19 -35.51
C MET A 713 -72.12 32.03 -34.44
N ASN A 714 -72.52 33.29 -34.38
CA ASN A 714 -71.98 34.25 -33.42
C ASN A 714 -73.04 34.53 -32.36
N ILE A 715 -72.64 34.41 -31.09
CA ILE A 715 -73.53 34.66 -29.96
C ILE A 715 -72.83 35.64 -29.03
N THR A 716 -73.61 36.52 -28.41
CA THR A 716 -73.05 37.47 -27.46
C THR A 716 -72.37 36.73 -26.32
N GLY A 717 -71.15 37.12 -25.99
CA GLY A 717 -70.38 36.46 -24.95
C GLY A 717 -69.34 37.40 -24.38
N ALA A 718 -68.57 36.88 -23.42
CA ALA A 718 -67.54 37.65 -22.73
C ALA A 718 -66.18 37.05 -23.06
N VAL A 719 -65.32 37.85 -23.69
CA VAL A 719 -63.94 37.46 -23.93
C VAL A 719 -63.10 38.00 -22.78
N ILE A 720 -62.31 37.13 -22.17
CA ILE A 720 -61.45 37.50 -21.05
C ILE A 720 -60.03 37.68 -21.56
N PHE A 721 -59.46 38.85 -21.30
CA PHE A 721 -58.10 39.20 -21.70
C PHE A 721 -57.18 39.19 -20.49
N PRO A 722 -56.13 38.39 -20.48
CA PRO A 722 -55.17 38.44 -19.37
C PRO A 722 -54.44 39.78 -19.35
N GLY A 723 -54.07 40.21 -18.14
CA GLY A 723 -53.40 41.48 -17.96
C GLY A 723 -54.14 42.35 -16.95
N SER A 724 -53.95 43.66 -17.08
CA SER A 724 -54.58 44.60 -16.15
C SER A 724 -55.09 45.83 -16.89
N SER A 725 -55.46 45.68 -18.15
CA SER A 725 -55.95 46.79 -18.96
C SER A 725 -57.30 46.43 -19.55
N VAL A 726 -58.28 47.33 -19.38
CA VAL A 726 -59.60 47.18 -19.96
C VAL A 726 -59.63 47.89 -21.31
N TYR A 727 -59.93 47.14 -22.37
CA TYR A 727 -59.92 47.62 -23.73
C TYR A 727 -61.34 47.82 -24.23
N ASN A 728 -61.45 48.26 -25.49
CA ASN A 728 -62.73 48.36 -26.20
C ASN A 728 -62.56 47.73 -27.57
N PRO A 729 -62.66 46.39 -27.66
CA PRO A 729 -62.48 45.72 -28.95
C PRO A 729 -63.64 45.98 -29.89
N SER A 730 -63.44 45.63 -31.16
CA SER A 730 -64.44 45.84 -32.19
C SER A 730 -64.38 44.69 -33.18
N GLY A 731 -65.27 44.72 -34.17
CA GLY A 731 -65.31 43.68 -35.18
C GLY A 731 -65.98 42.41 -34.70
N VAL A 732 -65.95 41.39 -35.55
CA VAL A 732 -66.55 40.10 -35.24
C VAL A 732 -65.46 39.18 -34.70
N PHE A 733 -65.67 38.67 -33.48
CA PHE A 733 -64.68 37.82 -32.85
C PHE A 733 -64.48 36.54 -33.65
N GLY A 734 -63.22 36.16 -33.82
CA GLY A 734 -62.88 34.96 -34.58
C GLY A 734 -62.64 35.18 -36.05
N TYR A 735 -62.53 36.42 -36.49
CA TYR A 735 -62.30 36.73 -37.90
C TYR A 735 -61.24 37.82 -37.98
N SER A 736 -60.99 38.29 -39.20
CA SER A 736 -60.11 39.43 -39.42
C SER A 736 -60.77 40.75 -39.05
N ASN A 737 -62.09 40.77 -38.87
CA ASN A 737 -62.78 41.98 -38.45
C ASN A 737 -62.47 42.32 -37.00
N PHE A 738 -62.23 41.31 -36.15
CA PHE A 738 -61.94 41.54 -34.75
C PHE A 738 -60.59 42.25 -34.60
N ASN A 739 -60.58 43.30 -33.79
CA ASN A 739 -59.36 44.05 -33.52
C ASN A 739 -59.59 44.83 -32.23
N LYS A 740 -58.83 44.49 -31.18
CA LYS A 740 -58.96 45.22 -29.91
C LYS A 740 -58.19 46.53 -30.00
N GLY A 741 -58.82 47.60 -29.53
CA GLY A 741 -58.25 48.93 -29.60
C GLY A 741 -57.33 49.23 -28.42
N ALA A 742 -57.07 50.52 -28.23
CA ALA A 742 -56.23 50.96 -27.13
C ALA A 742 -56.92 50.70 -25.79
N ALA A 743 -56.11 50.56 -24.74
CA ALA A 743 -56.63 50.31 -23.40
C ALA A 743 -57.49 51.49 -22.96
N VAL A 744 -58.79 51.27 -22.80
CA VAL A 744 -59.67 52.32 -22.31
C VAL A 744 -59.25 52.74 -20.91
N THR A 745 -58.95 51.77 -20.05
CA THR A 745 -58.39 52.09 -18.74
C THR A 745 -57.29 51.08 -18.43
N THR A 746 -56.42 51.43 -17.50
CA THR A 746 -55.34 50.56 -17.06
C THR A 746 -55.38 50.46 -15.54
N PHE A 747 -55.76 49.28 -15.05
CA PHE A 747 -55.82 49.03 -13.62
C PHE A 747 -54.43 48.63 -13.12
N THR A 748 -53.97 49.32 -12.08
CA THR A 748 -52.66 49.03 -11.53
C THR A 748 -52.72 48.99 -10.02
N TYR A 749 -52.21 47.91 -9.43
CA TYR A 749 -52.09 47.82 -7.98
C TYR A 749 -50.79 48.47 -7.54
N THR A 750 -50.91 49.64 -6.92
CA THR A 750 -49.76 50.47 -6.56
C THR A 750 -49.84 50.82 -5.09
N ALA A 751 -48.69 51.16 -4.51
CA ALA A 751 -48.66 51.65 -3.14
C ALA A 751 -49.31 53.04 -3.09
N GLN A 752 -50.08 53.27 -2.03
CA GLN A 752 -50.79 54.53 -1.86
C GLN A 752 -50.13 55.33 -0.74
N SER A 753 -49.87 56.61 -1.01
CA SER A 753 -49.24 57.50 -0.05
C SER A 753 -50.17 57.79 1.14
N GLY A 754 -49.68 58.57 2.09
CA GLY A 754 -50.44 58.89 3.27
C GLY A 754 -50.20 57.90 4.39
N PRO A 755 -51.24 57.61 5.16
CA PRO A 755 -51.09 56.63 6.26
C PRO A 755 -50.66 55.26 5.73
N PHE A 756 -49.72 54.64 6.45
CA PHE A 756 -49.24 53.30 6.15
C PHE A 756 -48.72 53.19 4.71
N SER A 757 -48.77 52.00 4.13
CA SER A 757 -48.35 51.79 2.75
C SER A 757 -49.10 50.62 2.14
N PRO A 758 -50.40 50.77 1.90
CA PRO A 758 -51.17 49.68 1.30
C PRO A 758 -50.96 49.61 -0.19
N VAL A 759 -51.21 48.42 -0.75
CA VAL A 759 -51.21 48.20 -2.18
C VAL A 759 -52.66 48.17 -2.64
N ALA A 760 -53.06 49.19 -3.40
CA ALA A 760 -54.47 49.35 -3.74
C ALA A 760 -54.60 49.59 -5.25
N LEU A 761 -55.81 49.39 -5.74
CA LEU A 761 -56.08 49.53 -7.17
C LEU A 761 -56.14 51.00 -7.59
N THR A 762 -55.68 51.26 -8.81
CA THR A 762 -55.78 52.57 -9.42
C THR A 762 -56.29 52.40 -10.85
N GLY A 763 -57.22 53.28 -11.21
CA GLY A 763 -57.88 53.22 -12.50
C GLY A 763 -59.31 53.71 -12.40
N ASN A 764 -60.07 53.48 -13.47
CA ASN A 764 -61.46 53.90 -13.53
C ASN A 764 -62.35 52.81 -12.92
N THR A 765 -62.92 53.10 -11.75
CA THR A 765 -63.77 52.12 -11.08
C THR A 765 -65.02 51.78 -11.86
N ASN A 766 -65.41 52.60 -12.84
CA ASN A 766 -66.56 52.28 -13.66
C ASN A 766 -66.37 50.97 -14.41
N TYR A 767 -65.12 50.54 -14.57
CA TYR A 767 -64.80 49.29 -15.23
C TYR A 767 -64.41 48.19 -14.25
N LEU A 768 -64.76 48.33 -12.98
CA LEU A 768 -64.56 47.22 -12.04
C LEU A 768 -65.37 46.00 -12.44
N SER A 769 -66.53 46.21 -13.08
CA SER A 769 -67.33 45.14 -13.64
C SER A 769 -66.62 44.43 -14.79
N GLN A 770 -65.59 45.07 -15.37
CA GLN A 770 -64.80 44.44 -16.41
C GLN A 770 -63.41 44.07 -15.91
N TYR A 771 -63.21 43.97 -14.59
CA TYR A 771 -61.90 43.72 -14.01
C TYR A 771 -62.02 42.65 -12.93
N ALA A 772 -61.05 41.74 -12.89
CA ALA A 772 -61.02 40.68 -11.89
C ALA A 772 -59.60 40.45 -11.43
N ASP A 773 -59.44 40.20 -10.13
CA ASP A 773 -58.15 40.05 -9.49
C ASP A 773 -58.20 38.91 -8.48
N ASN A 774 -57.06 38.63 -7.85
CA ASN A 774 -57.00 37.67 -6.77
C ASN A 774 -57.87 38.07 -5.59
N ASN A 775 -58.10 39.37 -5.43
CA ASN A 775 -58.88 39.88 -4.31
C ASN A 775 -60.36 39.57 -4.51
N PRO A 776 -61.02 38.90 -3.56
CA PRO A 776 -62.46 38.65 -3.70
C PRO A 776 -63.34 39.83 -3.30
N THR A 777 -62.76 40.95 -2.90
CA THR A 777 -63.52 42.14 -2.52
C THR A 777 -63.76 43.09 -3.70
N ASP A 778 -63.41 42.65 -4.91
CA ASP A 778 -63.76 43.39 -6.12
C ASP A 778 -64.22 42.47 -7.24
N ASN A 779 -64.22 41.16 -7.00
CA ASN A 779 -64.62 40.19 -8.02
C ASN A 779 -66.13 40.07 -8.16
N TYR A 780 -66.90 40.56 -7.20
CA TYR A 780 -68.35 40.54 -7.34
C TYR A 780 -68.85 41.53 -8.40
N TYR A 781 -68.00 42.47 -8.83
CA TYR A 781 -68.33 43.30 -9.98
C TYR A 781 -68.35 42.51 -11.28
N PHE A 782 -67.63 41.39 -11.33
CA PHE A 782 -67.32 40.75 -12.61
C PHE A 782 -68.57 40.32 -13.38
N ILE A 783 -69.53 39.69 -12.69
CA ILE A 783 -70.73 39.16 -13.34
C ILE A 783 -71.98 39.90 -12.92
N GLN A 784 -72.24 40.01 -11.62
CA GLN A 784 -73.47 40.61 -11.11
C GLN A 784 -73.27 42.10 -10.89
N THR A 785 -73.38 42.85 -12.00
CA THR A 785 -73.26 44.30 -11.97
C THR A 785 -74.23 44.89 -12.99
N VAL A 786 -75.17 45.70 -12.50
CA VAL A 786 -76.12 46.40 -13.35
C VAL A 786 -76.11 47.87 -12.97
N ASN A 787 -76.26 48.74 -13.98
CA ASN A 787 -76.29 50.19 -13.80
C ASN A 787 -75.01 50.71 -13.16
N GLY A 788 -73.88 50.04 -13.36
CA GLY A 788 -72.62 50.49 -12.81
C GLY A 788 -72.38 50.15 -11.36
N MET A 789 -73.28 49.40 -10.72
CA MET A 789 -73.13 49.02 -9.33
C MET A 789 -73.16 47.50 -9.23
N PRO A 790 -72.39 46.91 -8.32
CA PRO A 790 -72.34 45.44 -8.23
C PRO A 790 -73.56 44.90 -7.49
N VAL A 791 -74.24 43.94 -8.13
CA VAL A 791 -75.36 43.28 -7.46
C VAL A 791 -74.85 42.42 -6.31
N LEU A 792 -73.75 41.70 -6.52
CA LEU A 792 -73.18 40.82 -5.54
C LEU A 792 -72.19 41.57 -4.67
N MET A 793 -72.06 41.14 -3.41
CA MET A 793 -71.10 41.69 -2.47
C MET A 793 -70.46 40.56 -1.67
N GLY A 794 -69.35 40.04 -2.18
CA GLY A 794 -68.67 38.93 -1.55
C GLY A 794 -67.25 39.25 -1.16
N GLY A 795 -66.55 38.23 -0.65
CA GLY A 795 -65.18 38.38 -0.26
C GLY A 795 -65.00 38.58 1.24
N LEU A 796 -63.84 39.12 1.58
CA LEU A 796 -63.50 39.39 2.97
C LEU A 796 -64.14 40.71 3.42
N SER A 797 -64.45 40.79 4.71
CA SER A 797 -64.90 42.03 5.32
C SER A 797 -64.38 42.06 6.75
N ILE A 798 -64.07 43.25 7.23
CA ILE A 798 -63.40 43.41 8.52
C ILE A 798 -64.10 44.52 9.29
N VAL A 799 -64.34 44.28 10.58
CA VAL A 799 -64.82 45.29 11.50
C VAL A 799 -63.90 45.27 12.72
N ALA A 800 -63.84 46.39 13.42
CA ALA A 800 -62.90 46.51 14.51
C ALA A 800 -63.49 47.37 15.61
N SER A 801 -63.28 46.93 16.85
CA SER A 801 -63.84 47.57 18.04
C SER A 801 -62.77 47.62 19.11
N PRO A 802 -62.90 48.48 20.13
CA PRO A 802 -64.00 49.41 20.44
C PRO A 802 -64.08 50.58 19.47
N VAL A 803 -62.95 51.05 18.95
CA VAL A 803 -62.96 52.11 17.96
C VAL A 803 -63.56 51.55 16.68
N SER A 804 -64.80 51.93 16.39
CA SER A 804 -65.56 51.36 15.28
C SER A 804 -64.86 51.66 13.97
N ALA A 805 -64.29 50.62 13.35
CA ALA A 805 -63.67 50.76 12.04
C ALA A 805 -64.16 49.63 11.17
N SER A 806 -64.18 49.85 9.86
CA SER A 806 -64.73 48.85 8.96
C SER A 806 -64.12 48.92 7.57
N LEU A 807 -64.04 47.77 6.91
CA LEU A 807 -63.63 47.66 5.53
C LEU A 807 -64.41 46.54 4.86
N PRO A 808 -64.87 46.73 3.62
CA PRO A 808 -64.71 47.92 2.76
C PRO A 808 -65.40 49.16 3.30
N SER A 809 -64.68 50.28 3.30
CA SER A 809 -65.21 51.56 3.75
C SER A 809 -65.72 52.36 2.57
N SER A 810 -66.60 53.30 2.85
CA SER A 810 -67.14 54.18 1.82
C SER A 810 -66.09 55.13 1.26
N THR A 811 -64.96 55.29 1.96
CA THR A 811 -63.88 56.15 1.51
C THR A 811 -62.84 55.40 0.69
N SER A 812 -62.97 54.08 0.57
CA SER A 812 -62.01 53.28 -0.19
C SER A 812 -62.73 52.54 -1.30
N SER A 813 -62.19 52.64 -2.51
CA SER A 813 -62.76 51.93 -3.64
C SER A 813 -62.45 50.44 -3.54
N PRO A 814 -63.28 49.59 -4.17
CA PRO A 814 -63.00 48.15 -4.14
C PRO A 814 -61.63 47.80 -4.69
N GLY A 815 -60.94 46.89 -4.02
CA GLY A 815 -59.60 46.52 -4.40
C GLY A 815 -58.54 47.26 -3.63
N PHE A 816 -58.84 47.63 -2.38
CA PHE A 816 -57.93 48.45 -1.58
C PHE A 816 -56.84 47.64 -0.90
N MET A 817 -56.85 46.31 -1.05
CA MET A 817 -55.67 45.50 -0.73
C MET A 817 -55.31 44.69 -1.95
N TYR A 818 -54.16 44.00 -1.87
CA TYR A 818 -53.75 43.08 -2.91
C TYR A 818 -53.71 41.66 -2.33
N LEU A 819 -54.77 41.29 -1.61
CA LEU A 819 -54.84 39.99 -0.96
C LEU A 819 -54.67 38.86 -1.97
N LEU A 820 -53.77 37.94 -1.67
CA LEU A 820 -53.48 36.80 -2.52
C LEU A 820 -53.97 35.52 -1.86
N PRO A 821 -54.68 34.66 -2.57
CA PRO A 821 -55.14 33.40 -1.99
C PRO A 821 -53.97 32.49 -1.69
N SER A 822 -54.19 31.61 -0.71
CA SER A 822 -53.16 30.64 -0.33
C SER A 822 -52.84 29.72 -1.50
N ALA A 823 -51.55 29.44 -1.67
CA ALA A 823 -51.10 28.61 -2.78
C ALA A 823 -51.55 27.16 -2.60
N ALA A 824 -51.78 26.48 -3.71
CA ALA A 824 -52.18 25.08 -3.67
C ALA A 824 -51.03 24.23 -3.15
N GLN A 825 -51.37 23.20 -2.37
CA GLN A 825 -50.38 22.36 -1.74
C GLN A 825 -49.93 21.22 -2.66
N VAL A 826 -49.19 20.28 -2.09
CA VAL A 826 -48.55 19.23 -2.90
C VAL A 826 -49.57 18.35 -3.64
N PRO A 827 -50.58 17.77 -2.97
CA PRO A 827 -51.46 16.82 -3.70
C PRO A 827 -52.26 17.45 -4.83
N SER A 828 -52.36 18.78 -4.87
CA SER A 828 -53.04 19.44 -5.97
C SER A 828 -52.25 19.26 -7.26
N PRO A 829 -52.92 18.93 -8.37
CA PRO A 829 -52.22 18.75 -9.64
C PRO A 829 -51.62 20.04 -10.18
N LEU A 830 -52.08 21.18 -9.66
CA LEU A 830 -51.55 22.49 -10.03
C LEU A 830 -51.13 23.23 -8.76
N PRO A 831 -49.94 22.95 -8.24
CA PRO A 831 -49.49 23.66 -7.03
C PRO A 831 -49.34 25.16 -7.27
N GLY A 832 -49.61 25.92 -6.22
CA GLY A 832 -49.48 27.37 -6.29
C GLY A 832 -50.51 28.05 -7.16
N MET A 833 -51.77 27.61 -7.08
CA MET A 833 -52.86 28.26 -7.79
C MET A 833 -53.81 28.89 -6.78
N ALA A 834 -54.40 28.06 -5.92
CA ALA A 834 -55.39 28.55 -4.97
C ALA A 834 -55.63 27.50 -3.89
N THR A 835 -56.29 27.95 -2.82
CA THR A 835 -56.62 27.12 -1.68
C THR A 835 -57.84 27.72 -1.00
N PRO A 836 -58.87 26.93 -0.70
CA PRO A 836 -60.06 27.47 -0.04
C PRO A 836 -59.77 28.08 1.31
N ASN A 837 -58.72 27.65 1.99
CA ASN A 837 -58.33 28.25 3.26
C ASN A 837 -57.70 29.61 3.00
N TYR A 838 -58.19 30.61 3.72
CA TYR A 838 -57.67 31.98 3.66
C TYR A 838 -56.93 32.26 4.95
N ASN A 839 -55.63 32.47 4.85
CA ASN A 839 -54.78 32.80 5.99
C ASN A 839 -54.58 34.30 6.02
N LEU A 840 -55.21 34.96 6.98
CA LEU A 840 -55.21 36.42 7.07
C LEU A 840 -54.23 36.85 8.16
N ASN A 841 -53.37 37.81 7.85
CA ASN A 841 -52.38 38.32 8.78
C ASN A 841 -52.86 39.62 9.42
N ILE A 842 -52.86 39.63 10.75
CA ILE A 842 -53.48 40.70 11.53
C ILE A 842 -52.49 41.21 12.58
N TYR A 843 -52.36 42.52 12.69
CA TYR A 843 -51.69 43.18 13.79
C TYR A 843 -52.72 43.98 14.58
N ILE A 844 -52.73 43.75 15.90
CA ILE A 844 -53.56 44.52 16.82
C ILE A 844 -52.63 45.28 17.75
N THR A 845 -52.77 46.61 17.81
CA THR A 845 -51.82 47.41 18.55
C THR A 845 -52.51 48.70 19.02
N TYR A 846 -51.80 49.40 19.89
CA TYR A 846 -52.23 50.69 20.41
C TYR A 846 -51.23 51.80 20.16
N LYS A 847 -50.00 51.46 19.78
CA LYS A 847 -48.87 52.37 19.91
C LYS A 847 -48.92 53.50 18.89
N ILE A 848 -49.20 53.18 17.64
CA ILE A 848 -49.18 54.17 16.56
C ILE A 848 -50.53 54.84 16.39
N ASP A 849 -51.49 54.53 17.26
CA ASP A 849 -52.78 55.21 17.25
C ASP A 849 -52.62 56.61 17.81
N GLY A 850 -53.33 57.56 17.22
CA GLY A 850 -53.21 58.95 17.58
C GLY A 850 -52.06 59.68 16.91
N ALA A 851 -51.26 58.97 16.11
CA ALA A 851 -50.15 59.59 15.41
C ALA A 851 -50.67 60.47 14.27
N THR A 852 -49.79 61.36 13.81
CA THR A 852 -50.12 62.29 12.74
C THR A 852 -49.23 62.03 11.54
N VAL A 853 -49.85 61.96 10.36
CA VAL A 853 -49.14 61.83 9.09
C VAL A 853 -49.58 63.02 8.24
N GLY A 854 -48.80 64.11 8.30
CA GLY A 854 -49.22 65.35 7.68
C GLY A 854 -50.45 65.90 8.38
N ASN A 855 -51.59 65.89 7.68
CA ASN A 855 -52.85 66.27 8.29
C ASN A 855 -53.71 65.07 8.65
N ASN A 856 -53.24 63.86 8.36
CA ASN A 856 -54.02 62.65 8.59
C ASN A 856 -53.82 62.14 10.02
N MET A 857 -54.87 61.54 10.56
CA MET A 857 -54.85 60.98 11.91
C MET A 857 -54.85 59.47 11.82
N ILE A 858 -54.08 58.82 12.68
CA ILE A 858 -53.94 57.37 12.67
C ILE A 858 -54.82 56.81 13.79
N ASN A 859 -55.90 56.13 13.40
CA ASN A 859 -56.82 55.52 14.36
C ASN A 859 -57.74 54.55 13.62
N GLY A 860 -57.88 53.35 14.14
CA GLY A 860 -58.81 52.39 13.59
C GLY A 860 -58.14 51.34 12.73
N LEU A 861 -58.84 50.95 11.67
CA LEU A 861 -58.43 49.84 10.81
C LEU A 861 -57.77 50.38 9.55
N TYR A 862 -56.73 49.66 9.09
CA TYR A 862 -55.97 50.07 7.93
C TYR A 862 -55.40 48.84 7.24
N VAL A 863 -55.08 49.00 5.96
CA VAL A 863 -54.50 47.95 5.14
C VAL A 863 -53.02 48.26 4.91
N ALA A 864 -52.19 47.23 5.00
CA ALA A 864 -50.76 47.38 4.78
C ALA A 864 -50.22 46.18 4.01
N SER A 865 -49.16 46.43 3.25
CA SER A 865 -48.52 45.44 2.39
C SER A 865 -49.58 44.91 1.42
N GLN A 866 -49.60 43.60 1.17
CA GLN A 866 -50.63 42.99 0.34
C GLN A 866 -51.61 42.16 1.16
N ASN A 867 -51.17 41.55 2.25
CA ASN A 867 -52.04 40.69 3.06
C ASN A 867 -52.11 41.13 4.52
N THR A 868 -51.66 42.32 4.87
CA THR A 868 -51.59 42.73 6.27
C THR A 868 -52.75 43.66 6.63
N LEU A 869 -53.41 43.35 7.73
CA LEU A 869 -54.40 44.25 8.32
C LEU A 869 -53.86 44.78 9.63
N ILE A 870 -54.07 46.06 9.90
CA ILE A 870 -53.54 46.71 11.10
C ILE A 870 -54.67 47.45 11.80
N TYR A 871 -54.87 47.14 13.08
CA TYR A 871 -55.84 47.84 13.91
C TYR A 871 -55.11 48.56 15.01
N VAL A 872 -55.36 49.86 15.13
CA VAL A 872 -54.72 50.71 16.12
C VAL A 872 -55.81 51.35 16.97
N VAL A 873 -55.62 51.30 18.28
CA VAL A 873 -56.60 51.82 19.24
C VAL A 873 -55.90 52.79 20.19
N PRO A 874 -56.63 53.77 20.69
CA PRO A 874 -56.05 54.68 21.69
C PRO A 874 -55.71 53.94 22.98
N ASN A 875 -55.16 54.69 23.91
CA ASN A 875 -54.76 54.12 25.20
C ASN A 875 -55.95 53.51 25.94
N GLY A 876 -57.08 54.21 25.96
CA GLY A 876 -58.25 53.72 26.67
C GLY A 876 -58.93 52.53 26.06
N SER A 877 -58.76 52.30 24.76
CA SER A 877 -59.39 51.18 24.07
C SER A 877 -58.48 49.97 23.92
N PHE A 878 -57.28 50.00 24.50
CA PHE A 878 -56.35 48.89 24.36
C PHE A 878 -56.88 47.62 25.02
N VAL A 879 -57.50 47.76 26.20
CA VAL A 879 -58.01 46.61 26.93
C VAL A 879 -59.16 45.99 26.12
N GLY A 880 -58.93 44.81 25.56
CA GLY A 880 -59.94 44.12 24.79
C GLY A 880 -60.12 44.63 23.37
N SER A 881 -59.17 45.39 22.83
CA SER A 881 -59.25 45.81 21.45
C SER A 881 -59.23 44.59 20.53
N ASN A 882 -60.18 44.57 19.60
CA ASN A 882 -60.43 43.35 18.85
C ASN A 882 -60.86 43.67 17.42
N ILE A 883 -60.69 42.66 16.57
CA ILE A 883 -61.10 42.69 15.17
C ILE A 883 -61.99 41.49 14.92
N LYS A 884 -63.13 41.72 14.27
CA LYS A 884 -64.02 40.65 13.85
C LYS A 884 -63.99 40.54 12.34
N LEU A 885 -63.63 39.37 11.86
CA LEU A 885 -63.53 39.06 10.44
C LEU A 885 -64.80 38.34 10.00
N THR A 886 -65.46 38.91 8.99
CA THR A 886 -66.63 38.30 8.39
C THR A 886 -66.34 38.01 6.93
N TYR A 887 -66.26 36.74 6.59
CA TYR A 887 -66.02 36.32 5.22
C TYR A 887 -67.34 35.87 4.60
N THR A 888 -67.67 36.49 3.46
CA THR A 888 -68.87 36.18 2.70
C THR A 888 -68.45 35.54 1.37
N THR A 889 -69.25 34.60 0.91
CA THR A 889 -69.03 34.02 -0.40
C THR A 889 -69.17 35.08 -1.48
N THR A 890 -68.29 35.00 -2.48
CA THR A 890 -68.43 35.80 -3.69
C THR A 890 -69.22 34.99 -4.73
N ASP A 891 -70.36 34.47 -4.31
CA ASP A 891 -71.20 33.63 -5.15
C ASP A 891 -72.66 33.82 -4.75
N TYR A 892 -73.54 33.94 -5.74
CA TYR A 892 -74.96 34.10 -5.46
C TYR A 892 -75.60 32.81 -4.96
N ALA A 893 -75.21 31.66 -5.54
CA ALA A 893 -75.80 30.39 -5.16
C ALA A 893 -75.48 30.04 -3.70
N VAL A 894 -74.26 30.36 -3.25
CA VAL A 894 -73.88 30.02 -1.88
C VAL A 894 -74.68 30.85 -0.88
N LEU A 895 -74.92 32.12 -1.20
CA LEU A 895 -75.78 32.95 -0.37
C LEU A 895 -77.20 32.38 -0.32
N HIS A 896 -77.72 31.96 -1.47
CA HIS A 896 -79.12 31.52 -1.54
C HIS A 896 -79.33 30.19 -0.83
N TYR A 897 -78.42 29.24 -1.01
CA TYR A 897 -78.66 27.87 -0.58
C TYR A 897 -78.33 27.61 0.88
N PHE A 898 -77.59 28.51 1.54
CA PHE A 898 -77.25 28.32 2.95
C PHE A 898 -77.68 29.48 3.82
N TYR A 899 -78.74 30.21 3.42
CA TYR A 899 -79.27 31.27 4.27
C TYR A 899 -79.90 30.70 5.52
N SER A 900 -80.59 29.56 5.41
CA SER A 900 -81.28 28.98 6.55
C SER A 900 -80.30 28.33 7.52
N THR A 901 -79.28 27.65 7.02
CA THR A 901 -78.33 26.95 7.88
C THR A 901 -77.43 27.89 8.66
N GLY A 902 -77.33 29.16 8.24
CA GLY A 902 -76.47 30.10 8.93
C GLY A 902 -75.00 29.95 8.64
N GLN A 903 -74.64 29.22 7.58
CA GLN A 903 -73.24 29.00 7.24
C GLN A 903 -72.92 29.54 5.84
N TYR A 904 -73.41 30.73 5.50
CA TYR A 904 -73.04 31.36 4.24
C TYR A 904 -72.06 32.49 4.46
N LYS A 905 -72.04 33.05 5.68
CA LYS A 905 -71.01 33.98 6.12
C LYS A 905 -70.39 33.43 7.39
N VAL A 906 -69.07 33.58 7.50
CA VAL A 906 -68.35 33.05 8.65
C VAL A 906 -67.61 34.18 9.36
N PHE A 907 -67.80 34.27 10.67
CA PHE A 907 -67.23 35.34 11.46
C PHE A 907 -66.35 34.76 12.56
N LYS A 908 -65.25 35.45 12.84
CA LYS A 908 -64.35 35.07 13.91
C LYS A 908 -63.76 36.35 14.50
N THR A 909 -63.10 36.22 15.65
CA THR A 909 -62.61 37.41 16.34
C THR A 909 -61.19 37.18 16.83
N VAL A 910 -60.40 38.27 16.83
CA VAL A 910 -59.07 38.31 17.41
C VAL A 910 -59.02 39.47 18.39
N SER A 911 -58.59 39.18 19.62
CA SER A 911 -58.66 40.19 20.68
C SER A 911 -57.38 40.18 21.48
N VAL A 912 -57.13 41.28 22.19
CA VAL A 912 -56.01 41.38 23.10
C VAL A 912 -56.28 40.49 24.30
N PRO A 913 -55.42 39.51 24.58
CA PRO A 913 -55.68 38.59 25.70
C PRO A 913 -55.56 39.31 27.04
N ASN A 914 -56.35 38.83 28.00
CA ASN A 914 -56.24 39.28 29.38
C ASN A 914 -55.09 38.53 30.03
N VAL A 915 -53.93 39.19 30.10
CA VAL A 915 -52.69 38.55 30.49
C VAL A 915 -52.29 39.02 31.88
N THR A 916 -51.55 38.18 32.58
CA THR A 916 -51.12 38.47 33.94
C THR A 916 -49.75 39.15 33.92
N ALA A 917 -49.60 40.15 34.77
CA ALA A 917 -48.35 40.89 34.91
C ALA A 917 -47.99 40.95 36.38
N ASN A 918 -46.90 41.63 36.70
CA ASN A 918 -46.54 41.74 38.12
C ASN A 918 -45.70 42.98 38.37
N LEU A 919 -45.69 43.39 39.62
CA LEU A 919 -44.89 44.51 40.13
C LEU A 919 -44.23 44.07 41.42
N TYR A 920 -42.91 44.19 41.48
CA TYR A 920 -42.19 43.66 42.65
C TYR A 920 -40.90 44.45 42.85
N PHE A 921 -40.06 43.94 43.75
CA PHE A 921 -38.84 44.59 44.21
C PHE A 921 -37.67 43.61 44.15
N PRO A 922 -36.43 44.10 44.16
CA PRO A 922 -35.27 43.20 44.12
C PRO A 922 -35.28 42.15 45.23
N SER A 923 -35.71 42.53 46.43
CA SER A 923 -35.76 41.63 47.56
C SER A 923 -36.75 42.17 48.59
N SER A 924 -37.25 41.27 49.44
CA SER A 924 -38.18 41.67 50.49
C SER A 924 -37.46 42.01 51.78
N THR A 925 -36.14 41.79 51.84
CA THR A 925 -35.35 42.06 53.03
C THR A 925 -34.12 42.88 52.67
N THR A 926 -34.31 43.94 51.88
CA THR A 926 -33.19 44.77 51.46
C THR A 926 -32.62 45.51 52.67
N PRO A 927 -31.32 45.36 52.94
CA PRO A 927 -30.71 46.08 54.07
C PRO A 927 -30.49 47.55 53.73
N LEU A 928 -30.16 48.34 54.76
CA LEU A 928 -29.93 49.76 54.56
C LEU A 928 -28.48 50.08 54.25
N TYR A 929 -27.89 49.38 53.28
CA TYR A 929 -26.61 49.79 52.72
C TYR A 929 -26.84 50.49 51.38
N GLN A 930 -27.91 50.11 50.69
CA GLN A 930 -28.40 50.82 49.53
C GLN A 930 -29.67 51.59 49.91
N LEU A 931 -29.76 52.82 49.42
CA LEU A 931 -30.88 53.69 49.79
C LEU A 931 -31.76 54.01 48.59
N SER A 932 -32.01 53.01 47.74
CA SER A 932 -32.87 53.18 46.58
C SER A 932 -33.33 51.81 46.11
N VAL A 933 -34.63 51.55 46.19
CA VAL A 933 -35.20 50.28 45.75
C VAL A 933 -35.86 50.48 44.38
N PRO A 934 -35.34 49.82 43.34
CA PRO A 934 -35.95 49.92 42.02
C PRO A 934 -37.21 49.07 41.91
N LEU A 935 -38.28 49.68 41.42
CA LEU A 935 -39.54 48.99 41.22
C LEU A 935 -39.52 48.27 39.87
N TYR A 936 -39.77 46.96 39.89
CA TYR A 936 -39.73 46.15 38.67
C TYR A 936 -41.17 45.94 38.23
N LEU A 937 -41.50 46.40 37.02
CA LEU A 937 -42.83 46.19 36.45
C LEU A 937 -42.68 45.29 35.23
N SER A 938 -43.11 44.03 35.35
CA SER A 938 -43.05 43.09 34.24
C SER A 938 -44.45 42.95 33.67
N GLU A 939 -44.66 43.52 32.48
CA GLU A 939 -45.89 43.47 31.72
C GLU A 939 -45.64 42.68 30.45
N PRO A 940 -46.32 41.55 30.23
CA PRO A 940 -46.07 40.78 29.00
C PRO A 940 -46.40 41.54 27.72
N TYR A 941 -47.66 41.92 27.52
CA TYR A 941 -48.08 42.64 26.32
C TYR A 941 -48.15 44.14 26.55
N TYR A 942 -47.02 44.78 26.84
CA TYR A 942 -46.97 46.22 27.03
C TYR A 942 -45.75 46.83 26.35
N GLY A 943 -44.78 46.01 25.97
CA GLY A 943 -43.54 46.51 25.45
C GLY A 943 -43.48 46.60 23.94
N SER A 944 -42.27 46.78 23.43
CA SER A 944 -41.98 46.85 22.01
C SER A 944 -40.48 46.64 21.85
N PRO A 945 -40.00 46.38 20.63
CA PRO A 945 -38.55 46.31 20.43
C PRO A 945 -37.88 47.56 20.95
N LEU A 946 -36.81 47.37 21.73
CA LEU A 946 -36.23 48.48 22.46
C LEU A 946 -35.74 49.56 21.50
N PRO A 947 -35.79 50.83 21.90
CA PRO A 947 -36.24 51.35 23.19
C PRO A 947 -37.74 51.58 23.32
N THR A 948 -38.24 51.54 24.56
CA THR A 948 -39.59 51.95 24.90
C THR A 948 -39.63 52.28 26.39
N TYR A 949 -40.31 53.35 26.75
CA TYR A 949 -40.24 53.83 28.12
C TYR A 949 -41.62 54.30 28.58
N ILE A 950 -41.66 54.81 29.81
CA ILE A 950 -42.89 55.29 30.43
C ILE A 950 -42.55 56.55 31.22
N GLY A 951 -43.19 57.66 30.84
CA GLY A 951 -43.14 58.85 31.67
C GLY A 951 -44.05 58.70 32.88
N LEU A 952 -43.62 59.23 34.02
CA LEU A 952 -44.38 59.15 35.24
C LEU A 952 -44.48 60.53 35.87
N GLY A 953 -45.64 60.82 36.47
CA GLY A 953 -45.89 62.11 37.08
C GLY A 953 -47.35 62.29 37.40
N THR A 954 -47.71 63.51 37.81
CA THR A 954 -49.06 63.86 38.22
C THR A 954 -49.57 62.87 39.27
N ASN A 955 -50.05 61.71 38.85
CA ASN A 955 -50.48 60.65 39.76
C ASN A 955 -49.75 59.34 39.49
N GLY A 956 -48.44 59.38 39.28
CA GLY A 956 -47.73 58.21 38.81
C GLY A 956 -48.19 57.73 37.46
N THR A 957 -48.74 58.63 36.64
CA THR A 957 -49.41 58.26 35.40
C THR A 957 -48.46 57.63 34.39
N SER A 958 -48.72 56.38 34.02
CA SER A 958 -47.87 55.67 33.08
C SER A 958 -48.13 56.18 31.67
N LEU A 959 -47.47 57.28 31.32
CA LEU A 959 -47.49 57.80 29.96
C LEU A 959 -46.54 56.94 29.14
N TRP A 960 -47.04 55.81 28.64
CA TRP A 960 -46.21 54.91 27.87
C TRP A 960 -45.80 55.56 26.57
N ASN A 961 -44.51 55.83 26.42
CA ASN A 961 -43.98 56.53 25.26
C ASN A 961 -43.01 55.60 24.55
N SER A 962 -43.27 55.34 23.27
CA SER A 962 -42.36 54.58 22.42
C SER A 962 -42.38 55.16 21.02
N PRO A 963 -41.74 56.31 20.79
CA PRO A 963 -41.62 56.83 19.42
C PRO A 963 -40.69 56.00 18.56
N ASN A 964 -40.16 54.92 19.13
CA ASN A 964 -39.31 53.98 18.41
C ASN A 964 -40.06 52.73 18.00
N TYR A 965 -41.38 52.84 17.82
CA TYR A 965 -42.18 51.74 17.29
C TYR A 965 -42.80 52.16 15.98
N VAL A 966 -42.74 51.29 14.98
CA VAL A 966 -43.38 51.53 13.68
C VAL A 966 -44.05 50.23 13.26
N LEU A 967 -45.24 50.35 12.67
CA LEU A 967 -45.98 49.20 12.15
C LEU A 967 -46.42 49.55 10.73
N PHE A 968 -45.56 49.27 9.77
CA PHE A 968 -45.83 49.49 8.34
C PHE A 968 -46.13 50.95 8.03
N GLY A 969 -45.15 51.81 8.30
CA GLY A 969 -45.15 53.17 7.81
C GLY A 969 -45.78 54.21 8.70
N VAL A 970 -46.08 53.89 9.97
CA VAL A 970 -46.68 54.84 10.90
C VAL A 970 -45.87 54.80 12.19
N SER A 971 -45.44 55.98 12.65
CA SER A 971 -44.73 56.07 13.92
C SER A 971 -45.71 56.06 15.09
N ALA A 972 -45.18 55.82 16.28
CA ALA A 972 -45.99 55.72 17.49
C ALA A 972 -45.89 57.00 18.31
N VAL A 973 -46.92 57.24 19.11
CA VAL A 973 -47.00 58.44 19.94
C VAL A 973 -47.36 58.03 21.37
N GLN A 974 -47.57 59.03 22.23
CA GLN A 974 -47.83 58.79 23.64
C GLN A 974 -49.12 57.99 23.82
N GLN A 975 -49.11 57.01 24.71
CA GLN A 975 -50.28 56.25 25.11
C GLN A 975 -50.40 56.35 26.62
N TYR A 976 -51.42 57.07 27.10
CA TYR A 976 -51.67 57.16 28.54
C TYR A 976 -52.24 55.83 28.99
N LEU A 977 -51.35 54.88 29.23
CA LEU A 977 -51.72 53.48 29.44
C LEU A 977 -51.45 53.03 30.86
N GLY A 978 -51.79 53.86 31.83
CA GLY A 978 -51.75 53.43 33.21
C GLY A 978 -51.34 54.55 34.13
N PHE A 979 -51.31 54.21 35.41
CA PHE A 979 -50.88 55.10 36.48
C PHE A 979 -50.67 54.27 37.73
N ILE A 980 -49.71 54.68 38.54
CA ILE A 980 -49.48 53.99 39.82
C ILE A 980 -50.73 54.18 40.67
N LYS A 981 -51.36 53.08 41.06
CA LYS A 981 -52.66 53.16 41.73
C LYS A 981 -52.54 53.92 43.06
N SER A 982 -51.61 53.50 43.92
CA SER A 982 -51.49 54.10 45.24
C SER A 982 -50.20 53.62 45.89
N ILE A 983 -49.87 54.24 47.03
CA ILE A 983 -48.83 53.78 47.93
C ILE A 983 -49.45 53.73 49.31
N SER A 984 -49.97 52.57 49.69
CA SER A 984 -50.68 52.40 50.96
C SER A 984 -49.78 51.68 51.95
N VAL A 985 -50.15 51.74 53.23
CA VAL A 985 -49.36 51.10 54.29
C VAL A 985 -50.33 50.41 55.22
N THR A 986 -50.05 49.15 55.54
CA THR A 986 -50.83 48.44 56.56
C THR A 986 -50.33 48.87 57.93
N LEU A 987 -51.29 49.18 58.82
CA LEU A 987 -51.07 49.34 60.24
C LEU A 987 -52.31 48.83 60.96
N SER A 988 -52.31 47.53 61.29
CA SER A 988 -53.56 46.86 61.62
C SER A 988 -53.60 46.36 63.05
N ASN A 989 -54.20 47.16 63.93
CA ASN A 989 -54.85 46.63 65.11
C ASN A 989 -56.30 46.32 64.79
N GLY A 990 -56.61 46.21 63.49
CA GLY A 990 -57.96 46.22 62.98
C GLY A 990 -58.12 47.25 61.89
N THR A 991 -57.01 47.89 61.47
CA THR A 991 -57.07 49.03 60.58
C THR A 991 -56.26 48.78 59.31
N THR A 992 -56.98 48.51 58.22
CA THR A 992 -56.41 48.51 56.87
C THR A 992 -56.25 49.96 56.44
N VAL A 993 -55.02 50.46 56.59
CA VAL A 993 -54.77 51.90 56.47
C VAL A 993 -54.66 52.27 54.99
N VAL A 994 -55.78 52.70 54.42
CA VAL A 994 -55.85 53.25 53.07
C VAL A 994 -55.39 54.71 53.15
N ILE A 995 -54.21 54.98 52.60
CA ILE A 995 -53.59 56.31 52.70
C ILE A 995 -54.36 57.33 51.88
N PRO A 996 -54.74 58.48 52.45
CA PRO A 996 -55.25 59.58 51.64
C PRO A 996 -54.18 60.07 50.67
N LEU A 997 -54.45 59.89 49.38
CA LEU A 997 -53.46 60.10 48.34
C LEU A 997 -53.25 61.59 48.08
N THR A 998 -52.01 62.04 48.23
CA THR A 998 -51.63 63.42 47.94
C THR A 998 -50.95 63.48 46.59
N THR A 999 -51.39 64.41 45.74
CA THR A 999 -50.92 64.50 44.37
C THR A 999 -49.45 64.84 44.28
N SER A 1000 -49.01 65.87 45.02
CA SER A 1000 -47.63 66.33 44.91
C SER A 1000 -46.65 65.24 45.35
N ASN A 1001 -46.89 64.63 46.50
CA ASN A 1001 -46.04 63.53 46.95
C ASN A 1001 -46.04 62.39 45.94
N MET A 1002 -47.21 62.05 45.42
CA MET A 1002 -47.28 60.90 44.53
C MET A 1002 -46.55 61.15 43.21
N GLN A 1003 -46.68 62.33 42.61
CA GLN A 1003 -45.95 62.62 41.39
C GLN A 1003 -44.46 62.72 41.64
N THR A 1004 -44.05 63.22 42.80
CA THR A 1004 -42.62 63.45 43.01
C THR A 1004 -41.92 62.19 43.48
N LEU A 1005 -42.67 61.21 43.99
CA LEU A 1005 -42.07 59.92 44.33
C LEU A 1005 -41.83 59.08 43.08
N PHE A 1006 -42.52 59.38 41.99
CA PHE A 1006 -42.28 58.71 40.71
C PHE A 1006 -42.19 59.78 39.62
N PRO A 1007 -41.10 60.57 39.57
CA PRO A 1007 -41.03 61.65 38.58
C PRO A 1007 -40.30 61.24 37.30
N GLN A 1008 -39.88 59.98 37.23
CA GLN A 1008 -39.00 59.55 36.14
C GLN A 1008 -39.71 59.59 34.79
N LEU A 1009 -39.14 60.35 33.86
CA LEU A 1009 -39.69 60.49 32.52
C LEU A 1009 -39.45 59.26 31.66
N VAL A 1010 -38.36 58.54 31.90
CA VAL A 1010 -38.02 57.40 31.05
C VAL A 1010 -37.73 56.17 31.91
N GLY A 1011 -38.70 55.26 32.00
CA GLY A 1011 -38.43 53.93 32.50
C GLY A 1011 -38.29 52.94 31.36
N GLN A 1012 -37.06 52.66 30.96
CA GLN A 1012 -36.84 51.80 29.80
C GLN A 1012 -37.00 50.34 30.19
N GLU A 1013 -37.47 49.53 29.24
CA GLU A 1013 -37.59 48.10 29.47
C GLU A 1013 -36.25 47.42 29.19
N LEU A 1014 -36.24 46.09 29.34
CA LEU A 1014 -35.02 45.32 29.18
C LEU A 1014 -35.05 44.37 27.99
N GLN A 1015 -36.06 43.51 27.89
CA GLN A 1015 -36.09 42.47 26.88
C GLN A 1015 -37.03 42.86 25.75
N ALA A 1016 -36.65 42.48 24.53
CA ALA A 1016 -37.48 42.73 23.36
C ALA A 1016 -38.71 41.83 23.38
N CYS A 1017 -39.81 42.34 22.82
CA CYS A 1017 -41.09 41.61 22.75
C CYS A 1017 -41.60 41.25 24.14
N ASN A 1018 -41.22 42.05 25.13
CA ASN A 1018 -41.64 41.84 26.52
C ASN A 1018 -41.41 43.08 27.36
N GLY A 1019 -42.46 43.56 28.02
CA GLY A 1019 -42.30 44.73 28.86
C GLY A 1019 -41.66 44.39 30.19
N THR A 1020 -40.46 44.93 30.39
CA THR A 1020 -39.76 44.78 31.67
C THR A 1020 -39.37 46.16 32.19
N PHE A 1021 -40.36 47.05 32.34
CA PHE A 1021 -40.10 48.43 32.67
C PHE A 1021 -39.46 48.60 34.05
N GLN A 1022 -38.50 49.51 34.13
CA GLN A 1022 -37.76 49.79 35.35
C GLN A 1022 -38.17 51.14 35.91
N PHE A 1023 -38.78 51.14 37.09
CA PHE A 1023 -39.02 52.35 37.87
C PHE A 1023 -38.24 52.29 39.18
N GLY A 1024 -38.49 53.23 40.08
CA GLY A 1024 -37.79 53.18 41.35
C GLY A 1024 -38.12 54.28 42.33
N ILE A 1025 -38.18 53.92 43.62
CA ILE A 1025 -38.35 54.90 44.70
C ILE A 1025 -37.15 54.73 45.63
N SER A 1026 -36.54 55.85 46.02
CA SER A 1026 -35.37 55.77 46.86
C SER A 1026 -35.75 55.85 48.33
N ILE A 1027 -34.91 55.26 49.19
CA ILE A 1027 -35.22 55.20 50.62
C ILE A 1027 -34.88 56.53 51.29
N THR A 1028 -33.81 57.19 50.84
CA THR A 1028 -33.40 58.45 51.47
C THR A 1028 -34.46 59.53 51.31
N GLY A 1029 -35.07 59.61 50.12
CA GLY A 1029 -36.14 60.59 49.92
C GLY A 1029 -37.35 60.35 50.81
N LEU A 1030 -37.78 59.09 50.92
CA LEU A 1030 -38.92 58.77 51.78
C LEU A 1030 -38.58 59.05 53.24
N GLU A 1031 -37.36 58.74 53.66
CA GLU A 1031 -36.94 58.99 55.04
C GLU A 1031 -36.89 60.50 55.32
N LYS A 1032 -36.35 61.28 54.37
CA LYS A 1032 -36.30 62.73 54.53
C LYS A 1032 -37.72 63.30 54.62
N LEU A 1033 -38.63 62.79 53.80
CA LEU A 1033 -40.02 63.19 53.90
C LEU A 1033 -40.60 62.83 55.27
N LEU A 1034 -40.30 61.63 55.76
CA LEU A 1034 -40.82 61.16 57.04
C LEU A 1034 -39.97 61.60 58.23
N ASN A 1035 -38.87 62.31 57.97
CA ASN A 1035 -37.98 62.79 59.03
C ASN A 1035 -37.46 61.64 59.89
N LEU A 1036 -36.99 60.58 59.24
CA LEU A 1036 -36.46 59.42 59.93
C LEU A 1036 -34.96 59.30 59.68
N ASN A 1037 -34.38 58.22 60.20
CA ASN A 1037 -32.95 57.99 60.08
C ASN A 1037 -32.57 57.74 58.62
N VAL A 1038 -31.35 58.12 58.27
CA VAL A 1038 -30.88 57.97 56.89
C VAL A 1038 -30.73 56.49 56.53
N GLN A 1039 -29.94 55.76 57.31
CA GLN A 1039 -29.79 54.33 57.06
C GLN A 1039 -29.71 53.54 58.36
N GLN A 1040 -30.13 54.15 59.46
CA GLN A 1040 -30.02 53.47 60.76
C GLN A 1040 -31.20 52.54 61.01
N LEU A 1041 -32.41 53.08 61.11
CA LEU A 1041 -33.61 52.27 61.33
C LEU A 1041 -34.82 52.88 60.60
N ASN A 1042 -35.50 52.07 59.79
CA ASN A 1042 -36.71 52.51 59.11
C ASN A 1042 -37.53 51.31 58.65
N ASN A 1043 -38.83 51.27 59.00
CA ASN A 1043 -39.66 50.12 58.67
C ASN A 1043 -41.15 50.40 58.76
N SER A 1044 -41.87 50.21 57.65
CA SER A 1044 -43.34 50.13 57.65
C SER A 1044 -43.76 48.97 56.76
N ILE A 1045 -45.07 48.78 56.56
CA ILE A 1045 -45.50 47.77 55.59
C ILE A 1045 -45.09 48.16 54.16
N LEU A 1046 -45.07 49.46 53.87
CA LEU A 1046 -44.59 50.07 52.62
C LEU A 1046 -45.06 49.33 51.37
N SER A 1047 -46.37 49.36 51.10
CA SER A 1047 -46.94 48.64 49.95
C SER A 1047 -47.26 49.65 48.85
N VAL A 1048 -46.39 49.70 47.84
CA VAL A 1048 -46.66 50.49 46.64
C VAL A 1048 -47.44 49.63 45.65
N THR A 1049 -48.08 50.29 44.69
CA THR A 1049 -48.88 49.59 43.69
C THR A 1049 -48.57 50.11 42.29
N TYR A 1050 -49.38 49.64 41.34
CA TYR A 1050 -49.40 50.16 39.98
C TYR A 1050 -50.63 49.61 39.28
N HIS A 1051 -51.37 50.47 38.59
CA HIS A 1051 -52.47 50.05 37.76
C HIS A 1051 -52.03 50.10 36.30
N ASP A 1052 -52.14 48.98 35.62
CA ASP A 1052 -51.85 48.96 34.18
C ASP A 1052 -53.14 48.97 33.37
N TYR A 1053 -53.18 49.88 32.40
CA TYR A 1053 -54.21 49.89 31.38
C TYR A 1053 -53.90 48.90 30.26
N VAL A 1054 -52.93 48.01 30.50
CA VAL A 1054 -52.63 46.95 29.54
C VAL A 1054 -53.82 46.00 29.42
N THR A 1055 -54.15 45.32 30.51
CA THR A 1055 -55.39 44.56 30.61
C THR A 1055 -56.25 45.03 31.78
N GLY A 1056 -55.98 46.21 32.33
CA GLY A 1056 -56.75 46.73 33.45
C GLY A 1056 -56.52 45.95 34.72
N GLU A 1057 -55.30 45.99 35.27
CA GLU A 1057 -54.99 45.19 36.44
C GLU A 1057 -54.32 46.05 37.50
N THR A 1058 -54.39 45.59 38.74
CA THR A 1058 -53.75 46.25 39.87
C THR A 1058 -52.67 45.32 40.42
N LEU A 1059 -51.41 45.69 40.22
CA LEU A 1059 -50.27 44.93 40.72
C LEU A 1059 -49.70 45.64 41.92
N THR A 1060 -49.19 44.88 42.89
CA THR A 1060 -48.69 45.45 44.14
C THR A 1060 -47.31 44.92 44.47
N ALA A 1061 -46.46 45.81 44.98
CA ALA A 1061 -45.14 45.49 45.47
C ALA A 1061 -45.04 45.99 46.91
N THR A 1062 -44.93 45.05 47.85
CA THR A 1062 -44.82 45.37 49.26
C THR A 1062 -43.37 45.20 49.70
N THR A 1063 -42.92 46.03 50.63
CA THR A 1063 -41.55 45.93 51.12
C THR A 1063 -41.45 46.40 52.56
N LYS A 1064 -40.51 45.77 53.27
CA LYS A 1064 -40.13 46.12 54.63
C LYS A 1064 -38.62 46.17 54.67
N LEU A 1065 -38.08 47.17 55.37
CA LEU A 1065 -36.64 47.41 55.37
C LEU A 1065 -36.01 46.92 56.66
N VAL A 1066 -34.86 46.27 56.52
CA VAL A 1066 -34.07 45.76 57.64
C VAL A 1066 -32.99 46.79 57.96
N ALA A 1067 -32.73 46.98 59.25
CA ALA A 1067 -31.73 47.95 59.69
C ALA A 1067 -30.41 47.76 58.95
N LEU A 1068 -29.79 46.59 59.08
CA LEU A 1068 -28.61 46.23 58.30
C LEU A 1068 -28.35 44.74 58.43
N SER A 1069 -28.13 44.09 57.30
CA SER A 1069 -27.85 42.65 57.31
C SER A 1069 -26.54 42.36 58.01
N THR A 1070 -26.58 41.45 58.99
CA THR A 1070 -25.39 41.05 59.73
C THR A 1070 -24.46 40.28 58.80
N LEU A 1071 -23.25 40.78 58.63
CA LEU A 1071 -22.29 40.19 57.70
C LEU A 1071 -20.98 39.88 58.43
N SER A 1072 -19.94 39.57 57.67
CA SER A 1072 -18.66 39.16 58.24
C SER A 1072 -18.05 40.25 59.11
N LEU A 1073 -17.77 39.90 60.37
CA LEU A 1073 -16.99 40.75 61.26
C LEU A 1073 -15.61 40.11 61.43
N VAL A 1074 -14.59 40.70 60.80
CA VAL A 1074 -13.25 40.13 60.79
C VAL A 1074 -12.31 41.05 61.56
N ALA A 1075 -11.73 40.55 62.65
CA ALA A 1075 -10.77 41.32 63.43
C ALA A 1075 -9.37 40.82 63.14
N LYS A 1076 -8.61 41.60 62.37
CA LYS A 1076 -7.27 41.23 61.99
C LYS A 1076 -6.25 41.77 62.98
N GLY A 1077 -6.72 42.37 64.07
CA GLY A 1077 -5.85 42.88 65.11
C GLY A 1077 -6.62 43.48 66.27
N ALA A 1078 -5.96 43.54 67.41
CA ALA A 1078 -6.54 44.11 68.62
C ALA A 1078 -5.48 44.86 69.40
N GLY A 1079 -5.81 45.23 70.64
CA GLY A 1079 -4.87 45.92 71.48
C GLY A 1079 -3.74 45.02 71.93
N VAL A 1080 -2.66 45.65 72.40
CA VAL A 1080 -1.46 44.94 72.85
C VAL A 1080 -1.17 45.34 74.29
N VAL A 1081 -1.03 44.35 75.16
CA VAL A 1081 -0.65 44.56 76.55
C VAL A 1081 0.66 43.84 76.81
N GLU A 1082 1.67 44.58 77.26
CA GLU A 1082 3.01 44.04 77.46
C GLU A 1082 3.42 44.19 78.92
N PHE A 1083 4.66 43.82 79.20
CA PHE A 1083 5.22 43.94 80.54
C PHE A 1083 6.36 44.95 80.53
N LEU A 1084 7.06 45.06 81.67
CA LEU A 1084 8.21 45.96 81.80
C LEU A 1084 7.81 47.39 81.48
N LEU A 1085 6.67 47.85 82.01
CA LEU A 1085 6.19 49.20 81.78
C LEU A 1085 7.09 50.21 82.47
N THR A 1086 7.07 51.45 81.98
CA THR A 1086 7.85 52.53 82.57
C THR A 1086 7.32 52.86 83.94
N ALA A 1087 8.11 52.57 84.98
CA ALA A 1087 7.68 52.75 86.35
C ALA A 1087 7.48 54.23 86.69
N TYR A 1088 6.37 54.53 87.36
CA TYR A 1088 6.11 55.87 87.85
C TYR A 1088 5.99 55.85 89.37
N PRO A 1089 7.04 56.23 90.11
CA PRO A 1089 6.98 56.18 91.57
C PRO A 1089 5.95 57.15 92.12
N TYR A 1090 5.42 56.82 93.30
CA TYR A 1090 4.47 57.68 93.97
C TYR A 1090 5.10 59.01 94.38
N THR A 1091 6.42 59.04 94.50
CA THR A 1091 7.12 60.26 94.84
C THR A 1091 7.06 61.25 93.69
N GLY A 1092 7.50 62.48 93.94
CA GLY A 1092 7.50 63.49 92.90
C GLY A 1092 8.46 63.18 91.76
N ASN A 1093 9.49 62.38 92.05
CA ASN A 1093 10.45 61.96 91.03
C ASN A 1093 9.87 60.80 90.25
N ILE A 1094 9.04 61.14 89.26
CA ILE A 1094 8.35 60.14 88.45
C ILE A 1094 9.24 59.64 87.32
N THR A 1095 10.26 60.40 86.95
CA THR A 1095 11.09 60.08 85.80
C THR A 1095 12.12 59.00 86.13
N PHE A 1096 11.97 58.33 87.27
CA PHE A 1096 12.82 57.22 87.63
C PHE A 1096 12.02 55.93 87.54
N ALA A 1097 12.61 54.92 86.90
CA ALA A 1097 11.88 53.69 86.62
C ALA A 1097 12.56 52.49 87.27
N PRO A 1098 12.19 52.16 88.49
CA PRO A 1098 12.57 50.86 89.05
C PRO A 1098 11.96 49.74 88.23
N PRO A 1099 12.66 48.62 88.06
CA PRO A 1099 12.15 47.57 87.19
C PRO A 1099 10.80 47.07 87.67
N TRP A 1100 9.78 47.29 86.84
CA TRP A 1100 8.44 46.78 87.11
C TRP A 1100 8.19 45.55 86.26
N PHE A 1101 7.27 44.70 86.73
CA PHE A 1101 6.95 43.45 86.08
C PHE A 1101 5.51 43.09 86.44
N ILE A 1102 4.61 43.23 85.48
CA ILE A 1102 3.25 42.74 85.65
C ILE A 1102 3.31 41.23 85.78
N ALA A 1103 2.63 40.68 86.79
CA ALA A 1103 2.78 39.27 87.12
C ALA A 1103 2.19 38.36 86.05
N GLU A 1104 2.21 37.07 86.32
CA GLU A 1104 1.93 36.02 85.33
C GLU A 1104 0.54 36.15 84.72
N ASN A 1105 0.37 35.58 83.52
CA ASN A 1105 -0.93 35.39 82.87
C ASN A 1105 -1.59 36.71 82.47
N VAL A 1106 -0.86 37.58 81.79
CA VAL A 1106 -1.47 38.74 81.14
C VAL A 1106 -1.03 38.75 79.68
N VAL A 1107 -1.89 38.21 78.81
CA VAL A 1107 -1.49 37.95 77.42
C VAL A 1107 -2.35 38.79 76.49
N LYS A 1108 -1.90 40.02 76.23
CA LYS A 1108 -2.35 40.91 75.16
C LYS A 1108 -3.85 40.93 74.89
N GLN A 1109 -4.22 41.39 73.69
CA GLN A 1109 -5.55 41.32 73.11
C GLN A 1109 -6.67 41.58 74.12
N PRO A 1110 -6.81 42.80 74.63
CA PRO A 1110 -7.95 43.11 75.49
C PRO A 1110 -9.24 43.06 74.72
N PHE A 1111 -10.36 43.03 75.44
CA PHE A 1111 -11.65 43.14 74.80
C PHE A 1111 -12.09 44.60 74.72
N MET A 1112 -12.50 45.02 73.53
CA MET A 1112 -12.95 46.39 73.30
C MET A 1112 -13.94 46.40 72.14
N THR A 1113 -14.77 47.45 72.10
CA THR A 1113 -15.91 47.52 71.19
C THR A 1113 -15.65 48.58 70.12
N TYR A 1114 -16.09 48.29 68.89
CA TYR A 1114 -15.94 49.24 67.80
C TYR A 1114 -16.85 50.45 68.02
N SER A 1115 -16.43 51.59 67.49
CA SER A 1115 -17.22 52.82 67.65
C SER A 1115 -18.34 52.91 66.62
N ASP A 1116 -18.34 52.03 65.63
CA ASP A 1116 -19.39 52.02 64.60
C ASP A 1116 -19.79 50.58 64.27
N LEU A 1117 -21.01 50.20 64.64
CA LEU A 1117 -21.48 48.84 64.41
C LEU A 1117 -21.74 48.57 62.93
N GLN A 1118 -22.31 49.56 62.23
CA GLN A 1118 -22.74 49.34 60.85
C GLN A 1118 -21.56 49.04 59.93
N PHE A 1119 -20.46 49.79 60.05
CA PHE A 1119 -19.31 49.53 59.20
C PHE A 1119 -18.63 48.22 59.55
N ALA A 1120 -18.49 47.93 60.85
CA ALA A 1120 -17.89 46.67 61.27
C ALA A 1120 -18.74 45.48 60.87
N LYS A 1121 -20.04 45.67 60.68
CA LYS A 1121 -20.91 44.58 60.25
C LYS A 1121 -20.53 44.05 58.88
N THR A 1122 -20.14 44.91 57.95
CA THR A 1122 -19.70 44.49 56.63
C THR A 1122 -18.23 44.10 56.60
N ASN A 1123 -17.33 45.04 56.92
CA ASN A 1123 -15.91 44.75 57.08
C ASN A 1123 -15.25 45.89 57.82
N PRO A 1124 -14.58 45.63 58.95
CA PRO A 1124 -13.86 46.71 59.64
C PRO A 1124 -12.45 46.89 59.11
N SER A 1125 -12.32 46.96 57.78
CA SER A 1125 -11.02 47.10 57.14
C SER A 1125 -10.73 48.56 56.84
N ALA A 1126 -10.77 49.40 57.87
CA ALA A 1126 -10.49 50.83 57.71
C ALA A 1126 -10.15 51.43 59.06
N ILE A 1127 -9.95 52.75 59.06
CA ILE A 1127 -9.61 53.47 60.28
C ILE A 1127 -10.82 53.49 61.20
N LEU A 1128 -10.61 53.13 62.47
CA LEU A 1128 -11.69 52.98 63.44
C LEU A 1128 -11.18 53.39 64.81
N SER A 1129 -12.11 53.55 65.75
CA SER A 1129 -11.78 53.80 67.14
C SER A 1129 -12.40 52.69 67.98
N LEU A 1130 -11.61 52.16 68.91
CA LEU A 1130 -11.99 51.01 69.71
C LEU A 1130 -12.08 51.45 71.17
N SER A 1131 -13.29 51.46 71.71
CA SER A 1131 -13.48 51.81 73.11
C SER A 1131 -13.15 50.61 73.98
N THR A 1132 -12.14 50.75 74.83
CA THR A 1132 -11.68 49.64 75.66
C THR A 1132 -12.72 49.29 76.70
N VAL A 1133 -13.09 48.01 76.75
CA VAL A 1133 -14.09 47.53 77.69
C VAL A 1133 -13.52 46.38 78.51
N ASN A 1134 -12.19 46.25 78.52
CA ASN A 1134 -11.53 45.23 79.32
C ASN A 1134 -10.06 45.57 79.46
N ILE A 1135 -9.61 45.72 80.71
CA ILE A 1135 -8.19 45.81 81.04
C ILE A 1135 -7.93 44.91 82.24
N THR A 1136 -7.02 43.95 82.08
CA THR A 1136 -6.77 42.95 83.12
C THR A 1136 -5.31 43.00 83.54
N VAL A 1137 -5.07 43.12 84.85
CA VAL A 1137 -3.74 43.01 85.42
C VAL A 1137 -3.77 41.86 86.42
N VAL A 1138 -3.05 40.78 86.12
CA VAL A 1138 -3.10 39.55 86.90
C VAL A 1138 -1.87 39.47 87.80
N GLY A 1139 -2.09 39.28 89.09
CA GLY A 1139 -1.02 39.11 90.04
C GLY A 1139 -0.92 37.68 90.55
N LEU A 1140 -0.05 37.45 91.54
CA LEU A 1140 0.12 36.12 92.13
C LEU A 1140 -0.86 35.90 93.26
N GLY A 1141 -2.08 35.48 92.94
CA GLY A 1141 -3.12 35.25 93.92
C GLY A 1141 -4.47 35.81 93.50
N GLY A 1142 -4.46 36.72 92.54
CA GLY A 1142 -5.69 37.31 92.06
C GLY A 1142 -5.43 38.13 90.81
N LYS A 1143 -6.40 38.98 90.47
CA LYS A 1143 -6.27 39.86 89.33
C LYS A 1143 -7.25 41.02 89.43
N ALA A 1144 -6.81 42.20 89.05
CA ALA A 1144 -7.63 43.39 89.02
C ALA A 1144 -8.05 43.72 87.58
N SER A 1145 -9.15 44.45 87.47
CA SER A 1145 -9.72 44.76 86.17
C SER A 1145 -10.21 46.21 86.14
N VAL A 1146 -10.14 46.80 84.95
CA VAL A 1146 -10.70 48.11 84.65
C VAL A 1146 -11.40 48.00 83.31
N TYR A 1147 -12.73 47.98 83.32
CA TYR A 1147 -13.48 47.71 82.09
C TYR A 1147 -14.62 48.70 81.94
N TYR A 1148 -14.83 49.17 80.71
CA TYR A 1148 -15.93 50.09 80.42
C TYR A 1148 -17.18 49.28 80.11
N ASN A 1149 -17.98 49.00 81.14
CA ASN A 1149 -19.22 48.25 80.97
C ASN A 1149 -20.18 49.10 80.14
N SER A 1150 -20.40 48.69 78.89
CA SER A 1150 -21.30 49.40 77.99
C SER A 1150 -22.77 49.16 78.30
N THR A 1151 -23.08 48.09 79.05
CA THR A 1151 -24.46 47.84 79.46
C THR A 1151 -25.00 48.96 80.35
N SER A 1152 -24.17 49.45 81.27
CA SER A 1152 -24.54 50.61 82.08
C SER A 1152 -23.83 51.87 81.64
N GLY A 1153 -22.92 51.77 80.66
CA GLY A 1153 -22.16 52.92 80.22
C GLY A 1153 -21.26 53.49 81.29
N GLN A 1154 -20.67 52.63 82.13
CA GLN A 1154 -19.90 53.08 83.27
C GLN A 1154 -18.56 52.35 83.28
N THR A 1155 -17.52 53.04 83.69
CA THR A 1155 -16.20 52.43 83.83
C THR A 1155 -16.10 51.80 85.22
N VAL A 1156 -16.06 50.48 85.27
CA VAL A 1156 -16.02 49.74 86.52
C VAL A 1156 -14.59 49.28 86.78
N ILE A 1157 -14.11 49.55 87.98
CA ILE A 1157 -12.76 49.20 88.40
C ILE A 1157 -12.87 48.28 89.60
N THR A 1158 -12.25 47.10 89.50
CA THR A 1158 -12.23 46.10 90.56
C THR A 1158 -10.78 45.78 90.91
N ASN A 1159 -10.52 45.61 92.20
CA ASN A 1159 -9.18 45.35 92.70
C ASN A 1159 -8.82 43.87 92.57
N ILE A 1160 -7.70 43.48 93.18
CA ILE A 1160 -7.22 42.09 93.07
C ILE A 1160 -8.17 41.12 93.76
N TYR A 1161 -8.94 41.58 94.74
CA TYR A 1161 -9.86 40.70 95.46
C TYR A 1161 -11.08 40.31 94.62
N GLY A 1162 -11.27 40.92 93.46
CA GLY A 1162 -12.41 40.63 92.62
C GLY A 1162 -13.68 41.34 93.02
N GLN A 1163 -13.60 42.37 93.85
CA GLN A 1163 -14.76 43.12 94.32
C GLN A 1163 -14.75 44.50 93.67
N THR A 1164 -15.94 44.97 93.28
CA THR A 1164 -16.06 46.28 92.65
C THR A 1164 -15.68 47.38 93.64
N VAL A 1165 -14.65 48.16 93.28
CA VAL A 1165 -14.19 49.24 94.14
C VAL A 1165 -14.44 50.62 93.57
N ALA A 1166 -14.73 50.73 92.27
CA ALA A 1166 -14.98 52.05 91.69
C ALA A 1166 -15.94 51.93 90.52
N THR A 1167 -16.81 52.92 90.40
CA THR A 1167 -17.69 53.07 89.25
C THR A 1167 -17.67 54.54 88.81
N LEU A 1168 -17.27 54.77 87.56
CA LEU A 1168 -17.06 56.12 87.05
C LEU A 1168 -18.02 56.38 85.90
N SER A 1169 -18.58 57.58 85.87
CA SER A 1169 -19.52 57.96 84.82
C SER A 1169 -18.81 58.09 83.47
N GLY A 1170 -19.46 57.60 82.42
CA GLY A 1170 -18.92 57.71 81.09
C GLY A 1170 -17.70 56.84 80.88
N ASN A 1171 -17.01 57.09 79.78
CA ASN A 1171 -15.80 56.36 79.42
C ASN A 1171 -14.58 57.21 79.76
N VAL A 1172 -14.01 56.99 80.94
CA VAL A 1172 -12.76 57.62 81.32
C VAL A 1172 -11.57 56.90 80.70
N LEU A 1173 -11.74 55.65 80.29
CA LEU A 1173 -10.72 54.96 79.52
C LEU A 1173 -10.54 55.63 78.17
N PRO A 1174 -9.30 55.87 77.75
CA PRO A 1174 -9.08 56.43 76.42
C PRO A 1174 -9.49 55.45 75.33
N THR A 1175 -9.96 56.01 74.22
CA THR A 1175 -10.39 55.19 73.09
C THR A 1175 -9.19 54.90 72.19
N LEU A 1176 -8.85 53.62 72.10
CA LEU A 1176 -7.69 53.17 71.33
C LEU A 1176 -7.95 53.49 69.86
N THR A 1177 -7.16 54.41 69.31
CA THR A 1177 -7.31 54.80 67.92
C THR A 1177 -6.39 53.96 67.05
N GLU A 1178 -6.94 53.43 65.96
CA GLU A 1178 -6.15 52.64 65.02
C GLU A 1178 -5.08 53.52 64.38
N LEU A 1179 -3.91 52.92 64.13
CA LEU A 1179 -2.84 53.67 63.49
C LEU A 1179 -2.98 53.70 61.98
N ALA A 1180 -3.68 52.72 61.40
CA ALA A 1180 -3.83 52.67 59.95
C ALA A 1180 -5.14 51.96 59.61
N ALA A 1181 -5.60 52.16 58.38
CA ALA A 1181 -6.83 51.54 57.92
C ALA A 1181 -6.61 50.06 57.64
N GLY A 1182 -7.45 49.23 58.25
CA GLY A 1182 -7.32 47.80 58.10
C GLY A 1182 -6.01 47.22 58.58
N ASN A 1183 -5.43 47.78 59.63
CA ASN A 1183 -4.14 47.33 60.14
C ASN A 1183 -4.32 46.37 61.31
N GLY A 1184 -5.02 46.83 62.36
CA GLY A 1184 -5.24 45.99 63.51
C GLY A 1184 -4.50 46.44 64.76
N THR A 1185 -3.79 47.56 64.67
CA THR A 1185 -3.05 48.11 65.80
C THR A 1185 -3.74 49.36 66.32
N PHE A 1186 -4.10 49.33 67.60
CA PHE A 1186 -4.84 50.42 68.22
C PHE A 1186 -4.01 50.94 69.40
N THR A 1187 -3.88 52.26 69.47
CA THR A 1187 -2.96 52.89 70.40
C THR A 1187 -3.72 53.85 71.32
N GLY A 1188 -3.31 53.89 72.58
CA GLY A 1188 -3.87 54.80 73.56
C GLY A 1188 -2.83 55.20 74.58
N SER A 1189 -3.26 55.31 75.84
CA SER A 1189 -2.37 55.67 76.93
C SER A 1189 -2.82 54.99 78.22
N LEU A 1190 -1.85 54.50 79.00
CA LEU A 1190 -2.10 53.82 80.26
C LEU A 1190 -1.04 54.25 81.26
N GLN A 1191 -1.44 54.93 82.31
CA GLN A 1191 -0.52 55.34 83.36
C GLN A 1191 -0.72 54.47 84.60
N PHE A 1192 0.33 54.38 85.42
CA PHE A 1192 0.25 53.59 86.64
C PHE A 1192 0.97 54.31 87.78
N THR A 1193 0.59 53.96 89.00
CA THR A 1193 1.19 54.52 90.20
C THR A 1193 0.98 53.57 91.36
N ILE A 1194 1.55 53.92 92.51
CA ILE A 1194 1.45 53.11 93.73
C ILE A 1194 0.87 53.99 94.83
N VAL A 1195 -0.23 53.54 95.42
CA VAL A 1195 -0.83 54.22 96.56
C VAL A 1195 -0.65 53.33 97.79
N PRO A 1196 0.20 53.72 98.74
CA PRO A 1196 0.47 52.84 99.90
C PRO A 1196 -0.78 52.47 100.68
N ASN A 1197 -0.83 51.22 101.15
CA ASN A 1197 -1.93 50.76 101.99
C ASN A 1197 -1.37 50.14 103.26
N ASN A 1198 -2.25 49.53 104.04
CA ASN A 1198 -1.90 48.96 105.34
C ASN A 1198 -2.01 47.44 105.29
N THR A 1199 -0.94 46.75 105.68
CA THR A 1199 -0.95 45.31 105.86
C THR A 1199 0.20 44.94 106.78
N VAL A 1200 -0.13 44.52 108.00
CA VAL A 1200 0.87 44.31 109.05
C VAL A 1200 1.51 42.95 108.87
N VAL A 1201 2.83 42.94 108.76
CA VAL A 1201 3.62 41.70 108.71
C VAL A 1201 4.54 41.71 109.93
N GLN A 1202 4.47 40.66 110.73
CA GLN A 1202 5.27 40.60 111.95
C GLN A 1202 6.49 39.70 111.75
N ILE A 1203 7.66 40.26 112.03
CA ILE A 1203 8.92 39.51 112.03
C ILE A 1203 9.31 39.27 113.49
N PRO A 1204 9.28 38.02 113.96
CA PRO A 1204 9.51 37.78 115.40
C PRO A 1204 10.94 38.09 115.81
N SER A 1205 11.11 38.38 117.10
CA SER A 1205 12.44 38.61 117.65
C SER A 1205 13.18 37.31 117.93
N SER A 1206 12.53 36.16 117.80
CA SER A 1206 13.18 34.87 118.00
C SER A 1206 14.23 34.57 116.94
N LEU A 1207 14.21 35.27 115.81
CA LEU A 1207 15.20 35.09 114.76
C LEU A 1207 16.02 36.33 114.45
N THR A 1208 15.61 37.50 114.94
CA THR A 1208 16.33 38.74 114.64
C THR A 1208 16.69 39.55 115.89
N LYS A 1209 16.21 39.14 117.07
CA LYS A 1209 16.42 39.83 118.34
C LYS A 1209 15.70 41.17 118.40
N THR A 1210 15.07 41.58 117.29
CA THR A 1210 14.28 42.81 117.23
C THR A 1210 13.07 42.54 116.35
N SER A 1211 11.89 42.86 116.85
CA SER A 1211 10.67 42.63 116.08
C SER A 1211 10.52 43.68 114.99
N PHE A 1212 9.84 43.33 113.91
CA PHE A 1212 9.58 44.25 112.82
C PHE A 1212 8.12 44.16 112.39
N ALA A 1213 7.39 45.25 112.56
CA ALA A 1213 6.02 45.36 112.05
C ALA A 1213 6.07 46.14 110.74
N VAL A 1214 5.87 45.45 109.62
CA VAL A 1214 6.08 46.03 108.31
C VAL A 1214 4.73 46.25 107.64
N TYR A 1215 4.46 47.50 107.27
CA TYR A 1215 3.40 47.83 106.33
C TYR A 1215 3.91 47.54 104.92
N THR A 1216 3.15 46.75 104.17
CA THR A 1216 3.62 46.17 102.91
C THR A 1216 3.65 47.21 101.79
N ASN A 1217 3.86 46.73 100.57
CA ASN A 1217 3.99 47.53 99.37
C ASN A 1217 2.96 48.64 99.27
N GLY A 1218 1.68 48.29 99.24
CA GLY A 1218 0.66 49.28 99.00
C GLY A 1218 -0.40 48.72 98.08
N SER A 1219 -0.79 49.54 97.09
CA SER A 1219 -1.79 49.14 96.10
C SER A 1219 -1.41 49.72 94.75
N LEU A 1220 -1.43 48.86 93.73
CA LEU A 1220 -1.25 49.35 92.36
C LEU A 1220 -2.49 50.12 91.92
N ALA A 1221 -2.28 51.26 91.29
CA ALA A 1221 -3.38 52.12 90.86
C ALA A 1221 -3.21 52.49 89.40
N ILE A 1222 -4.27 52.33 88.63
CA ILE A 1222 -4.27 52.80 87.24
C ILE A 1222 -4.57 54.29 87.23
N VAL A 1223 -3.78 55.04 86.48
CA VAL A 1223 -3.96 56.48 86.35
C VAL A 1223 -4.56 56.76 84.99
N LEU A 1224 -5.76 57.33 84.99
CA LEU A 1224 -6.51 57.67 83.79
C LEU A 1224 -6.86 59.15 83.87
N ASN A 1225 -6.58 59.87 82.78
CA ASN A 1225 -6.83 61.31 82.70
C ASN A 1225 -6.13 62.07 83.82
N GLY A 1226 -5.03 61.52 84.33
CA GLY A 1226 -4.29 62.14 85.42
C GLY A 1226 -4.77 61.80 86.81
N LYS A 1227 -5.79 60.97 86.95
CA LYS A 1227 -6.35 60.60 88.25
C LYS A 1227 -6.08 59.13 88.53
N ALA A 1228 -5.59 58.84 89.74
CA ALA A 1228 -5.25 57.48 90.13
C ALA A 1228 -6.45 56.76 90.73
N TYR A 1229 -6.50 55.44 90.52
CA TYR A 1229 -7.58 54.60 91.02
C TYR A 1229 -6.99 53.25 91.40
N SER A 1230 -7.11 52.89 92.68
CA SER A 1230 -6.43 51.72 93.22
C SER A 1230 -6.96 50.44 92.58
N LEU A 1231 -6.08 49.46 92.42
CA LEU A 1231 -6.42 48.15 91.87
C LEU A 1231 -6.04 47.00 92.80
N GLY A 1232 -5.99 47.23 94.10
CA GLY A 1232 -5.60 46.21 95.04
C GLY A 1232 -4.11 46.20 95.28
N PRO A 1233 -3.66 45.36 96.23
CA PRO A 1233 -2.23 45.36 96.61
C PRO A 1233 -1.27 45.18 95.45
N ALA A 1234 -0.24 46.03 95.41
CA ALA A 1234 0.75 45.96 94.34
C ALA A 1234 1.80 44.90 94.59
N GLY A 1235 1.88 44.39 95.83
CA GLY A 1235 2.86 43.37 96.15
C GLY A 1235 2.74 42.12 95.30
N LEU A 1236 1.51 41.68 95.03
CA LEU A 1236 1.31 40.52 94.16
C LEU A 1236 1.49 40.87 92.69
N PHE A 1237 1.10 42.08 92.30
CA PHE A 1237 1.23 42.52 90.92
C PHE A 1237 2.69 42.77 90.54
N LEU A 1238 3.43 43.50 91.38
CA LEU A 1238 4.73 44.01 90.99
C LEU A 1238 5.86 43.15 91.54
N LEU A 1239 6.96 43.16 90.79
CA LEU A 1239 8.19 42.45 91.11
C LEU A 1239 9.31 43.47 91.14
N PRO A 1240 10.25 43.36 92.10
CA PRO A 1240 10.36 42.36 93.19
C PRO A 1240 9.39 42.47 94.34
N PHE A 1241 9.33 41.43 95.15
CA PHE A 1241 8.70 41.48 96.45
C PHE A 1241 9.50 40.58 97.41
N VAL A 1242 9.35 40.84 98.71
CA VAL A 1242 10.05 40.10 99.75
C VAL A 1242 9.03 39.28 100.52
N THR A 1243 9.21 37.96 100.55
CA THR A 1243 8.29 37.08 101.24
C THR A 1243 8.81 36.76 102.63
N TYR A 1244 8.08 37.21 103.65
CA TYR A 1244 8.32 36.78 105.02
C TYR A 1244 7.10 36.00 105.48
N THR A 1245 7.28 34.71 105.73
CA THR A 1245 6.20 33.79 106.10
C THR A 1245 5.05 33.87 105.09
N GLY A 1246 5.39 33.98 103.81
CA GLY A 1246 4.39 34.06 102.76
C GLY A 1246 3.76 35.42 102.57
N SER A 1247 4.27 36.45 103.24
CA SER A 1247 3.72 37.80 103.14
C SER A 1247 4.64 38.64 102.26
N ALA A 1248 4.05 39.31 101.27
CA ALA A 1248 4.85 40.05 100.29
C ALA A 1248 4.97 41.51 100.71
N ILE A 1249 6.20 42.02 100.67
CA ILE A 1249 6.50 43.40 101.02
C ILE A 1249 7.24 44.05 99.85
N GLY A 1250 6.81 45.24 99.46
CA GLY A 1250 7.40 45.97 98.36
C GLY A 1250 7.75 47.40 98.73
N ALA A 1251 7.86 48.24 97.70
CA ALA A 1251 8.19 49.65 97.88
C ALA A 1251 7.06 50.35 98.62
N ASN A 1252 7.33 51.57 99.08
CA ASN A 1252 6.37 52.35 99.87
C ASN A 1252 6.02 51.62 101.16
N ALA A 1253 6.91 50.72 101.60
CA ALA A 1253 6.70 50.01 102.85
C ALA A 1253 7.01 50.91 104.03
N THR A 1254 6.66 50.43 105.23
CA THR A 1254 6.92 51.16 106.47
C THR A 1254 7.28 50.17 107.56
N ALA A 1255 8.55 50.16 107.99
CA ALA A 1255 9.02 49.19 108.96
C ALA A 1255 9.09 49.84 110.34
N ILE A 1256 8.28 49.34 111.26
CA ILE A 1256 8.36 49.72 112.67
C ILE A 1256 9.28 48.72 113.37
N ILE A 1257 10.44 49.18 113.80
CA ILE A 1257 11.42 48.37 114.49
C ILE A 1257 11.11 48.43 115.98
N THR A 1258 10.85 47.27 116.57
CA THR A 1258 10.61 47.11 118.00
C THR A 1258 11.86 46.48 118.63
N VAL A 1259 12.61 47.30 119.37
CA VAL A 1259 13.86 46.88 119.98
C VAL A 1259 13.58 46.50 121.43
N SER A 1260 13.99 45.29 121.81
CA SER A 1260 13.85 44.80 123.18
C SER A 1260 15.23 44.73 123.82
N ASP A 1261 15.37 45.37 124.98
CA ASP A 1261 16.65 45.43 125.69
C ASP A 1261 16.36 45.41 127.18
N GLY A 1262 17.43 45.52 127.98
CA GLY A 1262 17.29 45.51 129.43
C GLY A 1262 16.43 46.62 129.97
N VAL A 1263 16.44 47.80 129.33
CA VAL A 1263 15.53 48.87 129.69
C VAL A 1263 14.08 48.48 129.44
N GLY A 1264 13.80 47.75 128.37
CA GLY A 1264 12.44 47.34 128.07
C GLY A 1264 12.16 47.27 126.57
N THR A 1265 11.11 47.96 126.14
CA THR A 1265 10.68 47.93 124.75
C THR A 1265 10.68 49.34 124.18
N SER A 1266 11.25 49.49 122.99
CA SER A 1266 11.26 50.77 122.28
C SER A 1266 10.79 50.55 120.86
N THR A 1267 10.18 51.58 120.28
CA THR A 1267 9.64 51.48 118.93
C THR A 1267 10.12 52.68 118.10
N THR A 1268 10.59 52.39 116.89
CA THR A 1268 10.96 53.43 115.94
C THR A 1268 10.36 53.09 114.58
N GLN A 1269 10.28 54.10 113.71
CA GLN A 1269 9.65 53.93 112.40
C GLN A 1269 10.61 54.37 111.31
N VAL A 1270 10.74 53.53 110.27
CA VAL A 1270 11.52 53.87 109.09
C VAL A 1270 10.62 53.69 107.87
N PRO A 1271 10.29 54.75 107.14
CA PRO A 1271 9.46 54.59 105.93
C PRO A 1271 10.32 54.23 104.74
N ILE A 1272 9.88 53.21 104.00
CA ILE A 1272 10.50 52.84 102.74
C ILE A 1272 9.84 53.64 101.63
N THR A 1273 10.66 54.28 100.80
CA THR A 1273 10.17 55.15 99.74
C THR A 1273 9.83 54.32 98.51
N ALA A 1274 9.30 54.99 97.49
CA ALA A 1274 9.03 54.37 96.20
C ALA A 1274 10.29 54.24 95.36
N GLU A 1275 11.38 54.87 95.81
CA GLU A 1275 12.67 54.79 95.12
C GLU A 1275 13.60 53.81 95.80
N ASN A 1276 13.13 53.12 96.84
CA ASN A 1276 13.92 52.12 97.55
C ASN A 1276 13.36 50.76 97.17
N PHE A 1277 12.91 50.64 95.92
CA PHE A 1277 12.22 49.46 95.38
C PHE A 1277 13.22 48.34 95.09
N THR A 1278 14.39 48.70 94.55
CA THR A 1278 15.65 47.97 94.68
C THR A 1278 15.53 46.45 94.54
N PRO A 1279 15.58 45.91 93.32
CA PRO A 1279 15.82 44.46 93.18
C PRO A 1279 17.18 44.07 93.74
N ILE A 1280 17.24 42.91 94.40
CA ILE A 1280 18.48 42.36 94.95
C ILE A 1280 18.57 40.90 94.55
N ARG A 1281 19.73 40.48 94.05
CA ARG A 1281 19.95 39.11 93.61
C ARG A 1281 20.96 38.41 94.50
N LEU A 1282 20.67 37.16 94.85
CA LEU A 1282 21.59 36.31 95.60
C LEU A 1282 22.13 35.23 94.66
N ALA A 1283 23.45 35.18 94.52
CA ALA A 1283 24.05 34.26 93.55
C ALA A 1283 25.18 33.46 94.17
N PRO A 1284 25.36 32.22 93.72
CA PRO A 1284 26.52 31.43 94.16
C PRO A 1284 27.82 32.00 93.59
N PHE A 1285 28.94 31.66 94.25
CA PHE A 1285 30.23 32.16 93.84
C PHE A 1285 30.68 31.58 92.49
N GLN A 1286 30.20 30.40 92.13
CA GLN A 1286 30.58 29.78 90.87
C GLN A 1286 29.68 30.20 89.71
N VAL A 1287 28.62 30.95 90.00
CA VAL A 1287 27.68 31.42 89.00
C VAL A 1287 27.95 32.90 88.75
N PRO A 1288 27.89 33.38 87.50
CA PRO A 1288 28.11 34.80 87.24
C PRO A 1288 27.14 35.68 88.02
N ALA A 1289 27.64 36.81 88.51
CA ALA A 1289 26.85 37.75 89.29
C ALA A 1289 26.60 39.05 88.55
N GLN A 1290 27.41 39.36 87.55
CA GLN A 1290 27.20 40.54 86.73
C GLN A 1290 26.16 40.32 85.65
N VAL A 1291 25.80 39.06 85.40
CA VAL A 1291 24.78 38.70 84.43
C VAL A 1291 23.50 38.34 85.19
N PRO A 1292 22.40 39.06 84.98
CA PRO A 1292 21.15 38.71 85.67
C PRO A 1292 20.69 37.30 85.34
N LEU A 1293 20.09 36.63 86.32
CA LEU A 1293 19.63 35.26 86.13
C LEU A 1293 18.18 35.25 85.66
N PRO A 1294 17.90 34.82 84.43
CA PRO A 1294 16.51 34.78 83.96
C PRO A 1294 15.82 33.45 84.29
N ASN A 1295 16.61 32.47 84.71
CA ASN A 1295 16.10 31.14 85.02
C ASN A 1295 15.84 30.96 86.51
N ALA A 1296 15.50 32.05 87.20
CA ALA A 1296 15.25 31.97 88.63
C ALA A 1296 13.82 32.39 88.93
N PRO A 1297 13.02 31.53 89.57
CA PRO A 1297 11.67 31.92 89.96
C PRO A 1297 11.66 33.10 90.92
N LYS A 1298 10.47 33.70 91.08
CA LYS A 1298 10.33 34.91 91.89
C LYS A 1298 10.57 34.65 93.37
N LEU A 1299 10.42 33.40 93.82
CA LEU A 1299 10.51 33.08 95.24
C LEU A 1299 11.85 32.47 95.63
N LYS A 1300 12.55 31.81 94.71
CA LYS A 1300 13.77 31.09 95.05
C LYS A 1300 14.51 30.64 93.79
N TYR A 1301 15.79 30.32 93.94
CA TYR A 1301 16.55 29.65 92.90
C TYR A 1301 17.24 28.45 93.52
N GLU A 1302 16.97 27.26 92.98
CA GLU A 1302 17.54 26.02 93.47
C GLU A 1302 18.79 25.70 92.65
N TYR A 1303 19.96 25.89 93.25
CA TYR A 1303 21.23 25.58 92.60
C TYR A 1303 21.52 24.10 92.78
N ASN A 1304 21.43 23.33 91.70
CA ASN A 1304 21.62 21.89 91.72
C ASN A 1304 23.08 21.48 91.65
N GLY A 1305 23.99 22.43 91.53
CA GLY A 1305 25.41 22.10 91.50
C GLY A 1305 25.87 21.48 92.80
N SER A 1306 26.80 20.53 92.69
CA SER A 1306 27.29 19.81 93.85
C SER A 1306 28.22 20.70 94.66
N ILE A 1307 27.95 20.81 95.96
CA ILE A 1307 28.76 21.59 96.88
C ILE A 1307 29.10 20.72 98.08
N VAL A 1308 30.39 20.61 98.38
CA VAL A 1308 30.89 19.84 99.53
C VAL A 1308 31.57 20.82 100.47
N ILE A 1309 31.06 20.89 101.70
CA ILE A 1309 31.58 21.82 102.70
C ILE A 1309 32.74 21.15 103.44
N THR A 1310 33.93 21.71 103.27
CA THR A 1310 35.10 21.21 104.00
C THR A 1310 35.00 21.59 105.47
N PRO A 1311 35.61 20.81 106.36
CA PRO A 1311 35.57 21.15 107.79
C PRO A 1311 36.36 22.41 108.13
N GLN A 1312 37.13 22.93 107.19
CA GLN A 1312 37.89 24.16 107.40
C GLN A 1312 37.09 25.40 107.04
N GLN A 1313 35.83 25.22 106.61
CA GLN A 1313 35.01 26.35 106.17
C GLN A 1313 33.84 26.52 107.12
N GLN A 1314 33.71 27.72 107.69
CA GLN A 1314 32.56 28.10 108.49
C GLN A 1314 31.81 29.27 107.87
N VAL A 1315 32.27 29.77 106.73
CA VAL A 1315 31.63 30.88 106.03
C VAL A 1315 31.45 30.48 104.57
N LEU A 1316 30.31 30.86 104.01
CA LEU A 1316 29.99 30.57 102.61
C LEU A 1316 30.10 31.87 101.81
N LYS A 1317 30.91 31.85 100.76
CA LYS A 1317 31.11 33.04 99.95
C LYS A 1317 30.04 33.12 98.86
N ILE A 1318 29.20 34.15 98.93
CA ILE A 1318 28.12 34.35 97.97
C ILE A 1318 28.22 35.76 97.41
N TYR A 1319 27.48 36.01 96.33
CA TYR A 1319 27.45 37.33 95.75
C TYR A 1319 26.07 37.96 95.92
N VAL A 1320 26.05 39.23 96.32
CA VAL A 1320 24.83 40.01 96.43
C VAL A 1320 24.89 41.09 95.36
N THR A 1321 24.00 41.00 94.38
CA THR A 1321 23.98 41.95 93.26
C THR A 1321 22.85 42.96 93.45
N SER A 1322 23.21 44.24 93.32
CA SER A 1322 22.28 45.34 93.49
C SER A 1322 22.17 46.12 92.19
N ILE A 1323 20.93 46.26 91.70
CA ILE A 1323 20.67 47.07 90.51
C ILE A 1323 20.37 48.51 90.89
N LEU A 1324 19.70 48.72 92.01
CA LEU A 1324 19.41 50.05 92.54
C LEU A 1324 20.14 50.21 93.87
N PRO A 1325 20.40 51.45 94.29
CA PRO A 1325 21.19 51.67 95.52
C PRO A 1325 20.58 51.01 96.74
N TYR A 1326 21.44 50.46 97.59
CA TYR A 1326 21.02 49.70 98.77
C TYR A 1326 21.74 50.24 100.00
N PRO A 1327 21.20 51.28 100.66
CA PRO A 1327 21.95 51.91 101.76
C PRO A 1327 21.77 51.24 103.11
N GLN A 1328 20.65 50.56 103.35
CA GLN A 1328 20.36 50.03 104.67
C GLN A 1328 20.96 48.64 104.85
N GLU A 1329 21.16 48.26 106.11
CA GLU A 1329 21.78 46.99 106.48
C GLU A 1329 20.74 45.88 106.51
N PHE A 1330 21.23 44.64 106.53
CA PHE A 1330 20.36 43.47 106.55
C PHE A 1330 21.15 42.29 107.09
N GLN A 1331 20.64 41.08 106.87
CA GLN A 1331 21.36 39.87 107.21
C GLN A 1331 20.94 38.76 106.24
N ILE A 1332 21.79 37.75 106.17
CA ILE A 1332 21.48 36.52 105.44
C ILE A 1332 21.22 35.45 106.48
N GLN A 1333 20.01 34.90 106.48
CA GLN A 1333 19.68 33.79 107.36
C GLN A 1333 19.80 32.47 106.59
N ALA A 1334 20.50 31.52 107.21
CA ALA A 1334 20.70 30.20 106.65
C ALA A 1334 19.85 29.20 107.41
N PHE A 1335 18.90 28.58 106.69
CA PHE A 1335 18.07 27.52 107.24
C PHE A 1335 18.54 26.21 106.63
N VAL A 1336 19.04 25.31 107.47
CA VAL A 1336 19.52 24.02 107.03
C VAL A 1336 18.45 22.98 107.29
N TYR A 1337 18.09 22.22 106.25
CA TYR A 1337 17.16 21.12 106.33
C TYR A 1337 17.91 19.85 105.94
N GLU A 1338 17.45 18.71 106.44
CA GLU A 1338 18.00 17.45 105.97
C GLU A 1338 17.51 17.17 104.55
N ALA A 1339 18.34 16.44 103.79
CA ALA A 1339 17.97 16.15 102.41
C ALA A 1339 16.67 15.35 102.32
N SER A 1340 16.42 14.48 103.29
CA SER A 1340 15.15 13.75 103.31
C SER A 1340 14.00 14.64 103.74
N GLN A 1341 14.28 15.67 104.54
CA GLN A 1341 13.24 16.57 105.05
C GLN A 1341 12.98 17.75 104.12
N PHE A 1342 13.68 17.80 102.98
CA PHE A 1342 13.47 18.85 102.00
C PHE A 1342 13.12 18.22 100.66
N ASN A 1343 12.06 18.71 100.03
CA ASN A 1343 11.61 18.20 98.73
C ASN A 1343 12.28 19.05 97.65
N VAL A 1344 13.38 18.52 97.08
CA VAL A 1344 14.11 19.25 96.04
C VAL A 1344 13.31 19.31 94.75
N HIS A 1345 12.37 18.39 94.54
CA HIS A 1345 11.57 18.40 93.32
C HIS A 1345 10.68 19.63 93.23
N THR A 1346 10.05 20.01 94.35
CA THR A 1346 9.18 21.18 94.39
C THR A 1346 9.83 22.41 95.01
N GLY A 1347 10.97 22.24 95.69
CA GLY A 1347 11.64 23.37 96.30
C GLY A 1347 10.97 23.91 97.55
N SER A 1348 10.01 23.19 98.10
CA SER A 1348 9.31 23.62 99.30
C SER A 1348 9.72 22.76 100.47
N PRO A 1349 10.01 23.35 101.63
CA PRO A 1349 10.39 22.55 102.80
C PRO A 1349 9.21 21.77 103.35
N THR A 1350 9.43 20.47 103.56
CA THR A 1350 8.41 19.58 104.09
C THR A 1350 8.44 19.49 105.61
N ALA A 1351 9.36 20.20 106.26
CA ALA A 1351 9.46 20.17 107.71
C ALA A 1351 10.21 21.42 108.17
N ALA A 1352 10.20 21.64 109.49
CA ALA A 1352 10.91 22.76 110.07
C ALA A 1352 12.42 22.59 109.86
N PRO A 1353 13.17 23.68 109.75
CA PRO A 1353 14.62 23.55 109.54
C PRO A 1353 15.29 22.83 110.69
N VAL A 1354 16.25 21.96 110.37
CA VAL A 1354 16.96 21.26 111.42
C VAL A 1354 18.02 22.14 112.04
N TYR A 1355 18.38 23.25 111.38
CA TYR A 1355 19.27 24.23 112.01
C TYR A 1355 19.00 25.60 111.42
N PHE A 1356 19.31 26.63 112.20
CA PHE A 1356 19.18 28.01 111.75
C PHE A 1356 20.40 28.79 112.18
N SER A 1357 20.81 29.73 111.33
CA SER A 1357 21.94 30.60 111.62
C SER A 1357 21.73 31.93 110.91
N TYR A 1358 22.49 32.94 111.31
CA TYR A 1358 22.36 34.26 110.72
C TYR A 1358 23.74 34.88 110.54
N SER A 1359 23.84 35.77 109.55
CA SER A 1359 25.06 36.54 109.30
C SER A 1359 24.65 37.96 108.96
N ALA A 1360 24.97 38.90 109.85
CA ALA A 1360 24.58 40.29 109.65
C ALA A 1360 25.46 40.95 108.61
N VAL A 1361 24.85 41.39 107.50
CA VAL A 1361 25.54 42.04 106.41
C VAL A 1361 25.22 43.53 106.49
N ARG A 1362 26.20 44.33 106.86
CA ARG A 1362 26.07 45.78 106.88
C ARG A 1362 26.43 46.31 105.49
N ALA A 1363 25.47 46.94 104.84
CA ALA A 1363 25.64 47.37 103.45
C ALA A 1363 26.66 48.50 103.39
N TYR A 1364 27.87 48.16 102.97
CA TYR A 1364 28.94 49.12 102.78
C TYR A 1364 29.64 48.84 101.45
N PRO A 1365 30.11 49.88 100.76
CA PRO A 1365 30.85 49.64 99.51
C PRO A 1365 32.16 48.91 99.75
N ALA A 1366 32.56 48.11 98.77
CA ALA A 1366 33.82 47.38 98.85
C ALA A 1366 34.95 48.25 98.29
N LEU A 1367 34.76 48.71 97.04
CA LEU A 1367 35.68 49.64 96.42
C LEU A 1367 35.33 51.09 96.74
N GLY A 1368 35.43 51.99 95.76
CA GLY A 1368 35.04 53.37 95.94
C GLY A 1368 33.66 53.52 96.55
N ILE A 1369 33.56 54.47 97.49
CA ILE A 1369 32.30 54.71 98.20
C ILE A 1369 31.28 55.28 97.23
N GLY A 1370 30.09 54.69 97.23
CA GLY A 1370 29.02 55.13 96.36
C GLY A 1370 29.05 54.53 94.96
N THR A 1371 30.22 54.51 94.33
CA THR A 1371 30.36 53.97 92.98
C THR A 1371 31.08 52.63 92.96
N SER A 1372 30.93 51.82 94.02
CA SER A 1372 31.59 50.53 94.09
C SER A 1372 30.95 49.54 93.12
N VAL A 1373 31.46 48.32 93.10
CA VAL A 1373 30.93 47.26 92.25
C VAL A 1373 29.50 46.95 92.69
N PRO A 1374 28.56 46.77 91.77
CA PRO A 1374 27.21 46.36 92.15
C PRO A 1374 27.13 44.98 92.79
N ASN A 1375 28.26 44.28 92.91
CA ASN A 1375 28.32 42.96 93.52
C ASN A 1375 29.11 43.06 94.82
N LEU A 1376 28.56 42.49 95.88
CA LEU A 1376 29.20 42.44 97.19
C LEU A 1376 29.48 40.99 97.54
N LEU A 1377 30.72 40.70 97.94
CA LEU A 1377 31.11 39.36 98.35
C LEU A 1377 30.76 39.19 99.83
N VAL A 1378 29.73 38.38 100.10
CA VAL A 1378 29.22 38.19 101.45
C VAL A 1378 29.69 36.84 101.97
N TYR A 1379 30.34 36.86 103.13
CA TYR A 1379 30.74 35.65 103.84
C TYR A 1379 29.62 35.31 104.82
N VAL A 1380 28.66 34.50 104.38
CA VAL A 1380 27.54 34.07 105.22
C VAL A 1380 28.14 33.18 106.31
N GLN A 1381 28.12 33.67 107.53
CA GLN A 1381 28.69 32.93 108.66
C GLN A 1381 27.62 32.05 109.30
N LEU A 1382 28.07 31.06 110.06
CA LEU A 1382 27.18 30.16 110.80
C LEU A 1382 27.53 30.17 112.28
N GLN A 1383 26.53 30.31 113.15
CA GLN A 1383 26.76 30.32 114.59
C GLN A 1383 27.01 28.90 115.11
N GLY A 1384 28.04 28.26 114.57
CA GLY A 1384 28.34 26.88 114.92
C GLY A 1384 28.02 25.89 113.83
N ILE A 1385 29.02 25.47 113.06
CA ILE A 1385 28.80 24.50 111.99
C ILE A 1385 28.96 23.07 112.51
N SER A 1386 29.60 22.90 113.67
CA SER A 1386 29.73 21.58 114.26
C SER A 1386 28.40 21.06 114.79
N ASN A 1387 27.39 21.93 114.92
CA ASN A 1387 26.08 21.50 115.36
C ASN A 1387 25.40 20.56 114.37
N LEU A 1388 25.71 20.69 113.07
CA LEU A 1388 25.13 19.82 112.07
C LEU A 1388 26.03 18.62 111.80
N PRO A 1389 25.55 17.40 112.01
CA PRO A 1389 26.36 16.22 111.69
C PRO A 1389 26.62 16.12 110.20
N ALA A 1390 27.69 15.42 109.86
CA ALA A 1390 28.08 15.23 108.47
C ALA A 1390 27.00 14.45 107.72
N GLY A 1391 26.68 14.91 106.51
CA GLY A 1391 25.67 14.24 105.72
C GLY A 1391 25.21 15.12 104.58
N LYS A 1392 24.04 14.78 104.04
CA LYS A 1392 23.43 15.53 102.96
C LYS A 1392 22.40 16.51 103.51
N TYR A 1393 22.40 17.72 102.97
CA TYR A 1393 21.57 18.80 103.48
C TYR A 1393 21.12 19.68 102.33
N VAL A 1394 20.08 20.47 102.61
CA VAL A 1394 19.62 21.54 101.75
C VAL A 1394 19.66 22.84 102.55
N ILE A 1395 20.40 23.82 102.06
CA ILE A 1395 20.63 25.08 102.78
C ILE A 1395 19.94 26.21 102.03
N VAL A 1396 19.06 26.93 102.72
CA VAL A 1396 18.32 28.03 102.15
C VAL A 1396 18.85 29.33 102.74
N LEU A 1397 19.36 30.20 101.88
CA LEU A 1397 19.81 31.53 102.25
C LEU A 1397 18.75 32.55 101.89
N SER A 1398 18.31 33.31 102.89
CA SER A 1398 17.24 34.27 102.71
C SER A 1398 17.66 35.63 103.27
N ALA A 1399 17.35 36.69 102.54
CA ALA A 1399 17.69 38.03 103.00
C ALA A 1399 16.63 38.55 103.97
N VAL A 1400 17.03 38.72 105.23
CA VAL A 1400 16.14 39.25 106.26
C VAL A 1400 16.67 40.63 106.65
N PRO A 1401 15.91 41.69 106.44
CA PRO A 1401 16.45 43.04 106.61
C PRO A 1401 16.35 43.54 108.04
N PHE A 1402 17.26 44.45 108.39
CA PHE A 1402 17.33 45.03 109.72
C PHE A 1402 17.07 46.53 109.67
N ALA A 1403 16.42 47.03 110.73
CA ALA A 1403 16.29 48.46 110.98
C ALA A 1403 15.71 49.22 109.80
N GLY A 1404 14.43 48.97 109.50
CA GLY A 1404 13.80 49.62 108.37
C GLY A 1404 13.87 48.82 107.09
N GLY A 1405 13.37 47.58 107.12
CA GLY A 1405 13.56 46.62 106.05
C GLY A 1405 13.27 47.13 104.66
N PRO A 1406 14.31 47.25 103.84
CA PRO A 1406 14.13 47.69 102.45
C PRO A 1406 13.55 46.61 101.58
N VAL A 1407 13.45 46.91 100.28
CA VAL A 1407 12.88 45.97 99.32
C VAL A 1407 14.03 45.25 98.61
N LEU A 1408 13.84 43.96 98.34
CA LEU A 1408 14.86 43.12 97.72
C LEU A 1408 14.22 42.00 96.91
N SER A 1409 15.05 41.01 96.56
CA SER A 1409 14.62 39.65 96.22
C SER A 1409 13.72 39.51 94.99
N GLU A 1410 14.26 39.74 93.79
CA GLU A 1410 13.68 39.15 92.57
C GLU A 1410 14.75 38.41 91.79
N TYR A 1411 14.42 37.19 91.34
CA TYR A 1411 15.26 36.38 90.48
C TYR A 1411 16.70 36.28 91.02
N PRO A 1412 16.90 35.62 92.15
CA PRO A 1412 15.92 34.94 93.00
C PRO A 1412 15.55 35.73 94.25
N ALA A 1413 14.61 35.21 95.04
CA ALA A 1413 14.35 35.75 96.36
C ALA A 1413 15.12 35.01 97.44
N GLN A 1414 15.33 33.71 97.24
CA GLN A 1414 16.12 32.88 98.16
C GLN A 1414 17.09 32.06 97.34
N LEU A 1415 18.19 31.65 97.98
CA LEU A 1415 19.21 30.84 97.32
C LEU A 1415 19.22 29.48 98.00
N ILE A 1416 18.75 28.45 97.29
CA ILE A 1416 18.56 27.13 97.87
C ILE A 1416 19.60 26.19 97.27
N PHE A 1417 20.62 25.86 98.06
CA PHE A 1417 21.57 24.82 97.69
C PHE A 1417 20.97 23.47 98.08
N THR A 1418 20.54 22.70 97.08
CA THR A 1418 19.81 21.47 97.33
C THR A 1418 20.72 20.24 97.46
N ASN A 1419 22.02 20.40 97.25
CA ASN A 1419 22.93 19.27 97.27
C ASN A 1419 24.13 19.55 98.17
N VAL A 1420 23.89 20.09 99.36
CA VAL A 1420 24.96 20.37 100.32
C VAL A 1420 25.46 19.05 100.88
N THR A 1421 26.78 18.87 100.89
CA THR A 1421 27.41 17.70 101.47
C THR A 1421 28.35 18.16 102.57
N LEU A 1422 27.87 18.13 103.81
CA LEU A 1422 28.69 18.55 104.94
C LEU A 1422 29.59 17.41 105.38
N THR A 1423 30.90 17.64 105.34
CA THR A 1423 31.89 16.65 105.74
C THR A 1423 32.80 17.25 106.79
N GLN A 1424 32.98 16.50 107.88
CA GLN A 1424 33.85 16.95 108.97
C GLN A 1424 34.82 15.84 109.36
N LEU B 30 -13.55 47.27 21.51
CA LEU B 30 -14.28 48.43 22.02
C LEU B 30 -15.78 48.18 21.89
N THR B 31 -16.45 49.01 21.09
CA THR B 31 -17.85 48.79 20.75
C THR B 31 -18.01 48.83 19.24
N PRO B 32 -18.91 48.02 18.66
CA PRO B 32 -19.83 47.07 19.30
C PRO B 32 -19.15 45.82 19.87
N PRO B 33 -19.75 45.21 20.89
CA PRO B 33 -19.18 43.97 21.43
C PRO B 33 -19.33 42.82 20.45
N VAL B 34 -18.42 41.86 20.56
CA VAL B 34 -18.39 40.71 19.66
C VAL B 34 -18.36 39.43 20.48
N SER B 35 -18.97 38.37 19.92
CA SER B 35 -19.02 37.09 20.59
C SER B 35 -18.02 36.12 19.95
N ALA B 36 -17.85 34.96 20.58
CA ALA B 36 -16.94 33.94 20.07
C ALA B 36 -17.46 33.40 18.75
N GLY B 37 -16.76 33.74 17.67
CA GLY B 37 -17.18 33.33 16.34
C GLY B 37 -18.36 34.09 15.77
N GLY B 38 -18.66 35.26 16.32
CA GLY B 38 -19.79 36.04 15.86
C GLY B 38 -19.51 36.82 14.58
N ILE B 39 -20.53 37.55 14.15
CA ILE B 39 -20.46 38.35 12.94
C ILE B 39 -20.74 39.82 13.30
N GLN B 40 -20.01 40.73 12.68
CA GLN B 40 -20.12 42.15 12.98
C GLN B 40 -19.94 42.91 11.67
N ALA B 41 -20.26 44.21 11.70
CA ALA B 41 -20.20 45.04 10.51
C ALA B 41 -19.52 46.37 10.81
N TYR B 42 -19.05 47.03 9.74
CA TYR B 42 -18.44 48.35 9.87
C TYR B 42 -18.68 49.12 8.57
N LEU B 43 -19.25 50.31 8.68
CA LEU B 43 -19.46 51.14 7.50
C LEU B 43 -18.22 51.95 7.19
N LEU B 44 -17.89 52.08 5.91
CA LEU B 44 -16.79 52.93 5.47
C LEU B 44 -17.33 54.31 5.09
N THR B 45 -17.13 55.29 5.96
CA THR B 45 -17.57 56.65 5.68
C THR B 45 -16.75 57.61 6.53
N GLY B 46 -16.86 58.89 6.21
CA GLY B 46 -16.17 59.93 6.95
C GLY B 46 -15.48 60.92 6.03
N SER B 47 -14.64 61.77 6.62
CA SER B 47 -13.87 62.73 5.85
C SER B 47 -12.79 61.99 5.06
N GLY B 48 -12.85 62.09 3.74
CA GLY B 48 -11.92 61.38 2.89
C GLY B 48 -12.37 59.99 2.47
N ALA B 49 -13.65 59.66 2.65
CA ALA B 49 -14.15 58.35 2.26
C ALA B 49 -14.10 58.21 0.74
N PRO B 50 -13.73 57.03 0.24
CA PRO B 50 -13.66 56.83 -1.22
C PRO B 50 -15.03 56.73 -1.87
N ALA B 51 -15.99 56.08 -1.22
CA ALA B 51 -17.34 55.95 -1.76
C ALA B 51 -18.30 55.61 -0.64
N SER B 52 -19.44 56.30 -0.60
CA SER B 52 -20.45 56.07 0.42
C SER B 52 -21.33 54.90 0.01
N GLY B 53 -21.46 53.92 0.91
CA GLY B 53 -22.26 52.75 0.63
C GLY B 53 -21.51 51.44 0.74
N LEU B 54 -20.30 51.48 1.27
CA LEU B 54 -19.48 50.28 1.44
C LEU B 54 -19.56 49.80 2.88
N VAL B 55 -19.94 48.53 3.05
CA VAL B 55 -20.07 47.92 4.37
C VAL B 55 -19.16 46.70 4.42
N LEU B 56 -18.38 46.61 5.49
CA LEU B 56 -17.44 45.52 5.71
C LEU B 56 -18.03 44.57 6.74
N PHE B 57 -18.37 43.36 6.29
CA PHE B 57 -18.83 42.31 7.19
C PHE B 57 -17.64 41.46 7.62
N VAL B 58 -17.48 41.32 8.93
CA VAL B 58 -16.37 40.57 9.51
C VAL B 58 -16.94 39.44 10.36
N VAL B 59 -16.22 38.32 10.39
CA VAL B 59 -16.52 37.21 11.27
C VAL B 59 -15.22 36.77 11.95
N ASN B 60 -15.29 36.59 13.27
CA ASN B 60 -14.11 36.33 14.09
C ASN B 60 -13.62 34.92 13.83
N VAL B 61 -12.36 34.80 13.40
CA VAL B 61 -11.79 33.50 13.03
C VAL B 61 -10.54 33.31 13.91
N SER B 62 -10.60 33.86 15.11
CA SER B 62 -9.62 33.57 16.15
C SER B 62 -9.87 32.23 16.82
N ASN B 63 -11.01 31.59 16.56
CA ASN B 63 -11.31 30.33 17.23
C ASN B 63 -10.56 29.16 16.57
N ILE B 64 -10.22 29.30 15.29
CA ILE B 64 -9.43 28.29 14.57
C ILE B 64 -8.26 28.99 13.88
N GLN B 65 -7.23 28.21 13.53
CA GLN B 65 -6.10 28.74 12.80
C GLN B 65 -6.24 28.46 11.32
N VAL B 66 -5.99 29.47 10.49
CA VAL B 66 -6.14 29.33 9.05
C VAL B 66 -4.81 29.61 8.38
N SER B 67 -4.37 28.68 7.53
CA SER B 67 -3.14 28.83 6.77
C SER B 67 -3.47 29.28 5.36
N SER B 68 -2.45 29.42 4.53
CA SER B 68 -2.64 29.85 3.16
C SER B 68 -2.84 28.70 2.20
N SER B 69 -2.72 27.45 2.69
CA SER B 69 -2.88 26.28 1.85
C SER B 69 -4.32 25.78 1.81
N ASN B 70 -5.17 26.24 2.73
CA ASN B 70 -6.56 25.82 2.77
C ASN B 70 -7.49 26.99 3.04
N VAL B 71 -6.97 28.22 2.97
CA VAL B 71 -7.78 29.39 3.27
C VAL B 71 -9.00 29.46 2.36
N THR B 72 -8.83 29.11 1.08
CA THR B 72 -9.96 29.14 0.16
C THR B 72 -11.09 28.26 0.65
N ASN B 73 -10.78 27.05 1.11
CA ASN B 73 -11.83 26.16 1.61
C ASN B 73 -12.55 26.77 2.81
N VAL B 74 -11.79 27.26 3.79
CA VAL B 74 -12.42 27.71 5.03
C VAL B 74 -13.26 28.95 4.78
N ILE B 75 -12.75 29.88 3.97
CA ILE B 75 -13.54 31.08 3.67
C ILE B 75 -14.76 30.71 2.84
N SER B 76 -14.64 29.72 1.95
CA SER B 76 -15.81 29.28 1.20
C SER B 76 -16.88 28.75 2.14
N THR B 77 -16.48 27.94 3.12
CA THR B 77 -17.43 27.43 4.10
C THR B 77 -18.05 28.57 4.89
N VAL B 78 -17.22 29.54 5.29
CA VAL B 78 -17.67 30.61 6.15
C VAL B 78 -18.71 31.46 5.43
N VAL B 79 -18.40 31.88 4.20
CA VAL B 79 -19.36 32.66 3.43
C VAL B 79 -20.57 31.81 3.03
N SER B 80 -20.43 30.48 3.02
CA SER B 80 -21.60 29.64 2.80
C SER B 80 -22.51 29.66 4.02
N ASN B 81 -21.93 29.84 5.21
CA ASN B 81 -22.71 29.85 6.44
C ASN B 81 -23.18 31.24 6.85
N ILE B 82 -22.67 32.30 6.22
CA ILE B 82 -23.12 33.65 6.55
C ILE B 82 -24.36 33.99 5.76
N GLN B 83 -25.32 34.65 6.40
CA GLN B 83 -26.51 35.18 5.75
C GLN B 83 -26.63 36.67 6.03
N ILE B 84 -27.14 37.40 5.04
CA ILE B 84 -27.27 38.85 5.11
C ILE B 84 -28.74 39.21 5.03
N ASN B 85 -29.21 39.98 6.01
CA ASN B 85 -30.61 40.34 6.12
C ASN B 85 -30.83 41.79 5.69
N ALA B 86 -31.86 42.00 4.87
CA ALA B 86 -32.31 43.33 4.50
C ALA B 86 -33.68 43.56 5.09
N LYS B 87 -33.87 44.72 5.72
CA LYS B 87 -35.06 44.98 6.49
C LYS B 87 -35.64 46.35 6.14
N THR B 88 -36.96 46.44 6.21
CA THR B 88 -37.67 47.70 6.10
C THR B 88 -38.22 48.11 7.46
N GLU B 89 -38.03 49.39 7.78
CA GLU B 89 -38.37 49.95 9.07
C GLU B 89 -38.70 51.42 8.90
N ASN B 90 -38.77 52.13 10.02
CA ASN B 90 -38.92 53.59 9.99
C ASN B 90 -37.57 54.25 10.23
N ALA B 91 -37.51 55.56 9.96
CA ALA B 91 -36.28 56.32 10.15
C ALA B 91 -36.18 56.91 11.55
N GLN B 92 -37.03 56.45 12.47
CA GLN B 92 -37.04 56.94 13.84
C GLN B 92 -36.99 55.80 14.86
N THR B 93 -37.18 54.56 14.41
CA THR B 93 -37.45 53.45 15.30
C THR B 93 -36.30 52.45 15.25
N GLY B 94 -36.39 51.43 16.10
CA GLY B 94 -35.48 50.30 16.05
C GLY B 94 -36.27 49.00 16.11
N ALA B 95 -37.52 49.06 15.64
CA ALA B 95 -38.44 47.94 15.71
C ALA B 95 -38.54 47.28 14.33
N THR B 96 -38.24 45.98 14.28
CA THR B 96 -38.25 45.26 13.02
C THR B 96 -39.66 45.23 12.42
N THR B 97 -39.78 45.75 11.20
CA THR B 97 -41.07 45.79 10.52
C THR B 97 -41.15 44.82 9.35
N GLY B 98 -40.06 44.58 8.63
CA GLY B 98 -40.04 43.54 7.61
C GLY B 98 -38.63 43.07 7.33
N SER B 99 -38.43 41.75 7.16
CA SER B 99 -37.08 41.22 7.03
C SER B 99 -37.03 40.16 5.94
N VAL B 100 -35.92 40.16 5.19
CA VAL B 100 -35.66 39.16 4.15
C VAL B 100 -34.18 38.77 4.29
N THR B 101 -33.86 37.53 3.90
CA THR B 101 -32.51 37.03 4.03
C THR B 101 -31.95 36.58 2.68
N VAL B 102 -30.66 36.77 2.49
CA VAL B 102 -29.93 36.34 1.30
C VAL B 102 -28.62 35.70 1.75
N ARG B 103 -27.88 35.12 0.81
CA ARG B 103 -26.63 34.45 1.14
C ARG B 103 -25.59 34.77 0.07
N PHE B 104 -24.32 34.77 0.47
CA PHE B 104 -23.24 34.97 -0.49
C PHE B 104 -23.21 33.82 -1.49
N PRO B 105 -22.87 34.10 -2.76
CA PRO B 105 -22.79 33.02 -3.75
C PRO B 105 -21.60 32.10 -3.47
N THR B 106 -21.64 30.93 -4.12
CA THR B 106 -20.51 30.00 -4.08
C THR B 106 -19.64 30.11 -5.32
N SER B 107 -19.95 31.02 -6.23
CA SER B 107 -19.18 31.21 -7.45
C SER B 107 -19.33 32.65 -7.91
N GLY B 108 -18.21 33.36 -8.02
CA GLY B 108 -18.23 34.77 -8.36
C GLY B 108 -18.25 35.69 -7.16
N TYR B 109 -18.19 35.13 -5.95
CA TYR B 109 -18.21 35.90 -4.72
C TYR B 109 -16.80 36.37 -4.38
N ASN B 110 -16.71 37.20 -3.34
CA ASN B 110 -15.44 37.70 -2.82
C ASN B 110 -15.34 37.38 -1.34
N ALA B 111 -14.19 36.90 -0.91
CA ALA B 111 -13.93 36.61 0.49
C ALA B 111 -12.48 36.90 0.81
N TYR B 112 -12.24 37.48 1.98
CA TYR B 112 -10.91 37.87 2.39
C TYR B 112 -10.67 37.43 3.82
N TYR B 113 -9.40 37.28 4.18
CA TYR B 113 -9.02 36.86 5.53
C TYR B 113 -7.82 37.65 5.99
N ASP B 114 -7.92 38.26 7.17
CA ASP B 114 -6.81 38.98 7.78
C ASP B 114 -6.23 38.12 8.91
N SER B 115 -4.95 37.81 8.81
CA SER B 115 -4.29 36.92 9.76
C SER B 115 -3.75 37.65 10.99
N VAL B 116 -3.67 38.97 10.93
CA VAL B 116 -3.26 39.77 12.08
C VAL B 116 -4.46 40.16 12.94
N ASP B 117 -5.48 40.76 12.31
CA ASP B 117 -6.77 40.87 12.95
C ASP B 117 -7.54 39.55 12.89
N LYS B 118 -7.00 38.56 12.19
CA LYS B 118 -7.45 37.16 12.23
C LYS B 118 -8.97 37.02 12.17
N VAL B 119 -9.55 37.63 11.15
CA VAL B 119 -10.99 37.57 10.91
C VAL B 119 -11.22 37.48 9.40
N VAL B 120 -12.32 36.82 9.02
CA VAL B 120 -12.70 36.76 7.60
C VAL B 120 -13.68 37.89 7.31
N PHE B 121 -13.36 38.69 6.30
CA PHE B 121 -14.13 39.87 5.99
C PHE B 121 -14.46 39.93 4.51
N VAL B 122 -15.60 40.54 4.22
CA VAL B 122 -16.11 40.73 2.86
C VAL B 122 -16.70 42.13 2.77
N VAL B 123 -16.44 42.83 1.66
CA VAL B 123 -16.95 44.19 1.45
C VAL B 123 -18.12 44.11 0.48
N VAL B 124 -19.22 44.77 0.83
CA VAL B 124 -20.43 44.83 0.01
C VAL B 124 -20.78 46.28 -0.26
N SER B 125 -21.08 46.60 -1.51
CA SER B 125 -21.49 47.95 -1.91
C SER B 125 -23.00 48.02 -1.96
N PHE B 126 -23.57 48.96 -1.20
CA PHE B 126 -25.03 49.08 -1.11
C PHE B 126 -25.55 50.38 -1.71
N LEU B 127 -25.09 51.52 -1.24
CA LEU B 127 -25.69 52.80 -1.60
C LEU B 127 -25.12 53.35 -2.89
N TYR B 128 -25.71 54.45 -3.35
CA TYR B 128 -25.33 55.14 -4.57
C TYR B 128 -23.90 55.64 -4.46
N PRO B 129 -23.11 55.60 -5.55
CA PRO B 129 -23.44 55.08 -6.88
C PRO B 129 -23.29 53.56 -6.98
N TYR B 130 -22.35 52.97 -6.23
CA TYR B 130 -21.98 51.57 -6.40
C TYR B 130 -22.99 50.69 -5.67
N THR B 131 -23.92 50.11 -6.43
CA THR B 131 -24.88 49.15 -5.89
C THR B 131 -24.73 47.78 -6.52
N THR B 132 -24.65 47.73 -7.85
CA THR B 132 -24.45 46.47 -8.56
C THR B 132 -23.09 46.41 -9.27
N THR B 133 -22.30 47.47 -9.21
CA THR B 133 -21.01 47.53 -9.87
C THR B 133 -19.90 47.43 -8.84
N SER B 134 -18.97 46.52 -9.08
CA SER B 134 -17.84 46.30 -8.17
C SER B 134 -16.92 47.51 -8.18
N VAL B 135 -16.40 47.85 -7.01
CA VAL B 135 -15.48 48.97 -6.84
C VAL B 135 -14.27 48.48 -6.06
N ASN B 136 -13.14 49.15 -6.29
CA ASN B 136 -11.90 48.81 -5.62
C ASN B 136 -11.76 49.61 -4.33
N ILE B 137 -11.55 48.90 -3.23
CA ILE B 137 -11.42 49.48 -1.89
C ILE B 137 -9.94 49.61 -1.59
N PRO B 138 -9.42 50.83 -1.37
CA PRO B 138 -8.01 50.98 -1.03
C PRO B 138 -7.68 50.33 0.29
N LEU B 139 -6.45 49.82 0.40
CA LEU B 139 -5.98 49.18 1.62
C LEU B 139 -5.84 50.18 2.77
N SER B 140 -5.34 51.38 2.49
CA SER B 140 -5.06 52.36 3.54
C SER B 140 -6.32 52.88 4.22
N TYR B 141 -7.43 53.01 3.50
CA TYR B 141 -8.66 53.48 4.12
C TYR B 141 -9.40 52.38 4.85
N LEU B 142 -9.40 51.16 4.31
CA LEU B 142 -9.95 50.02 5.04
C LEU B 142 -9.12 49.67 6.27
N SER B 143 -7.85 50.07 6.31
CA SER B 143 -7.03 49.85 7.49
C SER B 143 -7.52 50.62 8.71
N LYS B 144 -8.35 51.65 8.52
CA LYS B 144 -8.89 52.39 9.65
C LYS B 144 -9.75 51.51 10.54
N TYR B 145 -10.58 50.66 9.93
CA TYR B 145 -11.45 49.75 10.67
C TYR B 145 -10.80 48.41 10.95
N LEU B 146 -9.66 48.11 10.35
CA LEU B 146 -8.93 46.88 10.60
C LEU B 146 -7.44 47.16 10.46
N PRO B 147 -6.76 47.49 11.56
CA PRO B 147 -5.33 47.83 11.47
C PRO B 147 -4.47 46.70 10.94
N GLY B 148 -4.86 45.43 11.17
CA GLY B 148 -4.05 44.30 10.75
C GLY B 148 -3.73 44.26 9.28
N LEU B 149 -4.59 44.82 8.43
CA LEU B 149 -4.31 44.84 7.00
C LEU B 149 -3.05 45.63 6.66
N LEU B 150 -2.58 46.48 7.56
CA LEU B 150 -1.33 47.20 7.33
C LEU B 150 -0.10 46.32 7.50
N THR B 151 -0.15 45.32 8.37
CA THR B 151 1.01 44.47 8.61
C THR B 151 1.04 43.26 7.69
N ALA B 152 -0.05 42.50 7.63
CA ALA B 152 -0.13 41.33 6.76
C ALA B 152 -1.20 41.59 5.71
N GLN B 153 -0.82 41.41 4.45
CA GLN B 153 -1.74 41.64 3.35
C GLN B 153 -2.86 40.60 3.42
N PRO B 154 -4.12 41.03 3.51
CA PRO B 154 -5.22 40.06 3.64
C PRO B 154 -5.29 39.11 2.45
N TYR B 155 -5.59 37.85 2.75
CA TYR B 155 -5.67 36.81 1.74
C TYR B 155 -6.92 36.97 0.90
N ASP B 156 -6.90 36.40 -0.29
CA ASP B 156 -8.07 36.36 -1.16
C ASP B 156 -8.31 34.92 -1.60
N GLU B 157 -9.24 34.74 -2.53
CA GLU B 157 -9.48 33.43 -3.10
C GLU B 157 -8.28 32.97 -3.90
N THR B 158 -8.20 31.65 -4.14
CA THR B 158 -7.09 30.99 -4.82
C THR B 158 -5.78 31.14 -4.06
N GLY B 159 -5.84 31.52 -2.77
CA GLY B 159 -4.65 31.61 -1.95
C GLY B 159 -3.73 32.76 -2.29
N ALA B 160 -4.24 33.77 -2.99
CA ALA B 160 -3.41 34.89 -3.43
C ALA B 160 -3.66 36.10 -2.53
N GLN B 161 -2.57 36.73 -2.09
CA GLN B 161 -2.66 37.94 -1.30
C GLN B 161 -2.82 39.15 -2.21
N VAL B 162 -3.97 39.81 -2.13
CA VAL B 162 -4.29 40.93 -2.99
C VAL B 162 -4.10 42.23 -2.21
N THR B 163 -3.61 43.25 -2.89
CA THR B 163 -3.29 44.53 -2.26
C THR B 163 -4.49 45.47 -2.17
N SER B 164 -5.57 45.18 -2.89
CA SER B 164 -6.77 46.00 -2.83
C SER B 164 -7.97 45.07 -2.73
N VAL B 165 -9.06 45.59 -2.16
CA VAL B 165 -10.26 44.80 -1.91
C VAL B 165 -11.25 45.02 -3.05
N SER B 166 -11.90 43.94 -3.48
CA SER B 166 -12.94 44.02 -4.48
C SER B 166 -14.29 43.81 -3.80
N SER B 167 -15.16 44.80 -3.92
CA SER B 167 -16.45 44.75 -3.26
C SER B 167 -17.36 43.73 -3.95
N THR B 168 -18.10 42.99 -3.14
CA THR B 168 -19.11 42.08 -3.67
C THR B 168 -20.36 42.88 -4.01
N PRO B 169 -20.79 42.90 -5.28
CA PRO B 169 -21.99 43.68 -5.63
C PRO B 169 -23.22 43.14 -4.91
N PHE B 170 -24.09 44.07 -4.50
CA PHE B 170 -25.31 43.66 -3.81
C PHE B 170 -26.22 42.85 -4.72
N GLY B 171 -26.31 43.24 -5.99
CA GLY B 171 -27.15 42.53 -6.95
C GLY B 171 -26.66 41.13 -7.30
N SER B 172 -25.42 40.79 -6.97
CA SER B 172 -24.88 39.47 -7.24
C SER B 172 -25.18 38.45 -6.15
N LEU B 173 -25.73 38.88 -5.02
CA LEU B 173 -26.02 37.96 -3.93
C LEU B 173 -27.13 36.99 -4.33
N ILE B 174 -27.05 35.77 -3.81
CA ILE B 174 -27.98 34.71 -4.14
C ILE B 174 -29.02 34.60 -3.03
N ASP B 175 -30.30 34.58 -3.41
CA ASP B 175 -31.37 34.43 -2.44
C ASP B 175 -31.31 33.06 -1.79
N THR B 176 -31.51 33.03 -0.47
CA THR B 176 -31.50 31.77 0.28
C THR B 176 -32.79 30.99 0.09
N SER B 177 -33.92 31.69 -0.02
CA SER B 177 -35.21 31.02 -0.13
C SER B 177 -35.57 30.72 -1.58
N THR B 178 -34.75 31.18 -2.53
CA THR B 178 -35.02 30.95 -3.94
C THR B 178 -33.90 30.20 -4.64
N GLY B 179 -32.66 30.36 -4.19
CA GLY B 179 -31.53 29.75 -4.86
C GLY B 179 -31.04 30.48 -6.08
N GLN B 180 -31.49 31.71 -6.30
CA GLN B 180 -31.12 32.50 -7.46
C GLN B 180 -30.56 33.84 -7.01
N GLN B 181 -29.74 34.44 -7.87
CA GLN B 181 -29.23 35.77 -7.61
C GLN B 181 -30.38 36.77 -7.59
N ILE B 182 -30.27 37.78 -6.72
CA ILE B 182 -31.34 38.76 -6.60
C ILE B 182 -31.44 39.56 -7.89
N LEU B 183 -32.66 40.05 -8.18
CA LEU B 183 -32.90 40.79 -9.41
C LEU B 183 -32.25 42.16 -9.34
N GLY B 184 -32.32 42.87 -10.48
CA GLY B 184 -31.84 44.24 -10.52
C GLY B 184 -32.88 45.27 -10.17
N THR B 185 -34.15 44.88 -10.11
CA THR B 185 -35.24 45.79 -9.79
C THR B 185 -35.88 45.51 -8.44
N ASN B 186 -35.21 44.73 -7.58
CA ASN B 186 -35.75 44.45 -6.26
C ASN B 186 -35.81 45.73 -5.43
N PRO B 187 -36.83 45.90 -4.59
CA PRO B 187 -37.06 47.22 -3.97
C PRO B 187 -35.92 47.71 -3.11
N VAL B 188 -35.25 46.82 -2.37
CA VAL B 188 -34.21 47.28 -1.45
C VAL B 188 -32.99 47.77 -2.22
N LEU B 189 -32.75 47.22 -3.41
CA LEU B 189 -31.62 47.67 -4.22
C LEU B 189 -31.84 49.11 -4.69
N THR B 190 -33.02 49.40 -5.24
CA THR B 190 -33.33 50.76 -5.65
C THR B 190 -33.38 51.70 -4.46
N SER B 191 -33.85 51.19 -3.31
CA SER B 191 -33.83 51.99 -2.09
C SER B 191 -32.41 52.37 -1.70
N TYR B 192 -31.47 51.43 -1.81
CA TYR B 192 -30.08 51.74 -1.52
C TYR B 192 -29.51 52.71 -2.53
N ASN B 193 -29.87 52.55 -3.82
CA ASN B 193 -29.37 53.41 -4.88
C ASN B 193 -29.92 54.83 -4.81
N SER B 194 -31.08 55.04 -4.16
CA SER B 194 -31.62 56.38 -4.00
C SER B 194 -31.90 56.75 -2.56
N TYR B 195 -31.17 56.14 -1.60
CA TYR B 195 -31.44 56.27 -0.17
C TYR B 195 -31.86 57.67 0.26
N THR B 196 -31.16 58.71 -0.17
CA THR B 196 -31.48 60.06 0.27
C THR B 196 -32.94 60.41 -0.04
N THR B 197 -33.27 60.47 -1.33
CA THR B 197 -34.63 60.81 -1.73
C THR B 197 -35.66 59.79 -1.27
N GLN B 198 -35.30 58.50 -1.30
CA GLN B 198 -36.26 57.46 -0.91
C GLN B 198 -36.68 57.61 0.54
N ALA B 199 -35.72 57.70 1.46
CA ALA B 199 -36.05 57.84 2.87
C ALA B 199 -36.68 59.20 3.16
N ASN B 200 -36.30 60.22 2.39
CA ASN B 200 -36.89 61.54 2.59
C ASN B 200 -38.35 61.56 2.20
N THR B 201 -38.72 60.85 1.12
CA THR B 201 -40.09 60.94 0.62
C THR B 201 -41.00 59.91 1.27
N ASN B 202 -40.68 58.61 1.18
CA ASN B 202 -41.61 57.57 1.59
C ASN B 202 -41.39 57.13 3.04
N MET B 203 -40.48 57.80 3.77
CA MET B 203 -40.21 57.57 5.20
C MET B 203 -39.99 56.09 5.52
N GLN B 204 -39.65 55.29 4.52
CA GLN B 204 -39.27 53.90 4.75
C GLN B 204 -37.75 53.78 4.75
N GLU B 205 -37.24 52.98 5.67
CA GLU B 205 -35.80 52.86 5.91
C GLU B 205 -35.33 51.45 5.62
N GLY B 206 -34.25 51.33 4.85
CA GLY B 206 -33.64 50.05 4.57
C GLY B 206 -32.40 49.84 5.44
N VAL B 207 -32.47 48.82 6.29
CA VAL B 207 -31.42 48.51 7.26
C VAL B 207 -30.92 47.10 7.00
N VAL B 208 -29.61 46.94 6.89
CA VAL B 208 -28.99 45.66 6.62
C VAL B 208 -28.48 45.09 7.94
N SER B 209 -28.26 43.79 7.99
CA SER B 209 -27.69 43.12 9.14
C SER B 209 -27.06 41.80 8.69
N GLY B 210 -26.37 41.13 9.60
CA GLY B 210 -25.74 39.86 9.27
C GLY B 210 -25.99 38.83 10.35
N THR B 211 -25.86 37.57 9.95
CA THR B 211 -26.01 36.45 10.88
C THR B 211 -25.15 35.31 10.39
N LEU B 212 -24.79 34.41 11.33
CA LEU B 212 -23.96 33.26 11.04
C LEU B 212 -24.69 32.02 11.53
N THR B 213 -25.11 31.17 10.58
CA THR B 213 -25.73 29.91 10.94
C THR B 213 -24.73 29.07 11.73
N SER B 214 -25.17 28.52 12.87
CA SER B 214 -24.27 27.75 13.73
C SER B 214 -23.72 26.55 12.99
N PHE B 215 -22.40 26.40 13.05
CA PHE B 215 -21.75 25.27 12.39
C PHE B 215 -20.47 24.93 13.14
N THR B 216 -20.00 23.70 12.94
CA THR B 216 -18.82 23.19 13.62
C THR B 216 -17.71 22.96 12.60
N LEU B 217 -16.55 23.55 12.88
CA LEU B 217 -15.36 23.38 12.05
C LEU B 217 -14.15 23.42 12.95
N GLY B 218 -13.16 22.57 12.66
CA GLY B 218 -11.98 22.47 13.50
C GLY B 218 -12.27 22.07 14.93
N GLY B 219 -13.40 21.42 15.19
CA GLY B 219 -13.79 21.09 16.54
C GLY B 219 -14.37 22.25 17.33
N GLN B 220 -14.69 23.36 16.67
CA GLN B 220 -15.19 24.55 17.35
C GLN B 220 -16.42 25.07 16.63
N SER B 221 -17.30 25.71 17.40
CA SER B 221 -18.59 26.16 16.91
C SER B 221 -18.57 27.64 16.56
N PHE B 222 -19.39 28.01 15.58
CA PHE B 222 -19.53 29.40 15.16
C PHE B 222 -21.01 29.72 15.00
N SER B 223 -21.43 30.85 15.58
CA SER B 223 -22.79 31.35 15.51
C SER B 223 -22.86 32.75 16.12
N GLY B 224 -23.78 33.58 15.65
CA GLY B 224 -23.93 34.90 16.22
C GLY B 224 -24.74 35.81 15.32
N SER B 225 -24.90 37.05 15.80
CA SER B 225 -25.64 38.07 15.07
C SER B 225 -25.00 39.42 15.36
N THR B 226 -25.21 40.37 14.45
CA THR B 226 -24.57 41.68 14.57
C THR B 226 -25.44 42.63 15.40
N VAL B 227 -24.85 43.23 16.42
CA VAL B 227 -25.44 44.44 17.00
C VAL B 227 -25.53 45.48 15.90
N PRO B 228 -26.66 46.17 15.73
CA PRO B 228 -26.83 47.01 14.54
C PRO B 228 -25.75 48.08 14.45
N VAL B 229 -24.83 47.85 13.52
CA VAL B 229 -23.65 48.67 13.29
C VAL B 229 -23.53 48.89 11.79
N ILE B 230 -24.68 48.96 11.12
CA ILE B 230 -24.73 48.77 9.68
C ILE B 230 -24.87 50.11 8.97
N LEU B 231 -24.83 50.09 7.64
CA LEU B 231 -24.64 51.24 6.76
C LEU B 231 -25.20 52.55 7.32
N TYR B 232 -26.47 52.61 7.71
CA TYR B 232 -26.96 53.72 8.53
C TYR B 232 -28.28 53.36 9.19
N ALA B 233 -28.27 53.23 10.51
CA ALA B 233 -29.48 53.03 11.30
C ALA B 233 -30.00 54.39 11.75
N PRO B 234 -31.27 54.49 12.14
CA PRO B 234 -31.80 55.80 12.55
C PRO B 234 -31.06 56.38 13.75
N PHE B 235 -31.16 57.70 13.89
CA PHE B 235 -30.41 58.44 14.90
C PHE B 235 -31.08 58.29 16.25
N ILE B 236 -30.76 57.22 16.96
CA ILE B 236 -31.27 56.96 18.30
C ILE B 236 -30.13 56.42 19.16
N PHE B 237 -30.38 56.28 20.46
CA PHE B 237 -29.45 55.60 21.35
C PHE B 237 -29.62 54.11 21.13
N SER B 238 -28.50 53.41 20.93
CA SER B 238 -28.55 52.00 20.59
C SER B 238 -29.10 51.19 21.76
N ASN B 239 -30.26 50.57 21.55
CA ASN B 239 -30.80 49.64 22.53
C ASN B 239 -31.11 48.28 21.92
N SER B 240 -30.09 47.44 21.71
CA SER B 240 -30.24 46.05 21.31
C SER B 240 -28.88 45.35 21.37
N PRO B 241 -28.78 44.19 22.03
CA PRO B 241 -29.79 43.56 22.88
C PRO B 241 -29.68 44.13 24.29
N TYR B 242 -29.10 45.33 24.39
CA TYR B 242 -28.86 45.97 25.67
C TYR B 242 -30.17 46.18 26.42
N GLN B 243 -30.12 45.92 27.73
CA GLN B 243 -31.27 46.08 28.59
C GLN B 243 -31.38 47.48 29.17
N ALA B 244 -30.39 48.33 28.93
CA ALA B 244 -30.44 49.72 29.40
C ALA B 244 -30.22 50.72 28.27
N GLY B 245 -29.33 50.41 27.33
CA GLY B 245 -29.00 51.33 26.27
C GLY B 245 -27.81 52.22 26.60
N LEU B 246 -27.88 52.98 27.68
CA LEU B 246 -26.75 53.72 28.18
C LEU B 246 -26.11 52.99 29.35
N TYR B 247 -24.78 53.00 29.37
CA TYR B 247 -24.01 52.10 30.22
C TYR B 247 -22.57 52.57 30.28
N ASN B 248 -21.87 52.18 31.34
CA ASN B 248 -20.48 52.52 31.52
C ASN B 248 -19.69 51.29 31.93
N PRO B 249 -18.62 50.93 31.21
CA PRO B 249 -17.89 49.69 31.55
C PRO B 249 -17.33 49.66 32.96
N MET B 250 -16.84 50.80 33.46
CA MET B 250 -16.25 50.83 34.80
C MET B 250 -17.31 50.60 35.88
N GLN B 251 -18.59 50.74 35.52
CA GLN B 251 -19.66 50.33 36.42
C GLN B 251 -19.74 48.81 36.53
N VAL B 252 -19.53 48.11 35.41
CA VAL B 252 -19.60 46.65 35.41
C VAL B 252 -18.52 46.07 36.31
N ASN B 253 -17.30 46.62 36.24
CA ASN B 253 -16.18 46.11 37.02
C ASN B 253 -16.13 46.70 38.41
N GLY B 254 -17.25 46.71 39.12
CA GLY B 254 -17.32 47.39 40.41
C GLY B 254 -17.40 46.43 41.59
N ASN B 255 -16.98 46.92 42.75
CA ASN B 255 -17.04 46.16 43.99
C ASN B 255 -18.36 46.39 44.71
N LEU B 256 -19.46 45.89 44.14
CA LEU B 256 -20.78 46.11 44.70
C LEU B 256 -20.99 45.23 45.92
N GLY B 257 -20.74 45.79 47.11
CA GLY B 257 -20.81 45.04 48.34
C GLY B 257 -22.17 44.46 48.68
N SER B 258 -23.22 45.27 48.58
CA SER B 258 -24.56 44.80 48.93
C SER B 258 -25.58 45.24 47.89
N LEU B 259 -25.11 45.78 46.77
CA LEU B 259 -25.98 46.20 45.68
C LEU B 259 -25.92 45.22 44.51
N SER B 260 -25.83 43.92 44.82
CA SER B 260 -25.64 42.89 43.82
C SER B 260 -26.96 42.42 43.22
N SER B 261 -28.07 43.00 43.66
CA SER B 261 -29.39 42.66 43.12
C SER B 261 -29.76 43.57 41.96
N GLU B 262 -28.90 44.52 41.63
CA GLU B 262 -29.16 45.47 40.56
C GLU B 262 -27.90 45.75 39.75
N ALA B 263 -27.02 44.75 39.62
CA ALA B 263 -25.74 44.93 38.96
C ALA B 263 -25.91 45.35 37.50
N TYR B 264 -26.51 44.49 36.68
CA TYR B 264 -26.81 44.84 35.30
C TYR B 264 -28.21 45.42 35.13
N TYR B 265 -28.98 45.54 36.22
CA TYR B 265 -30.36 45.99 36.14
C TYR B 265 -30.41 47.49 36.30
N HIS B 266 -29.38 48.09 36.92
CA HIS B 266 -29.43 49.47 37.36
C HIS B 266 -28.26 50.24 36.78
N PRO B 267 -28.45 50.96 35.66
CA PRO B 267 -27.35 51.68 35.01
C PRO B 267 -26.96 52.95 35.75
N VAL B 268 -26.08 52.81 36.75
CA VAL B 268 -25.73 53.91 37.64
C VAL B 268 -24.48 54.61 37.14
N ILE B 269 -24.37 55.91 37.45
CA ILE B 269 -23.18 56.70 37.17
C ILE B 269 -22.89 57.56 38.39
N TRP B 270 -21.66 58.05 38.46
CA TRP B 270 -21.18 58.74 39.66
C TRP B 270 -20.84 60.19 39.37
N GLY B 271 -21.28 61.08 40.27
CA GLY B 271 -20.85 62.46 40.30
C GLY B 271 -20.80 63.17 38.96
N ARG B 272 -19.61 63.57 38.54
CA ARG B 272 -19.40 64.19 37.23
C ARG B 272 -18.78 63.23 36.22
N ALA B 273 -18.71 61.94 36.54
CA ALA B 273 -18.05 60.98 35.68
C ALA B 273 -18.80 60.81 34.37
N LEU B 274 -18.12 60.23 33.39
CA LEU B 274 -18.64 60.09 32.04
C LEU B 274 -19.37 58.76 31.90
N ILE B 275 -20.48 58.78 31.16
CA ILE B 275 -21.21 57.56 30.80
C ILE B 275 -21.21 57.45 29.29
N ASN B 276 -20.92 56.25 28.79
CA ASN B 276 -20.72 56.06 27.36
C ASN B 276 -22.05 55.91 26.62
N THR B 277 -22.07 56.38 25.38
CA THR B 277 -23.18 56.21 24.46
C THR B 277 -22.64 56.02 23.06
N THR B 278 -23.45 55.42 22.20
CA THR B 278 -23.09 55.13 20.81
C THR B 278 -24.26 55.59 19.93
N LEU B 279 -24.12 56.76 19.32
CA LEU B 279 -25.17 57.29 18.46
C LEU B 279 -24.96 56.82 17.03
N ILE B 280 -25.98 56.22 16.43
CA ILE B 280 -25.88 55.81 15.04
C ILE B 280 -26.37 56.95 14.15
N ASP B 281 -25.45 57.52 13.38
CA ASP B 281 -25.78 58.71 12.58
C ASP B 281 -24.83 58.79 11.39
N THR B 282 -25.38 58.63 10.19
CA THR B 282 -24.58 58.75 8.97
C THR B 282 -25.30 59.58 7.92
N TYR B 283 -25.78 60.76 8.28
CA TYR B 283 -26.38 61.68 7.30
C TYR B 283 -25.40 62.75 6.86
N ALA B 284 -24.15 62.65 7.29
CA ALA B 284 -23.12 63.61 6.89
C ALA B 284 -21.78 62.90 6.82
N SER B 285 -20.80 63.56 6.20
CA SER B 285 -19.46 63.02 6.06
C SER B 285 -18.50 63.88 6.88
N GLY B 286 -17.53 63.22 7.52
CA GLY B 286 -16.56 63.92 8.35
C GLY B 286 -16.93 63.86 9.82
N SER B 287 -16.68 64.95 10.53
CA SER B 287 -16.97 65.04 11.95
C SER B 287 -18.38 65.56 12.17
N VAL B 288 -19.06 65.00 13.17
CA VAL B 288 -20.45 65.38 13.43
C VAL B 288 -20.57 65.91 14.86
N PRO B 289 -20.84 67.20 15.04
CA PRO B 289 -21.29 67.68 16.36
C PRO B 289 -22.61 67.02 16.75
N PHE B 290 -22.75 66.73 18.04
CA PHE B 290 -23.96 66.16 18.60
C PHE B 290 -24.32 66.92 19.87
N THR B 291 -25.59 67.26 20.02
CA THR B 291 -26.08 67.93 21.21
C THR B 291 -26.79 66.93 22.12
N PHE B 292 -26.70 67.15 23.42
CA PHE B 292 -27.31 66.28 24.40
C PHE B 292 -28.13 67.11 25.38
N GLN B 293 -29.29 66.59 25.73
CA GLN B 293 -30.16 67.19 26.74
C GLN B 293 -30.41 66.18 27.84
N LEU B 294 -30.18 66.61 29.09
CA LEU B 294 -30.25 65.73 30.26
C LEU B 294 -31.34 66.24 31.18
N ASN B 295 -32.24 65.35 31.59
CA ASN B 295 -33.35 65.66 32.48
C ASN B 295 -33.13 64.92 33.79
N TYR B 296 -32.98 65.67 34.88
CA TYR B 296 -32.75 65.11 36.20
C TYR B 296 -34.02 65.19 37.05
N SER B 297 -34.37 64.07 37.67
CA SER B 297 -35.52 64.00 38.56
C SER B 297 -35.10 63.32 39.85
N VAL B 298 -35.79 63.65 40.95
CA VAL B 298 -35.45 63.14 42.27
C VAL B 298 -36.72 62.69 42.99
N PRO B 299 -36.72 61.51 43.61
CA PRO B 299 -37.91 61.07 44.36
C PRO B 299 -38.06 61.76 45.70
N GLY B 300 -38.61 62.97 45.68
CA GLY B 300 -38.85 63.73 46.88
C GLY B 300 -39.33 65.14 46.61
N PRO B 301 -40.32 65.60 47.37
CA PRO B 301 -40.85 66.96 47.16
C PRO B 301 -39.90 67.99 47.75
N LEU B 302 -39.37 68.85 46.87
CA LEU B 302 -38.22 69.66 47.23
C LEU B 302 -38.64 70.86 48.06
N THR B 303 -38.21 70.87 49.32
CA THR B 303 -38.49 71.99 50.21
C THR B 303 -37.45 73.08 49.95
N ILE B 304 -37.88 74.15 49.30
CA ILE B 304 -36.99 75.23 48.89
C ILE B 304 -37.23 76.43 49.79
N ASN B 305 -36.14 76.98 50.31
CA ASN B 305 -36.11 78.29 50.94
C ASN B 305 -35.63 79.30 49.90
N MET B 306 -36.42 80.35 49.70
CA MET B 306 -36.18 81.29 48.61
C MET B 306 -36.38 82.72 49.12
N ALA B 307 -35.47 83.61 48.73
CA ALA B 307 -35.50 84.99 49.18
C ALA B 307 -36.31 85.85 48.23
N GLN B 308 -36.86 86.95 48.77
CA GLN B 308 -37.61 87.89 47.97
C GLN B 308 -36.64 88.90 47.37
N LEU B 309 -36.28 88.70 46.10
CA LEU B 309 -35.40 89.63 45.41
C LEU B 309 -36.08 90.97 45.19
N ALA B 310 -37.41 90.97 45.05
CA ALA B 310 -38.16 92.19 44.83
C ALA B 310 -39.61 91.99 45.25
N TRP B 311 -40.23 93.09 45.68
CA TRP B 311 -41.65 93.15 45.94
C TRP B 311 -42.26 94.28 45.14
N ILE B 312 -43.25 93.97 44.31
CA ILE B 312 -43.92 94.95 43.47
C ILE B 312 -45.40 94.94 43.83
N ALA B 313 -45.93 96.11 44.19
CA ALA B 313 -47.33 96.25 44.55
C ALA B 313 -47.72 97.71 44.45
N SER B 314 -49.03 97.95 44.39
CA SER B 314 -49.54 99.31 44.33
C SER B 314 -49.37 99.99 45.69
N ILE B 315 -49.50 101.33 45.68
CA ILE B 315 -49.29 102.09 46.91
C ILE B 315 -50.36 101.76 47.93
N ASN B 316 -51.60 101.51 47.50
CA ASN B 316 -52.64 101.10 48.41
C ASN B 316 -52.51 99.63 48.82
N ASN B 317 -52.06 98.77 47.90
CA ASN B 317 -51.87 97.36 48.21
C ASN B 317 -50.76 97.14 49.22
N LEU B 318 -49.74 98.00 49.23
CA LEU B 318 -48.67 97.89 50.22
C LEU B 318 -49.19 98.30 51.59
N PRO B 319 -48.67 97.72 52.66
CA PRO B 319 -49.09 98.15 54.01
C PRO B 319 -48.67 99.58 54.30
N THR B 320 -49.41 100.23 55.18
CA THR B 320 -49.13 101.61 55.55
C THR B 320 -47.75 101.75 56.22
N SER B 321 -47.33 100.74 56.97
CA SER B 321 -46.03 100.81 57.64
C SER B 321 -45.51 99.40 57.90
N PHE B 322 -44.20 99.23 57.72
CA PHE B 322 -43.52 97.98 58.00
C PHE B 322 -42.02 98.25 58.08
N THR B 323 -41.27 97.23 58.48
CA THR B 323 -39.82 97.30 58.59
C THR B 323 -39.19 96.47 57.48
N TYR B 324 -38.20 97.05 56.80
CA TYR B 324 -37.60 96.38 55.65
C TYR B 324 -36.14 96.78 55.53
N LEU B 325 -35.34 95.86 55.02
CA LEU B 325 -33.95 96.13 54.67
C LEU B 325 -33.54 95.16 53.57
N SER B 326 -32.81 95.65 52.57
CA SER B 326 -32.48 94.83 51.42
C SER B 326 -31.58 93.67 51.79
N TYR B 327 -31.71 92.58 51.05
CA TYR B 327 -30.89 91.39 51.22
C TYR B 327 -29.78 91.40 50.18
N LYS B 328 -28.54 91.44 50.64
CA LYS B 328 -27.41 91.45 49.72
C LYS B 328 -27.30 90.11 49.00
N PHE B 329 -26.90 90.16 47.74
CA PHE B 329 -26.87 88.99 46.89
C PHE B 329 -25.42 88.64 46.55
N SER B 330 -25.27 87.57 45.76
CA SER B 330 -23.94 86.99 45.53
C SER B 330 -23.29 87.58 44.29
N ASN B 331 -23.91 88.61 43.70
CA ASN B 331 -23.36 89.25 42.53
C ASN B 331 -23.48 90.78 42.57
N GLY B 332 -23.68 91.34 43.76
CA GLY B 332 -23.81 92.77 43.91
C GLY B 332 -25.22 93.31 43.80
N TYR B 333 -26.19 92.46 43.46
CA TYR B 333 -27.57 92.89 43.36
C TYR B 333 -28.15 93.04 44.78
N GLU B 334 -29.25 93.80 44.85
CA GLU B 334 -29.90 94.07 46.13
C GLU B 334 -31.39 93.87 45.99
N SER B 335 -32.03 93.55 47.12
CA SER B 335 -33.48 93.50 47.17
C SER B 335 -34.06 94.90 47.09
N PHE B 336 -35.16 95.03 46.35
CA PHE B 336 -35.76 96.33 46.13
C PHE B 336 -37.29 96.19 46.16
N LEU B 337 -37.94 97.33 46.35
CA LEU B 337 -39.40 97.43 46.42
C LEU B 337 -39.90 98.20 45.22
N GLY B 338 -40.98 97.73 44.62
CA GLY B 338 -41.60 98.41 43.50
C GLY B 338 -42.94 99.01 43.84
N ILE B 339 -42.99 100.34 43.90
CA ILE B 339 -44.22 101.05 44.21
C ILE B 339 -44.87 101.52 42.92
N ILE B 340 -46.12 101.13 42.70
CA ILE B 340 -46.89 101.52 41.52
C ILE B 340 -47.95 102.51 41.96
N SER B 341 -47.94 103.70 41.35
CA SER B 341 -48.83 104.76 41.77
C SER B 341 -49.29 105.56 40.56
N ASN B 342 -50.47 106.17 40.68
CA ASN B 342 -50.92 107.12 39.66
C ASN B 342 -50.19 108.45 39.78
N SER B 343 -49.63 108.74 40.95
CA SER B 343 -48.88 109.98 41.14
C SER B 343 -47.65 110.00 40.25
N THR B 344 -47.32 111.20 39.77
CA THR B 344 -46.15 111.38 38.91
C THR B 344 -44.85 111.25 39.69
N GLN B 345 -44.90 111.37 41.02
CA GLN B 345 -43.71 111.30 41.86
C GLN B 345 -44.08 110.74 43.22
N LEU B 346 -43.07 110.30 43.96
CA LEU B 346 -43.25 109.98 45.37
C LEU B 346 -42.63 111.08 46.24
N THR B 347 -43.32 111.40 47.33
CA THR B 347 -42.86 112.44 48.23
C THR B 347 -42.68 111.86 49.64
N ALA B 348 -41.54 112.16 50.24
CA ALA B 348 -41.28 111.76 51.63
C ALA B 348 -40.79 112.95 52.43
N GLY B 349 -41.37 114.13 52.16
CA GLY B 349 -40.90 115.36 52.78
C GLY B 349 -39.91 116.08 51.88
N ALA B 350 -38.64 116.11 52.30
CA ALA B 350 -37.61 116.73 51.48
C ALA B 350 -37.17 115.82 50.34
N LEU B 351 -37.49 114.54 50.40
CA LEU B 351 -37.07 113.60 49.38
C LEU B 351 -38.17 113.39 48.34
N THR B 352 -37.77 113.36 47.08
CA THR B 352 -38.68 113.13 45.97
C THR B 352 -38.15 111.99 45.11
N ILE B 353 -39.06 111.16 44.63
CA ILE B 353 -38.73 109.99 43.83
C ILE B 353 -39.30 110.18 42.43
N ASN B 354 -38.41 110.11 41.43
CA ASN B 354 -38.68 110.39 40.03
C ASN B 354 -39.07 109.11 39.30
N PRO B 355 -39.62 109.20 38.09
CA PRO B 355 -40.06 107.99 37.39
C PRO B 355 -38.92 107.04 37.05
N SER B 356 -38.92 105.88 37.73
CA SER B 356 -38.09 104.76 37.30
C SER B 356 -38.65 104.15 36.02
N GLY B 357 -39.98 104.02 35.95
CA GLY B 357 -40.63 103.58 34.73
C GLY B 357 -42.10 103.97 34.77
N ASN B 358 -42.74 103.85 33.62
CA ASN B 358 -44.17 104.16 33.55
C ASN B 358 -44.79 103.37 32.41
N PHE B 359 -46.11 103.19 32.51
CA PHE B 359 -46.86 102.49 31.47
C PHE B 359 -48.27 103.04 31.42
N THR B 360 -49.01 102.60 30.40
CA THR B 360 -50.37 103.07 30.18
C THR B 360 -51.27 101.90 29.83
N ILE B 361 -52.47 101.89 30.41
CA ILE B 361 -53.50 100.91 30.12
C ILE B 361 -54.81 101.65 29.91
N ASN B 362 -55.40 101.49 28.72
CA ASN B 362 -56.67 102.11 28.36
C ASN B 362 -56.64 103.62 28.57
N GLY B 363 -55.47 104.22 28.35
CA GLY B 363 -55.30 105.65 28.53
C GLY B 363 -54.87 106.09 29.91
N LYS B 364 -55.04 105.24 30.92
CA LYS B 364 -54.62 105.59 32.27
C LYS B 364 -53.15 105.30 32.47
N LYS B 365 -52.45 106.23 33.12
CA LYS B 365 -51.00 106.15 33.28
C LYS B 365 -50.65 105.73 34.70
N PHE B 366 -49.65 104.87 34.81
CA PHE B 366 -49.15 104.41 36.09
C PHE B 366 -47.62 104.49 36.08
N TYR B 367 -47.07 104.76 37.26
CA TYR B 367 -45.63 104.91 37.45
C TYR B 367 -45.12 103.83 38.39
N VAL B 368 -44.07 103.14 37.98
CA VAL B 368 -43.43 102.09 38.76
C VAL B 368 -42.08 102.62 39.22
N TYR B 369 -41.87 102.62 40.53
CA TYR B 369 -40.66 103.17 41.13
C TYR B 369 -39.94 102.04 41.87
N LEU B 370 -38.68 101.83 41.55
CA LEU B 370 -37.90 100.72 42.09
C LEU B 370 -36.85 101.27 43.04
N LEU B 371 -36.96 100.92 44.32
CA LEU B 371 -36.14 101.54 45.36
C LEU B 371 -35.46 100.45 46.19
N VAL B 372 -34.15 100.59 46.41
CA VAL B 372 -33.40 99.65 47.25
C VAL B 372 -33.32 100.22 48.66
N VAL B 373 -33.76 99.44 49.64
CA VAL B 373 -33.69 99.84 51.04
C VAL B 373 -32.28 99.57 51.54
N GLY B 374 -31.50 100.64 51.72
CA GLY B 374 -30.11 100.48 52.11
C GLY B 374 -29.65 101.48 53.15
N SER B 375 -28.37 101.86 53.07
CA SER B 375 -27.77 102.75 54.06
C SER B 375 -27.90 104.23 53.69
N THR B 376 -28.49 104.54 52.54
CA THR B 376 -28.65 105.94 52.14
C THR B 376 -29.71 106.02 51.06
N ASN B 377 -30.18 107.24 50.81
CA ASN B 377 -31.09 107.52 49.71
C ASN B 377 -30.29 108.00 48.50
N SER B 378 -30.42 107.29 47.39
CA SER B 378 -29.65 107.57 46.19
C SER B 378 -30.59 107.90 45.04
N THR B 379 -30.34 109.03 44.38
CA THR B 379 -31.06 109.39 43.17
C THR B 379 -30.60 108.62 41.95
N THR B 380 -29.31 108.31 41.85
CA THR B 380 -28.70 107.62 40.72
C THR B 380 -29.19 106.18 40.64
N PRO B 381 -29.23 105.59 39.44
CA PRO B 381 -29.56 104.17 39.33
C PRO B 381 -28.52 103.30 40.01
N VAL B 382 -28.97 102.46 40.93
CA VAL B 382 -28.04 101.59 41.64
C VAL B 382 -27.97 100.21 40.98
N GLU B 383 -29.10 99.74 40.47
CA GLU B 383 -29.11 98.53 39.64
C GLU B 383 -30.14 98.74 38.53
N TYR B 384 -30.35 97.71 37.72
CA TYR B 384 -31.27 97.83 36.59
C TYR B 384 -32.05 96.55 36.42
N VAL B 385 -33.26 96.69 35.88
CA VAL B 385 -33.99 95.57 35.30
C VAL B 385 -34.06 95.80 33.79
N THR B 386 -33.54 94.85 33.03
CA THR B 386 -33.35 95.03 31.60
C THR B 386 -34.58 94.60 30.83
N LYS B 387 -35.47 93.83 31.46
CA LYS B 387 -36.73 93.45 30.85
C LYS B 387 -37.69 92.94 31.92
N LEU B 388 -38.77 93.69 32.12
CA LEU B 388 -39.81 93.28 33.04
C LEU B 388 -41.18 93.51 32.41
N VAL B 389 -42.01 92.48 32.40
CA VAL B 389 -43.31 92.52 31.76
C VAL B 389 -44.39 92.54 32.84
N VAL B 390 -45.23 93.57 32.80
CA VAL B 390 -46.37 93.69 33.71
C VAL B 390 -47.61 93.22 32.97
N GLU B 391 -48.39 92.38 33.63
CA GLU B 391 -49.59 91.80 33.04
C GLU B 391 -50.84 92.44 33.63
N TYR B 392 -51.87 92.56 32.80
CA TYR B 392 -53.15 93.10 33.25
C TYR B 392 -54.26 92.42 32.47
N PRO B 393 -55.42 92.18 33.08
CA PRO B 393 -56.53 91.58 32.34
C PRO B 393 -57.08 92.55 31.31
N SER B 394 -57.64 91.99 30.23
CA SER B 394 -58.25 92.80 29.20
C SER B 394 -59.54 93.45 29.73
N SER B 395 -59.81 94.66 29.26
CA SER B 395 -60.99 95.38 29.70
C SER B 395 -62.28 94.76 29.16
N THR B 396 -62.24 94.21 27.95
CA THR B 396 -63.42 93.68 27.31
C THR B 396 -63.47 92.15 27.29
N ASN B 397 -62.32 91.48 27.30
CA ASN B 397 -62.29 90.02 27.20
C ASN B 397 -61.69 89.36 28.44
N PHE B 398 -61.13 90.14 29.36
CA PHE B 398 -60.51 89.62 30.58
C PHE B 398 -59.43 88.59 30.28
N LEU B 399 -58.67 88.83 29.21
CA LEU B 399 -57.55 87.98 28.86
C LEU B 399 -56.25 88.67 29.23
N PRO B 400 -55.22 87.91 29.62
CA PRO B 400 -53.95 88.54 30.01
C PRO B 400 -53.33 89.34 28.87
N GLN B 401 -52.78 90.50 29.23
CA GLN B 401 -52.05 91.34 28.29
C GLN B 401 -50.80 91.84 29.00
N GLY B 402 -49.65 91.58 28.40
CA GLY B 402 -48.38 91.95 29.00
C GLY B 402 -47.70 93.06 28.23
N VAL B 403 -47.17 94.03 28.98
CA VAL B 403 -46.47 95.17 28.42
C VAL B 403 -45.18 95.37 29.18
N THR B 404 -44.12 95.77 28.47
CA THR B 404 -42.84 96.07 29.10
C THR B 404 -42.84 97.52 29.58
N VAL B 405 -42.48 97.72 30.85
CA VAL B 405 -42.50 99.06 31.42
C VAL B 405 -41.38 99.89 30.80
N THR B 406 -41.72 101.12 30.42
CA THR B 406 -40.78 102.05 29.82
C THR B 406 -40.47 103.18 30.79
N THR B 407 -39.29 103.76 30.65
CA THR B 407 -38.90 104.88 31.49
C THR B 407 -39.54 106.18 30.98
N SER B 408 -39.22 107.28 31.66
CA SER B 408 -39.67 108.59 31.21
C SER B 408 -39.00 109.01 29.92
N SER B 409 -37.86 108.38 29.58
CA SER B 409 -37.17 108.65 28.34
C SER B 409 -37.36 107.53 27.32
N ASN B 410 -38.42 106.73 27.46
CA ASN B 410 -38.73 105.63 26.55
C ASN B 410 -37.58 104.62 26.48
N LYS B 411 -37.26 104.02 27.62
CA LYS B 411 -36.25 102.97 27.69
C LYS B 411 -36.82 101.75 28.42
N TYR B 412 -36.41 100.58 27.95
CA TYR B 412 -36.89 99.33 28.52
C TYR B 412 -35.99 98.79 29.63
N THR B 413 -34.96 99.53 30.01
CA THR B 413 -34.09 99.16 31.13
C THR B 413 -34.41 100.08 32.30
N LEU B 414 -35.28 99.62 33.19
CA LEU B 414 -35.70 100.45 34.31
C LEU B 414 -34.60 100.53 35.36
N PRO B 415 -34.25 101.74 35.79
CA PRO B 415 -33.27 101.92 36.87
C PRO B 415 -33.89 101.63 38.22
N VAL B 416 -33.02 101.26 39.18
CA VAL B 416 -33.43 100.97 40.55
C VAL B 416 -32.50 101.75 41.47
N TYR B 417 -33.07 102.65 42.27
CA TYR B 417 -32.30 103.51 43.15
C TYR B 417 -32.26 102.92 44.56
N GLU B 418 -31.69 103.69 45.49
CA GLU B 418 -31.73 103.36 46.91
C GLU B 418 -32.48 104.42 47.70
N ILE B 419 -33.17 103.97 48.74
CA ILE B 419 -33.68 104.85 49.79
C ILE B 419 -33.31 104.21 51.13
N GLY B 420 -33.25 105.03 52.16
CA GLY B 420 -32.96 104.53 53.49
C GLY B 420 -31.95 105.42 54.18
N GLY B 421 -31.22 104.81 55.11
CA GLY B 421 -30.24 105.52 55.89
C GLY B 421 -29.70 104.65 57.01
N PRO B 422 -29.36 105.27 58.14
CA PRO B 422 -28.89 104.50 59.30
C PRO B 422 -29.98 103.62 59.87
N ALA B 423 -29.57 102.63 60.66
CA ALA B 423 -30.52 101.72 61.29
C ALA B 423 -31.49 102.48 62.17
N GLY B 424 -32.78 102.14 62.05
CA GLY B 424 -33.83 102.81 62.80
C GLY B 424 -34.48 103.96 62.08
N THR B 425 -33.93 104.39 60.94
CA THR B 425 -34.51 105.50 60.19
C THR B 425 -35.81 105.06 59.52
N THR B 426 -36.81 105.92 59.58
CA THR B 426 -38.11 105.67 58.97
C THR B 426 -38.38 106.69 57.89
N ILE B 427 -38.87 106.21 56.75
CA ILE B 427 -39.17 107.06 55.60
C ILE B 427 -40.63 106.82 55.21
N THR B 428 -41.41 107.90 55.12
CA THR B 428 -42.82 107.79 54.75
C THR B 428 -43.01 108.29 53.32
N LEU B 429 -43.18 107.36 52.39
CA LEU B 429 -43.36 107.68 50.97
C LEU B 429 -44.85 107.83 50.69
N THR B 430 -45.22 108.97 50.11
CA THR B 430 -46.60 109.29 49.80
C THR B 430 -46.80 109.27 48.29
N GLY B 431 -47.75 108.47 47.84
CA GLY B 431 -48.09 108.41 46.44
C GLY B 431 -49.59 108.55 46.22
N ASN B 432 -50.04 108.37 44.99
CA ASN B 432 -51.45 108.45 44.66
C ASN B 432 -51.87 107.23 43.87
N TRP B 433 -52.93 106.57 44.34
CA TRP B 433 -53.59 105.51 43.59
C TRP B 433 -54.86 106.10 43.01
N TYR B 434 -54.86 106.31 41.69
CA TYR B 434 -55.90 107.10 41.01
C TYR B 434 -55.97 108.47 41.69
N SER B 435 -57.08 108.79 42.34
CA SER B 435 -57.20 110.09 43.00
C SER B 435 -56.98 110.01 44.51
N THR B 436 -56.70 108.82 45.04
CA THR B 436 -56.60 108.69 46.49
C THR B 436 -55.14 108.72 46.94
N PRO B 437 -54.75 109.67 47.78
CA PRO B 437 -53.39 109.65 48.34
C PRO B 437 -53.22 108.50 49.33
N TYR B 438 -52.05 107.89 49.30
CA TYR B 438 -51.72 106.77 50.17
C TYR B 438 -50.28 106.94 50.66
N THR B 439 -50.00 106.34 51.81
CA THR B 439 -48.68 106.46 52.43
C THR B 439 -48.17 105.08 52.81
N VAL B 440 -46.85 104.91 52.69
CA VAL B 440 -46.17 103.70 53.12
C VAL B 440 -44.95 104.09 53.93
N GLN B 441 -44.83 103.55 55.14
CA GLN B 441 -43.75 103.93 56.06
C GLN B 441 -42.78 102.75 56.18
N ILE B 442 -41.60 102.91 55.60
CA ILE B 442 -40.59 101.87 55.66
C ILE B 442 -39.57 102.20 56.74
N THR B 443 -39.34 101.24 57.64
CA THR B 443 -38.37 101.37 58.72
C THR B 443 -37.08 100.64 58.34
N VAL B 444 -35.97 101.37 58.37
CA VAL B 444 -34.67 100.79 58.04
C VAL B 444 -34.17 100.02 59.25
N GLY B 445 -34.34 98.70 59.24
CA GLY B 445 -33.91 97.88 60.35
C GLY B 445 -32.40 97.70 60.36
N SER B 446 -31.88 97.36 61.55
CA SER B 446 -30.45 97.12 61.71
C SER B 446 -30.01 95.82 61.05
N THR B 447 -30.94 94.90 60.80
CA THR B 447 -30.65 93.64 60.14
C THR B 447 -31.58 93.51 58.95
N PRO B 448 -31.17 92.77 57.91
CA PRO B 448 -32.06 92.57 56.75
C PRO B 448 -33.40 91.99 57.18
N THR B 449 -34.46 92.77 56.99
CA THR B 449 -35.81 92.36 57.31
C THR B 449 -36.50 91.86 56.03
N LEU B 450 -36.00 90.75 55.50
CA LEU B 450 -36.48 90.24 54.23
C LEU B 450 -37.52 89.15 54.44
N THR B 451 -38.46 89.04 53.51
CA THR B 451 -39.45 87.97 53.52
C THR B 451 -38.91 86.77 52.76
N ASN B 452 -38.79 85.64 53.46
CA ASN B 452 -38.27 84.40 52.90
C ASN B 452 -39.37 83.36 52.87
N TYR B 453 -39.51 82.67 51.75
CA TYR B 453 -40.55 81.68 51.55
C TYR B 453 -39.95 80.28 51.56
N VAL B 454 -40.44 79.43 52.45
CA VAL B 454 -40.00 78.04 52.55
C VAL B 454 -41.19 77.15 52.19
N SER B 455 -41.12 76.50 51.02
CA SER B 455 -42.27 75.77 50.53
C SER B 455 -41.82 74.50 49.82
N GLN B 456 -42.68 73.48 49.85
CA GLN B 456 -42.46 72.25 49.12
C GLN B 456 -42.93 72.42 47.68
N ILE B 457 -42.05 72.11 46.73
CA ILE B 457 -42.31 72.38 45.32
C ILE B 457 -41.99 71.13 44.51
N LEU B 458 -42.71 70.96 43.39
CA LEU B 458 -42.36 70.02 42.33
C LEU B 458 -41.17 70.61 41.57
N LEU B 459 -40.08 69.87 41.56
CA LEU B 459 -38.90 70.34 40.84
C LEU B 459 -38.23 69.22 40.03
N LYS B 460 -37.70 69.60 38.87
CA LYS B 460 -36.84 68.77 38.05
C LYS B 460 -35.86 69.70 37.34
N ALA B 461 -34.89 69.13 36.63
CA ALA B 461 -33.88 69.96 36.00
C ALA B 461 -33.67 69.51 34.56
N VAL B 462 -33.26 70.44 33.71
CA VAL B 462 -32.88 70.12 32.34
C VAL B 462 -31.62 70.91 31.99
N ALA B 463 -30.63 70.21 31.44
CA ALA B 463 -29.32 70.76 31.13
C ALA B 463 -28.95 70.37 29.70
N TYR B 464 -28.00 71.11 29.14
CA TYR B 464 -27.59 70.91 27.76
C TYR B 464 -26.07 70.73 27.70
N GLU B 465 -25.64 70.01 26.67
CA GLU B 465 -24.23 69.72 26.45
C GLU B 465 -24.02 69.47 24.97
N GLY B 466 -22.77 69.49 24.52
CA GLY B 466 -22.45 69.20 23.14
C GLY B 466 -21.06 68.63 23.00
N ILE B 467 -20.87 67.85 21.94
CA ILE B 467 -19.56 67.23 21.70
C ILE B 467 -19.44 66.93 20.21
N ASN B 468 -18.30 67.29 19.64
CA ASN B 468 -17.98 66.93 18.26
C ASN B 468 -17.42 65.51 18.26
N VAL B 469 -18.06 64.62 17.52
CA VAL B 469 -17.67 63.22 17.51
C VAL B 469 -17.24 62.84 16.10
N SER B 470 -16.05 62.23 16.01
CA SER B 470 -15.54 61.70 14.75
C SER B 470 -14.64 60.51 15.08
N THR B 471 -15.22 59.31 15.09
CA THR B 471 -14.49 58.12 15.49
C THR B 471 -14.54 57.11 14.35
N THR B 472 -13.55 56.21 14.36
CA THR B 472 -13.45 55.17 13.34
C THR B 472 -14.31 53.96 13.68
N GLN B 473 -15.58 54.21 14.01
CA GLN B 473 -16.53 53.16 14.35
C GLN B 473 -17.85 53.33 13.61
N SER B 474 -17.84 54.01 12.47
CA SER B 474 -19.05 54.35 11.73
C SER B 474 -19.89 53.11 11.45
N PRO B 475 -21.21 53.17 11.61
CA PRO B 475 -22.02 54.35 11.94
C PRO B 475 -22.02 54.73 13.42
N TYR B 476 -21.48 53.90 14.30
CA TYR B 476 -21.36 54.30 15.70
C TYR B 476 -20.45 55.51 15.85
N TYR B 477 -21.04 56.62 16.28
CA TYR B 477 -20.32 57.76 16.84
C TYR B 477 -20.36 57.49 18.34
N SER B 478 -19.28 56.92 18.87
CA SER B 478 -19.22 56.48 20.25
C SER B 478 -18.44 57.48 21.10
N THR B 479 -19.06 57.93 22.17
CA THR B 479 -18.46 58.97 23.01
C THR B 479 -18.93 58.77 24.44
N ALA B 480 -18.50 59.66 25.32
CA ALA B 480 -18.91 59.64 26.71
C ALA B 480 -19.42 61.03 27.10
N ILE B 481 -20.57 61.06 27.74
CA ILE B 481 -21.22 62.31 28.12
C ILE B 481 -21.09 62.51 29.62
N LEU B 482 -20.95 63.77 30.01
CA LEU B 482 -20.86 64.14 31.42
C LEU B 482 -22.19 63.91 32.11
N SER B 483 -22.13 63.55 33.39
CA SER B 483 -23.34 63.43 34.19
C SER B 483 -23.98 64.80 34.42
N THR B 484 -23.17 65.84 34.62
CA THR B 484 -23.66 67.20 34.75
C THR B 484 -22.66 68.15 34.11
N PRO B 485 -22.93 68.63 32.90
CA PRO B 485 -21.99 69.51 32.22
C PRO B 485 -22.04 70.91 32.79
N PRO B 486 -20.95 71.68 32.64
CA PRO B 486 -20.97 73.09 33.09
C PRO B 486 -21.60 73.99 32.04
N SER B 487 -22.92 74.02 32.01
CA SER B 487 -23.67 74.80 31.03
C SER B 487 -24.83 75.48 31.73
N GLU B 488 -25.61 76.23 30.97
CA GLU B 488 -26.82 76.85 31.51
C GLU B 488 -27.84 75.77 31.83
N ILE B 489 -27.97 75.45 33.11
CA ILE B 489 -28.89 74.41 33.58
C ILE B 489 -30.16 75.11 34.06
N SER B 490 -31.29 74.77 33.44
CA SER B 490 -32.56 75.37 33.81
C SER B 490 -33.33 74.37 34.67
N ILE B 491 -33.50 74.70 35.94
CA ILE B 491 -34.36 73.92 36.82
C ILE B 491 -35.80 74.37 36.64
N THR B 492 -36.66 73.45 36.21
CA THR B 492 -38.06 73.72 36.01
C THR B 492 -38.84 73.11 37.16
N GLY B 493 -40.07 73.58 37.35
CA GLY B 493 -40.87 73.08 38.45
C GLY B 493 -42.30 73.53 38.35
N SER B 494 -43.13 72.86 39.13
CA SER B 494 -44.57 73.11 39.15
C SER B 494 -45.05 73.39 40.56
N SER B 495 -46.03 74.28 40.66
CA SER B 495 -46.74 74.58 41.89
C SER B 495 -48.14 75.02 41.52
N THR B 496 -48.89 75.55 42.49
CA THR B 496 -50.24 76.01 42.25
C THR B 496 -50.37 77.49 42.60
N ILE B 497 -51.22 78.18 41.85
CA ILE B 497 -51.61 79.56 42.16
C ILE B 497 -53.12 79.58 42.35
N THR B 498 -53.55 80.22 43.44
CA THR B 498 -54.97 80.31 43.74
C THR B 498 -55.31 81.78 43.98
N ALA B 499 -56.57 82.12 43.73
CA ALA B 499 -57.06 83.48 43.94
C ALA B 499 -58.39 83.43 44.65
N GLN B 500 -58.45 84.13 45.78
CA GLN B 500 -59.69 84.30 46.54
C GLN B 500 -60.07 85.76 46.46
N GLY B 501 -61.37 86.04 46.49
CA GLY B 501 -61.82 87.41 46.40
C GLY B 501 -63.20 87.60 46.97
N LYS B 502 -63.42 88.78 47.53
CA LYS B 502 -64.76 89.24 47.90
C LYS B 502 -65.19 90.27 46.86
N LEU B 503 -66.38 90.08 46.31
CA LEU B 503 -66.90 90.89 45.22
C LEU B 503 -68.20 91.55 45.63
N THR B 504 -68.26 92.87 45.40
CA THR B 504 -69.46 93.65 45.64
C THR B 504 -69.88 94.28 44.32
N ALA B 505 -70.91 95.13 44.40
CA ALA B 505 -71.40 95.79 43.20
C ALA B 505 -70.43 96.84 42.68
N THR B 506 -69.75 97.56 43.57
CA THR B 506 -68.91 98.67 43.18
C THR B 506 -67.42 98.42 43.33
N SER B 507 -67.02 97.49 44.20
CA SER B 507 -65.60 97.23 44.43
C SER B 507 -65.43 95.76 44.77
N ALA B 508 -64.18 95.31 44.75
CA ALA B 508 -63.86 93.91 45.05
C ALA B 508 -62.43 93.83 45.55
N SER B 509 -62.23 93.14 46.67
CA SER B 509 -60.91 92.90 47.21
C SER B 509 -60.49 91.46 46.94
N ALA B 510 -59.18 91.22 46.96
CA ALA B 510 -58.70 89.91 46.54
C ALA B 510 -57.38 89.59 47.25
N THR B 511 -57.07 88.30 47.30
CA THR B 511 -55.77 87.80 47.71
C THR B 511 -55.40 86.68 46.74
N VAL B 512 -54.10 86.50 46.54
CA VAL B 512 -53.60 85.44 45.68
C VAL B 512 -52.44 84.74 46.37
N ASN B 513 -52.40 83.41 46.22
CA ASN B 513 -51.35 82.58 46.77
C ASN B 513 -50.64 81.86 45.64
N LEU B 514 -49.35 82.17 45.49
CA LEU B 514 -48.51 81.55 44.47
C LEU B 514 -47.28 80.99 45.14
N LEU B 515 -46.69 79.96 44.50
CA LEU B 515 -45.50 79.29 45.01
C LEU B 515 -45.76 78.62 46.36
N THR B 516 -47.03 78.31 46.62
CA THR B 516 -47.50 77.42 47.67
C THR B 516 -47.42 78.05 49.07
N ASN B 517 -46.71 79.18 49.23
CA ASN B 517 -46.81 79.92 50.48
C ASN B 517 -46.71 81.42 50.28
N ALA B 518 -46.54 81.86 49.03
CA ALA B 518 -46.36 83.28 48.76
C ALA B 518 -47.72 83.96 48.63
N THR B 519 -47.88 85.10 49.28
CA THR B 519 -49.17 85.77 49.36
C THR B 519 -49.05 87.20 48.82
N LEU B 520 -50.05 87.59 48.03
CA LEU B 520 -50.18 88.95 47.54
C LEU B 520 -51.61 89.42 47.78
N THR B 521 -51.75 90.73 48.05
CA THR B 521 -53.03 91.30 48.43
C THR B 521 -53.45 92.37 47.42
N TYR B 522 -54.76 92.59 47.34
CA TYR B 522 -55.34 93.61 46.47
C TYR B 522 -56.49 94.24 47.22
N GLU B 523 -56.34 95.52 47.57
CA GLU B 523 -57.42 96.27 48.22
C GLU B 523 -58.64 96.30 47.30
N ASN B 524 -59.77 96.73 47.87
CA ASN B 524 -61.02 96.74 47.10
C ASN B 524 -60.86 97.54 45.82
N ILE B 525 -60.94 96.84 44.69
CA ILE B 525 -60.67 97.41 43.38
C ILE B 525 -61.97 98.03 42.87
N PRO B 526 -62.02 99.35 42.63
CA PRO B 526 -63.25 99.96 42.13
C PRO B 526 -63.59 99.49 40.72
N LEU B 527 -64.77 99.90 40.26
CA LEU B 527 -65.23 99.52 38.93
C LEU B 527 -64.31 100.09 37.86
N THR B 528 -64.05 99.29 36.83
CA THR B 528 -63.21 99.63 35.67
C THR B 528 -61.79 100.01 36.08
N GLN B 529 -61.30 99.56 37.22
CA GLN B 529 -60.00 99.95 37.71
C GLN B 529 -59.10 98.74 37.92
N TYR B 530 -57.80 98.99 37.97
CA TYR B 530 -56.78 97.97 38.12
C TYR B 530 -56.08 98.10 39.48
N SER B 531 -55.43 97.01 39.86
CA SER B 531 -54.60 96.95 41.06
C SER B 531 -53.51 95.94 40.83
N PHE B 532 -52.26 96.36 41.00
CA PHE B 532 -51.11 95.56 40.64
C PHE B 532 -50.40 95.06 41.88
N ASN B 533 -49.84 93.85 41.77
CA ASN B 533 -49.02 93.29 42.84
C ASN B 533 -48.11 92.26 42.21
N GLY B 534 -47.17 91.74 43.00
CA GLY B 534 -46.27 90.73 42.47
C GLY B 534 -45.00 90.58 43.27
N ILE B 535 -44.21 89.58 42.89
CA ILE B 535 -42.96 89.27 43.58
C ILE B 535 -41.94 88.75 42.60
N ILE B 536 -40.68 89.07 42.86
CA ILE B 536 -39.53 88.42 42.22
C ILE B 536 -38.83 87.61 43.30
N VAL B 537 -38.63 86.32 43.01
CA VAL B 537 -38.06 85.40 43.99
C VAL B 537 -36.79 84.80 43.44
N THR B 538 -35.78 84.72 44.30
CA THR B 538 -34.49 84.12 44.00
C THR B 538 -34.27 82.94 44.93
N PRO B 539 -33.50 81.94 44.51
CA PRO B 539 -33.18 80.84 45.43
C PRO B 539 -32.46 81.35 46.66
N GLY B 540 -32.86 80.83 47.83
CA GLY B 540 -32.29 81.28 49.08
C GLY B 540 -30.91 80.73 49.38
N TYR B 541 -30.46 79.75 48.61
CA TYR B 541 -29.13 79.18 48.82
C TYR B 541 -28.07 80.22 48.49
N ALA B 542 -27.00 80.24 49.30
CA ALA B 542 -25.97 81.25 49.16
C ALA B 542 -24.97 80.90 48.06
N ALA B 543 -25.45 80.50 46.89
CA ALA B 543 -24.61 80.32 45.72
C ALA B 543 -25.26 80.77 44.43
N ILE B 544 -26.60 80.87 44.41
CA ILE B 544 -27.32 81.35 43.23
C ILE B 544 -28.33 82.42 43.62
N ASN B 545 -28.25 82.92 44.84
CA ASN B 545 -29.15 83.98 45.29
C ASN B 545 -28.79 85.29 44.59
N GLY B 546 -29.81 85.94 44.03
CA GLY B 546 -29.58 87.18 43.31
C GLY B 546 -28.90 87.02 41.98
N THR B 547 -28.82 85.80 41.46
CA THR B 547 -28.29 85.55 40.12
C THR B 547 -29.34 85.02 39.16
N THR B 548 -30.30 84.24 39.62
CA THR B 548 -31.42 83.77 38.81
C THR B 548 -32.68 83.91 39.64
N ALA B 549 -33.80 84.16 38.97
CA ALA B 549 -35.02 84.52 39.67
C ALA B 549 -36.24 84.16 38.83
N MET B 550 -37.40 84.23 39.47
CA MET B 550 -38.72 84.18 38.86
C MET B 550 -39.43 85.49 39.15
N ALA B 551 -39.90 86.15 38.09
CA ALA B 551 -40.67 87.38 38.22
C ALA B 551 -42.13 87.11 37.91
N TYR B 552 -43.00 87.40 38.87
CA TYR B 552 -44.44 87.28 38.69
C TYR B 552 -45.06 88.63 38.99
N VAL B 553 -45.72 89.22 37.99
CA VAL B 553 -46.42 90.49 38.15
C VAL B 553 -47.88 90.28 37.79
N ILE B 554 -48.72 90.20 38.80
CA ILE B 554 -50.15 89.91 38.64
C ILE B 554 -50.90 91.23 38.75
N GLY B 555 -51.57 91.62 37.68
CA GLY B 555 -52.51 92.72 37.76
C GLY B 555 -53.93 92.19 37.89
N ALA B 556 -54.80 93.01 38.48
CA ALA B 556 -56.19 92.65 38.67
C ALA B 556 -57.09 93.78 38.20
N LEU B 557 -58.20 93.40 37.59
CA LEU B 557 -59.15 94.36 37.03
C LEU B 557 -60.53 94.02 37.55
N TYR B 558 -61.25 95.00 38.05
CA TYR B 558 -62.62 94.81 38.49
C TYR B 558 -63.58 95.49 37.53
N ASN B 559 -64.62 94.78 37.12
CA ASN B 559 -65.53 95.32 36.11
C ASN B 559 -66.90 94.68 36.25
N LYS B 560 -67.84 95.21 35.47
CA LYS B 560 -69.20 94.69 35.41
C LYS B 560 -69.73 94.83 33.99
N THR B 561 -69.93 93.69 33.32
CA THR B 561 -70.53 93.68 31.99
C THR B 561 -71.94 93.09 32.15
N SER B 562 -72.05 91.84 32.60
CA SER B 562 -73.33 91.26 32.97
C SER B 562 -73.30 90.73 34.40
N ASP B 563 -72.13 90.28 34.85
CA ASP B 563 -71.90 89.90 36.23
C ASP B 563 -70.62 90.57 36.72
N TYR B 564 -70.54 90.78 38.02
CA TYR B 564 -69.35 91.38 38.62
C TYR B 564 -68.15 90.45 38.43
N VAL B 565 -67.15 90.92 37.70
CA VAL B 565 -65.99 90.10 37.33
C VAL B 565 -64.74 90.73 37.90
N LEU B 566 -64.01 89.95 38.69
CA LEU B 566 -62.67 90.32 39.16
C LEU B 566 -61.68 89.38 38.48
N SER B 567 -60.85 89.94 37.60
CA SER B 567 -59.94 89.15 36.78
C SER B 567 -58.50 89.41 37.17
N PHE B 568 -57.68 88.37 37.06
CA PHE B 568 -56.27 88.44 37.39
C PHE B 568 -55.46 87.93 36.21
N ALA B 569 -54.42 88.68 35.86
CA ALA B 569 -53.52 88.31 34.78
C ALA B 569 -52.09 88.39 35.29
N GLY B 570 -51.37 87.28 35.20
CA GLY B 570 -50.01 87.22 35.74
C GLY B 570 -48.98 86.73 34.75
N SER B 571 -47.82 87.40 34.73
CA SER B 571 -46.72 86.99 33.88
C SER B 571 -45.77 86.08 34.63
N GLN B 572 -44.97 85.33 33.86
CA GLN B 572 -43.99 84.40 34.43
C GLN B 572 -42.68 84.62 33.69
N GLU B 573 -41.70 85.19 34.39
CA GLU B 573 -40.43 85.51 33.73
C GLU B 573 -39.24 84.88 34.43
N PRO B 574 -38.67 83.80 33.87
CA PRO B 574 -37.34 83.39 34.31
C PRO B 574 -36.34 84.50 34.04
N MET B 575 -35.44 84.73 34.99
CA MET B 575 -34.84 86.05 35.08
C MET B 575 -33.40 85.83 35.53
N GLN B 576 -32.46 86.66 35.07
CA GLN B 576 -31.07 86.47 35.48
C GLN B 576 -30.39 87.81 35.71
N VAL B 577 -29.37 87.81 36.57
CA VAL B 577 -28.65 89.03 36.90
C VAL B 577 -27.24 88.96 36.34
N MET B 578 -26.85 89.98 35.59
CA MET B 578 -25.46 90.10 35.14
C MET B 578 -25.15 91.57 34.96
N ASN B 579 -23.94 91.98 35.38
CA ASN B 579 -23.52 93.37 35.40
C ASN B 579 -24.43 94.23 36.25
N ASN B 580 -25.00 93.67 37.33
CA ASN B 580 -26.00 94.31 38.18
C ASN B 580 -27.26 94.66 37.40
N ASN B 581 -27.40 94.13 36.19
CA ASN B 581 -28.59 94.33 35.38
C ASN B 581 -29.45 93.09 35.53
N LEU B 582 -30.71 93.29 35.89
CA LEU B 582 -31.70 92.23 35.92
C LEU B 582 -32.24 92.09 34.49
N THR B 583 -31.76 91.08 33.76
CA THR B 583 -32.13 90.86 32.37
C THR B 583 -32.96 89.58 32.25
N GLU B 584 -34.01 89.65 31.46
CA GLU B 584 -34.89 88.50 31.27
C GLU B 584 -34.28 87.56 30.24
N VAL B 585 -34.15 86.29 30.60
CA VAL B 585 -33.70 85.27 29.65
C VAL B 585 -34.80 84.95 28.65
N THR B 586 -36.01 84.70 29.15
CA THR B 586 -37.18 84.44 28.33
C THR B 586 -38.41 84.60 29.18
N THR B 587 -39.57 84.52 28.53
CA THR B 587 -40.86 84.66 29.21
C THR B 587 -41.74 83.45 28.90
N LEU B 588 -42.52 83.04 29.88
CA LEU B 588 -43.46 81.94 29.73
C LEU B 588 -44.85 82.47 29.41
N ALA B 589 -45.76 81.55 29.12
CA ALA B 589 -47.12 81.93 28.79
C ALA B 589 -47.80 82.55 30.01
N PRO B 590 -48.37 83.75 29.89
CA PRO B 590 -49.06 84.35 31.02
C PRO B 590 -50.31 83.57 31.41
N PHE B 591 -50.67 83.63 32.68
CA PHE B 591 -51.81 82.90 33.20
C PHE B 591 -52.92 83.89 33.56
N GLY B 592 -54.15 83.38 33.58
CA GLY B 592 -55.29 84.22 33.87
C GLY B 592 -56.30 83.50 34.71
N LEU B 593 -56.93 84.24 35.62
CA LEU B 593 -57.97 83.71 36.49
C LEU B 593 -59.14 84.69 36.51
N THR B 594 -60.34 84.16 36.73
CA THR B 594 -61.54 84.98 36.73
C THR B 594 -62.41 84.63 37.92
N LEU B 595 -63.05 85.64 38.51
CA LEU B 595 -64.02 85.48 39.56
C LEU B 595 -65.32 86.16 39.13
N LEU B 596 -66.36 85.37 38.87
CA LEU B 596 -67.61 85.88 38.36
C LEU B 596 -68.69 85.79 39.44
N ALA B 597 -69.49 86.84 39.53
CA ALA B 597 -70.53 86.91 40.56
C ALA B 597 -71.79 87.57 40.02
N PRO B 598 -72.88 86.83 39.84
CA PRO B 598 -74.15 87.46 39.47
C PRO B 598 -74.89 88.11 40.64
N SER B 599 -74.48 87.80 41.88
CA SER B 599 -75.09 88.39 43.06
C SER B 599 -74.21 89.51 43.59
N VAL B 600 -74.84 90.51 44.21
CA VAL B 600 -74.09 91.68 44.68
C VAL B 600 -73.04 91.31 45.71
N PRO B 601 -73.37 90.64 46.83
CA PRO B 601 -72.31 90.16 47.72
C PRO B 601 -71.90 88.74 47.36
N ALA B 602 -70.59 88.55 47.17
CA ALA B 602 -70.15 87.21 46.80
C ALA B 602 -68.72 87.00 47.27
N THR B 603 -68.36 85.73 47.45
CA THR B 603 -66.99 85.30 47.67
C THR B 603 -66.66 84.25 46.62
N GLU B 604 -65.59 84.49 45.87
CA GLU B 604 -65.26 83.65 44.74
C GLU B 604 -63.80 83.19 44.86
N THR B 605 -63.51 82.07 44.18
CA THR B 605 -62.18 81.49 44.22
C THR B 605 -61.88 80.84 42.88
N GLY B 606 -60.59 80.72 42.59
CA GLY B 606 -60.12 80.11 41.36
C GLY B 606 -58.70 79.60 41.54
N THR B 607 -58.27 78.76 40.60
CA THR B 607 -56.94 78.16 40.70
C THR B 607 -56.38 77.94 39.31
N SER B 608 -55.06 77.76 39.26
CA SER B 608 -54.32 77.55 38.02
C SER B 608 -52.98 76.94 38.36
N PRO B 609 -52.34 76.25 37.41
CA PRO B 609 -50.95 75.82 37.61
C PRO B 609 -50.00 77.01 37.56
N LEU B 610 -48.84 76.84 38.21
CA LEU B 610 -47.79 77.84 38.21
C LEU B 610 -46.46 77.18 37.89
N GLN B 611 -45.67 77.86 37.06
CA GLN B 611 -44.40 77.32 36.59
C GLN B 611 -43.25 78.08 37.20
N LEU B 612 -42.26 77.33 37.70
CA LEU B 612 -41.07 77.85 38.32
C LEU B 612 -39.87 77.50 37.44
N GLU B 613 -38.97 78.47 37.25
CA GLU B 613 -37.84 78.21 36.37
C GLU B 613 -36.63 78.99 36.83
N PHE B 614 -35.46 78.36 36.71
CA PHE B 614 -34.21 78.99 37.11
C PHE B 614 -33.13 78.59 36.13
N PHE B 615 -32.72 79.51 35.26
CA PHE B 615 -31.55 79.30 34.42
C PHE B 615 -30.31 79.68 35.21
N THR B 616 -29.69 78.71 35.86
CA THR B 616 -28.55 78.98 36.72
C THR B 616 -27.31 79.29 35.89
N VAL B 617 -26.45 80.14 36.45
CA VAL B 617 -25.16 80.45 35.83
C VAL B 617 -24.37 79.16 35.70
N PRO B 618 -23.73 78.89 34.55
CA PRO B 618 -23.05 77.60 34.37
C PRO B 618 -22.03 77.29 35.45
N SER B 619 -21.25 78.30 35.86
CA SER B 619 -20.20 78.09 36.86
C SER B 619 -20.78 77.53 38.15
N THR B 620 -21.97 78.01 38.54
CA THR B 620 -22.65 77.50 39.73
C THR B 620 -23.72 76.45 39.40
N SER B 621 -23.96 76.16 38.11
CA SER B 621 -25.09 75.31 37.75
C SER B 621 -25.03 73.96 38.45
N TYR B 622 -23.89 73.27 38.36
CA TYR B 622 -23.74 72.00 39.06
C TYR B 622 -23.94 72.20 40.57
N ILE B 623 -23.33 73.25 41.12
CA ILE B 623 -23.50 73.53 42.55
C ILE B 623 -24.97 73.77 42.86
N ALA B 624 -25.66 74.52 42.00
CA ALA B 624 -27.10 74.72 42.18
C ALA B 624 -27.82 73.37 42.17
N LEU B 625 -27.41 72.47 41.27
CA LEU B 625 -28.00 71.14 41.23
C LEU B 625 -27.83 70.42 42.57
N VAL B 626 -26.71 70.66 43.25
CA VAL B 626 -26.52 70.12 44.59
C VAL B 626 -27.36 70.89 45.59
N ASP B 627 -27.45 72.21 45.43
CA ASP B 627 -28.16 73.04 46.39
C ASP B 627 -29.65 72.71 46.43
N PHE B 628 -30.27 72.55 45.26
CA PHE B 628 -31.69 72.20 45.21
C PHE B 628 -31.93 70.75 45.57
N GLY B 629 -30.88 69.94 45.70
CA GLY B 629 -31.05 68.54 46.00
C GLY B 629 -31.42 67.68 44.81
N LEU B 630 -31.06 68.11 43.60
CA LEU B 630 -31.41 67.40 42.37
C LEU B 630 -30.32 66.44 41.91
N TRP B 631 -29.43 66.04 42.80
CA TRP B 631 -28.37 65.10 42.46
C TRP B 631 -27.98 64.31 43.69
N GLY B 632 -27.38 63.14 43.48
CA GLY B 632 -26.94 62.29 44.56
C GLY B 632 -27.20 60.83 44.29
N ASN B 633 -27.62 60.11 45.33
CA ASN B 633 -27.98 58.70 45.22
C ASN B 633 -29.42 58.53 44.77
N LEU B 634 -30.13 59.63 44.54
CA LEU B 634 -31.58 59.59 44.36
C LEU B 634 -31.96 59.86 42.91
N THR B 635 -31.15 60.65 42.21
CA THR B 635 -31.55 61.22 40.94
C THR B 635 -31.62 60.18 39.84
N SER B 636 -32.46 60.45 38.84
CA SER B 636 -32.60 59.65 37.63
C SER B 636 -32.54 60.59 36.44
N VAL B 637 -31.82 60.17 35.41
CA VAL B 637 -31.47 61.05 34.29
C VAL B 637 -32.01 60.47 33.00
N THR B 638 -32.77 61.29 32.27
CA THR B 638 -33.19 61.02 30.91
C THR B 638 -32.26 61.74 29.94
N VAL B 639 -31.92 61.07 28.84
CA VAL B 639 -30.95 61.58 27.88
C VAL B 639 -31.62 61.65 26.51
N SER B 640 -31.44 62.77 25.82
CA SER B 640 -31.88 62.93 24.45
C SER B 640 -30.76 63.49 23.60
N ALA B 641 -30.67 63.00 22.36
CA ALA B 641 -29.59 63.39 21.46
C ALA B 641 -30.15 64.24 20.33
N TYR B 642 -29.26 64.99 19.69
CA TYR B 642 -29.62 65.96 18.66
C TYR B 642 -28.53 65.98 17.60
N ASP B 643 -28.89 65.68 16.36
CA ASP B 643 -27.97 65.80 15.24
C ASP B 643 -27.81 67.27 14.91
N THR B 644 -26.75 67.89 15.44
CA THR B 644 -26.57 69.33 15.33
C THR B 644 -26.28 69.78 13.90
N VAL B 645 -25.74 68.90 13.07
CA VAL B 645 -25.40 69.28 11.70
C VAL B 645 -26.63 69.22 10.80
N ASN B 646 -27.30 68.08 10.72
CA ASN B 646 -28.38 67.87 9.78
C ASN B 646 -29.76 67.82 10.43
N ASN B 647 -29.89 68.34 11.65
CA ASN B 647 -31.19 68.61 12.27
C ASN B 647 -32.06 67.36 12.43
N LYS B 648 -31.57 66.40 13.22
CA LYS B 648 -32.42 65.33 13.74
C LYS B 648 -32.37 65.30 15.26
N LEU B 649 -33.53 65.10 15.86
CA LEU B 649 -33.68 64.88 17.29
C LEU B 649 -33.94 63.40 17.54
N SER B 650 -33.20 62.83 18.48
CA SER B 650 -33.40 61.43 18.85
C SER B 650 -34.71 61.28 19.60
N VAL B 651 -35.70 60.67 18.92
CA VAL B 651 -36.97 60.38 19.57
C VAL B 651 -36.77 59.41 20.74
N ASN B 652 -35.73 58.58 20.65
CA ASN B 652 -35.35 57.72 21.77
C ASN B 652 -34.75 58.59 22.88
N LEU B 653 -35.11 58.27 24.11
CA LEU B 653 -34.57 58.93 25.29
C LEU B 653 -33.94 57.86 26.17
N GLY B 654 -32.60 57.82 26.19
CA GLY B 654 -31.91 56.89 27.05
C GLY B 654 -32.09 57.25 28.51
N TYR B 655 -31.61 56.37 29.38
CA TYR B 655 -31.81 56.57 30.81
C TYR B 655 -30.61 56.07 31.58
N PHE B 656 -30.31 56.73 32.68
CA PHE B 656 -29.42 56.17 33.69
C PHE B 656 -29.76 56.80 35.02
N TYR B 657 -28.92 56.52 36.03
CA TYR B 657 -29.19 56.95 37.38
C TYR B 657 -27.92 57.47 38.03
N GLY B 658 -28.07 58.55 38.80
CA GLY B 658 -26.98 59.03 39.60
C GLY B 658 -26.94 58.35 40.96
N ILE B 659 -25.75 57.87 41.33
CA ILE B 659 -25.54 57.25 42.63
C ILE B 659 -24.08 57.47 43.01
N VAL B 660 -23.78 57.33 44.29
CA VAL B 660 -22.45 57.52 44.81
C VAL B 660 -22.02 56.27 45.56
N ILE B 661 -20.94 55.65 45.11
CA ILE B 661 -20.33 54.51 45.78
C ILE B 661 -19.07 55.00 46.49
N PRO B 662 -18.92 54.75 47.78
CA PRO B 662 -17.77 55.29 48.50
C PRO B 662 -16.49 54.60 48.07
N PRO B 663 -15.42 55.38 47.83
CA PRO B 663 -14.14 54.76 47.49
C PRO B 663 -13.64 53.81 48.57
N SER B 664 -12.97 52.75 48.15
CA SER B 664 -12.39 51.78 49.08
C SER B 664 -10.91 51.61 48.74
N ILE B 665 -10.23 50.79 49.54
CA ILE B 665 -8.80 50.56 49.37
C ILE B 665 -8.54 49.06 49.42
N SER B 666 -7.51 48.63 48.70
CA SER B 666 -7.12 47.22 48.73
C SER B 666 -5.60 47.12 48.66
N THR B 667 -5.04 46.41 49.63
CA THR B 667 -3.62 46.27 49.82
C THR B 667 -3.28 44.82 50.07
N ALA B 668 -2.03 44.46 49.82
CA ALA B 668 -1.54 43.10 50.04
C ALA B 668 -0.12 43.18 50.56
N PRO B 669 0.38 42.12 51.21
CA PRO B 669 1.79 42.12 51.64
C PRO B 669 2.73 42.29 50.47
N TYR B 670 3.83 43.00 50.72
CA TYR B 670 4.75 43.41 49.66
C TYR B 670 6.09 42.71 49.85
N ASN B 671 6.62 42.16 48.75
CA ASN B 671 7.91 41.50 48.79
C ASN B 671 9.03 42.53 48.70
N TYR B 672 10.13 42.25 49.40
CA TYR B 672 11.29 43.13 49.34
C TYR B 672 11.92 43.12 47.95
N GLN B 673 11.74 42.04 47.19
CA GLN B 673 12.25 41.99 45.83
C GLN B 673 11.69 43.11 44.97
N ASN B 674 10.46 43.53 45.22
CA ASN B 674 9.84 44.63 44.48
C ASN B 674 10.44 45.98 44.83
N PHE B 675 11.52 46.01 45.61
CA PHE B 675 12.17 47.26 46.01
C PHE B 675 13.63 47.31 45.63
N ILE B 676 14.23 46.20 45.21
CA ILE B 676 15.67 46.09 45.04
C ILE B 676 16.10 46.48 43.63
N CYS B 677 15.63 45.74 42.64
CA CYS B 677 16.07 45.97 41.27
C CYS B 677 15.11 46.89 40.54
N PRO B 678 15.60 47.73 39.62
CA PRO B 678 14.73 48.72 38.96
C PRO B 678 13.92 48.12 37.81
N ASN B 679 13.41 46.91 38.04
CA ASN B 679 12.43 46.30 37.15
C ASN B 679 11.31 45.67 37.98
N ASN B 680 11.50 45.60 39.29
CA ASN B 680 10.51 45.07 40.22
C ASN B 680 9.95 46.23 41.02
N TYR B 681 8.64 46.42 40.95
CA TYR B 681 7.99 47.54 41.60
C TYR B 681 6.77 47.04 42.35
N VAL B 682 6.13 47.95 43.09
CA VAL B 682 4.98 47.61 43.93
C VAL B 682 3.73 48.16 43.28
N THR B 683 2.70 47.32 43.17
CA THR B 683 1.41 47.71 42.61
C THR B 683 0.40 47.86 43.74
N VAL B 684 -0.22 49.03 43.82
CA VAL B 684 -1.21 49.34 44.84
C VAL B 684 -2.56 49.50 44.17
N THR B 685 -3.60 48.85 44.72
CA THR B 685 -4.90 48.86 44.10
C THR B 685 -5.85 49.74 44.91
N ILE B 686 -6.31 50.83 44.28
CA ILE B 686 -7.17 51.81 44.94
C ILE B 686 -8.53 51.79 44.25
N TYR B 687 -9.59 51.66 45.04
CA TYR B 687 -10.94 51.63 44.51
C TYR B 687 -11.58 53.02 44.60
N ASP B 688 -11.80 53.64 43.44
CA ASP B 688 -12.50 54.92 43.38
C ASP B 688 -13.07 55.10 41.98
N PRO B 689 -14.29 54.63 41.72
CA PRO B 689 -14.85 54.80 40.37
C PRO B 689 -15.07 56.24 39.98
N ASP B 690 -15.16 57.14 40.95
CA ASP B 690 -15.73 58.46 40.71
C ASP B 690 -14.74 59.43 40.10
N ALA B 691 -13.44 59.12 40.13
CA ALA B 691 -12.42 60.05 39.65
C ALA B 691 -12.22 59.97 38.14
N VAL B 692 -12.92 59.09 37.44
CA VAL B 692 -12.74 58.92 36.01
C VAL B 692 -13.49 60.02 35.27
N LEU B 693 -12.77 60.82 34.50
CA LEU B 693 -13.39 61.83 33.64
C LEU B 693 -12.93 61.69 32.20
N ASP B 694 -12.25 60.59 31.86
CA ASP B 694 -11.78 60.32 30.51
C ASP B 694 -11.55 58.82 30.37
N PRO B 695 -12.60 58.03 30.10
CA PRO B 695 -12.43 56.57 30.04
C PRO B 695 -11.85 56.08 28.72
N TYR B 696 -10.67 56.56 28.36
CA TYR B 696 -9.98 56.08 27.17
C TYR B 696 -8.48 56.30 27.33
N PRO B 697 -7.68 55.24 27.48
CA PRO B 697 -6.24 55.44 27.63
C PRO B 697 -5.62 56.11 26.40
N SER B 698 -4.58 56.89 26.65
CA SER B 698 -3.89 57.67 25.61
C SER B 698 -4.86 58.59 24.86
N GLY B 699 -5.78 59.19 25.62
CA GLY B 699 -6.76 60.10 25.05
C GLY B 699 -6.87 61.39 25.83
N SER B 700 -7.40 62.41 25.17
CA SER B 700 -7.59 63.72 25.79
C SER B 700 -8.61 64.52 24.99
N PHE B 701 -9.16 65.57 25.60
CA PHE B 701 -10.11 66.43 24.89
C PHE B 701 -10.16 67.79 25.58
N THR B 702 -10.74 68.76 24.86
CA THR B 702 -10.90 70.12 25.37
C THR B 702 -12.37 70.49 25.29
N THR B 703 -12.72 71.65 25.86
CA THR B 703 -14.10 72.10 25.87
C THR B 703 -14.14 73.61 25.68
N SER B 704 -15.28 74.11 25.19
CA SER B 704 -15.48 75.53 24.98
C SER B 704 -16.97 75.86 25.07
N SER B 705 -17.26 77.03 25.64
CA SER B 705 -18.63 77.50 25.82
C SER B 705 -19.14 78.14 24.53
N LEU B 706 -20.34 77.75 24.14
CA LEU B 706 -20.94 78.21 22.89
C LEU B 706 -22.46 78.23 23.02
N PRO B 707 -23.15 79.00 22.21
CA PRO B 707 -24.61 78.87 22.14
C PRO B 707 -24.99 77.67 21.27
N LEU B 708 -25.39 76.58 21.93
CA LEU B 708 -25.67 75.32 21.27
C LEU B 708 -27.11 75.31 20.76
N LYS B 709 -27.28 74.85 19.54
CA LYS B 709 -28.61 74.70 18.95
C LYS B 709 -29.21 73.36 19.35
N TYR B 710 -30.44 73.39 19.86
CA TYR B 710 -31.14 72.17 20.25
C TYR B 710 -32.63 72.42 20.10
N GLY B 711 -33.35 71.42 19.60
CA GLY B 711 -34.78 71.57 19.38
C GLY B 711 -35.05 72.70 18.41
N ASN B 712 -35.53 73.82 18.95
CA ASN B 712 -35.75 75.02 18.14
C ASN B 712 -35.19 76.26 18.80
N MET B 713 -34.14 76.12 19.61
CA MET B 713 -33.60 77.27 20.33
C MET B 713 -32.14 77.03 20.66
N ASN B 714 -31.43 78.12 20.96
CA ASN B 714 -30.02 78.08 21.31
C ASN B 714 -29.87 78.37 22.80
N ILE B 715 -29.14 77.51 23.49
CA ILE B 715 -28.90 77.64 24.93
C ILE B 715 -27.40 77.56 25.16
N THR B 716 -26.90 78.33 26.12
CA THR B 716 -25.48 78.28 26.46
C THR B 716 -25.11 76.86 26.88
N GLY B 717 -24.02 76.34 26.33
CA GLY B 717 -23.58 74.99 26.63
C GLY B 717 -22.10 74.85 26.36
N ALA B 718 -21.60 73.63 26.59
CA ALA B 718 -20.19 73.31 26.42
C ALA B 718 -20.05 72.30 25.29
N VAL B 719 -19.33 72.69 24.24
CA VAL B 719 -18.97 71.78 23.16
C VAL B 719 -17.60 71.20 23.48
N ILE B 720 -17.50 69.87 23.43
CA ILE B 720 -16.25 69.17 23.71
C ILE B 720 -15.62 68.76 22.38
N PHE B 721 -14.37 69.18 22.18
CA PHE B 721 -13.60 68.88 20.99
C PHE B 721 -12.53 67.84 21.31
N PRO B 722 -12.54 66.68 20.64
CA PRO B 722 -11.46 65.71 20.84
C PRO B 722 -10.13 66.26 20.37
N GLY B 723 -9.04 65.83 21.02
CA GLY B 723 -7.72 66.30 20.70
C GLY B 723 -7.02 66.86 21.93
N SER B 724 -6.05 67.75 21.69
CA SER B 724 -5.30 68.34 22.78
C SER B 724 -5.04 69.83 22.55
N SER B 725 -5.95 70.49 21.84
CA SER B 725 -5.82 71.91 21.52
C SER B 725 -7.08 72.65 21.96
N VAL B 726 -6.89 73.73 22.71
CA VAL B 726 -7.98 74.59 23.15
C VAL B 726 -8.12 75.72 22.14
N TYR B 727 -9.31 75.83 21.54
CA TYR B 727 -9.63 76.78 20.49
C TYR B 727 -10.47 77.91 21.04
N ASN B 728 -10.83 78.85 20.17
CA ASN B 728 -11.77 79.92 20.46
C ASN B 728 -12.79 79.99 19.33
N PRO B 729 -13.81 79.15 19.35
CA PRO B 729 -14.80 79.14 18.27
C PRO B 729 -15.69 80.38 18.31
N SER B 730 -16.43 80.59 17.24
CA SER B 730 -17.30 81.74 17.10
C SER B 730 -18.55 81.33 16.33
N GLY B 731 -19.47 82.28 16.17
CA GLY B 731 -20.70 82.02 15.45
C GLY B 731 -21.72 81.25 16.27
N VAL B 732 -22.83 80.89 15.63
CA VAL B 732 -23.90 80.15 16.28
C VAL B 732 -23.70 78.67 15.99
N PHE B 733 -23.59 77.87 17.05
CA PHE B 733 -23.36 76.44 16.91
C PHE B 733 -24.53 75.78 16.19
N GLY B 734 -24.22 74.91 15.24
CA GLY B 734 -25.23 74.22 14.47
C GLY B 734 -25.65 74.90 13.19
N TYR B 735 -24.93 75.93 12.77
CA TYR B 735 -25.27 76.66 11.54
C TYR B 735 -23.98 76.90 10.76
N SER B 736 -24.10 77.66 9.67
CA SER B 736 -22.94 78.09 8.91
C SER B 736 -22.18 79.22 9.60
N ASN B 737 -22.79 79.86 10.59
CA ASN B 737 -22.10 80.90 11.35
C ASN B 737 -21.01 80.33 12.24
N PHE B 738 -21.20 79.10 12.74
CA PHE B 738 -20.21 78.48 13.59
C PHE B 738 -18.93 78.20 12.81
N ASN B 739 -17.79 78.58 13.40
CA ASN B 739 -16.49 78.32 12.81
C ASN B 739 -15.45 78.43 13.90
N LYS B 740 -14.78 77.32 14.21
CA LYS B 740 -13.75 77.33 15.24
C LYS B 740 -12.45 77.89 14.66
N GLY B 741 -11.81 78.78 15.40
CA GLY B 741 -10.61 79.45 14.95
C GLY B 741 -9.36 78.65 15.24
N ALA B 742 -8.22 79.34 15.19
CA ALA B 742 -6.94 78.70 15.46
C ALA B 742 -6.86 78.28 16.93
N ALA B 743 -6.03 77.28 17.19
CA ALA B 743 -5.84 76.79 18.55
C ALA B 743 -5.25 77.89 19.43
N VAL B 744 -6.03 78.35 20.41
CA VAL B 744 -5.53 79.36 21.34
C VAL B 744 -4.33 78.80 22.12
N THR B 745 -4.44 77.56 22.57
CA THR B 745 -3.30 76.90 23.19
C THR B 745 -3.29 75.44 22.74
N THR B 746 -2.12 74.81 22.86
CA THR B 746 -1.95 73.42 22.49
C THR B 746 -1.33 72.68 23.67
N PHE B 747 -2.11 71.83 24.31
CA PHE B 747 -1.64 71.03 25.42
C PHE B 747 -0.94 69.77 24.90
N THR B 748 0.29 69.55 25.39
CA THR B 748 1.03 68.39 24.94
C THR B 748 1.69 67.71 26.13
N TYR B 749 1.49 66.40 26.26
CA TYR B 749 2.17 65.62 27.27
C TYR B 749 3.53 65.19 26.74
N THR B 750 4.59 65.82 27.26
CA THR B 750 5.94 65.63 26.78
C THR B 750 6.86 65.26 27.93
N ALA B 751 7.98 64.61 27.61
CA ALA B 751 8.99 64.34 28.61
C ALA B 751 9.64 65.65 29.05
N GLN B 752 9.90 65.76 30.35
CA GLN B 752 10.49 66.96 30.92
C GLN B 752 11.93 66.67 31.33
N SER B 753 12.83 67.57 30.94
CA SER B 753 14.25 67.43 31.24
C SER B 753 14.53 67.61 32.72
N GLY B 754 15.79 67.47 33.12
CA GLY B 754 16.17 67.58 34.51
C GLY B 754 16.14 66.24 35.20
N PRO B 755 15.74 66.23 36.48
CA PRO B 755 15.66 64.97 37.22
C PRO B 755 14.68 64.00 36.56
N PHE B 756 15.08 62.73 36.50
CA PHE B 756 14.25 61.64 35.99
C PHE B 756 13.78 61.94 34.57
N SER B 757 12.63 61.39 34.18
CA SER B 757 12.06 61.62 32.85
C SER B 757 10.55 61.47 32.92
N PRO B 758 9.85 62.39 33.58
CA PRO B 758 8.39 62.29 33.66
C PRO B 758 7.74 62.80 32.38
N VAL B 759 6.51 62.33 32.15
CA VAL B 759 5.67 62.83 31.07
C VAL B 759 4.66 63.78 31.68
N ALA B 760 4.80 65.07 31.35
CA ALA B 760 4.00 66.10 32.00
C ALA B 760 3.39 67.01 30.94
N LEU B 761 2.36 67.74 31.37
CA LEU B 761 1.64 68.63 30.47
C LEU B 761 2.43 69.89 30.17
N THR B 762 2.28 70.39 28.95
CA THR B 762 2.87 71.65 28.51
C THR B 762 1.80 72.44 27.78
N GLY B 763 1.73 73.73 28.09
CA GLY B 763 0.72 74.62 27.55
C GLY B 763 0.36 75.69 28.57
N ASN B 764 -0.70 76.43 28.25
CA ASN B 764 -1.18 77.50 29.11
C ASN B 764 -2.13 76.92 30.17
N THR B 765 -1.68 76.91 31.42
CA THR B 765 -2.48 76.36 32.51
C THR B 765 -3.76 77.15 32.74
N ASN B 766 -3.86 78.38 32.24
CA ASN B 766 -5.09 79.15 32.38
C ASN B 766 -6.26 78.44 31.71
N TYR B 767 -5.98 77.53 30.78
CA TYR B 767 -7.00 76.77 30.09
C TYR B 767 -7.10 75.34 30.59
N LEU B 768 -6.57 75.05 31.79
CA LEU B 768 -6.80 73.73 32.38
C LEU B 768 -8.28 73.48 32.62
N SER B 769 -9.05 74.54 32.91
CA SER B 769 -10.49 74.45 33.02
C SER B 769 -11.16 74.08 31.70
N GLN B 770 -10.44 74.24 30.59
CA GLN B 770 -10.95 73.84 29.28
C GLN B 770 -10.24 72.60 28.76
N TYR B 771 -9.58 71.83 29.62
CA TYR B 771 -8.78 70.69 29.21
C TYR B 771 -9.08 69.50 30.12
N ALA B 772 -9.18 68.32 29.54
CA ALA B 772 -9.43 67.10 30.29
C ALA B 772 -8.62 65.96 29.71
N ASP B 773 -8.08 65.11 30.60
CA ASP B 773 -7.20 64.03 30.23
C ASP B 773 -7.55 62.79 31.04
N ASN B 774 -6.84 61.70 30.78
CA ASN B 774 -6.97 60.48 31.58
C ASN B 774 -6.59 60.71 33.03
N ASN B 775 -5.72 61.69 33.29
CA ASN B 775 -5.25 61.96 34.64
C ASN B 775 -6.35 62.63 35.46
N PRO B 776 -6.72 62.07 36.61
CA PRO B 776 -7.72 62.74 37.46
C PRO B 776 -7.17 63.87 38.31
N THR B 777 -5.88 64.19 38.21
CA THR B 777 -5.28 65.27 38.98
C THR B 777 -5.30 66.60 38.22
N ASP B 778 -5.99 66.65 37.09
CA ASP B 778 -6.24 67.91 36.39
C ASP B 778 -7.67 68.00 35.87
N ASN B 779 -8.47 66.95 36.07
CA ASN B 779 -9.84 66.95 35.58
C ASN B 779 -10.80 67.73 36.46
N TYR B 780 -10.41 68.07 37.69
CA TYR B 780 -11.25 68.90 38.53
C TYR B 780 -11.32 70.34 38.04
N TYR B 781 -10.42 70.75 37.15
CA TYR B 781 -10.57 72.03 36.47
C TYR B 781 -11.75 72.07 35.52
N PHE B 782 -12.18 70.90 35.02
CA PHE B 782 -13.08 70.86 33.87
C PHE B 782 -14.41 71.56 34.12
N ILE B 783 -15.03 71.32 35.27
CA ILE B 783 -16.35 71.88 35.57
C ILE B 783 -16.30 72.89 36.70
N GLN B 784 -15.72 72.52 37.85
CA GLN B 784 -15.72 73.38 39.03
C GLN B 784 -14.47 74.25 39.04
N THR B 785 -14.52 75.33 38.26
CA THR B 785 -13.44 76.30 38.18
C THR B 785 -14.03 77.69 38.05
N VAL B 786 -13.71 78.56 39.00
CA VAL B 786 -14.14 79.95 38.97
C VAL B 786 -12.92 80.83 39.22
N ASN B 787 -12.87 81.98 38.55
CA ASN B 787 -11.78 82.95 38.67
C ASN B 787 -10.44 82.34 38.32
N GLY B 788 -10.41 81.34 37.44
CA GLY B 788 -9.16 80.75 37.02
C GLY B 788 -8.57 79.72 37.97
N MET B 789 -9.28 79.39 39.04
CA MET B 789 -8.80 78.41 40.01
C MET B 789 -9.83 77.28 40.13
N PRO B 790 -9.40 76.04 40.33
CA PRO B 790 -10.37 74.93 40.39
C PRO B 790 -11.04 74.87 41.75
N VAL B 791 -12.37 74.84 41.73
CA VAL B 791 -13.11 74.67 42.98
C VAL B 791 -12.90 73.26 43.53
N LEU B 792 -12.92 72.26 42.66
CA LEU B 792 -12.77 70.87 43.05
C LEU B 792 -11.30 70.49 43.05
N MET B 793 -10.94 69.54 43.91
CA MET B 793 -9.59 69.00 43.99
C MET B 793 -9.67 67.50 44.19
N GLY B 794 -9.68 66.75 43.09
CA GLY B 794 -9.80 65.31 43.15
C GLY B 794 -8.63 64.60 42.49
N GLY B 795 -8.73 63.28 42.44
CA GLY B 795 -7.71 62.45 41.84
C GLY B 795 -6.77 61.83 42.86
N LEU B 796 -5.61 61.43 42.34
CA LEU B 796 -4.58 60.83 43.17
C LEU B 796 -3.78 61.90 43.90
N SER B 797 -3.26 61.55 45.08
CA SER B 797 -2.34 62.40 45.81
C SER B 797 -1.37 61.50 46.55
N ILE B 798 -0.14 61.97 46.70
CA ILE B 798 0.94 61.15 47.23
C ILE B 798 1.72 61.96 48.25
N VAL B 799 2.03 61.34 49.38
CA VAL B 799 2.92 61.91 50.37
C VAL B 799 3.97 60.85 50.69
N ALA B 800 5.13 61.30 51.17
CA ALA B 800 6.23 60.39 51.36
C ALA B 800 7.05 60.83 52.57
N SER B 801 7.45 59.85 53.37
CA SER B 801 8.15 60.07 54.63
C SER B 801 9.28 59.05 54.74
N PRO B 802 10.29 59.27 55.59
CA PRO B 802 10.51 60.39 56.52
C PRO B 802 10.81 61.70 55.82
N VAL B 803 11.51 61.66 54.67
CA VAL B 803 11.76 62.87 53.91
C VAL B 803 10.45 63.37 53.35
N SER B 804 9.92 64.43 53.94
CA SER B 804 8.58 64.92 53.61
C SER B 804 8.53 65.36 52.15
N ALA B 805 7.82 64.60 51.33
CA ALA B 805 7.62 64.96 49.94
C ALA B 805 6.15 64.80 49.61
N SER B 806 5.68 65.57 48.63
CA SER B 806 4.25 65.55 48.34
C SER B 806 3.97 65.89 46.88
N LEU B 807 2.88 65.33 46.36
CA LEU B 807 2.37 65.65 45.03
C LEU B 807 0.85 65.56 45.07
N PRO B 808 0.14 66.51 44.43
CA PRO B 808 0.65 67.65 43.65
C PRO B 808 1.43 68.67 44.48
N SER B 809 2.58 69.08 44.00
CA SER B 809 3.42 70.07 44.67
C SER B 809 3.15 71.46 44.09
N SER B 810 3.47 72.48 44.87
CA SER B 810 3.31 73.85 44.42
C SER B 810 4.26 74.21 43.30
N THR B 811 5.31 73.41 43.08
CA THR B 811 6.27 73.64 42.02
C THR B 811 5.91 72.91 40.73
N SER B 812 4.86 72.10 40.74
CA SER B 812 4.45 71.35 39.56
C SER B 812 3.01 71.70 39.20
N SER B 813 2.80 72.04 37.93
CA SER B 813 1.46 72.35 37.45
C SER B 813 0.62 71.07 37.36
N PRO B 814 -0.70 71.19 37.45
CA PRO B 814 -1.56 70.00 37.31
C PRO B 814 -1.33 69.27 36.00
N GLY B 815 -1.30 67.94 36.08
CA GLY B 815 -1.02 67.13 34.91
C GLY B 815 0.43 66.74 34.79
N PHE B 816 1.13 66.61 35.92
CA PHE B 816 2.56 66.34 35.92
C PHE B 816 2.89 64.86 35.74
N MET B 817 1.89 63.99 35.65
CA MET B 817 2.11 62.65 35.14
C MET B 817 1.14 62.42 33.98
N TYR B 818 1.31 61.27 33.31
CA TYR B 818 0.39 60.86 32.27
C TYR B 818 -0.31 59.57 32.70
N LEU B 819 -0.78 59.55 33.95
CA LEU B 819 -1.43 58.37 34.51
C LEU B 819 -2.61 57.92 33.65
N LEU B 820 -2.63 56.64 33.31
CA LEU B 820 -3.69 56.07 32.51
C LEU B 820 -4.52 55.10 33.34
N PRO B 821 -5.85 55.20 33.28
CA PRO B 821 -6.69 54.30 34.05
C PRO B 821 -6.57 52.87 33.53
N SER B 822 -6.83 51.92 34.42
CA SER B 822 -6.77 50.51 34.05
C SER B 822 -7.82 50.21 32.98
N ALA B 823 -7.42 49.39 32.01
CA ALA B 823 -8.28 49.06 30.89
C ALA B 823 -9.44 48.19 31.35
N ALA B 824 -10.58 48.33 30.67
CA ALA B 824 -11.75 47.52 30.98
C ALA B 824 -11.49 46.06 30.64
N GLN B 825 -12.02 45.17 31.47
CA GLN B 825 -11.78 43.73 31.31
C GLN B 825 -12.77 43.11 30.35
N VAL B 826 -12.77 41.77 30.29
CA VAL B 826 -13.55 41.05 29.29
C VAL B 826 -15.06 41.29 29.41
N PRO B 827 -15.70 41.14 30.59
CA PRO B 827 -17.16 41.25 30.63
C PRO B 827 -17.69 42.64 30.29
N SER B 828 -16.84 43.66 30.30
CA SER B 828 -17.25 45.00 29.90
C SER B 828 -17.58 45.02 28.41
N PRO B 829 -18.69 45.64 28.02
CA PRO B 829 -19.05 45.70 26.60
C PRO B 829 -18.08 46.55 25.78
N LEU B 830 -17.28 47.38 26.46
CA LEU B 830 -16.26 48.19 25.81
C LEU B 830 -14.92 47.93 26.48
N PRO B 831 -14.23 46.85 26.10
CA PRO B 831 -12.91 46.57 26.70
C PRO B 831 -11.90 47.66 26.40
N GLY B 832 -11.01 47.88 27.36
CA GLY B 832 -9.96 48.88 27.21
C GLY B 832 -10.45 50.31 27.21
N MET B 833 -11.39 50.64 28.08
CA MET B 833 -11.85 52.01 28.25
C MET B 833 -11.43 52.51 29.63
N ALA B 834 -11.91 51.85 30.68
CA ALA B 834 -11.64 52.30 32.03
C ALA B 834 -11.99 51.20 33.04
N THR B 835 -11.52 51.39 34.26
CA THR B 835 -11.74 50.46 35.36
C THR B 835 -11.63 51.24 36.65
N PRO B 836 -12.60 51.10 37.57
CA PRO B 836 -12.53 51.83 38.84
C PRO B 836 -11.31 51.50 39.67
N ASN B 837 -10.73 50.32 39.49
CA ASN B 837 -9.50 49.97 40.18
C ASN B 837 -8.33 50.73 39.56
N TYR B 838 -7.54 51.38 40.41
CA TYR B 838 -6.35 52.09 39.99
C TYR B 838 -5.14 51.31 40.48
N ASN B 839 -4.35 50.81 39.54
CA ASN B 839 -3.13 50.08 39.86
C ASN B 839 -1.95 51.03 39.72
N LEU B 840 -1.36 51.41 40.85
CA LEU B 840 -0.29 52.41 40.88
C LEU B 840 1.03 51.69 41.06
N ASN B 841 2.02 52.06 40.25
CA ASN B 841 3.35 51.47 40.29
C ASN B 841 4.31 52.37 41.07
N ILE B 842 4.95 51.78 42.07
CA ILE B 842 5.75 52.52 43.05
C ILE B 842 7.12 51.88 43.18
N TYR B 843 8.16 52.71 43.15
CA TYR B 843 9.51 52.32 43.53
C TYR B 843 9.91 53.08 44.80
N ILE B 844 10.36 52.34 45.81
CA ILE B 844 10.90 52.92 47.03
C ILE B 844 12.37 52.54 47.12
N THR B 845 13.25 53.54 47.23
CA THR B 845 14.67 53.27 47.15
C THR B 845 15.43 54.34 47.93
N TYR B 846 16.72 54.08 48.12
CA TYR B 846 17.64 54.98 48.77
C TYR B 846 18.83 55.35 47.89
N LYS B 847 19.06 54.62 46.81
CA LYS B 847 20.37 54.60 46.16
C LYS B 847 20.65 55.89 45.39
N ILE B 848 19.67 56.38 44.64
CA ILE B 848 19.87 57.56 43.80
C ILE B 848 19.53 58.84 44.55
N ASP B 849 19.21 58.74 45.84
CA ASP B 849 19.01 59.93 46.66
C ASP B 849 20.35 60.58 46.96
N GLY B 850 20.35 61.92 46.96
CA GLY B 850 21.57 62.68 47.13
C GLY B 850 22.35 62.88 45.85
N ALA B 851 21.90 62.31 44.74
CA ALA B 851 22.60 62.47 43.48
C ALA B 851 22.39 63.89 42.93
N THR B 852 23.26 64.26 42.00
CA THR B 852 23.23 65.58 41.39
C THR B 852 22.95 65.45 39.90
N VAL B 853 22.01 66.26 39.42
CA VAL B 853 21.69 66.37 38.00
C VAL B 853 21.89 67.83 37.63
N GLY B 854 23.08 68.15 37.14
CA GLY B 854 23.44 69.55 36.93
C GLY B 854 23.51 70.29 38.25
N ASN B 855 22.56 71.20 38.47
CA ASN B 855 22.44 71.89 39.75
C ASN B 855 21.32 71.33 40.60
N ASN B 856 20.59 70.34 40.09
CA ASN B 856 19.44 69.79 40.80
C ASN B 856 19.87 68.68 41.75
N MET B 857 19.15 68.57 42.87
CA MET B 857 19.40 67.57 43.88
C MET B 857 18.29 66.51 43.84
N ILE B 858 18.67 65.25 44.01
CA ILE B 858 17.72 64.15 43.93
C ILE B 858 17.40 63.72 45.35
N ASN B 859 16.17 63.99 45.78
CA ASN B 859 15.70 63.62 47.11
C ASN B 859 14.19 63.76 47.17
N GLY B 860 13.51 62.74 47.69
CA GLY B 860 12.08 62.80 47.89
C GLY B 860 11.30 62.07 46.82
N LEU B 861 10.15 62.65 46.49
CA LEU B 861 9.18 62.03 45.59
C LEU B 861 9.30 62.62 44.18
N TYR B 862 9.13 61.77 43.18
CA TYR B 862 9.27 62.17 41.79
C TYR B 862 8.38 61.29 40.92
N VAL B 863 8.05 61.81 39.74
CA VAL B 863 7.23 61.11 38.76
C VAL B 863 8.13 60.64 37.63
N ALA B 864 7.89 59.42 37.15
CA ALA B 864 8.66 58.86 36.04
C ALA B 864 7.74 58.06 35.14
N SER B 865 8.11 58.01 33.86
CA SER B 865 7.34 57.35 32.80
C SER B 865 5.95 57.97 32.78
N GLN B 866 4.90 57.16 32.63
CA GLN B 866 3.53 57.65 32.69
C GLN B 866 2.82 57.23 33.97
N ASN B 867 3.15 56.06 34.51
CA ASN B 867 2.48 55.55 35.71
C ASN B 867 3.43 55.24 36.85
N THR B 868 4.68 55.70 36.79
CA THR B 868 5.67 55.32 37.80
C THR B 868 5.87 56.44 38.81
N LEU B 869 5.83 56.09 40.10
CA LEU B 869 6.21 57.00 41.17
C LEU B 869 7.50 56.49 41.78
N ILE B 870 8.41 57.40 42.11
CA ILE B 870 9.72 57.04 42.65
C ILE B 870 9.97 57.85 43.91
N TYR B 871 10.26 57.17 45.01
CA TYR B 871 10.62 57.82 46.26
C TYR B 871 12.05 57.45 46.61
N VAL B 872 12.88 58.45 46.85
CA VAL B 872 14.28 58.27 47.16
C VAL B 872 14.56 58.93 48.50
N VAL B 873 15.26 58.20 49.37
CA VAL B 873 15.55 58.66 50.73
C VAL B 873 17.05 58.56 50.97
N PRO B 874 17.60 59.43 51.80
CA PRO B 874 19.01 59.31 52.17
C PRO B 874 19.28 58.03 52.93
N ASN B 875 20.56 57.84 53.27
CA ASN B 875 20.98 56.64 53.99
C ASN B 875 20.26 56.52 55.33
N GLY B 876 20.18 57.61 56.08
CA GLY B 876 19.55 57.57 57.38
C GLY B 876 18.06 57.36 57.38
N SER B 877 17.36 57.69 56.30
CA SER B 877 15.92 57.54 56.22
C SER B 877 15.49 56.26 55.51
N PHE B 878 16.43 55.37 55.17
CA PHE B 878 16.06 54.15 54.47
C PHE B 878 15.21 53.23 55.35
N VAL B 879 15.53 53.12 56.64
CA VAL B 879 14.80 52.25 57.54
C VAL B 879 13.39 52.80 57.70
N GLY B 880 12.41 52.08 57.14
CA GLY B 880 11.02 52.49 57.24
C GLY B 880 10.61 53.58 56.28
N SER B 881 11.40 53.85 55.24
CA SER B 881 10.99 54.82 54.23
C SER B 881 9.70 54.35 53.55
N ASN B 882 8.74 55.26 53.46
CA ASN B 882 7.39 54.86 53.09
C ASN B 882 6.72 55.96 52.28
N ILE B 883 5.69 55.53 51.54
CA ILE B 883 4.82 56.41 50.76
C ILE B 883 3.39 56.14 51.17
N LYS B 884 2.64 57.20 51.43
CA LYS B 884 1.22 57.11 51.70
C LYS B 884 0.44 57.70 50.54
N LEU B 885 -0.43 56.88 49.96
CA LEU B 885 -1.26 57.24 48.83
C LEU B 885 -2.65 57.62 49.34
N THR B 886 -3.09 58.83 49.00
CA THR B 886 -4.42 59.30 49.34
C THR B 886 -5.16 59.59 48.04
N TYR B 887 -6.18 58.80 47.74
CA TYR B 887 -7.00 58.98 46.56
C TYR B 887 -8.30 59.65 46.97
N THR B 888 -8.59 60.78 46.32
CA THR B 888 -9.80 61.55 46.53
C THR B 888 -10.66 61.46 45.27
N THR B 889 -11.97 61.42 45.47
CA THR B 889 -12.89 61.48 44.33
C THR B 889 -12.73 62.80 43.58
N THR B 890 -12.79 62.72 42.26
CA THR B 890 -12.88 63.91 41.42
C THR B 890 -14.36 64.23 41.16
N ASP B 891 -15.13 64.28 42.24
CA ASP B 891 -16.57 64.51 42.18
C ASP B 891 -17.02 65.24 43.42
N TYR B 892 -17.87 66.26 43.25
CA TYR B 892 -18.39 67.00 44.39
C TYR B 892 -19.39 66.19 45.20
N ALA B 893 -20.26 65.44 44.53
CA ALA B 893 -21.29 64.68 45.23
C ALA B 893 -20.67 63.60 46.12
N VAL B 894 -19.59 62.96 45.67
CA VAL B 894 -18.96 61.91 46.46
C VAL B 894 -18.33 62.48 47.72
N LEU B 895 -17.72 63.67 47.61
CA LEU B 895 -17.21 64.34 48.81
C LEU B 895 -18.32 64.68 49.77
N HIS B 896 -19.45 65.17 49.25
CA HIS B 896 -20.52 65.64 50.12
C HIS B 896 -21.23 64.48 50.82
N TYR B 897 -21.50 63.39 50.10
CA TYR B 897 -22.39 62.36 50.60
C TYR B 897 -21.69 61.34 51.50
N PHE B 898 -20.36 61.28 51.50
CA PHE B 898 -19.65 60.33 52.35
C PHE B 898 -18.65 61.01 53.26
N TYR B 899 -18.88 62.27 53.64
CA TYR B 899 -18.02 62.93 54.61
C TYR B 899 -18.16 62.30 55.99
N SER B 900 -19.38 61.91 56.37
CA SER B 900 -19.61 61.34 57.69
C SER B 900 -19.07 59.92 57.80
N THR B 901 -19.26 59.11 56.76
CA THR B 901 -18.84 57.72 56.80
C THR B 901 -17.32 57.56 56.78
N GLY B 902 -16.57 58.59 56.39
CA GLY B 902 -15.14 58.50 56.32
C GLY B 902 -14.60 57.73 55.14
N GLN B 903 -15.42 57.49 54.11
CA GLN B 903 -14.99 56.73 52.94
C GLN B 903 -15.11 57.57 51.67
N TYR B 904 -14.71 58.85 51.72
CA TYR B 904 -14.67 59.66 50.51
C TYR B 904 -13.24 59.83 50.02
N LYS B 905 -12.27 59.68 50.90
CA LYS B 905 -10.86 59.59 50.55
C LYS B 905 -10.30 58.29 51.12
N VAL B 906 -9.45 57.64 50.34
CA VAL B 906 -8.88 56.35 50.74
C VAL B 906 -7.37 56.44 50.77
N PHE B 907 -6.79 56.02 51.89
CA PHE B 907 -5.34 56.12 52.08
C PHE B 907 -4.76 54.75 52.37
N LYS B 908 -3.56 54.52 51.83
CA LYS B 908 -2.84 53.28 52.06
C LYS B 908 -1.35 53.61 52.11
N THR B 909 -0.54 52.65 52.55
CA THR B 909 0.88 52.92 52.72
C THR B 909 1.72 51.78 52.16
N VAL B 910 2.89 52.13 51.63
CA VAL B 910 3.91 51.19 51.19
C VAL B 910 5.21 51.54 51.89
N SER B 911 5.82 50.55 52.54
CA SER B 911 6.99 50.84 53.36
C SER B 911 8.05 49.77 53.12
N VAL B 912 9.28 50.11 53.49
CA VAL B 912 10.40 49.17 53.44
C VAL B 912 10.20 48.13 54.54
N PRO B 913 10.09 46.85 54.20
CA PRO B 913 9.85 45.83 55.23
C PRO B 913 11.06 45.67 56.15
N ASN B 914 10.75 45.33 57.41
CA ASN B 914 11.79 44.97 58.36
C ASN B 914 12.19 43.52 58.11
N VAL B 915 13.29 43.34 57.40
CA VAL B 915 13.68 42.04 56.89
C VAL B 915 14.89 41.54 57.68
N THR B 916 15.03 40.22 57.74
CA THR B 916 16.11 39.59 58.47
C THR B 916 17.30 39.35 57.55
N ALA B 917 18.50 39.60 58.08
CA ALA B 917 19.74 39.39 57.35
C ALA B 917 20.67 38.57 58.23
N ASN B 918 21.88 38.33 57.73
CA ASN B 918 22.82 37.59 58.58
C ASN B 918 24.26 37.91 58.19
N LEU B 919 25.16 37.62 59.13
CA LEU B 919 26.60 37.76 58.96
C LEU B 919 27.25 36.52 59.52
N TYR B 920 28.07 35.86 58.70
CA TYR B 920 28.64 34.58 59.12
C TYR B 920 29.97 34.35 58.40
N PHE B 921 30.49 33.13 58.54
CA PHE B 921 31.81 32.73 58.09
C PHE B 921 31.71 31.43 57.30
N PRO B 922 32.72 31.12 56.48
CA PRO B 922 32.69 29.86 55.71
C PRO B 922 32.49 28.63 56.57
N SER B 923 33.10 28.59 57.75
CA SER B 923 32.97 27.45 58.65
C SER B 923 33.32 27.91 60.07
N SER B 924 32.82 27.17 61.05
CA SER B 924 33.11 27.48 62.45
C SER B 924 34.34 26.75 62.95
N THR B 925 34.91 25.86 62.14
CA THR B 925 36.10 25.09 62.52
C THR B 925 37.15 25.18 61.42
N THR B 926 37.41 26.39 60.93
CA THR B 926 38.39 26.57 59.88
C THR B 926 39.79 26.24 60.39
N PRO B 927 40.50 25.32 59.74
CA PRO B 927 41.87 24.99 60.18
C PRO B 927 42.86 26.06 59.76
N LEU B 928 44.08 26.00 60.30
CA LEU B 928 45.10 26.99 59.99
C LEU B 928 45.95 26.57 58.79
N TYR B 929 45.30 26.19 57.69
CA TYR B 929 46.01 26.05 56.41
C TYR B 929 45.73 27.26 55.54
N GLN B 930 44.57 27.88 55.73
CA GLN B 930 44.26 29.18 55.17
C GLN B 930 44.31 30.23 56.26
N LEU B 931 44.89 31.38 55.94
CA LEU B 931 45.09 32.44 56.92
C LEU B 931 44.26 33.68 56.60
N SER B 932 43.03 33.48 56.13
CA SER B 932 42.13 34.59 55.83
C SER B 932 40.70 34.07 55.79
N VAL B 933 39.86 34.55 56.70
CA VAL B 933 38.47 34.16 56.77
C VAL B 933 37.61 35.25 56.15
N PRO B 934 36.93 34.96 55.05
CA PRO B 934 36.05 35.97 54.44
C PRO B 934 34.72 36.09 55.20
N LEU B 935 34.35 37.32 55.52
CA LEU B 935 33.10 37.59 56.21
C LEU B 935 31.97 37.68 55.19
N TYR B 936 30.93 36.87 55.39
CA TYR B 936 29.79 36.82 54.46
C TYR B 936 28.67 37.64 55.07
N LEU B 937 28.24 38.69 54.37
CA LEU B 937 27.12 39.51 54.80
C LEU B 937 25.98 39.34 53.79
N SER B 938 24.94 38.62 54.19
CA SER B 938 23.78 38.41 53.32
C SER B 938 22.66 39.32 53.82
N GLU B 939 22.39 40.37 53.05
CA GLU B 939 21.34 41.35 53.29
C GLU B 939 20.31 41.22 52.17
N PRO B 940 19.05 40.88 52.47
CA PRO B 940 18.06 40.74 51.39
C PRO B 940 17.81 42.04 50.63
N TYR B 941 17.30 43.08 51.30
CA TYR B 941 17.02 44.36 50.65
C TYR B 941 18.14 45.37 50.85
N TYR B 942 19.33 45.07 50.32
CA TYR B 942 20.45 46.00 50.40
C TYR B 942 21.21 46.08 49.08
N GLY B 943 20.97 45.14 48.17
CA GLY B 943 21.73 45.06 46.95
C GLY B 943 21.10 45.77 45.78
N SER B 944 21.63 45.48 44.60
CA SER B 944 21.16 46.02 43.33
C SER B 944 21.72 45.13 42.23
N PRO B 945 21.22 45.24 41.00
CA PRO B 945 21.84 44.49 39.89
C PRO B 945 23.33 44.79 39.84
N LEU B 946 24.13 43.74 39.72
CA LEU B 946 25.56 43.87 39.87
C LEU B 946 26.12 44.82 38.80
N PRO B 947 27.18 45.58 39.12
CA PRO B 947 27.92 45.60 40.39
C PRO B 947 27.35 46.53 41.46
N THR B 948 27.64 46.21 42.72
CA THR B 948 27.37 47.07 43.87
C THR B 948 28.29 46.65 45.00
N TYR B 949 28.85 47.63 45.70
CA TYR B 949 29.88 47.32 46.69
C TYR B 949 29.70 48.18 47.92
N ILE B 950 30.62 48.02 48.87
CA ILE B 950 30.59 48.74 50.14
C ILE B 950 32.03 49.11 50.49
N GLY B 951 32.30 50.40 50.61
CA GLY B 951 33.56 50.85 51.18
C GLY B 951 33.53 50.68 52.69
N LEU B 952 34.67 50.32 53.26
CA LEU B 952 34.80 50.13 54.69
C LEU B 952 36.01 50.89 55.21
N GLY B 953 35.88 51.45 56.41
CA GLY B 953 36.94 52.23 57.01
C GLY B 953 36.45 53.00 58.21
N THR B 954 37.31 53.87 58.73
CA THR B 954 37.03 54.66 59.93
C THR B 954 36.58 53.76 61.07
N ASN B 955 35.29 53.38 61.09
CA ASN B 955 34.77 52.45 62.07
C ASN B 955 34.09 51.25 61.41
N GLY B 956 34.73 50.66 60.40
CA GLY B 956 34.07 49.66 59.59
C GLY B 956 32.85 50.17 58.88
N THR B 957 32.79 51.47 58.60
CA THR B 957 31.58 52.13 58.11
C THR B 957 31.17 51.62 56.74
N SER B 958 29.97 51.05 56.66
CA SER B 958 29.47 50.50 55.40
C SER B 958 29.02 51.63 54.50
N LEU B 959 29.97 52.23 53.78
CA LEU B 959 29.68 53.22 52.75
C LEU B 959 29.20 52.46 51.53
N TRP B 960 27.91 52.15 51.50
CA TRP B 960 27.35 51.40 50.40
C TRP B 960 27.39 52.24 49.12
N ASN B 961 28.19 51.79 48.16
CA ASN B 961 28.42 52.54 46.92
C ASN B 961 27.94 51.67 45.77
N SER B 962 27.02 52.20 44.98
CA SER B 962 26.57 51.55 43.75
C SER B 962 26.29 52.60 42.70
N PRO B 963 27.33 53.18 42.08
CA PRO B 963 27.10 54.11 40.98
C PRO B 963 26.60 53.40 39.72
N ASN B 964 26.40 52.09 39.83
CA ASN B 964 25.86 51.29 38.74
C ASN B 964 24.38 50.99 38.94
N TYR B 965 23.67 51.85 39.66
CA TYR B 965 22.22 51.73 39.81
C TYR B 965 21.57 52.97 39.22
N VAL B 966 20.51 52.75 38.44
CA VAL B 966 19.72 53.84 37.87
C VAL B 966 18.25 53.48 38.01
N LEU B 967 17.43 54.46 38.35
CA LEU B 967 15.98 54.28 38.46
C LEU B 967 15.30 55.40 37.68
N PHE B 968 15.13 55.17 36.37
CA PHE B 968 14.45 56.11 35.48
C PHE B 968 15.16 57.46 35.41
N GLY B 969 16.42 57.41 34.96
CA GLY B 969 17.14 58.61 34.58
C GLY B 969 17.96 59.29 35.64
N VAL B 970 18.17 58.66 36.79
CA VAL B 970 18.96 59.23 37.87
C VAL B 970 19.98 58.19 38.32
N SER B 971 21.25 58.58 38.36
CA SER B 971 22.30 57.71 38.85
C SER B 971 22.32 57.70 40.38
N ALA B 972 23.01 56.71 40.94
CA ALA B 972 23.08 56.54 42.38
C ALA B 972 24.43 57.02 42.92
N VAL B 973 24.43 57.39 44.19
CA VAL B 973 25.62 57.91 44.86
C VAL B 973 25.83 57.17 46.17
N GLN B 974 26.82 57.61 46.95
CA GLN B 974 27.18 56.95 48.19
C GLN B 974 26.03 56.99 49.18
N GLN B 975 25.78 55.88 49.86
CA GLN B 975 24.81 55.79 50.94
C GLN B 975 25.53 55.25 52.17
N TYR B 976 25.73 56.09 53.18
CA TYR B 976 26.34 55.65 54.43
C TYR B 976 25.31 54.80 55.17
N LEU B 977 25.23 53.53 54.78
CA LEU B 977 24.16 52.64 55.20
C LEU B 977 24.67 51.53 56.11
N GLY B 978 25.53 51.87 57.05
CA GLY B 978 25.91 50.92 58.08
C GLY B 978 27.35 51.09 58.49
N PHE B 979 27.74 50.25 59.44
CA PHE B 979 29.10 50.18 59.94
C PHE B 979 29.22 48.92 60.77
N ILE B 980 30.41 48.32 60.76
CA ILE B 980 30.65 47.14 61.57
C ILE B 980 30.52 47.57 63.03
N LYS B 981 29.61 46.94 63.76
CA LYS B 981 29.31 47.39 65.11
C LYS B 981 30.52 47.27 66.03
N SER B 982 31.13 46.09 66.07
CA SER B 982 32.25 45.85 66.98
C SER B 982 32.91 44.53 66.64
N ILE B 983 34.05 44.29 67.27
CA ILE B 983 34.72 42.99 67.27
C ILE B 983 35.02 42.66 68.73
N SER B 984 34.11 41.94 69.38
CA SER B 984 34.22 41.64 70.80
C SER B 984 34.65 40.19 70.98
N VAL B 985 35.12 39.86 72.18
CA VAL B 985 35.59 38.51 72.48
C VAL B 985 35.04 38.11 73.83
N THR B 986 34.45 36.93 73.91
CA THR B 986 34.02 36.38 75.19
C THR B 986 35.24 35.79 75.90
N LEU B 987 35.38 36.14 77.19
CA LEU B 987 36.28 35.49 78.13
C LEU B 987 35.61 35.47 79.49
N SER B 988 34.85 34.40 79.76
CA SER B 988 33.87 34.45 80.84
C SER B 988 34.19 33.46 81.96
N ASN B 989 34.85 33.96 83.00
CA ASN B 989 34.70 33.39 84.32
C ASN B 989 33.56 34.11 85.03
N GLY B 990 32.70 34.78 84.26
CA GLY B 990 31.75 35.74 84.76
C GLY B 990 31.87 37.05 84.03
N THR B 991 32.69 37.10 82.98
CA THR B 991 33.04 38.34 82.32
C THR B 991 32.69 38.30 80.83
N THR B 992 31.60 38.99 80.48
CA THR B 992 31.26 39.29 79.09
C THR B 992 32.15 40.43 78.64
N VAL B 993 33.24 40.06 77.93
CA VAL B 993 34.32 41.01 77.66
C VAL B 993 33.93 41.87 76.47
N VAL B 994 33.36 43.03 76.75
CA VAL B 994 33.08 44.08 75.77
C VAL B 994 34.37 44.83 75.50
N ILE B 995 34.94 44.64 74.31
CA ILE B 995 36.23 45.20 73.95
C ILE B 995 36.15 46.73 73.83
N PRO B 996 37.03 47.48 74.49
CA PRO B 996 37.15 48.91 74.18
C PRO B 996 37.59 49.12 72.75
N LEU B 997 36.70 49.72 71.95
CA LEU B 997 36.88 49.80 70.51
C LEU B 997 37.91 50.86 70.15
N THR B 998 38.96 50.46 69.44
CA THR B 998 39.99 51.37 68.96
C THR B 998 39.75 51.64 67.49
N THR B 999 39.77 52.93 67.12
CA THR B 999 39.42 53.36 65.77
C THR B 999 40.41 52.85 64.74
N SER B 1000 41.70 53.02 64.99
CA SER B 1000 42.72 52.65 64.00
C SER B 1000 42.67 51.15 63.70
N ASN B 1001 42.67 50.33 64.75
CA ASN B 1001 42.57 48.88 64.54
C ASN B 1001 41.29 48.52 63.80
N MET B 1002 40.17 49.14 64.17
CA MET B 1002 38.90 48.77 63.57
C MET B 1002 38.84 49.14 62.09
N GLN B 1003 39.32 50.32 61.71
CA GLN B 1003 39.32 50.69 60.31
C GLN B 1003 40.30 49.84 59.51
N THR B 1004 41.43 49.46 60.11
CA THR B 1004 42.44 48.76 59.33
C THR B 1004 42.17 47.27 59.25
N LEU B 1005 41.33 46.75 60.14
CA LEU B 1005 40.91 45.35 60.02
C LEU B 1005 39.83 45.18 58.94
N PHE B 1006 39.16 46.26 58.57
CA PHE B 1006 38.22 46.24 57.45
C PHE B 1006 38.48 47.44 56.54
N PRO B 1007 39.60 47.44 55.79
CA PRO B 1007 39.92 48.61 54.97
C PRO B 1007 39.41 48.50 53.54
N GLN B 1008 38.72 47.41 53.22
CA GLN B 1008 38.37 47.12 51.84
C GLN B 1008 37.38 48.14 51.28
N LEU B 1009 37.77 48.79 50.18
CA LEU B 1009 36.94 49.79 49.55
C LEU B 1009 35.79 49.17 48.75
N VAL B 1010 35.97 47.96 48.23
CA VAL B 1010 34.96 47.33 47.38
C VAL B 1010 34.66 45.92 47.87
N GLY B 1011 33.55 45.76 48.58
CA GLY B 1011 33.00 44.44 48.81
C GLY B 1011 31.84 44.18 47.88
N GLN B 1012 32.10 43.50 46.77
CA GLN B 1012 31.06 43.28 45.76
C GLN B 1012 30.13 42.15 46.19
N GLU B 1013 28.88 42.26 45.79
CA GLU B 1013 27.92 41.20 46.07
C GLU B 1013 28.01 40.12 44.99
N LEU B 1014 27.16 39.10 45.12
CA LEU B 1014 27.19 37.95 44.22
C LEU B 1014 25.95 37.84 43.36
N GLN B 1015 24.76 37.81 43.96
CA GLN B 1015 23.53 37.53 43.23
C GLN B 1015 22.77 38.82 42.98
N ALA B 1016 22.12 38.90 41.82
CA ALA B 1016 21.30 40.05 41.47
C ALA B 1016 20.02 40.06 42.32
N CYS B 1017 19.53 41.27 42.59
CA CYS B 1017 18.31 41.47 43.40
C CYS B 1017 18.45 40.86 44.79
N ASN B 1018 19.69 40.78 45.27
CA ASN B 1018 19.96 40.23 46.60
C ASN B 1018 21.37 40.61 47.06
N GLY B 1019 21.46 41.22 48.25
CA GLY B 1019 22.76 41.60 48.75
C GLY B 1019 23.50 40.42 49.34
N THR B 1020 24.61 40.06 48.70
CA THR B 1020 25.48 39.00 49.21
C THR B 1020 26.91 39.54 49.33
N PHE B 1021 27.07 40.64 50.07
CA PHE B 1021 28.35 41.34 50.13
C PHE B 1021 29.45 40.50 50.75
N GLN B 1022 30.65 40.59 50.17
CA GLN B 1022 31.81 39.84 50.60
C GLN B 1022 32.80 40.78 51.26
N PHE B 1023 33.04 40.57 52.56
CA PHE B 1023 34.14 41.21 53.27
C PHE B 1023 35.13 40.17 53.76
N GLY B 1024 36.08 40.56 54.59
CA GLY B 1024 37.03 39.58 55.10
C GLY B 1024 38.10 40.11 56.04
N ILE B 1025 38.42 39.31 57.04
CA ILE B 1025 39.53 39.60 57.95
C ILE B 1025 40.49 38.43 57.88
N SER B 1026 41.78 38.72 57.76
CA SER B 1026 42.75 37.64 57.63
C SER B 1026 43.31 37.25 58.99
N ILE B 1027 43.74 35.99 59.10
CA ILE B 1027 44.23 35.48 60.37
C ILE B 1027 45.66 35.94 60.64
N THR B 1028 46.47 36.04 59.58
CA THR B 1028 47.88 36.43 59.76
C THR B 1028 47.98 37.84 60.33
N GLY B 1029 47.16 38.76 59.83
CA GLY B 1029 47.17 40.12 60.36
C GLY B 1029 46.79 40.20 61.82
N LEU B 1030 45.73 39.49 62.22
CA LEU B 1030 45.31 39.49 63.61
C LEU B 1030 46.38 38.85 64.50
N GLU B 1031 47.02 37.78 64.01
CA GLU B 1031 48.08 37.13 64.78
C GLU B 1031 49.29 38.03 64.93
N LYS B 1032 49.67 38.72 63.85
CA LYS B 1032 50.78 39.67 63.91
C LYS B 1032 50.48 40.80 64.89
N LEU B 1033 49.24 41.29 64.87
CA LEU B 1033 48.83 42.28 65.87
C LEU B 1033 48.93 41.73 67.29
N LEU B 1034 48.49 40.48 67.48
CA LEU B 1034 48.49 39.85 68.79
C LEU B 1034 49.80 39.17 69.12
N ASN B 1035 50.77 39.20 68.20
CA ASN B 1035 52.09 38.59 68.40
C ASN B 1035 51.97 37.10 68.73
N LEU B 1036 51.16 36.39 67.95
CA LEU B 1036 50.95 34.95 68.15
C LEU B 1036 51.55 34.19 66.99
N ASN B 1037 51.35 32.86 67.02
CA ASN B 1037 51.89 31.99 65.99
C ASN B 1037 51.22 32.27 64.65
N VAL B 1038 51.97 32.03 63.56
CA VAL B 1038 51.45 32.29 62.23
C VAL B 1038 50.33 31.32 61.88
N GLN B 1039 50.60 30.03 61.97
CA GLN B 1039 49.56 29.04 61.69
C GLN B 1039 49.67 27.85 62.65
N GLN B 1040 50.41 28.01 63.74
CA GLN B 1040 50.61 26.89 64.66
C GLN B 1040 49.44 26.74 65.64
N LEU B 1041 49.22 27.73 66.51
CA LEU B 1041 48.13 27.71 67.46
C LEU B 1041 47.57 29.11 67.70
N ASN B 1042 46.25 29.27 67.54
CA ASN B 1042 45.59 30.55 67.82
C ASN B 1042 44.10 30.32 68.02
N ASN B 1043 43.55 30.85 69.13
CA ASN B 1043 42.14 30.62 69.45
C ASN B 1043 41.58 31.59 70.49
N SER B 1044 40.54 32.33 70.13
CA SER B 1044 39.71 33.07 71.08
C SER B 1044 38.24 32.86 70.71
N ILE B 1045 37.33 33.52 71.43
CA ILE B 1045 35.93 33.46 70.99
C ILE B 1045 35.74 34.17 69.64
N LEU B 1046 36.52 35.22 69.39
CA LEU B 1046 36.60 35.95 68.11
C LEU B 1046 35.24 36.24 67.49
N SER B 1047 34.44 37.09 68.14
CA SER B 1047 33.09 37.40 67.66
C SER B 1047 33.09 38.79 67.01
N VAL B 1048 33.11 38.81 65.68
CA VAL B 1048 32.95 40.06 64.95
C VAL B 1048 31.46 40.31 64.71
N THR B 1049 31.12 41.56 64.39
CA THR B 1049 29.73 41.94 64.18
C THR B 1049 29.60 42.76 62.92
N TYR B 1050 28.39 43.29 62.72
CA TYR B 1050 28.09 44.29 61.71
C TYR B 1050 26.71 44.87 61.99
N HIS B 1051 26.61 46.19 61.94
CA HIS B 1051 25.33 46.86 62.04
C HIS B 1051 24.91 47.31 60.65
N ASP B 1052 23.73 46.88 60.22
CA ASP B 1052 23.19 47.35 58.96
C ASP B 1052 22.13 48.41 59.18
N TYR B 1053 22.28 49.52 58.46
CA TYR B 1053 21.25 50.55 58.37
C TYR B 1053 20.19 50.17 57.34
N VAL B 1054 20.20 48.92 56.89
CA VAL B 1054 19.16 48.43 55.99
C VAL B 1054 17.80 48.44 56.69
N THR B 1055 17.67 47.65 57.75
CA THR B 1055 16.53 47.73 58.66
C THR B 1055 16.95 48.00 60.09
N GLY B 1056 18.19 48.45 60.31
CA GLY B 1056 18.68 48.73 61.64
C GLY B 1056 18.85 47.47 62.47
N GLU B 1057 19.79 46.61 62.08
CA GLU B 1057 19.95 45.33 62.77
C GLU B 1057 21.42 45.12 63.13
N THR B 1058 21.65 44.26 64.13
CA THR B 1058 22.99 43.88 64.55
C THR B 1058 23.18 42.39 64.26
N LEU B 1059 24.00 42.07 63.28
CA LEU B 1059 24.31 40.68 62.92
C LEU B 1059 25.69 40.35 63.46
N THR B 1060 25.89 39.10 63.86
CA THR B 1060 27.14 38.67 64.47
C THR B 1060 27.67 37.40 63.82
N ALA B 1061 28.99 37.37 63.63
CA ALA B 1061 29.69 36.19 63.15
C ALA B 1061 30.78 35.86 64.16
N THR B 1062 30.64 34.70 64.81
CA THR B 1062 31.59 34.23 65.80
C THR B 1062 32.45 33.13 65.19
N THR B 1063 33.72 33.07 65.58
CA THR B 1063 34.60 32.04 65.05
C THR B 1063 35.67 31.68 66.07
N LYS B 1064 36.07 30.41 66.00
CA LYS B 1064 37.16 29.84 66.78
C LYS B 1064 38.03 29.04 65.82
N LEU B 1065 39.34 29.15 65.98
CA LEU B 1065 40.27 28.55 65.03
C LEU B 1065 40.88 27.28 65.60
N VAL B 1066 40.97 26.25 64.75
CA VAL B 1066 41.56 24.96 65.09
C VAL B 1066 43.00 24.98 64.61
N ALA B 1067 43.90 24.39 65.41
CA ALA B 1067 45.32 24.36 65.06
C ALA B 1067 45.55 23.84 63.65
N LEU B 1068 45.10 22.62 63.36
CA LEU B 1068 45.11 22.08 62.01
C LEU B 1068 44.26 20.81 61.97
N SER B 1069 43.38 20.72 60.98
CA SER B 1069 42.53 19.56 60.82
C SER B 1069 43.37 18.32 60.50
N THR B 1070 43.16 17.26 61.28
CA THR B 1070 43.87 16.00 61.06
C THR B 1070 43.38 15.37 59.77
N LEU B 1071 44.30 15.15 58.83
CA LEU B 1071 43.95 14.63 57.52
C LEU B 1071 44.76 13.38 57.23
N SER B 1072 44.75 12.95 55.97
CA SER B 1072 45.41 11.71 55.57
C SER B 1072 46.92 11.76 55.81
N LEU B 1073 47.42 10.80 56.58
CA LEU B 1073 48.85 10.57 56.73
C LEU B 1073 49.21 9.31 55.96
N VAL B 1074 49.87 9.46 54.81
CA VAL B 1074 50.18 8.34 53.94
C VAL B 1074 51.69 8.14 53.89
N ALA B 1075 52.16 6.98 54.34
CA ALA B 1075 53.58 6.66 54.28
C ALA B 1075 53.84 5.68 53.16
N LYS B 1076 54.43 6.18 52.08
CA LYS B 1076 54.70 5.36 50.91
C LYS B 1076 56.10 4.76 50.98
N GLY B 1077 56.78 4.95 52.10
CA GLY B 1077 58.09 4.38 52.31
C GLY B 1077 58.65 4.71 53.67
N ALA B 1078 59.60 3.87 54.11
CA ALA B 1078 60.25 4.05 55.39
C ALA B 1078 61.73 3.66 55.27
N GLY B 1079 62.39 3.55 56.42
CA GLY B 1079 63.79 3.16 56.43
C GLY B 1079 63.97 1.70 56.04
N VAL B 1080 65.21 1.36 55.67
CA VAL B 1080 65.56 0.01 55.24
C VAL B 1080 66.68 -0.51 56.13
N VAL B 1081 66.47 -1.68 56.72
CA VAL B 1081 67.48 -2.35 57.52
C VAL B 1081 67.80 -3.69 56.87
N GLU B 1082 69.07 -3.91 56.53
CA GLU B 1082 69.49 -5.11 55.81
C GLU B 1082 70.51 -5.87 56.65
N PHE B 1083 71.06 -6.94 56.06
CA PHE B 1083 72.07 -7.76 56.69
C PHE B 1083 73.38 -7.64 55.92
N LEU B 1084 74.37 -8.44 56.33
CA LEU B 1084 75.67 -8.48 55.65
C LEU B 1084 76.31 -7.10 55.65
N LEU B 1085 76.28 -6.41 56.79
CA LEU B 1085 76.86 -5.08 56.90
C LEU B 1085 78.38 -5.16 56.83
N THR B 1086 79.00 -4.04 56.44
CA THR B 1086 80.44 -3.95 56.36
C THR B 1086 81.05 -4.05 57.76
N ALA B 1087 81.76 -5.14 58.01
CA ALA B 1087 82.31 -5.39 59.33
C ALA B 1087 83.40 -4.39 59.68
N TYR B 1088 83.35 -3.88 60.91
CA TYR B 1088 84.39 -3.00 61.44
C TYR B 1088 85.03 -3.64 62.66
N PRO B 1089 86.20 -4.27 62.52
CA PRO B 1089 86.83 -4.93 63.67
C PRO B 1089 87.23 -3.93 64.74
N TYR B 1090 87.28 -4.41 65.98
CA TYR B 1090 87.69 -3.58 67.11
C TYR B 1090 89.15 -3.17 66.98
N THR B 1091 89.94 -3.91 66.20
CA THR B 1091 91.33 -3.56 65.98
C THR B 1091 91.43 -2.31 65.12
N GLY B 1092 92.65 -1.78 65.00
CA GLY B 1092 92.86 -0.59 64.20
C GLY B 1092 92.61 -0.81 62.73
N ASN B 1093 92.75 -2.07 62.29
CA ASN B 1093 92.48 -2.44 60.89
C ASN B 1093 90.98 -2.58 60.70
N ILE B 1094 90.30 -1.46 60.47
CA ILE B 1094 88.85 -1.43 60.35
C ILE B 1094 88.43 -1.76 58.92
N THR B 1095 89.33 -1.60 57.95
CA THR B 1095 89.00 -1.76 56.54
C THR B 1095 88.94 -3.24 56.14
N PHE B 1096 88.94 -4.13 57.12
CA PHE B 1096 88.79 -5.56 56.85
C PHE B 1096 87.41 -6.00 57.32
N ALA B 1097 86.71 -6.75 56.48
CA ALA B 1097 85.33 -7.11 56.76
C ALA B 1097 85.16 -8.62 56.83
N PRO B 1098 85.31 -9.21 58.01
CA PRO B 1098 84.87 -10.60 58.20
C PRO B 1098 83.37 -10.70 58.00
N PRO B 1099 82.88 -11.80 57.43
CA PRO B 1099 81.45 -11.88 57.12
C PRO B 1099 80.61 -11.72 58.38
N TRP B 1100 79.83 -10.64 58.42
CA TRP B 1100 78.90 -10.40 59.50
C TRP B 1100 77.49 -10.77 59.05
N PHE B 1101 76.65 -11.10 60.02
CA PHE B 1101 75.28 -11.53 59.76
C PHE B 1101 74.44 -11.16 60.97
N ILE B 1102 73.60 -10.15 60.84
CA ILE B 1102 72.61 -9.84 61.87
C ILE B 1102 71.66 -11.03 61.96
N ALA B 1103 71.38 -11.49 63.17
CA ALA B 1103 70.64 -12.73 63.35
C ALA B 1103 69.17 -12.57 62.95
N GLU B 1104 68.41 -13.64 63.16
CA GLU B 1104 67.06 -13.78 62.61
C GLU B 1104 66.11 -12.67 63.05
N ASN B 1105 65.06 -12.45 62.28
CA ASN B 1105 63.93 -11.59 62.63
C ASN B 1105 64.30 -10.12 62.75
N VAL B 1106 64.98 -9.58 61.73
CA VAL B 1106 65.17 -8.14 61.62
C VAL B 1106 64.69 -7.72 60.23
N VAL B 1107 63.45 -7.24 60.14
CA VAL B 1107 62.82 -7.01 58.84
C VAL B 1107 62.51 -5.53 58.69
N LYS B 1108 63.49 -4.78 58.17
CA LYS B 1108 63.37 -3.42 57.65
C LYS B 1108 62.45 -2.49 58.42
N GLN B 1109 62.01 -1.42 57.75
CA GLN B 1109 60.97 -0.49 58.18
C GLN B 1109 61.04 -0.16 59.68
N PRO B 1110 62.07 0.56 60.12
CA PRO B 1110 62.09 1.01 61.52
C PRO B 1110 60.99 2.02 61.78
N PHE B 1111 60.73 2.26 63.06
CA PHE B 1111 59.80 3.33 63.42
C PHE B 1111 60.56 4.64 63.63
N MET B 1112 60.07 5.70 62.98
CA MET B 1112 60.68 7.02 63.08
C MET B 1112 59.62 8.08 62.85
N THR B 1113 59.88 9.29 63.35
CA THR B 1113 58.90 10.37 63.40
C THR B 1113 59.26 11.45 62.41
N TYR B 1114 58.25 12.04 61.78
CA TYR B 1114 58.47 13.14 60.84
C TYR B 1114 58.94 14.39 61.59
N SER B 1115 59.72 15.22 60.88
CA SER B 1115 60.24 16.44 61.49
C SER B 1115 59.21 17.57 61.45
N ASP B 1116 58.12 17.39 60.73
CA ASP B 1116 57.07 18.40 60.63
C ASP B 1116 55.69 17.75 60.66
N LEU B 1117 54.95 17.97 61.76
CA LEU B 1117 53.64 17.35 61.91
C LEU B 1117 52.61 17.97 60.97
N GLN B 1118 52.66 19.29 60.80
CA GLN B 1118 51.62 19.98 60.03
C GLN B 1118 51.60 19.55 58.57
N PHE B 1119 52.77 19.44 57.93
CA PHE B 1119 52.79 19.02 56.53
C PHE B 1119 52.40 17.56 56.39
N ALA B 1120 52.89 16.69 57.28
CA ALA B 1120 52.53 15.28 57.23
C ALA B 1120 51.04 15.06 57.49
N LYS B 1121 50.39 15.99 58.21
CA LYS B 1121 48.97 15.87 58.46
C LYS B 1121 48.15 15.91 57.19
N THR B 1122 48.52 16.73 56.21
CA THR B 1122 47.82 16.79 54.94
C THR B 1122 48.32 15.74 53.96
N ASN B 1123 49.60 15.78 53.60
CA ASN B 1123 50.23 14.73 52.79
C ASN B 1123 51.75 14.86 52.91
N PRO B 1124 52.45 13.81 53.32
CA PRO B 1124 53.92 13.88 53.35
C PRO B 1124 54.54 13.49 52.03
N SER B 1125 54.03 14.06 50.93
CA SER B 1125 54.51 13.75 49.60
C SER B 1125 55.54 14.78 49.15
N ALA B 1126 56.60 14.94 49.95
CA ALA B 1126 57.67 15.87 49.61
C ALA B 1126 58.92 15.51 50.41
N ILE B 1127 59.95 16.34 50.25
CA ILE B 1127 61.22 16.12 50.94
C ILE B 1127 61.03 16.38 52.42
N LEU B 1128 61.48 15.43 53.25
CA LEU B 1128 61.27 15.47 54.69
C LEU B 1128 62.49 14.87 55.39
N SER B 1129 62.55 15.07 56.70
CA SER B 1129 63.56 14.45 57.54
C SER B 1129 62.86 13.61 58.60
N LEU B 1130 63.35 12.39 58.79
CA LEU B 1130 62.72 11.41 59.66
C LEU B 1130 63.67 11.12 60.81
N SER B 1131 63.29 11.53 62.02
CA SER B 1131 64.11 11.26 63.20
C SER B 1131 63.86 9.83 63.66
N THR B 1132 64.90 9.00 63.63
CA THR B 1132 64.76 7.59 63.96
C THR B 1132 64.45 7.43 65.45
N VAL B 1133 63.39 6.70 65.75
CA VAL B 1133 62.97 6.47 67.13
C VAL B 1133 62.84 4.97 67.39
N ASN B 1134 63.47 4.17 66.53
CA ASN B 1134 63.49 2.73 66.73
C ASN B 1134 64.57 2.11 65.87
N ILE B 1135 65.52 1.42 66.51
CA ILE B 1135 66.49 0.57 65.83
C ILE B 1135 66.57 -0.75 66.58
N THR B 1136 66.31 -1.86 65.89
CA THR B 1136 66.24 -3.17 66.52
C THR B 1136 67.24 -4.11 65.87
N VAL B 1137 68.09 -4.74 66.70
CA VAL B 1137 68.99 -5.80 66.27
C VAL B 1137 68.64 -7.05 67.07
N VAL B 1138 68.12 -8.07 66.38
CA VAL B 1138 67.60 -9.27 67.03
C VAL B 1138 68.62 -10.39 66.89
N GLY B 1139 68.98 -10.99 68.03
CA GLY B 1139 69.90 -12.12 68.04
C GLY B 1139 69.20 -13.42 68.40
N LEU B 1140 69.96 -14.49 68.58
CA LEU B 1140 69.40 -15.79 68.93
C LEU B 1140 69.26 -15.94 70.43
N GLY B 1141 68.17 -15.43 71.00
CA GLY B 1141 67.93 -15.47 72.43
C GLY B 1141 67.39 -14.17 72.97
N GLY B 1142 67.59 -13.09 72.23
CA GLY B 1142 67.12 -11.79 72.65
C GLY B 1142 67.23 -10.78 71.53
N LYS B 1143 67.15 -9.51 71.89
CA LYS B 1143 67.30 -8.44 70.92
C LYS B 1143 67.62 -7.13 71.64
N ALA B 1144 68.52 -6.36 71.04
CA ALA B 1144 68.90 -5.05 71.54
C ALA B 1144 68.22 -3.95 70.72
N SER B 1145 68.09 -2.77 71.34
CA SER B 1145 67.39 -1.66 70.73
C SER B 1145 68.13 -0.36 70.99
N VAL B 1146 68.00 0.56 70.04
CA VAL B 1146 68.49 1.94 70.16
C VAL B 1146 67.40 2.83 69.60
N TYR B 1147 66.69 3.54 70.48
CA TYR B 1147 65.51 4.29 70.05
C TYR B 1147 65.53 5.68 70.67
N TYR B 1148 65.17 6.68 69.87
CA TYR B 1148 65.09 8.06 70.35
C TYR B 1148 63.70 8.29 70.95
N ASN B 1149 63.56 8.06 72.25
CA ASN B 1149 62.30 8.27 72.95
C ASN B 1149 62.00 9.76 72.94
N SER B 1150 61.00 10.15 72.15
CA SER B 1150 60.60 11.55 72.05
C SER B 1150 59.80 12.03 73.25
N THR B 1151 59.23 11.10 74.03
CA THR B 1151 58.52 11.48 75.25
C THR B 1151 59.44 12.15 76.25
N SER B 1152 60.67 11.66 76.40
CA SER B 1152 61.66 12.31 77.23
C SER B 1152 62.72 13.03 76.40
N GLY B 1153 62.66 12.91 75.09
CA GLY B 1153 63.66 13.51 74.23
C GLY B 1153 65.06 12.97 74.44
N GLN B 1154 65.16 11.65 74.70
CA GLN B 1154 66.43 11.05 75.04
C GLN B 1154 66.63 9.80 74.19
N THR B 1155 67.88 9.54 73.80
CA THR B 1155 68.21 8.33 73.06
C THR B 1155 68.49 7.21 74.05
N VAL B 1156 67.59 6.22 74.09
CA VAL B 1156 67.70 5.12 75.02
C VAL B 1156 68.26 3.91 74.29
N ILE B 1157 69.28 3.29 74.88
CA ILE B 1157 69.95 2.13 74.32
C ILE B 1157 69.82 0.99 75.32
N THR B 1158 69.27 -0.13 74.86
CA THR B 1158 69.09 -1.33 75.66
C THR B 1158 69.80 -2.50 74.98
N ASN B 1159 70.43 -3.35 75.78
CA ASN B 1159 71.21 -4.47 75.29
C ASN B 1159 70.30 -5.66 74.98
N ILE B 1160 70.90 -6.82 74.72
CA ILE B 1160 70.14 -8.01 74.35
C ILE B 1160 69.28 -8.51 75.49
N TYR B 1161 69.65 -8.20 76.75
CA TYR B 1161 68.89 -8.66 77.90
C TYR B 1161 67.57 -7.91 78.08
N GLY B 1162 67.36 -6.85 77.30
CA GLY B 1162 66.14 -6.07 77.43
C GLY B 1162 66.15 -5.05 78.55
N GLN B 1163 67.32 -4.74 79.10
CA GLN B 1163 67.44 -3.79 80.20
C GLN B 1163 68.11 -2.52 79.69
N THR B 1164 67.63 -1.38 80.17
CA THR B 1164 68.18 -0.08 79.75
C THR B 1164 69.62 0.05 80.22
N VAL B 1165 70.54 0.22 79.26
CA VAL B 1165 71.95 0.35 79.60
C VAL B 1165 72.51 1.73 79.30
N ALA B 1166 71.81 2.55 78.51
CA ALA B 1166 72.34 3.88 78.21
C ALA B 1166 71.18 4.83 77.96
N THR B 1167 71.36 6.07 78.42
CA THR B 1167 70.44 7.17 78.12
C THR B 1167 71.28 8.39 77.75
N LEU B 1168 71.05 8.91 76.55
CA LEU B 1168 71.87 9.98 76.00
C LEU B 1168 71.00 11.20 75.75
N SER B 1169 71.53 12.38 76.08
CA SER B 1169 70.79 13.63 75.89
C SER B 1169 70.62 13.94 74.41
N GLY B 1170 69.44 14.42 74.05
CA GLY B 1170 69.16 14.81 72.69
C GLY B 1170 69.09 13.62 71.74
N ASN B 1171 69.11 13.93 70.45
CA ASN B 1171 69.07 12.91 69.41
C ASN B 1171 70.47 12.70 68.85
N VAL B 1172 71.18 11.71 69.37
CA VAL B 1172 72.47 11.32 68.82
C VAL B 1172 72.31 10.46 67.58
N LEU B 1173 71.15 9.83 67.41
CA LEU B 1173 70.84 9.13 66.18
C LEU B 1173 70.76 10.13 65.03
N PRO B 1174 71.38 9.82 63.89
CA PRO B 1174 71.27 10.70 62.73
C PRO B 1174 69.84 10.72 62.20
N THR B 1175 69.45 11.86 61.66
CA THR B 1175 68.11 12.02 61.09
C THR B 1175 68.12 11.57 59.64
N LEU B 1176 67.36 10.51 59.36
CA LEU B 1176 67.29 9.92 58.03
C LEU B 1176 66.68 10.94 57.08
N THR B 1177 67.48 11.42 56.14
CA THR B 1177 67.01 12.40 55.17
C THR B 1177 66.50 11.70 53.92
N GLU B 1178 65.31 12.11 53.48
CA GLU B 1178 64.73 11.54 52.27
C GLU B 1178 65.60 11.89 51.07
N LEU B 1179 65.69 10.95 50.12
CA LEU B 1179 66.49 11.18 48.92
C LEU B 1179 65.71 11.97 47.87
N ALA B 1180 64.38 11.91 47.91
CA ALA B 1180 63.56 12.59 46.92
C ALA B 1180 62.22 12.95 47.53
N ALA B 1181 61.52 13.89 46.89
CA ALA B 1181 60.21 14.33 47.35
C ALA B 1181 59.16 13.28 47.04
N GLY B 1182 58.43 12.85 48.05
CA GLY B 1182 57.41 11.83 47.89
C GLY B 1182 57.93 10.50 47.40
N ASN B 1183 59.15 10.12 47.81
CA ASN B 1183 59.75 8.87 47.36
C ASN B 1183 59.55 7.76 48.37
N GLY B 1184 60.00 7.99 49.61
CA GLY B 1184 59.84 6.99 50.65
C GLY B 1184 61.14 6.36 51.09
N THR B 1185 62.26 6.81 50.55
CA THR B 1185 63.57 6.29 50.91
C THR B 1185 64.33 7.33 51.72
N PHE B 1186 64.72 6.93 52.93
CA PHE B 1186 65.40 7.81 53.87
C PHE B 1186 66.76 7.22 54.21
N THR B 1187 67.79 8.05 54.15
CA THR B 1187 69.17 7.59 54.24
C THR B 1187 69.86 8.27 55.41
N GLY B 1188 70.72 7.51 56.09
CA GLY B 1188 71.52 8.02 57.19
C GLY B 1188 72.85 7.29 57.27
N SER B 1189 73.29 7.03 58.50
CA SER B 1189 74.54 6.31 58.74
C SER B 1189 74.43 5.50 60.02
N LEU B 1190 74.97 4.29 59.98
CA LEU B 1190 74.96 3.37 61.11
C LEU B 1190 76.31 2.65 61.15
N GLN B 1191 77.07 2.88 62.22
CA GLN B 1191 78.35 2.20 62.40
C GLN B 1191 78.23 1.12 63.47
N PHE B 1192 79.11 0.13 63.42
CA PHE B 1192 79.10 -0.95 64.39
C PHE B 1192 80.53 -1.33 64.77
N THR B 1193 80.66 -1.92 65.95
CA THR B 1193 81.95 -2.38 66.44
C THR B 1193 81.71 -3.47 67.49
N ILE B 1194 82.81 -4.05 67.97
CA ILE B 1194 82.77 -5.11 68.97
C ILE B 1194 83.60 -4.67 70.17
N VAL B 1195 82.99 -4.65 71.35
CA VAL B 1195 83.69 -4.37 72.60
C VAL B 1195 83.75 -5.65 73.41
N PRO B 1196 84.93 -6.26 73.57
CA PRO B 1196 85.00 -7.55 74.28
C PRO B 1196 84.45 -7.50 75.71
N ASN B 1197 83.78 -8.57 76.11
CA ASN B 1197 83.26 -8.69 77.47
C ASN B 1197 83.73 -10.01 78.07
N ASN B 1198 83.21 -10.32 79.25
CA ASN B 1198 83.62 -11.49 80.00
C ASN B 1198 82.47 -12.49 80.07
N THR B 1199 82.73 -13.73 79.68
CA THR B 1199 81.80 -14.84 79.84
C THR B 1199 82.60 -16.13 79.80
N VAL B 1200 82.72 -16.81 80.94
CA VAL B 1200 83.60 -17.96 81.09
C VAL B 1200 82.89 -19.20 80.55
N VAL B 1201 83.55 -19.88 79.60
CA VAL B 1201 83.08 -21.15 79.07
C VAL B 1201 84.14 -22.19 79.38
N GLN B 1202 83.76 -23.27 80.06
CA GLN B 1202 84.72 -24.29 80.46
C GLN B 1202 84.64 -25.49 79.53
N ILE B 1203 85.78 -25.86 78.96
CA ILE B 1203 85.93 -27.07 78.15
C ILE B 1203 86.66 -28.10 79.00
N PRO B 1204 86.00 -29.19 79.40
CA PRO B 1204 86.62 -30.12 80.33
C PRO B 1204 87.80 -30.86 79.70
N SER B 1205 88.72 -31.32 80.56
CA SER B 1205 89.84 -32.12 80.10
C SER B 1205 89.46 -33.58 79.85
N SER B 1206 88.25 -33.99 80.20
CA SER B 1206 87.79 -35.35 79.95
C SER B 1206 87.63 -35.65 78.47
N LEU B 1207 87.57 -34.63 77.62
CA LEU B 1207 87.46 -34.82 76.18
C LEU B 1207 88.62 -34.23 75.39
N THR B 1208 89.48 -33.40 76.00
CA THR B 1208 90.57 -32.76 75.29
C THR B 1208 91.92 -32.94 75.97
N LYS B 1209 91.95 -33.51 77.19
CA LYS B 1209 93.15 -33.71 78.00
C LYS B 1209 93.73 -32.38 78.49
N THR B 1210 93.16 -31.26 78.06
CA THR B 1210 93.56 -29.93 78.51
C THR B 1210 92.32 -29.07 78.64
N SER B 1211 92.15 -28.43 79.78
CA SER B 1211 90.97 -27.60 80.01
C SER B 1211 91.12 -26.28 79.27
N PHE B 1212 89.99 -25.68 78.91
CA PHE B 1212 89.97 -24.39 78.22
C PHE B 1212 88.93 -23.48 78.86
N ALA B 1213 89.39 -22.37 79.45
CA ALA B 1213 88.50 -21.33 79.95
C ALA B 1213 88.45 -20.22 78.92
N VAL B 1214 87.33 -20.10 78.22
CA VAL B 1214 87.22 -19.21 77.08
C VAL B 1214 86.34 -18.02 77.45
N TYR B 1215 86.89 -16.82 77.33
CA TYR B 1215 86.11 -15.60 77.31
C TYR B 1215 85.51 -15.43 75.92
N THR B 1216 84.19 -15.26 75.86
CA THR B 1216 83.44 -15.36 74.61
C THR B 1216 83.66 -14.13 73.73
N ASN B 1217 82.84 -14.04 72.68
CA ASN B 1217 82.90 -12.99 71.67
C ASN B 1217 83.09 -11.60 72.25
N GLY B 1218 82.14 -11.16 73.07
CA GLY B 1218 82.18 -9.79 73.54
C GLY B 1218 80.79 -9.20 73.55
N SER B 1219 80.69 -7.98 73.05
CA SER B 1219 79.41 -7.28 72.96
C SER B 1219 79.36 -6.46 71.67
N LEU B 1220 78.26 -6.59 70.93
CA LEU B 1220 78.05 -5.74 69.77
C LEU B 1220 77.72 -4.32 70.24
N ALA B 1221 78.33 -3.32 69.61
CA ALA B 1221 78.15 -1.94 69.99
C ALA B 1221 77.80 -1.10 68.76
N ILE B 1222 76.75 -0.30 68.88
CA ILE B 1222 76.42 0.65 67.83
C ILE B 1222 77.30 1.88 67.99
N VAL B 1223 77.89 2.34 66.89
CA VAL B 1223 78.75 3.52 66.89
C VAL B 1223 77.98 4.65 66.24
N LEU B 1224 77.74 5.70 67.02
CA LEU B 1224 77.01 6.88 66.60
C LEU B 1224 77.89 8.10 66.85
N ASN B 1225 78.03 8.96 65.84
CA ASN B 1225 78.87 10.15 65.92
C ASN B 1225 80.31 9.81 66.31
N GLY B 1226 80.75 8.59 65.98
CA GLY B 1226 82.09 8.15 66.30
C GLY B 1226 82.26 7.54 67.67
N LYS B 1227 81.20 7.43 68.46
CA LYS B 1227 81.27 6.89 69.81
C LYS B 1227 80.52 5.56 69.87
N ALA B 1228 81.14 4.56 70.48
CA ALA B 1228 80.56 3.22 70.56
C ALA B 1228 79.70 3.09 71.82
N TYR B 1229 78.66 2.26 71.71
CA TYR B 1229 77.73 2.02 72.82
C TYR B 1229 77.28 0.57 72.74
N SER B 1230 77.58 -0.20 73.79
CA SER B 1230 77.37 -1.64 73.78
C SER B 1230 75.89 -1.98 73.67
N LEU B 1231 75.60 -3.09 72.98
CA LEU B 1231 74.24 -3.58 72.81
C LEU B 1231 74.07 -5.03 73.28
N GLY B 1232 74.88 -5.47 74.23
CA GLY B 1232 74.82 -6.83 74.71
C GLY B 1232 75.71 -7.75 73.90
N PRO B 1233 75.82 -9.02 74.34
CA PRO B 1233 76.76 -9.96 73.69
C PRO B 1233 76.60 -10.08 72.19
N ALA B 1234 77.72 -10.02 71.48
CA ALA B 1234 77.68 -10.10 70.02
C ALA B 1234 77.62 -11.55 69.55
N GLY B 1235 77.89 -12.51 70.43
CA GLY B 1235 77.85 -13.90 70.04
C GLY B 1235 76.51 -14.35 69.51
N LEU B 1236 75.41 -13.89 70.12
CA LEU B 1236 74.08 -14.21 69.62
C LEU B 1236 73.72 -13.40 68.38
N PHE B 1237 74.18 -12.14 68.33
CA PHE B 1237 73.90 -11.29 67.17
C PHE B 1237 74.67 -11.72 65.93
N LEU B 1238 75.97 -11.99 66.07
CA LEU B 1238 76.84 -12.14 64.91
C LEU B 1238 77.09 -13.60 64.61
N LEU B 1239 77.34 -13.86 63.32
CA LEU B 1239 77.64 -15.16 62.76
C LEU B 1239 78.97 -15.06 62.03
N PRO B 1240 79.85 -16.07 62.15
CA PRO B 1240 79.71 -17.34 62.92
C PRO B 1240 79.82 -17.25 64.43
N PHE B 1241 79.45 -18.33 65.08
CA PHE B 1241 79.78 -18.54 66.49
C PHE B 1241 80.03 -20.03 66.70
N VAL B 1242 80.75 -20.36 67.79
CA VAL B 1242 81.09 -21.74 68.12
C VAL B 1242 80.34 -22.10 69.38
N THR B 1243 79.53 -23.15 69.30
CA THR B 1243 78.75 -23.60 70.45
C THR B 1243 79.46 -24.74 71.16
N TYR B 1244 79.88 -24.49 72.40
CA TYR B 1244 80.36 -25.53 73.29
C TYR B 1244 79.38 -25.64 74.45
N THR B 1245 78.70 -26.78 74.54
CA THR B 1245 77.65 -27.00 75.54
C THR B 1245 76.61 -25.88 75.53
N GLY B 1246 76.27 -25.41 74.34
CA GLY B 1246 75.29 -24.35 74.20
C GLY B 1246 75.81 -22.95 74.45
N SER B 1247 77.13 -22.79 74.60
CA SER B 1247 77.74 -21.49 74.86
C SER B 1247 78.39 -20.99 73.59
N ALA B 1248 78.08 -19.75 73.20
CA ALA B 1248 78.55 -19.20 71.93
C ALA B 1248 79.85 -18.42 72.14
N ILE B 1249 80.83 -18.70 71.30
CA ILE B 1249 82.13 -18.03 71.34
C ILE B 1249 82.41 -17.45 69.97
N GLY B 1250 82.83 -16.18 69.93
CA GLY B 1250 83.14 -15.50 68.69
C GLY B 1250 84.50 -14.83 68.72
N ALA B 1251 84.66 -13.82 67.86
CA ALA B 1251 85.91 -13.08 67.76
C ALA B 1251 86.15 -12.31 69.05
N ASN B 1252 87.36 -11.77 69.19
CA ASN B 1252 87.78 -11.07 70.40
C ASN B 1252 87.70 -11.98 71.62
N ALA B 1253 87.75 -13.28 71.39
CA ALA B 1253 87.73 -14.25 72.48
C ALA B 1253 89.10 -14.31 73.16
N THR B 1254 89.14 -14.99 74.30
CA THR B 1254 90.38 -15.17 75.04
C THR B 1254 90.40 -16.57 75.66
N ALA B 1255 91.27 -17.44 75.15
CA ALA B 1255 91.30 -18.83 75.59
C ALA B 1255 92.45 -19.02 76.58
N ILE B 1256 92.11 -19.37 77.81
CA ILE B 1256 93.10 -19.77 78.81
C ILE B 1256 93.21 -21.29 78.75
N ILE B 1257 94.36 -21.77 78.32
CA ILE B 1257 94.65 -23.20 78.21
C ILE B 1257 95.22 -23.65 79.55
N THR B 1258 94.55 -24.61 80.18
CA THR B 1258 95.00 -25.23 81.42
C THR B 1258 95.52 -26.63 81.09
N VAL B 1259 96.84 -26.78 81.14
CA VAL B 1259 97.50 -28.03 80.80
C VAL B 1259 97.78 -28.80 82.08
N SER B 1260 97.33 -30.06 82.12
CA SER B 1260 97.58 -30.95 83.24
C SER B 1260 98.56 -32.03 82.83
N ASP B 1261 99.63 -32.17 83.61
CA ASP B 1261 100.69 -33.14 83.31
C ASP B 1261 101.24 -33.67 84.62
N GLY B 1262 102.27 -34.52 84.52
CA GLY B 1262 102.87 -35.10 85.71
C GLY B 1262 103.44 -34.09 86.67
N VAL B 1263 103.97 -32.97 86.15
CA VAL B 1263 104.41 -31.87 87.00
C VAL B 1263 103.25 -31.26 87.76
N GLY B 1264 102.07 -31.15 87.16
CA GLY B 1264 100.92 -30.58 87.82
C GLY B 1264 100.02 -29.80 86.89
N THR B 1265 99.74 -28.56 87.22
CA THR B 1265 98.82 -27.71 86.47
C THR B 1265 99.54 -26.45 86.01
N SER B 1266 99.37 -26.12 84.73
CA SER B 1266 99.94 -24.90 84.17
C SER B 1266 98.86 -24.16 83.40
N THR B 1267 98.98 -22.84 83.34
CA THR B 1267 98.00 -22.01 82.68
C THR B 1267 98.68 -21.05 81.73
N THR B 1268 98.16 -20.95 80.51
CA THR B 1268 98.63 -19.99 79.52
C THR B 1268 97.42 -19.30 78.89
N GLN B 1269 97.67 -18.15 78.28
CA GLN B 1269 96.60 -17.33 77.70
C GLN B 1269 96.89 -17.04 76.23
N VAL B 1270 95.89 -17.25 75.38
CA VAL B 1270 95.97 -16.89 73.98
C VAL B 1270 94.78 -15.99 73.65
N PRO B 1271 95.00 -14.73 73.30
CA PRO B 1271 93.88 -13.86 72.93
C PRO B 1271 93.51 -14.03 71.47
N ILE B 1272 92.21 -14.20 71.22
CA ILE B 1272 91.68 -14.23 69.86
C ILE B 1272 91.37 -12.79 69.44
N THR B 1273 91.86 -12.42 68.26
CA THR B 1273 91.69 -11.06 67.77
C THR B 1273 90.34 -10.91 67.08
N ALA B 1274 90.06 -9.68 66.64
CA ALA B 1274 88.87 -9.41 65.86
C ALA B 1274 89.04 -9.80 64.40
N GLU B 1275 90.27 -10.14 64.01
CA GLU B 1275 90.58 -10.57 62.65
C GLU B 1275 90.70 -12.09 62.57
N ASN B 1276 90.47 -12.79 63.68
CA ASN B 1276 90.52 -14.25 63.71
C ASN B 1276 89.09 -14.75 63.81
N PHE B 1277 88.17 -14.01 63.17
CA PHE B 1277 86.73 -14.25 63.23
C PHE B 1277 86.33 -15.45 62.39
N THR B 1278 86.94 -15.59 61.19
CA THR B 1278 87.17 -16.85 60.49
C THR B 1278 85.98 -17.80 60.48
N PRO B 1279 85.04 -17.67 59.54
CA PRO B 1279 84.09 -18.76 59.30
C PRO B 1279 84.80 -20.02 58.83
N ILE B 1280 84.34 -21.18 59.31
CA ILE B 1280 84.87 -22.49 58.92
C ILE B 1280 83.70 -23.40 58.60
N ARG B 1281 83.79 -24.09 57.46
CA ARG B 1281 82.74 -24.99 57.01
C ARG B 1281 83.22 -26.44 57.03
N LEU B 1282 82.34 -27.33 57.51
CA LEU B 1282 82.58 -28.77 57.48
C LEU B 1282 81.68 -29.40 56.45
N ALA B 1283 82.26 -30.10 55.47
CA ALA B 1283 81.49 -30.62 54.37
C ALA B 1283 81.82 -32.09 54.11
N PRO B 1284 80.83 -32.88 53.67
CA PRO B 1284 81.11 -34.26 53.26
C PRO B 1284 81.92 -34.30 51.98
N PHE B 1285 82.59 -35.43 51.75
CA PHE B 1285 83.43 -35.59 50.57
C PHE B 1285 82.63 -35.62 49.27
N GLN B 1286 81.37 -36.05 49.33
CA GLN B 1286 80.54 -36.14 48.14
C GLN B 1286 79.80 -34.83 47.86
N VAL B 1287 79.90 -33.86 48.76
CA VAL B 1287 79.26 -32.56 48.60
C VAL B 1287 80.32 -31.54 48.21
N PRO B 1288 80.03 -30.62 47.30
CA PRO B 1288 81.02 -29.59 46.93
C PRO B 1288 81.49 -28.79 48.14
N ALA B 1289 82.78 -28.48 48.17
CA ALA B 1289 83.39 -27.73 49.26
C ALA B 1289 83.82 -26.34 48.84
N GLN B 1290 83.98 -26.11 47.53
CA GLN B 1290 84.32 -24.77 47.04
C GLN B 1290 83.08 -23.90 46.91
N VAL B 1291 81.89 -24.48 46.98
CA VAL B 1291 80.63 -23.75 46.92
C VAL B 1291 80.07 -23.67 48.34
N PRO B 1292 79.88 -22.47 48.89
CA PRO B 1292 79.31 -22.36 50.24
C PRO B 1292 77.91 -22.96 50.30
N LEU B 1293 77.60 -23.55 51.45
CA LEU B 1293 76.30 -24.20 51.64
C LEU B 1293 75.30 -23.22 52.24
N PRO B 1294 74.27 -22.82 51.50
CA PRO B 1294 73.28 -21.90 52.05
C PRO B 1294 72.15 -22.61 52.76
N ASN B 1295 72.07 -23.94 52.58
CA ASN B 1295 71.01 -24.74 53.18
C ASN B 1295 71.47 -25.40 54.48
N ALA B 1296 72.38 -24.76 55.21
CA ALA B 1296 72.87 -25.32 56.45
C ALA B 1296 72.55 -24.38 57.61
N PRO B 1297 71.82 -24.86 58.63
CA PRO B 1297 71.56 -24.03 59.81
C PRO B 1297 72.84 -23.61 60.52
N LYS B 1298 72.70 -22.62 61.41
CA LYS B 1298 73.86 -22.05 62.08
C LYS B 1298 74.52 -23.02 63.05
N LEU B 1299 73.77 -24.03 63.51
CA LEU B 1299 74.27 -24.95 64.53
C LEU B 1299 74.74 -26.28 63.96
N LYS B 1300 74.20 -26.72 62.82
CA LYS B 1300 74.52 -28.04 62.29
C LYS B 1300 73.99 -28.19 60.87
N TYR B 1301 74.52 -29.17 60.14
CA TYR B 1301 73.97 -29.60 58.86
C TYR B 1301 73.78 -31.11 58.90
N GLU B 1302 72.54 -31.56 58.70
CA GLU B 1302 72.22 -32.97 58.71
C GLU B 1302 72.26 -33.51 57.27
N TYR B 1303 73.31 -34.26 56.97
CA TYR B 1303 73.45 -34.88 55.65
C TYR B 1303 72.65 -36.18 55.62
N ASN B 1304 71.55 -36.18 54.87
CA ASN B 1304 70.66 -37.33 54.80
C ASN B 1304 71.11 -38.37 53.78
N GLY B 1305 72.21 -38.12 53.08
CA GLY B 1305 72.72 -39.11 52.14
C GLY B 1305 73.14 -40.39 52.83
N SER B 1306 72.92 -41.51 52.15
CA SER B 1306 73.23 -42.82 52.72
C SER B 1306 74.74 -43.05 52.71
N ILE B 1307 75.29 -43.40 53.87
CA ILE B 1307 76.70 -43.70 54.02
C ILE B 1307 76.83 -45.04 54.71
N VAL B 1308 77.59 -45.95 54.11
CA VAL B 1308 77.86 -47.28 54.65
C VAL B 1308 79.36 -47.38 54.90
N ILE B 1309 79.73 -47.61 56.17
CA ILE B 1309 81.12 -47.67 56.56
C ILE B 1309 81.63 -49.10 56.38
N THR B 1310 82.57 -49.27 55.46
CA THR B 1310 83.18 -50.57 55.24
C THR B 1310 84.10 -50.91 56.42
N PRO B 1311 84.30 -52.20 56.72
CA PRO B 1311 85.20 -52.57 57.81
C PRO B 1311 86.66 -52.26 57.53
N GLN B 1312 86.99 -51.87 56.30
CA GLN B 1312 88.36 -51.50 55.94
C GLN B 1312 88.62 -50.02 56.18
N GLN B 1313 87.64 -49.28 56.68
CA GLN B 1313 87.78 -47.84 56.86
C GLN B 1313 87.73 -47.51 58.35
N GLN B 1314 88.78 -46.84 58.83
CA GLN B 1314 88.81 -46.32 60.20
C GLN B 1314 88.94 -44.80 60.20
N VAL B 1315 88.99 -44.18 59.02
CA VAL B 1315 89.09 -42.73 58.89
C VAL B 1315 88.02 -42.26 57.91
N LEU B 1316 87.40 -41.13 58.22
CA LEU B 1316 86.36 -40.53 57.39
C LEU B 1316 86.96 -39.31 56.69
N LYS B 1317 86.88 -39.28 55.36
CA LYS B 1317 87.43 -38.17 54.60
C LYS B 1317 86.40 -37.06 54.48
N ILE B 1318 86.70 -35.90 55.07
CA ILE B 1318 85.82 -34.74 55.04
C ILE B 1318 86.60 -33.54 54.54
N TYR B 1319 85.87 -32.48 54.19
CA TYR B 1319 86.49 -31.24 53.75
C TYR B 1319 86.28 -30.13 54.77
N VAL B 1320 87.35 -29.41 55.06
CA VAL B 1320 87.30 -28.24 55.94
C VAL B 1320 87.58 -27.03 55.06
N THR B 1321 86.58 -26.16 54.91
CA THR B 1321 86.69 -24.98 54.07
C THR B 1321 86.90 -23.74 54.92
N SER B 1322 87.92 -22.96 54.57
CA SER B 1322 88.27 -21.75 55.29
C SER B 1322 88.15 -20.54 54.37
N ILE B 1323 87.36 -19.56 54.80
CA ILE B 1323 87.22 -18.31 54.06
C ILE B 1323 88.25 -17.29 54.52
N LEU B 1324 88.58 -17.28 55.80
CA LEU B 1324 89.60 -16.42 56.37
C LEU B 1324 90.73 -17.29 56.90
N PRO B 1325 91.95 -16.73 57.02
CA PRO B 1325 93.10 -17.57 57.42
C PRO B 1325 92.89 -18.25 58.77
N TYR B 1326 93.37 -19.49 58.85
CA TYR B 1326 93.18 -20.33 60.04
C TYR B 1326 94.53 -20.88 60.49
N PRO B 1327 95.28 -20.16 61.31
CA PRO B 1327 96.65 -20.60 61.64
C PRO B 1327 96.72 -21.59 62.79
N GLN B 1328 95.77 -21.58 63.72
CA GLN B 1328 95.87 -22.40 64.91
C GLN B 1328 95.31 -23.80 64.68
N GLU B 1329 95.75 -24.74 65.50
CA GLU B 1329 95.36 -26.13 65.40
C GLU B 1329 94.05 -26.40 66.13
N PHE B 1330 93.44 -27.55 65.84
CA PHE B 1330 92.17 -27.92 66.44
C PHE B 1330 92.02 -29.43 66.37
N GLN B 1331 90.80 -29.92 66.55
CA GLN B 1331 90.49 -31.32 66.36
C GLN B 1331 89.04 -31.45 65.91
N ILE B 1332 88.73 -32.60 65.33
CA ILE B 1332 87.37 -32.98 64.99
C ILE B 1332 86.97 -34.08 65.97
N GLN B 1333 85.95 -33.82 66.78
CA GLN B 1333 85.42 -34.83 67.66
C GLN B 1333 84.19 -35.49 67.04
N ALA B 1334 84.18 -36.82 67.06
CA ALA B 1334 83.10 -37.62 66.52
C ALA B 1334 82.31 -38.21 67.68
N PHE B 1335 81.04 -37.83 67.76
CA PHE B 1335 80.11 -38.38 68.75
C PHE B 1335 79.15 -39.29 68.00
N VAL B 1336 79.18 -40.57 68.32
CA VAL B 1336 78.32 -41.56 67.69
C VAL B 1336 77.15 -41.84 68.62
N TYR B 1337 75.94 -41.73 68.07
CA TYR B 1337 74.70 -42.05 68.77
C TYR B 1337 74.02 -43.17 68.00
N GLU B 1338 73.23 -43.97 68.70
CA GLU B 1338 72.40 -44.95 68.00
C GLU B 1338 71.28 -44.25 67.26
N ALA B 1339 70.84 -44.87 66.16
CA ALA B 1339 69.78 -44.27 65.34
C ALA B 1339 68.50 -44.09 66.15
N SER B 1340 68.21 -45.02 67.07
CA SER B 1340 67.04 -44.87 67.92
C SER B 1340 67.25 -43.81 68.99
N GLN B 1341 68.51 -43.58 69.40
CA GLN B 1341 68.82 -42.61 70.44
C GLN B 1341 69.07 -41.21 69.88
N PHE B 1342 68.93 -41.03 68.57
CA PHE B 1342 69.09 -39.72 67.95
C PHE B 1342 67.82 -39.39 67.17
N ASN B 1343 67.30 -38.20 67.38
CA ASN B 1343 66.09 -37.73 66.70
C ASN B 1343 66.53 -37.00 65.44
N VAL B 1344 66.47 -37.70 64.30
CA VAL B 1344 66.87 -37.12 63.03
C VAL B 1344 65.88 -36.07 62.56
N HIS B 1345 64.64 -36.12 63.04
CA HIS B 1345 63.63 -35.13 62.63
C HIS B 1345 63.98 -33.74 63.14
N THR B 1346 64.45 -33.63 64.38
CA THR B 1346 64.81 -32.34 64.97
C THR B 1346 66.32 -32.10 64.98
N GLY B 1347 67.13 -33.13 64.76
CA GLY B 1347 68.58 -32.96 64.76
C GLY B 1347 69.19 -32.78 66.12
N SER B 1348 68.43 -33.04 67.19
CA SER B 1348 68.94 -32.88 68.54
C SER B 1348 69.11 -34.24 69.18
N PRO B 1349 70.24 -34.50 69.85
CA PRO B 1349 70.43 -35.80 70.50
C PRO B 1349 69.51 -35.96 71.70
N THR B 1350 68.83 -37.11 71.74
CA THR B 1350 67.91 -37.43 72.83
C THR B 1350 68.59 -38.19 73.95
N ALA B 1351 69.89 -38.47 73.84
CA ALA B 1351 70.62 -39.21 74.86
C ALA B 1351 72.10 -38.91 74.70
N ALA B 1352 72.88 -39.35 75.69
CA ALA B 1352 74.32 -39.19 75.65
C ALA B 1352 74.90 -40.04 74.51
N PRO B 1353 76.01 -39.61 73.91
CA PRO B 1353 76.59 -40.39 72.80
C PRO B 1353 76.99 -41.78 73.26
N VAL B 1354 76.73 -42.77 72.39
CA VAL B 1354 77.12 -44.14 72.73
C VAL B 1354 78.61 -44.35 72.50
N TYR B 1355 79.25 -43.46 71.74
CA TYR B 1355 80.71 -43.52 71.63
C TYR B 1355 81.24 -42.13 71.32
N PHE B 1356 82.50 -41.91 71.70
CA PHE B 1356 83.18 -40.65 71.42
C PHE B 1356 84.60 -40.94 70.92
N SER B 1357 85.05 -40.11 70.00
CA SER B 1357 86.41 -40.23 69.46
C SER B 1357 86.89 -38.85 69.04
N TYR B 1358 88.19 -38.71 68.82
CA TYR B 1358 88.77 -37.43 68.45
C TYR B 1358 89.84 -37.66 67.40
N SER B 1359 90.05 -36.63 66.57
CA SER B 1359 91.12 -36.63 65.56
C SER B 1359 91.74 -35.23 65.56
N ALA B 1360 92.99 -35.14 66.00
CA ALA B 1360 93.66 -33.85 66.08
C ALA B 1360 94.09 -33.38 64.70
N VAL B 1361 93.55 -32.25 64.27
CA VAL B 1361 93.86 -31.66 62.97
C VAL B 1361 94.76 -30.46 63.22
N ARG B 1362 96.03 -30.59 62.84
CA ARG B 1362 96.98 -29.49 62.91
C ARG B 1362 96.89 -28.69 61.63
N ALA B 1363 96.50 -27.42 61.74
CA ALA B 1363 96.23 -26.58 60.58
C ALA B 1363 97.53 -26.30 59.84
N TYR B 1364 97.74 -27.02 58.74
CA TYR B 1364 98.89 -26.80 57.88
C TYR B 1364 98.43 -26.79 56.43
N PRO B 1365 99.08 -26.00 55.58
CA PRO B 1365 98.72 -25.99 54.15
C PRO B 1365 99.01 -27.33 53.49
N ALA B 1366 98.19 -27.68 52.49
CA ALA B 1366 98.40 -28.90 51.74
C ALA B 1366 99.33 -28.64 50.56
N LEU B 1367 98.97 -27.66 49.75
CA LEU B 1367 99.80 -27.19 48.65
C LEU B 1367 100.79 -26.13 49.11
N GLY B 1368 101.01 -25.10 48.29
CA GLY B 1368 101.85 -23.98 48.65
C GLY B 1368 101.52 -23.40 50.01
N ILE B 1369 102.57 -23.10 50.77
CA ILE B 1369 102.41 -22.58 52.12
C ILE B 1369 101.81 -21.18 52.05
N GLY B 1370 100.76 -20.95 52.83
CA GLY B 1370 100.08 -19.67 52.87
C GLY B 1370 99.01 -19.50 51.81
N THR B 1371 99.32 -19.86 50.56
CA THR B 1371 98.38 -19.72 49.46
C THR B 1371 97.81 -21.05 49.00
N SER B 1372 97.67 -22.01 49.91
CA SER B 1372 97.15 -23.32 49.55
C SER B 1372 95.65 -23.24 49.27
N VAL B 1373 95.06 -24.39 48.94
CA VAL B 1373 93.63 -24.48 48.66
C VAL B 1373 92.87 -24.13 49.92
N PRO B 1374 91.80 -23.33 49.85
CA PRO B 1374 90.97 -23.07 51.04
C PRO B 1374 90.28 -24.30 51.59
N ASN B 1375 90.44 -25.46 50.95
CA ASN B 1375 89.84 -26.72 51.39
C ASN B 1375 90.94 -27.65 51.85
N LEU B 1376 90.76 -28.23 53.03
CA LEU B 1376 91.68 -29.20 53.61
C LEU B 1376 90.98 -30.54 53.71
N LEU B 1377 91.63 -31.59 53.21
CA LEU B 1377 91.10 -32.95 53.29
C LEU B 1377 91.48 -33.55 54.63
N VAL B 1378 90.51 -33.69 55.52
CA VAL B 1378 90.75 -34.16 56.89
C VAL B 1378 90.30 -35.61 56.99
N TYR B 1379 91.22 -36.47 57.44
CA TYR B 1379 90.91 -37.86 57.74
C TYR B 1379 90.55 -37.95 59.22
N VAL B 1380 89.26 -37.80 59.53
CA VAL B 1380 88.77 -37.89 60.90
C VAL B 1380 88.98 -39.34 61.35
N GLN B 1381 89.91 -39.53 62.28
CA GLN B 1381 90.21 -40.87 62.77
C GLN B 1381 89.32 -41.21 63.97
N LEU B 1382 89.24 -42.50 64.27
CA LEU B 1382 88.50 -42.99 65.42
C LEU B 1382 89.40 -43.83 66.31
N GLN B 1383 89.37 -43.58 67.62
CA GLN B 1383 90.19 -44.36 68.56
C GLN B 1383 89.57 -45.73 68.81
N GLY B 1384 89.41 -46.51 67.75
CA GLY B 1384 88.78 -47.81 67.83
C GLY B 1384 87.39 -47.85 67.23
N ILE B 1385 87.26 -48.35 66.01
CA ILE B 1385 85.95 -48.44 65.37
C ILE B 1385 85.29 -49.77 65.68
N SER B 1386 86.06 -50.76 66.13
CA SER B 1386 85.48 -52.04 66.52
C SER B 1386 84.65 -51.93 67.80
N ASN B 1387 84.80 -50.83 68.54
CA ASN B 1387 84.01 -50.63 69.75
C ASN B 1387 82.52 -50.49 69.45
N LEU B 1388 82.16 -49.98 68.27
CA LEU B 1388 80.75 -49.84 67.91
C LEU B 1388 80.28 -51.05 67.13
N PRO B 1389 79.27 -51.77 67.63
CA PRO B 1389 78.71 -52.90 66.88
C PRO B 1389 78.07 -52.44 65.58
N ALA B 1390 78.00 -53.36 64.63
CA ALA B 1390 77.40 -53.07 63.33
C ALA B 1390 75.93 -52.71 63.48
N GLY B 1391 75.51 -51.67 62.77
CA GLY B 1391 74.11 -51.25 62.85
C GLY B 1391 73.94 -49.87 62.27
N LYS B 1392 72.83 -49.24 62.63
CA LYS B 1392 72.51 -47.89 62.20
C LYS B 1392 72.91 -46.88 63.28
N TYR B 1393 73.50 -45.77 62.85
CA TYR B 1393 74.06 -44.79 63.76
C TYR B 1393 73.89 -43.39 63.17
N VAL B 1394 74.02 -42.41 64.06
CA VAL B 1394 74.13 -41.00 63.68
C VAL B 1394 75.44 -40.46 64.24
N ILE B 1395 76.29 -39.94 63.37
CA ILE B 1395 77.62 -39.50 63.74
C ILE B 1395 77.69 -37.98 63.61
N VAL B 1396 78.07 -37.30 64.69
CA VAL B 1396 78.17 -35.85 64.72
C VAL B 1396 79.65 -35.49 64.80
N LEU B 1397 80.11 -34.75 63.79
CA LEU B 1397 81.47 -34.21 63.77
C LEU B 1397 81.44 -32.74 64.17
N SER B 1398 82.21 -32.43 65.21
CA SER B 1398 82.24 -31.07 65.75
C SER B 1398 83.67 -30.59 65.87
N ALA B 1399 83.91 -29.34 65.51
CA ALA B 1399 85.25 -28.78 65.61
C ALA B 1399 85.51 -28.27 67.02
N VAL B 1400 86.44 -28.93 67.71
CA VAL B 1400 86.84 -28.54 69.06
C VAL B 1400 88.27 -28.00 68.99
N PRO B 1401 88.50 -26.74 69.30
CA PRO B 1401 89.82 -26.15 69.05
C PRO B 1401 90.80 -26.38 70.20
N PHE B 1402 92.08 -26.39 69.85
CA PHE B 1402 93.17 -26.61 70.80
C PHE B 1402 94.05 -25.37 70.92
N ALA B 1403 94.57 -25.15 72.12
CA ALA B 1403 95.62 -24.17 72.38
C ALA B 1403 95.27 -22.78 71.84
N GLY B 1404 94.28 -22.13 72.46
CA GLY B 1404 93.86 -20.83 72.00
C GLY B 1404 92.72 -20.86 71.01
N GLY B 1405 91.61 -21.49 71.38
CA GLY B 1405 90.53 -21.79 70.47
C GLY B 1405 90.07 -20.64 69.60
N PRO B 1406 90.31 -20.75 68.29
CA PRO B 1406 89.88 -19.71 67.35
C PRO B 1406 88.38 -19.79 67.09
N VAL B 1407 87.92 -18.94 66.19
CA VAL B 1407 86.51 -18.87 65.83
C VAL B 1407 86.27 -19.68 64.56
N LEU B 1408 85.13 -20.37 64.50
CA LEU B 1408 84.80 -21.24 63.38
C LEU B 1408 83.28 -21.33 63.21
N SER B 1409 82.87 -22.32 62.42
CA SER B 1409 81.53 -22.91 62.46
C SER B 1409 80.35 -21.99 62.13
N GLU B 1410 80.23 -21.56 60.87
CA GLU B 1410 78.95 -21.12 60.33
C GLU B 1410 78.61 -21.88 59.05
N TYR B 1411 77.38 -22.36 58.95
CA TYR B 1411 76.84 -23.02 57.75
C TYR B 1411 77.78 -24.09 57.23
N PRO B 1412 77.98 -25.20 57.97
CA PRO B 1412 77.39 -25.53 59.26
C PRO B 1412 78.33 -25.32 60.44
N ALA B 1413 77.84 -25.55 61.65
CA ALA B 1413 78.71 -25.60 62.82
C ALA B 1413 79.11 -27.04 63.15
N GLN B 1414 78.22 -27.99 62.88
CA GLN B 1414 78.51 -29.41 63.07
C GLN B 1414 78.05 -30.17 61.83
N LEU B 1415 78.65 -31.33 61.59
CA LEU B 1415 78.30 -32.17 60.45
C LEU B 1415 77.68 -33.45 60.97
N ILE B 1416 76.38 -33.61 60.76
CA ILE B 1416 75.63 -34.72 61.35
C ILE B 1416 75.24 -35.67 60.23
N PHE B 1417 75.92 -36.81 60.16
CA PHE B 1417 75.52 -37.90 59.28
C PHE B 1417 74.45 -38.71 59.98
N THR B 1418 73.19 -38.58 59.54
CA THR B 1418 72.07 -39.19 60.22
C THR B 1418 71.75 -40.59 59.74
N ASN B 1419 72.46 -41.09 58.73
CA ASN B 1419 72.16 -42.40 58.17
C ASN B 1419 73.42 -43.25 58.06
N VAL B 1420 74.24 -43.27 59.10
CA VAL B 1420 75.46 -44.06 59.12
C VAL B 1420 75.07 -45.53 59.24
N THR B 1421 75.66 -46.37 58.39
CA THR B 1421 75.44 -47.81 58.44
C THR B 1421 76.79 -48.48 58.65
N LEU B 1422 77.11 -48.80 59.90
CA LEU B 1422 78.37 -49.45 60.21
C LEU B 1422 78.26 -50.95 59.97
N THR B 1423 79.09 -51.47 59.08
CA THR B 1423 79.11 -52.88 58.75
C THR B 1423 80.52 -53.42 58.94
N GLN B 1424 80.62 -54.54 59.66
CA GLN B 1424 81.91 -55.18 59.90
C GLN B 1424 81.84 -56.67 59.58
N LEU C 30 36.40 31.36 24.41
CA LEU C 30 37.06 32.35 25.25
C LEU C 30 36.03 33.04 26.14
N THR C 31 35.87 34.35 25.95
CA THR C 31 34.82 35.10 26.60
C THR C 31 34.05 35.89 25.55
N PRO C 32 32.73 36.07 25.71
CA PRO C 32 31.86 35.60 26.81
C PRO C 32 31.62 34.09 26.82
N PRO C 33 31.35 33.52 27.99
CA PRO C 33 31.04 32.09 28.05
C PRO C 33 29.69 31.80 27.40
N VAL C 34 29.54 30.57 26.92
CA VAL C 34 28.33 30.15 26.22
C VAL C 34 27.84 28.85 26.85
N SER C 35 26.51 28.66 26.83
CA SER C 35 25.88 27.48 27.39
C SER C 35 25.45 26.54 26.26
N ALA C 36 25.02 25.34 26.65
CA ALA C 36 24.55 24.36 25.68
C ALA C 36 23.27 24.84 25.01
N GLY C 37 23.36 25.20 23.73
CA GLY C 37 22.23 25.73 23.00
C GLY C 37 21.89 27.16 23.33
N GLY C 38 22.80 27.92 23.92
CA GLY C 38 22.52 29.29 24.30
C GLY C 38 22.61 30.26 23.15
N ILE C 39 22.39 31.53 23.46
CA ILE C 39 22.42 32.62 22.49
C ILE C 39 23.46 33.63 22.94
N GLN C 40 24.21 34.16 21.97
CA GLN C 40 25.29 35.10 22.25
C GLN C 40 25.30 36.14 21.13
N ALA C 41 26.07 37.21 21.33
CA ALA C 41 26.12 38.32 20.39
C ALA C 41 27.55 38.76 20.16
N TYR C 42 27.78 39.45 19.04
CA TYR C 42 29.09 40.01 18.72
C TYR C 42 28.90 41.27 17.88
N LEU C 43 29.48 42.38 18.32
CA LEU C 43 29.39 43.61 17.55
C LEU C 43 30.49 43.66 16.49
N LEU C 44 30.15 44.15 15.30
CA LEU C 44 31.13 44.36 14.25
C LEU C 44 31.63 45.80 14.29
N THR C 45 32.83 46.00 14.82
CA THR C 45 33.43 47.33 14.87
C THR C 45 34.94 47.18 14.97
N GLY C 46 35.64 48.30 14.79
CA GLY C 46 37.08 48.33 14.88
C GLY C 46 37.71 49.07 13.73
N SER C 47 39.03 48.97 13.62
CA SER C 47 39.75 49.58 12.52
C SER C 47 39.44 48.82 11.23
N GLY C 48 38.86 49.52 10.27
CA GLY C 48 38.45 48.90 9.02
C GLY C 48 37.05 48.34 9.01
N ALA C 49 36.22 48.72 9.99
CA ALA C 49 34.85 48.23 10.03
C ALA C 49 34.06 48.78 8.84
N PRO C 50 33.20 47.96 8.24
CA PRO C 50 32.40 48.45 7.09
C PRO C 50 31.30 49.41 7.48
N ALA C 51 30.63 49.17 8.60
CA ALA C 51 29.57 50.05 9.07
C ALA C 51 29.34 49.82 10.56
N SER C 52 29.24 50.92 11.31
CA SER C 52 29.00 50.83 12.74
C SER C 52 27.52 50.67 13.03
N GLY C 53 27.19 49.63 13.79
CA GLY C 53 25.80 49.36 14.13
C GLY C 53 25.34 47.97 13.74
N LEU C 54 26.26 47.10 13.35
CA LEU C 54 25.93 45.74 12.96
C LEU C 54 26.23 44.80 14.12
N VAL C 55 25.21 44.02 14.51
CA VAL C 55 25.34 43.06 15.60
C VAL C 55 24.99 41.68 15.07
N LEU C 56 25.84 40.70 15.38
CA LEU C 56 25.69 39.33 14.94
C LEU C 56 25.18 38.51 16.13
N PHE C 57 23.95 38.03 16.01
CA PHE C 57 23.39 37.13 17.00
C PHE C 57 23.61 35.69 16.58
N VAL C 58 24.22 34.91 17.47
CA VAL C 58 24.55 33.52 17.20
C VAL C 58 23.85 32.64 18.23
N VAL C 59 23.47 31.44 17.80
CA VAL C 59 22.95 30.40 18.68
C VAL C 59 23.65 29.10 18.36
N ASN C 60 24.10 28.41 19.40
CA ASN C 60 24.94 27.22 19.27
C ASN C 60 24.09 26.07 18.75
N VAL C 61 24.47 25.50 17.62
CA VAL C 61 23.70 24.44 16.98
C VAL C 61 24.64 23.23 16.85
N SER C 62 25.57 23.11 17.79
CA SER C 62 26.37 21.91 17.94
C SER C 62 25.61 20.78 18.63
N ASN C 63 24.43 21.06 19.18
CA ASN C 63 23.68 20.02 19.90
C ASN C 63 22.95 19.09 18.93
N ILE C 64 22.64 19.57 17.73
CA ILE C 64 22.01 18.75 16.68
C ILE C 64 22.80 18.93 15.39
N GLN C 65 22.65 17.97 14.48
CA GLN C 65 23.30 18.08 13.16
C GLN C 65 22.32 18.61 12.14
N VAL C 66 22.78 19.58 11.33
CA VAL C 66 21.92 20.21 10.34
C VAL C 66 22.52 19.99 8.96
N SER C 67 21.70 19.47 8.04
CA SER C 67 22.11 19.25 6.67
C SER C 67 21.58 20.40 5.80
N SER C 68 21.85 20.31 4.50
CA SER C 68 21.41 21.34 3.57
C SER C 68 20.03 21.06 3.01
N SER C 69 19.45 19.89 3.31
CA SER C 69 18.14 19.52 2.78
C SER C 69 17.01 19.96 3.69
N ASN C 70 17.31 20.32 4.94
CA ASN C 70 16.29 20.76 5.88
C ASN C 70 16.74 21.98 6.68
N VAL C 71 17.84 22.61 6.27
CA VAL C 71 18.38 23.74 7.01
C VAL C 71 17.35 24.85 7.11
N THR C 72 16.60 25.09 6.04
CA THR C 72 15.58 26.13 6.06
C THR C 72 14.58 25.91 7.18
N ASN C 73 14.11 24.67 7.35
CA ASN C 73 13.16 24.38 8.41
C ASN C 73 13.77 24.66 9.79
N VAL C 74 14.98 24.14 10.04
CA VAL C 74 15.54 24.25 11.38
C VAL C 74 15.85 25.70 11.72
N ILE C 75 16.40 26.46 10.76
CA ILE C 75 16.67 27.87 11.02
C ILE C 75 15.37 28.64 11.21
N SER C 76 14.32 28.27 10.46
CA SER C 76 13.03 28.92 10.65
C SER C 76 12.53 28.71 12.07
N THR C 77 12.63 27.47 12.56
CA THR C 77 12.21 27.18 13.93
C THR C 77 13.07 27.97 14.93
N VAL C 78 14.37 28.03 14.67
CA VAL C 78 15.29 28.65 15.62
C VAL C 78 15.00 30.15 15.73
N VAL C 79 14.87 30.82 14.59
CA VAL C 79 14.54 32.24 14.61
C VAL C 79 13.12 32.47 15.10
N SER C 80 12.25 31.46 15.01
CA SER C 80 10.94 31.58 15.63
C SER C 80 11.04 31.55 17.15
N ASN C 81 12.03 30.82 17.67
CA ASN C 81 12.19 30.70 19.11
C ASN C 81 13.10 31.75 19.72
N ILE C 82 13.83 32.51 18.90
CA ILE C 82 14.70 33.56 19.42
C ILE C 82 13.90 34.84 19.62
N GLN C 83 14.16 35.53 20.73
CA GLN C 83 13.58 36.84 20.99
C GLN C 83 14.70 37.84 21.26
N ILE C 84 14.47 39.09 20.84
CA ILE C 84 15.46 40.15 20.96
C ILE C 84 14.88 41.25 21.85
N ASN C 85 15.64 41.61 22.88
CA ASN C 85 15.19 42.57 23.87
C ASN C 85 15.89 43.91 23.66
N ALA C 86 15.10 44.98 23.71
CA ALA C 86 15.62 46.34 23.71
C ALA C 86 15.32 46.98 25.05
N LYS C 87 16.33 47.63 25.63
CA LYS C 87 16.25 48.10 27.00
C LYS C 87 16.73 49.54 27.08
N THR C 88 16.12 50.30 28.00
CA THR C 88 16.57 51.62 28.36
C THR C 88 17.20 51.59 29.74
N GLU C 89 18.36 52.26 29.84
CA GLU C 89 19.18 52.26 31.04
C GLU C 89 19.95 53.57 31.11
N ASN C 90 20.94 53.61 32.00
CA ASN C 90 21.86 54.73 32.05
C ASN C 90 23.16 54.37 31.35
N ALA C 91 23.99 55.39 31.08
CA ALA C 91 25.27 55.19 30.43
C ALA C 91 26.40 54.92 31.42
N GLN C 92 26.06 54.64 32.68
CA GLN C 92 27.03 54.36 33.72
C GLN C 92 26.74 53.08 34.48
N THR C 93 25.56 52.50 34.27
CA THR C 93 25.05 51.45 35.14
C THR C 93 24.94 50.15 34.36
N GLY C 94 24.57 49.08 35.08
CA GLY C 94 24.23 47.82 34.46
C GLY C 94 22.93 47.29 35.04
N ALA C 95 22.08 48.21 35.49
CA ALA C 95 20.82 47.88 36.15
C ALA C 95 19.68 48.09 35.18
N THR C 96 18.90 47.03 34.96
CA THR C 96 17.79 47.09 34.02
C THR C 96 16.74 48.08 34.49
N THR C 97 16.46 49.08 33.64
CA THR C 97 15.48 50.11 33.95
C THR C 97 14.21 50.00 33.13
N GLY C 98 14.28 49.55 31.87
CA GLY C 98 13.09 49.27 31.10
C GLY C 98 13.38 48.29 29.98
N SER C 99 12.49 47.32 29.73
CA SER C 99 12.77 46.28 28.76
C SER C 99 11.54 45.98 27.91
N VAL C 100 11.77 45.73 26.62
CA VAL C 100 10.74 45.33 25.67
C VAL C 100 11.31 44.20 24.83
N THR C 101 10.43 43.32 24.33
CA THR C 101 10.87 42.17 23.55
C THR C 101 10.22 42.17 22.18
N VAL C 102 10.95 41.69 21.19
CA VAL C 102 10.48 41.52 19.81
C VAL C 102 10.95 40.16 19.31
N ARG C 103 10.48 39.76 18.13
CA ARG C 103 10.85 38.46 17.57
C ARG C 103 11.13 38.62 16.08
N PHE C 104 12.00 37.75 15.56
CA PHE C 104 12.26 37.75 14.13
C PHE C 104 11.00 37.37 13.36
N PRO C 105 10.79 37.94 12.18
CA PRO C 105 9.61 37.58 11.38
C PRO C 105 9.72 36.17 10.83
N THR C 106 8.58 35.63 10.38
CA THR C 106 8.54 34.36 9.69
C THR C 106 8.50 34.50 8.18
N SER C 107 8.55 35.74 7.67
CA SER C 107 8.53 36.01 6.24
C SER C 107 9.25 37.33 5.98
N GLY C 108 10.30 37.27 5.15
CA GLY C 108 11.12 38.43 4.89
C GLY C 108 12.32 38.56 5.80
N TYR C 109 12.51 37.59 6.69
CA TYR C 109 13.63 37.59 7.63
C TYR C 109 14.87 37.01 6.97
N ASN C 110 15.99 37.08 7.69
CA ASN C 110 17.26 36.52 7.25
C ASN C 110 17.78 35.58 8.33
N ALA C 111 18.27 34.42 7.90
CA ALA C 111 18.86 33.45 8.80
C ALA C 111 19.99 32.72 8.10
N TYR C 112 21.07 32.48 8.83
CA TYR C 112 22.26 31.86 8.26
C TYR C 112 22.75 30.77 9.20
N TYR C 113 23.48 29.80 8.66
CA TYR C 113 24.02 28.70 9.45
C TYR C 113 25.44 28.41 9.01
N ASP C 114 26.37 28.37 9.96
CA ASP C 114 27.75 28.01 9.70
C ASP C 114 27.98 26.58 10.18
N SER C 115 28.41 25.70 9.27
CA SER C 115 28.58 24.29 9.58
C SER C 115 29.95 23.96 10.16
N VAL C 116 30.91 24.88 10.05
CA VAL C 116 32.23 24.71 10.65
C VAL C 116 32.25 25.26 12.06
N ASP C 117 31.84 26.50 12.25
CA ASP C 117 31.52 27.00 13.57
C ASP C 117 30.16 26.51 14.04
N LYS C 118 29.41 25.82 13.17
CA LYS C 118 28.22 25.04 13.51
C LYS C 118 27.29 25.79 14.45
N VAL C 119 26.92 27.01 14.04
CA VAL C 119 25.99 27.85 14.80
C VAL C 119 25.09 28.59 13.81
N VAL C 120 23.87 28.88 14.24
CA VAL C 120 22.96 29.68 13.42
C VAL C 120 23.07 31.15 13.80
N PHE C 121 23.35 31.99 12.82
CA PHE C 121 23.63 33.39 13.08
C PHE C 121 22.78 34.28 12.16
N VAL C 122 22.46 35.46 12.67
CA VAL C 122 21.70 36.49 11.97
C VAL C 122 22.32 37.84 12.26
N VAL C 123 22.44 38.70 11.25
CA VAL C 123 23.01 40.02 11.40
C VAL C 123 21.88 41.05 11.43
N VAL C 124 21.92 41.95 12.41
CA VAL C 124 20.92 43.01 12.56
C VAL C 124 21.64 44.36 12.57
N SER C 125 21.11 45.31 11.81
CA SER C 125 21.66 46.66 11.75
C SER C 125 20.87 47.56 12.70
N PHE C 126 21.58 48.21 13.63
CA PHE C 126 20.93 49.02 14.65
C PHE C 126 21.28 50.50 14.51
N LEU C 127 22.56 50.85 14.57
CA LEU C 127 22.96 52.25 14.66
C LEU C 127 23.04 52.91 13.29
N TYR C 128 23.30 54.22 13.32
CA TYR C 128 23.40 55.05 12.13
C TYR C 128 24.58 54.58 11.28
N PRO C 129 24.46 54.63 9.94
CA PRO C 129 23.28 55.03 9.15
C PRO C 129 22.25 53.91 9.00
N TYR C 130 22.70 52.65 8.96
CA TYR C 130 21.83 51.53 8.62
C TYR C 130 21.01 51.12 9.84
N THR C 131 19.76 51.55 9.87
CA THR C 131 18.83 51.15 10.93
C THR C 131 17.64 50.37 10.36
N THR C 132 17.02 50.89 9.30
CA THR C 132 15.92 50.20 8.64
C THR C 132 16.26 49.75 7.22
N THR C 133 17.46 50.06 6.74
CA THR C 133 17.88 49.70 5.40
C THR C 133 18.89 48.56 5.45
N SER C 134 18.63 47.51 4.68
CA SER C 134 19.51 46.35 4.64
C SER C 134 20.85 46.72 4.02
N VAL C 135 21.91 46.14 4.57
CA VAL C 135 23.27 46.37 4.09
C VAL C 135 23.94 45.02 3.90
N ASN C 136 24.91 44.98 2.99
CA ASN C 136 25.66 43.76 2.69
C ASN C 136 26.90 43.69 3.57
N ILE C 137 27.02 42.58 4.28
CA ILE C 137 28.13 42.32 5.21
C ILE C 137 29.16 41.47 4.47
N PRO C 138 30.38 41.96 4.29
CA PRO C 138 31.42 41.15 3.63
C PRO C 138 31.75 39.91 4.43
N LEU C 139 32.10 38.84 3.72
CA LEU C 139 32.48 37.59 4.35
C LEU C 139 33.79 37.70 5.12
N SER C 140 34.77 38.42 4.57
CA SER C 140 36.10 38.48 5.17
C SER C 140 36.11 39.23 6.50
N TYR C 141 35.27 40.24 6.66
CA TYR C 141 35.24 40.97 7.93
C TYR C 141 34.40 40.26 8.99
N LEU C 142 33.30 39.63 8.58
CA LEU C 142 32.54 38.79 9.51
C LEU C 142 33.32 37.54 9.92
N SER C 143 34.30 37.12 9.12
CA SER C 143 35.14 35.98 9.48
C SER C 143 35.98 36.24 10.71
N LYS C 144 36.17 37.51 11.10
CA LYS C 144 36.94 37.82 12.29
C LYS C 144 36.27 37.26 13.54
N TYR C 145 34.94 37.38 13.63
CA TYR C 145 34.19 36.87 14.76
C TYR C 145 33.72 35.44 14.59
N LEU C 146 33.84 34.89 13.38
CA LEU C 146 33.49 33.49 13.12
C LEU C 146 34.42 32.96 12.04
N PRO C 147 35.53 32.33 12.43
CA PRO C 147 36.49 31.83 11.43
C PRO C 147 35.90 30.80 10.48
N GLY C 148 34.92 30.02 10.92
CA GLY C 148 34.35 28.96 10.10
C GLY C 148 33.81 29.41 8.76
N LEU C 149 33.35 30.67 8.66
CA LEU C 149 32.84 31.18 7.39
C LEU C 149 33.91 31.21 6.32
N LEU C 150 35.19 31.15 6.68
CA LEU C 150 36.25 31.10 5.69
C LEU C 150 36.37 29.73 5.03
N THR C 151 36.05 28.65 5.74
CA THR C 151 36.18 27.31 5.18
C THR C 151 34.91 26.85 4.48
N ALA C 152 33.76 26.93 5.14
CA ALA C 152 32.50 26.53 4.55
C ALA C 152 31.62 27.76 4.44
N GLN C 153 31.11 28.00 3.23
CA GLN C 153 30.26 29.16 3.01
C GLN C 153 28.96 28.99 3.81
N PRO C 154 28.63 29.93 4.67
CA PRO C 154 27.43 29.78 5.50
C PRO C 154 26.16 29.67 4.66
N TYR C 155 25.26 28.80 5.10
CA TYR C 155 24.00 28.56 4.39
C TYR C 155 23.05 29.74 4.56
N ASP C 156 22.11 29.86 3.64
CA ASP C 156 21.04 30.84 3.74
C ASP C 156 19.70 30.14 3.58
N GLU C 157 18.65 30.94 3.48
CA GLU C 157 17.32 30.39 3.24
C GLU C 157 17.27 29.77 1.84
N THR C 158 16.27 28.92 1.62
CA THR C 158 16.09 28.14 0.39
C THR C 158 17.25 27.20 0.12
N GLY C 159 18.08 26.92 1.13
CA GLY C 159 19.17 25.98 0.99
C GLY C 159 20.30 26.45 0.11
N ALA C 160 20.42 27.76 -0.11
CA ALA C 160 21.45 28.31 -0.98
C ALA C 160 22.58 28.89 -0.16
N GLN C 161 23.81 28.56 -0.54
CA GLN C 161 24.99 29.11 0.11
C GLN C 161 25.31 30.46 -0.50
N VAL C 162 25.21 31.51 0.30
CA VAL C 162 25.42 32.88 -0.15
C VAL C 162 26.80 33.34 0.31
N THR C 163 27.47 34.12 -0.55
CA THR C 163 28.83 34.57 -0.29
C THR C 163 28.89 35.84 0.55
N SER C 164 27.77 36.55 0.70
CA SER C 164 27.73 37.75 1.51
C SER C 164 26.48 37.69 2.39
N VAL C 165 26.54 38.40 3.51
CA VAL C 165 25.46 38.37 4.48
C VAL C 165 24.55 39.57 4.27
N SER C 166 23.24 39.34 4.38
CA SER C 166 22.27 40.41 4.30
C SER C 166 21.71 40.68 5.69
N SER C 167 21.89 41.92 6.15
CA SER C 167 21.46 42.28 7.50
C SER C 167 19.94 42.36 7.57
N THR C 168 19.40 41.86 8.67
CA THR C 168 17.97 42.00 8.94
C THR C 168 17.71 43.40 9.48
N PRO C 169 16.91 44.21 8.80
CA PRO C 169 16.65 45.58 9.30
C PRO C 169 15.95 45.54 10.65
N PHE C 170 16.32 46.48 11.52
CA PHE C 170 15.71 46.54 12.84
C PHE C 170 14.22 46.86 12.75
N GLY C 171 13.85 47.76 11.84
CA GLY C 171 12.46 48.13 11.67
C GLY C 171 11.58 47.05 11.10
N SER C 172 12.15 45.98 10.55
CA SER C 172 11.38 44.88 10.00
C SER C 172 11.02 43.82 11.04
N LEU C 173 11.56 43.90 12.25
CA LEU C 173 11.26 42.92 13.28
C LEU C 173 9.80 43.02 13.71
N ILE C 174 9.23 41.87 14.07
CA ILE C 174 7.83 41.76 14.44
C ILE C 174 7.72 41.74 15.96
N ASP C 175 6.84 42.58 16.49
CA ASP C 175 6.62 42.63 17.93
C ASP C 175 5.99 41.32 18.41
N THR C 176 6.48 40.81 19.54
CA THR C 176 5.95 39.58 20.11
C THR C 176 4.62 39.81 20.81
N SER C 177 4.46 40.96 21.46
CA SER C 177 3.24 41.24 22.23
C SER C 177 2.17 41.87 21.36
N THR C 178 2.48 42.18 20.11
CA THR C 178 1.52 42.80 19.20
C THR C 178 1.25 41.97 17.96
N GLY C 179 2.24 41.21 17.49
CA GLY C 179 2.11 40.47 16.25
C GLY C 179 2.31 41.29 15.00
N GLN C 180 2.84 42.49 15.11
CA GLN C 180 3.03 43.38 13.98
C GLN C 180 4.49 43.83 13.94
N GLN C 181 4.94 44.19 12.75
CA GLN C 181 6.28 44.75 12.60
C GLN C 181 6.38 46.08 13.35
N ILE C 182 7.55 46.35 13.92
CA ILE C 182 7.73 47.57 14.70
C ILE C 182 7.62 48.77 13.78
N LEU C 183 7.19 49.89 14.34
CA LEU C 183 7.00 51.10 13.55
C LEU C 183 8.34 51.71 13.17
N GLY C 184 8.28 52.76 12.34
CA GLY C 184 9.48 53.49 11.97
C GLY C 184 9.81 54.63 12.91
N THR C 185 8.88 55.01 13.79
CA THR C 185 9.08 56.10 14.72
C THR C 185 9.18 55.64 16.17
N ASN C 186 9.38 54.34 16.40
CA ASN C 186 9.53 53.84 17.75
C ASN C 186 10.78 54.41 18.41
N PRO C 187 10.74 54.70 19.71
CA PRO C 187 11.84 55.48 20.32
C PRO C 187 13.21 54.83 20.22
N VAL C 188 13.28 53.50 20.36
CA VAL C 188 14.59 52.84 20.38
C VAL C 188 15.23 52.89 19.00
N LEU C 189 14.42 52.90 17.94
CA LEU C 189 14.95 52.99 16.59
C LEU C 189 15.62 54.33 16.34
N THR C 190 14.94 55.42 16.70
CA THR C 190 15.54 56.75 16.57
C THR C 190 16.73 56.90 17.50
N SER C 191 16.66 56.28 18.68
CA SER C 191 17.81 56.29 19.59
C SER C 191 19.01 55.61 18.95
N TYR C 192 18.80 54.49 18.27
CA TYR C 192 19.90 53.83 17.59
C TYR C 192 20.42 54.68 16.43
N ASN C 193 19.51 55.31 15.68
CA ASN C 193 19.88 56.15 14.55
C ASN C 193 20.62 57.42 14.96
N SER C 194 20.45 57.89 16.19
CA SER C 194 21.18 59.08 16.64
C SER C 194 21.97 58.83 17.91
N TYR C 195 22.39 57.59 18.18
CA TYR C 195 22.99 57.18 19.44
C TYR C 195 23.95 58.20 20.02
N THR C 196 24.86 58.77 19.22
CA THR C 196 25.84 59.70 19.76
C THR C 196 25.16 60.87 20.46
N THR C 197 24.41 61.67 19.69
CA THR C 197 23.75 62.83 20.27
C THR C 197 22.69 62.45 21.29
N GLN C 198 21.97 61.35 21.06
CA GLN C 198 20.90 60.96 21.99
C GLN C 198 21.46 60.64 23.37
N ALA C 199 22.47 59.77 23.44
CA ALA C 199 23.06 59.41 24.72
C ALA C 199 23.80 60.60 25.34
N ASN C 200 24.37 61.46 24.49
CA ASN C 200 25.07 62.63 25.01
C ASN C 200 24.12 63.61 25.67
N THR C 201 22.92 63.78 25.10
CA THR C 201 22.01 64.80 25.59
C THR C 201 21.11 64.27 26.71
N ASN C 202 20.33 63.23 26.44
CA ASN C 202 19.29 62.80 27.37
C ASN C 202 19.78 61.71 28.33
N MET C 203 21.07 61.37 28.29
CA MET C 203 21.72 60.41 29.19
C MET C 203 20.96 59.10 29.33
N GLN C 204 20.10 58.81 28.35
CA GLN C 204 19.43 57.51 28.29
C GLN C 204 20.17 56.60 27.31
N GLU C 205 20.32 55.33 27.69
CA GLU C 205 21.11 54.37 26.94
C GLU C 205 20.23 53.24 26.43
N GLY C 206 20.37 52.93 25.14
CA GLY C 206 19.67 51.80 24.54
C GLY C 206 20.58 50.60 24.41
N VAL C 207 20.23 49.53 25.12
CA VAL C 207 21.03 48.31 25.16
C VAL C 207 20.18 47.14 24.66
N VAL C 208 20.73 46.38 23.72
CA VAL C 208 20.03 45.25 23.13
C VAL C 208 20.52 43.98 23.82
N SER C 209 19.74 42.91 23.73
CA SER C 209 20.13 41.60 24.24
C SER C 209 19.32 40.54 23.51
N GLY C 210 19.64 39.26 23.76
CA GLY C 210 18.94 38.18 23.11
C GLY C 210 18.59 37.09 24.11
N THR C 211 17.58 36.31 23.74
CA THR C 211 17.15 35.18 24.55
C THR C 211 16.58 34.11 23.64
N LEU C 212 16.58 32.88 24.13
CA LEU C 212 16.08 31.72 23.37
C LEU C 212 15.04 31.02 24.24
N THR C 213 13.79 31.07 23.81
CA THR C 213 12.73 30.33 24.50
C THR C 213 13.05 28.84 24.46
N SER C 214 12.96 28.19 25.61
CA SER C 214 13.30 26.77 25.70
C SER C 214 12.41 25.94 24.79
N PHE C 215 13.03 25.10 23.97
CA PHE C 215 12.28 24.25 23.07
C PHE C 215 13.07 22.97 22.81
N THR C 216 12.37 21.94 22.37
CA THR C 216 12.96 20.64 22.12
C THR C 216 12.92 20.32 20.63
N LEU C 217 14.09 19.98 20.08
CA LEU C 217 14.21 19.60 18.69
C LEU C 217 15.31 18.56 18.58
N GLY C 218 15.11 17.57 17.73
CA GLY C 218 16.06 16.48 17.60
C GLY C 218 16.30 15.70 18.87
N GLY C 219 15.36 15.74 19.82
CA GLY C 219 15.55 15.11 21.11
C GLY C 219 16.43 15.88 22.06
N GLN C 220 16.72 17.15 21.75
CA GLN C 220 17.61 17.95 22.58
C GLN C 220 16.98 19.31 22.83
N SER C 221 17.32 19.90 23.97
CA SER C 221 16.71 21.14 24.44
C SER C 221 17.61 22.34 24.14
N PHE C 222 16.97 23.48 23.92
CA PHE C 222 17.66 24.73 23.69
C PHE C 222 17.03 25.84 24.52
N SER C 223 17.87 26.60 25.21
CA SER C 223 17.45 27.72 26.04
C SER C 223 18.68 28.48 26.53
N GLY C 224 18.56 29.78 26.75
CA GLY C 224 19.68 30.54 27.28
C GLY C 224 19.46 32.03 27.12
N SER C 225 20.47 32.79 27.56
CA SER C 225 20.46 34.24 27.48
C SER C 225 21.88 34.73 27.27
N THR C 226 22.01 35.92 26.71
CA THR C 226 23.32 36.45 26.37
C THR C 226 23.91 37.23 27.54
N VAL C 227 25.13 36.88 27.92
CA VAL C 227 25.94 37.79 28.74
C VAL C 227 26.11 39.08 27.95
N PRO C 228 25.90 40.26 28.54
CA PRO C 228 25.84 41.48 27.74
C PRO C 228 27.13 41.70 26.95
N VAL C 229 27.03 41.46 25.66
CA VAL C 229 28.13 41.51 24.71
C VAL C 229 27.64 42.27 23.48
N ILE C 230 26.78 43.25 23.71
CA ILE C 230 25.92 43.79 22.66
C ILE C 230 26.47 45.13 22.20
N LEU C 231 25.85 45.70 21.15
CA LEU C 231 26.35 46.82 20.36
C LEU C 231 27.24 47.79 21.13
N TYR C 232 26.78 48.34 22.25
CA TYR C 232 27.68 49.04 23.17
C TYR C 232 27.02 49.19 24.53
N ALA C 233 27.56 48.50 25.53
CA ALA C 233 27.14 48.65 26.92
C ALA C 233 28.03 49.70 27.58
N PRO C 234 27.61 50.28 28.71
CA PRO C 234 28.43 51.31 29.35
C PRO C 234 29.79 50.79 29.78
N PHE C 235 30.74 51.71 29.92
CA PHE C 235 32.13 51.38 30.19
C PHE C 235 32.30 51.04 31.67
N ILE C 236 32.05 49.77 32.01
CA ILE C 236 32.22 49.26 33.37
C ILE C 236 32.86 47.88 33.28
N PHE C 237 33.24 47.33 34.44
CA PHE C 237 33.67 45.94 34.52
C PHE C 237 32.42 45.07 34.47
N SER C 238 32.44 44.07 33.59
CA SER C 238 31.26 43.23 33.39
C SER C 238 30.95 42.43 34.64
N ASN C 239 29.80 42.71 35.25
CA ASN C 239 29.32 41.90 36.36
C ASN C 239 27.90 41.38 36.12
N SER C 240 27.76 40.32 35.31
CA SER C 240 26.52 39.59 35.11
C SER C 240 26.78 38.34 34.28
N PRO C 241 26.33 37.16 34.73
CA PRO C 241 25.75 36.87 36.05
C PRO C 241 26.87 36.58 37.03
N TYR C 242 28.06 37.08 36.72
CA TYR C 242 29.24 36.84 37.53
C TYR C 242 29.05 37.34 38.95
N GLN C 243 29.50 36.55 39.91
CA GLN C 243 29.41 36.89 41.32
C GLN C 243 30.60 37.70 41.82
N ALA C 244 31.61 37.88 40.97
CA ALA C 244 32.78 38.67 41.35
C ALA C 244 33.08 39.77 40.33
N GLY C 245 32.89 39.49 39.05
CA GLY C 245 33.23 40.45 38.01
C GLY C 245 34.63 40.30 37.47
N LEU C 246 35.63 40.37 38.34
CA LEU C 246 37.00 40.08 37.97
C LEU C 246 37.38 38.68 38.46
N TYR C 247 38.10 37.96 37.60
CA TYR C 247 38.28 36.52 37.77
C TYR C 247 39.41 36.05 36.87
N ASN C 248 40.00 34.92 37.23
CA ASN C 248 41.08 34.33 36.44
C ASN C 248 40.82 32.84 36.27
N PRO C 249 40.81 32.33 35.03
CA PRO C 249 40.49 30.90 34.83
C PRO C 249 41.44 29.94 35.53
N MET C 250 42.73 30.27 35.59
CA MET C 250 43.69 29.37 36.22
C MET C 250 43.47 29.30 37.73
N GLN C 251 42.71 30.25 38.28
CA GLN C 251 42.28 30.12 39.68
C GLN C 251 41.21 29.03 39.83
N VAL C 252 40.31 28.93 38.85
CA VAL C 252 39.25 27.93 38.91
C VAL C 252 39.83 26.52 38.90
N ASN C 253 40.84 26.30 38.04
CA ASN C 253 41.44 24.98 37.92
C ASN C 253 42.55 24.74 38.94
N GLY C 254 42.28 25.03 40.21
CA GLY C 254 43.32 24.97 41.22
C GLY C 254 43.16 23.81 42.17
N ASN C 255 44.28 23.41 42.79
CA ASN C 255 44.29 22.34 43.77
C ASN C 255 44.09 22.89 45.18
N LEU C 256 42.89 23.38 45.47
CA LEU C 256 42.59 24.01 46.75
C LEU C 256 42.43 22.94 47.83
N GLY C 257 43.52 22.67 48.55
CA GLY C 257 43.53 21.62 49.54
C GLY C 257 42.56 21.79 50.69
N SER C 258 42.51 22.97 51.30
CA SER C 258 41.63 23.20 52.44
C SER C 258 40.89 24.53 52.29
N LEU C 259 41.01 25.18 51.14
CA LEU C 259 40.32 26.43 50.86
C LEU C 259 39.13 26.22 49.96
N SER C 260 38.40 25.11 50.14
CA SER C 260 37.30 24.73 49.26
C SER C 260 35.99 25.38 49.68
N SER C 261 36.00 26.19 50.73
CA SER C 261 34.81 26.91 51.17
C SER C 261 34.71 28.28 50.53
N GLU C 262 35.69 28.63 49.70
CA GLU C 262 35.72 29.94 49.05
C GLU C 262 36.20 29.82 47.60
N ALA C 263 35.91 28.68 46.96
CA ALA C 263 36.40 28.41 45.62
C ALA C 263 35.93 29.47 44.61
N TYR C 264 34.62 29.56 44.40
CA TYR C 264 34.07 30.59 43.53
C TYR C 264 33.65 31.83 44.31
N TYR C 265 33.83 31.84 45.63
CA TYR C 265 33.36 32.94 46.47
C TYR C 265 34.47 33.97 46.61
N HIS C 266 35.72 33.55 46.40
CA HIS C 266 36.88 34.37 46.75
C HIS C 266 37.78 34.55 45.53
N PRO C 267 37.65 35.66 44.79
CA PRO C 267 38.44 35.86 43.57
C PRO C 267 39.90 36.23 43.87
N VAL C 268 40.73 35.21 44.07
CA VAL C 268 42.11 35.40 44.50
C VAL C 268 43.04 35.45 43.29
N ILE C 269 44.15 36.18 43.44
CA ILE C 269 45.21 36.22 42.45
C ILE C 269 46.54 36.11 43.18
N TRP C 270 47.59 35.77 42.43
CA TRP C 270 48.88 35.47 43.02
C TRP C 270 49.96 36.44 42.56
N GLY C 271 50.76 36.91 43.52
CA GLY C 271 51.98 37.66 43.24
C GLY C 271 51.87 38.73 42.19
N ARG C 272 52.59 38.57 41.09
CA ARG C 272 52.53 39.48 39.95
C ARG C 272 51.71 38.92 38.80
N ALA C 273 51.00 37.82 39.01
CA ALA C 273 50.27 37.16 37.93
C ALA C 273 49.14 38.04 37.43
N LEU C 274 48.63 37.70 36.24
CA LEU C 274 47.63 38.49 35.56
C LEU C 274 46.23 38.00 35.95
N ILE C 275 45.30 38.95 36.10
CA ILE C 275 43.90 38.63 36.32
C ILE C 275 43.10 39.23 35.17
N ASN C 276 42.17 38.45 34.62
CA ASN C 276 41.49 38.85 33.40
C ASN C 276 40.32 39.79 33.71
N THR C 277 40.07 40.70 32.77
CA THR C 277 38.91 41.59 32.80
C THR C 277 38.41 41.80 31.38
N THR C 278 37.15 42.18 31.26
CA THR C 278 36.50 42.42 29.98
C THR C 278 35.78 43.76 30.07
N LEU C 279 36.38 44.80 29.49
CA LEU C 279 35.80 46.15 29.52
C LEU C 279 34.91 46.32 28.29
N ILE C 280 33.67 46.72 28.51
CA ILE C 280 32.78 47.00 27.40
C ILE C 280 32.90 48.47 27.02
N ASP C 281 33.44 48.74 25.84
CA ASP C 281 33.72 50.12 25.42
C ASP C 281 33.72 50.20 23.91
N THR C 282 32.75 50.92 23.34
CA THR C 282 32.69 51.12 21.90
C THR C 282 32.39 52.58 21.55
N TYR C 283 33.14 53.52 22.13
CA TYR C 283 33.01 54.93 21.77
C TYR C 283 34.08 55.36 20.78
N ALA C 284 34.87 54.42 20.29
CA ALA C 284 35.91 54.72 19.31
C ALA C 284 36.10 53.52 18.40
N SER C 285 36.79 53.75 17.28
CA SER C 285 37.08 52.71 16.31
C SER C 285 38.57 52.43 16.31
N GLY C 286 38.93 51.16 16.16
CA GLY C 286 40.32 50.76 16.15
C GLY C 286 40.78 50.25 17.51
N SER C 287 42.01 50.58 17.88
CA SER C 287 42.58 50.15 19.14
C SER C 287 42.29 51.19 20.23
N VAL C 288 41.99 50.71 21.43
CA VAL C 288 41.66 51.60 22.53
C VAL C 288 42.63 51.41 23.69
N PRO C 289 43.48 52.38 23.97
CA PRO C 289 44.18 52.38 25.27
C PRO C 289 43.21 52.44 26.43
N PHE C 290 43.53 51.73 27.50
CA PHE C 290 42.74 51.73 28.73
C PHE C 290 43.68 51.89 29.91
N THR C 291 43.30 52.75 30.85
CA THR C 291 44.07 52.95 32.07
C THR C 291 43.41 52.22 33.22
N PHE C 292 44.23 51.73 34.15
CA PHE C 292 43.76 51.01 35.31
C PHE C 292 44.35 51.61 36.57
N GLN C 293 43.53 51.70 37.61
CA GLN C 293 43.96 52.14 38.93
C GLN C 293 43.64 51.05 39.94
N LEU C 294 44.64 50.68 40.73
CA LEU C 294 44.53 49.58 41.67
C LEU C 294 44.74 50.11 43.09
N ASN C 295 43.82 49.77 43.99
CA ASN C 295 43.87 50.19 45.38
C ASN C 295 44.09 48.96 46.25
N TYR C 296 45.20 48.93 46.97
CA TYR C 296 45.54 47.80 47.83
C TYR C 296 45.32 48.16 49.29
N SER C 297 44.64 47.27 50.01
CA SER C 297 44.39 47.45 51.44
C SER C 297 44.74 46.15 52.15
N VAL C 298 45.13 46.27 53.43
CA VAL C 298 45.56 45.13 54.22
C VAL C 298 44.91 45.16 55.60
N PRO C 299 44.37 44.05 56.09
CA PRO C 299 43.76 44.04 57.43
C PRO C 299 44.81 44.02 58.54
N GLY C 300 45.35 45.19 58.87
CA GLY C 300 46.32 45.31 59.93
C GLY C 300 46.93 46.69 60.02
N PRO C 301 47.08 47.21 61.23
CA PRO C 301 47.65 48.56 61.40
C PRO C 301 49.16 48.52 61.21
N LEU C 302 49.63 49.24 60.20
CA LEU C 302 50.98 49.02 59.71
C LEU C 302 51.99 49.74 60.59
N THR C 303 52.82 48.95 61.28
CA THR C 303 53.88 49.48 62.12
C THR C 303 55.08 49.82 61.24
N ILE C 304 55.29 51.11 61.00
CA ILE C 304 56.34 51.58 60.10
C ILE C 304 57.47 52.16 60.92
N ASN C 305 58.70 51.73 60.61
CA ASN C 305 59.93 52.37 61.05
C ASN C 305 60.40 53.29 59.95
N MET C 306 60.62 54.55 60.29
CA MET C 306 60.91 55.58 59.29
C MET C 306 62.03 56.47 59.79
N ALA C 307 62.96 56.79 58.89
CA ALA C 307 64.13 57.58 59.23
C ALA C 307 63.85 59.07 59.03
N GLN C 308 64.57 59.90 59.79
CA GLN C 308 64.48 61.35 59.65
C GLN C 308 65.42 61.80 58.55
N LEU C 309 64.88 62.04 57.36
CA LEU C 309 65.69 62.53 56.25
C LEU C 309 66.15 63.96 56.51
N ALA C 310 65.37 64.73 57.27
CA ALA C 310 65.72 66.10 57.58
C ALA C 310 65.01 66.56 58.84
N TRP C 311 65.65 67.48 59.55
CA TRP C 311 65.05 68.17 60.68
C TRP C 311 65.16 69.68 60.45
N ILE C 312 64.01 70.35 60.46
CA ILE C 312 63.95 71.78 60.25
C ILE C 312 63.32 72.42 61.49
N ALA C 313 64.03 73.37 62.09
CA ALA C 313 63.54 74.07 63.27
C ALA C 313 64.31 75.37 63.43
N SER C 314 63.75 76.27 64.23
CA SER C 314 64.41 77.54 64.50
C SER C 314 65.61 77.34 65.41
N ILE C 315 66.48 78.34 65.47
CA ILE C 315 67.70 78.23 66.26
C ILE C 315 67.38 78.10 67.75
N ASN C 316 66.34 78.79 68.22
CA ASN C 316 65.91 78.65 69.60
C ASN C 316 65.15 77.35 69.83
N ASN C 317 64.35 76.91 68.86
CA ASN C 317 63.61 75.66 68.98
C ASN C 317 64.53 74.45 69.04
N LEU C 318 65.67 74.51 68.37
CA LEU C 318 66.62 73.41 68.43
C LEU C 318 67.30 73.37 69.80
N PRO C 319 67.66 72.19 70.30
CA PRO C 319 68.36 72.11 71.57
C PRO C 319 69.72 72.78 71.50
N THR C 320 70.21 73.24 72.66
CA THR C 320 71.51 73.90 72.73
C THR C 320 72.65 72.96 72.35
N SER C 321 72.52 71.67 72.64
CA SER C 321 73.58 70.72 72.33
C SER C 321 72.99 69.32 72.20
N PHE C 322 73.49 68.58 71.21
CA PHE C 322 73.11 67.18 71.01
C PHE C 322 74.12 66.53 70.08
N THR C 323 74.00 65.22 69.90
CA THR C 323 74.88 64.45 69.05
C THR C 323 74.11 64.02 67.80
N TYR C 324 74.73 64.20 66.64
CA TYR C 324 74.04 63.92 65.38
C TYR C 324 75.05 63.46 64.34
N LEU C 325 74.59 62.60 63.43
CA LEU C 325 75.36 62.21 62.26
C LEU C 325 74.38 61.79 61.19
N SER C 326 74.65 62.20 59.95
CA SER C 326 73.72 61.96 58.86
C SER C 326 73.55 60.47 58.58
N TYR C 327 72.37 60.11 58.11
CA TYR C 327 72.05 58.74 57.72
C TYR C 327 72.16 58.61 56.20
N LYS C 328 73.06 57.76 55.75
CA LYS C 328 73.26 57.57 54.31
C LYS C 328 72.05 56.88 53.71
N PHE C 329 71.69 57.28 52.50
CA PHE C 329 70.49 56.80 51.85
C PHE C 329 70.85 55.93 50.65
N SER C 330 69.81 55.44 49.96
CA SER C 330 70.01 54.42 48.94
C SER C 330 70.19 55.05 47.55
N ASN C 331 70.31 56.37 47.51
CA ASN C 331 70.50 57.06 46.24
C ASN C 331 71.53 58.18 46.33
N GLY C 332 72.37 58.16 47.36
CA GLY C 332 73.38 59.18 47.55
C GLY C 332 72.96 60.38 48.37
N TYR C 333 71.69 60.44 48.75
CA TYR C 333 71.21 61.55 49.57
C TYR C 333 71.65 61.34 51.02
N GLU C 334 71.64 62.43 51.78
CA GLU C 334 72.09 62.39 53.16
C GLU C 334 71.08 63.12 54.04
N SER C 335 71.05 62.75 55.31
CA SER C 335 70.25 63.45 56.30
C SER C 335 70.88 64.80 56.59
N PHE C 336 70.04 65.82 56.75
CA PHE C 336 70.53 67.17 56.97
C PHE C 336 69.64 67.89 57.97
N LEU C 337 70.17 68.97 58.53
CA LEU C 337 69.49 69.78 59.52
C LEU C 337 69.21 71.15 58.92
N GLY C 338 68.01 71.66 59.18
CA GLY C 338 67.63 72.99 58.72
C GLY C 338 67.50 73.98 59.84
N ILE C 339 68.44 74.93 59.90
CA ILE C 339 68.41 75.96 60.93
C ILE C 339 67.79 77.23 60.36
N ILE C 340 66.75 77.72 61.02
CA ILE C 340 66.07 78.94 60.62
C ILE C 340 66.39 80.03 61.63
N SER C 341 66.96 81.13 61.14
CA SER C 341 67.41 82.19 62.04
C SER C 341 67.16 83.55 61.39
N ASN C 342 67.02 84.57 62.24
CA ASN C 342 66.97 85.94 61.75
C ASN C 342 68.35 86.44 61.36
N SER C 343 69.41 85.81 61.87
CA SER C 343 70.76 86.21 61.52
C SER C 343 71.03 85.97 60.04
N THR C 344 71.81 86.86 59.45
CA THR C 344 72.16 86.73 58.03
C THR C 344 73.14 85.58 57.78
N GLN C 345 73.82 85.10 58.83
CA GLN C 345 74.80 84.04 58.69
C GLN C 345 74.83 83.22 59.97
N LEU C 346 75.43 82.03 59.88
CA LEU C 346 75.77 81.27 61.08
C LEU C 346 77.26 81.32 61.32
N THR C 347 77.64 81.43 62.59
CA THR C 347 79.04 81.51 62.97
C THR C 347 79.38 80.37 63.92
N ALA C 348 80.49 79.70 63.65
CA ALA C 348 81.00 78.64 64.53
C ALA C 348 82.47 78.88 64.81
N GLY C 349 82.86 80.13 64.96
CA GLY C 349 84.26 80.48 65.11
C GLY C 349 84.88 80.87 63.78
N ALA C 350 85.78 80.02 63.27
CA ALA C 350 86.39 80.26 61.97
C ALA C 350 85.45 79.90 60.83
N LEU C 351 84.40 79.13 61.10
CA LEU C 351 83.49 78.69 60.06
C LEU C 351 82.26 79.60 59.99
N THR C 352 81.87 79.94 58.76
CA THR C 352 80.69 80.76 58.53
C THR C 352 79.78 80.06 57.53
N ILE C 353 78.48 80.18 57.77
CA ILE C 353 77.45 79.53 56.97
C ILE C 353 76.64 80.60 56.27
N ASN C 354 76.60 80.52 54.94
CA ASN C 354 75.99 81.49 54.04
C ASN C 354 74.54 81.11 53.76
N PRO C 355 73.74 82.02 53.19
CA PRO C 355 72.32 81.71 52.95
C PRO C 355 72.11 80.57 51.98
N SER C 356 71.62 79.45 52.51
CA SER C 356 71.07 78.40 51.65
C SER C 356 69.74 78.84 51.05
N GLY C 357 68.91 79.50 51.86
CA GLY C 357 67.68 80.09 51.36
C GLY C 357 67.19 81.13 52.34
N ASN C 358 66.21 81.92 51.88
CA ASN C 358 65.64 82.94 52.75
C ASN C 358 64.21 83.23 52.31
N PHE C 359 63.43 83.77 53.23
CA PHE C 359 62.04 84.14 52.94
C PHE C 359 61.65 85.31 53.82
N THR C 360 60.48 85.86 53.52
CA THR C 360 59.97 87.03 54.24
C THR C 360 58.50 86.84 54.57
N ILE C 361 58.13 87.22 55.79
CA ILE C 361 56.75 87.21 56.26
C ILE C 361 56.47 88.54 56.94
N ASN C 362 55.48 89.28 56.41
CA ASN C 362 55.07 90.56 56.97
C ASN C 362 56.25 91.53 57.08
N GLY C 363 57.20 91.42 56.16
CA GLY C 363 58.37 92.26 56.15
C GLY C 363 59.56 91.73 56.93
N LYS C 364 59.35 90.76 57.81
CA LYS C 364 60.45 90.17 58.56
C LYS C 364 61.13 89.08 57.75
N LYS C 365 62.45 89.08 57.79
CA LYS C 365 63.26 88.18 56.97
C LYS C 365 63.81 87.05 57.82
N PHE C 366 63.79 85.84 57.26
CA PHE C 366 64.33 84.66 57.92
C PHE C 366 65.21 83.90 56.93
N TYR C 367 66.24 83.25 57.45
CA TYR C 367 67.21 82.51 56.66
C TYR C 367 67.16 81.05 57.07
N VAL C 368 67.05 80.17 56.07
CA VAL C 368 67.02 78.73 56.26
C VAL C 368 68.33 78.16 55.73
N TYR C 369 69.07 77.46 56.59
CA TYR C 369 70.38 76.93 56.25
C TYR C 369 70.31 75.41 56.36
N LEU C 370 70.69 74.71 55.30
CA LEU C 370 70.57 73.26 55.23
C LEU C 370 71.97 72.66 55.25
N LEU C 371 72.27 71.90 56.30
CA LEU C 371 73.63 71.41 56.55
C LEU C 371 73.62 69.91 56.75
N VAL C 372 74.51 69.21 56.07
CA VAL C 372 74.65 67.76 56.23
C VAL C 372 75.76 67.48 57.24
N VAL C 373 75.43 66.73 58.29
CA VAL C 373 76.41 66.34 59.29
C VAL C 373 77.21 65.17 58.76
N GLY C 374 78.46 65.42 58.38
CA GLY C 374 79.27 64.38 57.78
C GLY C 374 80.71 64.37 58.25
N SER C 375 81.63 63.99 57.36
CA SER C 375 83.03 63.85 57.70
C SER C 375 83.83 65.13 57.50
N THR C 376 83.20 66.20 57.01
CA THR C 376 83.90 67.46 56.77
C THR C 376 82.89 68.58 56.65
N ASN C 377 83.39 69.81 56.75
CA ASN C 377 82.57 71.00 56.51
C ASN C 377 82.78 71.45 55.06
N SER C 378 81.68 71.52 54.31
CA SER C 378 81.73 71.84 52.90
C SER C 378 80.92 73.10 52.63
N THR C 379 81.53 74.06 51.95
CA THR C 379 80.83 75.26 51.50
C THR C 379 79.97 75.00 50.27
N THR C 380 80.39 74.13 49.37
CA THR C 380 79.71 73.82 48.12
C THR C 380 78.39 73.10 48.40
N PRO C 381 77.40 73.24 47.51
CA PRO C 381 76.17 72.47 47.66
C PRO C 381 76.44 70.98 47.50
N VAL C 382 76.04 70.20 48.51
CA VAL C 382 76.26 68.76 48.45
C VAL C 382 75.02 68.04 47.94
N GLU C 383 73.83 68.54 48.28
CA GLU C 383 72.60 68.06 47.66
C GLU C 383 71.67 69.26 47.49
N TYR C 384 70.46 69.02 47.02
CA TYR C 384 69.52 70.10 46.77
C TYR C 384 68.12 69.69 47.16
N VAL C 385 67.32 70.69 47.53
CA VAL C 385 65.87 70.55 47.58
C VAL C 385 65.28 71.43 46.48
N THR C 386 64.54 70.81 45.57
CA THR C 386 64.10 71.48 44.36
C THR C 386 62.77 72.20 44.57
N LYS C 387 62.07 71.83 45.64
CA LYS C 387 60.82 72.52 45.99
C LYS C 387 60.45 72.20 47.44
N LEU C 388 60.50 73.22 48.29
CA LEU C 388 60.09 73.08 49.68
C LEU C 388 59.22 74.27 50.08
N VAL C 389 58.05 73.97 50.63
CA VAL C 389 57.08 75.01 50.97
C VAL C 389 57.02 75.12 52.49
N VAL C 390 57.28 76.32 53.01
CA VAL C 390 57.18 76.61 54.44
C VAL C 390 55.83 77.27 54.68
N GLU C 391 55.13 76.80 55.71
CA GLU C 391 53.81 77.31 56.05
C GLU C 391 53.87 78.17 57.30
N TYR C 392 53.01 79.18 57.33
CA TYR C 392 52.91 80.05 58.50
C TYR C 392 51.47 80.53 58.63
N PRO C 393 50.97 80.70 59.85
CA PRO C 393 49.62 81.21 60.03
C PRO C 393 49.51 82.67 59.58
N SER C 394 48.32 83.05 59.13
CA SER C 394 48.08 84.43 58.74
C SER C 394 48.08 85.34 59.96
N SER C 395 48.58 86.56 59.77
CA SER C 395 48.66 87.52 60.87
C SER C 395 47.28 88.00 61.30
N THR C 396 46.35 88.13 60.36
CA THR C 396 45.04 88.69 60.66
C THR C 396 43.93 87.63 60.69
N ASN C 397 44.08 86.53 59.95
CA ASN C 397 43.03 85.53 59.87
C ASN C 397 43.46 84.18 60.44
N PHE C 398 44.74 84.01 60.76
CA PHE C 398 45.28 82.76 61.30
C PHE C 398 44.99 81.58 60.38
N LEU C 399 45.07 81.82 59.07
CA LEU C 399 44.91 80.76 58.08
C LEU C 399 46.27 80.39 57.51
N PRO C 400 46.47 79.12 57.14
CA PRO C 400 47.76 78.71 56.62
C PRO C 400 48.13 79.45 55.35
N GLN C 401 49.40 79.82 55.23
CA GLN C 401 49.94 80.44 54.03
C GLN C 401 51.29 79.80 53.76
N GLY C 402 51.45 79.27 52.55
CA GLY C 402 52.67 78.58 52.18
C GLY C 402 53.46 79.34 51.14
N VAL C 403 54.77 79.41 51.36
CA VAL C 403 55.68 80.10 50.46
C VAL C 403 56.89 79.20 50.19
N THR C 404 57.39 79.24 48.97
CA THR C 404 58.57 78.47 48.60
C THR C 404 59.81 79.28 48.95
N VAL C 405 60.75 78.66 49.68
CA VAL C 405 61.94 79.37 50.12
C VAL C 405 62.84 79.64 48.92
N THR C 406 63.34 80.87 48.82
CA THR C 406 64.22 81.28 47.74
C THR C 406 65.63 81.49 48.27
N THR C 407 66.61 81.32 47.39
CA THR C 407 68.00 81.53 47.76
C THR C 407 68.33 83.03 47.77
N SER C 408 69.59 83.34 48.08
CA SER C 408 70.07 84.71 48.01
C SER C 408 70.12 85.23 46.58
N SER C 409 70.12 84.33 45.59
CA SER C 409 70.09 84.71 44.19
C SER C 409 68.72 84.47 43.55
N ASN C 410 67.67 84.40 44.36
CA ASN C 410 66.31 84.20 43.88
C ASN C 410 66.17 82.89 43.10
N LYS C 411 66.46 81.78 43.77
CA LYS C 411 66.29 80.46 43.18
C LYS C 411 65.48 79.58 44.11
N TYR C 412 64.65 78.72 43.51
CA TYR C 412 63.77 77.84 44.27
C TYR C 412 64.40 76.48 44.54
N THR C 413 65.65 76.26 44.14
CA THR C 413 66.39 75.03 44.43
C THR C 413 67.41 75.34 45.51
N LEU C 414 67.05 75.07 46.76
CA LEU C 414 67.92 75.39 47.88
C LEU C 414 69.07 74.37 47.97
N PRO C 415 70.29 74.86 48.05
CA PRO C 415 71.44 73.97 48.22
C PRO C 415 71.56 73.48 49.67
N VAL C 416 72.20 72.33 49.83
CA VAL C 416 72.42 71.73 51.14
C VAL C 416 73.90 71.36 51.23
N TYR C 417 74.60 71.95 52.19
CA TYR C 417 76.03 71.74 52.36
C TYR C 417 76.31 70.67 53.40
N GLU C 418 77.58 70.50 53.74
CA GLU C 418 77.99 69.64 54.84
C GLU C 418 78.71 70.44 55.92
N ILE C 419 78.51 70.04 57.17
CA ILE C 419 79.35 70.45 58.28
C ILE C 419 79.72 69.20 59.07
N GLY C 420 80.81 69.28 59.80
CA GLY C 420 81.24 68.18 60.63
C GLY C 420 82.73 67.95 60.49
N GLY C 421 83.13 66.71 60.73
CA GLY C 421 84.52 66.33 60.68
C GLY C 421 84.72 64.92 61.19
N PRO C 422 85.87 64.67 61.82
CA PRO C 422 86.12 63.35 62.39
C PRO C 422 85.19 63.05 63.56
N ALA C 423 85.09 61.77 63.90
CA ALA C 423 84.23 61.34 65.00
C ALA C 423 84.65 62.02 66.30
N GLY C 424 83.68 62.53 67.05
CA GLY C 424 83.93 63.23 68.29
C GLY C 424 84.06 64.73 68.15
N THR C 425 84.12 65.24 66.92
CA THR C 425 84.24 66.69 66.72
C THR C 425 82.92 67.37 67.05
N THR C 426 83.01 68.51 67.74
CA THR C 426 81.86 69.30 68.13
C THR C 426 81.92 70.67 67.46
N ILE C 427 80.78 71.10 66.92
CA ILE C 427 80.68 72.38 66.23
C ILE C 427 79.55 73.18 66.88
N THR C 428 79.84 74.40 67.31
CA THR C 428 78.85 75.26 67.94
C THR C 428 78.43 76.36 66.98
N LEU C 429 77.25 76.21 66.39
CA LEU C 429 76.70 77.16 65.44
C LEU C 429 75.89 78.21 66.19
N THR C 430 76.22 79.47 65.96
CA THR C 430 75.55 80.59 66.63
C THR C 430 74.73 81.35 65.61
N GLY C 431 73.44 81.50 65.89
CA GLY C 431 72.56 82.28 65.05
C GLY C 431 71.75 83.28 65.86
N ASN C 432 70.81 83.95 65.21
CA ASN C 432 69.97 84.92 65.88
C ASN C 432 68.51 84.64 65.57
N TRP C 433 67.70 84.53 66.61
CA TRP C 433 66.24 84.47 66.48
C TRP C 433 65.71 85.84 66.87
N TYR C 434 65.24 86.58 65.87
CA TYR C 434 64.92 88.01 66.01
C TYR C 434 66.16 88.71 66.55
N SER C 435 66.10 89.25 67.77
CA SER C 435 67.26 89.94 68.34
C SER C 435 68.03 89.09 69.34
N THR C 436 67.59 87.85 69.58
CA THR C 436 68.23 87.05 70.61
C THR C 436 69.23 86.08 70.00
N PRO C 437 70.52 86.17 70.38
CA PRO C 437 71.49 85.16 69.93
C PRO C 437 71.24 83.82 70.59
N TYR C 438 71.41 82.76 69.80
CA TYR C 438 71.23 81.39 70.25
C TYR C 438 72.35 80.52 69.70
N THR C 439 72.62 79.42 70.40
CA THR C 439 73.69 78.52 70.03
C THR C 439 73.17 77.09 69.99
N VAL C 440 73.69 76.31 69.04
CA VAL C 440 73.41 74.89 68.95
C VAL C 440 74.72 74.14 68.76
N GLN C 441 74.97 73.15 69.60
CA GLN C 441 76.24 72.42 69.60
C GLN C 441 75.99 71.01 69.08
N ILE C 442 76.47 70.75 67.86
CA ILE C 442 76.30 69.42 67.27
C ILE C 442 77.59 68.62 67.42
N THR C 443 77.45 67.42 67.96
CA THR C 443 78.58 66.50 68.15
C THR C 443 78.58 65.46 67.04
N VAL C 444 79.70 65.36 66.33
CA VAL C 444 79.82 64.39 65.24
C VAL C 444 80.13 63.02 65.84
N GLY C 445 79.10 62.19 65.96
CA GLY C 445 79.28 60.87 66.53
C GLY C 445 79.96 59.92 65.58
N SER C 446 80.55 58.87 66.14
CA SER C 446 81.22 57.85 65.34
C SER C 446 80.24 56.99 64.57
N THR C 447 78.98 56.94 64.99
CA THR C 447 77.94 56.19 64.30
C THR C 447 76.79 57.14 64.02
N PRO C 448 76.00 56.86 62.97
CA PRO C 448 74.85 57.71 62.67
C PRO C 448 73.92 57.84 63.87
N THR C 449 73.82 59.05 64.41
CA THR C 449 72.94 59.35 65.53
C THR C 449 71.64 59.93 65.01
N LEU C 450 70.87 59.11 64.29
CA LEU C 450 69.66 59.58 63.65
C LEU C 450 68.44 59.26 64.51
N THR C 451 67.42 60.11 64.40
CA THR C 451 66.15 59.89 65.07
C THR C 451 65.24 59.08 64.16
N ASN C 452 64.83 57.90 64.63
CA ASN C 452 63.97 57.00 63.87
C ASN C 452 62.65 56.86 64.58
N TYR C 453 61.55 56.95 63.82
CA TYR C 453 60.20 56.90 64.36
C TYR C 453 59.55 55.57 64.00
N VAL C 454 59.11 54.83 65.01
CA VAL C 454 58.42 53.55 64.81
C VAL C 454 56.99 53.74 65.32
N SER C 455 56.03 53.75 64.40
CA SER C 455 54.66 54.08 64.78
C SER C 455 53.68 53.24 63.97
N GLN C 456 52.52 52.98 64.56
CA GLN C 456 51.42 52.31 63.86
C GLN C 456 50.62 53.33 63.08
N ILE C 457 50.42 53.07 61.79
CA ILE C 457 49.82 54.03 60.88
C ILE C 457 48.73 53.33 60.07
N LEU C 458 47.71 54.11 59.70
CA LEU C 458 46.74 53.73 58.67
C LEU C 458 47.42 53.85 57.32
N LEU C 459 47.48 52.73 56.60
CA LEU C 459 48.10 52.75 55.28
C LEU C 459 47.29 51.97 54.25
N LYS C 460 47.31 52.47 53.02
CA LYS C 460 46.80 51.78 51.85
C LYS C 460 47.64 52.24 50.66
N ALA C 461 47.43 51.62 49.50
CA ALA C 461 48.26 51.96 48.35
C ALA C 461 47.38 52.16 47.12
N VAL C 462 47.85 53.00 46.21
CA VAL C 462 47.19 53.18 44.92
C VAL C 462 48.26 53.21 43.82
N ALA C 463 48.03 52.42 42.78
CA ALA C 463 48.98 52.25 41.68
C ALA C 463 48.23 52.42 40.36
N TYR C 464 49.00 52.69 39.30
CA TYR C 464 48.44 52.94 37.99
C TYR C 464 49.08 52.02 36.96
N GLU C 465 48.33 51.74 35.90
CA GLU C 465 48.79 50.87 34.82
C GLU C 465 48.02 51.25 33.57
N GLY C 466 48.49 50.79 32.41
CA GLY C 466 47.81 51.03 31.16
C GLY C 466 48.09 49.93 30.16
N ILE C 467 47.16 49.75 29.23
CA ILE C 467 47.30 48.72 28.21
C ILE C 467 46.46 49.12 27.00
N ASN C 468 47.06 49.00 25.82
CA ASN C 468 46.32 49.20 24.58
C ASN C 468 45.63 47.89 24.23
N VAL C 469 44.31 47.94 24.09
CA VAL C 469 43.53 46.72 23.85
C VAL C 469 42.84 46.86 22.50
N SER C 470 42.99 45.84 21.67
CA SER C 470 42.31 45.74 20.39
C SER C 470 42.11 44.27 20.07
N THR C 471 40.96 43.72 20.47
CA THR C 471 40.70 42.29 20.31
C THR C 471 39.44 42.10 19.49
N THR C 472 39.33 40.93 18.86
CA THR C 472 38.18 40.60 18.03
C THR C 472 37.03 40.05 18.88
N GLN C 473 36.67 40.77 19.93
CA GLN C 473 35.60 40.38 20.82
C GLN C 473 34.66 41.55 21.12
N SER C 474 34.60 42.54 20.25
CA SER C 474 33.85 43.77 20.45
C SER C 474 32.40 43.46 20.79
N PRO C 475 31.82 44.15 21.79
CA PRO C 475 32.36 45.28 22.54
C PRO C 475 33.32 44.88 23.67
N TYR C 476 33.45 43.60 24.00
CA TYR C 476 34.45 43.20 24.98
C TYR C 476 35.86 43.50 24.49
N TYR C 477 36.51 44.41 25.17
CA TYR C 477 37.96 44.57 25.13
C TYR C 477 38.46 43.74 26.30
N SER C 478 38.88 42.51 26.01
CA SER C 478 39.25 41.54 27.03
C SER C 478 40.76 41.45 27.14
N THR C 479 41.26 41.61 28.36
CA THR C 479 42.70 41.66 28.59
C THR C 479 42.97 41.12 30.00
N ALA C 480 44.25 41.13 30.37
CA ALA C 480 44.66 40.72 31.69
C ALA C 480 45.55 41.80 32.29
N ILE C 481 45.26 42.17 33.54
CA ILE C 481 45.96 43.23 34.22
C ILE C 481 46.88 42.62 35.28
N LEU C 482 48.03 43.27 35.48
CA LEU C 482 48.99 42.85 36.48
C LEU C 482 48.44 43.09 37.87
N SER C 483 48.82 42.22 38.81
CA SER C 483 48.46 42.44 40.21
C SER C 483 49.19 43.65 40.79
N THR C 484 50.45 43.85 40.39
CA THR C 484 51.21 45.03 40.80
C THR C 484 52.11 45.46 39.65
N PRO C 485 51.72 46.50 38.90
CA PRO C 485 52.53 46.93 37.76
C PRO C 485 53.77 47.68 38.20
N PRO C 486 54.82 47.71 37.38
CA PRO C 486 56.00 48.52 37.72
C PRO C 486 55.81 49.97 37.32
N SER C 487 55.11 50.72 38.15
CA SER C 487 54.80 52.11 37.88
C SER C 487 54.97 52.92 39.17
N GLU C 488 54.73 54.22 39.08
CA GLU C 488 54.77 55.06 40.26
C GLU C 488 53.61 54.70 41.18
N ILE C 489 53.92 53.97 42.25
CA ILE C 489 52.92 53.52 43.22
C ILE C 489 52.95 54.48 44.39
N SER C 490 51.83 55.13 44.66
CA SER C 490 51.74 56.08 45.77
C SER C 490 51.02 55.39 46.93
N ILE C 491 51.77 55.15 48.00
CA ILE C 491 51.17 54.66 49.23
C ILE C 491 50.63 55.84 50.02
N THR C 492 49.32 55.84 50.27
CA THR C 492 48.67 56.89 51.03
C THR C 492 48.36 56.35 52.42
N GLY C 493 48.12 57.26 53.35
CA GLY C 493 47.86 56.84 54.70
C GLY C 493 47.36 57.98 55.57
N SER C 494 46.81 57.60 56.72
CA SER C 494 46.23 58.55 57.65
C SER C 494 46.83 58.37 59.04
N SER C 495 46.97 59.49 59.73
CA SER C 495 47.39 59.53 61.13
C SER C 495 46.76 60.78 61.75
N THR C 496 47.20 61.11 62.97
CA THR C 496 46.69 62.28 63.66
C THR C 496 47.82 63.24 63.99
N ILE C 497 47.50 64.53 63.96
CA ILE C 497 48.40 65.58 64.43
C ILE C 497 47.70 66.33 65.55
N THR C 498 48.42 66.52 66.65
CA THR C 498 47.88 67.22 67.80
C THR C 498 48.84 68.34 68.20
N ALA C 499 48.29 69.37 68.82
CA ALA C 499 49.07 70.51 69.27
C ALA C 499 48.66 70.87 70.69
N GLN C 500 49.65 70.90 71.58
CA GLN C 500 49.46 71.34 72.95
C GLN C 500 50.25 72.63 73.12
N GLY C 501 49.76 73.50 73.99
CA GLY C 501 50.45 74.77 74.19
C GLY C 501 50.11 75.39 75.53
N LYS C 502 51.08 76.11 76.08
CA LYS C 502 50.86 77.00 77.22
C LYS C 502 50.86 78.42 76.70
N LEU C 503 49.82 79.17 77.06
CA LEU C 503 49.62 80.51 76.54
C LEU C 503 49.57 81.51 77.70
N THR C 504 50.36 82.57 77.56
CA THR C 504 50.39 83.67 78.50
C THR C 504 49.99 84.95 77.77
N ALA C 505 50.07 86.07 78.49
CA ALA C 505 49.70 87.35 77.89
C ALA C 505 50.71 87.80 76.84
N THR C 506 52.00 87.54 77.08
CA THR C 506 53.05 88.07 76.21
C THR C 506 53.73 87.00 75.37
N SER C 507 53.71 85.74 75.78
CA SER C 507 54.40 84.68 75.05
C SER C 507 53.62 83.39 75.20
N ALA C 508 53.95 82.40 74.38
CA ALA C 508 53.28 81.11 74.42
C ALA C 508 54.23 80.05 73.87
N SER C 509 54.37 78.95 74.60
CA SER C 509 55.17 77.82 74.15
C SER C 509 54.26 76.70 73.69
N ALA C 510 54.80 75.81 72.86
CA ALA C 510 53.95 74.80 72.24
C ALA C 510 54.74 73.55 71.93
N THR C 511 54.03 72.44 71.79
CA THR C 511 54.57 71.20 71.25
C THR C 511 53.53 70.63 70.29
N VAL C 512 53.99 69.88 69.30
CA VAL C 512 53.11 69.25 68.33
C VAL C 512 53.56 67.81 68.11
N ASN C 513 52.58 66.92 67.99
CA ASN C 513 52.82 65.51 67.74
C ASN C 513 52.17 65.13 66.42
N LEU C 514 53.00 64.72 65.46
CA LEU C 514 52.55 64.30 64.15
C LEU C 514 53.13 62.91 63.87
N LEU C 515 52.42 62.16 63.02
CA LEU C 515 52.81 60.80 62.63
C LEU C 515 52.85 59.86 63.83
N THR C 516 52.07 60.21 64.87
CA THR C 516 51.69 59.37 65.99
C THR C 516 52.82 59.13 66.98
N ASN C 517 54.06 59.48 66.62
CA ASN C 517 55.12 59.51 67.63
C ASN C 517 56.14 60.61 67.40
N ALA C 518 55.96 61.39 66.34
CA ALA C 518 56.92 62.43 66.00
C ALA C 518 56.60 63.70 66.77
N THR C 519 57.64 64.31 67.35
CA THR C 519 57.45 65.45 68.24
C THR C 519 58.26 66.64 67.75
N LEU C 520 57.63 67.82 67.79
CA LEU C 520 58.29 69.07 67.49
C LEU C 520 57.97 70.07 68.60
N THR C 521 58.93 70.95 68.88
CA THR C 521 58.83 71.88 69.99
C THR C 521 58.88 73.31 69.48
N TYR C 522 58.30 74.22 70.26
CA TYR C 522 58.30 75.65 69.96
C TYR C 522 58.48 76.39 71.28
N GLU C 523 59.62 77.06 71.43
CA GLU C 523 59.86 77.88 72.61
C GLU C 523 58.81 78.98 72.71
N ASN C 524 58.77 79.63 73.86
CA ASN C 524 57.76 80.66 74.11
C ASN C 524 57.80 81.72 73.00
N ILE C 525 56.74 81.77 72.21
CA ILE C 525 56.67 82.63 71.03
C ILE C 525 56.17 84.00 71.49
N PRO C 526 56.95 85.06 71.31
CA PRO C 526 56.49 86.39 71.74
C PRO C 526 55.32 86.87 70.88
N LEU C 527 54.76 88.01 71.30
CA LEU C 527 53.62 88.59 70.59
C LEU C 527 54.01 88.98 69.17
N THR C 528 53.11 88.72 68.23
CA THR C 528 53.25 89.04 66.80
C THR C 528 54.47 88.37 66.18
N GLN C 529 54.96 87.26 66.74
CA GLN C 529 56.16 86.62 66.26
C GLN C 529 55.88 85.18 65.84
N TYR C 530 56.78 84.64 65.03
CA TYR C 530 56.68 83.29 64.51
C TYR C 530 57.78 82.39 65.08
N SER C 531 57.55 81.10 64.96
CA SER C 531 58.51 80.07 65.34
C SER C 531 58.28 78.85 64.46
N PHE C 532 59.33 78.41 63.77
CA PHE C 532 59.20 77.37 62.76
C PHE C 532 59.81 76.07 63.24
N ASN C 533 59.21 74.97 62.82
CA ASN C 533 59.75 73.65 63.11
C ASN C 533 59.22 72.70 62.04
N GLY C 534 59.73 71.48 62.04
CA GLY C 534 59.25 70.51 61.07
C GLY C 534 60.20 69.35 60.85
N ILE C 535 59.74 68.38 60.07
CA ILE C 535 60.53 67.18 59.78
C ILE C 535 60.24 66.70 58.37
N ILE C 536 61.26 66.13 57.74
CA ILE C 536 61.12 65.34 56.54
C ILE C 536 61.43 63.90 56.90
N VAL C 537 60.51 63.00 56.57
CA VAL C 537 60.62 61.61 56.96
C VAL C 537 60.62 60.73 55.72
N THR C 538 61.51 59.74 55.72
CA THR C 538 61.63 58.76 54.65
C THR C 538 61.36 57.38 55.23
N PRO C 539 60.87 56.44 54.43
CA PRO C 539 60.69 55.07 54.93
C PRO C 539 62.03 54.49 55.40
N GLY C 540 61.99 53.81 56.54
CA GLY C 540 63.20 53.26 57.13
C GLY C 540 63.69 51.99 56.46
N TYR C 541 62.89 51.39 55.59
CA TYR C 541 63.29 50.18 54.90
C TYR C 541 64.44 50.50 53.94
N ALA C 542 65.40 49.57 53.87
CA ALA C 542 66.59 49.79 53.08
C ALA C 542 66.37 49.50 51.60
N ALA C 543 65.28 50.00 51.02
CA ALA C 543 65.06 49.94 49.59
C ALA C 543 64.42 51.20 49.03
N ILE C 544 63.76 52.00 49.87
CA ILE C 544 63.16 53.25 49.45
C ILE C 544 63.55 54.40 50.38
N ASN C 545 64.52 54.16 51.26
CA ASN C 545 65.00 55.19 52.17
C ASN C 545 65.78 56.25 51.39
N GLY C 546 65.43 57.50 51.61
CA GLY C 546 66.09 58.59 50.90
C GLY C 546 65.72 58.71 49.44
N THR C 547 64.65 58.03 49.02
CA THR C 547 64.13 58.17 47.67
C THR C 547 62.75 58.80 47.61
N THR C 548 61.91 58.55 48.61
CA THR C 548 60.60 59.18 48.72
C THR C 548 60.40 59.59 50.16
N ALA C 549 59.68 60.68 50.38
CA ALA C 549 59.59 61.27 51.71
C ALA C 549 58.31 62.07 51.86
N MET C 550 58.03 62.44 53.11
CA MET C 550 57.01 63.40 53.51
C MET C 550 57.68 64.58 54.16
N ALA C 551 57.39 65.77 53.65
CA ALA C 551 57.91 67.01 54.24
C ALA C 551 56.79 67.74 54.95
N TYR C 552 56.98 67.99 56.24
CA TYR C 552 56.03 68.77 57.04
C TYR C 552 56.79 69.92 57.66
N VAL C 553 56.39 71.15 57.34
CA VAL C 553 56.98 72.36 57.88
C VAL C 553 55.89 73.16 58.55
N ILE C 554 55.85 73.10 59.88
CA ILE C 554 54.80 73.74 60.68
C ILE C 554 55.39 75.03 61.24
N GLY C 555 54.79 76.15 60.86
CA GLY C 555 55.10 77.41 61.53
C GLY C 555 54.03 77.74 62.55
N ALA C 556 54.42 78.52 63.54
CA ALA C 556 53.51 78.93 64.60
C ALA C 556 53.60 80.43 64.81
N LEU C 557 52.46 81.05 65.07
CA LEU C 557 52.37 82.49 65.26
C LEU C 557 51.62 82.76 66.55
N TYR C 558 52.17 83.62 67.39
CA TYR C 558 51.51 84.03 68.63
C TYR C 558 51.02 85.47 68.49
N ASN C 559 49.77 85.70 68.87
CA ASN C 559 49.19 87.02 68.68
C ASN C 559 48.07 87.25 69.68
N LYS C 560 47.58 88.48 69.71
CA LYS C 560 46.45 88.88 70.55
C LYS C 560 45.61 89.90 69.80
N THR C 561 44.38 89.51 69.44
CA THR C 561 43.43 90.42 68.84
C THR C 561 42.33 90.69 69.86
N SER C 562 41.62 89.66 70.30
CA SER C 562 40.70 89.77 71.42
C SER C 562 41.00 88.73 72.49
N ASP C 563 41.52 87.58 72.09
CA ASP C 563 42.03 86.56 72.99
C ASP C 563 43.42 86.13 72.52
N TYR C 564 44.22 85.63 73.45
CA TYR C 564 45.56 85.16 73.11
C TYR C 564 45.46 83.94 72.22
N VAL C 565 45.98 84.05 70.99
CA VAL C 565 45.84 83.02 69.98
C VAL C 565 47.23 82.54 69.59
N LEU C 566 47.45 81.23 69.73
CA LEU C 566 48.63 80.56 69.21
C LEU C 566 48.19 79.67 68.05
N SER C 567 48.61 80.01 66.84
CA SER C 567 48.15 79.33 65.65
C SER C 567 49.30 78.56 64.99
N PHE C 568 48.95 77.42 64.40
CA PHE C 568 49.91 76.56 63.73
C PHE C 568 49.44 76.29 62.30
N ALA C 569 50.36 76.43 61.36
CA ALA C 569 50.07 76.16 59.96
C ALA C 569 51.13 75.21 59.42
N GLY C 570 50.69 74.07 58.89
CA GLY C 570 51.63 73.06 58.43
C GLY C 570 51.39 72.60 57.00
N SER C 571 52.46 72.46 56.24
CA SER C 571 52.36 71.96 54.88
C SER C 571 52.58 70.45 54.83
N GLN C 572 52.12 69.84 53.75
CA GLN C 572 52.26 68.40 53.56
C GLN C 572 52.77 68.17 52.14
N GLU C 573 54.02 67.73 52.01
CA GLU C 573 54.62 67.58 50.69
C GLU C 573 55.13 66.17 50.46
N PRO C 574 54.43 65.35 49.68
CA PRO C 574 55.06 64.12 49.15
C PRO C 574 56.24 64.51 48.28
N MET C 575 57.33 63.76 48.41
CA MET C 575 58.62 64.32 48.09
C MET C 575 59.45 63.19 47.49
N GLN C 576 60.32 63.48 46.52
CA GLN C 576 61.13 62.42 45.94
C GLN C 576 62.53 62.90 45.64
N VAL C 577 63.48 61.97 45.64
CA VAL C 577 64.88 62.29 45.41
C VAL C 577 65.32 61.73 44.06
N MET C 578 65.90 62.58 43.23
CA MET C 578 66.51 62.13 41.99
C MET C 578 67.64 63.08 41.62
N ASN C 579 68.75 62.53 41.16
CA ASN C 579 69.98 63.28 40.88
C ASN C 579 70.48 64.01 42.12
N ASN C 580 70.30 63.42 43.30
CA ASN C 580 70.61 64.04 44.60
C ASN C 580 69.81 65.32 44.81
N ASN C 581 68.81 65.57 43.99
CA ASN C 581 67.92 66.71 44.15
C ASN C 581 66.66 66.23 44.84
N LEU C 582 66.30 66.89 45.93
CA LEU C 582 65.03 66.66 46.60
C LEU C 582 63.98 67.49 45.87
N THR C 583 63.20 66.84 45.02
CA THR C 583 62.18 67.51 44.20
C THR C 583 60.79 67.10 44.67
N GLU C 584 59.90 68.08 44.74
CA GLU C 584 58.53 67.82 45.18
C GLU C 584 57.71 67.29 44.02
N VAL C 585 57.06 66.15 44.22
CA VAL C 585 56.14 65.60 43.22
C VAL C 585 54.86 66.42 43.18
N THR C 586 54.27 66.67 44.35
CA THR C 586 53.07 67.48 44.48
C THR C 586 52.92 67.89 45.94
N THR C 587 51.94 68.74 46.19
CA THR C 587 51.67 69.22 47.54
C THR C 587 50.21 69.00 47.89
N LEU C 588 49.96 68.68 49.16
CA LEU C 588 48.61 68.47 49.66
C LEU C 588 48.09 69.74 50.31
N ALA C 589 46.82 69.71 50.70
CA ALA C 589 46.20 70.86 51.33
C ALA C 589 46.84 71.12 52.69
N PRO C 590 47.32 72.34 52.95
CA PRO C 590 47.92 72.63 54.26
C PRO C 590 46.88 72.58 55.37
N PHE C 591 47.33 72.23 56.57
CA PHE C 591 46.44 72.10 57.72
C PHE C 591 46.72 73.24 58.70
N GLY C 592 45.71 73.54 59.51
CA GLY C 592 45.82 74.63 60.47
C GLY C 592 45.16 74.27 61.78
N LEU C 593 45.78 74.72 62.87
CA LEU C 593 45.26 74.52 64.21
C LEU C 593 45.33 75.84 64.97
N THR C 594 44.42 76.01 65.93
CA THR C 594 44.36 77.24 66.69
C THR C 594 44.20 76.92 68.17
N LEU C 595 44.84 77.74 69.01
CA LEU C 595 44.70 77.67 70.46
C LEU C 595 44.29 79.04 70.95
N LEU C 596 43.06 79.15 71.45
CA LEU C 596 42.49 80.43 71.87
C LEU C 596 42.37 80.46 73.39
N ALA C 597 42.72 81.60 73.97
CA ALA C 597 42.69 81.75 75.42
C ALA C 597 42.24 83.14 75.82
N PRO C 598 41.04 83.28 76.41
CA PRO C 598 40.63 84.58 76.94
C PRO C 598 41.24 84.90 78.30
N SER C 599 41.82 83.92 78.98
CA SER C 599 42.47 84.12 80.27
C SER C 599 43.97 84.22 80.08
N VAL C 600 44.62 84.98 80.96
CA VAL C 600 46.07 85.21 80.80
C VAL C 600 46.86 83.91 80.92
N PRO C 601 46.73 83.11 81.98
CA PRO C 601 47.37 81.80 81.98
C PRO C 601 46.44 80.73 81.46
N ALA C 602 46.90 79.98 80.46
CA ALA C 602 46.03 78.94 79.91
C ALA C 602 46.87 77.81 79.34
N THR C 603 46.25 76.64 79.28
CA THR C 603 46.78 75.49 78.55
C THR C 603 45.73 75.03 77.55
N GLU C 604 46.12 74.97 76.28
CA GLU C 604 45.17 74.70 75.21
C GLU C 604 45.69 73.53 74.37
N THR C 605 44.74 72.88 73.68
CA THR C 605 45.06 71.73 72.85
C THR C 605 44.15 71.72 71.64
N GLY C 606 44.61 71.07 70.58
CA GLY C 606 43.86 70.92 69.35
C GLY C 606 44.35 69.72 68.57
N THR C 607 43.55 69.31 67.59
CA THR C 607 43.88 68.13 66.81
C THR C 607 43.37 68.29 65.38
N SER C 608 43.93 67.47 64.50
CA SER C 608 43.61 67.49 63.07
C SER C 608 44.05 66.17 62.46
N PRO C 609 43.47 65.76 61.34
CA PRO C 609 44.00 64.62 60.61
C PRO C 609 45.32 64.96 59.92
N LEU C 610 46.12 63.93 59.67
CA LEU C 610 47.39 64.08 58.98
C LEU C 610 47.48 63.04 57.87
N GLN C 611 48.01 63.46 56.72
CA GLN C 611 48.07 62.61 55.54
C GLN C 611 49.52 62.25 55.24
N LEU C 612 49.74 60.97 54.99
CA LEU C 612 51.04 60.39 54.69
C LEU C 612 51.03 59.91 53.24
N GLU C 613 52.10 60.19 52.51
CA GLU C 613 52.10 59.80 51.11
C GLU C 613 53.53 59.48 50.66
N PHE C 614 53.64 58.47 49.82
CA PHE C 614 54.95 58.06 49.30
C PHE C 614 54.79 57.63 47.85
N PHE C 615 55.24 58.46 46.92
CA PHE C 615 55.33 58.06 45.52
C PHE C 615 56.63 57.30 45.31
N THR C 616 56.58 55.97 45.42
CA THR C 616 57.79 55.17 45.33
C THR C 616 58.28 55.10 43.90
N VAL C 617 59.60 54.98 43.74
CA VAL C 617 60.22 54.79 42.43
C VAL C 617 59.67 53.50 41.84
N PRO C 618 59.29 53.48 40.54
CA PRO C 618 58.67 52.27 39.98
C PRO C 618 59.50 51.01 40.15
N SER C 619 60.82 51.13 39.93
CA SER C 619 61.69 49.97 40.02
C SER C 619 61.60 49.31 41.39
N THR C 620 61.48 50.10 42.44
CA THR C 620 61.31 49.58 43.79
C THR C 620 59.86 49.56 44.25
N SER C 621 58.92 50.06 43.44
CA SER C 621 57.54 50.23 43.90
C SER C 621 56.95 48.92 44.41
N TYR C 622 57.04 47.85 43.61
CA TYR C 622 56.55 46.56 44.08
C TYR C 622 57.30 46.13 45.33
N ILE C 623 58.62 46.29 45.36
CA ILE C 623 59.40 45.94 46.55
C ILE C 623 58.92 46.76 47.74
N ALA C 624 58.68 48.06 47.52
CA ALA C 624 58.13 48.90 48.59
C ALA C 624 56.79 48.34 49.06
N LEU C 625 55.97 47.87 48.13
CA LEU C 625 54.69 47.27 48.50
C LEU C 625 54.90 46.07 49.41
N VAL C 626 55.99 45.32 49.19
CA VAL C 626 56.33 44.23 50.10
C VAL C 626 56.90 44.78 51.40
N ASP C 627 57.71 45.84 51.31
CA ASP C 627 58.36 46.38 52.50
C ASP C 627 57.34 46.94 53.49
N PHE C 628 56.34 47.69 53.01
CA PHE C 628 55.32 48.22 53.90
C PHE C 628 54.34 47.16 54.36
N GLY C 629 54.40 45.97 53.78
CA GLY C 629 53.46 44.91 54.12
C GLY C 629 52.11 45.05 53.47
N LEU C 630 52.02 45.69 52.32
CA LEU C 630 50.77 45.94 51.62
C LEU C 630 50.45 44.88 50.57
N TRP C 631 51.07 43.70 50.67
CA TRP C 631 50.82 42.62 49.74
C TRP C 631 51.05 41.28 50.43
N GLY C 632 50.44 40.23 49.89
CA GLY C 632 50.60 38.90 50.44
C GLY C 632 49.30 38.12 50.42
N ASN C 633 49.07 37.37 51.50
CA ASN C 633 47.83 36.62 51.65
C ASN C 633 46.72 37.46 52.27
N LEU C 634 47.01 38.74 52.55
CA LEU C 634 46.12 39.57 53.34
C LEU C 634 45.42 40.62 52.47
N THR C 635 46.09 41.06 51.42
CA THR C 635 45.68 42.26 50.69
C THR C 635 44.39 42.05 49.93
N SER C 636 43.67 43.14 49.71
CA SER C 636 42.47 43.20 48.89
C SER C 636 42.60 44.37 47.93
N VAL C 637 42.20 44.15 46.68
CA VAL C 637 42.49 45.08 45.59
C VAL C 637 41.19 45.55 44.96
N THR C 638 41.01 46.86 44.90
CA THR C 638 39.95 47.53 44.15
C THR C 638 40.51 47.97 42.80
N VAL C 639 39.70 47.80 41.75
CA VAL C 639 40.13 48.08 40.38
C VAL C 639 39.18 49.09 39.77
N SER C 640 39.74 50.11 39.11
CA SER C 640 38.97 51.08 38.36
C SER C 640 39.58 51.24 36.97
N ALA C 641 38.70 51.41 35.98
CA ALA C 641 39.12 51.51 34.60
C ALA C 641 38.89 52.93 34.09
N TYR C 642 39.60 53.26 33.01
CA TYR C 642 39.59 54.61 32.45
C TYR C 642 39.70 54.51 30.94
N ASP C 643 38.72 55.05 30.24
CA ASP C 643 38.77 55.14 28.78
C ASP C 643 39.73 56.26 28.40
N THR C 644 40.99 55.88 28.12
CA THR C 644 42.05 56.86 27.89
C THR C 644 41.85 57.67 26.62
N VAL C 645 41.12 57.13 25.65
CA VAL C 645 40.92 57.83 24.38
C VAL C 645 39.81 58.87 24.49
N ASN C 646 38.61 58.43 24.89
CA ASN C 646 37.44 59.29 24.87
C ASN C 646 36.98 59.71 26.26
N ASN C 647 37.84 59.61 27.28
CA ASN C 647 37.63 60.22 28.57
C ASN C 647 36.36 59.73 29.29
N LYS C 648 36.31 58.43 29.58
CA LYS C 648 35.36 57.90 30.54
C LYS C 648 36.08 57.17 31.66
N LEU C 649 35.58 57.37 32.88
CA LEU C 649 36.03 56.65 34.05
C LEU C 649 34.96 55.63 34.44
N SER C 650 35.41 54.40 34.67
CA SER C 650 34.49 53.35 35.10
C SER C 650 34.02 53.62 36.52
N VAL C 651 32.76 54.02 36.67
CA VAL C 651 32.18 54.20 38.00
C VAL C 651 32.14 52.88 38.75
N ASN C 652 32.08 51.76 38.03
CA ASN C 652 32.21 50.46 38.64
C ASN C 652 33.65 50.24 39.08
N LEU C 653 33.80 49.66 40.26
CA LEU C 653 35.12 49.30 40.79
C LEU C 653 35.12 47.81 41.07
N GLY C 654 35.81 47.05 40.21
CA GLY C 654 35.93 45.62 40.43
C GLY C 654 36.78 45.32 41.65
N TYR C 655 36.83 44.04 42.01
CA TYR C 655 37.52 43.66 43.22
C TYR C 655 38.17 42.30 43.04
N PHE C 656 39.31 42.12 43.68
CA PHE C 656 39.88 40.77 43.86
C PHE C 656 40.76 40.81 45.09
N TYR C 657 41.48 39.71 45.32
CA TYR C 657 42.27 39.55 46.52
C TYR C 657 43.62 38.94 46.18
N GLY C 658 44.66 39.44 46.84
CA GLY C 658 45.96 38.83 46.73
C GLY C 658 46.14 37.71 47.75
N ILE C 659 46.61 36.58 47.27
CA ILE C 659 46.89 35.43 48.13
C ILE C 659 48.01 34.64 47.47
N VAL C 660 48.67 33.79 48.26
CA VAL C 660 49.77 32.97 47.77
C VAL C 660 49.47 31.51 48.08
N ILE C 661 49.40 30.69 47.04
CA ILE C 661 49.23 29.25 47.17
C ILE C 661 50.58 28.61 46.88
N PRO C 662 51.10 27.76 47.78
CA PRO C 662 52.44 27.20 47.57
C PRO C 662 52.43 26.22 46.41
N PRO C 663 53.43 26.29 45.54
CA PRO C 663 53.53 25.31 44.44
C PRO C 663 53.63 23.88 44.96
N SER C 664 53.06 22.95 44.21
CA SER C 664 53.11 21.53 44.55
C SER C 664 53.64 20.76 43.34
N ILE C 665 53.80 19.46 43.51
CA ILE C 665 54.31 18.60 42.46
C ILE C 665 53.43 17.37 42.35
N SER C 666 53.33 16.82 41.14
CA SER C 666 52.57 15.61 40.91
C SER C 666 53.28 14.75 39.88
N THR C 667 53.53 13.51 40.28
CA THR C 667 54.29 12.55 39.48
C THR C 667 53.56 11.21 39.47
N ALA C 668 53.85 10.40 38.48
CA ALA C 668 53.27 9.07 38.33
C ALA C 668 54.34 8.12 37.82
N PRO C 669 54.16 6.81 38.00
CA PRO C 669 55.10 5.86 37.41
C PRO C 669 55.19 6.00 35.90
N TYR C 670 56.40 5.80 35.37
CA TYR C 670 56.68 6.07 33.96
C TYR C 670 56.98 4.76 33.24
N ASN C 671 56.37 4.58 32.08
CA ASN C 671 56.62 3.39 31.26
C ASN C 671 57.90 3.56 30.47
N TYR C 672 58.63 2.45 30.28
CA TYR C 672 59.83 2.49 29.47
C TYR C 672 59.52 2.77 28.01
N GLN C 673 58.30 2.43 27.56
CA GLN C 673 57.89 2.72 26.19
C GLN C 673 57.99 4.21 25.89
N ASN C 674 57.74 5.07 26.88
CA ASN C 674 57.83 6.51 26.70
C ASN C 674 59.27 7.00 26.56
N PHE C 675 60.24 6.08 26.46
CA PHE C 675 61.64 6.44 26.32
C PHE C 675 62.28 5.85 25.07
N ILE C 676 61.63 4.93 24.39
CA ILE C 676 62.25 4.16 23.32
C ILE C 676 62.09 4.84 21.97
N CYS C 677 60.85 5.01 21.52
CA CYS C 677 60.61 5.55 20.20
C CYS C 677 60.40 7.06 20.26
N PRO C 678 60.82 7.80 19.23
CA PRO C 678 60.73 9.27 19.28
C PRO C 678 59.34 9.79 18.94
N ASN C 679 58.32 9.12 19.46
CA ASN C 679 56.96 9.61 19.44
C ASN C 679 56.30 9.39 20.79
N ASN C 680 56.97 8.64 21.66
CA ASN C 680 56.51 8.39 23.02
C ASN C 680 57.40 9.16 23.98
N TYR C 681 56.79 10.03 24.77
CA TYR C 681 57.54 10.88 25.68
C TYR C 681 56.88 10.85 27.05
N VAL C 682 57.52 11.50 28.02
CA VAL C 682 57.07 11.51 29.40
C VAL C 682 56.48 12.87 29.73
N THR C 683 55.28 12.87 30.31
CA THR C 683 54.62 14.10 30.72
C THR C 683 54.71 14.24 32.24
N VAL C 684 55.23 15.37 32.69
CA VAL C 684 55.40 15.67 34.10
C VAL C 684 54.48 16.82 34.47
N THR C 685 53.73 16.66 35.56
CA THR C 685 52.73 17.66 35.95
C THR C 685 53.23 18.43 37.16
N ILE C 686 53.46 19.73 36.97
CA ILE C 686 53.99 20.61 38.01
C ILE C 686 52.93 21.63 38.37
N TYR C 687 52.64 21.76 39.66
CA TYR C 687 51.64 22.71 40.14
C TYR C 687 52.32 23.99 40.60
N ASP C 688 52.10 25.08 39.86
CA ASP C 688 52.58 26.39 40.25
C ASP C 688 51.76 27.46 39.55
N PRO C 689 50.65 27.90 40.15
CA PRO C 689 49.83 28.93 39.50
C PRO C 689 50.55 30.26 39.32
N ASP C 690 51.59 30.50 40.12
CA ASP C 690 52.10 31.85 40.28
C ASP C 690 53.04 32.28 39.16
N ALA C 691 53.52 31.36 38.35
CA ALA C 691 54.48 31.68 37.31
C ALA C 691 53.85 32.19 36.02
N VAL C 692 52.51 32.26 35.96
CA VAL C 692 51.82 32.69 34.76
C VAL C 692 51.84 34.21 34.68
N LEU C 693 52.43 34.74 33.61
CA LEU C 693 52.40 36.17 33.34
C LEU C 693 51.88 36.47 31.95
N ASP C 694 51.32 35.47 31.27
CA ASP C 694 50.73 35.63 29.94
C ASP C 694 49.74 34.51 29.70
N PRO C 695 48.50 34.64 30.18
CA PRO C 695 47.54 33.54 30.05
C PRO C 695 46.88 33.46 28.68
N TYR C 696 47.68 33.33 27.63
CA TYR C 696 47.15 33.14 26.28
C TYR C 696 48.19 32.43 25.43
N PRO C 697 47.94 31.18 25.03
CA PRO C 697 48.92 30.47 24.20
C PRO C 697 49.15 31.17 22.87
N SER C 698 50.38 31.05 22.36
CA SER C 698 50.80 31.69 21.12
C SER C 698 50.58 33.21 21.18
N GLY C 699 50.86 33.80 22.33
CA GLY C 699 50.71 35.23 22.53
C GLY C 699 51.92 35.85 23.18
N SER C 700 52.06 37.16 23.01
CA SER C 700 53.16 37.92 23.59
C SER C 700 52.80 39.39 23.63
N PHE C 701 53.53 40.17 24.43
CA PHE C 701 53.29 41.60 24.51
C PHE C 701 54.55 42.30 25.04
N THR C 702 54.59 43.62 24.86
CA THR C 702 55.69 44.44 25.34
C THR C 702 55.13 45.53 26.24
N THR C 703 56.03 46.29 26.88
CA THR C 703 55.60 47.35 27.77
C THR C 703 56.55 48.54 27.64
N SER C 704 56.06 49.72 28.01
CA SER C 704 56.85 50.94 27.96
C SER C 704 56.34 51.94 28.98
N SER C 705 57.27 52.67 29.60
CA SER C 705 56.95 53.66 30.61
C SER C 705 56.52 54.98 29.95
N LEU C 706 55.42 55.53 30.45
CA LEU C 706 54.84 56.74 29.87
C LEU C 706 54.11 57.50 30.96
N PRO C 707 53.89 58.80 30.79
CA PRO C 707 52.98 59.53 31.68
C PRO C 707 51.53 59.27 31.29
N LEU C 708 50.87 58.42 32.06
CA LEU C 708 49.51 57.96 31.76
C LEU C 708 48.50 58.96 32.30
N LYS C 709 47.50 59.28 31.49
CA LYS C 709 46.42 60.15 31.91
C LYS C 709 45.34 59.34 32.63
N TYR C 710 44.94 59.80 33.81
CA TYR C 710 43.90 59.14 34.57
C TYR C 710 43.21 60.19 35.42
N GLY C 711 41.88 60.09 35.52
CA GLY C 711 41.12 61.07 36.28
C GLY C 711 41.31 62.46 35.71
N ASN C 712 42.10 63.27 36.41
CA ASN C 712 42.43 64.61 35.93
C ASN C 712 43.93 64.89 36.04
N MET C 713 44.77 63.86 35.99
CA MET C 713 46.21 64.06 36.17
C MET C 713 46.97 62.94 35.48
N ASN C 714 48.25 63.21 35.23
CA ASN C 714 49.15 62.26 34.57
C ASN C 714 50.12 61.72 35.60
N ILE C 715 50.24 60.39 35.68
CA ILE C 715 51.14 59.72 36.62
C ILE C 715 51.98 58.74 35.81
N THR C 716 53.25 58.58 36.21
CA THR C 716 54.12 57.62 35.53
C THR C 716 53.53 56.23 35.64
N GLY C 717 53.49 55.51 34.51
CA GLY C 717 52.91 54.19 34.47
C GLY C 717 53.48 53.40 33.31
N ALA C 718 53.00 52.17 33.18
CA ALA C 718 53.45 51.26 32.14
C ALA C 718 52.30 50.97 31.19
N VAL C 719 52.45 51.33 29.92
CA VAL C 719 51.50 50.98 28.88
C VAL C 719 51.97 49.68 28.24
N ILE C 720 51.07 48.71 28.15
CA ILE C 720 51.37 47.41 27.57
C ILE C 720 50.81 47.37 26.15
N PHE C 721 51.68 47.08 25.18
CA PHE C 721 51.32 46.99 23.78
C PHE C 721 51.30 45.53 23.34
N PRO C 722 50.18 45.01 22.84
CA PRO C 722 50.18 43.65 22.31
C PRO C 722 51.05 43.53 21.08
N GLY C 723 51.62 42.35 20.89
CA GLY C 723 52.53 42.10 19.77
C GLY C 723 53.86 41.59 20.24
N SER C 724 54.89 41.80 19.43
CA SER C 724 56.22 41.32 19.76
C SER C 724 57.30 42.35 19.39
N SER C 725 56.94 43.63 19.43
CA SER C 725 57.86 44.71 19.10
C SER C 725 57.92 45.71 20.24
N VAL C 726 59.13 46.04 20.67
CA VAL C 726 59.36 47.06 21.70
C VAL C 726 59.60 48.38 21.01
N TYR C 727 58.75 49.37 21.33
CA TYR C 727 58.77 50.69 20.72
C TYR C 727 59.37 51.70 21.69
N ASN C 728 59.42 52.96 21.23
CA ASN C 728 59.81 54.10 22.06
C ASN C 728 58.79 55.21 21.85
N PRO C 729 57.66 55.15 22.54
CA PRO C 729 56.61 56.16 22.37
C PRO C 729 57.03 57.50 22.96
N SER C 730 56.27 58.54 22.62
CA SER C 730 56.55 59.90 23.08
C SER C 730 55.24 60.61 23.31
N GLY C 731 55.33 61.86 23.77
CA GLY C 731 54.15 62.66 24.03
C GLY C 731 53.46 62.30 25.32
N VAL C 732 52.31 62.93 25.55
CA VAL C 732 51.52 62.68 26.75
C VAL C 732 50.44 61.66 26.43
N PHE C 733 50.44 60.56 27.17
CA PHE C 733 49.49 59.48 26.93
C PHE C 733 48.06 59.97 27.15
N GLY C 734 47.17 59.60 26.23
CA GLY C 734 45.79 60.00 26.31
C GLY C 734 45.44 61.29 25.60
N TYR C 735 46.35 61.83 24.81
CA TYR C 735 46.11 63.08 24.08
C TYR C 735 46.60 62.91 22.65
N SER C 736 46.57 64.00 21.89
CA SER C 736 47.13 64.03 20.55
C SER C 736 48.66 64.11 20.57
N ASN C 737 49.25 64.45 21.72
CA ASN C 737 50.70 64.47 21.83
C ASN C 737 51.30 63.08 21.80
N PHE C 738 50.57 62.08 22.32
CA PHE C 738 51.06 60.71 22.34
C PHE C 738 51.18 60.18 20.91
N ASN C 739 52.33 59.57 20.62
CA ASN C 739 52.57 58.95 19.32
C ASN C 739 53.72 57.97 19.48
N LYS C 740 53.43 56.68 19.29
CA LYS C 740 54.48 55.67 19.40
C LYS C 740 55.29 55.63 18.11
N GLY C 741 56.61 55.59 18.26
CA GLY C 741 57.51 55.62 17.12
C GLY C 741 57.76 54.24 16.53
N ALA C 742 58.83 54.14 15.75
CA ALA C 742 59.19 52.86 15.14
C ALA C 742 59.63 51.87 16.20
N ALA C 743 59.50 50.59 15.87
CA ALA C 743 59.89 49.52 16.79
C ALA C 743 61.39 49.59 17.06
N VAL C 744 61.75 49.90 18.30
CA VAL C 744 63.16 49.93 18.67
C VAL C 744 63.77 48.54 18.49
N THR C 745 63.06 47.51 18.92
CA THR C 745 63.50 46.15 18.66
C THR C 745 62.27 45.31 18.33
N THR C 746 62.51 44.18 17.66
CA THR C 746 61.45 43.25 17.29
C THR C 746 61.81 41.87 17.79
N PHE C 747 61.09 41.39 18.81
CA PHE C 747 61.31 40.06 19.36
C PHE C 747 60.56 39.04 18.52
N THR C 748 61.28 38.00 18.10
CA THR C 748 60.66 36.97 17.28
C THR C 748 61.09 35.59 17.77
N TYR C 749 60.12 34.72 18.01
CA TYR C 749 60.42 33.33 18.35
C TYR C 749 60.59 32.53 17.06
N THR C 750 61.85 32.17 16.77
CA THR C 750 62.20 31.52 15.52
C THR C 750 62.97 30.25 15.81
N ALA C 751 62.97 29.33 14.85
CA ALA C 751 63.80 28.15 14.95
C ALA C 751 65.27 28.52 14.85
N GLN C 752 66.10 27.88 15.67
CA GLN C 752 67.52 28.14 15.70
C GLN C 752 68.28 26.98 15.08
N SER C 753 69.20 27.31 14.18
CA SER C 753 70.01 26.31 13.50
C SER C 753 70.98 25.62 14.44
N GLY C 754 71.75 24.67 13.93
CA GLY C 754 72.68 23.91 14.73
C GLY C 754 72.05 22.66 15.30
N PRO C 755 72.43 22.29 16.52
CA PRO C 755 71.84 21.11 17.16
C PRO C 755 70.33 21.25 17.30
N PHE C 756 69.63 20.15 17.01
CA PHE C 756 68.18 20.06 17.17
C PHE C 756 67.47 21.17 16.40
N SER C 757 66.28 21.55 16.86
CA SER C 757 65.52 22.64 16.22
C SER C 757 64.63 23.32 17.25
N PRO C 758 65.21 24.05 18.19
CA PRO C 758 64.39 24.73 19.20
C PRO C 758 63.80 26.02 18.65
N VAL C 759 62.72 26.46 19.28
CA VAL C 759 62.10 27.74 19.00
C VAL C 759 62.52 28.70 20.10
N ALA C 760 63.35 29.68 19.75
CA ALA C 760 63.94 30.56 20.75
C ALA C 760 63.76 32.01 20.34
N LEU C 761 63.93 32.89 21.31
CA LEU C 761 63.74 34.32 21.09
C LEU C 761 64.92 34.93 20.33
N THR C 762 64.61 35.91 19.49
CA THR C 762 65.60 36.69 18.77
C THR C 762 65.24 38.16 18.90
N GLY C 763 66.26 38.98 19.16
CA GLY C 763 66.10 40.39 19.40
C GLY C 763 67.13 40.89 20.39
N ASN C 764 66.93 42.13 20.83
CA ASN C 764 67.82 42.76 21.79
C ASN C 764 67.41 42.39 23.20
N THR C 765 68.23 41.58 23.87
CA THR C 765 67.93 41.13 25.21
C THR C 765 67.91 42.27 26.23
N ASN C 766 68.49 43.43 25.89
CA ASN C 766 68.43 44.58 26.78
C ASN C 766 66.99 45.01 27.04
N TYR C 767 66.07 44.63 26.16
CA TYR C 767 64.66 44.95 26.31
C TYR C 767 63.84 43.75 26.77
N LEU C 768 64.48 42.72 27.35
CA LEU C 768 63.70 41.65 27.96
C LEU C 768 62.86 42.16 29.11
N SER C 769 63.31 43.20 29.81
CA SER C 769 62.53 43.87 30.84
C SER C 769 61.30 44.56 30.27
N GLN C 770 61.27 44.79 28.96
CA GLN C 770 60.11 45.36 28.30
C GLN C 770 59.38 44.33 27.45
N TYR C 771 59.59 43.04 27.69
CA TYR C 771 59.02 41.98 26.87
C TYR C 771 58.46 40.88 27.77
N ALA C 772 57.29 40.36 27.42
CA ALA C 772 56.66 39.29 28.16
C ALA C 772 56.02 38.29 27.20
N ASP C 773 56.12 37.01 27.55
CA ASP C 773 55.66 35.92 26.70
C ASP C 773 54.98 34.86 27.57
N ASN C 774 54.48 33.82 26.92
CA ASN C 774 53.93 32.68 27.63
C ASN C 774 54.98 31.98 28.48
N ASN C 775 56.24 32.08 28.09
CA ASN C 775 57.32 31.42 28.81
C ASN C 775 57.59 32.12 30.14
N PRO C 776 57.55 31.41 31.26
CA PRO C 776 57.87 32.03 32.56
C PRO C 776 59.36 32.17 32.83
N THR C 777 60.23 31.74 31.91
CA THR C 777 61.67 31.84 32.09
C THR C 777 62.23 33.13 31.52
N ASP C 778 61.36 34.05 31.10
CA ASP C 778 61.79 35.40 30.71
C ASP C 778 60.85 36.46 31.24
N ASN C 779 59.78 36.08 31.94
CA ASN C 779 58.81 37.02 32.44
C ASN C 779 59.26 37.70 33.73
N TYR C 780 60.28 37.17 34.41
CA TYR C 780 60.81 37.85 35.59
C TYR C 780 61.56 39.13 35.25
N TYR C 781 61.91 39.34 33.98
CA TYR C 781 62.42 40.63 33.54
C TYR C 781 61.36 41.72 33.59
N PHE C 782 60.08 41.35 33.50
CA PHE C 782 59.02 42.32 33.20
C PHE C 782 58.93 43.42 34.25
N ILE C 783 58.96 43.08 35.53
CA ILE C 783 58.79 44.04 36.60
C ILE C 783 60.06 44.23 37.43
N GLN C 784 60.65 43.15 37.93
CA GLN C 784 61.80 43.23 38.82
C GLN C 784 63.09 43.16 38.00
N THR C 785 63.46 44.30 37.43
CA THR C 785 64.68 44.45 36.65
C THR C 785 65.28 45.82 36.91
N VAL C 786 66.50 45.84 37.43
CA VAL C 786 67.24 47.08 37.67
C VAL C 786 68.63 46.92 37.06
N ASN C 787 69.15 48.02 36.50
CA ASN C 787 70.46 48.06 35.87
C ASN C 787 70.60 47.06 34.73
N GLY C 788 69.49 46.74 34.06
CA GLY C 788 69.55 45.82 32.93
C GLY C 788 69.58 44.35 33.29
N MET C 789 69.48 44.01 34.57
CA MET C 789 69.50 42.62 34.99
C MET C 789 68.21 42.32 35.78
N PRO C 790 67.66 41.12 35.67
CA PRO C 790 66.39 40.82 36.34
C PRO C 790 66.63 40.53 37.82
N VAL C 791 65.89 41.23 38.68
CA VAL C 791 65.95 40.95 40.11
C VAL C 791 65.33 39.59 40.41
N LEU C 792 64.22 39.28 39.77
CA LEU C 792 63.50 38.03 39.99
C LEU C 792 64.02 36.97 39.03
N MET C 793 63.95 35.71 39.47
CA MET C 793 64.32 34.57 38.66
C MET C 793 63.32 33.45 38.88
N GLY C 794 62.28 33.41 38.07
CA GLY C 794 61.23 32.43 38.20
C GLY C 794 61.05 31.59 36.95
N GLY C 795 60.04 30.73 37.00
CA GLY C 795 59.73 29.86 35.88
C GLY C 795 60.28 28.45 36.05
N LEU C 796 60.38 27.78 34.91
CA LEU C 796 60.89 26.41 34.88
C LEU C 796 62.41 26.42 34.89
N SER C 797 62.99 25.35 35.47
CA SER C 797 64.42 25.14 35.41
C SER C 797 64.65 23.64 35.36
N ILE C 798 65.71 23.24 34.66
CA ILE C 798 65.96 21.84 34.37
C ILE C 798 67.44 21.53 34.63
N VAL C 799 67.69 20.41 35.31
CA VAL C 799 69.03 19.90 35.47
C VAL C 799 69.01 18.44 35.04
N ALA C 800 70.16 17.92 34.65
CA ALA C 800 70.20 16.57 34.09
C ALA C 800 71.52 15.91 34.48
N SER C 801 71.41 14.63 34.83
CA SER C 801 72.54 13.84 35.33
C SER C 801 72.46 12.46 34.69
N PRO C 802 73.56 11.69 34.68
CA PRO C 802 74.91 11.95 35.24
C PRO C 802 75.67 13.03 34.48
N VAL C 803 75.47 13.14 33.17
CA VAL C 803 76.10 14.21 32.40
C VAL C 803 75.48 15.53 32.83
N SER C 804 76.23 16.31 33.60
CA SER C 804 75.70 17.53 34.21
C SER C 804 75.30 18.52 33.14
N ALA C 805 74.00 18.73 32.98
CA ALA C 805 73.49 19.72 32.04
C ALA C 805 72.44 20.55 32.76
N SER C 806 72.26 21.78 32.31
CA SER C 806 71.35 22.68 33.01
C SER C 806 70.75 23.73 32.09
N LEU C 807 69.54 24.15 32.39
CA LEU C 807 68.86 25.25 31.72
C LEU C 807 68.01 26.00 32.73
N PRO C 808 68.00 27.33 32.69
CA PRO C 808 68.71 28.23 31.76
C PRO C 808 70.22 28.16 31.88
N SER C 809 70.91 28.05 30.75
CA SER C 809 72.36 28.00 30.71
C SER C 809 72.91 29.38 30.43
N SER C 810 74.18 29.59 30.80
CA SER C 810 74.85 30.86 30.55
C SER C 810 75.09 31.10 29.07
N THR C 811 74.98 30.06 28.24
CA THR C 811 75.16 30.19 26.80
C THR C 811 73.85 30.45 26.06
N SER C 812 72.72 30.44 26.76
CA SER C 812 71.42 30.65 26.14
C SER C 812 70.73 31.84 26.80
N SER C 813 70.25 32.76 25.97
CA SER C 813 69.54 33.92 26.47
C SER C 813 68.15 33.51 26.96
N PRO C 814 67.56 34.27 27.88
CA PRO C 814 66.20 33.95 28.35
C PRO C 814 65.19 33.89 27.22
N GLY C 815 64.31 32.89 27.27
CA GLY C 815 63.35 32.69 26.21
C GLY C 815 63.80 31.68 25.18
N PHE C 816 64.61 30.70 25.60
CA PHE C 816 65.19 29.74 24.66
C PHE C 816 64.24 28.59 24.33
N MET C 817 63.04 28.56 24.92
CA MET C 817 61.97 27.71 24.41
C MET C 817 60.76 28.58 24.15
N TYR C 818 59.73 27.98 23.56
CA TYR C 818 58.45 28.66 23.36
C TYR C 818 57.38 27.91 24.16
N LEU C 819 57.70 27.61 25.42
CA LEU C 819 56.78 26.86 26.27
C LEU C 819 55.44 27.57 26.40
N LEU C 820 54.37 26.82 26.17
CA LEU C 820 53.01 27.34 26.25
C LEU C 820 52.29 26.73 27.43
N PRO C 821 51.62 27.55 28.25
CA PRO C 821 50.89 27.01 29.39
C PRO C 821 49.70 26.17 28.94
N SER C 822 49.32 25.23 29.80
CA SER C 822 48.19 24.37 29.50
C SER C 822 46.91 25.20 29.36
N ALA C 823 46.10 24.83 28.37
CA ALA C 823 44.87 25.57 28.09
C ALA C 823 43.86 25.36 29.21
N ALA C 824 43.03 26.39 29.42
CA ALA C 824 41.98 26.30 30.43
C ALA C 824 40.93 25.28 30.01
N GLN C 825 40.41 24.56 31.00
CA GLN C 825 39.47 23.48 30.74
C GLN C 825 38.03 24.00 30.67
N VAL C 826 37.07 23.08 30.65
CA VAL C 826 35.67 23.43 30.40
C VAL C 826 35.10 24.36 31.46
N PRO C 827 35.19 24.07 32.77
CA PRO C 827 34.51 24.92 33.75
C PRO C 827 35.05 26.35 33.82
N SER C 828 36.23 26.61 33.27
CA SER C 828 36.76 27.97 33.23
C SER C 828 35.89 28.82 32.30
N PRO C 829 35.56 30.04 32.72
CA PRO C 829 34.75 30.92 31.87
C PRO C 829 35.48 31.38 30.61
N LEU C 830 36.80 31.23 30.59
CA LEU C 830 37.61 31.54 29.43
C LEU C 830 38.46 30.33 29.07
N PRO C 831 37.90 29.36 28.34
CA PRO C 831 38.68 28.18 27.95
C PRO C 831 39.86 28.55 27.05
N GLY C 832 40.93 27.79 27.18
CA GLY C 832 42.11 28.00 26.38
C GLY C 832 42.87 29.28 26.68
N MET C 833 43.01 29.64 27.96
CA MET C 833 43.81 30.78 28.37
C MET C 833 45.02 30.29 29.14
N ALA C 834 44.80 29.61 30.25
CA ALA C 834 45.90 29.17 31.11
C ALA C 834 45.40 28.12 32.10
N THR C 835 46.36 27.45 32.73
CA THR C 835 46.11 26.42 33.71
C THR C 835 47.33 26.34 34.62
N PRO C 836 47.13 26.35 35.95
CA PRO C 836 48.28 26.25 36.87
C PRO C 836 49.09 24.99 36.71
N ASN C 837 48.48 23.91 36.20
CA ASN C 837 49.22 22.69 35.94
C ASN C 837 50.08 22.86 34.70
N TYR C 838 51.36 22.53 34.82
CA TYR C 838 52.31 22.58 33.72
C TYR C 838 52.65 21.16 33.32
N ASN C 839 52.27 20.79 32.10
CA ASN C 839 52.55 19.47 31.54
C ASN C 839 53.79 19.58 30.67
N LEU C 840 54.90 19.02 31.13
CA LEU C 840 56.19 19.14 30.45
C LEU C 840 56.48 17.83 29.74
N ASN C 841 56.89 17.93 28.47
CA ASN C 841 57.20 16.77 27.64
C ASN C 841 58.71 16.54 27.60
N ILE C 842 59.11 15.33 27.96
CA ILE C 842 60.52 14.99 28.18
C ILE C 842 60.86 13.73 27.39
N TYR C 843 61.99 13.76 26.68
CA TYR C 843 62.62 12.59 26.10
C TYR C 843 63.95 12.35 26.80
N ILE C 844 64.15 11.12 27.28
CA ILE C 844 65.42 10.69 27.85
C ILE C 844 65.98 9.60 26.97
N THR C 845 67.20 9.78 26.47
CA THR C 845 67.74 8.85 25.50
C THR C 845 69.26 8.86 25.58
N TYR C 846 69.86 7.88 24.89
CA TYR C 846 71.30 7.74 24.77
C TYR C 846 71.78 7.75 23.33
N LYS C 847 70.88 7.60 22.36
CA LYS C 847 71.26 7.17 21.02
C LYS C 847 71.95 8.28 20.24
N ILE C 848 71.42 9.50 20.30
CA ILE C 848 71.96 10.61 19.52
C ILE C 848 73.04 11.36 20.29
N ASP C 849 73.40 10.88 21.47
CA ASP C 849 74.51 11.46 22.22
C ASP C 849 75.83 11.08 21.57
N GLY C 850 76.77 12.03 21.55
CA GLY C 850 78.03 11.84 20.88
C GLY C 850 78.00 12.12 19.40
N ALA C 851 76.84 12.46 18.85
CA ALA C 851 76.73 12.77 17.43
C ALA C 851 77.36 14.13 17.13
N THR C 852 77.65 14.36 15.86
CA THR C 852 78.27 15.59 15.40
C THR C 852 77.33 16.31 14.45
N VAL C 853 77.18 17.61 14.69
CA VAL C 853 76.41 18.50 13.81
C VAL C 853 77.37 19.60 13.38
N GLY C 854 78.02 19.41 12.23
CA GLY C 854 79.08 20.30 11.82
C GLY C 854 80.26 20.20 12.77
N ASN C 855 80.49 21.26 13.54
CA ASN C 855 81.51 21.23 14.58
C ASN C 855 80.92 21.05 15.97
N ASN C 856 79.59 20.98 16.07
CA ASN C 856 78.93 20.89 17.36
C ASN C 856 78.82 19.44 17.82
N MET C 857 78.88 19.25 19.13
CA MET C 857 78.79 17.94 19.75
C MET C 857 77.44 17.81 20.45
N ILE C 858 76.83 16.64 20.36
CA ILE C 858 75.50 16.39 20.92
C ILE C 858 75.70 15.62 22.22
N ASN C 859 75.44 16.29 23.35
CA ASN C 859 75.55 15.68 24.66
C ASN C 859 74.87 16.56 25.69
N GLY C 860 74.03 15.97 26.53
CA GLY C 860 73.40 16.70 27.61
C GLY C 860 71.97 17.08 27.32
N LEU C 861 71.60 18.27 27.81
CA LEU C 861 70.23 18.75 27.77
C LEU C 861 70.05 19.74 26.62
N TYR C 862 68.88 19.67 25.96
CA TYR C 862 68.59 20.50 24.82
C TYR C 862 67.09 20.76 24.74
N VAL C 863 66.73 21.84 24.06
CA VAL C 863 65.34 22.23 23.84
C VAL C 863 64.96 21.92 22.41
N ALA C 864 63.75 21.39 22.21
CA ALA C 864 63.25 21.07 20.88
C ALA C 864 61.77 21.41 20.80
N SER C 865 61.34 21.74 19.59
CA SER C 865 59.96 22.17 19.30
C SER C 865 59.64 23.37 20.18
N GLN C 866 58.44 23.43 20.76
CA GLN C 866 58.07 24.49 21.68
C GLN C 866 58.00 24.01 23.12
N ASN C 867 57.61 22.75 23.34
CA ASN C 867 57.45 22.21 24.68
C ASN C 867 58.28 20.96 24.93
N THR C 868 59.25 20.64 24.08
CA THR C 868 59.97 19.38 24.21
C THR C 868 61.35 19.61 24.82
N LEU C 869 61.68 18.81 25.83
CA LEU C 869 63.02 18.77 26.39
C LEU C 869 63.65 17.43 26.03
N ILE C 870 64.94 17.44 25.68
CA ILE C 870 65.63 16.24 25.24
C ILE C 870 66.93 16.12 26.02
N TYR C 871 67.12 14.98 26.69
CA TYR C 871 68.36 14.67 27.39
C TYR C 871 69.02 13.48 26.72
N VAL C 872 70.28 13.65 26.35
CA VAL C 872 71.06 12.61 25.69
C VAL C 872 72.30 12.33 26.52
N VAL C 873 72.56 11.04 26.74
CA VAL C 873 73.68 10.60 27.57
C VAL C 873 74.51 9.61 26.78
N PRO C 874 75.82 9.55 27.05
CA PRO C 874 76.67 8.55 26.41
C PRO C 874 76.26 7.15 26.83
N ASN C 875 76.96 6.18 26.25
CA ASN C 875 76.69 4.77 26.54
C ASN C 875 76.85 4.46 28.03
N GLY C 876 77.92 4.95 28.64
CA GLY C 876 78.18 4.68 30.04
C GLY C 876 77.23 5.33 31.02
N SER C 877 76.58 6.43 30.63
CA SER C 877 75.66 7.13 31.51
C SER C 877 74.20 6.78 31.28
N PHE C 878 73.92 5.79 30.42
CA PHE C 878 72.53 5.43 30.14
C PHE C 878 71.85 4.84 31.37
N VAL C 879 72.55 4.02 32.14
CA VAL C 879 71.96 3.38 33.32
C VAL C 879 71.67 4.46 34.34
N GLY C 880 70.38 4.73 34.56
CA GLY C 880 69.97 5.72 35.53
C GLY C 880 70.07 7.16 35.06
N SER C 881 70.19 7.39 33.76
CA SER C 881 70.18 8.75 33.24
C SER C 881 68.84 9.42 33.56
N ASN C 882 68.93 10.62 34.12
CA ASN C 882 67.75 11.24 34.71
C ASN C 882 67.78 12.75 34.52
N ILE C 883 66.59 13.33 34.63
CA ILE C 883 66.37 14.77 34.59
C ILE C 883 65.60 15.18 35.84
N LYS C 884 66.08 16.22 36.51
CA LYS C 884 65.37 16.79 37.64
C LYS C 884 64.82 18.16 37.25
N LEU C 885 63.52 18.31 37.39
CA LEU C 885 62.80 19.53 37.07
C LEU C 885 62.54 20.31 38.35
N THR C 886 63.01 21.56 38.37
CA THR C 886 62.78 22.46 39.48
C THR C 886 61.98 23.65 38.97
N TYR C 887 60.74 23.77 39.43
CA TYR C 887 59.88 24.88 39.05
C TYR C 887 59.85 25.88 40.19
N THR C 888 60.18 27.13 39.88
CA THR C 888 60.16 28.23 40.81
C THR C 888 59.06 29.20 40.42
N THR C 889 58.42 29.79 41.41
CA THR C 889 57.44 30.84 41.15
C THR C 889 58.10 32.02 40.46
N THR C 890 57.40 32.61 39.49
CA THR C 890 57.79 33.88 38.90
C THR C 890 57.10 35.02 39.65
N ASP C 891 57.23 34.98 40.98
CA ASP C 891 56.58 35.95 41.86
C ASP C 891 57.45 36.16 43.10
N TYR C 892 57.62 37.41 43.51
CA TYR C 892 58.41 37.71 44.70
C TYR C 892 57.68 37.31 45.98
N ALA C 893 56.36 37.55 46.04
CA ALA C 893 55.61 37.24 47.26
C ALA C 893 55.60 35.74 47.54
N VAL C 894 55.53 34.91 46.49
CA VAL C 894 55.49 33.46 46.71
C VAL C 894 56.82 32.97 47.25
N LEU C 895 57.93 33.52 46.76
CA LEU C 895 59.23 33.19 47.32
C LEU C 895 59.32 33.60 48.78
N HIS C 896 58.82 34.79 49.10
CA HIS C 896 58.98 35.32 50.45
C HIS C 896 58.13 34.56 51.46
N TYR C 897 56.87 34.26 51.11
CA TYR C 897 55.91 33.77 52.09
C TYR C 897 55.99 32.27 52.33
N PHE C 898 56.65 31.51 51.46
CA PHE C 898 56.77 30.07 51.65
C PHE C 898 58.22 29.59 51.68
N TYR C 899 59.14 30.45 52.11
CA TYR C 899 60.53 30.01 52.28
C TYR C 899 60.66 29.02 53.43
N SER C 900 59.91 29.24 54.51
CA SER C 900 60.01 28.36 55.68
C SER C 900 59.35 27.01 55.43
N THR C 901 58.19 27.01 54.75
CA THR C 901 57.46 25.76 54.54
C THR C 901 58.15 24.84 53.55
N GLY C 902 59.08 25.35 52.74
CA GLY C 902 59.76 24.54 51.76
C GLY C 902 58.95 24.23 50.53
N GLN C 903 57.86 24.96 50.28
CA GLN C 903 57.01 24.73 49.12
C GLN C 903 56.94 25.96 48.22
N TYR C 904 58.08 26.62 47.98
CA TYR C 904 58.11 27.73 47.03
C TYR C 904 58.76 27.30 45.72
N LYS C 905 59.59 26.26 45.77
CA LYS C 905 60.12 25.60 44.58
C LYS C 905 59.76 24.12 44.67
N VAL C 906 59.40 23.54 43.53
CA VAL C 906 58.99 22.14 43.49
C VAL C 906 59.88 21.38 42.52
N PHE C 907 60.42 20.26 42.99
CA PHE C 907 61.35 19.47 42.21
C PHE C 907 60.82 18.05 42.06
N LYS C 908 61.05 17.48 40.88
CA LYS C 908 60.68 16.10 40.60
C LYS C 908 61.73 15.52 39.65
N THR C 909 61.69 14.20 39.47
CA THR C 909 62.72 13.55 38.69
C THR C 909 62.10 12.53 37.73
N VAL C 910 62.73 12.39 36.56
CA VAL C 910 62.41 11.36 35.57
C VAL C 910 63.68 10.60 35.25
N SER C 911 63.62 9.27 35.37
CA SER C 911 64.82 8.47 35.23
C SER C 911 64.54 7.25 34.37
N VAL C 912 65.60 6.66 33.85
CA VAL C 912 65.52 5.41 33.10
C VAL C 912 65.20 4.29 34.07
N PRO C 913 64.08 3.58 33.90
CA PRO C 913 63.73 2.53 34.84
C PRO C 913 64.69 1.35 34.77
N ASN C 914 64.87 0.71 35.92
CA ASN C 914 65.63 -0.54 35.99
C ASN C 914 64.70 -1.67 35.56
N VAL C 915 64.83 -2.08 34.30
CA VAL C 915 63.88 -2.99 33.67
C VAL C 915 64.55 -4.35 33.49
N THR C 916 63.72 -5.38 33.46
CA THR C 916 64.20 -6.75 33.32
C THR C 916 64.24 -7.15 31.85
N ALA C 917 65.30 -7.85 31.48
CA ALA C 917 65.49 -8.34 30.11
C ALA C 917 65.83 -9.82 30.19
N ASN C 918 66.06 -10.44 29.03
CA ASN C 918 66.44 -11.84 29.07
C ASN C 918 67.25 -12.22 27.84
N LEU C 919 67.97 -13.33 27.97
CA LEU C 919 68.77 -13.93 26.91
C LEU C 919 68.50 -15.42 26.92
N TYR C 920 68.08 -15.97 25.77
CA TYR C 920 67.69 -17.37 25.74
C TYR C 920 67.91 -17.92 24.34
N PHE C 921 67.40 -19.14 24.11
CA PHE C 921 67.61 -19.94 22.92
C PHE C 921 66.28 -20.45 22.39
N PRO C 922 66.21 -20.85 21.12
CA PRO C 922 64.95 -21.38 20.57
C PRO C 922 64.37 -22.53 21.37
N SER C 923 65.23 -23.42 21.87
CA SER C 923 64.78 -24.57 22.65
C SER C 923 65.96 -25.06 23.50
N SER C 924 65.63 -25.77 24.58
CA SER C 924 66.66 -26.33 25.45
C SER C 924 67.04 -27.75 25.04
N THR C 925 66.34 -28.32 24.07
CA THR C 925 66.61 -29.67 23.59
C THR C 925 66.72 -29.69 22.07
N THR C 926 67.47 -28.75 21.51
CA THR C 926 67.64 -28.67 20.07
C THR C 926 68.39 -29.89 19.56
N PRO C 927 67.83 -30.64 18.62
CA PRO C 927 68.54 -31.81 18.08
C PRO C 927 69.62 -31.39 17.09
N LEU C 928 70.48 -32.34 16.72
CA LEU C 928 71.58 -32.05 15.80
C LEU C 928 71.18 -32.26 14.34
N TYR C 929 70.05 -31.69 13.92
CA TYR C 929 69.74 -31.60 12.50
C TYR C 929 70.03 -30.20 12.00
N GLN C 930 69.92 -29.21 12.90
CA GLN C 930 70.40 -27.86 12.66
C GLN C 930 71.69 -27.64 13.45
N LEU C 931 72.66 -26.99 12.81
CA LEU C 931 73.96 -26.79 13.42
C LEU C 931 74.24 -25.31 13.68
N SER C 932 73.22 -24.57 14.14
CA SER C 932 73.38 -23.16 14.47
C SER C 932 72.24 -22.75 15.38
N VAL C 933 72.56 -22.36 16.61
CA VAL C 933 71.55 -21.93 17.58
C VAL C 933 71.58 -20.40 17.65
N PRO C 934 70.49 -19.74 17.25
CA PRO C 934 70.45 -18.27 17.35
C PRO C 934 70.17 -17.82 18.79
N LEU C 935 70.99 -16.88 19.26
CA LEU C 935 70.83 -16.32 20.59
C LEU C 935 69.81 -15.19 20.55
N TYR C 936 68.77 -15.30 21.38
CA TYR C 936 67.70 -14.31 21.42
C TYR C 936 67.96 -13.38 22.61
N LEU C 937 68.14 -12.09 22.33
CA LEU C 937 68.32 -11.10 23.38
C LEU C 937 67.12 -10.16 23.36
N SER C 938 66.25 -10.27 24.35
CA SER C 938 65.07 -9.41 24.44
C SER C 938 65.35 -8.39 25.54
N GLU C 939 65.57 -7.15 25.12
CA GLU C 939 65.81 -5.99 25.97
C GLU C 939 64.65 -5.02 25.79
N PRO C 940 63.87 -4.72 26.83
CA PRO C 940 62.75 -3.80 26.66
C PRO C 940 63.16 -2.39 26.23
N TYR C 941 63.93 -1.69 27.06
CA TYR C 941 64.37 -0.33 26.73
C TYR C 941 65.78 -0.31 26.14
N TYR C 942 65.96 -0.92 24.98
CA TYR C 942 67.25 -0.90 24.29
C TYR C 942 67.09 -0.66 22.79
N GLY C 943 65.88 -0.79 22.28
CA GLY C 943 65.66 -0.70 20.85
C GLY C 943 65.27 0.67 20.36
N SER C 944 64.79 0.70 19.12
CA SER C 944 64.33 1.91 18.45
C SER C 944 63.49 1.48 17.27
N PRO C 945 62.71 2.38 16.65
CA PRO C 945 62.01 2.01 15.43
C PRO C 945 62.99 1.44 14.40
N LEU C 946 62.63 0.32 13.81
CA LEU C 946 63.56 -0.43 12.99
C LEU C 946 64.02 0.41 11.81
N PRO C 947 65.27 0.24 11.35
CA PRO C 947 66.28 -0.71 11.83
C PRO C 947 67.12 -0.23 13.01
N THR C 948 67.64 -1.18 13.78
CA THR C 948 68.64 -0.94 14.82
C THR C 948 69.37 -2.25 15.08
N TYR C 949 70.69 -2.16 15.25
CA TYR C 949 71.49 -3.38 15.33
C TYR C 949 72.57 -3.23 16.38
N ILE C 950 73.39 -4.26 16.50
CA ILE C 950 74.47 -4.31 17.47
C ILE C 950 75.68 -4.98 16.80
N GLY C 951 76.79 -4.26 16.70
CA GLY C 951 78.04 -4.87 16.32
C GLY C 951 78.61 -5.65 17.49
N LEU C 952 79.24 -6.79 17.16
CA LEU C 952 79.84 -7.64 18.18
C LEU C 952 81.26 -7.99 17.78
N GLY C 953 82.15 -8.06 18.76
CA GLY C 953 83.55 -8.35 18.53
C GLY C 953 84.39 -8.07 19.75
N THR C 954 85.71 -8.15 19.57
CA THR C 954 86.68 -7.98 20.65
C THR C 954 86.33 -8.88 21.83
N ASN C 955 85.39 -8.47 22.68
CA ASN C 955 84.91 -9.29 23.78
C ASN C 955 83.40 -9.49 23.73
N GLY C 956 82.85 -9.80 22.56
CA GLY C 956 81.42 -9.80 22.39
C GLY C 956 80.78 -8.44 22.64
N THR C 957 81.54 -7.36 22.44
CA THR C 957 81.13 -6.03 22.85
C THR C 957 79.91 -5.54 22.08
N SER C 958 78.82 -5.27 22.80
CA SER C 958 77.58 -4.82 22.18
C SER C 958 77.72 -3.37 21.77
N LEU C 959 78.30 -3.13 20.59
CA LEU C 959 78.37 -1.81 19.99
C LEU C 959 77.00 -1.54 19.39
N TRP C 960 76.08 -1.05 20.21
CA TRP C 960 74.73 -0.78 19.74
C TRP C 960 74.75 0.36 18.73
N ASN C 961 74.41 0.04 17.49
CA ASN C 961 74.48 1.01 16.40
C ASN C 961 73.07 1.17 15.83
N SER C 962 72.58 2.40 15.83
CA SER C 962 71.30 2.74 15.20
C SER C 962 71.41 4.11 14.55
N PRO C 963 72.08 4.23 13.41
CA PRO C 963 72.09 5.52 12.71
C PRO C 963 70.74 5.84 12.08
N ASN C 964 69.76 4.97 12.31
CA ASN C 964 68.40 5.19 11.85
C ASN C 964 67.49 5.68 12.97
N TYR C 965 68.06 6.35 13.97
CA TYR C 965 67.27 6.99 15.02
C TYR C 965 67.50 8.49 14.98
N VAL C 966 66.42 9.26 15.08
CA VAL C 966 66.49 10.71 15.14
C VAL C 966 65.52 11.18 16.22
N LEU C 967 65.93 12.18 16.99
CA LEU C 967 65.08 12.77 18.02
C LEU C 967 65.14 14.29 17.85
N PHE C 968 64.27 14.82 16.98
CA PHE C 968 64.14 16.25 16.73
C PHE C 968 65.44 16.85 16.19
N GLY C 969 65.88 16.34 15.05
CA GLY C 969 66.92 16.98 14.26
C GLY C 969 68.34 16.54 14.53
N VAL C 970 68.55 15.46 15.28
CA VAL C 970 69.88 14.95 15.57
C VAL C 970 69.90 13.47 15.26
N SER C 971 70.88 13.04 14.47
CA SER C 971 71.06 11.62 14.17
C SER C 971 71.78 10.92 15.32
N ALA C 972 71.72 9.60 15.31
CA ALA C 972 72.30 8.78 16.37
C ALA C 972 73.61 8.16 15.89
N VAL C 973 74.47 7.84 16.85
CA VAL C 973 75.79 7.28 16.58
C VAL C 973 76.00 6.05 17.44
N GLN C 974 77.19 5.48 17.39
CA GLN C 974 77.50 4.24 18.10
C GLN C 974 77.39 4.46 19.61
N GLN C 975 76.79 3.49 20.30
CA GLN C 975 76.72 3.46 21.76
C GLN C 975 77.30 2.13 22.22
N TYR C 976 78.46 2.18 22.85
CA TYR C 976 79.08 0.97 23.41
C TYR C 976 78.27 0.59 24.65
N LEU C 977 77.15 -0.10 24.42
CA LEU C 977 76.15 -0.34 25.45
C LEU C 977 76.07 -1.82 25.82
N GLY C 978 77.21 -2.46 25.98
CA GLY C 978 77.23 -3.79 26.53
C GLY C 978 78.31 -4.65 25.89
N PHE C 979 78.38 -5.88 26.38
CA PHE C 979 79.29 -6.89 25.88
C PHE C 979 78.86 -8.23 26.45
N ILE C 980 79.05 -9.29 25.67
CA ILE C 980 78.74 -10.63 26.14
C ILE C 980 79.66 -10.90 27.33
N LYS C 981 79.08 -11.20 28.49
CA LYS C 981 79.87 -11.31 29.71
C LYS C 981 80.86 -12.47 29.62
N SER C 982 80.37 -13.66 29.26
CA SER C 982 81.23 -14.83 29.24
C SER C 982 80.49 -15.98 28.56
N ILE C 983 81.24 -17.05 28.31
CA ILE C 983 80.68 -18.34 27.89
C ILE C 983 81.30 -19.39 28.80
N SER C 984 80.61 -19.70 29.89
CA SER C 984 81.11 -20.62 30.92
C SER C 984 80.41 -21.96 30.77
N VAL C 985 80.99 -22.99 31.40
CA VAL C 985 80.44 -24.34 31.33
C VAL C 985 80.50 -24.93 32.73
N THR C 986 79.38 -25.50 33.19
CA THR C 986 79.37 -26.24 34.44
C THR C 986 79.95 -27.63 34.19
N LEU C 987 80.87 -28.03 35.08
CA LEU C 987 81.34 -29.40 35.21
C LEU C 987 81.60 -29.67 36.68
N SER C 988 80.57 -30.14 37.39
CA SER C 988 80.58 -30.06 38.85
C SER C 988 80.58 -31.44 39.51
N ASN C 989 81.78 -31.91 39.86
CA ASN C 989 81.92 -32.83 40.98
C ASN C 989 82.14 -32.03 42.25
N GLY C 990 81.79 -30.75 42.21
CA GLY C 990 82.19 -29.76 43.20
C GLY C 990 82.83 -28.56 42.54
N THR C 991 82.82 -28.51 41.22
CA THR C 991 83.57 -27.50 40.47
C THR C 991 82.66 -26.68 39.57
N THR C 992 82.38 -25.44 40.00
CA THR C 992 81.77 -24.43 39.17
C THR C 992 82.84 -23.89 38.22
N VAL C 993 82.82 -24.41 36.99
CA VAL C 993 83.93 -24.21 36.07
C VAL C 993 83.78 -22.85 35.40
N VAL C 994 84.42 -21.84 35.98
CA VAL C 994 84.55 -20.50 35.40
C VAL C 994 85.64 -20.55 34.35
N ILE C 995 85.25 -20.44 33.08
CA ILE C 995 86.19 -20.59 31.96
C ILE C 995 87.13 -19.40 31.90
N PRO C 996 88.45 -19.64 31.81
CA PRO C 996 89.38 -18.54 31.49
C PRO C 996 89.09 -17.99 30.11
N LEU C 997 88.66 -16.73 30.07
CA LEU C 997 88.14 -16.13 28.86
C LEU C 997 89.27 -15.76 27.90
N THR C 998 89.22 -16.28 26.69
CA THR C 998 90.18 -15.98 25.64
C THR C 998 89.55 -15.00 24.67
N THR C 999 90.30 -13.92 24.37
CA THR C 999 89.79 -12.82 23.57
C THR C 999 89.46 -13.25 22.13
N SER C 1000 90.39 -13.95 21.49
CA SER C 1000 90.21 -14.31 20.09
C SER C 1000 89.00 -15.21 19.90
N ASN C 1001 88.91 -16.28 20.71
CA ASN C 1001 87.75 -17.15 20.63
C ASN C 1001 86.46 -16.38 20.91
N MET C 1002 86.47 -15.52 21.91
CA MET C 1002 85.24 -14.82 22.28
C MET C 1002 84.78 -13.85 21.19
N GLN C 1003 85.69 -13.10 20.58
CA GLN C 1003 85.28 -12.21 19.50
C GLN C 1003 84.84 -12.98 18.27
N THR C 1004 85.46 -14.14 18.00
CA THR C 1004 85.15 -14.83 16.76
C THR C 1004 83.92 -15.71 16.90
N LEU C 1005 83.51 -16.02 18.13
CA LEU C 1005 82.25 -16.73 18.33
C LEU C 1005 81.06 -15.80 18.20
N PHE C 1006 81.27 -14.49 18.34
CA PHE C 1006 80.23 -13.49 18.10
C PHE C 1006 80.79 -12.39 17.23
N PRO C 1007 81.03 -12.65 15.93
CA PRO C 1007 81.64 -11.61 15.09
C PRO C 1007 80.63 -10.77 14.32
N GLN C 1008 79.34 -11.03 14.56
CA GLN C 1008 78.29 -10.42 13.73
C GLN C 1008 78.22 -8.91 13.94
N LEU C 1009 78.39 -8.17 12.84
CA LEU C 1009 78.33 -6.72 12.88
C LEU C 1009 76.91 -6.19 13.04
N VAL C 1010 75.92 -6.91 12.53
CA VAL C 1010 74.54 -6.42 12.56
C VAL C 1010 73.61 -7.49 13.14
N GLY C 1011 73.24 -7.33 14.40
CA GLY C 1011 72.13 -8.07 14.95
C GLY C 1011 70.88 -7.21 15.00
N GLN C 1012 70.02 -7.34 13.99
CA GLN C 1012 68.84 -6.48 13.91
C GLN C 1012 67.75 -6.97 14.85
N GLU C 1013 66.96 -6.05 15.36
CA GLU C 1013 65.84 -6.41 16.20
C GLU C 1013 64.62 -6.73 15.34
N LEU C 1014 63.52 -7.06 16.01
CA LEU C 1014 62.31 -7.48 15.32
C LEU C 1014 61.16 -6.50 15.46
N GLN C 1015 60.78 -6.16 16.69
CA GLN C 1015 59.59 -5.36 16.94
C GLN C 1015 59.96 -3.91 17.23
N ALA C 1016 59.13 -2.99 16.77
CA ALA C 1016 59.34 -1.58 17.02
C ALA C 1016 59.06 -1.26 18.49
N CYS C 1017 59.78 -0.26 19.02
CA CYS C 1017 59.64 0.18 20.40
C CYS C 1017 59.93 -0.95 21.39
N ASN C 1018 60.77 -1.90 20.95
CA ASN C 1018 61.15 -3.03 21.79
C ASN C 1018 62.39 -3.72 21.23
N GLY C 1019 63.42 -3.88 22.05
CA GLY C 1019 64.62 -4.54 21.59
C GLY C 1019 64.47 -6.05 21.58
N THR C 1020 64.51 -6.61 20.37
CA THR C 1020 64.47 -8.06 20.21
C THR C 1020 65.66 -8.50 19.36
N PHE C 1021 66.86 -8.14 19.80
CA PHE C 1021 68.07 -8.36 19.02
C PHE C 1021 68.36 -9.82 18.77
N GLN C 1022 68.79 -10.14 17.56
CA GLN C 1022 69.10 -11.51 17.14
C GLN C 1022 70.60 -11.68 16.98
N PHE C 1023 71.19 -12.53 17.81
CA PHE C 1023 72.56 -12.98 17.64
C PHE C 1023 72.58 -14.48 17.37
N GLY C 1024 73.77 -15.10 17.39
CA GLY C 1024 73.81 -16.53 17.17
C GLY C 1024 75.19 -17.15 17.18
N ILE C 1025 75.28 -18.36 17.75
CA ILE C 1025 76.51 -19.15 17.72
C ILE C 1025 76.16 -20.47 17.04
N SER C 1026 76.99 -20.91 16.12
CA SER C 1026 76.71 -22.14 15.40
C SER C 1026 77.36 -23.33 16.08
N ILE C 1027 76.76 -24.50 15.89
CA ILE C 1027 77.26 -25.71 16.55
C ILE C 1027 78.46 -26.27 15.82
N THR C 1028 78.48 -26.17 14.49
CA THR C 1028 79.59 -26.73 13.72
C THR C 1028 80.91 -26.04 14.04
N GLY C 1029 80.88 -24.71 14.20
CA GLY C 1029 82.09 -23.99 14.57
C GLY C 1029 82.63 -24.39 15.93
N LEU C 1030 81.74 -24.50 16.93
CA LEU C 1030 82.18 -24.90 18.26
C LEU C 1030 82.71 -26.34 18.25
N GLU C 1031 82.07 -27.21 17.47
CA GLU C 1031 82.54 -28.59 17.38
C GLU C 1031 83.89 -28.68 16.69
N LYS C 1032 84.08 -27.90 15.62
CA LYS C 1032 85.37 -27.87 14.94
C LYS C 1032 86.46 -27.33 15.86
N LEU C 1033 86.14 -26.31 16.66
CA LEU C 1033 87.08 -25.83 17.66
C LEU C 1033 87.40 -26.91 18.68
N LEU C 1034 86.38 -27.65 19.13
CA LEU C 1034 86.56 -28.69 20.13
C LEU C 1034 86.94 -30.03 19.53
N ASN C 1035 87.05 -30.12 18.20
CA ASN C 1035 87.42 -31.36 17.51
C ASN C 1035 86.46 -32.49 17.87
N LEU C 1036 85.16 -32.22 17.79
CA LEU C 1036 84.13 -33.20 18.10
C LEU C 1036 83.36 -33.56 16.84
N ASN C 1037 82.35 -34.40 17.02
CA ASN C 1037 81.54 -34.85 15.89
C ASN C 1037 80.75 -33.69 15.30
N VAL C 1038 80.48 -33.77 13.99
CA VAL C 1038 79.75 -32.71 13.31
C VAL C 1038 78.31 -32.64 13.79
N GLN C 1039 77.57 -33.75 13.69
CA GLN C 1039 76.20 -33.77 14.17
C GLN C 1039 75.88 -35.10 14.84
N GLN C 1040 76.90 -35.88 15.19
CA GLN C 1040 76.65 -37.19 15.77
C GLN C 1040 76.38 -37.11 17.27
N LEU C 1041 77.37 -36.68 18.07
CA LEU C 1041 77.21 -36.54 19.51
C LEU C 1041 78.00 -35.34 20.03
N ASN C 1042 77.33 -34.45 20.77
CA ASN C 1042 78.01 -33.31 21.38
C ASN C 1042 77.16 -32.75 22.51
N ASN C 1043 77.74 -32.58 23.71
CA ASN C 1043 76.98 -32.12 24.87
C ASN C 1043 77.85 -31.60 26.01
N SER C 1044 77.64 -30.35 26.41
CA SER C 1044 78.16 -29.81 27.66
C SER C 1044 77.06 -29.00 28.34
N ILE C 1045 77.37 -28.35 29.47
CA ILE C 1045 76.38 -27.44 30.04
C ILE C 1045 76.14 -26.23 29.13
N LEU C 1046 77.17 -25.79 28.42
CA LEU C 1046 77.14 -24.74 27.39
C LEU C 1046 76.31 -23.52 27.80
N SER C 1047 76.79 -22.77 28.79
CA SER C 1047 76.06 -21.61 29.30
C SER C 1047 76.74 -20.34 28.80
N VAL C 1048 76.13 -19.73 27.77
CA VAL C 1048 76.59 -18.43 27.31
C VAL C 1048 75.85 -17.33 28.09
N THR C 1049 76.40 -16.12 28.04
CA THR C 1049 75.83 -15.01 28.78
C THR C 1049 75.73 -13.78 27.90
N TYR C 1050 75.38 -12.66 28.54
CA TYR C 1050 75.45 -11.33 27.94
C TYR C 1050 75.24 -10.31 29.05
N HIS C 1051 76.09 -9.29 29.06
CA HIS C 1051 75.92 -8.16 29.96
C HIS C 1051 75.36 -6.99 29.18
N ASP C 1052 74.23 -6.47 29.62
CA ASP C 1052 73.68 -5.27 29.00
C ASP C 1052 73.97 -4.04 29.85
N TYR C 1053 74.49 -3.01 29.18
CA TYR C 1053 74.61 -1.67 29.77
C TYR C 1053 73.30 -0.91 29.68
N VAL C 1054 72.20 -1.61 29.36
CA VAL C 1054 70.88 -0.99 29.36
C VAL C 1054 70.50 -0.57 30.76
N THR C 1055 70.37 -1.54 31.67
CA THR C 1055 70.23 -1.27 33.09
C THR C 1055 71.33 -1.95 33.90
N GLY C 1056 72.40 -2.39 33.27
CA GLY C 1056 73.49 -3.06 33.95
C GLY C 1056 73.09 -4.42 34.48
N GLU C 1057 72.79 -5.37 33.59
CA GLU C 1057 72.31 -6.67 34.04
C GLU C 1057 73.12 -7.77 33.35
N THR C 1058 73.11 -8.96 33.97
CA THR C 1058 73.75 -10.15 33.42
C THR C 1058 72.67 -11.18 33.11
N LEU C 1059 72.42 -11.41 31.82
CA LEU C 1059 71.46 -12.40 31.38
C LEU C 1059 72.20 -13.62 30.88
N THR C 1060 71.62 -14.80 31.08
CA THR C 1060 72.27 -16.05 30.73
C THR C 1060 71.36 -16.95 29.90
N ALA C 1061 71.95 -17.61 28.91
CA ALA C 1061 71.28 -18.61 28.10
C ALA C 1061 72.09 -19.89 28.16
N THR C 1062 71.51 -20.92 28.77
CA THR C 1062 72.16 -22.22 28.91
C THR C 1062 71.56 -23.18 27.89
N THR C 1063 72.38 -24.09 27.37
CA THR C 1063 71.89 -25.06 26.41
C THR C 1063 72.68 -26.36 26.49
N LYS C 1064 71.97 -27.45 26.19
CA LYS C 1064 72.51 -28.79 26.09
C LYS C 1064 71.97 -29.40 24.80
N LEU C 1065 72.82 -30.10 24.07
CA LEU C 1065 72.45 -30.60 22.75
C LEU C 1065 72.15 -32.09 22.80
N VAL C 1066 71.08 -32.48 22.11
CA VAL C 1066 70.66 -33.88 22.00
C VAL C 1066 71.21 -34.42 20.69
N ALA C 1067 71.65 -35.69 20.73
CA ALA C 1067 72.22 -36.33 19.54
C ALA C 1067 71.32 -36.17 18.33
N LEU C 1068 70.09 -36.68 18.41
CA LEU C 1068 69.08 -36.45 17.39
C LEU C 1068 67.71 -36.88 17.92
N SER C 1069 66.72 -36.02 17.74
CA SER C 1069 65.37 -36.32 18.19
C SER C 1069 64.80 -37.50 17.42
N THR C 1070 64.30 -38.50 18.15
CA THR C 1070 63.70 -39.68 17.54
C THR C 1070 62.39 -39.29 16.89
N LEU C 1071 62.29 -39.51 15.59
CA LEU C 1071 61.12 -39.11 14.82
C LEU C 1071 60.54 -40.31 14.08
N SER C 1072 59.63 -40.04 13.14
CA SER C 1072 58.93 -41.10 12.42
C SER C 1072 59.88 -41.98 11.63
N LEU C 1073 59.84 -43.28 11.90
CA LEU C 1073 60.52 -44.28 11.08
C LEU C 1073 59.47 -45.03 10.27
N VAL C 1074 59.39 -44.76 8.98
CA VAL C 1074 58.36 -45.33 8.12
C VAL C 1074 59.01 -46.26 7.11
N ALA C 1075 58.65 -47.55 7.15
CA ALA C 1075 59.16 -48.52 6.20
C ALA C 1075 58.09 -48.85 5.18
N LYS C 1076 58.24 -48.32 3.97
CA LYS C 1076 57.26 -48.52 2.92
C LYS C 1076 57.61 -49.74 2.07
N GLY C 1077 58.64 -50.48 2.48
CA GLY C 1077 59.04 -51.69 1.80
C GLY C 1077 60.21 -52.37 2.46
N ALA C 1078 60.33 -53.67 2.19
CA ALA C 1078 61.41 -54.48 2.74
C ALA C 1078 61.87 -55.49 1.69
N GLY C 1079 62.68 -56.45 2.14
CA GLY C 1079 63.17 -57.49 1.24
C GLY C 1079 62.06 -58.45 0.84
N VAL C 1080 62.30 -59.19 -0.23
CA VAL C 1080 61.34 -60.14 -0.77
C VAL C 1080 61.99 -61.52 -0.83
N VAL C 1081 61.34 -62.51 -0.21
CA VAL C 1081 61.79 -63.90 -0.27
C VAL C 1081 60.70 -64.72 -0.95
N GLU C 1082 61.07 -65.41 -2.02
CA GLU C 1082 60.12 -66.17 -2.83
C GLU C 1082 60.51 -67.64 -2.85
N PHE C 1083 59.79 -68.42 -3.64
CA PHE C 1083 60.06 -69.84 -3.80
C PHE C 1083 60.47 -70.13 -5.24
N LEU C 1084 60.62 -71.40 -5.57
CA LEU C 1084 60.99 -71.83 -6.93
C LEU C 1084 62.30 -71.19 -7.37
N LEU C 1085 63.30 -71.20 -6.48
CA LEU C 1085 64.59 -70.62 -6.79
C LEU C 1085 65.31 -71.45 -7.84
N THR C 1086 66.26 -70.82 -8.54
CA THR C 1086 67.05 -71.50 -9.55
C THR C 1086 67.96 -72.52 -8.88
N ALA C 1087 67.69 -73.81 -9.13
CA ALA C 1087 68.43 -74.88 -8.48
C ALA C 1087 69.88 -74.92 -8.94
N TYR C 1088 70.79 -75.08 -7.97
CA TYR C 1088 72.21 -75.24 -8.26
C TYR C 1088 72.68 -76.60 -7.73
N PRO C 1089 72.80 -77.61 -8.60
CA PRO C 1089 73.21 -78.93 -8.12
C PRO C 1089 74.63 -78.92 -7.59
N TYR C 1090 74.89 -79.85 -6.66
CA TYR C 1090 76.22 -79.99 -6.09
C TYR C 1090 77.24 -80.42 -7.14
N THR C 1091 76.77 -81.03 -8.23
CA THR C 1091 77.66 -81.43 -9.31
C THR C 1091 78.20 -80.21 -10.05
N GLY C 1092 79.17 -80.43 -10.93
CA GLY C 1092 79.73 -79.34 -11.69
C GLY C 1092 78.75 -78.71 -12.65
N ASN C 1093 77.73 -79.47 -13.06
CA ASN C 1093 76.69 -78.96 -13.94
C ASN C 1093 75.68 -78.17 -13.11
N ILE C 1094 76.01 -76.91 -12.85
CA ILE C 1094 75.19 -76.04 -12.01
C ILE C 1094 74.06 -75.41 -12.82
N THR C 1095 74.21 -75.35 -14.14
CA THR C 1095 73.25 -74.65 -14.99
C THR C 1095 72.00 -75.49 -15.25
N PHE C 1096 71.82 -76.56 -14.48
CA PHE C 1096 70.62 -77.37 -14.57
C PHE C 1096 69.78 -77.16 -13.32
N ALA C 1097 68.49 -76.93 -13.50
CA ALA C 1097 67.64 -76.57 -12.37
C ALA C 1097 66.52 -77.58 -12.19
N PRO C 1098 66.73 -78.62 -11.39
CA PRO C 1098 65.61 -79.45 -10.95
C PRO C 1098 64.65 -78.63 -10.12
N PRO C 1099 63.34 -78.88 -10.22
CA PRO C 1099 62.37 -78.03 -9.53
C PRO C 1099 62.62 -78.03 -8.03
N TRP C 1100 62.99 -76.87 -7.51
CA TRP C 1100 63.16 -76.68 -6.07
C TRP C 1100 61.94 -75.97 -5.50
N PHE C 1101 61.71 -76.19 -4.21
CA PHE C 1101 60.56 -75.63 -3.51
C PHE C 1101 60.93 -75.47 -2.05
N ILE C 1102 61.13 -74.23 -1.62
CA ILE C 1102 61.30 -73.95 -0.20
C ILE C 1102 60.00 -74.31 0.51
N ALA C 1103 60.09 -75.04 1.61
CA ALA C 1103 58.91 -75.61 2.25
C ALA C 1103 58.05 -74.52 2.89
N GLU C 1104 56.98 -74.95 3.56
CA GLU C 1104 55.90 -74.08 4.02
C GLU C 1104 56.40 -72.99 4.96
N ASN C 1105 55.61 -71.90 5.05
CA ASN C 1105 55.78 -70.85 6.04
C ASN C 1105 57.07 -70.05 5.87
N VAL C 1106 57.34 -69.58 4.66
CA VAL C 1106 58.39 -68.59 4.43
C VAL C 1106 57.80 -67.41 3.68
N VAL C 1107 57.42 -66.37 4.41
CA VAL C 1107 56.63 -65.29 3.83
C VAL C 1107 57.43 -64.00 3.89
N LYS C 1108 58.24 -63.76 2.85
CA LYS C 1108 58.88 -62.48 2.52
C LYS C 1108 59.41 -61.68 3.69
N GLN C 1109 59.61 -60.37 3.45
CA GLN C 1109 59.92 -59.35 4.45
C GLN C 1109 60.89 -59.83 5.53
N PRO C 1110 62.15 -60.07 5.20
CA PRO C 1110 63.13 -60.39 6.24
C PRO C 1110 63.37 -59.20 7.14
N PHE C 1111 64.01 -59.46 8.28
CA PHE C 1111 64.44 -58.37 9.14
C PHE C 1111 65.85 -57.93 8.79
N MET C 1112 66.03 -56.62 8.61
CA MET C 1112 67.33 -56.05 8.27
C MET C 1112 67.41 -54.62 8.77
N THR C 1113 68.63 -54.13 8.97
CA THR C 1113 68.88 -52.86 9.64
C THR C 1113 69.38 -51.83 8.62
N TYR C 1114 68.95 -50.59 8.80
CA TYR C 1114 69.40 -49.51 7.93
C TYR C 1114 70.87 -49.20 8.18
N SER C 1115 71.55 -48.72 7.13
CA SER C 1115 72.97 -48.40 7.24
C SER C 1115 73.20 -47.02 7.86
N ASP C 1116 72.14 -46.24 8.02
CA ASP C 1116 72.25 -44.90 8.62
C ASP C 1116 71.07 -44.64 9.55
N LEU C 1117 71.33 -44.58 10.85
CA LEU C 1117 70.27 -44.38 11.83
C LEU C 1117 69.71 -42.96 11.77
N GLN C 1118 70.59 -41.97 11.60
CA GLN C 1118 70.16 -40.57 11.68
C GLN C 1118 69.16 -40.21 10.59
N PHE C 1119 69.41 -40.63 9.34
CA PHE C 1119 68.47 -40.32 8.28
C PHE C 1119 67.17 -41.08 8.44
N ALA C 1120 67.24 -42.35 8.80
CA ALA C 1120 66.03 -43.14 9.01
C ALA C 1120 65.21 -42.62 10.19
N LYS C 1121 65.85 -41.93 11.14
CA LYS C 1121 65.13 -41.36 12.27
C LYS C 1121 64.11 -40.31 11.83
N THR C 1122 64.43 -39.49 10.83
CA THR C 1122 63.50 -38.50 10.32
C THR C 1122 62.57 -39.07 9.26
N ASN C 1123 63.12 -39.58 8.15
CA ASN C 1123 62.34 -40.30 7.14
C ASN C 1123 63.30 -41.07 6.24
N PRO C 1124 63.13 -42.39 6.11
CA PRO C 1124 63.97 -43.14 5.18
C PRO C 1124 63.40 -43.16 3.78
N SER C 1125 63.03 -41.99 3.28
CA SER C 1125 62.44 -41.87 1.95
C SER C 1125 63.51 -41.49 0.93
N ALA C 1126 64.56 -42.31 0.84
CA ALA C 1126 65.63 -42.07 -0.12
C ALA C 1126 66.42 -43.36 -0.32
N ILE C 1127 67.48 -43.26 -1.12
CA ILE C 1127 68.33 -44.41 -1.42
C ILE C 1127 69.10 -44.80 -0.18
N LEU C 1128 69.07 -46.08 0.17
CA LEU C 1128 69.66 -46.58 1.40
C LEU C 1128 70.21 -47.99 1.16
N SER C 1129 71.00 -48.47 2.11
CA SER C 1129 71.50 -49.83 2.10
C SER C 1129 71.04 -50.53 3.37
N LEU C 1130 70.52 -51.75 3.21
CA LEU C 1130 69.91 -52.50 4.30
C LEU C 1130 70.76 -53.74 4.55
N SER C 1131 71.41 -53.78 5.71
CA SER C 1131 72.20 -54.94 6.09
C SER C 1131 71.28 -56.04 6.61
N THR C 1132 71.24 -57.17 5.92
CA THR C 1132 70.34 -58.24 6.29
C THR C 1132 70.75 -58.87 7.61
N VAL C 1133 69.80 -58.95 8.55
CA VAL C 1133 70.08 -59.50 9.87
C VAL C 1133 69.07 -60.62 10.17
N ASN C 1134 68.44 -61.14 9.11
CA ASN C 1134 67.53 -62.27 9.28
C ASN C 1134 67.27 -62.91 7.91
N ILE C 1135 67.59 -64.19 7.80
CA ILE C 1135 67.19 -65.01 6.65
C ILE C 1135 66.66 -66.33 7.19
N THR C 1136 65.42 -66.67 6.85
CA THR C 1136 64.76 -67.85 7.39
C THR C 1136 64.33 -68.77 6.26
N VAL C 1137 64.73 -70.04 6.36
CA VAL C 1137 64.27 -71.09 5.46
C VAL C 1137 63.57 -72.15 6.30
N VAL C 1138 62.26 -72.30 6.13
CA VAL C 1138 61.45 -73.16 6.97
C VAL C 1138 61.14 -74.45 6.22
N GLY C 1139 61.44 -75.57 6.85
CA GLY C 1139 61.14 -76.88 6.28
C GLY C 1139 60.02 -77.58 7.03
N LEU C 1140 59.76 -78.84 6.68
CA LEU C 1140 58.71 -79.62 7.32
C LEU C 1140 59.24 -80.33 8.57
N GLY C 1141 59.27 -79.63 9.70
CA GLY C 1141 59.78 -80.18 10.94
C GLY C 1141 60.67 -79.21 11.68
N GLY C 1142 61.18 -78.20 10.98
CA GLY C 1142 62.04 -77.21 11.59
C GLY C 1142 62.29 -76.06 10.66
N LYS C 1143 63.32 -75.28 10.97
CA LYS C 1143 63.69 -74.15 10.13
C LYS C 1143 65.12 -73.71 10.44
N ALA C 1144 65.86 -73.38 9.38
CA ALA C 1144 67.22 -72.88 9.50
C ALA C 1144 67.24 -71.36 9.31
N SER C 1145 68.29 -70.74 9.85
CA SER C 1145 68.41 -69.29 9.83
C SER C 1145 69.84 -68.88 9.54
N VAL C 1146 69.98 -67.73 8.87
CA VAL C 1146 71.26 -67.07 8.64
C VAL C 1146 71.04 -65.60 8.91
N TYR C 1147 71.56 -65.10 10.03
CA TYR C 1147 71.27 -63.75 10.46
C TYR C 1147 72.55 -63.05 10.90
N TYR C 1148 72.68 -61.77 10.52
CA TYR C 1148 73.82 -60.98 10.92
C TYR C 1148 73.53 -60.32 12.27
N ASN C 1149 73.91 -61.00 13.35
CA ASN C 1149 73.71 -60.48 14.70
C ASN C 1149 74.58 -59.25 14.87
N SER C 1150 73.96 -58.08 14.92
CA SER C 1150 74.67 -56.82 15.08
C SER C 1150 75.14 -56.60 16.51
N THR C 1151 74.56 -57.31 17.48
CA THR C 1151 75.01 -57.19 18.87
C THR C 1151 76.45 -57.66 19.03
N SER C 1152 76.83 -58.75 18.35
CA SER C 1152 78.21 -59.19 18.32
C SER C 1152 78.89 -58.88 17.00
N GLY C 1153 78.16 -58.34 16.03
CA GLY C 1153 78.71 -58.06 14.72
C GLY C 1153 79.17 -59.31 13.99
N GLN C 1154 78.44 -60.40 14.13
CA GLN C 1154 78.85 -61.68 13.57
C GLN C 1154 77.68 -62.30 12.82
N THR C 1155 77.98 -62.97 11.72
CA THR C 1155 76.97 -63.67 10.95
C THR C 1155 76.79 -65.07 11.54
N VAL C 1156 75.63 -65.31 12.16
CA VAL C 1156 75.34 -66.57 12.81
C VAL C 1156 74.45 -67.40 11.91
N ILE C 1157 74.85 -68.65 11.70
CA ILE C 1157 74.13 -69.59 10.85
C ILE C 1157 73.72 -70.78 11.71
N THR C 1158 72.42 -71.09 11.73
CA THR C 1158 71.86 -72.19 12.46
C THR C 1158 71.09 -73.10 11.50
N ASN C 1159 71.21 -74.41 11.73
CA ASN C 1159 70.61 -75.41 10.86
C ASN C 1159 69.14 -75.62 11.23
N ILE C 1160 68.54 -76.65 10.64
CA ILE C 1160 67.12 -76.92 10.88
C ILE C 1160 66.84 -77.33 12.31
N TYR C 1161 67.84 -77.87 13.01
CA TYR C 1161 67.65 -78.31 14.39
C TYR C 1161 67.56 -77.15 15.37
N GLY C 1162 67.82 -75.92 14.92
CA GLY C 1162 67.78 -74.77 15.79
C GLY C 1162 69.02 -74.56 16.63
N GLN C 1163 70.13 -75.22 16.28
CA GLN C 1163 71.38 -75.09 17.02
C GLN C 1163 72.40 -74.33 16.19
N THR C 1164 73.16 -73.46 16.85
CA THR C 1164 74.17 -72.66 16.16
C THR C 1164 75.26 -73.56 15.57
N VAL C 1165 75.41 -73.51 14.25
CA VAL C 1165 76.41 -74.32 13.58
C VAL C 1165 77.55 -73.51 12.98
N ALA C 1166 77.38 -72.19 12.81
CA ALA C 1166 78.46 -71.40 12.24
C ALA C 1166 78.39 -69.98 12.78
N THR C 1167 79.57 -69.39 13.00
CA THR C 1167 79.71 -67.99 13.36
C THR C 1167 80.84 -67.40 12.52
N LEU C 1168 80.53 -66.37 11.74
CA LEU C 1168 81.45 -65.80 10.78
C LEU C 1168 81.72 -64.35 11.15
N SER C 1169 82.99 -63.94 11.03
CA SER C 1169 83.39 -62.58 11.37
C SER C 1169 82.83 -61.60 10.34
N GLY C 1170 82.36 -60.45 10.83
CA GLY C 1170 81.85 -59.42 9.97
C GLY C 1170 80.54 -59.80 9.31
N ASN C 1171 80.15 -59.00 8.31
CA ASN C 1171 78.93 -59.24 7.55
C ASN C 1171 79.28 -59.89 6.22
N VAL C 1172 79.20 -61.22 6.17
CA VAL C 1172 79.35 -61.95 4.92
C VAL C 1172 78.08 -61.91 4.10
N LEU C 1173 76.95 -61.66 4.72
CA LEU C 1173 75.70 -61.43 4.00
C LEU C 1173 75.83 -60.16 3.16
N PRO C 1174 75.41 -60.21 1.90
CA PRO C 1174 75.42 -58.99 1.08
C PRO C 1174 74.41 -57.97 1.60
N THR C 1175 74.75 -56.70 1.44
CA THR C 1175 73.89 -55.62 1.87
C THR C 1175 72.90 -55.29 0.77
N LEU C 1176 71.61 -55.50 1.07
CA LEU C 1176 70.54 -55.29 0.10
C LEU C 1176 70.49 -53.81 -0.24
N THR C 1177 70.81 -53.47 -1.48
CA THR C 1177 70.80 -52.09 -1.92
C THR C 1177 69.45 -51.74 -2.52
N GLU C 1178 68.88 -50.61 -2.09
CA GLU C 1178 67.61 -50.16 -2.63
C GLU C 1178 67.75 -49.85 -4.12
N LEU C 1179 66.70 -50.14 -4.88
CA LEU C 1179 66.72 -49.86 -6.31
C LEU C 1179 66.37 -48.41 -6.61
N ALA C 1180 65.63 -47.75 -5.73
CA ALA C 1180 65.22 -46.37 -5.96
C ALA C 1180 65.03 -45.67 -4.62
N ALA C 1181 65.02 -44.33 -4.67
CA ALA C 1181 64.84 -43.53 -3.47
C ALA C 1181 63.40 -43.57 -3.02
N GLY C 1182 63.18 -43.92 -1.76
CA GLY C 1182 61.84 -44.02 -1.22
C GLY C 1182 60.96 -45.03 -1.92
N ASN C 1183 61.53 -46.15 -2.38
CA ASN C 1183 60.77 -47.16 -3.10
C ASN C 1183 60.36 -48.30 -2.19
N GLY C 1184 61.33 -48.94 -1.53
CA GLY C 1184 61.03 -50.03 -0.63
C GLY C 1184 61.50 -51.38 -1.14
N THR C 1185 62.16 -51.41 -2.29
CA THR C 1185 62.66 -52.66 -2.86
C THR C 1185 64.17 -52.70 -2.74
N PHE C 1186 64.67 -53.74 -2.07
CA PHE C 1186 66.10 -53.89 -1.81
C PHE C 1186 66.57 -55.20 -2.43
N THR C 1187 67.68 -55.14 -3.15
CA THR C 1187 68.13 -56.25 -3.97
C THR C 1187 69.53 -56.67 -3.54
N GLY C 1188 69.77 -57.98 -3.56
CA GLY C 1188 71.08 -58.55 -3.27
C GLY C 1188 71.31 -59.82 -4.05
N SER C 1189 71.95 -60.80 -3.40
CA SER C 1189 72.23 -62.08 -4.03
C SER C 1189 72.19 -63.18 -2.97
N LEU C 1190 71.60 -64.32 -3.34
CA LEU C 1190 71.48 -65.48 -2.46
C LEU C 1190 71.72 -66.74 -3.30
N GLN C 1191 72.79 -67.47 -2.98
CA GLN C 1191 73.07 -68.72 -3.67
C GLN C 1191 72.76 -69.90 -2.76
N PHE C 1192 72.51 -71.05 -3.37
CA PHE C 1192 72.20 -72.26 -2.60
C PHE C 1192 72.88 -73.46 -3.24
N THR C 1193 73.10 -74.49 -2.42
CA THR C 1193 73.69 -75.74 -2.88
C THR C 1193 73.28 -76.86 -1.93
N ILE C 1194 73.69 -78.07 -2.25
CA ILE C 1194 73.39 -79.26 -1.46
C ILE C 1194 74.70 -79.94 -1.09
N VAL C 1195 74.94 -80.13 0.20
CA VAL C 1195 76.11 -80.86 0.70
C VAL C 1195 75.62 -82.17 1.29
N PRO C 1196 75.89 -83.32 0.66
CA PRO C 1196 75.35 -84.59 1.16
C PRO C 1196 75.77 -84.89 2.59
N ASN C 1197 74.85 -85.47 3.36
CA ASN C 1197 75.13 -85.89 4.73
C ASN C 1197 74.73 -87.35 4.89
N ASN C 1198 74.79 -87.83 6.14
CA ASN C 1198 74.53 -89.23 6.46
C ASN C 1198 73.24 -89.34 7.27
N THR C 1199 72.34 -90.19 6.80
CA THR C 1199 71.14 -90.55 7.55
C THR C 1199 70.62 -91.89 7.02
N VAL C 1200 70.75 -92.94 7.82
CA VAL C 1200 70.48 -94.30 7.37
C VAL C 1200 68.98 -94.56 7.42
N VAL C 1201 68.42 -94.97 6.30
CA VAL C 1201 67.02 -95.38 6.22
C VAL C 1201 67.01 -96.84 5.77
N GLN C 1202 66.35 -97.70 6.55
CA GLN C 1202 66.35 -99.12 6.24
C GLN C 1202 65.02 -99.53 5.60
N ILE C 1203 65.11 -100.13 4.43
CA ILE C 1203 63.97 -100.71 3.73
C ILE C 1203 64.02 -102.22 3.92
N PRO C 1204 63.10 -102.82 4.67
CA PRO C 1204 63.20 -104.25 4.98
C PRO C 1204 63.02 -105.13 3.74
N SER C 1205 63.59 -106.33 3.81
CA SER C 1205 63.41 -107.30 2.73
C SER C 1205 62.08 -108.02 2.80
N SER C 1206 61.30 -107.81 3.87
CA SER C 1206 59.97 -108.42 3.99
C SER C 1206 58.98 -107.88 2.97
N LEU C 1207 59.27 -106.74 2.36
CA LEU C 1207 58.41 -106.16 1.33
C LEU C 1207 59.07 -106.01 -0.03
N THR C 1208 60.39 -106.17 -0.12
CA THR C 1208 61.09 -105.99 -1.39
C THR C 1208 62.02 -107.15 -1.74
N LYS C 1209 62.20 -108.11 -0.82
CA LYS C 1209 63.08 -109.26 -0.98
C LYS C 1209 64.55 -108.86 -1.01
N THR C 1210 64.83 -107.56 -0.98
CA THR C 1210 66.20 -107.03 -0.92
C THR C 1210 66.19 -105.81 -0.02
N SER C 1211 67.09 -105.78 0.95
CA SER C 1211 67.16 -104.66 1.88
C SER C 1211 67.81 -103.46 1.20
N PHE C 1212 67.46 -102.26 1.66
CA PHE C 1212 68.04 -101.03 1.14
C PHE C 1212 68.42 -100.10 2.28
N ALA C 1213 69.71 -99.83 2.41
CA ALA C 1213 70.21 -98.84 3.37
C ALA C 1213 70.48 -97.55 2.60
N VAL C 1214 69.63 -96.55 2.80
CA VAL C 1214 69.67 -95.33 1.99
C VAL C 1214 70.20 -94.19 2.83
N TYR C 1215 71.29 -93.57 2.36
CA TYR C 1215 71.72 -92.27 2.84
C TYR C 1215 70.86 -91.21 2.17
N THR C 1216 70.25 -90.35 2.98
CA THR C 1216 69.19 -89.46 2.51
C THR C 1216 69.76 -88.30 1.69
N ASN C 1217 68.89 -87.32 1.43
CA ASN C 1217 69.18 -86.15 0.60
C ASN C 1217 70.54 -85.53 0.90
N GLY C 1218 70.73 -85.06 2.14
CA GLY C 1218 71.93 -84.32 2.46
C GLY C 1218 71.60 -83.16 3.37
N SER C 1219 72.17 -82.01 3.03
CA SER C 1219 71.94 -80.78 3.79
C SER C 1219 71.89 -79.60 2.83
N LEU C 1220 70.87 -78.76 2.98
CA LEU C 1220 70.80 -77.52 2.23
C LEU C 1220 71.84 -76.54 2.79
N ALA C 1221 72.57 -75.88 1.89
CA ALA C 1221 73.63 -74.97 2.28
C ALA C 1221 73.45 -73.64 1.57
N ILE C 1222 73.51 -72.54 2.33
CA ILE C 1222 73.51 -71.22 1.72
C ILE C 1222 74.92 -70.89 1.26
N VAL C 1223 75.04 -70.39 0.04
CA VAL C 1223 76.33 -70.01 -0.53
C VAL C 1223 76.41 -68.49 -0.54
N LEU C 1224 77.38 -67.97 0.20
CA LEU C 1224 77.63 -66.55 0.33
C LEU C 1224 79.07 -66.28 -0.06
N ASN C 1225 79.27 -65.29 -0.93
CA ASN C 1225 80.60 -64.93 -1.43
C ASN C 1225 81.30 -66.12 -2.06
N GLY C 1226 80.54 -67.07 -2.60
CA GLY C 1226 81.09 -68.26 -3.21
C GLY C 1226 81.40 -69.41 -2.27
N LYS C 1227 81.13 -69.26 -0.97
CA LYS C 1227 81.41 -70.30 0.02
C LYS C 1227 80.11 -70.86 0.56
N ALA C 1228 80.01 -72.19 0.63
CA ALA C 1228 78.82 -72.86 1.09
C ALA C 1228 78.85 -73.05 2.60
N TYR C 1229 77.66 -73.03 3.21
CA TYR C 1229 77.51 -73.20 4.65
C TYR C 1229 76.22 -73.96 4.90
N SER C 1230 76.32 -75.13 5.53
CA SER C 1230 75.19 -76.03 5.66
C SER C 1230 74.10 -75.43 6.55
N LEU C 1231 72.85 -75.75 6.23
CA LEU C 1231 71.70 -75.29 6.99
C LEU C 1231 70.82 -76.44 7.48
N GLY C 1232 71.38 -77.63 7.67
CA GLY C 1232 70.62 -78.77 8.09
C GLY C 1232 70.07 -79.55 6.91
N PRO C 1233 69.45 -80.70 7.19
CA PRO C 1233 68.99 -81.59 6.10
C PRO C 1233 68.10 -80.91 5.06
N ALA C 1234 68.42 -81.15 3.79
CA ALA C 1234 67.65 -80.54 2.71
C ALA C 1234 66.38 -81.32 2.40
N GLY C 1235 66.26 -82.54 2.91
CA GLY C 1235 65.08 -83.34 2.66
C GLY C 1235 63.79 -82.70 3.14
N LEU C 1236 63.82 -82.05 4.30
CA LEU C 1236 62.65 -81.33 4.79
C LEU C 1236 62.45 -80.01 4.07
N PHE C 1237 63.54 -79.33 3.72
CA PHE C 1237 63.45 -78.06 3.02
C PHE C 1237 62.99 -78.23 1.58
N LEU C 1238 63.56 -79.17 0.83
CA LEU C 1238 63.37 -79.22 -0.60
C LEU C 1238 62.34 -80.27 -0.98
N LEU C 1239 61.69 -80.01 -2.11
CA LEU C 1239 60.67 -80.85 -2.71
C LEU C 1239 61.11 -81.16 -4.14
N PRO C 1240 60.93 -82.41 -4.60
CA PRO C 1240 60.33 -83.59 -3.93
C PRO C 1240 61.16 -84.25 -2.85
N PHE C 1241 60.51 -85.13 -2.09
CA PHE C 1241 61.19 -86.07 -1.23
C PHE C 1241 60.38 -87.38 -1.22
N VAL C 1242 61.04 -88.48 -0.86
CA VAL C 1242 60.41 -89.79 -0.81
C VAL C 1242 60.34 -90.22 0.65
N THR C 1243 59.13 -90.49 1.12
CA THR C 1243 58.94 -90.90 2.50
C THR C 1243 58.86 -92.43 2.60
N TYR C 1244 59.84 -93.02 3.27
CA TYR C 1244 59.77 -94.43 3.65
C TYR C 1244 59.73 -94.50 5.16
N THR C 1245 58.60 -94.98 5.69
CA THR C 1245 58.35 -95.03 7.13
C THR C 1245 58.58 -93.67 7.78
N GLY C 1246 58.16 -92.61 7.10
CA GLY C 1246 58.32 -91.26 7.61
C GLY C 1246 59.69 -90.67 7.44
N SER C 1247 60.59 -91.32 6.71
CA SER C 1247 61.95 -90.84 6.50
C SER C 1247 62.05 -90.27 5.09
N ALA C 1248 62.58 -89.05 4.98
CA ALA C 1248 62.62 -88.34 3.71
C ALA C 1248 63.96 -88.58 3.02
N ILE C 1249 63.90 -88.92 1.74
CA ILE C 1249 65.08 -89.18 0.92
C ILE C 1249 64.99 -88.29 -0.32
N GLY C 1250 66.09 -87.60 -0.64
CA GLY C 1250 66.17 -86.72 -1.78
C GLY C 1250 67.38 -87.00 -2.65
N ALA C 1251 67.76 -85.98 -3.42
CA ALA C 1251 68.90 -86.07 -4.32
C ALA C 1251 70.19 -86.24 -3.51
N ASN C 1252 71.27 -86.58 -4.20
CA ASN C 1252 72.56 -86.85 -3.55
C ASN C 1252 72.45 -88.00 -2.56
N ALA C 1253 71.45 -88.86 -2.76
CA ALA C 1253 71.27 -90.02 -1.91
C ALA C 1253 72.28 -91.10 -2.27
N THR C 1254 72.35 -92.13 -1.43
CA THR C 1254 73.24 -93.26 -1.66
C THR C 1254 72.57 -94.54 -1.19
N ALA C 1255 72.18 -95.40 -2.13
CA ALA C 1255 71.42 -96.60 -1.80
C ALA C 1255 72.37 -97.80 -1.79
N ILE C 1256 72.52 -98.42 -0.63
CA ILE C 1256 73.23 -99.69 -0.50
C ILE C 1256 72.20 -100.80 -0.60
N ILE C 1257 72.27 -101.58 -1.68
CA ILE C 1257 71.38 -102.70 -1.92
C ILE C 1257 71.98 -103.94 -1.28
N THR C 1258 71.25 -104.54 -0.35
CA THR C 1258 71.63 -105.77 0.30
C THR C 1258 70.78 -106.91 -0.27
N VAL C 1259 71.39 -107.75 -1.09
CA VAL C 1259 70.71 -108.84 -1.76
C VAL C 1259 70.92 -110.12 -0.96
N SER C 1260 69.82 -110.79 -0.62
CA SER C 1260 69.84 -112.06 0.09
C SER C 1260 69.42 -113.17 -0.86
N ASP C 1261 70.26 -114.20 -0.96
CA ASP C 1261 70.00 -115.32 -1.85
C ASP C 1261 70.55 -116.59 -1.21
N GLY C 1262 70.44 -117.70 -1.95
CA GLY C 1262 70.92 -118.97 -1.43
C GLY C 1262 72.39 -119.00 -1.09
N VAL C 1263 73.21 -118.26 -1.83
CA VAL C 1263 74.62 -118.09 -1.48
C VAL C 1263 74.79 -117.37 -0.15
N GLY C 1264 73.95 -116.39 0.14
CA GLY C 1264 74.05 -115.66 1.39
C GLY C 1264 73.66 -114.20 1.25
N THR C 1265 74.56 -113.30 1.68
CA THR C 1265 74.29 -111.88 1.69
C THR C 1265 75.35 -111.16 0.87
N SER C 1266 74.91 -110.26 -0.01
CA SER C 1266 75.80 -109.45 -0.82
C SER C 1266 75.38 -107.99 -0.71
N THR C 1267 76.35 -107.10 -0.84
CA THR C 1267 76.08 -105.66 -0.72
C THR C 1267 76.69 -104.92 -1.90
N THR C 1268 75.90 -104.03 -2.50
CA THR C 1268 76.37 -103.15 -3.56
C THR C 1268 75.91 -101.73 -3.26
N GLN C 1269 76.57 -100.76 -3.91
CA GLN C 1269 76.30 -99.35 -3.66
C GLN C 1269 75.97 -98.65 -4.97
N VAL C 1270 74.89 -97.86 -4.96
CA VAL C 1270 74.53 -97.02 -6.08
C VAL C 1270 74.37 -95.59 -5.57
N PRO C 1271 75.21 -94.65 -6.00
CA PRO C 1271 75.05 -93.26 -5.56
C PRO C 1271 74.03 -92.53 -6.42
N ILE C 1272 73.12 -91.83 -5.77
CA ILE C 1272 72.18 -90.96 -6.45
C ILE C 1272 72.81 -89.59 -6.60
N THR C 1273 72.79 -89.04 -7.81
CA THR C 1273 73.43 -87.77 -8.10
C THR C 1273 72.48 -86.62 -7.75
N ALA C 1274 72.99 -85.40 -7.91
CA ALA C 1274 72.18 -84.20 -7.73
C ALA C 1274 71.31 -83.92 -8.96
N GLU C 1275 71.55 -84.65 -10.04
CA GLU C 1275 70.77 -84.52 -11.27
C GLU C 1275 69.73 -85.62 -11.39
N ASN C 1276 69.64 -86.50 -10.39
CA ASN C 1276 68.66 -87.58 -10.38
C ASN C 1276 67.58 -87.20 -9.36
N PHE C 1277 67.31 -85.90 -9.26
CA PHE C 1277 66.40 -85.31 -8.28
C PHE C 1277 64.94 -85.57 -8.65
N THR C 1278 64.62 -85.46 -9.95
CA THR C 1278 63.52 -86.16 -10.62
C THR C 1278 62.21 -86.20 -9.84
N PRO C 1279 61.37 -85.17 -9.95
CA PRO C 1279 59.97 -85.33 -9.50
C PRO C 1279 59.25 -86.41 -10.31
N ILE C 1280 58.42 -87.19 -9.62
CA ILE C 1280 57.60 -88.23 -10.24
C ILE C 1280 56.18 -88.11 -9.72
N ARG C 1281 55.20 -88.13 -10.64
CA ARG C 1281 53.79 -88.01 -10.29
C ARG C 1281 53.05 -89.30 -10.55
N LEU C 1282 52.18 -89.68 -9.62
CA LEU C 1282 51.28 -90.82 -9.77
C LEU C 1282 49.86 -90.31 -9.97
N ALA C 1283 49.24 -90.69 -11.09
CA ALA C 1283 47.93 -90.15 -11.41
C ALA C 1283 46.96 -91.25 -11.80
N PRO C 1284 45.67 -91.08 -11.50
CA PRO C 1284 44.66 -92.03 -11.96
C PRO C 1284 44.46 -91.91 -13.47
N PHE C 1285 43.91 -92.97 -14.06
CA PHE C 1285 43.71 -93.01 -15.51
C PHE C 1285 42.64 -92.02 -15.97
N GLN C 1286 41.69 -91.68 -15.09
CA GLN C 1286 40.63 -90.75 -15.46
C GLN C 1286 41.02 -89.29 -15.22
N VAL C 1287 42.18 -89.06 -14.61
CA VAL C 1287 42.67 -87.73 -14.32
C VAL C 1287 43.78 -87.39 -15.32
N PRO C 1288 43.84 -86.16 -15.84
CA PRO C 1288 44.92 -85.82 -16.77
C PRO C 1288 46.30 -86.04 -16.17
N ALA C 1289 47.23 -86.52 -16.99
CA ALA C 1289 48.58 -86.82 -16.56
C ALA C 1289 49.60 -85.87 -17.18
N GLN C 1290 49.24 -85.21 -18.28
CA GLN C 1290 50.12 -84.22 -18.89
C GLN C 1290 50.01 -82.87 -18.20
N VAL C 1291 49.01 -82.67 -17.37
CA VAL C 1291 48.81 -81.44 -16.60
C VAL C 1291 49.23 -81.71 -15.16
N PRO C 1292 50.23 -81.01 -14.64
CA PRO C 1292 50.64 -81.23 -13.24
C PRO C 1292 49.51 -80.94 -12.27
N LEU C 1293 49.45 -81.70 -11.18
CA LEU C 1293 48.39 -81.55 -10.20
C LEU C 1293 48.83 -80.58 -9.11
N PRO C 1294 48.21 -79.41 -9.00
CA PRO C 1294 48.59 -78.47 -7.94
C PRO C 1294 47.80 -78.68 -6.66
N ASN C 1295 46.76 -79.50 -6.73
CA ASN C 1295 45.89 -79.77 -5.58
C ASN C 1295 46.29 -81.07 -4.88
N ALA C 1296 47.57 -81.43 -4.93
CA ALA C 1296 48.02 -82.66 -4.30
C ALA C 1296 49.05 -82.34 -3.21
N PRO C 1297 48.81 -82.74 -1.96
CA PRO C 1297 49.80 -82.54 -0.91
C PRO C 1297 51.12 -83.25 -1.20
N LYS C 1298 52.15 -82.87 -0.46
CA LYS C 1298 53.49 -83.40 -0.70
C LYS C 1298 53.61 -84.88 -0.37
N LEU C 1299 52.72 -85.41 0.47
CA LEU C 1299 52.82 -86.78 0.93
C LEU C 1299 51.87 -87.74 0.20
N LYS C 1300 50.75 -87.23 -0.31
CA LYS C 1300 49.73 -88.10 -0.90
C LYS C 1300 48.68 -87.29 -1.63
N TYR C 1301 47.93 -87.94 -2.52
CA TYR C 1301 46.73 -87.38 -3.12
C TYR C 1301 45.59 -88.36 -2.95
N GLU C 1302 44.52 -87.93 -2.30
CA GLU C 1302 43.35 -88.76 -2.07
C GLU C 1302 42.34 -88.52 -3.18
N TYR C 1303 42.21 -89.49 -4.08
CA TYR C 1303 41.24 -89.40 -5.16
C TYR C 1303 39.89 -89.88 -4.65
N ASN C 1304 38.95 -88.95 -4.51
CA ASN C 1304 37.63 -89.26 -3.97
C ASN C 1304 36.66 -89.79 -5.02
N GLY C 1305 37.09 -89.89 -6.28
CA GLY C 1305 36.23 -90.44 -7.31
C GLY C 1305 35.88 -91.90 -7.04
N SER C 1306 34.65 -92.27 -7.40
CA SER C 1306 34.17 -93.62 -7.16
C SER C 1306 34.81 -94.59 -8.14
N ILE C 1307 35.40 -95.66 -7.61
CA ILE C 1307 36.02 -96.71 -8.40
C ILE C 1307 35.47 -98.05 -7.95
N VAL C 1308 34.95 -98.83 -8.90
CA VAL C 1308 34.42 -100.16 -8.63
C VAL C 1308 35.28 -101.15 -9.42
N ILE C 1309 35.90 -102.08 -8.70
CA ILE C 1309 36.79 -103.06 -9.30
C ILE C 1309 35.97 -104.26 -9.75
N THR C 1310 35.91 -104.48 -11.06
CA THR C 1310 35.24 -105.65 -11.60
C THR C 1310 36.03 -106.92 -11.30
N PRO C 1311 35.38 -108.06 -11.20
CA PRO C 1311 36.11 -109.31 -10.94
C PRO C 1311 36.98 -109.76 -12.10
N GLN C 1312 36.85 -109.11 -13.26
CA GLN C 1312 37.67 -109.42 -14.43
C GLN C 1312 38.97 -108.61 -14.44
N GLN C 1313 39.20 -107.78 -13.43
CA GLN C 1313 40.37 -106.91 -13.39
C GLN C 1313 41.27 -107.31 -12.23
N GLN C 1314 42.53 -107.63 -12.56
CA GLN C 1314 43.55 -107.88 -11.55
C GLN C 1314 44.68 -106.88 -11.64
N VAL C 1315 44.60 -105.93 -12.58
CA VAL C 1315 45.61 -104.89 -12.76
C VAL C 1315 44.91 -103.54 -12.82
N LEU C 1316 45.52 -102.55 -12.19
CA LEU C 1316 45.00 -101.18 -12.17
C LEU C 1316 45.85 -100.33 -13.10
N LYS C 1317 45.20 -99.67 -14.05
CA LYS C 1317 45.91 -98.82 -15.00
C LYS C 1317 46.09 -97.42 -14.44
N ILE C 1318 47.35 -97.03 -14.21
CA ILE C 1318 47.66 -95.71 -13.67
C ILE C 1318 48.69 -95.05 -14.56
N TYR C 1319 48.89 -93.75 -14.36
CA TYR C 1319 49.89 -93.01 -15.13
C TYR C 1319 51.03 -92.57 -14.22
N VAL C 1320 52.25 -92.76 -14.71
CA VAL C 1320 53.45 -92.30 -14.03
C VAL C 1320 54.04 -91.18 -14.89
N THR C 1321 54.05 -89.96 -14.37
CA THR C 1321 54.54 -88.81 -15.10
C THR C 1321 55.92 -88.42 -14.60
N SER C 1322 56.85 -88.26 -15.53
CA SER C 1322 58.24 -87.91 -15.23
C SER C 1322 58.58 -86.57 -15.86
N ILE C 1323 59.06 -85.64 -15.03
CA ILE C 1323 59.50 -84.34 -15.52
C ILE C 1323 60.99 -84.38 -15.86
N LEU C 1324 61.77 -85.13 -15.08
CA LEU C 1324 63.19 -85.32 -15.34
C LEU C 1324 63.43 -86.79 -15.67
N PRO C 1325 64.53 -87.11 -16.37
CA PRO C 1325 64.76 -88.50 -16.79
C PRO C 1325 64.79 -89.48 -15.63
N TYR C 1326 64.22 -90.65 -15.86
CA TYR C 1326 64.08 -91.68 -14.83
C TYR C 1326 64.62 -93.00 -15.35
N PRO C 1327 65.92 -93.27 -15.22
CA PRO C 1327 66.50 -94.47 -15.85
C PRO C 1327 66.38 -95.74 -15.02
N GLN C 1328 66.31 -95.63 -13.69
CA GLN C 1328 66.35 -96.81 -12.84
C GLN C 1328 64.95 -97.39 -12.63
N GLU C 1329 64.92 -98.66 -12.28
CA GLU C 1329 63.68 -99.41 -12.10
C GLU C 1329 63.14 -99.21 -10.68
N PHE C 1330 61.87 -99.58 -10.49
CA PHE C 1330 61.21 -99.41 -9.21
C PHE C 1330 60.03 -100.38 -9.15
N GLN C 1331 59.12 -100.15 -8.21
CA GLN C 1331 57.88 -100.89 -8.14
C GLN C 1331 56.81 -100.01 -7.53
N ILE C 1332 55.56 -100.40 -7.77
CA ILE C 1332 54.40 -99.78 -7.13
C ILE C 1332 53.88 -100.79 -6.11
N GLN C 1333 53.89 -100.40 -4.84
CA GLN C 1333 53.30 -101.24 -3.81
C GLN C 1333 51.90 -100.76 -3.48
N ALA C 1334 50.97 -101.71 -3.44
CA ALA C 1334 49.58 -101.46 -3.14
C ALA C 1334 49.27 -101.97 -1.74
N PHE C 1335 48.90 -101.05 -0.85
CA PHE C 1335 48.48 -101.38 0.50
C PHE C 1335 46.98 -101.17 0.58
N VAL C 1336 46.25 -102.26 0.81
CA VAL C 1336 44.80 -102.22 0.90
C VAL C 1336 44.41 -102.20 2.37
N TYR C 1337 43.58 -101.22 2.75
CA TYR C 1337 43.02 -101.09 4.08
C TYR C 1337 41.52 -101.17 3.95
N GLU C 1338 40.84 -101.63 5.00
CA GLU C 1338 39.39 -101.57 5.03
C GLU C 1338 38.93 -100.13 5.18
N ALA C 1339 37.75 -99.84 4.64
CA ALA C 1339 37.23 -98.47 4.70
C ALA C 1339 37.03 -98.01 6.14
N SER C 1340 36.67 -98.93 7.03
CA SER C 1340 36.55 -98.57 8.45
C SER C 1340 37.90 -98.41 9.11
N GLN C 1341 38.92 -99.11 8.60
CA GLN C 1341 40.27 -99.06 9.17
C GLN C 1341 41.11 -97.95 8.58
N PHE C 1342 40.56 -97.16 7.67
CA PHE C 1342 41.26 -96.04 7.08
C PHE C 1342 40.46 -94.77 7.30
N ASN C 1343 41.12 -93.73 7.79
CA ASN C 1343 40.48 -92.44 8.05
C ASN C 1343 40.63 -91.58 6.79
N VAL C 1344 39.58 -91.55 5.98
CA VAL C 1344 39.61 -90.76 4.74
C VAL C 1344 39.59 -89.28 5.01
N HIS C 1345 39.12 -88.85 6.20
CA HIS C 1345 39.09 -87.43 6.53
C HIS C 1345 40.49 -86.86 6.66
N THR C 1346 41.40 -87.59 7.31
CA THR C 1346 42.77 -87.14 7.49
C THR C 1346 43.75 -87.78 6.52
N GLY C 1347 43.36 -88.85 5.85
CA GLY C 1347 44.25 -89.51 4.90
C GLY C 1347 45.35 -90.33 5.54
N SER C 1348 45.27 -90.58 6.84
CA SER C 1348 46.28 -91.35 7.54
C SER C 1348 45.71 -92.70 7.93
N PRO C 1349 46.45 -93.80 7.72
CA PRO C 1349 45.94 -95.12 8.09
C PRO C 1349 45.89 -95.28 9.61
N THR C 1350 44.74 -95.74 10.10
CA THR C 1350 44.54 -95.97 11.52
C THR C 1350 44.88 -97.38 11.95
N ALA C 1351 45.34 -98.22 11.02
CA ALA C 1351 45.69 -99.61 11.33
C ALA C 1351 46.61 -100.13 10.24
N ALA C 1352 47.18 -101.30 10.49
CA ALA C 1352 48.04 -101.95 9.52
C ALA C 1352 47.22 -102.34 8.29
N PRO C 1353 47.84 -102.37 7.11
CA PRO C 1353 47.09 -102.74 5.90
C PRO C 1353 46.53 -104.15 6.01
N VAL C 1354 45.30 -104.33 5.52
CA VAL C 1354 44.71 -105.66 5.55
C VAL C 1354 45.24 -106.51 4.40
N TYR C 1355 45.86 -105.89 3.39
CA TYR C 1355 46.54 -106.66 2.36
C TYR C 1355 47.67 -105.82 1.77
N PHE C 1356 48.66 -106.52 1.23
CA PHE C 1356 49.78 -105.86 0.57
C PHE C 1356 50.10 -106.61 -0.71
N SER C 1357 50.50 -105.86 -1.74
CA SER C 1357 50.89 -106.43 -3.02
C SER C 1357 51.92 -105.51 -3.67
N TYR C 1358 52.61 -106.03 -4.68
CA TYR C 1358 53.63 -105.25 -5.36
C TYR C 1358 53.57 -105.52 -6.85
N SER C 1359 54.01 -104.53 -7.63
CA SER C 1359 54.11 -104.66 -9.09
C SER C 1359 55.42 -104.00 -9.51
N ALA C 1360 56.36 -104.80 -9.99
CA ALA C 1360 57.67 -104.28 -10.37
C ALA C 1360 57.58 -103.56 -11.72
N VAL C 1361 57.89 -102.27 -11.71
CA VAL C 1361 57.86 -101.43 -12.90
C VAL C 1361 59.30 -101.18 -13.31
N ARG C 1362 59.71 -101.78 -14.42
CA ARG C 1362 61.03 -101.55 -14.99
C ARG C 1362 60.94 -100.34 -15.92
N ALA C 1363 61.67 -99.29 -15.60
CA ALA C 1363 61.58 -98.03 -16.31
C ALA C 1363 62.12 -98.19 -17.73
N TYR C 1364 61.22 -98.32 -18.69
CA TYR C 1364 61.57 -98.41 -20.10
C TYR C 1364 60.67 -97.50 -20.90
N PRO C 1365 61.17 -96.90 -21.98
CA PRO C 1365 60.31 -96.06 -22.83
C PRO C 1365 59.22 -96.86 -23.50
N ALA C 1366 58.07 -96.23 -23.72
CA ALA C 1366 56.96 -96.87 -24.42
C ALA C 1366 57.09 -96.65 -25.92
N LEU C 1367 57.21 -95.39 -26.32
CA LEU C 1367 57.46 -95.03 -27.70
C LEU C 1367 58.96 -95.00 -28.00
N GLY C 1368 59.42 -94.02 -28.78
CA GLY C 1368 60.82 -93.84 -29.07
C GLY C 1368 61.68 -93.87 -27.83
N ILE C 1369 62.82 -94.55 -27.94
CA ILE C 1369 63.73 -94.70 -26.82
C ILE C 1369 64.36 -93.36 -26.49
N GLY C 1370 64.33 -92.98 -25.21
CA GLY C 1370 64.88 -91.72 -24.76
C GLY C 1370 63.93 -90.55 -24.89
N THR C 1371 63.26 -90.40 -26.03
CA THR C 1371 62.34 -89.29 -26.24
C THR C 1371 60.88 -89.73 -26.20
N SER C 1372 60.56 -90.75 -25.42
CA SER C 1372 59.19 -91.23 -25.33
C SER C 1372 58.31 -90.24 -24.58
N VAL C 1373 57.04 -90.59 -24.43
CA VAL C 1373 56.08 -89.76 -23.72
C VAL C 1373 56.50 -89.67 -22.26
N PRO C 1374 56.46 -88.49 -21.64
CA PRO C 1374 56.76 -88.40 -20.20
C PRO C 1374 55.77 -89.14 -19.31
N ASN C 1375 54.75 -89.77 -19.89
CA ASN C 1375 53.76 -90.53 -19.15
C ASN C 1375 53.91 -92.00 -19.50
N LEU C 1376 53.96 -92.85 -18.48
CA LEU C 1376 54.03 -94.30 -18.64
C LEU C 1376 52.76 -94.92 -18.09
N LEU C 1377 52.14 -95.78 -18.88
CA LEU C 1377 50.94 -96.50 -18.45
C LEU C 1377 51.35 -97.74 -17.67
N VAL C 1378 51.15 -97.72 -16.36
CA VAL C 1378 51.59 -98.79 -15.47
C VAL C 1378 50.37 -99.63 -15.09
N TYR C 1379 50.47 -100.94 -15.33
CA TYR C 1379 49.47 -101.90 -14.88
C TYR C 1379 49.91 -102.44 -13.52
N VAL C 1380 49.47 -101.77 -12.46
CA VAL C 1380 49.79 -102.19 -11.09
C VAL C 1380 49.09 -103.52 -10.87
N GLN C 1381 49.89 -104.59 -10.76
CA GLN C 1381 49.34 -105.92 -10.56
C GLN C 1381 49.19 -106.22 -9.09
N LEU C 1382 48.38 -107.23 -8.78
CA LEU C 1382 48.17 -107.70 -7.41
C LEU C 1382 48.48 -109.19 -7.32
N GLN C 1383 49.25 -109.59 -6.30
CA GLN C 1383 49.59 -111.00 -6.11
C GLN C 1383 48.41 -111.75 -5.50
N GLY C 1384 47.28 -111.74 -6.20
CA GLY C 1384 46.07 -112.37 -5.71
C GLY C 1384 45.01 -111.38 -5.26
N ILE C 1385 44.02 -111.11 -6.10
CA ILE C 1385 42.96 -110.18 -5.73
C ILE C 1385 41.81 -110.91 -5.05
N SER C 1386 41.74 -112.23 -5.20
CA SER C 1386 40.72 -113.00 -4.51
C SER C 1386 40.95 -113.05 -3.00
N ASN C 1387 42.15 -112.68 -2.55
CA ASN C 1387 42.43 -112.65 -1.11
C ASN C 1387 41.59 -111.62 -0.39
N LEU C 1388 41.20 -110.54 -1.05
CA LEU C 1388 40.38 -109.51 -0.41
C LEU C 1388 38.90 -109.77 -0.68
N PRO C 1389 38.10 -109.96 0.36
CA PRO C 1389 36.66 -110.12 0.18
C PRO C 1389 36.03 -108.87 -0.41
N ALA C 1390 34.89 -109.06 -1.07
CA ALA C 1390 34.17 -107.94 -1.67
C ALA C 1390 33.70 -106.95 -0.61
N GLY C 1391 33.87 -105.67 -0.89
CA GLY C 1391 33.46 -104.65 0.07
C GLY C 1391 34.07 -103.32 -0.27
N LYS C 1392 34.10 -102.44 0.72
CA LYS C 1392 34.68 -101.11 0.58
C LYS C 1392 36.09 -101.10 1.13
N TYR C 1393 36.99 -100.43 0.41
CA TYR C 1393 38.41 -100.44 0.72
C TYR C 1393 39.02 -99.09 0.37
N VAL C 1394 40.20 -98.86 0.94
CA VAL C 1394 41.07 -97.74 0.57
C VAL C 1394 42.41 -98.32 0.14
N ILE C 1395 42.82 -98.01 -1.08
CA ILE C 1395 44.02 -98.59 -1.67
C ILE C 1395 45.06 -97.48 -1.84
N VAL C 1396 46.24 -97.69 -1.26
CA VAL C 1396 47.33 -96.73 -1.32
C VAL C 1396 48.42 -97.30 -2.22
N LEU C 1397 48.72 -96.58 -3.31
CA LEU C 1397 49.80 -96.92 -4.21
C LEU C 1397 51.01 -96.04 -3.91
N SER C 1398 52.14 -96.69 -3.63
CA SER C 1398 53.36 -96.00 -3.24
C SER C 1398 54.52 -96.48 -4.09
N ALA C 1399 55.36 -95.54 -4.54
CA ALA C 1399 56.52 -95.92 -5.34
C ALA C 1399 57.67 -96.34 -4.45
N VAL C 1400 58.02 -97.62 -4.51
CA VAL C 1400 59.15 -98.16 -3.75
C VAL C 1400 60.26 -98.52 -4.74
N PRO C 1401 61.42 -97.89 -4.67
CA PRO C 1401 62.42 -98.07 -5.72
C PRO C 1401 63.32 -99.28 -5.47
N PHE C 1402 63.84 -99.81 -6.57
CA PHE C 1402 64.70 -100.98 -6.56
C PHE C 1402 66.11 -100.64 -7.06
N ALA C 1403 67.11 -101.30 -6.47
CA ALA C 1403 68.48 -101.28 -6.98
C ALA C 1403 69.02 -99.88 -7.18
N GLY C 1404 69.22 -99.15 -6.07
CA GLY C 1404 69.71 -97.79 -6.17
C GLY C 1404 68.61 -96.76 -6.18
N GLY C 1405 67.74 -96.77 -5.17
CA GLY C 1405 66.53 -95.99 -5.15
C GLY C 1405 66.67 -94.53 -5.53
N PRO C 1406 66.11 -94.16 -6.69
CA PRO C 1406 66.17 -92.76 -7.13
C PRO C 1406 65.20 -91.89 -6.35
N VAL C 1407 65.12 -90.62 -6.76
CA VAL C 1407 64.24 -89.66 -6.10
C VAL C 1407 62.97 -89.53 -6.91
N LEU C 1408 61.83 -89.38 -6.20
CA LEU C 1408 60.52 -89.32 -6.82
C LEU C 1408 59.56 -88.49 -5.97
N SER C 1409 58.27 -88.60 -6.29
CA SER C 1409 57.17 -88.32 -5.38
C SER C 1409 57.03 -86.88 -4.88
N GLU C 1410 56.67 -85.95 -5.77
CA GLU C 1410 56.04 -84.70 -5.35
C GLU C 1410 54.73 -84.48 -6.09
N TYR C 1411 53.68 -84.11 -5.36
CA TYR C 1411 52.38 -83.75 -5.91
C TYR C 1411 51.88 -84.79 -6.91
N PRO C 1412 51.56 -86.00 -6.46
CA PRO C 1412 51.61 -86.51 -5.08
C PRO C 1412 52.81 -87.40 -4.82
N ALA C 1413 52.96 -87.84 -3.56
CA ALA C 1413 53.93 -88.87 -3.25
C ALA C 1413 53.29 -90.26 -3.24
N GLN C 1414 52.02 -90.35 -2.86
CA GLN C 1414 51.27 -91.59 -2.87
C GLN C 1414 49.91 -91.32 -3.52
N LEU C 1415 49.31 -92.37 -4.07
CA LEU C 1415 47.99 -92.26 -4.70
C LEU C 1415 47.00 -93.07 -3.89
N ILE C 1416 46.09 -92.39 -3.20
CA ILE C 1416 45.19 -93.03 -2.24
C ILE C 1416 43.79 -92.99 -2.84
N PHE C 1417 43.32 -94.14 -3.31
CA PHE C 1417 41.93 -94.31 -3.71
C PHE C 1417 41.12 -94.63 -2.47
N THR C 1418 40.33 -93.65 -2.00
CA THR C 1418 39.63 -93.78 -0.73
C THR C 1418 38.24 -94.39 -0.89
N ASN C 1419 37.79 -94.67 -2.11
CA ASN C 1419 36.45 -95.20 -2.32
C ASN C 1419 36.47 -96.43 -3.21
N VAL C 1420 37.39 -97.36 -2.95
CA VAL C 1420 37.49 -98.59 -3.72
C VAL C 1420 36.30 -99.48 -3.36
N THR C 1421 35.63 -100.01 -4.38
CA THR C 1421 34.52 -100.94 -4.18
C THR C 1421 34.87 -102.24 -4.89
N LEU C 1422 35.40 -103.19 -4.15
CA LEU C 1422 35.78 -104.48 -4.72
C LEU C 1422 34.55 -105.38 -4.80
N THR C 1423 34.21 -105.80 -6.02
CA THR C 1423 33.07 -106.67 -6.27
C THR C 1423 33.53 -107.90 -7.03
N GLN C 1424 33.14 -109.07 -6.54
CA GLN C 1424 33.49 -110.33 -7.19
C GLN C 1424 32.26 -111.20 -7.35
N LEU D 30 52.72 -8.30 -5.77
CA LEU D 30 54.16 -8.34 -5.58
C LEU D 30 54.52 -7.70 -4.23
N THR D 31 55.28 -6.60 -4.29
CA THR D 31 55.55 -5.78 -3.12
C THR D 31 55.21 -4.33 -3.42
N PRO D 32 54.70 -3.57 -2.44
CA PRO D 32 54.42 -3.92 -1.05
C PRO D 32 53.24 -4.87 -0.86
N PRO D 33 53.24 -5.66 0.21
CA PRO D 33 52.10 -6.53 0.48
C PRO D 33 50.87 -5.72 0.89
N VAL D 34 49.70 -6.30 0.62
CA VAL D 34 48.43 -5.63 0.89
C VAL D 34 47.54 -6.56 1.70
N SER D 35 46.71 -5.97 2.56
CA SER D 35 45.80 -6.73 3.40
C SER D 35 44.38 -6.65 2.84
N ALA D 36 43.49 -7.44 3.44
CA ALA D 36 42.09 -7.45 3.03
C ALA D 36 41.43 -6.12 3.35
N GLY D 37 41.13 -5.34 2.31
CA GLY D 37 40.56 -4.02 2.49
C GLY D 37 41.53 -2.96 2.95
N GLY D 38 42.84 -3.19 2.78
CA GLY D 38 43.83 -2.24 3.24
C GLY D 38 44.02 -1.08 2.28
N ILE D 39 44.94 -0.19 2.66
CA ILE D 39 45.26 1.00 1.88
C ILE D 39 46.75 0.95 1.52
N GLN D 40 47.06 1.37 0.30
CA GLN D 40 48.42 1.33 -0.21
C GLN D 40 48.65 2.56 -1.08
N ALA D 41 49.90 2.82 -1.43
CA ALA D 41 50.26 4.00 -2.20
C ALA D 41 51.23 3.64 -3.32
N TYR D 42 51.31 4.52 -4.32
CA TYR D 42 52.25 4.36 -5.43
C TYR D 42 52.63 5.73 -5.96
N LEU D 43 53.94 6.01 -6.01
CA LEU D 43 54.39 7.27 -6.56
C LEU D 43 54.51 7.19 -8.07
N LEU D 44 54.12 8.26 -8.76
CA LEU D 44 54.29 8.36 -10.21
C LEU D 44 55.59 9.09 -10.51
N THR D 45 56.62 8.34 -10.90
CA THR D 45 57.90 8.94 -11.27
C THR D 45 58.65 7.99 -12.18
N GLY D 46 59.72 8.48 -12.79
CA GLY D 46 60.56 7.68 -13.66
C GLY D 46 60.87 8.39 -14.95
N SER D 47 61.44 7.65 -15.89
CA SER D 47 61.74 8.19 -17.21
C SER D 47 60.44 8.40 -17.97
N GLY D 48 60.16 9.64 -18.34
CA GLY D 48 58.93 9.99 -19.01
C GLY D 48 57.79 10.36 -18.09
N ALA D 49 58.06 10.63 -16.82
CA ALA D 49 57.01 11.01 -15.89
C ALA D 49 56.42 12.36 -16.27
N PRO D 50 55.10 12.53 -16.16
CA PRO D 50 54.48 13.81 -16.52
C PRO D 50 54.76 14.91 -15.52
N ALA D 51 54.77 14.60 -14.22
CA ALA D 51 55.03 15.58 -13.19
C ALA D 51 55.45 14.88 -11.91
N SER D 52 56.52 15.37 -11.29
CA SER D 52 57.02 14.78 -10.05
C SER D 52 56.24 15.34 -8.86
N GLY D 53 55.69 14.43 -8.05
CA GLY D 53 54.92 14.84 -6.89
C GLY D 53 53.52 14.29 -6.86
N LEU D 54 53.20 13.34 -7.74
CA LEU D 54 51.89 12.73 -7.81
C LEU D 54 51.93 11.37 -7.11
N VAL D 55 51.03 11.19 -6.15
CA VAL D 55 50.93 9.95 -5.38
C VAL D 55 49.52 9.41 -5.54
N LEU D 56 49.45 8.11 -5.86
CA LEU D 56 48.18 7.41 -6.06
C LEU D 56 47.89 6.57 -4.83
N PHE D 57 46.84 6.95 -4.10
CA PHE D 57 46.38 6.16 -2.97
C PHE D 57 45.28 5.21 -3.42
N VAL D 58 45.48 3.92 -3.14
CA VAL D 58 44.55 2.88 -3.53
C VAL D 58 44.04 2.17 -2.29
N VAL D 59 42.79 1.71 -2.34
CA VAL D 59 42.20 0.88 -1.32
C VAL D 59 41.50 -0.29 -2.01
N ASN D 60 41.75 -1.50 -1.50
CA ASN D 60 41.29 -2.73 -2.13
C ASN D 60 39.79 -2.86 -1.95
N VAL D 61 39.06 -2.96 -3.05
CA VAL D 61 37.60 -3.02 -3.02
C VAL D 61 37.19 -4.31 -3.72
N SER D 62 38.04 -5.31 -3.61
CA SER D 62 37.70 -6.68 -4.00
C SER D 62 36.83 -7.39 -2.96
N ASN D 63 36.64 -6.80 -1.77
CA ASN D 63 35.86 -7.45 -0.73
C ASN D 63 34.36 -7.28 -0.99
N ILE D 64 33.96 -6.23 -1.69
CA ILE D 64 32.57 -6.01 -2.07
C ILE D 64 32.51 -5.72 -3.56
N GLN D 65 31.32 -5.90 -4.14
CA GLN D 65 31.11 -5.59 -5.56
C GLN D 65 30.48 -4.20 -5.71
N VAL D 66 31.03 -3.41 -6.63
CA VAL D 66 30.55 -2.05 -6.83
C VAL D 66 30.07 -1.90 -8.27
N SER D 67 28.84 -1.41 -8.42
CA SER D 67 28.26 -1.17 -9.73
C SER D 67 28.37 0.31 -10.05
N SER D 68 27.83 0.70 -11.21
CA SER D 68 27.89 2.09 -11.65
C SER D 68 26.69 2.89 -11.17
N SER D 69 25.70 2.23 -10.55
CA SER D 69 24.51 2.92 -10.10
C SER D 69 24.63 3.42 -8.66
N ASN D 70 25.64 2.96 -7.93
CA ASN D 70 25.84 3.40 -6.55
C ASN D 70 27.31 3.66 -6.26
N VAL D 71 28.16 3.70 -7.30
CA VAL D 71 29.59 3.87 -7.10
C VAL D 71 29.87 5.17 -6.37
N THR D 72 29.13 6.24 -6.70
CA THR D 72 29.34 7.52 -6.03
C THR D 72 29.17 7.39 -4.52
N ASN D 73 28.12 6.69 -4.07
CA ASN D 73 27.92 6.51 -2.64
C ASN D 73 29.08 5.75 -2.00
N VAL D 74 29.49 4.64 -2.59
CA VAL D 74 30.49 3.80 -1.94
C VAL D 74 31.83 4.51 -1.90
N ILE D 75 32.22 5.18 -3.00
CA ILE D 75 33.47 5.91 -2.99
C ILE D 75 33.41 7.08 -2.02
N SER D 76 32.24 7.72 -1.89
CA SER D 76 32.11 8.79 -0.92
C SER D 76 32.35 8.27 0.49
N THR D 77 31.76 7.11 0.81
CA THR D 77 31.98 6.52 2.12
C THR D 77 33.46 6.17 2.31
N VAL D 78 34.08 5.61 1.26
CA VAL D 78 35.45 5.14 1.37
C VAL D 78 36.39 6.31 1.64
N VAL D 79 36.27 7.38 0.84
CA VAL D 79 37.10 8.55 1.05
C VAL D 79 36.75 9.25 2.34
N SER D 80 35.53 9.04 2.85
CA SER D 80 35.20 9.57 4.18
C SER D 80 35.95 8.80 5.27
N ASN D 81 36.21 7.52 5.03
CA ASN D 81 36.88 6.68 6.01
C ASN D 81 38.40 6.66 5.86
N ILE D 82 38.94 7.19 4.76
CA ILE D 82 40.38 7.23 4.58
C ILE D 82 40.95 8.49 5.23
N GLN D 83 42.10 8.33 5.89
CA GLN D 83 42.84 9.45 6.44
C GLN D 83 44.26 9.44 5.91
N ILE D 84 44.81 10.64 5.73
CA ILE D 84 46.14 10.81 5.15
C ILE D 84 47.03 11.48 6.19
N ASN D 85 48.17 10.87 6.48
CA ASN D 85 49.08 11.35 7.50
C ASN D 85 50.29 12.02 6.87
N ALA D 86 50.66 13.18 7.41
CA ALA D 86 51.89 13.87 7.05
C ALA D 86 52.81 13.88 8.26
N LYS D 87 54.07 13.53 8.03
CA LYS D 87 55.01 13.30 9.12
C LYS D 87 56.31 14.02 8.84
N THR D 88 56.95 14.47 9.93
CA THR D 88 58.30 15.02 9.89
C THR D 88 59.26 14.02 10.52
N GLU D 89 60.39 13.83 9.84
CA GLU D 89 61.39 12.84 10.21
C GLU D 89 62.75 13.32 9.75
N ASN D 90 63.72 12.41 9.76
CA ASN D 90 65.04 12.69 9.20
C ASN D 90 65.15 12.05 7.81
N ALA D 91 66.18 12.44 7.06
CA ALA D 91 66.41 11.90 5.73
C ALA D 91 67.29 10.66 5.75
N GLN D 92 67.49 10.08 6.93
CA GLN D 92 68.32 8.88 7.09
C GLN D 92 67.60 7.79 7.88
N THR D 93 66.47 8.11 8.50
CA THR D 93 65.88 7.24 9.50
C THR D 93 64.53 6.73 9.00
N GLY D 94 63.92 5.85 9.80
CA GLY D 94 62.56 5.40 9.57
C GLY D 94 61.78 5.48 10.86
N ALA D 95 62.19 6.38 11.74
CA ALA D 95 61.59 6.53 13.07
C ALA D 95 60.67 7.74 13.09
N THR D 96 59.41 7.51 13.44
CA THR D 96 58.41 8.57 13.44
C THR D 96 58.78 9.64 14.47
N THR D 97 58.93 10.88 13.99
CA THR D 97 59.28 12.00 14.85
C THR D 97 58.14 12.97 15.07
N GLY D 98 57.28 13.19 14.07
CA GLY D 98 56.07 13.98 14.26
C GLY D 98 55.01 13.64 13.24
N SER D 99 53.75 13.54 13.65
CA SER D 99 52.70 13.08 12.74
C SER D 99 51.44 13.92 12.90
N VAL D 100 50.77 14.20 11.78
CA VAL D 100 49.50 14.90 11.73
C VAL D 100 48.61 14.18 10.73
N THR D 101 47.30 14.25 10.95
CA THR D 101 46.34 13.55 10.09
C THR D 101 45.35 14.52 9.47
N VAL D 102 44.94 14.22 8.24
CA VAL D 102 43.92 14.98 7.52
C VAL D 102 42.98 14.00 6.85
N ARG D 103 41.89 14.49 6.25
CA ARG D 103 40.91 13.63 5.62
C ARG D 103 40.47 14.25 4.31
N PHE D 104 40.07 13.41 3.36
CA PHE D 104 39.54 13.90 2.10
C PHE D 104 38.24 14.66 2.34
N PRO D 105 37.97 15.73 1.58
CA PRO D 105 36.72 16.46 1.74
C PRO D 105 35.52 15.65 1.28
N THR D 106 34.33 16.08 1.68
CA THR D 106 33.08 15.51 1.20
C THR D 106 32.47 16.33 0.08
N SER D 107 33.12 17.40 -0.35
CA SER D 107 32.62 18.25 -1.42
C SER D 107 33.80 18.91 -2.11
N GLY D 108 33.93 18.69 -3.42
CA GLY D 108 35.07 19.19 -4.17
C GLY D 108 36.22 18.21 -4.26
N TYR D 109 36.06 17.02 -3.70
CA TYR D 109 37.10 16.00 -3.72
C TYR D 109 37.04 15.20 -5.02
N ASN D 110 38.03 14.33 -5.20
CA ASN D 110 38.10 13.45 -6.35
C ASN D 110 38.22 12.02 -5.87
N ALA D 111 37.46 11.11 -6.50
CA ALA D 111 37.52 9.70 -6.17
C ALA D 111 37.27 8.90 -7.45
N TYR D 112 38.03 7.80 -7.59
CA TYR D 112 37.95 6.98 -8.79
C TYR D 112 37.89 5.52 -8.37
N TYR D 113 37.34 4.68 -9.26
CA TYR D 113 37.23 3.25 -8.99
C TYR D 113 37.57 2.47 -10.25
N ASP D 114 38.49 1.52 -10.13
CA ASP D 114 38.84 0.63 -11.23
C ASP D 114 38.18 -0.73 -10.99
N SER D 115 37.38 -1.17 -11.94
CA SER D 115 36.60 -2.40 -11.80
C SER D 115 37.39 -3.64 -12.25
N VAL D 116 38.49 -3.45 -12.98
CA VAL D 116 39.35 -4.56 -13.38
C VAL D 116 40.42 -4.83 -12.33
N ASP D 117 41.16 -3.80 -11.94
CA ASP D 117 41.96 -3.87 -10.73
C ASP D 117 41.11 -3.69 -9.49
N LYS D 118 39.82 -3.40 -9.66
CA LYS D 118 38.81 -3.45 -8.60
C LYS D 118 39.27 -2.84 -7.29
N VAL D 119 39.74 -1.59 -7.37
CA VAL D 119 40.19 -0.83 -6.20
C VAL D 119 39.77 0.62 -6.39
N VAL D 120 39.53 1.30 -5.26
CA VAL D 120 39.22 2.72 -5.31
C VAL D 120 40.50 3.52 -5.11
N PHE D 121 40.77 4.43 -6.05
CA PHE D 121 42.03 5.16 -6.05
C PHE D 121 41.78 6.65 -6.21
N VAL D 122 42.68 7.43 -5.63
CA VAL D 122 42.66 8.90 -5.68
C VAL D 122 44.09 9.38 -5.88
N VAL D 123 44.27 10.38 -6.73
CA VAL D 123 45.58 10.95 -7.01
C VAL D 123 45.71 12.28 -6.27
N VAL D 124 46.82 12.46 -5.56
CA VAL D 124 47.11 13.68 -4.82
C VAL D 124 48.45 14.24 -5.29
N SER D 125 48.48 15.55 -5.53
CA SER D 125 49.70 16.24 -5.95
C SER D 125 50.36 16.87 -4.74
N PHE D 126 51.63 16.52 -4.50
CA PHE D 126 52.34 17.00 -3.32
C PHE D 126 53.49 17.93 -3.67
N LEU D 127 54.45 17.46 -4.47
CA LEU D 127 55.69 18.18 -4.68
C LEU D 127 55.56 19.23 -5.77
N TYR D 128 56.63 20.01 -5.94
CA TYR D 128 56.72 21.08 -6.91
C TYR D 128 56.61 20.50 -8.32
N PRO D 129 55.95 21.20 -9.26
CA PRO D 129 55.23 22.47 -9.10
C PRO D 129 53.83 22.31 -8.53
N TYR D 130 53.16 21.20 -8.83
CA TYR D 130 51.75 21.02 -8.51
C TYR D 130 51.60 20.61 -7.04
N THR D 131 51.25 21.58 -6.20
CA THR D 131 50.96 21.33 -4.80
C THR D 131 49.52 21.67 -4.44
N THR D 132 49.05 22.86 -4.85
CA THR D 132 47.67 23.26 -4.62
C THR D 132 46.87 23.38 -5.91
N THR D 133 47.50 23.18 -7.06
CA THR D 133 46.83 23.31 -8.35
C THR D 133 46.60 21.93 -8.95
N SER D 134 45.36 21.67 -9.35
CA SER D 134 44.99 20.39 -9.93
C SER D 134 45.67 20.20 -11.29
N VAL D 135 46.09 18.97 -11.56
CA VAL D 135 46.75 18.62 -12.81
C VAL D 135 46.07 17.39 -13.38
N ASN D 136 46.12 17.25 -14.70
CA ASN D 136 45.53 16.11 -15.38
C ASN D 136 46.55 14.99 -15.53
N ILE D 137 46.17 13.81 -15.06
CA ILE D 137 47.01 12.61 -15.07
C ILE D 137 46.61 11.79 -16.28
N PRO D 138 47.53 11.55 -17.23
CA PRO D 138 47.19 10.73 -18.40
C PRO D 138 46.88 9.29 -18.00
N LEU D 139 45.97 8.68 -18.75
CA LEU D 139 45.58 7.30 -18.49
C LEU D 139 46.73 6.32 -18.77
N SER D 140 47.49 6.54 -19.84
CA SER D 140 48.53 5.61 -20.25
C SER D 140 49.69 5.53 -19.26
N TYR D 141 50.03 6.62 -18.59
CA TYR D 141 51.12 6.59 -17.62
C TYR D 141 50.67 6.06 -16.27
N LEU D 142 49.45 6.39 -15.85
CA LEU D 142 48.89 5.78 -14.64
C LEU D 142 48.62 4.29 -14.82
N SER D 143 48.47 3.82 -16.07
CA SER D 143 48.29 2.40 -16.32
C SER D 143 49.51 1.57 -15.93
N LYS D 144 50.68 2.20 -15.79
CA LYS D 144 51.87 1.46 -15.39
C LYS D 144 51.70 0.86 -13.99
N TYR D 145 51.13 1.63 -13.07
CA TYR D 145 50.90 1.15 -11.71
C TYR D 145 49.55 0.47 -11.51
N LEU D 146 48.66 0.56 -12.50
CA LEU D 146 47.37 -0.12 -12.45
C LEU D 146 46.98 -0.52 -13.87
N PRO D 147 47.31 -1.74 -14.28
CA PRO D 147 47.00 -2.15 -15.66
C PRO D 147 45.52 -2.15 -15.99
N GLY D 148 44.65 -2.36 -14.99
CA GLY D 148 43.22 -2.45 -15.24
C GLY D 148 42.62 -1.22 -15.90
N LEU D 149 43.20 -0.04 -15.69
CA LEU D 149 42.70 1.17 -16.34
C LEU D 149 42.79 1.10 -17.86
N LEU D 150 43.60 0.20 -18.41
CA LEU D 150 43.66 0.04 -19.85
C LEU D 150 42.45 -0.70 -20.41
N THR D 151 41.85 -1.61 -19.64
CA THR D 151 40.71 -2.38 -20.14
C THR D 151 39.38 -1.69 -19.84
N ALA D 152 39.14 -1.33 -18.59
CA ALA D 152 37.91 -0.65 -18.21
C ALA D 152 38.25 0.74 -17.73
N GLN D 153 37.59 1.73 -18.31
CA GLN D 153 37.84 3.12 -17.95
C GLN D 153 37.40 3.33 -16.50
N PRO D 154 38.30 3.79 -15.63
CA PRO D 154 37.94 3.96 -14.22
C PRO D 154 36.80 4.95 -14.04
N TYR D 155 35.92 4.62 -13.10
CA TYR D 155 34.74 5.44 -12.83
C TYR D 155 35.14 6.71 -12.08
N ASP D 156 34.29 7.72 -12.16
CA ASP D 156 34.47 8.96 -11.41
C ASP D 156 33.19 9.26 -10.64
N GLU D 157 33.13 10.44 -10.04
CA GLU D 157 31.92 10.88 -9.36
C GLU D 157 30.81 11.10 -10.37
N THR D 158 29.57 11.12 -9.87
CA THR D 158 28.35 11.23 -10.67
C THR D 158 28.18 10.05 -11.63
N GLY D 159 28.90 8.95 -11.40
CA GLY D 159 28.75 7.76 -12.20
C GLY D 159 29.27 7.88 -13.62
N ALA D 160 30.15 8.84 -13.89
CA ALA D 160 30.67 9.07 -15.22
C ALA D 160 32.08 8.50 -15.34
N GLN D 161 32.32 7.77 -16.43
CA GLN D 161 33.63 7.24 -16.72
C GLN D 161 34.48 8.30 -17.41
N VAL D 162 35.54 8.73 -16.75
CA VAL D 162 36.40 9.80 -17.24
C VAL D 162 37.67 9.17 -17.81
N THR D 163 38.17 9.75 -18.90
CA THR D 163 39.33 9.22 -19.60
C THR D 163 40.66 9.72 -19.02
N SER D 164 40.64 10.75 -18.18
CA SER D 164 41.84 11.25 -17.55
C SER D 164 41.55 11.50 -16.08
N VAL D 165 42.60 11.46 -15.27
CA VAL D 165 42.46 11.58 -13.82
C VAL D 165 42.73 13.02 -13.41
N SER D 166 41.93 13.52 -12.47
CA SER D 166 42.11 14.84 -11.92
C SER D 166 42.67 14.71 -10.50
N SER D 167 43.85 15.27 -10.29
CA SER D 167 44.51 15.15 -8.99
C SER D 167 43.79 15.99 -7.95
N THR D 168 43.67 15.44 -6.75
CA THR D 168 43.13 16.19 -5.63
C THR D 168 44.24 17.08 -5.05
N PRO D 169 44.06 18.41 -5.06
CA PRO D 169 45.11 19.29 -4.53
C PRO D 169 45.35 19.02 -3.05
N PHE D 170 46.62 19.09 -2.64
CA PHE D 170 46.95 18.87 -1.24
C PHE D 170 46.35 19.95 -0.35
N GLY D 171 46.36 21.19 -0.81
CA GLY D 171 45.80 22.29 -0.05
C GLY D 171 44.30 22.25 0.12
N SER D 172 43.59 21.43 -0.66
CA SER D 172 42.15 21.30 -0.55
C SER D 172 41.70 20.28 0.48
N LEU D 173 42.62 19.50 1.05
CA LEU D 173 42.25 18.51 2.04
C LEU D 173 41.73 19.17 3.31
N ILE D 174 40.80 18.49 3.98
CA ILE D 174 40.15 19.01 5.17
C ILE D 174 40.79 18.37 6.39
N ASP D 175 41.18 19.21 7.36
CA ASP D 175 41.76 18.71 8.60
C ASP D 175 40.73 17.90 9.39
N THR D 176 41.17 16.76 9.93
CA THR D 176 40.28 15.92 10.72
C THR D 176 40.07 16.48 12.12
N SER D 177 41.11 17.09 12.70
CA SER D 177 41.00 17.60 14.07
C SER D 177 40.47 19.02 14.11
N THR D 178 40.27 19.64 12.94
CA THR D 178 39.77 21.01 12.88
C THR D 178 38.46 21.12 12.12
N GLY D 179 38.22 20.26 11.13
CA GLY D 179 37.05 20.36 10.29
C GLY D 179 37.14 21.40 9.20
N GLN D 180 38.33 21.92 8.92
CA GLN D 180 38.53 22.96 7.92
C GLN D 180 39.61 22.51 6.94
N GLN D 181 39.54 23.06 5.73
CA GLN D 181 40.57 22.80 4.74
C GLN D 181 41.90 23.35 5.22
N ILE D 182 42.99 22.65 4.89
CA ILE D 182 44.31 23.07 5.35
C ILE D 182 44.67 24.39 4.70
N LEU D 183 45.49 25.18 5.39
CA LEU D 183 45.88 26.49 4.91
C LEU D 183 46.84 26.38 3.73
N GLY D 184 47.15 27.52 3.13
CA GLY D 184 48.12 27.57 2.07
C GLY D 184 49.55 27.78 2.54
N THR D 185 49.73 28.15 3.81
CA THR D 185 51.05 28.40 4.37
C THR D 185 51.46 27.35 5.41
N ASN D 186 50.75 26.22 5.47
CA ASN D 186 51.12 25.18 6.41
C ASN D 186 52.49 24.61 6.07
N PRO D 187 53.30 24.25 7.09
CA PRO D 187 54.72 23.94 6.81
C PRO D 187 54.93 22.78 5.86
N VAL D 188 54.10 21.73 5.94
CA VAL D 188 54.35 20.55 5.11
C VAL D 188 54.08 20.87 3.64
N LEU D 189 53.14 21.79 3.38
CA LEU D 189 52.86 22.17 1.99
C LEU D 189 54.04 22.87 1.36
N THR D 190 54.62 23.86 2.06
CA THR D 190 55.81 24.53 1.55
C THR D 190 56.99 23.57 1.47
N SER D 191 57.07 22.64 2.43
CA SER D 191 58.11 21.62 2.36
C SER D 191 57.98 20.78 1.11
N TYR D 192 56.75 20.39 0.74
CA TYR D 192 56.55 19.64 -0.48
C TYR D 192 56.87 20.49 -1.71
N ASN D 193 56.50 21.76 -1.69
CA ASN D 193 56.75 22.67 -2.80
C ASN D 193 58.22 23.00 -2.99
N SER D 194 59.05 22.87 -1.95
CA SER D 194 60.48 23.11 -2.11
C SER D 194 61.33 21.92 -1.65
N TYR D 195 60.80 20.70 -1.70
CA TYR D 195 61.43 19.52 -1.13
C TYR D 195 62.94 19.46 -1.34
N THR D 196 63.44 19.73 -2.55
CA THR D 196 64.87 19.62 -2.79
C THR D 196 65.66 20.50 -1.83
N THR D 197 65.47 21.83 -1.94
CA THR D 197 66.20 22.75 -1.08
C THR D 197 65.86 22.58 0.39
N GLN D 198 64.58 22.30 0.70
CA GLN D 198 64.18 22.17 2.10
C GLN D 198 64.89 21.02 2.79
N ALA D 199 64.85 19.83 2.20
CA ALA D 199 65.52 18.68 2.80
C ALA D 199 67.03 18.84 2.75
N ASN D 200 67.55 19.53 1.73
CA ASN D 200 68.99 19.74 1.65
C ASN D 200 69.49 20.65 2.76
N THR D 201 68.70 21.69 3.10
CA THR D 201 69.17 22.67 4.07
C THR D 201 68.84 22.29 5.51
N ASN D 202 67.56 22.08 5.82
CA ASN D 202 67.14 21.92 7.21
C ASN D 202 67.09 20.45 7.63
N MET D 203 67.52 19.53 6.76
CA MET D 203 67.62 18.09 7.04
C MET D 203 66.34 17.51 7.65
N GLN D 204 65.22 18.20 7.48
CA GLN D 204 63.93 17.67 7.89
C GLN D 204 63.22 17.07 6.67
N GLU D 205 62.59 15.92 6.89
CA GLU D 205 61.97 15.15 5.81
C GLU D 205 60.47 15.06 6.01
N GLY D 206 59.72 15.33 4.95
CA GLY D 206 58.28 15.19 4.97
C GLY D 206 57.85 13.90 4.29
N VAL D 207 57.23 13.01 5.06
CA VAL D 207 56.83 11.69 4.60
C VAL D 207 55.32 11.55 4.79
N VAL D 208 54.64 11.12 3.73
CA VAL D 208 53.19 10.97 3.76
C VAL D 208 52.89 9.50 3.97
N SER D 209 51.66 9.20 4.42
CA SER D 209 51.20 7.83 4.58
C SER D 209 49.67 7.84 4.56
N GLY D 210 49.07 6.65 4.56
CA GLY D 210 47.63 6.55 4.55
C GLY D 210 47.14 5.52 5.55
N THR D 211 45.88 5.68 5.94
CA THR D 211 45.23 4.73 6.85
C THR D 211 43.75 4.70 6.53
N LEU D 212 43.11 3.60 6.93
CA LEU D 212 41.69 3.39 6.70
C LEU D 212 41.04 3.06 8.04
N THR D 213 40.20 3.97 8.53
CA THR D 213 39.45 3.70 9.76
C THR D 213 38.55 2.49 9.54
N SER D 214 38.58 1.55 10.47
CA SER D 214 37.82 0.32 10.34
C SER D 214 36.33 0.64 10.24
N PHE D 215 35.68 0.06 9.22
CA PHE D 215 34.25 0.27 9.05
C PHE D 215 33.66 -0.95 8.35
N THR D 216 32.34 -1.10 8.49
CA THR D 216 31.62 -2.23 7.93
C THR D 216 30.68 -1.76 6.83
N LEU D 217 30.81 -2.38 5.66
CA LEU D 217 29.94 -2.08 4.53
C LEU D 217 29.76 -3.37 3.74
N GLY D 218 28.54 -3.58 3.24
CA GLY D 218 28.23 -4.81 2.55
C GLY D 218 28.40 -6.07 3.37
N GLY D 219 28.37 -5.97 4.69
CA GLY D 219 28.64 -7.10 5.55
C GLY D 219 30.10 -7.45 5.70
N GLN D 220 31.00 -6.58 5.24
CA GLN D 220 32.43 -6.86 5.29
C GLN D 220 33.17 -5.66 5.86
N SER D 221 34.30 -5.95 6.51
CA SER D 221 35.06 -4.94 7.24
C SER D 221 36.24 -4.45 6.41
N PHE D 222 36.61 -3.19 6.65
CA PHE D 222 37.75 -2.57 6.00
C PHE D 222 38.57 -1.82 7.04
N SER D 223 39.89 -2.04 6.99
CA SER D 223 40.85 -1.40 7.88
C SER D 223 42.27 -1.75 7.44
N GLY D 224 43.23 -0.85 7.67
CA GLY D 224 44.61 -1.15 7.32
C GLY D 224 45.46 0.10 7.32
N SER D 225 46.73 -0.11 6.99
CA SER D 225 47.71 0.96 6.93
C SER D 225 48.72 0.63 5.83
N THR D 226 49.36 1.67 5.29
CA THR D 226 50.28 1.49 4.18
C THR D 226 51.68 1.19 4.68
N VAL D 227 52.27 0.11 4.17
CA VAL D 227 53.72 -0.05 4.25
C VAL D 227 54.35 1.13 3.53
N PRO D 228 55.34 1.81 4.10
CA PRO D 228 55.80 3.08 3.50
C PRO D 228 56.26 2.89 2.07
N VAL D 229 55.43 3.36 1.16
CA VAL D 229 55.61 3.23 -0.28
C VAL D 229 55.31 4.59 -0.90
N ILE D 230 55.65 5.65 -0.18
CA ILE D 230 55.08 6.97 -0.42
C ILE D 230 56.09 7.84 -1.16
N LEU D 231 55.67 9.05 -1.55
CA LEU D 231 56.35 9.93 -2.49
C LEU D 231 57.87 9.79 -2.50
N TYR D 232 58.54 9.92 -1.36
CA TYR D 232 59.94 9.52 -1.25
C TYR D 232 60.34 9.37 0.20
N ALA D 233 60.62 8.13 0.63
CA ALA D 233 61.15 7.85 1.94
C ALA D 233 62.68 7.80 1.85
N PRO D 234 63.39 7.93 2.98
CA PRO D 234 64.85 7.94 2.91
C PRO D 234 65.42 6.63 2.35
N PHE D 235 66.64 6.71 1.83
CA PHE D 235 67.27 5.60 1.13
C PHE D 235 67.81 4.60 2.14
N ILE D 236 66.94 3.68 2.58
CA ILE D 236 67.32 2.62 3.50
C ILE D 236 66.64 1.33 3.06
N PHE D 237 67.00 0.21 3.68
CA PHE D 237 66.29 -1.05 3.48
C PHE D 237 64.99 -0.97 4.27
N SER D 238 63.88 -1.29 3.61
CA SER D 238 62.57 -1.16 4.24
C SER D 238 62.44 -2.13 5.40
N ASN D 239 62.30 -1.58 6.61
CA ASN D 239 62.00 -2.39 7.78
C ASN D 239 60.77 -1.89 8.51
N SER D 240 59.57 -2.20 8.00
CA SER D 240 58.30 -1.96 8.68
C SER D 240 57.16 -2.61 7.90
N PRO D 241 56.30 -3.40 8.55
CA PRO D 241 56.40 -3.90 9.93
C PRO D 241 57.27 -5.15 9.96
N TYR D 242 58.11 -5.30 8.93
CA TYR D 242 58.94 -6.48 8.77
C TYR D 242 59.86 -6.66 9.97
N GLN D 243 60.00 -7.90 10.41
CA GLN D 243 60.85 -8.24 11.55
C GLN D 243 62.28 -8.54 11.13
N ALA D 244 62.56 -8.58 9.83
CA ALA D 244 63.91 -8.82 9.34
C ALA D 244 64.36 -7.73 8.36
N GLY D 245 63.47 -7.24 7.51
CA GLY D 245 63.83 -6.29 6.50
C GLY D 245 64.21 -6.91 5.17
N LEU D 246 65.22 -7.78 5.18
CA LEU D 246 65.56 -8.57 4.01
C LEU D 246 65.00 -9.99 4.15
N TYR D 247 64.49 -10.50 3.04
CA TYR D 247 63.65 -11.69 3.07
C TYR D 247 63.49 -12.23 1.66
N ASN D 248 63.18 -13.51 1.56
CA ASN D 248 62.96 -14.16 0.27
C ASN D 248 61.70 -15.00 0.33
N PRO D 249 60.75 -14.80 -0.59
CA PRO D 249 59.48 -15.54 -0.52
C PRO D 249 59.64 -17.05 -0.59
N MET D 250 60.59 -17.55 -1.40
CA MET D 250 60.76 -18.99 -1.53
C MET D 250 61.29 -19.61 -0.24
N GLN D 251 61.82 -18.78 0.66
CA GLN D 251 62.17 -19.26 1.99
C GLN D 251 60.91 -19.52 2.82
N VAL D 252 59.89 -18.67 2.68
CA VAL D 252 58.64 -18.84 3.43
C VAL D 252 57.96 -20.14 3.05
N ASN D 253 57.94 -20.46 1.76
CA ASN D 253 57.27 -21.66 1.28
C ASN D 253 58.17 -22.88 1.33
N GLY D 254 58.84 -23.12 2.47
CA GLY D 254 59.82 -24.18 2.54
C GLY D 254 59.37 -25.35 3.40
N ASN D 255 59.97 -26.51 3.15
CA ASN D 255 59.68 -27.73 3.89
C ASN D 255 60.63 -27.86 5.09
N LEU D 256 60.46 -26.99 6.08
CA LEU D 256 61.35 -26.96 7.24
C LEU D 256 61.03 -28.12 8.17
N GLY D 257 61.76 -29.23 8.02
CA GLY D 257 61.48 -30.42 8.78
C GLY D 257 61.63 -30.30 10.28
N SER D 258 62.72 -29.70 10.75
CA SER D 258 62.95 -29.58 12.19
C SER D 258 63.43 -28.18 12.55
N LEU D 259 63.40 -27.26 11.59
CA LEU D 259 63.79 -25.87 11.80
C LEU D 259 62.57 -24.97 11.91
N SER D 260 61.50 -25.45 12.53
CA SER D 260 60.23 -24.73 12.58
C SER D 260 60.18 -23.75 13.75
N SER D 261 61.26 -23.65 14.53
CA SER D 261 61.34 -22.70 15.62
C SER D 261 61.94 -21.38 15.18
N GLU D 262 62.33 -21.28 13.92
CA GLU D 262 62.95 -20.08 13.38
C GLU D 262 62.44 -19.77 11.97
N ALA D 263 61.20 -20.12 11.69
CA ALA D 263 60.63 -19.98 10.35
C ALA D 263 60.65 -18.52 9.89
N TYR D 264 59.92 -17.65 10.57
CA TYR D 264 59.94 -16.23 10.26
C TYR D 264 60.95 -15.47 11.11
N TYR D 265 61.67 -16.16 12.00
CA TYR D 265 62.59 -15.51 12.92
C TYR D 265 63.97 -15.44 12.29
N HIS D 266 64.25 -16.32 11.32
CA HIS D 266 65.60 -16.52 10.82
C HIS D 266 65.63 -16.32 9.30
N PRO D 267 66.00 -15.13 8.83
CA PRO D 267 65.99 -14.87 7.38
C PRO D 267 67.17 -15.52 6.65
N VAL D 268 66.99 -16.79 6.27
CA VAL D 268 68.06 -17.59 5.70
C VAL D 268 68.02 -17.51 4.18
N ILE D 269 69.19 -17.67 3.55
CA ILE D 269 69.32 -17.76 2.10
C ILE D 269 70.30 -18.89 1.80
N TRP D 270 70.27 -19.36 0.55
CA TRP D 270 71.02 -20.54 0.16
C TRP D 270 72.06 -20.21 -0.91
N GLY D 271 73.27 -20.75 -0.71
CA GLY D 271 74.31 -20.76 -1.72
C GLY D 271 74.51 -19.46 -2.47
N ARG D 272 74.26 -19.47 -3.77
CA ARG D 272 74.33 -18.27 -4.61
C ARG D 272 72.96 -17.71 -4.94
N ALA D 273 71.91 -18.20 -4.29
CA ALA D 273 70.55 -17.79 -4.64
C ALA D 273 70.34 -16.32 -4.29
N LEU D 274 69.27 -15.75 -4.85
CA LEU D 274 68.97 -14.34 -4.71
C LEU D 274 68.06 -14.11 -3.51
N ILE D 275 68.31 -13.01 -2.81
CA ILE D 275 67.44 -12.57 -1.72
C ILE D 275 66.90 -11.19 -2.08
N ASN D 276 65.59 -11.01 -1.88
CA ASN D 276 64.94 -9.79 -2.36
C ASN D 276 65.11 -8.64 -1.38
N THR D 277 65.19 -7.43 -1.93
CA THR D 277 65.21 -6.19 -1.17
C THR D 277 64.43 -5.13 -1.93
N THR D 278 63.96 -4.11 -1.20
CA THR D 278 63.18 -3.02 -1.75
C THR D 278 63.79 -1.71 -1.24
N LEU D 279 64.57 -1.04 -2.08
CA LEU D 279 65.21 0.21 -1.69
C LEU D 279 64.30 1.36 -2.05
N ILE D 280 64.02 2.23 -1.07
CA ILE D 280 63.22 3.41 -1.35
C ILE D 280 64.14 4.56 -1.73
N ASP D 281 64.05 4.99 -2.98
CA ASP D 281 64.97 6.00 -3.50
C ASP D 281 64.32 6.75 -4.66
N THR D 282 64.05 8.04 -4.45
CA THR D 282 63.49 8.86 -5.51
C THR D 282 64.19 10.21 -5.61
N TYR D 283 65.52 10.22 -5.66
CA TYR D 283 66.27 11.45 -5.87
C TYR D 283 66.68 11.63 -7.32
N ALA D 284 66.21 10.75 -8.20
CA ALA D 284 66.52 10.85 -9.63
C ALA D 284 65.34 10.32 -10.43
N SER D 285 65.34 10.61 -11.73
CA SER D 285 64.31 10.15 -12.63
C SER D 285 64.90 9.14 -13.61
N GLY D 286 64.13 8.11 -13.93
CA GLY D 286 64.59 7.08 -14.84
C GLY D 286 65.10 5.86 -14.10
N SER D 287 66.17 5.25 -14.63
CA SER D 287 66.77 4.08 -14.04
C SER D 287 67.85 4.48 -13.05
N VAL D 288 67.92 3.76 -11.94
CA VAL D 288 68.89 4.08 -10.88
C VAL D 288 69.81 2.89 -10.63
N PRO D 289 71.09 2.99 -10.99
CA PRO D 289 72.07 2.03 -10.47
C PRO D 289 72.14 2.07 -8.95
N PHE D 290 72.32 0.91 -8.35
CA PHE D 290 72.47 0.78 -6.90
C PHE D 290 73.65 -0.15 -6.62
N THR D 291 74.50 0.24 -5.67
CA THR D 291 75.62 -0.58 -5.25
C THR D 291 75.29 -1.26 -3.94
N PHE D 292 75.82 -2.47 -3.76
CA PHE D 292 75.60 -3.26 -2.56
C PHE D 292 76.94 -3.72 -2.00
N GLN D 293 77.05 -3.68 -0.68
CA GLN D 293 78.21 -4.19 0.03
C GLN D 293 77.75 -5.24 1.03
N LEU D 294 78.39 -6.41 0.98
CA LEU D 294 78.00 -7.57 1.77
C LEU D 294 79.15 -7.93 2.71
N ASN D 295 78.85 -8.08 3.99
CA ASN D 295 79.82 -8.44 5.01
C ASN D 295 79.48 -9.83 5.54
N TYR D 296 80.39 -10.77 5.37
CA TYR D 296 80.19 -12.15 5.81
C TYR D 296 81.02 -12.43 7.06
N SER D 297 80.36 -13.02 8.06
CA SER D 297 81.01 -13.40 9.30
C SER D 297 80.63 -14.84 9.64
N VAL D 298 81.51 -15.53 10.35
CA VAL D 298 81.31 -16.94 10.68
C VAL D 298 81.65 -17.18 12.15
N PRO D 299 80.80 -17.91 12.89
CA PRO D 299 81.11 -18.19 14.29
C PRO D 299 82.17 -19.27 14.45
N GLY D 300 83.43 -18.89 14.34
CA GLY D 300 84.54 -19.81 14.51
C GLY D 300 85.87 -19.19 14.16
N PRO D 301 86.89 -19.44 14.98
CA PRO D 301 88.21 -18.89 14.71
C PRO D 301 88.90 -19.64 13.58
N LEU D 302 89.19 -18.93 12.50
CA LEU D 302 89.52 -19.58 11.25
C LEU D 302 90.98 -20.03 11.25
N THR D 303 91.19 -21.34 11.25
CA THR D 303 92.53 -21.91 11.18
C THR D 303 92.99 -21.92 9.73
N ILE D 304 93.90 -21.02 9.39
CA ILE D 304 94.36 -20.84 8.02
C ILE D 304 95.76 -21.41 7.89
N ASN D 305 95.96 -22.23 6.86
CA ASN D 305 97.27 -22.65 6.40
C ASN D 305 97.65 -21.75 5.23
N MET D 306 98.82 -21.13 5.33
CA MET D 306 99.24 -20.10 4.37
C MET D 306 100.69 -20.29 4.01
N ALA D 307 100.99 -20.17 2.71
CA ALA D 307 102.32 -20.39 2.20
C ALA D 307 103.13 -19.10 2.21
N GLN D 308 104.45 -19.24 2.30
CA GLN D 308 105.35 -18.10 2.24
C GLN D 308 105.66 -17.78 0.78
N LEU D 309 104.98 -16.78 0.23
CA LEU D 309 105.23 -16.37 -1.14
C LEU D 309 106.61 -15.73 -1.27
N ALA D 310 107.09 -15.10 -0.19
CA ALA D 310 108.39 -14.46 -0.21
C ALA D 310 108.92 -14.31 1.21
N TRP D 311 110.25 -14.32 1.32
CA TRP D 311 110.95 -14.02 2.56
C TRP D 311 111.95 -12.91 2.29
N ILE D 312 111.83 -11.82 3.03
CA ILE D 312 112.71 -10.66 2.90
C ILE D 312 113.40 -10.44 4.23
N ALA D 313 114.72 -10.42 4.21
CA ALA D 313 115.51 -10.20 5.42
C ALA D 313 116.91 -9.75 5.03
N SER D 314 117.63 -9.17 5.99
CA SER D 314 119.00 -8.76 5.75
C SER D 314 119.92 -9.97 5.65
N ILE D 315 121.12 -9.74 5.11
CA ILE D 315 122.06 -10.83 4.92
C ILE D 315 122.50 -11.42 6.26
N ASN D 316 122.65 -10.58 7.28
CA ASN D 316 122.97 -11.08 8.61
C ASN D 316 121.76 -11.69 9.30
N ASN D 317 120.57 -11.14 9.09
CA ASN D 317 119.36 -11.67 9.69
C ASN D 317 119.01 -13.05 9.15
N LEU D 318 119.35 -13.33 7.89
CA LEU D 318 119.12 -14.65 7.33
C LEU D 318 120.09 -15.66 7.94
N PRO D 319 119.69 -16.92 8.09
CA PRO D 319 120.61 -17.93 8.60
C PRO D 319 121.77 -18.17 7.64
N THR D 320 122.89 -18.63 8.21
CA THR D 320 124.08 -18.88 7.40
C THR D 320 123.85 -19.99 6.38
N SER D 321 123.01 -20.98 6.71
CA SER D 321 122.75 -22.08 5.79
C SER D 321 121.40 -22.69 6.09
N PHE D 322 120.68 -23.04 5.03
CA PHE D 322 119.39 -23.74 5.15
C PHE D 322 119.04 -24.33 3.79
N THR D 323 117.98 -25.12 3.76
CA THR D 323 117.48 -25.76 2.55
C THR D 323 116.19 -25.08 2.11
N TYR D 324 116.10 -24.76 0.81
CA TYR D 324 114.95 -24.02 0.31
C TYR D 324 114.68 -24.42 -1.12
N LEU D 325 113.40 -24.37 -1.50
CA LEU D 325 112.98 -24.55 -2.88
C LEU D 325 111.65 -23.82 -3.06
N SER D 326 111.50 -23.12 -4.18
CA SER D 326 110.32 -22.29 -4.39
C SER D 326 109.06 -23.14 -4.48
N TYR D 327 107.96 -22.54 -4.06
CA TYR D 327 106.64 -23.17 -4.13
C TYR D 327 105.90 -22.63 -5.34
N LYS D 328 105.57 -23.52 -6.28
CA LYS D 328 104.86 -23.11 -7.48
C LYS D 328 103.45 -22.67 -7.13
N PHE D 329 102.97 -21.65 -7.83
CA PHE D 329 101.68 -21.04 -7.54
C PHE D 329 100.70 -21.31 -8.66
N SER D 330 99.48 -20.80 -8.50
CA SER D 330 98.38 -21.17 -9.40
C SER D 330 98.27 -20.20 -10.57
N ASN D 331 99.25 -19.29 -10.70
CA ASN D 331 99.24 -18.33 -11.80
C ASN D 331 100.62 -18.14 -12.41
N GLY D 332 101.54 -19.07 -12.18
CA GLY D 332 102.87 -18.97 -12.71
C GLY D 332 103.87 -18.26 -11.83
N TYR D 333 103.43 -17.70 -10.70
CA TYR D 333 104.34 -17.04 -9.79
C TYR D 333 105.10 -18.07 -8.99
N GLU D 334 106.22 -17.64 -8.41
CA GLU D 334 107.09 -18.53 -7.65
C GLU D 334 107.48 -17.86 -6.34
N SER D 335 107.79 -18.69 -5.35
CA SER D 335 108.32 -18.20 -4.09
C SER D 335 109.76 -17.72 -4.29
N PHE D 336 110.10 -16.61 -3.65
CA PHE D 336 111.41 -16.02 -3.82
C PHE D 336 111.91 -15.48 -2.49
N LEU D 337 113.22 -15.25 -2.43
CA LEU D 337 113.90 -14.76 -1.24
C LEU D 337 114.43 -13.36 -1.53
N GLY D 338 114.28 -12.46 -0.56
CA GLY D 338 114.79 -11.11 -0.69
C GLY D 338 115.96 -10.84 0.24
N ILE D 339 117.14 -10.69 -0.33
CA ILE D 339 118.34 -10.43 0.45
C ILE D 339 118.64 -8.93 0.40
N ILE D 340 118.73 -8.31 1.58
CA ILE D 340 119.04 -6.90 1.70
C ILE D 340 120.45 -6.76 2.24
N SER D 341 121.30 -6.05 1.49
CA SER D 341 122.70 -5.95 1.85
C SER D 341 123.23 -4.56 1.51
N ASN D 342 124.27 -4.15 2.24
CA ASN D 342 124.97 -2.93 1.88
C ASN D 342 125.88 -3.14 0.66
N SER D 343 126.25 -4.38 0.37
CA SER D 343 127.08 -4.68 -0.78
C SER D 343 126.35 -4.33 -2.07
N THR D 344 127.12 -3.86 -3.05
CA THR D 344 126.55 -3.49 -4.34
C THR D 344 126.15 -4.71 -5.15
N GLN D 345 126.66 -5.90 -4.80
CA GLN D 345 126.37 -7.12 -5.52
C GLN D 345 126.41 -8.30 -4.57
N LEU D 346 125.85 -9.42 -5.00
CA LEU D 346 126.06 -10.68 -4.31
C LEU D 346 127.00 -11.57 -5.10
N THR D 347 127.88 -12.27 -4.38
CA THR D 347 128.87 -13.14 -5.01
C THR D 347 128.69 -14.56 -4.50
N ALA D 348 128.66 -15.52 -5.43
CA ALA D 348 128.61 -16.93 -5.07
C ALA D 348 129.70 -17.70 -5.82
N GLY D 349 130.86 -17.07 -5.97
CA GLY D 349 131.93 -17.66 -6.78
C GLY D 349 131.90 -17.12 -8.20
N ALA D 350 131.54 -17.98 -9.15
CA ALA D 350 131.43 -17.55 -10.55
C ALA D 350 130.13 -16.77 -10.80
N LEU D 351 129.16 -16.89 -9.89
CA LEU D 351 127.88 -16.23 -10.08
C LEU D 351 127.84 -14.89 -9.35
N THR D 352 127.29 -13.88 -10.02
CA THR D 352 127.12 -12.56 -9.45
C THR D 352 125.67 -12.12 -9.60
N ILE D 353 125.18 -11.44 -8.57
CA ILE D 353 123.79 -10.99 -8.50
C ILE D 353 123.78 -9.46 -8.51
N ASN D 354 123.08 -8.89 -9.50
CA ASN D 354 123.02 -7.48 -9.79
C ASN D 354 121.85 -6.83 -9.05
N PRO D 355 121.80 -5.49 -8.97
CA PRO D 355 120.72 -4.84 -8.23
C PRO D 355 119.33 -5.10 -8.81
N SER D 356 118.53 -5.87 -8.08
CA SER D 356 117.10 -5.93 -8.35
C SER D 356 116.43 -4.63 -7.94
N GLY D 357 116.82 -4.08 -6.80
CA GLY D 357 116.36 -2.78 -6.39
C GLY D 357 117.28 -2.20 -5.34
N ASN D 358 117.11 -0.92 -5.05
CA ASN D 358 117.93 -0.27 -4.04
C ASN D 358 117.17 0.91 -3.46
N PHE D 359 117.56 1.29 -2.25
CA PHE D 359 116.95 2.44 -1.57
C PHE D 359 117.98 3.08 -0.67
N THR D 360 117.60 4.24 -0.13
CA THR D 360 118.49 5.03 0.72
C THR D 360 117.73 5.53 1.94
N ILE D 361 118.38 5.45 3.10
CA ILE D 361 117.85 5.98 4.36
C ILE D 361 118.96 6.77 5.03
N ASN D 362 118.71 8.06 5.27
CA ASN D 362 119.65 8.95 5.94
C ASN D 362 121.01 8.95 5.25
N GLY D 363 121.01 8.77 3.93
CA GLY D 363 122.22 8.75 3.14
C GLY D 363 122.84 7.37 2.97
N LYS D 364 122.46 6.39 3.78
CA LYS D 364 122.99 5.04 3.65
C LYS D 364 122.20 4.27 2.61
N LYS D 365 122.93 3.53 1.77
CA LYS D 365 122.33 2.83 0.64
C LYS D 365 122.23 1.34 0.94
N PHE D 366 121.11 0.75 0.55
CA PHE D 366 120.87 -0.68 0.71
C PHE D 366 120.33 -1.24 -0.60
N TYR D 367 120.69 -2.50 -0.88
CA TYR D 367 120.30 -3.18 -2.09
C TYR D 367 119.43 -4.39 -1.74
N VAL D 368 118.29 -4.50 -2.41
CA VAL D 368 117.35 -5.60 -2.22
C VAL D 368 117.40 -6.46 -3.47
N TYR D 369 117.70 -7.75 -3.29
CA TYR D 369 117.86 -8.68 -4.39
C TYR D 369 116.81 -9.77 -4.24
N LEU D 370 116.02 -9.99 -5.29
CA LEU D 370 114.91 -10.93 -5.25
C LEU D 370 115.23 -12.12 -6.14
N LEU D 371 115.35 -13.30 -5.53
CA LEU D 371 115.85 -14.49 -6.22
C LEU D 371 114.88 -15.65 -6.04
N VAL D 372 114.54 -16.32 -7.13
CA VAL D 372 113.68 -17.49 -7.08
C VAL D 372 114.54 -18.75 -7.02
N VAL D 373 114.33 -19.56 -6.01
CA VAL D 373 115.05 -20.83 -5.89
C VAL D 373 114.40 -21.86 -6.78
N GLY D 374 115.07 -22.18 -7.89
CA GLY D 374 114.49 -23.09 -8.86
C GLY D 374 115.46 -24.09 -9.44
N SER D 375 115.26 -24.44 -10.72
CA SER D 375 116.08 -25.45 -11.36
C SER D 375 117.30 -24.88 -12.06
N THR D 376 117.49 -23.57 -12.04
CA THR D 376 118.64 -22.95 -12.68
C THR D 376 118.84 -21.54 -12.14
N ASN D 377 120.02 -20.99 -12.40
CA ASN D 377 120.29 -19.59 -12.08
C ASN D 377 120.04 -18.74 -13.30
N SER D 378 119.15 -17.75 -13.16
CA SER D 378 118.74 -16.91 -14.28
C SER D 378 119.08 -15.46 -13.96
N THR D 379 119.76 -14.80 -14.89
CA THR D 379 120.02 -13.37 -14.80
C THR D 379 118.80 -12.52 -15.15
N THR D 380 117.98 -12.97 -16.11
CA THR D 380 116.81 -12.27 -16.60
C THR D 380 115.74 -12.18 -15.53
N PRO D 381 114.90 -11.14 -15.55
CA PRO D 381 113.76 -11.10 -14.62
C PRO D 381 112.78 -12.24 -14.90
N VAL D 382 112.50 -13.02 -13.86
CA VAL D 382 111.58 -14.14 -14.02
C VAL D 382 110.17 -13.73 -13.61
N GLU D 383 110.05 -12.90 -12.58
CA GLU D 383 108.77 -12.29 -12.23
C GLU D 383 109.04 -10.86 -11.77
N TYR D 384 107.99 -10.17 -11.33
CA TYR D 384 108.15 -8.78 -10.94
C TYR D 384 107.30 -8.49 -9.71
N VAL D 385 107.74 -7.52 -8.92
CA VAL D 385 106.90 -6.86 -7.94
C VAL D 385 106.69 -5.42 -8.41
N THR D 386 105.43 -5.05 -8.61
CA THR D 386 105.09 -3.78 -9.25
C THR D 386 105.00 -2.67 -8.22
N LYS D 387 104.86 -3.01 -6.95
CA LYS D 387 104.85 -2.03 -5.88
C LYS D 387 105.11 -2.70 -4.54
N LEU D 388 106.24 -2.38 -3.94
CA LEU D 388 106.59 -2.89 -2.62
C LEU D 388 107.14 -1.75 -1.76
N VAL D 389 106.58 -1.57 -0.58
CA VAL D 389 106.96 -0.48 0.30
C VAL D 389 107.71 -1.05 1.49
N VAL D 390 108.94 -0.58 1.70
CA VAL D 390 109.76 -0.96 2.84
C VAL D 390 109.63 0.13 3.90
N GLU D 391 109.41 -0.28 5.13
CA GLU D 391 109.21 0.63 6.25
C GLU D 391 110.44 0.64 7.15
N TYR D 392 110.71 1.81 7.72
CA TYR D 392 111.83 1.96 8.65
C TYR D 392 111.46 3.01 9.69
N PRO D 393 111.89 2.85 10.94
CA PRO D 393 111.61 3.87 11.95
C PRO D 393 112.37 5.16 11.65
N SER D 394 111.79 6.27 12.09
CA SER D 394 112.44 7.56 11.92
C SER D 394 113.67 7.65 12.84
N SER D 395 114.70 8.34 12.35
CA SER D 395 115.93 8.48 13.12
C SER D 395 115.75 9.37 14.34
N THR D 396 114.89 10.39 14.23
CA THR D 396 114.72 11.37 15.31
C THR D 396 113.41 11.20 16.06
N ASN D 397 112.37 10.67 15.43
CA ASN D 397 111.07 10.56 16.06
C ASN D 397 110.61 9.11 16.23
N PHE D 398 111.33 8.16 15.64
CA PHE D 398 110.98 6.73 15.71
C PHE D 398 109.56 6.47 15.22
N LEU D 399 109.17 7.19 14.17
CA LEU D 399 107.87 6.97 13.55
C LEU D 399 108.06 6.23 12.23
N PRO D 400 107.10 5.39 11.84
CA PRO D 400 107.25 4.63 10.60
C PRO D 400 107.37 5.54 9.39
N GLN D 401 108.27 5.16 8.47
CA GLN D 401 108.41 5.85 7.20
C GLN D 401 108.55 4.80 6.11
N GLY D 402 107.70 4.88 5.10
CA GLY D 402 107.68 3.89 4.04
C GLY D 402 108.16 4.48 2.74
N VAL D 403 109.01 3.72 2.04
CA VAL D 403 109.55 4.12 0.75
C VAL D 403 109.44 2.95 -0.21
N THR D 404 109.15 3.27 -1.48
CA THR D 404 109.08 2.25 -2.52
C THR D 404 110.47 1.99 -3.07
N VAL D 405 110.87 0.72 -3.12
CA VAL D 405 112.22 0.38 -3.59
C VAL D 405 112.31 0.63 -5.09
N THR D 406 113.40 1.27 -5.50
CA THR D 406 113.64 1.58 -6.90
C THR D 406 114.79 0.72 -7.41
N THR D 407 114.79 0.48 -8.72
CA THR D 407 115.85 -0.29 -9.34
C THR D 407 117.08 0.58 -9.57
N SER D 408 118.11 -0.01 -10.16
CA SER D 408 119.30 0.74 -10.55
C SER D 408 119.02 1.73 -11.67
N SER D 409 117.92 1.53 -12.40
CA SER D 409 117.51 2.45 -13.46
C SER D 409 116.32 3.30 -13.05
N ASN D 410 116.09 3.46 -11.74
CA ASN D 410 114.99 4.27 -11.22
C ASN D 410 113.64 3.76 -11.70
N LYS D 411 113.31 2.51 -11.37
CA LYS D 411 112.02 1.94 -11.69
C LYS D 411 111.41 1.33 -10.44
N TYR D 412 110.08 1.44 -10.34
CA TYR D 412 109.35 0.94 -9.19
C TYR D 412 108.86 -0.49 -9.37
N THR D 413 109.18 -1.12 -10.49
CA THR D 413 108.84 -2.53 -10.73
C THR D 413 110.11 -3.36 -10.58
N LEU D 414 110.31 -3.91 -9.39
CA LEU D 414 111.53 -4.68 -9.11
C LEU D 414 111.47 -6.04 -9.79
N PRO D 415 112.51 -6.40 -10.53
CA PRO D 415 112.58 -7.72 -11.14
C PRO D 415 112.96 -8.79 -10.11
N VAL D 416 112.58 -10.03 -10.39
CA VAL D 416 112.88 -11.17 -9.54
C VAL D 416 113.46 -12.27 -10.42
N TYR D 417 114.70 -12.66 -10.16
CA TYR D 417 115.39 -13.66 -10.96
C TYR D 417 115.27 -15.04 -10.33
N GLU D 418 115.99 -16.00 -10.91
CA GLU D 418 116.12 -17.33 -10.33
C GLU D 418 117.57 -17.64 -10.00
N ILE D 419 117.77 -18.38 -8.92
CA ILE D 419 119.03 -19.05 -8.62
C ILE D 419 118.72 -20.48 -8.25
N GLY D 420 119.71 -21.35 -8.40
CA GLY D 420 119.55 -22.74 -8.04
C GLY D 420 120.11 -23.64 -9.12
N GLY D 421 119.57 -24.85 -9.18
CA GLY D 421 120.01 -25.84 -10.12
C GLY D 421 119.37 -27.19 -9.84
N PRO D 422 120.10 -28.26 -10.12
CA PRO D 422 119.57 -29.61 -9.82
C PRO D 422 119.42 -29.84 -8.33
N ALA D 423 118.62 -30.84 -7.98
CA ALA D 423 118.38 -31.18 -6.58
C ALA D 423 119.70 -31.52 -5.88
N GLY D 424 119.88 -30.96 -4.69
CA GLY D 424 121.10 -31.16 -3.92
C GLY D 424 122.16 -30.10 -4.13
N THR D 425 121.97 -29.22 -5.11
CA THR D 425 122.95 -28.16 -5.35
C THR D 425 122.89 -27.12 -4.25
N THR D 426 124.07 -26.67 -3.81
CA THR D 426 124.19 -25.67 -2.77
C THR D 426 124.88 -24.43 -3.32
N ILE D 427 124.32 -23.26 -3.01
CA ILE D 427 124.84 -21.99 -3.48
C ILE D 427 125.10 -21.11 -2.27
N THR D 428 126.33 -20.59 -2.16
CA THR D 428 126.69 -19.73 -1.04
C THR D 428 126.80 -18.28 -1.50
N LEU D 429 125.78 -17.48 -1.18
CA LEU D 429 125.72 -16.08 -1.56
C LEU D 429 126.37 -15.24 -0.48
N THR D 430 127.34 -14.42 -0.87
CA THR D 430 128.08 -13.57 0.05
C THR D 430 127.71 -12.12 -0.20
N GLY D 431 127.25 -11.44 0.86
CA GLY D 431 126.93 -10.04 0.78
C GLY D 431 127.58 -9.25 1.90
N ASN D 432 127.25 -7.97 2.02
CA ASN D 432 127.81 -7.13 3.06
C ASN D 432 126.68 -6.41 3.78
N TRP D 433 126.67 -6.52 5.10
CA TRP D 433 125.79 -5.72 5.95
C TRP D 433 126.65 -4.63 6.58
N TYR D 434 126.45 -3.39 6.11
CA TYR D 434 127.35 -2.28 6.42
C TYR D 434 128.76 -2.69 6.01
N SER D 435 129.69 -2.83 6.95
CA SER D 435 131.05 -3.21 6.62
C SER D 435 131.33 -4.69 6.88
N THR D 436 130.33 -5.43 7.38
CA THR D 436 130.60 -6.82 7.76
C THR D 436 130.17 -7.77 6.65
N PRO D 437 131.08 -8.57 6.10
CA PRO D 437 130.68 -9.61 5.14
C PRO D 437 129.92 -10.73 5.82
N TYR D 438 128.89 -11.22 5.12
CA TYR D 438 128.05 -12.30 5.61
C TYR D 438 127.75 -13.26 4.47
N THR D 439 127.46 -14.51 4.83
CA THR D 439 127.22 -15.56 3.86
C THR D 439 125.93 -16.29 4.20
N VAL D 440 125.21 -16.69 3.14
CA VAL D 440 124.01 -17.50 3.28
C VAL D 440 124.10 -18.66 2.29
N GLN D 441 123.93 -19.87 2.79
CA GLN D 441 124.09 -21.08 1.96
C GLN D 441 122.72 -21.71 1.75
N ILE D 442 122.21 -21.61 0.52
CA ILE D 442 120.92 -22.19 0.20
C ILE D 442 121.11 -23.52 -0.52
N THR D 443 120.44 -24.55 -0.01
CA THR D 443 120.48 -25.88 -0.58
C THR D 443 119.23 -26.12 -1.41
N VAL D 444 119.42 -26.48 -2.67
CA VAL D 444 118.30 -26.75 -3.56
C VAL D 444 117.78 -28.15 -3.29
N GLY D 445 116.70 -28.25 -2.51
CA GLY D 445 116.13 -29.53 -2.18
C GLY D 445 115.38 -30.14 -3.34
N SER D 446 115.22 -31.47 -3.28
CA SER D 446 114.49 -32.19 -4.32
C SER D 446 112.99 -31.92 -4.25
N THR D 447 112.48 -31.47 -3.11
CA THR D 447 111.08 -31.14 -2.94
C THR D 447 110.99 -29.71 -2.42
N PRO D 448 109.89 -29.01 -2.69
CA PRO D 448 109.74 -27.63 -2.18
C PRO D 448 109.89 -27.59 -0.67
N THR D 449 110.95 -26.92 -0.21
CA THR D 449 111.22 -26.75 1.21
C THR D 449 110.69 -25.39 1.66
N LEU D 450 109.37 -25.23 1.62
CA LEU D 450 108.75 -23.95 1.93
C LEU D 450 108.28 -23.91 3.36
N THR D 451 108.29 -22.71 3.94
CA THR D 451 107.77 -22.48 5.28
C THR D 451 106.28 -22.15 5.19
N ASN D 452 105.47 -22.98 5.83
CA ASN D 452 104.01 -22.82 5.83
C ASN D 452 103.54 -22.52 7.24
N TYR D 453 102.66 -21.53 7.36
CA TYR D 453 102.16 -21.07 8.66
C TYR D 453 100.71 -21.50 8.82
N VAL D 454 100.43 -22.25 9.89
CA VAL D 454 99.08 -22.69 10.21
C VAL D 454 98.68 -22.02 11.52
N SER D 455 97.75 -21.07 11.46
CA SER D 455 97.42 -20.28 12.63
C SER D 455 95.93 -19.96 12.66
N GLN D 456 95.41 -19.79 13.87
CA GLN D 456 94.03 -19.37 14.07
C GLN D 456 93.96 -17.85 13.99
N ILE D 457 93.06 -17.35 13.14
CA ILE D 457 92.98 -15.94 12.83
C ILE D 457 91.53 -15.48 12.93
N LEU D 458 91.35 -14.21 13.31
CA LEU D 458 90.09 -13.47 13.17
C LEU D 458 89.90 -13.15 11.69
N LEU D 459 88.81 -13.66 11.13
CA LEU D 459 88.54 -13.38 9.72
C LEU D 459 87.07 -13.03 9.48
N LYS D 460 86.85 -12.14 8.53
CA LYS D 460 85.55 -11.81 7.98
C LYS D 460 85.75 -11.42 6.53
N ALA D 461 84.66 -11.21 5.79
CA ALA D 461 84.80 -10.90 4.38
C ALA D 461 83.90 -9.73 4.02
N VAL D 462 84.30 -8.97 3.01
CA VAL D 462 83.47 -7.91 2.45
C VAL D 462 83.55 -7.96 0.92
N ALA D 463 82.39 -7.93 0.29
CA ALA D 463 82.25 -8.06 -1.15
C ALA D 463 81.35 -6.95 -1.67
N TYR D 464 81.45 -6.69 -2.98
CA TYR D 464 80.70 -5.62 -3.61
C TYR D 464 79.93 -6.16 -4.79
N GLU D 465 78.83 -5.47 -5.11
CA GLU D 465 77.94 -5.84 -6.20
C GLU D 465 77.21 -4.59 -6.66
N GLY D 466 76.60 -4.66 -7.85
CA GLY D 466 75.82 -3.55 -8.36
C GLY D 466 74.72 -4.03 -9.28
N ILE D 467 73.67 -3.23 -9.37
CA ILE D 467 72.54 -3.58 -10.22
C ILE D 467 71.80 -2.30 -10.60
N ASN D 468 71.49 -2.17 -11.88
CA ASN D 468 70.64 -1.08 -12.35
C ASN D 468 69.19 -1.47 -12.14
N VAL D 469 68.45 -0.67 -11.38
CA VAL D 469 67.07 -1.00 -11.04
C VAL D 469 66.16 0.08 -11.61
N SER D 470 65.14 -0.35 -12.34
CA SER D 470 64.10 0.53 -12.85
C SER D 470 62.81 -0.26 -12.95
N THR D 471 62.00 -0.21 -11.89
CA THR D 471 60.78 -1.01 -11.83
C THR D 471 59.59 -0.10 -11.62
N THR D 472 58.41 -0.58 -12.01
CA THR D 472 57.18 0.18 -11.88
C THR D 472 56.57 0.03 -10.49
N GLN D 473 57.39 0.25 -9.46
CA GLN D 473 56.96 0.16 -8.08
C GLN D 473 57.43 1.35 -7.26
N SER D 474 57.69 2.48 -7.90
CA SER D 474 58.25 3.67 -7.26
C SER D 474 57.41 4.08 -6.05
N PRO D 475 58.05 4.43 -4.94
CA PRO D 475 59.49 4.60 -4.73
C PRO D 475 60.26 3.30 -4.50
N TYR D 476 59.58 2.17 -4.32
CA TYR D 476 60.29 0.90 -4.22
C TYR D 476 61.01 0.57 -5.51
N TYR D 477 62.34 0.55 -5.43
CA TYR D 477 63.19 -0.09 -6.42
C TYR D 477 63.42 -1.48 -5.84
N SER D 478 62.64 -2.45 -6.32
CA SER D 478 62.64 -3.80 -5.78
C SER D 478 63.43 -4.73 -6.67
N THR D 479 64.39 -5.44 -6.08
CA THR D 479 65.29 -6.29 -6.83
C THR D 479 65.72 -7.45 -5.95
N ALA D 480 66.58 -8.30 -6.49
CA ALA D 480 67.14 -9.42 -5.76
C ALA D 480 68.66 -9.40 -5.89
N ILE D 481 69.34 -9.54 -4.76
CA ILE D 481 70.79 -9.48 -4.71
C ILE D 481 71.34 -10.88 -4.50
N LEU D 482 72.49 -11.12 -5.12
CA LEU D 482 73.18 -12.40 -4.98
C LEU D 482 73.73 -12.56 -3.56
N SER D 483 73.76 -13.81 -3.09
CA SER D 483 74.38 -14.09 -1.80
C SER D 483 75.88 -13.88 -1.85
N THR D 484 76.52 -14.23 -2.97
CA THR D 484 77.94 -14.00 -3.17
C THR D 484 78.18 -13.66 -4.64
N PRO D 485 78.36 -12.39 -4.97
CA PRO D 485 78.54 -12.00 -6.37
C PRO D 485 79.94 -12.33 -6.85
N PRO D 486 80.13 -12.49 -8.16
CA PRO D 486 81.49 -12.72 -8.69
C PRO D 486 82.23 -11.40 -8.89
N SER D 487 82.78 -10.87 -7.81
CA SER D 487 83.46 -9.59 -7.82
C SER D 487 84.73 -9.70 -6.99
N GLU D 488 85.48 -8.59 -6.91
CA GLU D 488 86.64 -8.56 -6.04
C GLU D 488 86.20 -8.61 -4.58
N ILE D 489 86.35 -9.77 -3.96
CA ILE D 489 85.96 -9.99 -2.57
C ILE D 489 87.21 -9.85 -1.72
N SER D 490 87.19 -8.90 -0.79
CA SER D 490 88.33 -8.68 0.09
C SER D 490 88.02 -9.31 1.45
N ILE D 491 88.74 -10.38 1.78
CA ILE D 491 88.66 -10.96 3.11
C ILE D 491 89.58 -10.18 4.04
N THR D 492 88.99 -9.59 5.09
CA THR D 492 89.75 -8.82 6.08
C THR D 492 89.86 -9.67 7.33
N GLY D 493 90.81 -9.31 8.19
CA GLY D 493 91.02 -10.09 9.39
C GLY D 493 91.95 -9.40 10.35
N SER D 494 91.94 -9.88 11.58
CA SER D 494 92.73 -9.33 12.66
C SER D 494 93.58 -10.40 13.32
N SER D 495 94.77 -10.00 13.75
CA SER D 495 95.67 -10.82 14.53
C SER D 495 96.52 -9.89 15.39
N THR D 496 97.55 -10.43 16.02
CA THR D 496 98.43 -9.64 16.87
C THR D 496 99.86 -9.71 16.37
N ILE D 497 100.59 -8.61 16.54
CA ILE D 497 102.02 -8.57 16.30
C ILE D 497 102.71 -8.16 17.59
N THR D 498 103.74 -8.91 17.95
CA THR D 498 104.49 -8.64 19.16
C THR D 498 105.97 -8.55 18.82
N ALA D 499 106.70 -7.80 19.64
CA ALA D 499 108.13 -7.61 19.45
C ALA D 499 108.84 -7.77 20.79
N GLN D 500 109.79 -8.70 20.83
CA GLN D 500 110.66 -8.90 21.97
C GLN D 500 112.07 -8.49 21.58
N GLY D 501 112.83 -7.99 22.54
CA GLY D 501 114.17 -7.56 22.23
C GLY D 501 115.06 -7.54 23.46
N LYS D 502 116.35 -7.79 23.23
CA LYS D 502 117.38 -7.57 24.22
C LYS D 502 118.15 -6.32 23.81
N LEU D 503 118.30 -5.39 24.75
CA LEU D 503 118.89 -4.09 24.48
C LEU D 503 120.11 -3.87 25.37
N THR D 504 121.21 -3.49 24.72
CA THR D 504 122.43 -3.14 25.41
C THR D 504 122.78 -1.69 25.11
N ALA D 505 123.95 -1.26 25.57
CA ALA D 505 124.37 0.12 25.34
C ALA D 505 124.73 0.36 23.89
N THR D 506 125.35 -0.62 23.23
CA THR D 506 125.87 -0.43 21.88
C THR D 506 125.09 -1.18 20.80
N SER D 507 124.38 -2.24 21.16
CA SER D 507 123.66 -3.03 20.16
C SER D 507 122.41 -3.60 20.81
N ALA D 508 121.51 -4.11 19.98
CA ALA D 508 120.26 -4.68 20.47
C ALA D 508 119.76 -5.70 19.45
N SER D 509 119.40 -6.89 19.93
CA SER D 509 118.82 -7.92 19.08
C SER D 509 117.32 -8.02 19.33
N ALA D 510 116.59 -8.56 18.37
CA ALA D 510 115.14 -8.54 18.47
C ALA D 510 114.54 -9.72 17.72
N THR D 511 113.31 -10.06 18.10
CA THR D 511 112.47 -10.99 17.37
C THR D 511 111.06 -10.40 17.33
N VAL D 512 110.33 -10.72 16.27
CA VAL D 512 108.95 -10.26 16.12
C VAL D 512 108.08 -11.43 15.68
N ASN D 513 106.87 -11.47 16.24
CA ASN D 513 105.89 -12.49 15.92
C ASN D 513 104.65 -11.82 15.35
N LEU D 514 104.36 -12.12 14.08
CA LEU D 514 103.20 -11.59 13.39
C LEU D 514 102.39 -12.75 12.82
N LEU D 515 101.09 -12.53 12.65
CA LEU D 515 100.17 -13.53 12.12
C LEU D 515 100.08 -14.76 13.02
N THR D 516 100.40 -14.55 14.30
CA THR D 516 100.13 -15.46 15.41
C THR D 516 101.04 -16.68 15.43
N ASN D 517 101.78 -16.94 14.33
CA ASN D 517 102.83 -17.95 14.42
C ASN D 517 104.04 -17.62 13.56
N ALA D 518 103.99 -16.49 12.86
CA ALA D 518 105.08 -16.11 11.97
C ALA D 518 106.18 -15.38 12.74
N THR D 519 107.42 -15.77 12.50
CA THR D 519 108.54 -15.27 13.28
C THR D 519 109.58 -14.64 12.36
N LEU D 520 110.09 -13.48 12.78
CA LEU D 520 111.18 -12.80 12.11
C LEU D 520 112.24 -12.43 13.14
N THR D 521 113.50 -12.45 12.72
CA THR D 521 114.62 -12.24 13.61
C THR D 521 115.42 -11.02 13.17
N TYR D 522 116.12 -10.41 14.13
CA TYR D 522 116.98 -9.26 13.89
C TYR D 522 118.22 -9.43 14.76
N GLU D 523 119.37 -9.64 14.12
CA GLU D 523 120.63 -9.73 14.85
C GLU D 523 120.89 -8.41 15.59
N ASN D 524 121.88 -8.45 16.49
CA ASN D 524 122.17 -7.28 17.31
C ASN D 524 122.42 -6.06 16.44
N ILE D 525 121.51 -5.09 16.53
CA ILE D 525 121.53 -3.91 15.67
C ILE D 525 122.45 -2.86 16.32
N PRO D 526 123.52 -2.45 15.67
CA PRO D 526 124.42 -1.46 16.27
C PRO D 526 123.74 -0.10 16.38
N LEU D 527 124.43 0.83 17.04
CA LEU D 527 123.89 2.18 17.23
C LEU D 527 123.72 2.88 15.89
N THR D 528 122.61 3.62 15.78
CA THR D 528 122.24 4.40 14.60
C THR D 528 122.13 3.55 13.34
N GLN D 529 121.86 2.25 13.47
CA GLN D 529 121.82 1.36 12.33
C GLN D 529 120.46 0.68 12.22
N TYR D 530 120.18 0.17 11.01
CA TYR D 530 118.93 -0.50 10.70
C TYR D 530 119.16 -1.98 10.44
N SER D 531 118.06 -2.73 10.52
CA SER D 531 118.03 -4.15 10.18
C SER D 531 116.64 -4.49 9.69
N PHE D 532 116.57 -5.05 8.49
CA PHE D 532 115.30 -5.26 7.82
C PHE D 532 114.93 -6.74 7.81
N ASN D 533 113.63 -7.01 7.89
CA ASN D 533 113.12 -8.37 7.77
C ASN D 533 111.67 -8.27 7.32
N GLY D 534 111.08 -9.42 7.01
CA GLY D 534 109.69 -9.41 6.60
C GLY D 534 109.28 -10.64 5.83
N ILE D 535 107.99 -10.73 5.54
CA ILE D 535 107.42 -11.87 4.84
C ILE D 535 106.26 -11.43 3.96
N ILE D 536 106.12 -12.10 2.83
CA ILE D 536 104.92 -12.04 2.01
C ILE D 536 104.23 -13.39 2.12
N VAL D 537 102.96 -13.38 2.47
CA VAL D 537 102.22 -14.61 2.72
C VAL D 537 101.01 -14.68 1.78
N THR D 538 100.79 -15.86 1.22
CA THR D 538 99.66 -16.13 0.34
C THR D 538 98.82 -17.24 0.98
N PRO D 539 97.52 -17.28 0.70
CA PRO D 539 96.70 -18.38 1.22
C PRO D 539 97.22 -19.72 0.71
N GLY D 540 97.26 -20.70 1.61
CA GLY D 540 97.80 -22.00 1.27
C GLY D 540 96.86 -22.87 0.47
N TYR D 541 95.59 -22.47 0.35
CA TYR D 541 94.63 -23.23 -0.43
C TYR D 541 95.01 -23.20 -1.91
N ALA D 542 94.84 -24.35 -2.58
CA ALA D 542 95.26 -24.47 -3.97
C ALA D 542 94.24 -23.89 -4.93
N ALA D 543 93.74 -22.68 -4.66
CA ALA D 543 92.90 -21.96 -5.62
C ALA D 543 93.19 -20.46 -5.63
N ILE D 544 93.80 -19.93 -4.57
CA ILE D 544 94.16 -18.52 -4.53
C ILE D 544 95.61 -18.34 -4.09
N ASN D 545 96.37 -19.43 -4.06
CA ASN D 545 97.78 -19.37 -3.69
C ASN D 545 98.57 -18.69 -4.80
N GLY D 546 99.38 -17.70 -4.42
CA GLY D 546 100.16 -16.97 -5.40
C GLY D 546 99.35 -16.03 -6.26
N THR D 547 98.12 -15.74 -5.89
CA THR D 547 97.29 -14.75 -6.58
C THR D 547 96.98 -13.54 -5.72
N THR D 548 96.83 -13.70 -4.42
CA THR D 548 96.63 -12.60 -3.48
C THR D 548 97.49 -12.86 -2.27
N ALA D 549 97.97 -11.79 -1.65
CA ALA D 549 98.97 -11.93 -0.60
C ALA D 549 98.91 -10.73 0.36
N MET D 550 99.62 -10.88 1.46
CA MET D 550 99.92 -9.83 2.43
C MET D 550 101.43 -9.64 2.47
N ALA D 551 101.88 -8.41 2.25
CA ALA D 551 103.30 -8.08 2.34
C ALA D 551 103.55 -7.27 3.60
N TYR D 552 104.44 -7.78 4.46
CA TYR D 552 104.86 -7.09 5.67
C TYR D 552 106.37 -6.96 5.62
N VAL D 553 106.86 -5.72 5.62
CA VAL D 553 108.29 -5.43 5.63
C VAL D 553 108.59 -4.57 6.85
N ILE D 554 109.14 -5.19 7.88
CA ILE D 554 109.41 -4.54 9.16
C ILE D 554 110.90 -4.19 9.19
N GLY D 555 111.19 -2.89 9.26
CA GLY D 555 112.55 -2.47 9.55
C GLY D 555 112.70 -2.11 11.02
N ALA D 556 113.93 -2.22 11.52
CA ALA D 556 114.22 -1.92 12.91
C ALA D 556 115.44 -1.01 12.98
N LEU D 557 115.38 -0.06 13.92
CA LEU D 557 116.43 0.93 14.10
C LEU D 557 116.83 0.94 15.56
N TYR D 558 118.13 0.88 15.83
CA TYR D 558 118.63 0.96 17.19
C TYR D 558 119.33 2.30 17.38
N ASN D 559 119.00 2.98 18.49
CA ASN D 559 119.55 4.32 18.70
C ASN D 559 119.58 4.63 20.19
N LYS D 560 120.20 5.76 20.51
CA LYS D 560 120.27 6.27 21.88
C LYS D 560 120.19 7.79 21.85
N THR D 561 119.09 8.33 22.38
CA THR D 561 118.93 9.77 22.53
C THR D 561 119.03 10.08 24.02
N SER D 562 118.13 9.55 24.84
CA SER D 562 118.25 9.62 26.28
C SER D 562 118.18 8.24 26.90
N ASP D 563 117.46 7.32 26.27
CA ASP D 563 117.42 5.91 26.64
C ASP D 563 117.65 5.07 25.39
N TYR D 564 118.16 3.87 25.58
CA TYR D 564 118.39 2.95 24.46
C TYR D 564 117.05 2.55 23.86
N VAL D 565 116.83 2.90 22.59
CA VAL D 565 115.55 2.70 21.93
C VAL D 565 115.76 1.78 20.74
N LEU D 566 115.02 0.67 20.71
CA LEU D 566 114.94 -0.21 19.56
C LEU D 566 113.53 -0.09 18.98
N SER D 567 113.43 0.48 17.78
CA SER D 567 112.15 0.79 17.18
C SER D 567 111.91 -0.09 15.95
N PHE D 568 110.64 -0.44 15.74
CA PHE D 568 110.23 -1.27 14.62
C PHE D 568 109.12 -0.56 13.86
N ALA D 569 109.26 -0.53 12.54
CA ALA D 569 108.25 0.07 11.67
C ALA D 569 107.90 -0.94 10.58
N GLY D 570 106.62 -1.28 10.48
CA GLY D 570 106.18 -2.29 9.53
C GLY D 570 105.06 -1.84 8.62
N SER D 571 105.17 -2.18 7.34
CA SER D 571 104.13 -1.85 6.39
C SER D 571 103.16 -3.02 6.22
N GLN D 572 101.98 -2.72 5.70
CA GLN D 572 100.94 -3.74 5.49
C GLN D 572 100.39 -3.53 4.09
N GLU D 573 100.69 -4.47 3.18
CA GLU D 573 100.28 -4.29 1.79
C GLU D 573 99.45 -5.47 1.30
N PRO D 574 98.13 -5.33 1.17
CA PRO D 574 97.36 -6.29 0.39
C PRO D 574 97.85 -6.27 -1.05
N MET D 575 97.96 -7.44 -1.65
CA MET D 575 98.90 -7.59 -2.76
C MET D 575 98.25 -8.58 -3.73
N GLN D 576 98.47 -8.39 -5.03
CA GLN D 576 97.87 -9.32 -5.99
C GLN D 576 98.82 -9.62 -7.14
N VAL D 577 98.67 -10.78 -7.74
CA VAL D 577 99.54 -11.20 -8.83
C VAL D 577 98.74 -11.23 -10.13
N MET D 578 99.26 -10.56 -11.15
CA MET D 578 98.68 -10.66 -12.48
C MET D 578 99.78 -10.42 -13.51
N ASN D 579 99.76 -11.22 -14.59
CA ASN D 579 100.81 -11.21 -15.60
C ASN D 579 102.18 -11.53 -15.00
N ASN D 580 102.23 -12.38 -13.98
CA ASN D 580 103.44 -12.70 -13.20
C ASN D 580 104.02 -11.45 -12.54
N ASN D 581 103.27 -10.36 -12.52
CA ASN D 581 103.68 -9.15 -11.83
C ASN D 581 102.98 -9.11 -10.48
N LEU D 582 103.77 -8.95 -9.42
CA LEU D 582 103.25 -8.73 -8.08
C LEU D 582 102.93 -7.23 -7.97
N THR D 583 101.66 -6.88 -8.10
CA THR D 583 101.20 -5.50 -8.06
C THR D 583 100.39 -5.25 -6.79
N GLU D 584 100.65 -4.10 -6.16
CA GLU D 584 99.93 -3.76 -4.94
C GLU D 584 98.58 -3.16 -5.28
N VAL D 585 97.52 -3.71 -4.68
CA VAL D 585 96.19 -3.15 -4.83
C VAL D 585 96.06 -1.86 -4.04
N THR D 586 96.47 -1.90 -2.77
CA THR D 586 96.46 -0.73 -1.91
C THR D 586 97.36 -1.02 -0.71
N THR D 587 97.56 0.01 0.11
CA THR D 587 98.39 -0.11 1.30
C THR D 587 97.61 0.36 2.52
N LEU D 588 97.85 -0.31 3.66
CA LEU D 588 97.23 0.04 4.91
C LEU D 588 98.15 0.93 5.74
N ALA D 589 97.63 1.42 6.85
CA ALA D 589 98.41 2.30 7.71
C ALA D 589 99.58 1.52 8.33
N PRO D 590 100.81 2.00 8.19
CA PRO D 590 101.95 1.29 8.80
C PRO D 590 101.88 1.32 10.31
N PHE D 591 102.44 0.29 10.94
CA PHE D 591 102.42 0.16 12.39
C PHE D 591 103.82 0.37 12.94
N GLY D 592 103.89 0.76 14.21
CA GLY D 592 105.16 1.04 14.84
C GLY D 592 105.17 0.55 16.27
N LEU D 593 106.33 0.06 16.69
CA LEU D 593 106.54 -0.42 18.05
C LEU D 593 107.87 0.13 18.56
N THR D 594 107.96 0.32 19.87
CA THR D 594 109.15 0.88 20.49
C THR D 594 109.53 0.07 21.70
N LEU D 595 110.84 -0.08 21.91
CA LEU D 595 111.40 -0.70 23.11
C LEU D 595 112.38 0.27 23.72
N LEU D 596 112.04 0.80 24.90
CA LEU D 596 112.83 1.81 25.57
C LEU D 596 113.51 1.22 26.81
N ALA D 597 114.77 1.58 27.01
CA ALA D 597 115.53 1.03 28.12
C ALA D 597 116.46 2.09 28.70
N PRO D 598 116.20 2.57 29.92
CA PRO D 598 117.16 3.48 30.58
C PRO D 598 118.34 2.76 31.20
N SER D 599 118.28 1.44 31.36
CA SER D 599 119.37 0.66 31.91
C SER D 599 120.15 0.00 30.79
N VAL D 600 121.45 -0.21 31.01
CA VAL D 600 122.30 -0.76 29.96
C VAL D 600 121.86 -2.17 29.55
N PRO D 601 121.75 -3.14 30.45
CA PRO D 601 121.15 -4.42 30.04
C PRO D 601 119.65 -4.43 30.27
N ALA D 602 118.91 -4.78 29.22
CA ALA D 602 117.47 -4.79 29.39
C ALA D 602 116.83 -5.79 28.42
N THR D 603 115.64 -6.26 28.79
CA THR D 603 114.79 -7.03 27.92
C THR D 603 113.43 -6.33 27.85
N GLU D 604 113.00 -6.02 26.63
CA GLU D 604 111.79 -5.21 26.43
C GLU D 604 110.85 -5.94 25.48
N THR D 605 109.57 -5.59 25.58
CA THR D 605 108.54 -6.20 24.76
C THR D 605 107.47 -5.17 24.44
N GLY D 606 106.76 -5.40 23.35
CA GLY D 606 105.69 -4.54 22.91
C GLY D 606 104.73 -5.30 22.02
N THR D 607 103.55 -4.71 21.79
CA THR D 607 102.53 -5.38 21.01
C THR D 607 101.72 -4.35 20.25
N SER D 608 101.00 -4.83 19.23
CA SER D 608 100.18 -4.01 18.36
C SER D 608 99.20 -4.91 17.63
N PRO D 609 98.07 -4.37 17.16
CA PRO D 609 97.20 -5.15 16.27
C PRO D 609 97.83 -5.30 14.89
N LEU D 610 97.41 -6.35 14.19
CA LEU D 610 97.87 -6.62 12.83
C LEU D 610 96.66 -6.92 11.95
N GLN D 611 96.70 -6.38 10.73
CA GLN D 611 95.58 -6.48 9.81
C GLN D 611 95.95 -7.39 8.64
N LEU D 612 95.05 -8.31 8.33
CA LEU D 612 95.20 -9.27 7.25
C LEU D 612 94.17 -8.96 6.18
N GLU D 613 94.59 -9.01 4.92
CA GLU D 613 93.66 -8.65 3.85
C GLU D 613 93.99 -9.45 2.59
N PHE D 614 92.94 -9.85 1.89
CA PHE D 614 93.10 -10.61 0.65
C PHE D 614 92.03 -10.18 -0.33
N PHE D 615 92.41 -9.41 -1.36
CA PHE D 615 91.52 -9.11 -2.46
C PHE D 615 91.59 -10.26 -3.46
N THR D 616 90.68 -11.21 -3.33
CA THR D 616 90.71 -12.40 -4.17
C THR D 616 90.24 -12.06 -5.58
N VAL D 617 90.79 -12.80 -6.56
CA VAL D 617 90.37 -12.67 -7.95
C VAL D 617 88.89 -13.03 -8.04
N PRO D 618 88.07 -12.25 -8.75
CA PRO D 618 86.62 -12.51 -8.76
C PRO D 618 86.26 -13.93 -9.16
N SER D 619 86.94 -14.47 -10.17
CA SER D 619 86.62 -15.80 -10.67
C SER D 619 86.76 -16.84 -9.56
N THR D 620 87.75 -16.69 -8.69
CA THR D 620 87.93 -17.57 -7.55
C THR D 620 87.35 -17.02 -6.26
N SER D 621 86.82 -15.79 -6.27
CA SER D 621 86.43 -15.14 -5.02
C SER D 621 85.44 -15.98 -4.24
N TYR D 622 84.35 -16.41 -4.88
CA TYR D 622 83.40 -17.29 -4.20
C TYR D 622 84.09 -18.56 -3.72
N ILE D 623 84.91 -19.17 -4.57
CA ILE D 623 85.65 -20.37 -4.18
C ILE D 623 86.52 -20.07 -2.97
N ALA D 624 87.21 -18.92 -2.99
CA ALA D 624 88.00 -18.51 -1.84
C ALA D 624 87.12 -18.40 -0.59
N LEU D 625 85.91 -17.86 -0.76
CA LEU D 625 84.99 -17.77 0.37
C LEU D 625 84.69 -19.15 0.92
N VAL D 626 84.63 -20.17 0.06
CA VAL D 626 84.47 -21.53 0.55
C VAL D 626 85.78 -22.04 1.16
N ASP D 627 86.92 -21.68 0.54
CA ASP D 627 88.20 -22.18 1.01
C ASP D 627 88.52 -21.69 2.42
N PHE D 628 88.29 -20.41 2.69
CA PHE D 628 88.54 -19.87 4.02
C PHE D 628 87.48 -20.31 5.03
N GLY D 629 86.40 -20.92 4.57
CA GLY D 629 85.32 -21.32 5.46
C GLY D 629 84.39 -20.20 5.85
N LEU D 630 84.26 -19.17 5.01
CA LEU D 630 83.43 -18.01 5.30
C LEU D 630 82.04 -18.12 4.73
N TRP D 631 81.58 -19.33 4.41
CA TRP D 631 80.23 -19.54 3.89
C TRP D 631 79.75 -20.93 4.28
N GLY D 632 78.43 -21.10 4.28
CA GLY D 632 77.83 -22.38 4.61
C GLY D 632 76.59 -22.23 5.46
N ASN D 633 76.44 -23.12 6.44
CA ASN D 633 75.32 -23.06 7.37
C ASN D 633 75.62 -22.13 8.54
N LEU D 634 76.80 -21.51 8.55
CA LEU D 634 77.29 -20.78 9.73
C LEU D 634 77.24 -19.28 9.51
N THR D 635 77.42 -18.85 8.27
CA THR D 635 77.70 -17.45 7.97
C THR D 635 76.50 -16.56 8.22
N SER D 636 76.79 -15.29 8.52
CA SER D 636 75.81 -14.23 8.68
C SER D 636 76.25 -13.04 7.85
N VAL D 637 75.29 -12.42 7.16
CA VAL D 637 75.59 -11.42 6.14
C VAL D 637 74.92 -10.11 6.51
N THR D 638 75.73 -9.04 6.56
CA THR D 638 75.28 -7.66 6.66
C THR D 638 75.25 -7.04 5.28
N VAL D 639 74.22 -6.25 5.00
CA VAL D 639 73.99 -5.67 3.68
C VAL D 639 73.92 -4.15 3.83
N SER D 640 74.62 -3.44 2.95
CA SER D 640 74.54 -2.00 2.86
C SER D 640 74.32 -1.57 1.42
N ALA D 641 73.50 -0.54 1.23
CA ALA D 641 73.14 -0.07 -0.09
C ALA D 641 73.79 1.29 -0.35
N TYR D 642 73.89 1.63 -1.63
CA TYR D 642 74.58 2.84 -2.06
C TYR D 642 73.86 3.40 -3.28
N ASP D 643 73.38 4.63 -3.17
CA ASP D 643 72.79 5.32 -4.32
C ASP D 643 73.91 5.77 -5.25
N THR D 644 74.17 4.96 -6.27
CA THR D 644 75.32 5.17 -7.14
C THR D 644 75.18 6.44 -7.99
N VAL D 645 73.95 6.89 -8.25
CA VAL D 645 73.76 8.06 -9.09
C VAL D 645 73.95 9.35 -8.29
N ASN D 646 73.19 9.51 -7.21
CA ASN D 646 73.16 10.76 -6.47
C ASN D 646 73.87 10.68 -5.12
N ASN D 647 74.72 9.67 -4.92
CA ASN D 647 75.65 9.64 -3.79
C ASN D 647 74.97 9.66 -2.43
N LYS D 648 74.16 8.63 -2.16
CA LYS D 648 73.74 8.33 -0.80
C LYS D 648 74.13 6.91 -0.40
N LEU D 649 74.59 6.78 0.83
CA LEU D 649 74.87 5.50 1.45
C LEU D 649 73.76 5.18 2.44
N SER D 650 73.24 3.96 2.36
CA SER D 650 72.21 3.52 3.29
C SER D 650 72.83 3.30 4.67
N VAL D 651 72.50 4.21 5.60
CA VAL D 651 72.94 4.06 6.98
C VAL D 651 72.36 2.79 7.59
N ASN D 652 71.19 2.36 7.11
CA ASN D 652 70.63 1.09 7.50
C ASN D 652 71.45 -0.04 6.90
N LEU D 653 71.68 -1.08 7.70
CA LEU D 653 72.38 -2.27 7.25
C LEU D 653 71.45 -3.46 7.47
N GLY D 654 70.88 -3.99 6.39
CA GLY D 654 70.05 -5.16 6.50
C GLY D 654 70.86 -6.38 6.87
N TYR D 655 70.16 -7.48 7.14
CA TYR D 655 70.83 -8.69 7.60
C TYR D 655 70.12 -9.91 7.05
N PHE D 656 70.91 -10.95 6.80
CA PHE D 656 70.35 -12.28 6.59
C PHE D 656 71.43 -13.30 6.94
N TYR D 657 71.14 -14.56 6.66
CA TYR D 657 72.02 -15.64 7.06
C TYR D 657 72.14 -16.66 5.93
N GLY D 658 73.36 -17.16 5.74
CA GLY D 658 73.57 -18.25 4.83
C GLY D 658 73.37 -19.59 5.50
N ILE D 659 72.58 -20.45 4.84
CA ILE D 659 72.32 -21.80 5.32
C ILE D 659 72.05 -22.67 4.10
N VAL D 660 72.18 -23.98 4.28
CA VAL D 660 71.97 -24.94 3.21
C VAL D 660 70.91 -25.94 3.67
N ILE D 661 69.81 -26.02 2.93
CA ILE D 661 68.77 -27.02 3.16
C ILE D 661 68.91 -28.08 2.07
N PRO D 662 69.01 -29.36 2.41
CA PRO D 662 69.23 -30.38 1.40
C PRO D 662 67.99 -30.56 0.53
N PRO D 663 68.16 -30.65 -0.78
CA PRO D 663 67.01 -30.91 -1.66
C PRO D 663 66.30 -32.20 -1.31
N SER D 664 64.98 -32.22 -1.50
CA SER D 664 64.18 -33.41 -1.26
C SER D 664 63.35 -33.69 -2.50
N ILE D 665 62.60 -34.78 -2.46
CA ILE D 665 61.77 -35.20 -3.58
C ILE D 665 60.37 -35.54 -3.07
N SER D 666 59.38 -35.33 -3.93
CA SER D 666 58.00 -35.68 -3.57
C SER D 666 57.30 -36.21 -4.81
N THR D 667 56.74 -37.41 -4.66
CA THR D 667 56.09 -38.13 -5.74
C THR D 667 54.77 -38.68 -5.25
N ALA D 668 53.87 -38.98 -6.19
CA ALA D 668 52.56 -39.53 -5.89
C ALA D 668 52.23 -40.55 -6.97
N PRO D 669 51.28 -41.47 -6.70
CA PRO D 669 50.85 -42.40 -7.75
C PRO D 669 50.28 -41.66 -8.96
N TYR D 670 50.53 -42.21 -10.14
CA TYR D 670 50.20 -41.54 -11.39
C TYR D 670 49.11 -42.31 -12.12
N ASN D 671 48.10 -41.57 -12.61
CA ASN D 671 47.03 -42.19 -13.36
C ASN D 671 47.45 -42.39 -14.81
N TYR D 672 46.97 -43.50 -15.40
CA TYR D 672 47.26 -43.76 -16.81
C TYR D 672 46.60 -42.72 -17.71
N GLN D 673 45.50 -42.11 -17.25
CA GLN D 673 44.85 -41.05 -18.03
C GLN D 673 45.80 -39.91 -18.34
N ASN D 674 46.74 -39.62 -17.45
CA ASN D 674 47.71 -38.56 -17.66
C ASN D 674 48.76 -38.93 -18.70
N PHE D 675 48.58 -40.06 -19.40
CA PHE D 675 49.51 -40.50 -20.42
C PHE D 675 48.86 -40.70 -21.79
N ILE D 676 47.53 -40.69 -21.86
CA ILE D 676 46.82 -41.09 -23.07
C ILE D 676 46.58 -39.91 -24.00
N CYS D 677 45.84 -38.92 -23.53
CA CYS D 677 45.46 -37.81 -24.39
C CYS D 677 46.45 -36.65 -24.22
N PRO D 678 46.70 -35.88 -25.29
CA PRO D 678 47.71 -34.83 -25.21
C PRO D 678 47.18 -33.54 -24.56
N ASN D 679 46.40 -33.71 -23.50
CA ASN D 679 46.02 -32.61 -22.63
C ASN D 679 46.15 -33.02 -21.17
N ASN D 680 46.39 -34.31 -20.93
CA ASN D 680 46.61 -34.85 -19.60
C ASN D 680 48.07 -35.23 -19.47
N TYR D 681 48.74 -34.63 -18.49
CA TYR D 681 50.17 -34.84 -18.30
C TYR D 681 50.43 -35.13 -16.83
N VAL D 682 51.69 -35.44 -16.53
CA VAL D 682 52.09 -35.82 -15.19
C VAL D 682 52.89 -34.68 -14.57
N THR D 683 52.54 -34.31 -13.35
CA THR D 683 53.24 -33.25 -12.62
C THR D 683 54.10 -33.89 -11.52
N VAL D 684 55.39 -33.57 -11.55
CA VAL D 684 56.36 -34.10 -10.58
C VAL D 684 56.84 -32.94 -9.72
N THR D 685 56.84 -33.13 -8.41
CA THR D 685 57.20 -32.06 -7.47
C THR D 685 58.58 -32.33 -6.89
N ILE D 686 59.52 -31.45 -7.20
CA ILE D 686 60.91 -31.59 -6.77
C ILE D 686 61.24 -30.45 -5.81
N TYR D 687 61.79 -30.79 -4.65
CA TYR D 687 62.15 -29.79 -3.66
C TYR D 687 63.62 -29.45 -3.76
N ASP D 688 63.92 -28.23 -4.19
CA ASP D 688 65.30 -27.74 -4.24
C ASP D 688 65.28 -26.21 -4.24
N PRO D 689 65.29 -25.57 -3.07
CA PRO D 689 65.26 -24.11 -3.04
C PRO D 689 66.49 -23.47 -3.67
N ASP D 690 67.60 -24.21 -3.74
CA ASP D 690 68.90 -23.61 -3.97
C ASP D 690 69.17 -23.30 -5.43
N ALA D 691 68.39 -23.86 -6.36
CA ALA D 691 68.65 -23.68 -7.78
C ALA D 691 68.05 -22.38 -8.33
N VAL D 692 67.37 -21.59 -7.51
CA VAL D 692 66.73 -20.37 -7.98
C VAL D 692 67.78 -19.27 -8.08
N LEU D 693 67.96 -18.73 -9.28
CA LEU D 693 68.83 -17.57 -9.49
C LEU D 693 68.11 -16.44 -10.21
N ASP D 694 66.79 -16.54 -10.34
CA ASP D 694 65.97 -15.52 -10.97
C ASP D 694 64.53 -15.67 -10.49
N PRO D 695 64.20 -15.12 -9.32
CA PRO D 695 62.84 -15.33 -8.78
C PRO D 695 61.79 -14.40 -9.38
N TYR D 696 61.63 -14.46 -10.70
CA TYR D 696 60.59 -13.70 -11.38
C TYR D 696 60.23 -14.37 -12.69
N PRO D 697 59.04 -14.95 -12.82
CA PRO D 697 58.67 -15.62 -14.07
C PRO D 697 58.66 -14.63 -15.23
N SER D 698 58.99 -15.15 -16.42
CA SER D 698 59.08 -14.37 -17.65
C SER D 698 60.05 -13.19 -17.48
N GLY D 699 61.16 -13.45 -16.80
CA GLY D 699 62.18 -12.44 -16.58
C GLY D 699 63.57 -12.95 -16.87
N SER D 700 64.48 -12.01 -17.10
CA SER D 700 65.87 -12.33 -17.40
C SER D 700 66.75 -11.11 -17.16
N PHE D 701 68.05 -11.31 -17.03
CA PHE D 701 68.98 -10.20 -16.84
C PHE D 701 70.38 -10.63 -17.25
N THR D 702 71.25 -9.63 -17.44
CA THR D 702 72.64 -9.86 -17.82
C THR D 702 73.53 -9.19 -16.78
N THR D 703 74.84 -9.42 -16.89
CA THR D 703 75.78 -8.84 -15.95
C THR D 703 77.06 -8.45 -16.68
N SER D 704 77.81 -7.51 -16.10
CA SER D 704 79.06 -7.05 -16.67
C SER D 704 79.97 -6.53 -15.57
N SER D 705 81.27 -6.79 -15.73
CA SER D 705 82.27 -6.36 -14.76
C SER D 705 82.67 -4.91 -15.00
N LEU D 706 82.70 -4.14 -13.92
CA LEU D 706 82.97 -2.70 -13.98
C LEU D 706 83.63 -2.27 -12.69
N PRO D 707 84.36 -1.15 -12.70
CA PRO D 707 84.80 -0.55 -11.44
C PRO D 707 83.67 0.23 -10.79
N LEU D 708 83.07 -0.37 -9.76
CA LEU D 708 81.89 0.19 -9.10
C LEU D 708 82.31 1.19 -8.04
N LYS D 709 81.62 2.32 -8.02
CA LYS D 709 81.85 3.34 -6.99
C LYS D 709 81.04 3.03 -5.75
N TYR D 710 81.71 3.02 -4.60
CA TYR D 710 81.05 2.78 -3.32
C TYR D 710 81.82 3.51 -2.24
N GLY D 711 81.09 4.11 -1.30
CA GLY D 711 81.73 4.87 -0.24
C GLY D 711 82.54 6.02 -0.81
N ASN D 712 83.87 5.85 -0.82
CA ASN D 712 84.76 6.83 -1.41
C ASN D 712 85.80 6.18 -2.31
N MET D 713 85.51 5.02 -2.88
CA MET D 713 86.49 4.31 -3.69
C MET D 713 85.79 3.41 -4.69
N ASN D 714 86.54 3.02 -5.72
CA ASN D 714 86.04 2.16 -6.78
C ASN D 714 86.67 0.78 -6.64
N ILE D 715 85.83 -0.25 -6.63
CA ILE D 715 86.27 -1.63 -6.50
C ILE D 715 85.66 -2.43 -7.65
N THR D 716 86.40 -3.40 -8.17
CA THR D 716 85.89 -4.25 -9.24
C THR D 716 84.64 -4.97 -8.76
N GLY D 717 83.58 -4.95 -9.57
CA GLY D 717 82.32 -5.56 -9.21
C GLY D 717 81.53 -5.90 -10.44
N ALA D 718 80.33 -6.45 -10.22
CA ALA D 718 79.45 -6.87 -11.29
C ALA D 718 78.18 -6.03 -11.25
N VAL D 719 77.92 -5.29 -12.32
CA VAL D 719 76.68 -4.55 -12.48
C VAL D 719 75.71 -5.44 -13.26
N ILE D 720 74.51 -5.60 -12.72
CA ILE D 720 73.48 -6.43 -13.35
C ILE D 720 72.48 -5.51 -14.05
N PHE D 721 72.29 -5.75 -15.35
CA PHE D 721 71.37 -4.97 -16.18
C PHE D 721 70.13 -5.81 -16.48
N PRO D 722 68.94 -5.35 -16.12
CA PRO D 722 67.72 -6.07 -16.50
C PRO D 722 67.53 -6.07 -18.00
N GLY D 723 66.91 -7.13 -18.51
CA GLY D 723 66.69 -7.29 -19.93
C GLY D 723 67.26 -8.60 -20.44
N SER D 724 67.57 -8.62 -21.73
CA SER D 724 68.10 -9.83 -22.35
C SER D 724 69.22 -9.52 -23.33
N SER D 725 69.95 -8.44 -23.09
CA SER D 725 71.04 -8.01 -23.96
C SER D 725 72.32 -7.86 -23.15
N VAL D 726 73.40 -8.47 -23.61
CA VAL D 726 74.71 -8.33 -22.99
C VAL D 726 75.46 -7.21 -23.69
N TYR D 727 75.85 -6.20 -22.91
CA TYR D 727 76.50 -5.00 -23.40
C TYR D 727 77.99 -5.03 -23.08
N ASN D 728 78.69 -3.97 -23.48
CA ASN D 728 80.09 -3.74 -23.12
C ASN D 728 80.22 -2.31 -22.62
N PRO D 729 79.91 -2.05 -21.36
CA PRO D 729 79.98 -0.68 -20.83
C PRO D 729 81.42 -0.22 -20.67
N SER D 730 81.59 1.07 -20.44
CA SER D 730 82.91 1.67 -20.31
C SER D 730 82.83 2.79 -19.27
N GLY D 731 83.97 3.42 -19.00
CA GLY D 731 84.03 4.51 -18.05
C GLY D 731 84.01 4.05 -16.62
N VAL D 732 83.95 5.01 -15.69
CA VAL D 732 83.93 4.72 -14.27
C VAL D 732 82.48 4.72 -13.80
N PHE D 733 82.05 3.59 -13.22
CA PHE D 733 80.67 3.45 -12.77
C PHE D 733 80.36 4.47 -11.68
N GLY D 734 79.20 5.12 -11.79
CA GLY D 734 78.78 6.10 -10.82
C GLY D 734 79.17 7.53 -11.16
N TYR D 735 79.66 7.77 -12.37
CA TYR D 735 80.07 9.11 -12.77
C TYR D 735 79.54 9.38 -14.18
N SER D 736 79.93 10.52 -14.74
CA SER D 736 79.62 10.84 -16.13
C SER D 736 80.50 10.06 -17.10
N ASN D 737 81.59 9.46 -16.63
CA ASN D 737 82.44 8.64 -17.49
C ASN D 737 81.75 7.34 -17.88
N PHE D 738 80.91 6.80 -17.00
CA PHE D 738 80.21 5.55 -17.29
C PHE D 738 79.23 5.75 -18.44
N ASN D 739 79.28 4.83 -19.41
CA ASN D 739 78.36 4.85 -20.54
C ASN D 739 78.36 3.47 -21.16
N LYS D 740 77.22 2.78 -21.09
CA LYS D 740 77.11 1.46 -21.68
C LYS D 740 76.91 1.57 -23.18
N GLY D 741 77.64 0.76 -23.94
CA GLY D 741 77.61 0.81 -25.38
C GLY D 741 76.49 -0.03 -25.97
N ALA D 742 76.63 -0.33 -27.26
CA ALA D 742 75.63 -1.15 -27.94
C ALA D 742 75.67 -2.58 -27.41
N ALA D 743 74.54 -3.27 -27.55
CA ALA D 743 74.43 -4.65 -27.10
C ALA D 743 75.40 -5.53 -27.88
N VAL D 744 76.40 -6.08 -27.17
CA VAL D 744 77.34 -6.98 -27.82
C VAL D 744 76.62 -8.21 -28.33
N THR D 745 75.71 -8.76 -27.52
CA THR D 745 74.85 -9.84 -27.99
C THR D 745 73.46 -9.63 -27.43
N THR D 746 72.47 -10.25 -28.07
CA THR D 746 71.08 -10.17 -27.64
C THR D 746 70.53 -11.58 -27.49
N PHE D 747 70.30 -11.98 -26.24
CA PHE D 747 69.74 -13.29 -25.95
C PHE D 747 68.22 -13.25 -26.09
N THR D 748 67.67 -14.18 -26.86
CA THR D 748 66.22 -14.20 -27.05
C THR D 748 65.73 -15.63 -26.95
N TYR D 749 64.70 -15.85 -26.13
CA TYR D 749 64.05 -17.14 -26.04
C TYR D 749 62.98 -17.22 -27.12
N THR D 750 63.25 -18.02 -28.15
CA THR D 750 62.40 -18.11 -29.33
C THR D 750 62.04 -19.57 -29.59
N ALA D 751 60.94 -19.77 -30.30
CA ALA D 751 60.59 -21.12 -30.74
C ALA D 751 61.59 -21.60 -31.79
N GLN D 752 61.96 -22.87 -31.70
CA GLN D 752 62.93 -23.46 -32.61
C GLN D 752 62.22 -24.41 -33.56
N SER D 753 62.53 -24.29 -34.85
CA SER D 753 61.93 -25.11 -35.88
C SER D 753 62.40 -26.56 -35.78
N GLY D 754 61.89 -27.41 -36.67
CA GLY D 754 62.24 -28.82 -36.65
C GLY D 754 61.29 -29.62 -35.79
N PRO D 755 61.81 -30.63 -35.10
CA PRO D 755 60.96 -31.45 -34.22
C PRO D 755 60.32 -30.61 -33.13
N PHE D 756 59.04 -30.87 -32.88
CA PHE D 756 58.28 -30.22 -31.80
C PHE D 756 58.31 -28.71 -31.94
N SER D 757 58.17 -27.99 -30.83
CA SER D 757 58.23 -26.52 -30.83
C SER D 757 58.71 -26.03 -29.48
N PRO D 758 59.98 -26.25 -29.16
CA PRO D 758 60.51 -25.78 -27.87
C PRO D 758 60.84 -24.30 -27.92
N VAL D 759 60.86 -23.68 -26.74
CA VAL D 759 61.32 -22.31 -26.57
C VAL D 759 62.73 -22.36 -26.02
N ALA D 760 63.69 -21.94 -26.84
CA ALA D 760 65.10 -22.10 -26.48
C ALA D 760 65.83 -20.79 -26.70
N LEU D 761 67.00 -20.69 -26.08
CA LEU D 761 67.80 -19.47 -26.14
C LEU D 761 68.50 -19.33 -27.50
N THR D 762 68.63 -18.09 -27.94
CA THR D 762 69.36 -17.75 -29.14
C THR D 762 70.27 -16.56 -28.83
N GLY D 763 71.51 -16.66 -29.31
CA GLY D 763 72.54 -15.67 -29.05
C GLY D 763 73.90 -16.32 -28.98
N ASN D 764 74.88 -15.53 -28.53
CA ASN D 764 76.25 -16.00 -28.40
C ASN D 764 76.43 -16.67 -27.05
N THR D 765 76.60 -18.00 -27.06
CA THR D 765 76.77 -18.76 -25.84
C THR D 765 78.03 -18.39 -25.07
N ASN D 766 78.99 -17.74 -25.72
CA ASN D 766 80.20 -17.29 -25.03
C ASN D 766 79.86 -16.33 -23.90
N TYR D 767 78.68 -15.70 -23.96
CA TYR D 767 78.22 -14.78 -22.93
C TYR D 767 77.16 -15.39 -22.03
N LEU D 768 77.05 -16.73 -21.99
CA LEU D 768 76.17 -17.35 -21.01
C LEU D 768 76.62 -17.05 -19.59
N SER D 769 77.92 -16.88 -19.38
CA SER D 769 78.46 -16.44 -18.09
C SER D 769 78.02 -15.03 -17.73
N GLN D 770 77.56 -14.26 -18.72
CA GLN D 770 77.03 -12.93 -18.45
C GLN D 770 75.52 -12.88 -18.61
N TYR D 771 74.83 -14.02 -18.55
CA TYR D 771 73.40 -14.09 -18.78
C TYR D 771 72.76 -14.98 -17.72
N ALA D 772 71.60 -14.55 -17.23
CA ALA D 772 70.85 -15.32 -16.23
C ALA D 772 69.37 -15.24 -16.53
N ASP D 773 68.68 -16.36 -16.32
CA ASP D 773 67.27 -16.50 -16.64
C ASP D 773 66.58 -17.28 -15.52
N ASN D 774 65.26 -17.45 -15.68
CA ASN D 774 64.49 -18.29 -14.77
C ASN D 774 64.96 -19.74 -14.79
N ASN D 775 65.53 -20.18 -15.91
CA ASN D 775 65.98 -21.55 -16.07
C ASN D 775 67.23 -21.80 -15.24
N PRO D 776 67.24 -22.79 -14.35
CA PRO D 776 68.46 -23.10 -13.59
C PRO D 776 69.47 -23.94 -14.35
N THR D 777 69.21 -24.29 -15.61
CA THR D 777 70.12 -25.08 -16.43
C THR D 777 71.07 -24.21 -17.24
N ASP D 778 71.07 -22.90 -17.00
CA ASP D 778 72.05 -22.01 -17.59
C ASP D 778 72.55 -20.97 -16.58
N ASN D 779 72.02 -20.99 -15.36
CA ASN D 779 72.42 -20.02 -14.35
C ASN D 779 73.74 -20.36 -13.68
N TYR D 780 74.23 -21.59 -13.83
CA TYR D 780 75.54 -21.94 -13.29
C TYR D 780 76.68 -21.27 -14.05
N TYR D 781 76.41 -20.74 -15.25
CA TYR D 781 77.39 -19.90 -15.93
C TYR D 781 77.62 -18.57 -15.22
N PHE D 782 76.64 -18.11 -14.44
CA PHE D 782 76.62 -16.72 -13.99
C PHE D 782 77.84 -16.36 -13.15
N ILE D 783 78.21 -17.20 -12.19
CA ILE D 783 79.30 -16.90 -11.29
C ILE D 783 80.50 -17.83 -11.50
N GLN D 784 80.29 -19.14 -11.48
CA GLN D 784 81.38 -20.11 -11.56
C GLN D 784 81.62 -20.48 -13.02
N THR D 785 82.37 -19.61 -13.70
CA THR D 785 82.75 -19.82 -15.10
C THR D 785 84.15 -19.29 -15.31
N VAL D 786 85.07 -20.17 -15.71
CA VAL D 786 86.44 -19.79 -16.03
C VAL D 786 86.78 -20.38 -17.39
N ASN D 787 87.57 -19.63 -18.17
CA ASN D 787 88.01 -20.02 -19.51
C ASN D 787 86.84 -20.29 -20.45
N GLY D 788 85.70 -19.63 -20.23
CA GLY D 788 84.55 -19.79 -21.11
C GLY D 788 83.71 -21.02 -20.84
N MET D 789 84.02 -21.78 -19.80
CA MET D 789 83.24 -22.97 -19.47
C MET D 789 82.73 -22.84 -18.03
N PRO D 790 81.53 -23.34 -17.74
CA PRO D 790 80.97 -23.18 -16.39
C PRO D 790 81.58 -24.19 -15.42
N VAL D 791 82.08 -23.67 -14.30
CA VAL D 791 82.59 -24.55 -13.26
C VAL D 791 81.44 -25.33 -12.61
N LEU D 792 80.32 -24.65 -12.36
CA LEU D 792 79.17 -25.24 -11.71
C LEU D 792 78.25 -25.85 -12.76
N MET D 793 77.54 -26.91 -12.36
CA MET D 793 76.55 -27.55 -13.21
C MET D 793 75.33 -27.90 -12.37
N GLY D 794 74.36 -26.99 -12.31
CA GLY D 794 73.18 -27.19 -11.51
C GLY D 794 71.90 -27.13 -12.33
N GLY D 795 70.79 -27.21 -11.62
CA GLY D 795 69.49 -27.16 -12.25
C GLY D 795 68.86 -28.53 -12.46
N LEU D 796 67.90 -28.55 -13.38
CA LEU D 796 67.20 -29.77 -13.72
C LEU D 796 68.02 -30.60 -14.70
N SER D 797 67.86 -31.92 -14.63
CA SER D 797 68.43 -32.83 -15.60
C SER D 797 67.48 -34.00 -15.78
N ILE D 798 67.44 -34.54 -16.99
CA ILE D 798 66.44 -35.53 -17.35
C ILE D 798 67.14 -36.67 -18.11
N VAL D 799 66.79 -37.89 -17.76
CA VAL D 799 67.22 -39.07 -18.50
C VAL D 799 65.97 -39.90 -18.79
N ALA D 800 66.05 -40.71 -19.83
CA ALA D 800 64.86 -41.44 -20.26
C ALA D 800 65.27 -42.79 -20.81
N SER D 801 64.49 -43.81 -20.46
CA SER D 801 64.76 -45.19 -20.81
C SER D 801 63.45 -45.85 -21.22
N PRO D 802 63.49 -46.99 -21.94
CA PRO D 802 64.65 -47.77 -22.40
C PRO D 802 65.45 -47.08 -23.48
N VAL D 803 64.81 -46.29 -24.34
CA VAL D 803 65.55 -45.55 -25.35
C VAL D 803 66.34 -44.46 -24.64
N SER D 804 67.66 -44.66 -24.55
CA SER D 804 68.51 -43.78 -23.76
C SER D 804 68.49 -42.38 -24.34
N ALA D 805 67.87 -41.45 -23.60
CA ALA D 805 67.86 -40.05 -23.99
C ALA D 805 68.22 -39.22 -22.77
N SER D 806 68.79 -38.04 -23.02
CA SER D 806 69.26 -37.23 -21.90
C SER D 806 69.25 -35.75 -22.23
N LEU D 807 69.04 -34.92 -21.21
CA LEU D 807 69.14 -33.48 -21.30
C LEU D 807 69.69 -32.96 -19.98
N PRO D 808 70.60 -31.97 -20.03
CA PRO D 808 71.17 -31.30 -21.21
C PRO D 808 72.00 -32.22 -22.11
N SER D 809 71.74 -32.17 -23.41
CA SER D 809 72.46 -32.97 -24.38
C SER D 809 73.61 -32.15 -24.98
N SER D 810 74.58 -32.85 -25.52
CA SER D 810 75.73 -32.20 -26.17
C SER D 810 75.32 -31.49 -27.45
N THR D 811 74.15 -31.79 -27.99
CA THR D 811 73.65 -31.15 -29.20
C THR D 811 72.79 -29.92 -28.91
N SER D 812 72.51 -29.64 -27.64
CA SER D 812 71.68 -28.51 -27.27
C SER D 812 72.46 -27.59 -26.34
N SER D 813 72.46 -26.30 -26.68
CA SER D 813 73.13 -25.32 -25.84
C SER D 813 72.33 -25.08 -24.56
N PRO D 814 72.99 -24.64 -23.48
CA PRO D 814 72.27 -24.34 -22.23
C PRO D 814 71.15 -23.33 -22.44
N GLY D 815 70.01 -23.59 -21.81
CA GLY D 815 68.85 -22.73 -21.98
C GLY D 815 67.89 -23.23 -23.04
N PHE D 816 67.83 -24.54 -23.24
CA PHE D 816 67.03 -25.11 -24.32
C PHE D 816 65.56 -25.27 -23.94
N MET D 817 65.17 -24.92 -22.70
CA MET D 817 63.77 -24.71 -22.39
C MET D 817 63.61 -23.31 -21.80
N TYR D 818 62.36 -22.92 -21.58
CA TYR D 818 62.06 -21.67 -20.90
C TYR D 818 61.35 -21.97 -19.59
N LEU D 819 61.89 -22.93 -18.83
CA LEU D 819 61.28 -23.35 -17.57
C LEU D 819 61.12 -22.18 -16.62
N LEU D 820 59.92 -22.03 -16.08
CA LEU D 820 59.61 -20.96 -15.15
C LEU D 820 59.35 -21.54 -13.76
N PRO D 821 59.95 -20.97 -12.72
CA PRO D 821 59.72 -21.47 -11.37
C PRO D 821 58.28 -21.22 -10.92
N SER D 822 57.83 -22.07 -10.01
CA SER D 822 56.47 -21.94 -9.49
C SER D 822 56.30 -20.60 -8.78
N ALA D 823 55.16 -19.98 -8.99
CA ALA D 823 54.89 -18.66 -8.42
C ALA D 823 54.72 -18.76 -6.90
N ALA D 824 55.11 -17.68 -6.21
CA ALA D 824 54.97 -17.63 -4.77
C ALA D 824 53.50 -17.61 -4.38
N GLN D 825 53.17 -18.29 -3.29
CA GLN D 825 51.79 -18.42 -2.85
C GLN D 825 51.35 -17.23 -1.98
N VAL D 826 50.19 -17.37 -1.36
CA VAL D 826 49.58 -16.25 -0.63
C VAL D 826 50.43 -15.75 0.53
N PRO D 827 50.89 -16.61 1.47
CA PRO D 827 51.59 -16.08 2.64
C PRO D 827 52.90 -15.39 2.33
N SER D 828 53.46 -15.59 1.14
CA SER D 828 54.67 -14.89 0.73
C SER D 828 54.38 -13.40 0.59
N PRO D 829 55.27 -12.54 1.11
CA PRO D 829 55.05 -11.09 0.98
C PRO D 829 55.16 -10.59 -0.46
N LEU D 830 55.74 -11.42 -1.33
CA LEU D 830 55.85 -11.10 -2.75
C LEU D 830 55.29 -12.26 -3.56
N PRO D 831 53.96 -12.31 -3.73
CA PRO D 831 53.37 -13.40 -4.51
C PRO D 831 53.83 -13.36 -5.97
N GLY D 832 53.94 -14.55 -6.56
CA GLY D 832 54.33 -14.67 -7.95
C GLY D 832 55.77 -14.31 -8.23
N MET D 833 56.70 -14.70 -7.35
CA MET D 833 58.12 -14.52 -7.58
C MET D 833 58.78 -15.87 -7.79
N ALA D 834 58.72 -16.73 -6.78
CA ALA D 834 59.39 -18.01 -6.83
C ALA D 834 58.86 -18.94 -5.76
N THR D 835 59.19 -20.22 -5.90
CA THR D 835 58.79 -21.26 -4.97
C THR D 835 59.81 -22.39 -5.08
N PRO D 836 60.33 -22.88 -3.94
CA PRO D 836 61.32 -23.97 -3.99
C PRO D 836 60.77 -25.24 -4.62
N ASN D 837 59.46 -25.45 -4.59
CA ASN D 837 58.86 -26.60 -5.26
C ASN D 837 58.87 -26.37 -6.77
N TYR D 838 59.37 -27.36 -7.50
CA TYR D 838 59.39 -27.34 -8.96
C TYR D 838 58.38 -28.35 -9.45
N ASN D 839 57.35 -27.86 -10.14
CA ASN D 839 56.30 -28.70 -10.72
C ASN D 839 56.63 -28.89 -12.19
N LEU D 840 57.05 -30.10 -12.56
CA LEU D 840 57.49 -30.41 -13.91
C LEU D 840 56.40 -31.17 -14.63
N ASN D 841 56.09 -30.74 -15.86
CA ASN D 841 55.05 -31.36 -16.67
C ASN D 841 55.67 -32.33 -17.68
N ILE D 842 55.20 -33.56 -17.66
CA ILE D 842 55.81 -34.66 -18.40
C ILE D 842 54.74 -35.38 -19.21
N TYR D 843 55.03 -35.65 -20.48
CA TYR D 843 54.26 -36.56 -21.32
C TYR D 843 55.12 -37.77 -21.65
N ILE D 844 54.60 -38.96 -21.40
CA ILE D 844 55.24 -40.21 -21.79
C ILE D 844 54.34 -40.89 -22.81
N THR D 845 54.90 -41.20 -23.98
CA THR D 845 54.07 -41.71 -25.07
C THR D 845 54.92 -42.56 -25.99
N TYR D 846 54.23 -43.27 -26.89
CA TYR D 846 54.85 -44.09 -27.92
C TYR D 846 54.43 -43.69 -29.32
N LYS D 847 53.38 -42.88 -29.47
CA LYS D 847 52.66 -42.78 -30.72
C LYS D 847 53.44 -42.01 -31.79
N ILE D 848 54.05 -40.88 -31.41
CA ILE D 848 54.74 -40.04 -32.37
C ILE D 848 56.21 -40.43 -32.50
N ASP D 849 56.62 -41.51 -31.83
CA ASP D 849 57.98 -42.03 -31.99
C ASP D 849 58.10 -42.72 -33.34
N GLY D 850 59.25 -42.55 -33.99
CA GLY D 850 59.48 -43.07 -35.31
C GLY D 850 58.97 -42.17 -36.42
N ALA D 851 58.33 -41.06 -36.08
CA ALA D 851 57.83 -40.14 -37.08
C ALA D 851 58.98 -39.38 -37.75
N THR D 852 58.68 -38.80 -38.90
CA THR D 852 59.66 -38.06 -39.67
C THR D 852 59.23 -36.60 -39.78
N VAL D 853 60.18 -35.71 -39.53
CA VAL D 853 59.98 -34.27 -39.71
C VAL D 853 61.06 -33.80 -40.68
N GLY D 854 60.74 -33.77 -41.96
CA GLY D 854 61.73 -33.53 -42.98
C GLY D 854 62.74 -34.67 -43.02
N ASN D 855 63.97 -34.39 -42.62
CA ASN D 855 64.99 -35.43 -42.49
C ASN D 855 65.19 -35.85 -41.05
N ASN D 856 64.48 -35.24 -40.11
CA ASN D 856 64.67 -35.52 -38.69
C ASN D 856 63.81 -36.70 -38.25
N MET D 857 64.33 -37.47 -37.29
CA MET D 857 63.65 -38.63 -36.74
C MET D 857 63.16 -38.31 -35.33
N ILE D 858 61.96 -38.77 -35.00
CA ILE D 858 61.36 -38.48 -33.69
C ILE D 858 61.54 -39.72 -32.82
N ASN D 859 62.40 -39.61 -31.81
CA ASN D 859 62.64 -40.70 -30.87
C ASN D 859 63.39 -40.17 -29.67
N GLY D 860 62.92 -40.52 -28.47
CA GLY D 860 63.60 -40.16 -27.25
C GLY D 860 62.97 -38.97 -26.55
N LEU D 861 63.84 -38.15 -25.96
CA LEU D 861 63.43 -37.04 -25.10
C LEU D 861 63.49 -35.73 -25.86
N TYR D 862 62.52 -34.85 -25.60
CA TYR D 862 62.41 -33.59 -26.29
C TYR D 862 61.75 -32.56 -25.38
N VAL D 863 62.00 -31.29 -25.67
CA VAL D 863 61.44 -30.17 -24.93
C VAL D 863 60.33 -29.53 -25.76
N ALA D 864 59.23 -29.17 -25.12
CA ALA D 864 58.12 -28.52 -25.80
C ALA D 864 57.53 -27.45 -24.89
N SER D 865 56.97 -26.42 -25.54
CA SER D 865 56.39 -25.25 -24.88
C SER D 865 57.48 -24.62 -24.01
N GLN D 866 57.15 -24.20 -22.80
CA GLN D 866 58.14 -23.66 -21.87
C GLN D 866 58.44 -24.61 -20.73
N ASN D 867 57.44 -25.39 -20.29
CA ASN D 867 57.62 -26.29 -19.16
C ASN D 867 57.30 -27.74 -19.49
N THR D 868 57.17 -28.11 -20.76
CA THR D 868 56.75 -29.46 -21.12
C THR D 868 57.93 -30.31 -21.55
N LEU D 869 58.01 -31.51 -20.99
CA LEU D 869 58.97 -32.52 -21.45
C LEU D 869 58.18 -33.65 -22.11
N ILE D 870 58.71 -34.18 -23.21
CA ILE D 870 58.03 -35.21 -23.99
C ILE D 870 59.00 -36.35 -24.24
N TYR D 871 58.61 -37.56 -23.84
CA TYR D 871 59.39 -38.76 -24.10
C TYR D 871 58.58 -39.67 -25.02
N VAL D 872 59.20 -40.06 -26.13
CA VAL D 872 58.57 -40.91 -27.13
C VAL D 872 59.42 -42.17 -27.31
N VAL D 873 58.77 -43.31 -27.30
CA VAL D 873 59.44 -44.61 -27.39
C VAL D 873 58.81 -45.41 -28.51
N PRO D 874 59.60 -46.27 -29.16
CA PRO D 874 59.04 -47.16 -30.18
C PRO D 874 58.03 -48.12 -29.58
N ASN D 875 57.45 -48.94 -30.46
CA ASN D 875 56.45 -49.91 -30.05
C ASN D 875 57.02 -50.89 -29.02
N GLY D 876 58.22 -51.40 -29.26
CA GLY D 876 58.82 -52.37 -28.36
C GLY D 876 59.24 -51.83 -27.01
N SER D 877 59.48 -50.52 -26.90
CA SER D 877 59.91 -49.93 -25.63
C SER D 877 58.77 -49.28 -24.86
N PHE D 878 57.53 -49.44 -25.32
CA PHE D 878 56.40 -48.83 -24.62
C PHE D 878 56.20 -49.43 -23.23
N VAL D 879 56.35 -50.74 -23.10
CA VAL D 879 56.15 -51.41 -21.81
C VAL D 879 57.23 -50.94 -20.85
N GLY D 880 56.84 -50.16 -19.86
CA GLY D 880 57.77 -49.66 -18.86
C GLY D 880 58.61 -48.49 -19.30
N SER D 881 58.23 -47.80 -20.38
CA SER D 881 58.94 -46.60 -20.78
C SER D 881 58.85 -45.55 -19.67
N ASN D 882 60.01 -44.98 -19.32
CA ASN D 882 60.09 -44.17 -18.11
C ASN D 882 61.08 -43.04 -18.30
N ILE D 883 60.91 -42.03 -17.45
CA ILE D 883 61.79 -40.87 -17.36
C ILE D 883 62.25 -40.74 -15.92
N LYS D 884 63.56 -40.54 -15.73
CA LYS D 884 64.12 -40.28 -14.42
C LYS D 884 64.61 -38.83 -14.38
N LEU D 885 64.07 -38.08 -13.42
CA LEU D 885 64.41 -36.69 -13.21
C LEU D 885 65.42 -36.57 -12.09
N THR D 886 66.56 -35.94 -12.40
CA THR D 886 67.60 -35.67 -11.41
C THR D 886 67.77 -34.18 -11.30
N TYR D 887 67.40 -33.62 -10.15
CA TYR D 887 67.55 -32.21 -9.88
C TYR D 887 68.77 -31.99 -9.01
N THR D 888 69.67 -31.14 -9.48
CA THR D 888 70.89 -30.77 -8.77
C THR D 888 70.79 -29.31 -8.37
N THR D 889 71.34 -28.99 -7.21
CA THR D 889 71.43 -27.60 -6.78
C THR D 889 72.29 -26.81 -7.75
N THR D 890 71.88 -25.57 -8.03
CA THR D 890 72.70 -24.61 -8.75
C THR D 890 73.48 -23.78 -7.74
N ASP D 891 74.16 -24.46 -6.82
CA ASP D 891 74.91 -23.84 -5.76
C ASP D 891 76.10 -24.71 -5.38
N TYR D 892 77.27 -24.10 -5.19
CA TYR D 892 78.46 -24.85 -4.81
C TYR D 892 78.39 -25.31 -3.36
N ALA D 893 77.88 -24.47 -2.47
CA ALA D 893 77.83 -24.83 -1.05
C ALA D 893 76.91 -26.01 -0.80
N VAL D 894 75.80 -26.09 -1.53
CA VAL D 894 74.85 -27.19 -1.33
C VAL D 894 75.47 -28.51 -1.78
N LEU D 895 76.21 -28.49 -2.88
CA LEU D 895 76.94 -29.68 -3.31
C LEU D 895 77.96 -30.10 -2.27
N HIS D 896 78.69 -29.13 -1.70
CA HIS D 896 79.78 -29.46 -0.79
C HIS D 896 79.26 -29.99 0.54
N TYR D 897 78.22 -29.36 1.09
CA TYR D 897 77.83 -29.63 2.47
C TYR D 897 76.92 -30.85 2.62
N PHE D 898 76.33 -31.35 1.54
CA PHE D 898 75.46 -32.53 1.63
C PHE D 898 75.92 -33.66 0.72
N TYR D 899 77.22 -33.75 0.42
CA TYR D 899 77.73 -34.88 -0.34
C TYR D 899 77.64 -36.17 0.46
N SER D 900 77.90 -36.11 1.76
CA SER D 900 77.89 -37.31 2.59
C SER D 900 76.47 -37.80 2.85
N THR D 901 75.54 -36.88 3.10
CA THR D 901 74.16 -37.26 3.42
C THR D 901 73.42 -37.85 2.23
N GLY D 902 73.90 -37.62 1.01
CA GLY D 902 73.22 -38.12 -0.17
C GLY D 902 71.99 -37.34 -0.56
N GLN D 903 71.81 -36.13 -0.05
CA GLN D 903 70.65 -35.31 -0.38
C GLN D 903 71.06 -33.99 -1.02
N TYR D 904 72.01 -34.03 -1.96
CA TYR D 904 72.36 -32.83 -2.71
C TYR D 904 71.79 -32.89 -4.13
N LYS D 905 71.53 -34.10 -4.62
CA LYS D 905 70.78 -34.31 -5.84
C LYS D 905 69.59 -35.21 -5.53
N VAL D 906 68.46 -34.91 -6.16
CA VAL D 906 67.23 -35.67 -5.90
C VAL D 906 66.72 -36.26 -7.20
N PHE D 907 66.44 -37.55 -7.18
CA PHE D 907 66.00 -38.27 -8.37
C PHE D 907 64.65 -38.92 -8.13
N LYS D 908 63.83 -38.92 -9.16
CA LYS D 908 62.53 -39.57 -9.11
C LYS D 908 62.23 -40.12 -10.49
N THR D 909 61.19 -40.96 -10.59
CA THR D 909 60.91 -41.63 -11.85
C THR D 909 59.41 -41.58 -12.17
N VAL D 910 59.11 -41.49 -13.45
CA VAL D 910 57.75 -41.60 -13.98
C VAL D 910 57.73 -42.69 -15.04
N SER D 911 56.82 -43.64 -14.89
CA SER D 911 56.83 -44.80 -15.78
C SER D 911 55.41 -45.13 -16.23
N VAL D 912 55.32 -45.88 -17.31
CA VAL D 912 54.05 -46.38 -17.81
C VAL D 912 53.55 -47.45 -16.83
N PRO D 913 52.37 -47.27 -16.23
CA PRO D 913 51.88 -48.25 -15.27
C PRO D 913 51.54 -49.58 -15.94
N ASN D 914 51.72 -50.65 -15.18
CA ASN D 914 51.27 -51.98 -15.59
C ASN D 914 49.78 -52.08 -15.31
N VAL D 915 48.97 -51.87 -16.35
CA VAL D 915 47.53 -51.73 -16.19
C VAL D 915 46.84 -52.96 -16.75
N THR D 916 45.66 -53.25 -16.21
CA THR D 916 44.90 -54.41 -16.61
C THR D 916 43.94 -54.05 -17.74
N ALA D 917 43.83 -54.96 -18.71
CA ALA D 917 42.95 -54.79 -19.86
C ALA D 917 42.11 -56.06 -20.00
N ASN D 918 41.26 -56.10 -21.03
CA ASN D 918 40.49 -57.32 -21.22
C ASN D 918 40.08 -57.47 -22.68
N LEU D 919 39.75 -58.70 -23.04
CA LEU D 919 39.25 -59.08 -24.35
C LEU D 919 38.05 -60.00 -24.16
N TYR D 920 36.91 -59.65 -24.74
CA TYR D 920 35.70 -60.41 -24.49
C TYR D 920 34.76 -60.30 -25.68
N PHE D 921 33.54 -60.78 -25.50
CA PHE D 921 32.52 -60.92 -26.53
C PHE D 921 31.22 -60.32 -26.06
N PRO D 922 30.29 -59.99 -26.98
CA PRO D 922 28.99 -59.44 -26.56
C PRO D 922 28.25 -60.32 -25.56
N SER D 923 28.31 -61.63 -25.73
CA SER D 923 27.64 -62.56 -24.83
C SER D 923 28.31 -63.92 -24.95
N SER D 924 28.15 -64.74 -23.91
CA SER D 924 28.71 -66.09 -23.91
C SER D 924 27.72 -67.11 -24.44
N THR D 925 26.49 -66.70 -24.73
CA THR D 925 25.46 -67.59 -25.24
C THR D 925 24.79 -66.98 -26.47
N THR D 926 25.59 -66.46 -27.40
CA THR D 926 25.05 -65.85 -28.59
C THR D 926 24.36 -66.90 -29.46
N PRO D 927 23.08 -66.70 -29.80
CA PRO D 927 22.39 -67.66 -30.66
C PRO D 927 22.79 -67.50 -32.11
N LEU D 928 22.41 -68.47 -32.94
CA LEU D 928 22.75 -68.44 -34.36
C LEU D 928 21.71 -67.72 -35.20
N TYR D 929 21.32 -66.52 -34.78
CA TYR D 929 20.55 -65.64 -35.66
C TYR D 929 21.45 -64.57 -36.25
N GLN D 930 22.52 -64.22 -35.52
CA GLN D 930 23.60 -63.42 -36.03
C GLN D 930 24.82 -64.31 -36.27
N LEU D 931 25.50 -64.08 -37.40
CA LEU D 931 26.62 -64.92 -37.79
C LEU D 931 27.93 -64.15 -37.79
N SER D 932 28.11 -63.27 -36.79
CA SER D 932 29.35 -62.51 -36.66
C SER D 932 29.46 -62.00 -35.23
N VAL D 933 30.48 -62.46 -34.51
CA VAL D 933 30.71 -62.05 -33.13
C VAL D 933 31.84 -61.02 -33.11
N PRO D 934 31.54 -59.78 -32.72
CA PRO D 934 32.59 -58.76 -32.62
C PRO D 934 33.44 -58.93 -31.38
N LEU D 935 34.75 -58.93 -31.56
CA LEU D 935 35.69 -59.04 -30.45
C LEU D 935 35.92 -57.67 -29.83
N TYR D 936 35.70 -57.56 -28.52
CA TYR D 936 35.83 -56.30 -27.81
C TYR D 936 37.18 -56.32 -27.09
N LEU D 937 38.05 -55.37 -27.43
CA LEU D 937 39.35 -55.23 -26.77
C LEU D 937 39.35 -53.91 -26.02
N SER D 938 39.28 -53.97 -24.69
CA SER D 938 39.30 -52.76 -23.87
C SER D 938 40.68 -52.68 -23.23
N GLU D 939 41.48 -51.73 -23.72
CA GLU D 939 42.82 -51.42 -23.24
C GLU D 939 42.80 -50.02 -22.63
N PRO D 940 43.09 -49.86 -21.34
CA PRO D 940 43.06 -48.52 -20.75
C PRO D 940 44.06 -47.55 -21.36
N TYR D 941 45.36 -47.84 -21.25
CA TYR D 941 46.40 -46.97 -21.80
C TYR D 941 46.88 -47.45 -23.17
N TYR D 942 46.00 -47.45 -24.16
CA TYR D 942 46.38 -47.82 -25.52
C TYR D 942 45.77 -46.89 -26.56
N GLY D 943 44.78 -46.10 -26.16
CA GLY D 943 44.05 -45.28 -27.10
C GLY D 943 44.58 -43.86 -27.23
N SER D 944 43.77 -43.02 -27.86
CA SER D 944 44.05 -41.62 -28.08
C SER D 944 42.74 -40.94 -28.43
N PRO D 945 42.69 -39.60 -28.40
CA PRO D 945 41.46 -38.92 -28.87
C PRO D 945 41.12 -39.40 -30.27
N LEU D 946 39.84 -39.74 -30.47
CA LEU D 946 39.43 -40.40 -31.69
C LEU D 946 39.72 -39.51 -32.90
N PRO D 947 40.04 -40.10 -34.05
CA PRO D 947 40.14 -41.54 -34.34
C PRO D 947 41.48 -42.18 -34.00
N THR D 948 41.45 -43.49 -33.74
CA THR D 948 42.64 -44.32 -33.61
C THR D 948 42.23 -45.77 -33.87
N TYR D 949 43.07 -46.49 -34.61
CA TYR D 949 42.67 -47.83 -35.05
C TYR D 949 43.85 -48.78 -34.96
N ILE D 950 43.62 -50.01 -35.39
CA ILE D 950 44.62 -51.07 -35.36
C ILE D 950 44.47 -51.89 -36.64
N GLY D 951 45.52 -51.93 -37.45
CA GLY D 951 45.57 -52.87 -38.55
C GLY D 951 45.89 -54.27 -38.03
N LEU D 952 45.27 -55.26 -38.67
CA LEU D 952 45.46 -56.66 -38.27
C LEU D 952 45.79 -57.48 -39.50
N GLY D 953 46.67 -58.47 -39.33
CA GLY D 953 47.10 -59.31 -40.42
C GLY D 953 48.32 -60.13 -40.04
N THR D 954 48.88 -60.82 -41.03
CA THR D 954 50.03 -61.70 -40.85
C THR D 954 49.75 -62.69 -39.72
N ASN D 955 49.95 -62.27 -38.47
CA ASN D 955 49.64 -63.10 -37.31
C ASN D 955 48.66 -62.40 -36.36
N GLY D 956 47.61 -61.79 -36.89
CA GLY D 956 46.76 -60.93 -36.09
C GLY D 956 47.50 -59.74 -35.50
N THR D 957 48.57 -59.30 -36.15
CA THR D 957 49.49 -58.31 -35.59
C THR D 957 48.81 -56.96 -35.39
N SER D 958 48.76 -56.51 -34.14
CA SER D 958 48.12 -55.24 -33.81
C SER D 958 49.02 -54.09 -34.23
N LEU D 959 48.95 -53.71 -35.50
CA LEU D 959 49.63 -52.53 -36.02
C LEU D 959 48.82 -51.33 -35.59
N TRP D 960 49.05 -50.85 -34.37
CA TRP D 960 48.30 -49.73 -33.85
C TRP D 960 48.64 -48.47 -34.64
N ASN D 961 47.66 -47.95 -35.36
CA ASN D 961 47.86 -46.80 -36.25
C ASN D 961 46.96 -45.68 -35.77
N SER D 962 47.57 -44.54 -35.45
CA SER D 962 46.82 -43.33 -35.12
C SER D 962 47.54 -42.12 -35.67
N PRO D 963 47.45 -41.88 -36.99
CA PRO D 963 48.02 -40.65 -37.55
C PRO D 963 47.24 -39.41 -37.14
N ASN D 964 46.22 -39.60 -36.32
CA ASN D 964 45.42 -38.50 -35.78
C ASN D 964 45.82 -38.17 -34.35
N TYR D 965 47.05 -38.45 -33.97
CA TYR D 965 47.58 -38.05 -32.67
C TYR D 965 48.75 -37.09 -32.87
N VAL D 966 48.75 -36.01 -32.11
CA VAL D 966 49.85 -35.04 -32.12
C VAL D 966 50.17 -34.66 -30.68
N LEU D 967 51.45 -34.53 -30.37
CA LEU D 967 51.90 -34.11 -29.05
C LEU D 967 52.92 -32.99 -29.24
N PHE D 968 52.42 -31.76 -29.34
CA PHE D 968 53.24 -30.55 -29.46
C PHE D 968 54.10 -30.59 -30.73
N GLY D 969 53.44 -30.66 -31.87
CA GLY D 969 54.07 -30.42 -33.16
C GLY D 969 54.64 -31.62 -33.87
N VAL D 970 54.35 -32.84 -33.43
CA VAL D 970 54.84 -34.05 -34.07
C VAL D 970 53.65 -34.98 -34.30
N SER D 971 53.51 -35.45 -35.53
CA SER D 971 52.46 -36.41 -35.85
C SER D 971 52.89 -37.82 -35.45
N ALA D 972 51.92 -38.73 -35.38
CA ALA D 972 52.15 -40.10 -34.96
C ALA D 972 52.20 -41.03 -36.16
N VAL D 973 52.89 -42.16 -35.99
CA VAL D 973 53.05 -43.15 -37.05
C VAL D 973 52.70 -44.52 -36.51
N GLN D 974 52.91 -45.55 -37.33
CA GLN D 974 52.55 -46.92 -36.97
C GLN D 974 53.35 -47.38 -35.75
N GLN D 975 52.67 -48.05 -34.83
CA GLN D 975 53.30 -48.69 -33.68
C GLN D 975 52.89 -50.16 -33.69
N TYR D 976 53.84 -51.05 -33.97
CA TYR D 976 53.57 -52.48 -33.93
C TYR D 976 53.46 -52.88 -32.46
N LEU D 977 52.28 -52.67 -31.90
CA LEU D 977 52.05 -52.76 -30.45
C LEU D 977 51.15 -53.93 -30.09
N GLY D 978 51.38 -55.07 -30.72
CA GLY D 978 50.71 -56.28 -30.29
C GLY D 978 50.39 -57.18 -31.47
N PHE D 979 49.78 -58.31 -31.13
CA PHE D 979 49.32 -59.30 -32.09
C PHE D 979 48.41 -60.27 -31.36
N ILE D 980 47.40 -60.78 -32.06
CA ILE D 980 46.52 -61.78 -31.48
C ILE D 980 47.37 -63.01 -31.18
N LYS D 981 47.40 -63.42 -29.91
CA LYS D 981 48.32 -64.48 -29.50
C LYS D 981 47.99 -65.80 -30.20
N SER D 982 46.72 -66.21 -30.14
CA SER D 982 46.33 -67.50 -30.70
C SER D 982 44.82 -67.62 -30.72
N ILE D 983 44.34 -68.66 -31.37
CA ILE D 983 42.95 -69.09 -31.32
C ILE D 983 42.96 -70.58 -31.01
N SER D 984 42.90 -70.93 -29.72
CA SER D 984 42.99 -72.31 -29.27
C SER D 984 41.61 -72.83 -28.90
N VAL D 985 41.48 -74.14 -28.80
CA VAL D 985 40.21 -74.77 -28.46
C VAL D 985 40.47 -75.86 -27.43
N THR D 986 39.70 -75.86 -26.36
CA THR D 986 39.78 -76.95 -25.39
C THR D 986 38.99 -78.13 -25.93
N LEU D 987 39.60 -79.31 -25.85
CA LEU D 987 38.94 -80.60 -26.04
C LEU D 987 39.59 -81.61 -25.09
N SER D 988 39.05 -81.70 -23.88
CA SER D 988 39.80 -82.31 -22.78
C SER D 988 39.14 -83.59 -22.27
N ASN D 989 39.60 -84.73 -22.77
CA ASN D 989 39.56 -85.96 -22.00
C ASN D 989 40.85 -86.08 -21.19
N GLY D 990 41.54 -84.96 -21.01
CA GLY D 990 42.90 -84.93 -20.53
C GLY D 990 43.79 -84.13 -21.47
N THR D 991 43.19 -83.48 -22.46
CA THR D 991 43.94 -82.83 -23.53
C THR D 991 43.62 -81.35 -23.64
N THR D 992 44.54 -80.52 -23.15
CA THR D 992 44.54 -79.08 -23.39
C THR D 992 45.04 -78.86 -24.82
N VAL D 993 44.09 -78.67 -25.73
CA VAL D 993 44.39 -78.71 -27.15
C VAL D 993 44.95 -77.35 -27.58
N VAL D 994 46.28 -77.25 -27.58
CA VAL D 994 47.01 -76.10 -28.11
C VAL D 994 47.07 -76.26 -29.62
N ILE D 995 46.33 -75.40 -30.34
CA ILE D 995 46.20 -75.49 -31.79
C ILE D 995 47.51 -75.14 -32.48
N PRO D 996 48.01 -75.98 -33.39
CA PRO D 996 49.12 -75.56 -34.25
C PRO D 996 48.71 -74.38 -35.12
N LEU D 997 49.35 -73.24 -34.88
CA LEU D 997 48.93 -71.98 -35.47
C LEU D 997 49.34 -71.89 -36.94
N THR D 998 48.36 -71.69 -37.82
CA THR D 998 48.60 -71.53 -39.24
C THR D 998 48.51 -70.05 -39.59
N THR D 999 49.52 -69.56 -40.31
CA THR D 999 49.63 -68.14 -40.60
C THR D 999 48.50 -67.62 -41.47
N SER D 1000 48.18 -68.33 -42.56
CA SER D 1000 47.17 -67.86 -43.50
C SER D 1000 45.82 -67.75 -42.84
N ASN D 1001 45.40 -68.82 -42.15
CA ASN D 1001 44.13 -68.78 -41.43
C ASN D 1001 44.10 -67.67 -40.40
N MET D 1002 45.21 -67.50 -39.65
CA MET D 1002 45.21 -66.52 -38.59
C MET D 1002 45.13 -65.09 -39.12
N GLN D 1003 45.85 -64.77 -40.19
CA GLN D 1003 45.76 -63.44 -40.76
C GLN D 1003 44.40 -63.19 -41.39
N THR D 1004 43.79 -64.22 -41.98
CA THR D 1004 42.56 -63.98 -42.71
C THR D 1004 41.35 -64.00 -41.79
N LEU D 1005 41.50 -64.56 -40.59
CA LEU D 1005 40.42 -64.47 -39.60
C LEU D 1005 40.38 -63.11 -38.94
N PHE D 1006 41.47 -62.36 -38.99
CA PHE D 1006 41.52 -60.99 -38.50
C PHE D 1006 42.19 -60.11 -39.55
N PRO D 1007 41.52 -59.83 -40.68
CA PRO D 1007 42.17 -59.04 -41.74
C PRO D 1007 41.85 -57.56 -41.67
N GLN D 1008 41.10 -57.15 -40.65
CA GLN D 1008 40.59 -55.79 -40.60
C GLN D 1008 41.71 -54.76 -40.41
N LEU D 1009 41.80 -53.83 -41.36
CA LEU D 1009 42.81 -52.79 -41.31
C LEU D 1009 42.51 -51.72 -40.28
N VAL D 1010 41.23 -51.46 -40.00
CA VAL D 1010 40.86 -50.39 -39.10
C VAL D 1010 39.88 -50.90 -38.04
N GLY D 1011 40.40 -51.15 -36.84
CA GLY D 1011 39.53 -51.33 -35.69
C GLY D 1011 39.50 -50.07 -34.86
N GLN D 1012 38.48 -49.24 -35.05
CA GLN D 1012 38.42 -47.96 -34.35
C GLN D 1012 37.93 -48.14 -32.93
N GLU D 1013 38.41 -47.29 -32.04
CA GLU D 1013 37.95 -47.32 -30.66
C GLU D 1013 36.67 -46.51 -30.52
N LEU D 1014 36.16 -46.44 -29.28
CA LEU D 1014 34.89 -45.77 -29.02
C LEU D 1014 35.03 -44.52 -28.17
N GLN D 1015 35.66 -44.63 -27.00
CA GLN D 1015 35.71 -43.53 -26.04
C GLN D 1015 37.06 -42.85 -26.09
N ALA D 1016 37.05 -41.53 -25.91
CA ALA D 1016 38.28 -40.75 -25.86
C ALA D 1016 39.05 -41.04 -24.57
N CYS D 1017 40.38 -40.95 -24.66
CA CYS D 1017 41.26 -41.19 -23.52
C CYS D 1017 41.08 -42.60 -22.96
N ASN D 1018 40.66 -43.52 -23.81
CA ASN D 1018 40.45 -44.91 -23.42
C ASN D 1018 40.37 -45.82 -24.64
N GLY D 1019 41.20 -46.85 -24.68
CA GLY D 1019 41.16 -47.76 -25.81
C GLY D 1019 40.00 -48.75 -25.70
N THR D 1020 39.06 -48.63 -26.63
CA THR D 1020 37.94 -49.56 -26.70
C THR D 1020 37.86 -50.14 -28.12
N PHE D 1021 38.96 -50.73 -28.58
CA PHE D 1021 39.10 -51.18 -29.96
C PHE D 1021 38.09 -52.28 -30.31
N GLN D 1022 37.53 -52.19 -31.51
CA GLN D 1022 36.53 -53.12 -32.00
C GLN D 1022 37.15 -53.98 -33.10
N PHE D 1023 37.23 -55.29 -32.84
CA PHE D 1023 37.57 -56.27 -33.86
C PHE D 1023 36.40 -57.23 -34.05
N GLY D 1024 36.60 -58.31 -34.81
CA GLY D 1024 35.51 -59.25 -35.00
C GLY D 1024 35.82 -60.44 -35.87
N ILE D 1025 35.29 -61.60 -35.48
CA ILE D 1025 35.37 -62.82 -36.30
C ILE D 1025 33.94 -63.26 -36.55
N SER D 1026 33.63 -63.61 -37.81
CA SER D 1026 32.27 -63.99 -38.15
C SER D 1026 32.10 -65.50 -38.03
N ILE D 1027 30.88 -65.93 -37.76
CA ILE D 1027 30.60 -67.35 -37.57
C ILE D 1027 30.51 -68.07 -38.92
N THR D 1028 29.96 -67.41 -39.93
CA THR D 1028 29.80 -68.06 -41.23
C THR D 1028 31.14 -68.42 -41.85
N GLY D 1029 32.13 -67.54 -41.73
CA GLY D 1029 33.45 -67.84 -42.26
C GLY D 1029 34.10 -69.03 -41.57
N LEU D 1030 34.02 -69.09 -40.24
CA LEU D 1030 34.58 -70.21 -39.49
C LEU D 1030 33.86 -71.50 -39.84
N GLU D 1031 32.54 -71.44 -39.99
CA GLU D 1031 31.77 -72.63 -40.35
C GLU D 1031 32.11 -73.11 -41.76
N LYS D 1032 32.26 -72.17 -42.70
CA LYS D 1032 32.64 -72.54 -44.06
C LYS D 1032 34.03 -73.16 -44.08
N LEU D 1033 34.95 -72.62 -43.28
CA LEU D 1033 36.26 -73.24 -43.14
C LEU D 1033 36.15 -74.65 -42.57
N LEU D 1034 35.31 -74.82 -41.55
CA LEU D 1034 35.13 -76.11 -40.88
C LEU D 1034 34.12 -76.99 -41.57
N ASN D 1035 33.48 -76.52 -42.65
CA ASN D 1035 32.48 -77.27 -43.39
C ASN D 1035 31.34 -77.73 -42.48
N LEU D 1036 30.81 -76.80 -41.69
CA LEU D 1036 29.71 -77.09 -40.78
C LEU D 1036 28.46 -76.35 -41.23
N ASN D 1037 27.41 -76.48 -40.43
CA ASN D 1037 26.13 -75.85 -40.74
C ASN D 1037 26.25 -74.33 -40.69
N VAL D 1038 25.43 -73.67 -41.50
CA VAL D 1038 25.48 -72.20 -41.56
C VAL D 1038 24.98 -71.59 -40.26
N GLN D 1039 23.77 -71.94 -39.85
CA GLN D 1039 23.25 -71.43 -38.58
C GLN D 1039 22.46 -72.50 -37.84
N GLN D 1040 22.61 -73.76 -38.24
CA GLN D 1040 21.83 -74.83 -37.61
C GLN D 1040 22.45 -75.30 -36.30
N LEU D 1041 23.65 -75.88 -36.35
CA LEU D 1041 24.35 -76.34 -35.16
C LEU D 1041 25.85 -76.16 -35.29
N ASN D 1042 26.47 -75.50 -34.31
CA ASN D 1042 27.93 -75.33 -34.29
C ASN D 1042 28.40 -74.99 -32.89
N ASN D 1043 29.39 -75.72 -32.37
CA ASN D 1043 29.84 -75.51 -31.00
C ASN D 1043 31.22 -76.13 -30.71
N SER D 1044 32.17 -75.31 -30.28
CA SER D 1044 33.43 -75.77 -29.69
C SER D 1044 33.72 -74.90 -28.47
N ILE D 1045 34.88 -75.12 -27.82
CA ILE D 1045 35.26 -74.20 -26.75
C ILE D 1045 35.56 -72.80 -27.30
N LEU D 1046 36.08 -72.72 -28.53
CA LEU D 1046 36.31 -71.49 -29.30
C LEU D 1046 36.93 -70.37 -28.47
N SER D 1047 38.17 -70.54 -28.03
CA SER D 1047 38.85 -69.56 -27.18
C SER D 1047 39.87 -68.78 -28.03
N VAL D 1048 39.49 -67.56 -28.42
CA VAL D 1048 40.43 -66.67 -29.08
C VAL D 1048 41.17 -65.85 -28.04
N THR D 1049 42.30 -65.27 -28.44
CA THR D 1049 43.13 -64.50 -27.52
C THR D 1049 43.53 -63.18 -28.14
N TYR D 1050 44.42 -62.49 -27.45
CA TYR D 1050 45.11 -61.31 -27.95
C TYR D 1050 46.25 -60.96 -27.00
N HIS D 1051 47.42 -60.70 -27.55
CA HIS D 1051 48.55 -60.23 -26.77
C HIS D 1051 48.70 -58.74 -27.03
N ASP D 1052 48.68 -57.95 -25.96
CA ASP D 1052 48.94 -56.53 -26.08
C ASP D 1052 50.35 -56.19 -25.64
N TYR D 1053 51.05 -55.44 -26.50
CA TYR D 1053 52.32 -54.82 -26.16
C TYR D 1053 52.12 -53.54 -25.39
N VAL D 1054 50.90 -53.29 -24.90
CA VAL D 1054 50.63 -52.14 -24.05
C VAL D 1054 51.39 -52.27 -22.74
N THR D 1055 51.06 -53.29 -21.96
CA THR D 1055 51.84 -53.68 -20.79
C THR D 1055 52.33 -55.11 -20.88
N GLY D 1056 52.30 -55.72 -22.06
CA GLY D 1056 52.72 -57.10 -22.24
C GLY D 1056 51.80 -58.08 -21.55
N GLU D 1057 50.56 -58.19 -22.02
CA GLU D 1057 49.59 -59.06 -21.37
C GLU D 1057 48.92 -59.97 -22.38
N THR D 1058 48.38 -61.07 -21.89
CA THR D 1058 47.63 -62.03 -22.71
C THR D 1058 46.17 -62.03 -22.24
N LEU D 1059 45.28 -61.48 -23.05
CA LEU D 1059 43.86 -61.46 -22.73
C LEU D 1059 43.16 -62.51 -23.58
N THR D 1060 42.10 -63.12 -23.04
CA THR D 1060 41.42 -64.20 -23.71
C THR D 1060 39.92 -63.98 -23.73
N ALA D 1061 39.30 -64.32 -24.85
CA ALA D 1061 37.85 -64.30 -25.02
C ALA D 1061 37.41 -65.68 -25.49
N THR D 1062 36.66 -66.37 -24.63
CA THR D 1062 36.16 -67.71 -24.94
C THR D 1062 34.68 -67.61 -25.29
N THR D 1063 34.24 -68.45 -26.22
CA THR D 1063 32.84 -68.44 -26.61
C THR D 1063 32.38 -69.83 -27.04
N LYS D 1064 31.10 -70.08 -26.79
CA LYS D 1064 30.39 -71.28 -27.21
C LYS D 1064 29.07 -70.83 -27.83
N LEU D 1065 28.69 -71.47 -28.93
CA LEU D 1065 27.52 -71.02 -29.68
C LEU D 1065 26.33 -71.95 -29.41
N VAL D 1066 25.15 -71.33 -29.24
CA VAL D 1066 23.91 -72.04 -29.02
C VAL D 1066 23.20 -72.15 -30.38
N ALA D 1067 22.56 -73.29 -30.62
CA ALA D 1067 21.86 -73.52 -31.87
C ALA D 1067 20.91 -72.37 -32.21
N LEU D 1068 19.94 -72.11 -31.34
CA LEU D 1068 19.08 -70.95 -31.46
C LEU D 1068 18.30 -70.75 -30.16
N SER D 1069 18.29 -69.51 -29.66
CA SER D 1069 17.57 -69.21 -28.44
C SER D 1069 16.07 -69.39 -28.63
N THR D 1070 15.46 -70.16 -27.75
CA THR D 1070 14.02 -70.40 -27.80
C THR D 1070 13.30 -69.12 -27.44
N LEU D 1071 12.46 -68.63 -28.36
CA LEU D 1071 11.77 -67.37 -28.19
C LEU D 1071 10.26 -67.57 -28.35
N SER D 1072 9.53 -66.47 -28.48
CA SER D 1072 8.08 -66.52 -28.55
C SER D 1072 7.59 -67.30 -29.76
N LEU D 1073 6.78 -68.33 -29.51
CA LEU D 1073 6.04 -69.03 -30.56
C LEU D 1073 4.58 -68.63 -30.47
N VAL D 1074 4.13 -67.81 -31.41
CA VAL D 1074 2.76 -67.27 -31.37
C VAL D 1074 1.97 -67.83 -32.55
N ALA D 1075 0.90 -68.57 -32.27
CA ALA D 1075 0.05 -69.10 -33.31
C ALA D 1075 -1.24 -68.29 -33.37
N LYS D 1076 -1.35 -67.46 -34.41
CA LYS D 1076 -2.51 -66.60 -34.56
C LYS D 1076 -3.57 -67.27 -35.42
N GLY D 1077 -3.37 -68.53 -35.77
CA GLY D 1077 -4.32 -69.30 -36.53
C GLY D 1077 -3.87 -70.71 -36.78
N ALA D 1078 -4.84 -71.58 -37.05
CA ALA D 1078 -4.59 -72.99 -37.33
C ALA D 1078 -5.54 -73.48 -38.41
N GLY D 1079 -5.57 -74.79 -38.58
CA GLY D 1079 -6.47 -75.39 -39.56
C GLY D 1079 -7.92 -75.30 -39.12
N VAL D 1080 -8.82 -75.47 -40.09
CA VAL D 1080 -10.25 -75.39 -39.86
C VAL D 1080 -10.91 -76.69 -40.31
N VAL D 1081 -11.66 -77.31 -39.40
CA VAL D 1081 -12.43 -78.52 -39.71
C VAL D 1081 -13.90 -78.20 -39.52
N GLU D 1082 -14.70 -78.41 -40.57
CA GLU D 1082 -16.11 -78.08 -40.55
C GLU D 1082 -16.95 -79.33 -40.79
N PHE D 1083 -18.26 -79.13 -40.91
CA PHE D 1083 -19.19 -80.21 -41.19
C PHE D 1083 -19.85 -79.98 -42.55
N LEU D 1084 -20.82 -80.83 -42.88
CA LEU D 1084 -21.57 -80.71 -44.13
C LEU D 1084 -20.62 -80.77 -45.33
N LEU D 1085 -19.68 -81.71 -45.32
CA LEU D 1085 -18.73 -81.86 -46.41
C LEU D 1085 -19.42 -82.36 -47.65
N THR D 1086 -18.81 -82.10 -48.81
CA THR D 1086 -19.35 -82.57 -50.09
C THR D 1086 -19.26 -84.09 -50.16
N ALA D 1087 -20.43 -84.74 -50.15
CA ALA D 1087 -20.48 -86.19 -50.12
C ALA D 1087 -19.95 -86.79 -51.42
N TYR D 1088 -19.13 -87.83 -51.28
CA TYR D 1088 -18.62 -88.59 -52.42
C TYR D 1088 -19.08 -90.04 -52.31
N PRO D 1089 -20.14 -90.44 -53.03
CA PRO D 1089 -20.63 -91.81 -52.92
C PRO D 1089 -19.61 -92.82 -53.43
N TYR D 1090 -19.69 -94.04 -52.89
CA TYR D 1090 -18.81 -95.11 -53.33
C TYR D 1090 -19.06 -95.50 -54.78
N THR D 1091 -20.25 -95.18 -55.30
CA THR D 1091 -20.58 -95.45 -56.68
C THR D 1091 -19.78 -94.55 -57.60
N GLY D 1092 -19.83 -94.84 -58.90
CA GLY D 1092 -19.12 -94.02 -59.87
C GLY D 1092 -19.65 -92.61 -59.97
N ASN D 1093 -20.92 -92.40 -59.60
CA ASN D 1093 -21.52 -91.08 -59.59
C ASN D 1093 -21.12 -90.36 -58.32
N ILE D 1094 -19.93 -89.75 -58.35
CA ILE D 1094 -19.37 -89.08 -57.19
C ILE D 1094 -19.90 -87.66 -57.08
N THR D 1095 -20.40 -87.09 -58.18
CA THR D 1095 -20.81 -85.70 -58.21
C THR D 1095 -22.20 -85.50 -57.57
N PHE D 1096 -22.69 -86.51 -56.87
CA PHE D 1096 -23.94 -86.39 -56.14
C PHE D 1096 -23.65 -86.36 -54.65
N ALA D 1097 -24.26 -85.42 -53.94
CA ALA D 1097 -23.92 -85.21 -52.54
C ALA D 1097 -25.15 -85.40 -51.66
N PRO D 1098 -25.39 -86.61 -51.17
CA PRO D 1098 -26.37 -86.81 -50.10
C PRO D 1098 -25.90 -86.07 -48.85
N PRO D 1099 -26.83 -85.50 -48.08
CA PRO D 1099 -26.42 -84.69 -46.93
C PRO D 1099 -25.58 -85.50 -45.95
N TRP D 1100 -24.32 -85.11 -45.81
CA TRP D 1100 -23.42 -85.71 -44.84
C TRP D 1100 -23.31 -84.81 -43.62
N PHE D 1101 -22.97 -85.42 -42.49
CA PHE D 1101 -22.87 -84.72 -41.22
C PHE D 1101 -21.87 -85.46 -40.36
N ILE D 1102 -20.68 -84.89 -40.17
CA ILE D 1102 -19.73 -85.43 -39.22
C ILE D 1102 -20.34 -85.30 -37.83
N ALA D 1103 -20.29 -86.36 -37.04
CA ALA D 1103 -21.01 -86.41 -35.77
C ALA D 1103 -20.41 -85.46 -34.74
N GLU D 1104 -20.97 -85.50 -33.54
CA GLU D 1104 -20.71 -84.51 -32.50
C GLU D 1104 -19.23 -84.42 -32.12
N ASN D 1105 -18.84 -83.27 -31.55
CA ASN D 1105 -17.55 -83.06 -30.92
C ASN D 1105 -16.38 -83.11 -31.90
N VAL D 1106 -16.47 -82.37 -33.01
CA VAL D 1106 -15.34 -82.15 -33.88
C VAL D 1106 -15.18 -80.64 -34.07
N VAL D 1107 -14.30 -80.02 -33.30
CA VAL D 1107 -14.22 -78.57 -33.23
C VAL D 1107 -12.85 -78.12 -33.73
N LYS D 1108 -12.75 -77.91 -35.04
CA LYS D 1108 -11.67 -77.20 -35.73
C LYS D 1108 -10.26 -77.45 -35.19
N GLN D 1109 -9.35 -76.52 -35.53
CA GLN D 1109 -8.00 -76.42 -34.99
C GLN D 1109 -7.31 -77.76 -34.79
N PRO D 1110 -6.97 -78.46 -35.86
CA PRO D 1110 -6.18 -79.70 -35.71
C PRO D 1110 -4.79 -79.38 -35.19
N PHE D 1111 -4.09 -80.42 -34.75
CA PHE D 1111 -2.69 -80.27 -34.38
C PHE D 1111 -1.79 -80.57 -35.58
N MET D 1112 -0.87 -79.65 -35.86
CA MET D 1112 0.06 -79.80 -36.97
C MET D 1112 1.35 -79.04 -36.65
N THR D 1113 2.43 -79.45 -37.31
CA THR D 1113 3.77 -78.98 -36.99
C THR D 1113 4.29 -78.07 -38.08
N TYR D 1114 5.02 -77.02 -37.70
CA TYR D 1114 5.61 -76.11 -38.66
C TYR D 1114 6.72 -76.80 -39.44
N SER D 1115 6.93 -76.35 -40.68
CA SER D 1115 7.97 -76.94 -41.53
C SER D 1115 9.35 -76.37 -41.23
N ASP D 1116 9.42 -75.32 -40.43
CA ASP D 1116 10.69 -74.69 -40.06
C ASP D 1116 10.68 -74.29 -38.58
N LEU D 1117 11.48 -74.98 -37.77
CA LEU D 1117 11.53 -74.70 -36.34
C LEU D 1117 12.20 -73.37 -36.04
N GLN D 1118 13.28 -73.06 -36.77
CA GLN D 1118 14.08 -71.88 -36.44
C GLN D 1118 13.28 -70.59 -36.62
N PHE D 1119 12.54 -70.45 -37.73
CA PHE D 1119 11.76 -69.24 -37.93
C PHE D 1119 10.59 -69.15 -36.94
N ALA D 1120 9.91 -70.26 -36.69
CA ALA D 1120 8.82 -70.26 -35.73
C ALA D 1120 9.29 -69.98 -34.32
N LYS D 1121 10.57 -70.26 -34.02
CA LYS D 1121 11.11 -69.97 -32.71
C LYS D 1121 11.10 -68.49 -32.38
N THR D 1122 11.38 -67.63 -33.36
CA THR D 1122 11.34 -66.19 -33.16
C THR D 1122 9.94 -65.62 -33.35
N ASN D 1123 9.36 -65.77 -34.53
CA ASN D 1123 7.97 -65.41 -34.78
C ASN D 1123 7.51 -66.06 -36.07
N PRO D 1124 6.43 -66.85 -36.04
CA PRO D 1124 5.91 -67.43 -37.29
C PRO D 1124 4.94 -66.49 -38.00
N SER D 1125 5.32 -65.22 -38.14
CA SER D 1125 4.47 -64.23 -38.76
C SER D 1125 4.82 -64.07 -40.24
N ALA D 1126 4.76 -65.19 -40.98
CA ALA D 1126 5.05 -65.16 -42.41
C ALA D 1126 4.47 -66.41 -43.06
N ILE D 1127 4.73 -66.55 -44.35
CA ILE D 1127 4.23 -67.69 -45.13
C ILE D 1127 4.96 -68.95 -44.67
N LEU D 1128 4.20 -69.99 -44.38
CA LEU D 1128 4.73 -71.23 -43.82
C LEU D 1128 3.93 -72.41 -44.35
N SER D 1129 4.45 -73.61 -44.14
CA SER D 1129 3.75 -74.84 -44.45
C SER D 1129 3.61 -75.66 -43.18
N LEU D 1130 2.41 -76.17 -42.94
CA LEU D 1130 2.07 -76.87 -41.71
C LEU D 1130 1.76 -78.32 -42.05
N SER D 1131 2.63 -79.23 -41.60
CA SER D 1131 2.41 -80.65 -41.82
C SER D 1131 1.40 -81.16 -40.80
N THR D 1132 0.25 -81.64 -41.29
CA THR D 1132 -0.81 -82.08 -40.40
C THR D 1132 -0.40 -83.35 -39.66
N VAL D 1133 -0.53 -83.31 -38.33
CA VAL D 1133 -0.16 -84.46 -37.50
C VAL D 1133 -1.33 -84.84 -36.61
N ASN D 1134 -2.53 -84.39 -36.98
CA ASN D 1134 -3.73 -84.78 -36.25
C ASN D 1134 -4.96 -84.47 -37.10
N ILE D 1135 -5.75 -85.50 -37.38
CA ILE D 1135 -7.08 -85.36 -37.98
C ILE D 1135 -8.04 -86.25 -37.21
N THR D 1136 -9.09 -85.67 -36.66
CA THR D 1136 -10.02 -86.39 -35.80
C THR D 1136 -11.44 -86.31 -36.36
N VAL D 1137 -12.07 -87.46 -36.53
CA VAL D 1137 -13.48 -87.55 -36.90
C VAL D 1137 -14.19 -88.31 -35.78
N VAL D 1138 -15.07 -87.62 -35.07
CA VAL D 1138 -15.72 -88.18 -33.88
C VAL D 1138 -17.14 -88.59 -34.24
N GLY D 1139 -17.49 -89.84 -33.94
CA GLY D 1139 -18.82 -90.35 -34.15
C GLY D 1139 -19.57 -90.57 -32.85
N LEU D 1140 -20.76 -91.18 -32.93
CA LEU D 1140 -21.56 -91.45 -31.74
C LEU D 1140 -21.20 -92.80 -31.14
N GLY D 1141 -20.15 -92.82 -30.31
CA GLY D 1141 -19.68 -94.05 -29.70
C GLY D 1141 -18.17 -94.19 -29.73
N GLY D 1142 -17.53 -93.44 -30.60
CA GLY D 1142 -16.09 -93.47 -30.71
C GLY D 1142 -15.59 -92.36 -31.60
N LYS D 1143 -14.33 -92.50 -32.05
CA LYS D 1143 -13.74 -91.52 -32.95
C LYS D 1143 -12.54 -92.12 -33.64
N ALA D 1144 -12.39 -91.81 -34.93
CA ALA D 1144 -11.26 -92.24 -35.73
C ALA D 1144 -10.27 -91.09 -35.92
N SER D 1145 -9.03 -91.46 -36.19
CA SER D 1145 -7.95 -90.48 -36.31
C SER D 1145 -7.03 -90.84 -37.47
N VAL D 1146 -6.47 -89.79 -38.08
CA VAL D 1146 -5.43 -89.91 -39.09
C VAL D 1146 -4.37 -88.87 -38.78
N TYR D 1147 -3.22 -89.31 -38.27
CA TYR D 1147 -2.23 -88.38 -37.77
C TYR D 1147 -0.84 -88.77 -38.28
N TYR D 1148 -0.06 -87.77 -38.67
CA TYR D 1148 1.30 -88.00 -39.13
C TYR D 1148 2.24 -87.98 -37.92
N ASN D 1149 2.47 -89.15 -37.34
CA ASN D 1149 3.36 -89.29 -36.19
C ASN D 1149 4.77 -88.97 -36.65
N SER D 1150 5.29 -87.82 -36.22
CA SER D 1150 6.63 -87.38 -36.58
C SER D 1150 7.71 -88.13 -35.80
N THR D 1151 7.37 -88.75 -34.68
CA THR D 1151 8.33 -89.54 -33.93
C THR D 1151 8.85 -90.73 -34.74
N SER D 1152 7.96 -91.39 -35.48
CA SER D 1152 8.37 -92.45 -36.40
C SER D 1152 8.33 -92.00 -37.85
N GLY D 1153 7.87 -90.77 -38.11
CA GLY D 1153 7.74 -90.28 -39.47
C GLY D 1153 6.77 -91.08 -40.31
N GLN D 1154 5.67 -91.53 -39.70
CA GLN D 1154 4.73 -92.41 -40.38
C GLN D 1154 3.31 -91.88 -40.17
N THR D 1155 2.49 -92.02 -41.20
CA THR D 1155 1.09 -91.63 -41.12
C THR D 1155 0.29 -92.79 -40.53
N VAL D 1156 -0.20 -92.61 -39.32
CA VAL D 1156 -0.94 -93.65 -38.61
C VAL D 1156 -2.43 -93.34 -38.70
N ILE D 1157 -3.20 -94.36 -39.09
CA ILE D 1157 -4.64 -94.25 -39.26
C ILE D 1157 -5.29 -95.26 -38.33
N THR D 1158 -6.19 -94.78 -37.47
CA THR D 1158 -6.92 -95.60 -36.52
C THR D 1158 -8.41 -95.40 -36.74
N ASN D 1159 -9.17 -96.49 -36.64
CA ASN D 1159 -10.60 -96.49 -36.89
C ASN D 1159 -11.36 -96.00 -35.64
N ILE D 1160 -12.68 -96.15 -35.67
CA ILE D 1160 -13.52 -95.68 -34.57
C ILE D 1160 -13.28 -96.47 -33.29
N TYR D 1161 -12.80 -97.71 -33.41
CA TYR D 1161 -12.55 -98.54 -32.23
C TYR D 1161 -11.33 -98.11 -31.45
N GLY D 1162 -10.54 -97.18 -31.98
CA GLY D 1162 -9.33 -96.73 -31.30
C GLY D 1162 -8.13 -97.63 -31.48
N GLN D 1163 -8.17 -98.53 -32.46
CA GLN D 1163 -7.07 -99.47 -32.71
C GLN D 1163 -6.39 -99.08 -34.02
N THR D 1164 -5.06 -99.19 -34.03
CA THR D 1164 -4.28 -98.85 -35.22
C THR D 1164 -4.60 -99.81 -36.36
N VAL D 1165 -5.10 -99.26 -37.46
CA VAL D 1165 -5.46 -100.08 -38.61
C VAL D 1165 -4.57 -99.83 -39.82
N ALA D 1166 -3.81 -98.74 -39.86
CA ALA D 1166 -2.95 -98.49 -41.00
C ALA D 1166 -1.73 -97.70 -40.57
N THR D 1167 -0.59 -98.02 -41.18
CA THR D 1167 0.64 -97.26 -41.02
C THR D 1167 1.26 -97.07 -42.40
N LEU D 1168 1.45 -95.82 -42.80
CA LEU D 1168 1.90 -95.48 -44.15
C LEU D 1168 3.24 -94.77 -44.06
N SER D 1169 4.14 -95.11 -44.97
CA SER D 1169 5.47 -94.50 -45.01
C SER D 1169 5.38 -93.04 -45.43
N GLY D 1170 6.17 -92.19 -44.77
CA GLY D 1170 6.22 -90.78 -45.10
C GLY D 1170 4.94 -90.05 -44.73
N ASN D 1171 4.83 -88.84 -45.26
CA ASN D 1171 3.65 -88.00 -45.02
C ASN D 1171 2.76 -88.04 -46.26
N VAL D 1172 1.75 -88.93 -46.23
CA VAL D 1172 0.74 -88.97 -47.27
C VAL D 1172 -0.30 -87.88 -47.06
N LEU D 1173 -0.43 -87.37 -45.84
CA LEU D 1173 -1.28 -86.21 -45.59
C LEU D 1173 -0.71 -84.99 -46.32
N PRO D 1174 -1.56 -84.23 -47.01
CA PRO D 1174 -1.08 -83.01 -47.65
C PRO D 1174 -0.66 -81.98 -46.62
N THR D 1175 0.34 -81.18 -46.98
CA THR D 1175 0.85 -80.14 -46.11
C THR D 1175 0.04 -78.87 -46.29
N LEU D 1176 -0.66 -78.46 -45.23
CA LEU D 1176 -1.54 -77.30 -45.26
C LEU D 1176 -0.68 -76.06 -45.51
N THR D 1177 -0.85 -75.44 -46.66
CA THR D 1177 -0.09 -74.25 -47.01
C THR D 1177 -0.86 -73.01 -46.59
N GLU D 1178 -0.16 -72.10 -45.91
CA GLU D 1178 -0.77 -70.84 -45.50
C GLU D 1178 -1.17 -70.03 -46.71
N LEU D 1179 -2.30 -69.32 -46.61
CA LEU D 1179 -2.76 -68.49 -47.72
C LEU D 1179 -2.07 -67.12 -47.73
N ALA D 1180 -1.57 -66.66 -46.59
CA ALA D 1180 -0.94 -65.36 -46.51
C ALA D 1180 0.09 -65.37 -45.39
N ALA D 1181 1.00 -64.39 -45.43
CA ALA D 1181 2.03 -64.26 -44.42
C ALA D 1181 1.45 -63.71 -43.13
N GLY D 1182 1.68 -64.42 -42.02
CA GLY D 1182 1.14 -64.01 -40.75
C GLY D 1182 -0.36 -63.94 -40.68
N ASN D 1183 -1.06 -64.82 -41.40
CA ASN D 1183 -2.52 -64.80 -41.44
C ASN D 1183 -3.11 -65.80 -40.45
N GLY D 1184 -2.74 -67.07 -40.59
CA GLY D 1184 -3.24 -68.10 -39.69
C GLY D 1184 -4.18 -69.07 -40.36
N THR D 1185 -4.39 -68.94 -41.66
CA THR D 1185 -5.27 -69.83 -42.41
C THR D 1185 -4.43 -70.74 -43.30
N PHE D 1186 -4.59 -72.05 -43.11
CA PHE D 1186 -3.82 -73.05 -43.83
C PHE D 1186 -4.78 -73.96 -44.59
N THR D 1187 -4.48 -74.18 -45.87
CA THR D 1187 -5.41 -74.85 -46.77
C THR D 1187 -4.76 -76.09 -47.35
N GLY D 1188 -5.56 -77.14 -47.51
CA GLY D 1188 -5.12 -78.38 -48.12
C GLY D 1188 -6.27 -79.06 -48.85
N SER D 1189 -6.31 -80.38 -48.77
CA SER D 1189 -7.37 -81.17 -49.39
C SER D 1189 -7.66 -82.42 -48.56
N LEU D 1190 -8.95 -82.73 -48.44
CA LEU D 1190 -9.41 -83.89 -47.68
C LEU D 1190 -10.56 -84.53 -48.45
N GLN D 1191 -10.36 -85.77 -48.91
CA GLN D 1191 -11.41 -86.50 -49.60
C GLN D 1191 -11.98 -87.57 -48.68
N PHE D 1192 -13.21 -88.00 -48.96
CA PHE D 1192 -13.87 -89.03 -48.17
C PHE D 1192 -14.65 -89.96 -49.07
N THR D 1193 -14.87 -91.18 -48.58
CA THR D 1193 -15.66 -92.18 -49.29
C THR D 1193 -16.21 -93.18 -48.29
N ILE D 1194 -17.01 -94.12 -48.79
CA ILE D 1194 -17.62 -95.17 -47.98
C ILE D 1194 -17.22 -96.52 -48.55
N VAL D 1195 -16.63 -97.36 -47.71
CA VAL D 1195 -16.29 -98.73 -48.10
C VAL D 1195 -17.20 -99.67 -47.30
N PRO D 1196 -18.15 -100.35 -47.94
CA PRO D 1196 -19.10 -101.19 -47.20
C PRO D 1196 -18.41 -102.27 -46.38
N ASN D 1197 -18.96 -102.54 -45.19
CA ASN D 1197 -18.47 -103.60 -44.33
C ASN D 1197 -19.62 -104.51 -43.92
N ASN D 1198 -19.34 -105.43 -43.01
CA ASN D 1198 -20.31 -106.43 -42.59
C ASN D 1198 -20.69 -106.18 -41.13
N THR D 1199 -21.99 -106.09 -40.87
CA THR D 1199 -22.54 -106.03 -39.52
C THR D 1199 -24.00 -106.46 -39.58
N VAL D 1200 -24.30 -107.63 -39.04
CA VAL D 1200 -25.61 -108.26 -39.17
C VAL D 1200 -26.56 -107.65 -38.16
N VAL D 1201 -27.68 -107.13 -38.63
CA VAL D 1201 -28.75 -106.63 -37.78
C VAL D 1201 -30.00 -107.46 -38.09
N GLN D 1202 -30.58 -108.06 -37.07
CA GLN D 1202 -31.73 -108.93 -37.28
C GLN D 1202 -33.03 -108.22 -36.88
N ILE D 1203 -33.96 -108.17 -37.82
CA ILE D 1203 -35.30 -107.64 -37.60
C ILE D 1203 -36.24 -108.84 -37.48
N PRO D 1204 -36.81 -109.09 -36.30
CA PRO D 1204 -37.61 -110.31 -36.12
C PRO D 1204 -38.90 -110.27 -36.91
N SER D 1205 -39.42 -111.46 -37.22
CA SER D 1205 -40.70 -111.58 -37.91
C SER D 1205 -41.88 -111.40 -36.97
N SER D 1206 -41.66 -111.30 -35.66
CA SER D 1206 -42.73 -111.08 -34.70
C SER D 1206 -43.35 -109.70 -34.83
N LEU D 1207 -42.69 -108.77 -35.51
CA LEU D 1207 -43.23 -107.43 -35.72
C LEU D 1207 -43.41 -107.07 -37.19
N THR D 1208 -42.85 -107.84 -38.13
CA THR D 1208 -42.95 -107.52 -39.54
C THR D 1208 -43.44 -108.69 -40.39
N LYS D 1209 -43.59 -109.88 -39.81
CA LYS D 1209 -44.01 -111.11 -40.49
C LYS D 1209 -42.96 -111.61 -41.47
N THR D 1210 -41.87 -110.85 -41.65
CA THR D 1210 -40.75 -111.24 -42.50
C THR D 1210 -39.47 -110.78 -41.83
N SER D 1211 -38.51 -111.68 -41.68
CA SER D 1211 -37.25 -111.33 -41.04
C SER D 1211 -36.38 -110.52 -41.99
N PHE D 1212 -35.51 -109.69 -41.43
CA PHE D 1212 -34.58 -108.89 -42.22
C PHE D 1212 -33.19 -108.96 -41.61
N ALA D 1213 -32.23 -109.53 -42.36
CA ALA D 1213 -30.83 -109.52 -41.98
C ALA D 1213 -30.15 -108.40 -42.75
N VAL D 1214 -29.80 -107.32 -42.07
CA VAL D 1214 -29.30 -106.12 -42.72
C VAL D 1214 -27.81 -105.98 -42.44
N TYR D 1215 -27.03 -105.91 -43.51
CA TYR D 1215 -25.65 -105.43 -43.45
C TYR D 1215 -25.67 -103.91 -43.41
N THR D 1216 -25.01 -103.34 -42.41
CA THR D 1216 -25.16 -101.92 -42.08
C THR D 1216 -24.44 -101.04 -43.09
N ASN D 1217 -24.34 -99.76 -42.75
CA ASN D 1217 -23.74 -98.71 -43.57
C ASN D 1217 -22.44 -99.14 -44.23
N GLY D 1218 -21.44 -99.46 -43.44
CA GLY D 1218 -20.13 -99.73 -43.99
C GLY D 1218 -19.06 -99.14 -43.10
N SER D 1219 -18.09 -98.47 -43.73
CA SER D 1219 -17.00 -97.82 -43.04
C SER D 1219 -16.64 -96.52 -43.74
N LEU D 1220 -16.53 -95.45 -42.97
CA LEU D 1220 -16.04 -94.18 -43.52
C LEU D 1220 -14.55 -94.31 -43.79
N ALA D 1221 -14.11 -93.83 -44.95
CA ALA D 1221 -12.71 -93.92 -45.35
C ALA D 1221 -12.21 -92.56 -45.80
N ILE D 1222 -11.06 -92.16 -45.28
CA ILE D 1222 -10.40 -90.95 -45.75
C ILE D 1222 -9.63 -91.27 -47.03
N VAL D 1223 -9.79 -90.43 -48.04
CA VAL D 1223 -9.12 -90.59 -49.32
C VAL D 1223 -8.01 -89.55 -49.39
N LEU D 1224 -6.78 -90.05 -49.48
CA LEU D 1224 -5.57 -89.23 -49.55
C LEU D 1224 -4.81 -89.63 -50.80
N ASN D 1225 -4.41 -88.65 -51.60
CA ASN D 1225 -3.69 -88.88 -52.85
C ASN D 1225 -4.45 -89.82 -53.78
N GLY D 1226 -5.78 -89.86 -53.66
CA GLY D 1226 -6.60 -90.71 -54.47
C GLY D 1226 -6.81 -92.12 -53.95
N LYS D 1227 -6.25 -92.45 -52.79
CA LYS D 1227 -6.35 -93.79 -52.21
C LYS D 1227 -7.19 -93.73 -50.95
N ALA D 1228 -8.14 -94.66 -50.82
CA ALA D 1228 -9.03 -94.69 -49.67
C ALA D 1228 -8.44 -95.53 -48.54
N TYR D 1229 -8.78 -95.15 -47.31
CA TYR D 1229 -8.28 -95.83 -46.11
C TYR D 1229 -9.40 -95.79 -45.07
N SER D 1230 -9.87 -96.96 -44.66
CA SER D 1230 -11.05 -97.06 -43.79
C SER D 1230 -10.78 -96.44 -42.43
N LEU D 1231 -11.83 -95.85 -41.85
CA LEU D 1231 -11.76 -95.24 -40.52
C LEU D 1231 -12.81 -95.79 -39.57
N GLY D 1232 -13.24 -97.04 -39.77
CA GLY D 1232 -14.27 -97.62 -38.93
C GLY D 1232 -15.66 -97.35 -39.47
N PRO D 1233 -16.68 -97.96 -38.83
CA PRO D 1233 -18.05 -97.85 -39.34
C PRO D 1233 -18.53 -96.42 -39.56
N ALA D 1234 -19.14 -96.18 -40.74
CA ALA D 1234 -19.62 -94.85 -41.06
C ALA D 1234 -20.99 -94.57 -40.45
N GLY D 1235 -21.67 -95.61 -39.98
CA GLY D 1235 -22.98 -95.43 -39.37
C GLY D 1235 -22.99 -94.49 -38.19
N LEU D 1236 -21.96 -94.56 -37.33
CA LEU D 1236 -21.86 -93.65 -36.20
C LEU D 1236 -21.38 -92.27 -36.64
N PHE D 1237 -20.48 -92.23 -37.64
CA PHE D 1237 -19.96 -90.96 -38.12
C PHE D 1237 -21.00 -90.18 -38.91
N LEU D 1238 -21.71 -90.83 -39.83
CA LEU D 1238 -22.53 -90.11 -40.80
C LEU D 1238 -23.99 -90.12 -40.39
N LEU D 1239 -24.69 -89.07 -40.83
CA LEU D 1239 -26.10 -88.85 -40.62
C LEU D 1239 -26.76 -88.67 -41.98
N PRO D 1240 -27.95 -89.24 -42.19
CA PRO D 1240 -28.78 -90.06 -41.27
C PRO D 1240 -28.30 -91.46 -40.99
N PHE D 1241 -28.90 -92.08 -39.98
CA PHE D 1241 -28.81 -93.51 -39.75
C PHE D 1241 -30.15 -94.00 -39.20
N VAL D 1242 -30.40 -95.31 -39.35
CA VAL D 1242 -31.64 -95.92 -38.89
C VAL D 1242 -31.30 -96.84 -37.73
N THR D 1243 -31.91 -96.60 -36.57
CA THR D 1243 -31.65 -97.42 -35.39
C THR D 1243 -32.71 -98.49 -35.25
N TYR D 1244 -32.30 -99.75 -35.37
CA TYR D 1244 -33.15 -100.88 -35.03
C TYR D 1244 -32.51 -101.59 -33.84
N THR D 1245 -33.19 -101.56 -32.70
CA THR D 1245 -32.69 -102.11 -31.43
C THR D 1245 -31.30 -101.56 -31.12
N GLY D 1246 -31.10 -100.28 -31.37
CA GLY D 1246 -29.83 -99.63 -31.11
C GLY D 1246 -28.75 -99.88 -32.15
N SER D 1247 -29.08 -100.49 -33.28
CA SER D 1247 -28.13 -100.79 -34.33
C SER D 1247 -28.33 -99.81 -35.47
N ALA D 1248 -27.24 -99.18 -35.90
CA ALA D 1248 -27.32 -98.13 -36.91
C ALA D 1248 -27.10 -98.70 -38.31
N ILE D 1249 -27.98 -98.34 -39.24
CA ILE D 1249 -27.91 -98.78 -40.62
C ILE D 1249 -27.91 -97.55 -41.52
N GLY D 1250 -26.99 -97.51 -42.48
CA GLY D 1250 -26.87 -96.40 -43.40
C GLY D 1250 -26.83 -96.86 -44.85
N ALA D 1251 -26.27 -96.00 -45.71
CA ALA D 1251 -26.16 -96.28 -47.13
C ALA D 1251 -25.21 -97.45 -47.35
N ASN D 1252 -25.19 -97.98 -48.57
CA ASN D 1252 -24.39 -99.14 -48.92
C ASN D 1252 -24.79 -100.35 -48.08
N ALA D 1253 -26.02 -100.33 -47.56
CA ALA D 1253 -26.54 -101.45 -46.79
C ALA D 1253 -26.94 -102.60 -47.70
N THR D 1254 -27.23 -103.75 -47.10
CA THR D 1254 -27.66 -104.93 -47.84
C THR D 1254 -28.70 -105.68 -47.03
N ALA D 1255 -29.95 -105.66 -47.48
CA ALA D 1255 -31.04 -106.26 -46.72
C ALA D 1255 -31.38 -107.62 -47.31
N ILE D 1256 -31.19 -108.68 -46.52
CA ILE D 1256 -31.64 -110.01 -46.87
C ILE D 1256 -33.02 -110.20 -46.26
N ILE D 1257 -34.03 -110.30 -47.11
CA ILE D 1257 -35.41 -110.50 -46.69
C ILE D 1257 -35.66 -112.00 -46.59
N THR D 1258 -36.03 -112.45 -45.39
CA THR D 1258 -36.40 -113.83 -45.13
C THR D 1258 -37.91 -113.91 -45.00
N VAL D 1259 -38.56 -114.48 -46.00
CA VAL D 1259 -40.01 -114.58 -46.06
C VAL D 1259 -40.43 -115.96 -45.57
N SER D 1260 -41.32 -116.00 -44.59
CA SER D 1260 -41.87 -117.24 -44.05
C SER D 1260 -43.32 -117.36 -44.47
N ASP D 1261 -43.65 -118.51 -45.08
CA ASP D 1261 -45.00 -118.75 -45.58
C ASP D 1261 -45.30 -120.24 -45.42
N GLY D 1262 -46.48 -120.65 -45.90
CA GLY D 1262 -46.89 -122.04 -45.80
C GLY D 1262 -45.96 -123.01 -46.50
N VAL D 1263 -45.35 -122.59 -47.61
CA VAL D 1263 -44.32 -123.38 -48.27
C VAL D 1263 -43.09 -123.57 -47.38
N GLY D 1264 -42.71 -122.55 -46.62
CA GLY D 1264 -41.56 -122.64 -45.76
C GLY D 1264 -40.80 -121.34 -45.62
N THR D 1265 -39.49 -121.38 -45.90
CA THR D 1265 -38.62 -120.23 -45.74
C THR D 1265 -37.94 -119.92 -47.06
N SER D 1266 -37.96 -118.64 -47.45
CA SER D 1266 -37.30 -118.18 -48.65
C SER D 1266 -36.45 -116.97 -48.31
N THR D 1267 -35.35 -116.79 -49.06
CA THR D 1267 -34.43 -115.70 -48.82
C THR D 1267 -34.15 -114.96 -50.12
N THR D 1268 -34.21 -113.64 -50.07
CA THR D 1268 -33.84 -112.78 -51.18
C THR D 1268 -32.95 -111.66 -50.69
N GLN D 1269 -32.22 -111.04 -51.61
CA GLN D 1269 -31.26 -110.00 -51.26
C GLN D 1269 -31.55 -108.73 -52.05
N VAL D 1270 -31.57 -107.59 -51.35
CA VAL D 1270 -31.70 -106.28 -51.98
C VAL D 1270 -30.54 -105.42 -51.51
N PRO D 1271 -29.62 -105.02 -52.39
CA PRO D 1271 -28.53 -104.14 -51.98
C PRO D 1271 -28.95 -102.68 -51.98
N ILE D 1272 -28.65 -101.99 -50.90
CA ILE D 1272 -28.86 -100.55 -50.81
C ILE D 1272 -27.62 -99.85 -51.36
N THR D 1273 -27.81 -98.91 -52.26
CA THR D 1273 -26.71 -98.21 -52.91
C THR D 1273 -26.25 -97.06 -52.05
N ALA D 1274 -25.19 -96.39 -52.52
CA ALA D 1274 -24.70 -95.18 -51.88
C ALA D 1274 -25.54 -93.97 -52.24
N GLU D 1275 -26.44 -94.12 -53.21
CA GLU D 1275 -27.33 -93.04 -53.64
C GLU D 1275 -28.72 -93.21 -53.04
N ASN D 1276 -28.92 -94.23 -52.21
CA ASN D 1276 -30.19 -94.48 -51.54
C ASN D 1276 -30.02 -94.09 -50.08
N PHE D 1277 -29.21 -93.06 -49.84
CA PHE D 1277 -28.82 -92.60 -48.51
C PHE D 1277 -29.95 -91.82 -47.84
N THR D 1278 -30.65 -90.99 -48.61
CA THR D 1278 -32.05 -90.59 -48.40
C THR D 1278 -32.41 -90.25 -46.95
N PRO D 1279 -32.18 -89.02 -46.49
CA PRO D 1279 -32.82 -88.59 -45.24
C PRO D 1279 -34.34 -88.60 -45.36
N ILE D 1280 -35.01 -89.01 -44.29
CA ILE D 1280 -36.48 -89.03 -44.22
C ILE D 1280 -36.90 -88.41 -42.90
N ARG D 1281 -37.87 -87.49 -42.96
CA ARG D 1281 -38.36 -86.79 -41.78
C ARG D 1281 -39.80 -87.18 -41.47
N LEU D 1282 -40.09 -87.42 -40.19
CA LEU D 1282 -41.43 -87.67 -39.71
C LEU D 1282 -41.93 -86.45 -38.94
N ALA D 1283 -43.05 -85.88 -39.37
CA ALA D 1283 -43.52 -84.64 -38.77
C ALA D 1283 -45.00 -84.72 -38.42
N PRO D 1284 -45.42 -84.05 -37.35
CA PRO D 1284 -46.85 -83.95 -37.03
C PRO D 1284 -47.58 -83.09 -38.05
N PHE D 1285 -48.89 -83.29 -38.12
CA PHE D 1285 -49.70 -82.55 -39.09
C PHE D 1285 -49.80 -81.06 -38.75
N GLN D 1286 -49.65 -80.69 -37.48
CA GLN D 1286 -49.74 -79.30 -37.08
C GLN D 1286 -48.39 -78.58 -37.17
N VAL D 1287 -47.32 -79.32 -37.46
CA VAL D 1287 -45.98 -78.76 -37.59
C VAL D 1287 -45.63 -78.68 -39.07
N PRO D 1288 -44.97 -77.61 -39.52
CA PRO D 1288 -44.59 -77.51 -40.94
C PRO D 1288 -43.73 -78.69 -41.37
N ALA D 1289 -43.97 -79.17 -42.60
CA ALA D 1289 -43.25 -80.30 -43.16
C ALA D 1289 -42.33 -79.90 -44.29
N GLN D 1290 -42.57 -78.73 -44.90
CA GLN D 1290 -41.69 -78.23 -45.95
C GLN D 1290 -40.47 -77.53 -45.38
N VAL D 1291 -40.49 -77.22 -44.09
CA VAL D 1291 -39.36 -76.60 -43.41
C VAL D 1291 -38.65 -77.66 -42.59
N PRO D 1292 -37.38 -77.94 -42.84
CA PRO D 1292 -36.65 -78.95 -42.05
C PRO D 1292 -36.60 -78.56 -40.58
N LEU D 1293 -36.66 -79.57 -39.71
CA LEU D 1293 -36.65 -79.33 -38.27
C LEU D 1293 -35.22 -79.37 -37.74
N PRO D 1294 -34.68 -78.26 -37.27
CA PRO D 1294 -33.31 -78.27 -36.73
C PRO D 1294 -33.28 -78.58 -35.24
N ASN D 1295 -34.45 -78.56 -34.60
CA ASN D 1295 -34.56 -78.82 -33.17
C ASN D 1295 -34.93 -80.25 -32.88
N ALA D 1296 -34.52 -81.19 -33.74
CA ALA D 1296 -34.85 -82.59 -33.53
C ALA D 1296 -33.57 -83.40 -33.39
N PRO D 1297 -33.40 -84.12 -32.28
CA PRO D 1297 -32.23 -84.99 -32.13
C PRO D 1297 -32.17 -86.08 -33.21
N LYS D 1298 -31.00 -86.71 -33.33
CA LYS D 1298 -30.77 -87.69 -34.38
C LYS D 1298 -31.60 -88.95 -34.18
N LEU D 1299 -32.04 -89.22 -32.95
CA LEU D 1299 -32.74 -90.46 -32.65
C LEU D 1299 -34.26 -90.29 -32.57
N LYS D 1300 -34.75 -89.11 -32.22
CA LYS D 1300 -36.18 -88.91 -32.01
C LYS D 1300 -36.52 -87.43 -31.89
N TYR D 1301 -37.78 -87.09 -32.06
CA TYR D 1301 -38.30 -85.77 -31.75
C TYR D 1301 -39.53 -85.94 -30.87
N GLU D 1302 -39.49 -85.34 -29.68
CA GLU D 1302 -40.58 -85.41 -28.72
C GLU D 1302 -41.48 -84.18 -28.91
N TYR D 1303 -42.65 -84.40 -29.49
CA TYR D 1303 -43.62 -83.32 -29.68
C TYR D 1303 -44.43 -83.17 -28.41
N ASN D 1304 -44.21 -82.06 -27.70
CA ASN D 1304 -44.87 -81.80 -26.43
C ASN D 1304 -46.26 -81.19 -26.58
N GLY D 1305 -46.69 -80.92 -27.82
CA GLY D 1305 -48.02 -80.38 -28.02
C GLY D 1305 -49.10 -81.34 -27.58
N SER D 1306 -50.19 -80.80 -27.05
CA SER D 1306 -51.28 -81.60 -26.53
C SER D 1306 -52.09 -82.19 -27.67
N ILE D 1307 -52.28 -83.51 -27.64
CA ILE D 1307 -53.06 -84.22 -28.65
C ILE D 1307 -54.08 -85.08 -27.92
N VAL D 1308 -55.36 -84.93 -28.28
CA VAL D 1308 -56.45 -85.70 -27.73
C VAL D 1308 -57.07 -86.52 -28.86
N ILE D 1309 -57.05 -87.84 -28.71
CA ILE D 1309 -57.55 -88.75 -29.73
C ILE D 1309 -59.04 -88.96 -29.53
N THR D 1310 -59.84 -88.50 -30.48
CA THR D 1310 -61.28 -88.70 -30.43
C THR D 1310 -61.60 -90.17 -30.71
N PRO D 1311 -62.72 -90.68 -30.18
CA PRO D 1311 -63.08 -92.08 -30.45
C PRO D 1311 -63.48 -92.34 -31.90
N GLN D 1312 -63.64 -91.28 -32.69
CA GLN D 1312 -63.95 -91.42 -34.11
C GLN D 1312 -62.71 -91.55 -34.98
N GLN D 1313 -61.52 -91.54 -34.37
CA GLN D 1313 -60.28 -91.56 -35.11
C GLN D 1313 -59.54 -92.87 -34.82
N GLN D 1314 -59.24 -93.62 -35.88
CA GLN D 1314 -58.40 -94.80 -35.78
C GLN D 1314 -57.13 -94.66 -36.61
N VAL D 1315 -56.95 -93.52 -37.28
CA VAL D 1315 -55.77 -93.25 -38.08
C VAL D 1315 -55.21 -91.89 -37.69
N LEU D 1316 -53.89 -91.79 -37.63
CA LEU D 1316 -53.20 -90.55 -37.29
C LEU D 1316 -52.59 -89.99 -38.56
N LYS D 1317 -52.92 -88.72 -38.87
CA LYS D 1317 -52.40 -88.09 -40.06
C LYS D 1317 -51.05 -87.45 -39.77
N ILE D 1318 -49.99 -87.95 -40.43
CA ILE D 1318 -48.64 -87.43 -40.24
C ILE D 1318 -48.05 -87.11 -41.60
N TYR D 1319 -46.93 -86.38 -41.59
CA TYR D 1319 -46.24 -86.04 -42.82
C TYR D 1319 -44.90 -86.76 -42.89
N VAL D 1320 -44.61 -87.34 -44.06
CA VAL D 1320 -43.33 -87.97 -44.33
C VAL D 1320 -42.63 -87.11 -45.39
N THR D 1321 -41.52 -86.48 -45.01
CA THR D 1321 -40.79 -85.60 -45.89
C THR D 1321 -39.55 -86.30 -46.43
N SER D 1322 -39.38 -86.25 -47.74
CA SER D 1322 -38.25 -86.89 -48.42
C SER D 1322 -37.42 -85.84 -49.15
N ILE D 1323 -36.13 -85.81 -48.83
CA ILE D 1323 -35.20 -84.92 -49.51
C ILE D 1323 -34.59 -85.60 -50.74
N LEU D 1324 -34.35 -86.89 -50.65
CA LEU D 1324 -33.85 -87.69 -51.76
C LEU D 1324 -34.90 -88.71 -52.15
N PRO D 1325 -34.87 -89.21 -53.40
CA PRO D 1325 -35.93 -90.13 -53.85
C PRO D 1325 -36.06 -91.37 -52.97
N TYR D 1326 -37.31 -91.79 -52.76
CA TYR D 1326 -37.61 -92.91 -51.87
C TYR D 1326 -38.50 -93.91 -52.61
N PRO D 1327 -37.94 -94.86 -53.35
CA PRO D 1327 -38.77 -95.73 -54.19
C PRO D 1327 -39.34 -96.94 -53.47
N GLN D 1328 -38.67 -97.43 -52.41
CA GLN D 1328 -39.07 -98.68 -51.78
C GLN D 1328 -40.13 -98.43 -50.71
N GLU D 1329 -40.88 -99.48 -50.39
CA GLU D 1329 -41.98 -99.42 -49.43
C GLU D 1329 -41.46 -99.61 -48.01
N PHE D 1330 -42.30 -99.28 -47.05
CA PHE D 1330 -41.94 -99.40 -45.63
C PHE D 1330 -43.22 -99.46 -44.81
N GLN D 1331 -43.10 -99.24 -43.51
CA GLN D 1331 -44.25 -99.12 -42.63
C GLN D 1331 -43.92 -98.19 -41.49
N ILE D 1332 -44.96 -97.69 -40.84
CA ILE D 1332 -44.84 -96.91 -39.62
C ILE D 1332 -45.35 -97.80 -38.49
N GLN D 1333 -44.48 -98.12 -37.54
CA GLN D 1333 -44.89 -98.86 -36.36
C GLN D 1333 -45.15 -97.91 -35.20
N ALA D 1334 -46.29 -98.10 -34.56
CA ALA D 1334 -46.72 -97.30 -33.42
C ALA D 1334 -46.58 -98.14 -32.15
N PHE D 1335 -45.71 -97.68 -31.25
CA PHE D 1335 -45.53 -98.30 -29.95
C PHE D 1335 -46.15 -97.38 -28.91
N VAL D 1336 -47.19 -97.86 -28.24
CA VAL D 1336 -47.89 -97.08 -27.22
C VAL D 1336 -47.40 -97.52 -25.86
N TYR D 1337 -46.96 -96.54 -25.06
CA TYR D 1337 -46.55 -96.76 -23.68
C TYR D 1337 -47.47 -95.94 -22.79
N GLU D 1338 -47.64 -96.39 -21.55
CA GLU D 1338 -48.37 -95.57 -20.59
C GLU D 1338 -47.53 -94.36 -20.20
N ALA D 1339 -48.21 -93.27 -19.83
CA ALA D 1339 -47.49 -92.05 -19.47
C ALA D 1339 -46.60 -92.27 -18.26
N SER D 1340 -47.02 -93.13 -17.33
CA SER D 1340 -46.18 -93.44 -16.18
C SER D 1340 -45.03 -94.36 -16.57
N GLN D 1341 -45.21 -95.19 -17.61
CA GLN D 1341 -44.20 -96.13 -18.05
C GLN D 1341 -43.24 -95.54 -19.07
N PHE D 1342 -43.41 -94.25 -19.40
CA PHE D 1342 -42.52 -93.57 -20.33
C PHE D 1342 -41.95 -92.34 -19.65
N ASN D 1343 -40.63 -92.18 -19.72
CA ASN D 1343 -39.95 -91.03 -19.14
C ASN D 1343 -39.85 -89.94 -20.20
N VAL D 1344 -40.77 -88.97 -20.13
CA VAL D 1344 -40.78 -87.88 -21.09
C VAL D 1344 -39.62 -86.93 -20.89
N HIS D 1345 -39.02 -86.92 -19.71
CA HIS D 1345 -37.88 -86.04 -19.45
C HIS D 1345 -36.66 -86.45 -20.26
N THR D 1346 -36.40 -87.75 -20.35
CA THR D 1346 -35.26 -88.25 -21.12
C THR D 1346 -35.64 -88.81 -22.48
N GLY D 1347 -36.92 -89.04 -22.73
CA GLY D 1347 -37.36 -89.57 -24.02
C GLY D 1347 -37.05 -91.03 -24.24
N SER D 1348 -36.65 -91.76 -23.19
CA SER D 1348 -36.34 -93.16 -23.31
C SER D 1348 -37.41 -93.99 -22.63
N PRO D 1349 -37.88 -95.07 -23.26
CA PRO D 1349 -38.91 -95.91 -22.62
C PRO D 1349 -38.33 -96.68 -21.44
N THR D 1350 -39.04 -96.61 -20.32
CA THR D 1350 -38.63 -97.30 -19.10
C THR D 1350 -39.24 -98.69 -18.98
N ALA D 1351 -40.04 -99.11 -19.96
CA ALA D 1351 -40.68 -100.42 -19.94
C ALA D 1351 -41.06 -100.81 -21.37
N ALA D 1352 -41.46 -102.06 -21.52
CA ALA D 1352 -41.92 -102.54 -22.82
C ALA D 1352 -43.21 -101.82 -23.21
N PRO D 1353 -43.46 -101.64 -24.50
CA PRO D 1353 -44.69 -100.95 -24.93
C PRO D 1353 -45.93 -101.70 -24.47
N VAL D 1354 -46.94 -100.95 -24.02
CA VAL D 1354 -48.18 -101.58 -23.60
C VAL D 1354 -49.03 -101.95 -24.81
N TYR D 1355 -48.74 -101.39 -25.98
CA TYR D 1355 -49.40 -101.84 -27.20
C TYR D 1355 -48.50 -101.58 -28.39
N PHE D 1356 -48.70 -102.37 -29.44
CA PHE D 1356 -47.96 -102.21 -30.69
C PHE D 1356 -48.92 -102.34 -31.85
N SER D 1357 -48.66 -101.56 -32.91
CA SER D 1357 -49.46 -101.59 -34.11
C SER D 1357 -48.57 -101.20 -35.29
N TYR D 1358 -49.05 -101.49 -36.50
CA TYR D 1358 -48.27 -101.18 -37.70
C TYR D 1358 -49.20 -100.67 -38.79
N SER D 1359 -48.63 -99.85 -39.68
CA SER D 1359 -49.36 -99.34 -40.85
C SER D 1359 -48.39 -99.38 -42.03
N ALA D 1360 -48.68 -100.25 -43.00
CA ALA D 1360 -47.80 -100.40 -44.14
C ALA D 1360 -47.97 -99.24 -45.12
N VAL D 1361 -46.90 -98.49 -45.32
CA VAL D 1361 -46.88 -97.34 -46.22
C VAL D 1361 -46.13 -97.76 -47.47
N ARG D 1362 -46.86 -97.90 -48.57
CA ARG D 1362 -46.27 -98.19 -49.88
C ARG D 1362 -45.90 -96.87 -50.54
N ALA D 1363 -44.62 -96.66 -50.78
CA ALA D 1363 -44.12 -95.38 -51.28
C ALA D 1363 -44.60 -95.17 -52.71
N TYR D 1364 -45.63 -94.34 -52.85
CA TYR D 1364 -46.16 -93.95 -54.15
C TYR D 1364 -46.38 -92.45 -54.17
N PRO D 1365 -46.20 -91.81 -55.33
CA PRO D 1365 -46.46 -90.37 -55.41
C PRO D 1365 -47.94 -90.04 -55.20
N ALA D 1366 -48.20 -88.87 -54.64
CA ALA D 1366 -49.56 -88.41 -54.43
C ALA D 1366 -50.04 -87.66 -55.66
N LEU D 1367 -49.28 -86.65 -56.05
CA LEU D 1367 -49.53 -85.90 -57.27
C LEU D 1367 -48.87 -86.54 -58.47
N GLY D 1368 -48.31 -85.74 -59.38
CA GLY D 1368 -47.56 -86.24 -60.51
C GLY D 1368 -46.54 -87.29 -60.14
N ILE D 1369 -46.47 -88.34 -60.96
CA ILE D 1369 -45.56 -89.45 -60.70
C ILE D 1369 -44.12 -88.99 -60.87
N GLY D 1370 -43.28 -89.28 -59.89
CA GLY D 1370 -41.89 -88.87 -59.93
C GLY D 1370 -41.62 -87.48 -59.42
N THR D 1371 -42.42 -86.50 -59.84
CA THR D 1371 -42.22 -85.11 -59.43
C THR D 1371 -43.29 -84.65 -58.44
N SER D 1372 -43.81 -85.56 -57.62
CA SER D 1372 -44.84 -85.21 -56.65
C SER D 1372 -44.26 -84.36 -55.53
N VAL D 1373 -45.11 -83.99 -54.58
CA VAL D 1373 -44.70 -83.21 -53.42
C VAL D 1373 -43.72 -84.04 -52.60
N PRO D 1374 -42.62 -83.45 -52.11
CA PRO D 1374 -41.72 -84.19 -51.21
C PRO D 1374 -42.35 -84.60 -49.89
N ASN D 1375 -43.61 -84.23 -49.66
CA ASN D 1375 -44.33 -84.57 -48.43
C ASN D 1375 -45.45 -85.53 -48.78
N LEU D 1376 -45.54 -86.62 -48.02
CA LEU D 1376 -46.59 -87.62 -48.17
C LEU D 1376 -47.45 -87.62 -46.92
N LEU D 1377 -48.76 -87.54 -47.10
CA LEU D 1377 -49.70 -87.60 -45.99
C LEU D 1377 -49.99 -89.06 -45.65
N VAL D 1378 -49.46 -89.52 -44.52
CA VAL D 1378 -49.56 -90.92 -44.11
C VAL D 1378 -50.62 -91.04 -43.03
N TYR D 1379 -51.60 -91.90 -43.25
CA TYR D 1379 -52.60 -92.25 -42.25
C TYR D 1379 -52.11 -93.48 -41.50
N VAL D 1380 -51.37 -93.26 -40.41
CA VAL D 1380 -50.86 -94.33 -39.58
C VAL D 1380 -52.06 -95.02 -38.94
N GLN D 1381 -52.33 -96.25 -39.36
CA GLN D 1381 -53.47 -96.99 -38.84
C GLN D 1381 -53.08 -97.79 -37.61
N LEU D 1382 -54.08 -98.21 -36.84
CA LEU D 1382 -53.87 -99.04 -35.66
C LEU D 1382 -54.70 -100.31 -35.76
N GLN D 1383 -54.10 -101.47 -35.50
CA GLN D 1383 -54.82 -102.74 -35.55
C GLN D 1383 -55.70 -102.92 -34.32
N GLY D 1384 -56.62 -101.98 -34.11
CA GLY D 1384 -57.47 -101.98 -32.93
C GLY D 1384 -57.12 -100.92 -31.92
N ILE D 1385 -57.86 -99.81 -31.91
CA ILE D 1385 -57.59 -98.75 -30.96
C ILE D 1385 -58.40 -98.94 -29.69
N SER D 1386 -59.43 -99.79 -29.73
CA SER D 1386 -60.20 -100.09 -28.52
C SER D 1386 -59.41 -100.93 -27.54
N ASN D 1387 -58.29 -101.52 -27.98
CA ASN D 1387 -57.44 -102.30 -27.08
C ASN D 1387 -56.82 -101.45 -25.99
N LEU D 1388 -56.57 -100.16 -26.25
CA LEU D 1388 -56.00 -99.28 -25.25
C LEU D 1388 -57.09 -98.54 -24.49
N PRO D 1389 -57.15 -98.72 -23.17
CA PRO D 1389 -58.13 -97.97 -22.37
C PRO D 1389 -57.85 -96.48 -22.41
N ALA D 1390 -58.90 -95.70 -22.17
CA ALA D 1390 -58.79 -94.24 -22.18
C ALA D 1390 -57.84 -93.78 -21.08
N GLY D 1391 -56.97 -92.83 -21.41
CA GLY D 1391 -56.03 -92.31 -20.44
C GLY D 1391 -54.93 -91.54 -21.11
N LYS D 1392 -53.82 -91.38 -20.38
CA LYS D 1392 -52.65 -90.68 -20.89
C LYS D 1392 -51.62 -91.69 -21.40
N TYR D 1393 -51.02 -91.38 -22.54
CA TYR D 1393 -50.13 -92.29 -23.24
C TYR D 1393 -49.02 -91.51 -23.92
N VAL D 1394 -47.95 -92.23 -24.25
CA VAL D 1394 -46.88 -91.74 -25.11
C VAL D 1394 -46.78 -92.69 -26.30
N ILE D 1395 -46.91 -92.13 -27.51
CA ILE D 1395 -46.95 -92.92 -28.73
C ILE D 1395 -45.71 -92.63 -29.54
N VAL D 1396 -44.96 -93.67 -29.88
CA VAL D 1396 -43.72 -93.55 -30.65
C VAL D 1396 -43.98 -94.13 -32.04
N LEU D 1397 -43.82 -93.30 -33.06
CA LEU D 1397 -43.90 -93.71 -34.45
C LEU D 1397 -42.50 -93.88 -35.02
N SER D 1398 -42.23 -95.09 -35.53
CA SER D 1398 -40.90 -95.41 -36.04
C SER D 1398 -41.03 -96.00 -37.43
N ALA D 1399 -40.14 -95.60 -38.33
CA ALA D 1399 -40.16 -96.12 -39.68
C ALA D 1399 -39.42 -97.45 -39.76
N VAL D 1400 -40.16 -98.52 -40.02
CA VAL D 1400 -39.58 -99.85 -40.18
C VAL D 1400 -39.72 -100.25 -41.64
N PRO D 1401 -38.61 -100.47 -42.35
CA PRO D 1401 -38.71 -100.66 -43.79
C PRO D 1401 -38.97 -102.12 -44.17
N PHE D 1402 -39.58 -102.29 -45.35
CA PHE D 1402 -39.94 -103.59 -45.89
C PHE D 1402 -39.18 -103.87 -47.18
N ALA D 1403 -38.84 -105.14 -47.38
CA ALA D 1403 -38.34 -105.65 -48.66
C ALA D 1403 -37.16 -104.85 -49.18
N GLY D 1404 -36.02 -104.95 -48.49
CA GLY D 1404 -34.84 -104.20 -48.89
C GLY D 1404 -34.71 -102.87 -48.20
N GLY D 1405 -34.70 -102.87 -46.87
CA GLY D 1405 -34.79 -101.66 -46.07
C GLY D 1405 -33.86 -100.53 -46.48
N PRO D 1406 -34.44 -99.45 -47.00
CA PRO D 1406 -33.64 -98.28 -47.38
C PRO D 1406 -33.17 -97.49 -46.17
N VAL D 1407 -32.51 -96.37 -46.45
CA VAL D 1407 -31.99 -95.51 -45.39
C VAL D 1407 -32.96 -94.35 -45.16
N LEU D 1408 -33.14 -93.96 -43.90
CA LEU D 1408 -34.08 -92.92 -43.51
C LEU D 1408 -33.60 -92.20 -42.26
N SER D 1409 -34.52 -91.45 -41.66
CA SER D 1409 -34.48 -91.06 -40.25
C SER D 1409 -33.31 -90.19 -39.80
N GLU D 1410 -33.26 -88.93 -40.25
CA GLU D 1410 -32.52 -87.90 -39.54
C GLU D 1410 -33.41 -86.69 -39.26
N TYR D 1411 -33.37 -86.20 -38.01
CA TYR D 1411 -34.06 -84.98 -37.59
C TYR D 1411 -35.53 -85.01 -38.01
N PRO D 1412 -36.35 -85.89 -37.44
CA PRO D 1412 -36.02 -86.90 -36.43
C PRO D 1412 -35.89 -88.31 -36.99
N ALA D 1413 -35.53 -89.27 -36.14
CA ALA D 1413 -35.59 -90.67 -36.51
C ALA D 1413 -36.91 -91.31 -36.07
N GLN D 1414 -37.46 -90.85 -34.96
CA GLN D 1414 -38.74 -91.32 -34.46
C GLN D 1414 -39.58 -90.11 -34.06
N LEU D 1415 -40.90 -90.28 -34.07
CA LEU D 1415 -41.82 -89.20 -33.71
C LEU D 1415 -42.53 -89.62 -32.42
N ILE D 1416 -42.21 -88.96 -31.31
CA ILE D 1416 -42.69 -89.36 -30.01
C ILE D 1416 -43.70 -88.30 -29.54
N PHE D 1417 -44.97 -88.65 -29.57
CA PHE D 1417 -46.02 -87.83 -28.97
C PHE D 1417 -46.09 -88.18 -27.49
N THR D 1418 -45.61 -87.27 -26.64
CA THR D 1418 -45.48 -87.56 -25.21
C THR D 1418 -46.72 -87.18 -24.41
N ASN D 1419 -47.73 -86.59 -25.05
CA ASN D 1419 -48.91 -86.13 -24.33
C ASN D 1419 -50.19 -86.62 -25.00
N VAL D 1420 -50.22 -87.89 -25.39
CA VAL D 1420 -51.41 -88.47 -26.02
C VAL D 1420 -52.49 -88.63 -24.97
N THR D 1421 -53.70 -88.17 -25.29
CA THR D 1421 -54.85 -88.34 -24.40
C THR D 1421 -55.91 -89.12 -25.15
N LEU D 1422 -55.95 -90.43 -24.92
CA LEU D 1422 -56.94 -91.28 -25.58
C LEU D 1422 -58.26 -91.22 -24.83
N THR D 1423 -59.30 -90.77 -25.53
CA THR D 1423 -60.64 -90.67 -24.96
C THR D 1423 -61.61 -91.45 -25.83
N GLN D 1424 -62.42 -92.29 -25.18
CA GLN D 1424 -63.43 -93.09 -25.87
C GLN D 1424 -64.78 -92.96 -25.20
N LEU E 30 19.60 -31.58 -38.91
CA LEU E 30 20.44 -32.47 -39.72
C LEU E 30 21.71 -32.81 -38.95
N THR E 31 22.86 -32.40 -39.51
CA THR E 31 24.14 -32.51 -38.81
C THR E 31 24.82 -31.15 -38.84
N PRO E 32 25.56 -30.79 -37.77
CA PRO E 32 25.83 -31.54 -36.53
C PRO E 32 24.62 -31.66 -35.60
N PRO E 33 24.58 -32.72 -34.79
CA PRO E 33 23.49 -32.85 -33.82
C PRO E 33 23.60 -31.80 -32.72
N VAL E 34 22.44 -31.47 -32.14
CA VAL E 34 22.37 -30.44 -31.11
C VAL E 34 21.64 -31.00 -29.90
N SER E 35 22.01 -30.52 -28.72
CA SER E 35 21.41 -30.96 -27.47
C SER E 35 20.44 -29.89 -26.95
N ALA E 36 19.69 -30.25 -25.91
CA ALA E 36 18.74 -29.32 -25.30
C ALA E 36 19.49 -28.17 -24.65
N GLY E 37 19.39 -26.98 -25.24
CA GLY E 37 20.09 -25.81 -24.74
C GLY E 37 21.57 -25.80 -25.05
N GLY E 38 22.02 -26.58 -26.03
CA GLY E 38 23.44 -26.64 -26.35
C GLY E 38 23.90 -25.47 -27.20
N ILE E 39 25.19 -25.51 -27.54
CA ILE E 39 25.83 -24.48 -28.35
C ILE E 39 26.40 -25.14 -29.60
N GLN E 40 26.29 -24.45 -30.73
CA GLN E 40 26.74 -24.98 -32.01
C GLN E 40 27.30 -23.82 -32.82
N ALA E 41 27.99 -24.15 -33.92
CA ALA E 41 28.64 -23.14 -34.75
C ALA E 41 28.38 -23.41 -36.23
N TYR E 42 28.55 -22.37 -37.04
CA TYR E 42 28.41 -22.48 -38.49
C TYR E 42 29.34 -21.47 -39.16
N LEU E 43 30.19 -21.94 -40.06
CA LEU E 43 31.07 -21.03 -40.79
C LEU E 43 30.34 -20.46 -42.01
N LEU E 44 30.57 -19.17 -42.27
CA LEU E 44 30.03 -18.53 -43.47
C LEU E 44 31.09 -18.57 -44.57
N THR E 45 30.93 -19.47 -45.53
CA THR E 45 31.85 -19.56 -46.66
C THR E 45 31.15 -20.23 -47.83
N GLY E 46 31.76 -20.16 -49.00
CA GLY E 46 31.23 -20.79 -50.19
C GLY E 46 31.29 -19.85 -51.38
N SER E 47 30.62 -20.26 -52.45
CA SER E 47 30.54 -19.43 -53.65
C SER E 47 29.63 -18.24 -53.37
N GLY E 48 30.19 -17.03 -53.47
CA GLY E 48 29.45 -15.82 -53.17
C GLY E 48 29.54 -15.37 -51.72
N ALA E 49 30.49 -15.91 -50.96
CA ALA E 49 30.65 -15.50 -49.57
C ALA E 49 31.09 -14.05 -49.49
N PRO E 50 30.56 -13.28 -48.53
CA PRO E 50 30.97 -11.87 -48.41
C PRO E 50 32.36 -11.69 -47.85
N ALA E 51 32.76 -12.51 -46.87
CA ALA E 51 34.09 -12.42 -46.28
C ALA E 51 34.42 -13.74 -45.59
N SER E 52 35.63 -14.25 -45.83
CA SER E 52 36.07 -15.50 -45.22
C SER E 52 36.61 -15.22 -43.82
N GLY E 53 36.08 -15.94 -42.85
CA GLY E 53 36.50 -15.77 -41.47
C GLY E 53 35.38 -15.44 -40.51
N LEU E 54 34.14 -15.54 -40.97
CA LEU E 54 32.97 -15.25 -40.14
C LEU E 54 32.37 -16.54 -39.61
N VAL E 55 32.23 -16.64 -38.30
CA VAL E 55 31.67 -17.82 -37.66
C VAL E 55 30.46 -17.38 -36.83
N LEU E 56 29.36 -18.11 -37.00
CA LEU E 56 28.11 -17.84 -36.32
C LEU E 56 27.95 -18.84 -35.19
N PHE E 57 28.01 -18.35 -33.95
CA PHE E 57 27.74 -19.18 -32.79
C PHE E 57 26.28 -19.07 -32.40
N VAL E 58 25.61 -20.22 -32.29
CA VAL E 58 24.20 -20.29 -31.97
C VAL E 58 24.03 -21.09 -30.69
N VAL E 59 23.01 -20.71 -29.91
CA VAL E 59 22.60 -21.47 -28.73
C VAL E 59 21.08 -21.62 -28.78
N ASN E 60 20.60 -22.84 -28.54
CA ASN E 60 19.20 -23.18 -28.70
C ASN E 60 18.39 -22.56 -27.57
N VAL E 61 17.41 -21.73 -27.92
CA VAL E 61 16.62 -21.01 -26.94
C VAL E 61 15.16 -21.38 -27.18
N SER E 62 14.96 -22.61 -27.64
CA SER E 62 13.63 -23.22 -27.69
C SER E 62 13.16 -23.72 -26.34
N ASN E 63 14.05 -23.75 -25.33
CA ASN E 63 13.67 -24.28 -24.02
C ASN E 63 12.87 -23.24 -23.22
N ILE E 64 13.06 -21.95 -23.51
CA ILE E 64 12.31 -20.88 -22.87
C ILE E 64 11.76 -19.96 -23.95
N GLN E 65 10.73 -19.18 -23.61
CA GLN E 65 10.17 -18.20 -24.53
C GLN E 65 10.74 -16.82 -24.25
N VAL E 66 11.15 -16.12 -25.31
CA VAL E 66 11.76 -14.81 -25.16
C VAL E 66 10.92 -13.79 -25.93
N SER E 67 10.54 -12.72 -25.23
CA SER E 67 9.78 -11.64 -25.84
C SER E 67 10.73 -10.49 -26.18
N SER E 68 10.16 -9.40 -26.70
CA SER E 68 10.97 -8.25 -27.07
C SER E 68 11.12 -7.25 -25.94
N SER E 69 10.43 -7.48 -24.81
CA SER E 69 10.49 -6.56 -23.68
C SER E 69 11.60 -6.93 -22.70
N ASN E 70 12.16 -8.13 -22.80
CA ASN E 70 13.23 -8.56 -21.90
C ASN E 70 14.32 -9.29 -22.66
N VAL E 71 14.30 -9.23 -24.00
CA VAL E 71 15.28 -9.96 -24.80
C VAL E 71 16.70 -9.53 -24.45
N THR E 72 16.88 -8.22 -24.21
CA THR E 72 18.21 -7.73 -23.87
C THR E 72 18.75 -8.42 -22.62
N ASN E 73 17.92 -8.57 -21.60
CA ASN E 73 18.37 -9.25 -20.37
C ASN E 73 18.76 -10.68 -20.65
N VAL E 74 17.90 -11.43 -21.36
CA VAL E 74 18.16 -12.86 -21.51
C VAL E 74 19.39 -13.08 -22.38
N ILE E 75 19.54 -12.32 -23.46
CA ILE E 75 20.72 -12.47 -24.30
C ILE E 75 21.97 -12.04 -23.54
N SER E 76 21.86 -11.02 -22.67
CA SER E 76 23.01 -10.63 -21.86
C SER E 76 23.43 -11.77 -20.96
N THR E 77 22.46 -12.44 -20.33
CA THR E 77 22.78 -13.58 -19.48
C THR E 77 23.41 -14.69 -20.30
N VAL E 78 22.85 -14.94 -21.49
CA VAL E 78 23.30 -16.07 -22.31
C VAL E 78 24.75 -15.86 -22.75
N VAL E 79 25.04 -14.67 -23.28
CA VAL E 79 26.42 -14.38 -23.68
C VAL E 79 27.34 -14.28 -22.48
N SER E 80 26.79 -14.01 -21.28
CA SER E 80 27.61 -14.07 -20.08
C SER E 80 27.99 -15.51 -19.75
N ASN E 81 27.10 -16.45 -20.09
CA ASN E 81 27.34 -17.85 -19.78
C ASN E 81 28.07 -18.61 -20.89
N ILE E 82 28.20 -18.01 -22.08
CA ILE E 82 28.90 -18.68 -23.18
C ILE E 82 30.40 -18.39 -23.08
N GLN E 83 31.21 -19.41 -23.34
CA GLN E 83 32.65 -19.26 -23.41
C GLN E 83 33.14 -19.79 -24.75
N ILE E 84 34.19 -19.14 -25.27
CA ILE E 84 34.74 -19.47 -26.58
C ILE E 84 36.18 -19.94 -26.40
N ASN E 85 36.48 -21.11 -26.93
CA ASN E 85 37.80 -21.73 -26.75
C ASN E 85 38.61 -21.61 -28.04
N ALA E 86 39.87 -21.23 -27.88
CA ALA E 86 40.83 -21.22 -28.98
C ALA E 86 41.90 -22.27 -28.68
N LYS E 87 42.22 -23.08 -29.68
CA LYS E 87 43.07 -24.24 -29.47
C LYS E 87 44.13 -24.31 -30.55
N THR E 88 45.30 -24.81 -30.17
CA THR E 88 46.38 -25.13 -31.08
C THR E 88 46.50 -26.65 -31.24
N GLU E 89 46.63 -27.08 -32.48
CA GLU E 89 46.64 -28.48 -32.86
C GLU E 89 47.49 -28.65 -34.12
N ASN E 90 47.37 -29.83 -34.73
CA ASN E 90 47.99 -30.07 -36.02
C ASN E 90 46.93 -29.95 -37.13
N ALA E 91 47.41 -29.88 -38.38
CA ALA E 91 46.51 -29.77 -39.52
C ALA E 91 46.11 -31.13 -40.07
N GLN E 92 46.38 -32.20 -39.32
CA GLN E 92 46.05 -33.57 -39.72
C GLN E 92 45.28 -34.32 -38.66
N THR E 93 45.20 -33.78 -37.45
CA THR E 93 44.74 -34.52 -36.29
C THR E 93 43.44 -33.94 -35.76
N GLY E 94 42.87 -34.61 -34.76
CA GLY E 94 41.74 -34.09 -34.02
C GLY E 94 41.98 -34.22 -32.54
N ALA E 95 43.26 -34.20 -32.16
CA ALA E 95 43.68 -34.38 -30.78
C ALA E 95 44.04 -33.03 -30.17
N THR E 96 43.38 -32.69 -29.06
CA THR E 96 43.61 -31.40 -28.42
C THR E 96 45.03 -31.31 -27.90
N THR E 97 45.76 -30.29 -28.37
CA THR E 97 47.14 -30.07 -27.97
C THR E 97 47.32 -28.86 -27.07
N GLY E 98 46.54 -27.80 -27.25
CA GLY E 98 46.55 -26.69 -26.32
C GLY E 98 45.26 -25.89 -26.38
N SER E 99 44.72 -25.47 -25.24
CA SER E 99 43.42 -24.83 -25.23
C SER E 99 43.41 -23.63 -24.28
N VAL E 100 42.72 -22.56 -24.70
CA VAL E 100 42.53 -21.36 -23.90
C VAL E 100 41.06 -20.94 -24.05
N THR E 101 40.52 -20.30 -23.02
CA THR E 101 39.12 -19.89 -23.03
C THR E 101 38.98 -18.39 -22.85
N VAL E 102 37.96 -17.81 -23.50
CA VAL E 102 37.62 -16.40 -23.38
C VAL E 102 36.11 -16.30 -23.25
N ARG E 103 35.60 -15.08 -23.00
CA ARG E 103 34.17 -14.89 -22.81
C ARG E 103 33.76 -13.60 -23.51
N PHE E 104 32.50 -13.56 -23.96
CA PHE E 104 31.97 -12.34 -24.56
C PHE E 104 31.93 -11.22 -23.53
N PRO E 105 32.17 -9.98 -23.94
CA PRO E 105 32.10 -8.86 -22.99
C PRO E 105 30.67 -8.59 -22.54
N THR E 106 30.55 -7.82 -21.46
CA THR E 106 29.25 -7.35 -20.99
C THR E 106 28.97 -5.93 -21.43
N SER E 107 29.87 -5.32 -22.21
CA SER E 107 29.69 -3.95 -22.69
C SER E 107 30.45 -3.80 -24.00
N GLY E 108 29.75 -3.43 -25.06
CA GLY E 108 30.34 -3.34 -26.38
C GLY E 108 30.22 -4.60 -27.19
N TYR E 109 29.57 -5.62 -26.66
CA TYR E 109 29.38 -6.89 -27.35
C TYR E 109 28.18 -6.83 -28.28
N ASN E 110 28.00 -7.89 -29.05
CA ASN E 110 26.87 -8.03 -29.96
C ASN E 110 26.16 -9.34 -29.66
N ALA E 111 24.83 -9.29 -29.62
CA ALA E 111 24.01 -10.47 -29.39
C ALA E 111 22.72 -10.33 -30.18
N TYR E 112 22.28 -11.45 -30.78
CA TYR E 112 21.09 -11.45 -31.62
C TYR E 112 20.22 -12.64 -31.25
N TYR E 113 18.93 -12.54 -31.54
CA TYR E 113 17.99 -13.61 -31.25
C TYR E 113 17.02 -13.78 -32.41
N ASP E 114 16.90 -15.00 -32.92
CA ASP E 114 15.94 -15.32 -33.96
C ASP E 114 14.75 -16.05 -33.34
N SER E 115 13.55 -15.48 -33.51
CA SER E 115 12.35 -16.03 -32.89
C SER E 115 11.68 -17.10 -33.73
N VAL E 116 12.05 -17.23 -35.00
CA VAL E 116 11.53 -18.29 -35.86
C VAL E 116 12.40 -19.54 -35.77
N ASP E 117 13.72 -19.37 -35.97
CA ASP E 117 14.66 -20.42 -35.60
C ASP E 117 14.93 -20.41 -34.10
N LYS E 118 14.37 -19.42 -33.38
CA LYS E 118 14.30 -19.40 -31.92
C LYS E 118 15.60 -19.82 -31.24
N VAL E 119 16.68 -19.14 -31.63
CA VAL E 119 18.01 -19.37 -31.07
C VAL E 119 18.72 -18.04 -30.93
N VAL E 120 19.61 -17.94 -29.94
CA VAL E 120 20.43 -16.73 -29.78
C VAL E 120 21.76 -16.94 -30.50
N PHE E 121 22.09 -16.02 -31.39
CA PHE E 121 23.27 -16.17 -32.22
C PHE E 121 24.10 -14.89 -32.20
N VAL E 122 25.41 -15.09 -32.36
CA VAL E 122 26.41 -14.01 -32.40
C VAL E 122 27.41 -14.34 -33.51
N VAL E 123 27.80 -13.33 -34.28
CA VAL E 123 28.76 -13.50 -35.35
C VAL E 123 30.12 -12.97 -34.90
N VAL E 124 31.17 -13.76 -35.11
CA VAL E 124 32.53 -13.39 -34.75
C VAL E 124 33.41 -13.49 -35.99
N SER E 125 34.24 -12.46 -36.21
CA SER E 125 35.17 -12.43 -37.33
C SER E 125 36.54 -12.89 -36.86
N PHE E 126 37.08 -13.92 -37.51
CA PHE E 126 38.35 -14.50 -37.10
C PHE E 126 39.45 -14.30 -38.14
N LEU E 127 39.24 -14.77 -39.37
CA LEU E 127 40.31 -14.83 -40.35
C LEU E 127 40.46 -13.51 -41.10
N TYR E 128 41.49 -13.45 -41.93
CA TYR E 128 41.83 -12.29 -42.74
C TYR E 128 40.69 -11.99 -43.72
N PRO E 129 40.39 -10.72 -44.00
CA PRO E 129 40.98 -9.50 -43.42
C PRO E 129 40.39 -9.13 -42.06
N TYR E 130 39.11 -9.43 -41.83
CA TYR E 130 38.40 -8.95 -40.66
C TYR E 130 38.73 -9.82 -39.45
N THR E 131 39.62 -9.33 -38.60
CA THR E 131 39.95 -10.01 -37.36
C THR E 131 39.61 -9.16 -36.15
N THR E 132 40.00 -7.88 -36.15
CA THR E 132 39.66 -6.96 -35.08
C THR E 132 38.71 -5.85 -35.52
N THR E 133 38.35 -5.80 -36.79
CA THR E 133 37.48 -4.77 -37.33
C THR E 133 36.10 -5.36 -37.60
N SER E 134 35.07 -4.68 -37.09
CA SER E 134 33.70 -5.14 -37.28
C SER E 134 33.28 -5.01 -38.73
N VAL E 135 32.51 -5.99 -39.20
CA VAL E 135 32.02 -6.02 -40.57
C VAL E 135 30.52 -6.28 -40.54
N ASN E 136 29.83 -5.80 -41.57
CA ASN E 136 28.39 -5.97 -41.67
C ASN E 136 28.07 -7.25 -42.44
N ILE E 137 27.26 -8.10 -41.82
CA ILE E 137 26.86 -9.39 -42.38
C ILE E 137 25.49 -9.21 -43.02
N PRO E 138 25.37 -9.43 -44.33
CA PRO E 138 24.05 -9.32 -44.98
C PRO E 138 23.07 -10.35 -44.44
N LEU E 139 21.80 -9.96 -44.41
CA LEU E 139 20.74 -10.85 -43.95
C LEU E 139 20.53 -12.03 -44.90
N SER E 140 20.59 -11.79 -46.21
CA SER E 140 20.28 -12.82 -47.20
C SER E 140 21.30 -13.95 -47.21
N TYR E 141 22.57 -13.66 -46.94
CA TYR E 141 23.59 -14.70 -46.94
C TYR E 141 23.62 -15.46 -45.62
N LEU E 142 23.41 -14.78 -44.50
CA LEU E 142 23.26 -15.46 -43.22
C LEU E 142 21.99 -16.28 -43.16
N SER E 143 20.98 -15.97 -43.98
CA SER E 143 19.77 -16.77 -44.04
C SER E 143 20.02 -18.18 -44.55
N LYS E 144 21.14 -18.43 -45.22
CA LYS E 144 21.44 -19.78 -45.69
C LYS E 144 21.60 -20.75 -44.52
N TYR E 145 22.26 -20.33 -43.45
CA TYR E 145 22.47 -21.16 -42.29
C TYR E 145 21.36 -21.02 -41.25
N LEU E 146 20.48 -20.03 -41.39
CA LEU E 146 19.35 -19.84 -40.49
C LEU E 146 18.19 -19.27 -41.30
N PRO E 147 17.30 -20.13 -41.82
CA PRO E 147 16.19 -19.63 -42.65
C PRO E 147 15.26 -18.68 -41.92
N GLY E 148 15.12 -18.83 -40.60
CA GLY E 148 14.19 -18.00 -39.83
C GLY E 148 14.42 -16.51 -39.95
N LEU E 149 15.66 -16.08 -40.19
CA LEU E 149 15.94 -14.65 -40.35
C LEU E 149 15.21 -14.05 -41.56
N LEU E 150 14.75 -14.87 -42.49
CA LEU E 150 13.98 -14.36 -43.61
C LEU E 150 12.56 -13.98 -43.22
N THR E 151 11.97 -14.67 -42.25
CA THR E 151 10.59 -14.38 -41.86
C THR E 151 10.50 -13.32 -40.77
N ALA E 152 11.22 -13.50 -39.68
CA ALA E 152 11.22 -12.54 -38.58
C ALA E 152 12.62 -11.95 -38.47
N GLN E 153 12.68 -10.62 -38.47
CA GLN E 153 13.96 -9.94 -38.38
C GLN E 153 14.58 -10.22 -37.01
N PRO E 154 15.78 -10.76 -36.95
CA PRO E 154 16.38 -11.10 -35.65
C PRO E 154 16.56 -9.87 -34.78
N TYR E 155 16.31 -10.06 -33.49
CA TYR E 155 16.39 -8.98 -32.51
C TYR E 155 17.85 -8.63 -32.24
N ASP E 156 18.07 -7.42 -31.75
CA ASP E 156 19.39 -6.98 -31.31
C ASP E 156 19.29 -6.43 -29.89
N GLU E 157 20.38 -5.84 -29.42
CA GLU E 157 20.36 -5.20 -28.12
C GLU E 157 19.45 -3.98 -28.14
N THR E 158 19.05 -3.53 -26.95
CA THR E 158 18.09 -2.44 -26.76
C THR E 158 16.72 -2.75 -27.34
N GLY E 159 16.45 -4.02 -27.64
CA GLY E 159 15.14 -4.41 -28.12
C GLY E 159 14.83 -3.96 -29.54
N ALA E 160 15.84 -3.63 -30.32
CA ALA E 160 15.65 -3.12 -31.68
C ALA E 160 15.94 -4.23 -32.69
N GLN E 161 15.03 -4.38 -33.65
CA GLN E 161 15.22 -5.34 -34.73
C GLN E 161 16.08 -4.71 -35.83
N VAL E 162 17.27 -5.27 -36.03
CA VAL E 162 18.23 -4.74 -36.99
C VAL E 162 18.20 -5.61 -38.24
N THR E 163 18.35 -4.97 -39.39
CA THR E 163 18.27 -5.64 -40.68
C THR E 163 19.58 -6.26 -41.12
N SER E 164 20.70 -5.89 -40.49
CA SER E 164 21.99 -6.47 -40.82
C SER E 164 22.70 -6.82 -39.52
N VAL E 165 23.61 -7.78 -39.60
CA VAL E 165 24.32 -8.28 -38.42
C VAL E 165 25.66 -7.57 -38.31
N SER E 166 26.03 -7.24 -37.08
CA SER E 166 27.34 -6.64 -36.80
C SER E 166 28.20 -7.68 -36.10
N SER E 167 29.32 -8.01 -36.72
CA SER E 167 30.21 -9.03 -36.19
C SER E 167 30.92 -8.53 -34.94
N THR E 168 31.03 -9.41 -33.95
CA THR E 168 31.81 -9.11 -32.76
C THR E 168 33.29 -9.31 -33.06
N PRO E 169 34.13 -8.29 -32.97
CA PRO E 169 35.55 -8.47 -33.27
C PRO E 169 36.19 -9.46 -32.32
N PHE E 170 37.12 -10.26 -32.85
CA PHE E 170 37.80 -11.25 -32.02
C PHE E 170 38.66 -10.57 -30.96
N GLY E 171 39.32 -9.47 -31.32
CA GLY E 171 40.16 -8.74 -30.39
C GLY E 171 39.41 -8.04 -29.28
N SER E 172 38.09 -7.90 -29.38
CA SER E 172 37.30 -7.26 -28.35
C SER E 172 36.82 -8.22 -27.27
N LEU E 173 37.03 -9.52 -27.44
CA LEU E 173 36.61 -10.49 -26.45
C LEU E 173 37.41 -10.34 -25.16
N ILE E 174 36.76 -10.61 -24.03
CA ILE E 174 37.34 -10.44 -22.71
C ILE E 174 37.82 -11.80 -22.21
N ASP E 175 39.06 -11.86 -21.74
CA ASP E 175 39.61 -13.09 -21.19
C ASP E 175 38.87 -13.48 -19.92
N THR E 176 38.56 -14.77 -19.78
CA THR E 176 37.87 -15.26 -18.59
C THR E 176 38.82 -15.38 -17.41
N SER E 177 40.08 -15.76 -17.65
CA SER E 177 41.03 -15.98 -16.57
C SER E 177 41.77 -14.70 -16.20
N THR E 178 41.54 -13.62 -16.95
CA THR E 178 42.21 -12.35 -16.68
C THR E 178 41.23 -11.23 -16.39
N GLY E 179 40.03 -11.25 -16.98
CA GLY E 179 39.08 -10.18 -16.84
C GLY E 179 39.34 -8.98 -17.71
N GLN E 180 40.21 -9.12 -18.72
CA GLN E 180 40.57 -8.03 -19.62
C GLN E 180 40.35 -8.47 -21.06
N GLN E 181 40.12 -7.50 -21.93
CA GLN E 181 40.02 -7.78 -23.35
C GLN E 181 41.35 -8.32 -23.87
N ILE E 182 41.27 -9.24 -24.83
CA ILE E 182 42.48 -9.86 -25.36
C ILE E 182 43.30 -8.81 -26.10
N LEU E 183 44.62 -9.02 -26.13
CA LEU E 183 45.51 -8.06 -26.76
C LEU E 183 45.38 -8.12 -28.28
N GLY E 184 46.06 -7.20 -28.95
CA GLY E 184 46.10 -7.20 -30.40
C GLY E 184 47.22 -8.03 -30.99
N THR E 185 48.19 -8.44 -30.15
CA THR E 185 49.33 -9.22 -30.61
C THR E 185 49.30 -10.65 -30.07
N ASN E 186 48.16 -11.12 -29.57
CA ASN E 186 48.07 -12.48 -29.08
C ASN E 186 48.24 -13.47 -30.23
N PRO E 187 48.89 -14.61 -30.00
CA PRO E 187 49.30 -15.47 -31.13
C PRO E 187 48.15 -15.97 -31.98
N VAL E 188 47.01 -16.31 -31.36
CA VAL E 188 45.91 -16.90 -32.14
C VAL E 188 45.29 -15.86 -33.06
N LEU E 189 45.32 -14.59 -32.66
CA LEU E 189 44.78 -13.53 -33.51
C LEU E 189 45.60 -13.37 -34.78
N THR E 190 46.93 -13.30 -34.64
CA THR E 190 47.80 -13.22 -35.82
C THR E 190 47.71 -14.50 -36.65
N SER E 191 47.55 -15.64 -35.97
CA SER E 191 47.35 -16.89 -36.69
C SER E 191 46.09 -16.84 -37.54
N TYR E 192 45.00 -16.29 -37.00
CA TYR E 192 43.78 -16.17 -37.79
C TYR E 192 43.97 -15.17 -38.92
N ASN E 193 44.67 -14.08 -38.67
CA ASN E 193 44.92 -13.06 -39.68
C ASN E 193 45.83 -13.52 -40.81
N SER E 194 46.67 -14.53 -40.58
CA SER E 194 47.53 -15.06 -41.63
C SER E 194 47.37 -16.55 -41.83
N TYR E 195 46.19 -17.12 -41.52
CA TYR E 195 45.96 -18.56 -41.48
C TYR E 195 46.64 -19.31 -42.63
N THR E 196 46.51 -18.83 -43.87
CA THR E 196 47.07 -19.56 -45.00
C THR E 196 48.58 -19.79 -44.81
N THR E 197 49.35 -18.71 -44.77
CA THR E 197 50.79 -18.83 -44.63
C THR E 197 51.19 -19.44 -43.29
N GLN E 198 50.46 -19.10 -42.21
CA GLN E 198 50.83 -19.61 -40.89
C GLN E 198 50.73 -21.14 -40.84
N ALA E 199 49.58 -21.69 -41.24
CA ALA E 199 49.41 -23.14 -41.22
C ALA E 199 50.31 -23.82 -42.25
N ASN E 200 50.58 -23.13 -43.36
CA ASN E 200 51.46 -23.70 -44.38
C ASN E 200 52.88 -23.83 -43.88
N THR E 201 53.35 -22.83 -43.12
CA THR E 201 54.75 -22.82 -42.72
C THR E 201 54.99 -23.58 -41.42
N ASN E 202 54.32 -23.19 -40.33
CA ASN E 202 54.65 -23.71 -39.01
C ASN E 202 53.79 -24.93 -38.64
N MET E 203 52.95 -25.41 -39.56
CA MET E 203 52.13 -26.61 -39.41
C MET E 203 51.33 -26.63 -38.09
N GLN E 204 51.15 -25.46 -37.50
CA GLN E 204 50.27 -25.34 -36.34
C GLN E 204 48.91 -24.83 -36.76
N GLU E 205 47.86 -25.40 -36.18
CA GLU E 205 46.48 -25.14 -36.58
C GLU E 205 45.71 -24.50 -35.43
N GLY E 206 45.01 -23.41 -35.74
CA GLY E 206 44.16 -22.75 -34.77
C GLY E 206 42.70 -23.13 -34.99
N VAL E 207 42.12 -23.79 -33.98
CA VAL E 207 40.75 -24.30 -34.05
C VAL E 207 39.95 -23.69 -32.91
N VAL E 208 38.79 -23.13 -33.25
CA VAL E 208 37.92 -22.48 -32.28
C VAL E 208 36.82 -23.46 -31.90
N SER E 209 36.18 -23.23 -30.75
CA SER E 209 35.05 -24.02 -30.31
C SER E 209 34.25 -23.20 -29.32
N GLY E 210 33.08 -23.71 -28.91
CA GLY E 210 32.25 -23.01 -27.97
C GLY E 210 31.74 -23.94 -26.88
N THR E 211 31.36 -23.34 -25.76
CA THR E 211 30.80 -24.08 -24.64
C THR E 211 29.84 -23.17 -23.89
N LEU E 212 28.91 -23.78 -23.17
CA LEU E 212 27.90 -23.08 -22.39
C LEU E 212 27.96 -23.58 -20.96
N THR E 213 28.39 -22.71 -20.04
CA THR E 213 28.39 -23.06 -18.63
C THR E 213 26.96 -23.34 -18.18
N SER E 214 26.77 -24.45 -17.49
CA SER E 214 25.43 -24.85 -17.07
C SER E 214 24.81 -23.80 -16.17
N PHE E 215 23.58 -23.39 -16.50
CA PHE E 215 22.88 -22.40 -15.69
C PHE E 215 21.39 -22.63 -15.81
N THR E 216 20.65 -22.11 -14.84
CA THR E 216 19.20 -22.27 -14.77
C THR E 216 18.52 -20.93 -14.98
N LEU E 217 17.60 -20.89 -15.94
CA LEU E 217 16.80 -19.71 -16.23
C LEU E 217 15.43 -20.17 -16.68
N GLY E 218 14.40 -19.44 -16.25
CA GLY E 218 13.03 -19.82 -16.55
C GLY E 218 12.64 -21.19 -16.03
N GLY E 219 13.32 -21.71 -15.02
CA GLY E 219 13.07 -23.05 -14.54
C GLY E 219 13.67 -24.14 -15.39
N GLN E 220 14.55 -23.79 -16.33
CA GLN E 220 15.12 -24.78 -17.24
C GLN E 220 16.63 -24.60 -17.31
N SER E 221 17.33 -25.69 -17.56
CA SER E 221 18.79 -25.71 -17.53
C SER E 221 19.37 -25.62 -18.93
N PHE E 222 20.56 -25.02 -19.01
CA PHE E 222 21.30 -24.89 -20.26
C PHE E 222 22.75 -25.28 -20.03
N SER E 223 23.27 -26.12 -20.93
CA SER E 223 24.65 -26.58 -20.91
C SER E 223 24.96 -27.38 -22.17
N GLY E 224 26.20 -27.36 -22.64
CA GLY E 224 26.55 -28.15 -23.80
C GLY E 224 27.88 -27.72 -24.37
N SER E 225 28.25 -28.40 -25.46
CA SER E 225 29.49 -28.12 -26.17
C SER E 225 29.27 -28.39 -27.65
N THR E 226 30.09 -27.75 -28.49
CA THR E 226 29.91 -27.86 -29.93
C THR E 226 30.69 -29.05 -30.49
N VAL E 227 30.00 -29.89 -31.23
CA VAL E 227 30.69 -30.82 -32.13
C VAL E 227 31.51 -29.99 -33.10
N PRO E 228 32.79 -30.30 -33.35
CA PRO E 228 33.64 -29.37 -34.10
C PRO E 228 33.07 -29.09 -35.49
N VAL E 229 32.52 -27.89 -35.63
CA VAL E 229 31.83 -27.43 -36.82
C VAL E 229 32.35 -26.02 -37.11
N ILE E 230 33.62 -25.77 -36.79
CA ILE E 230 34.12 -24.42 -36.62
C ILE E 230 34.92 -24.01 -37.85
N LEU E 231 35.37 -22.75 -37.88
CA LEU E 231 35.90 -22.05 -39.05
C LEU E 231 36.60 -22.95 -40.06
N TYR E 232 37.59 -23.74 -39.64
CA TYR E 232 38.10 -24.82 -40.49
C TYR E 232 38.90 -25.81 -39.64
N ALA E 233 38.36 -27.03 -39.50
CA ALA E 233 39.08 -28.12 -38.86
C ALA E 233 39.81 -28.92 -39.93
N PRO E 234 40.82 -29.72 -39.56
CA PRO E 234 41.57 -30.48 -40.57
C PRO E 234 40.68 -31.44 -41.34
N PHE E 235 41.13 -31.80 -42.55
CA PHE E 235 40.36 -32.61 -43.48
C PHE E 235 40.42 -34.07 -43.06
N ILE E 236 39.53 -34.46 -42.15
CA ILE E 236 39.41 -35.84 -41.69
C ILE E 236 37.94 -36.20 -41.58
N PHE E 237 37.63 -37.46 -41.33
CA PHE E 237 36.28 -37.89 -40.99
C PHE E 237 36.02 -37.51 -39.55
N SER E 238 34.89 -36.84 -39.30
CA SER E 238 34.60 -36.33 -37.97
C SER E 238 34.40 -37.48 -36.99
N ASN E 239 35.27 -37.57 -35.99
CA ASN E 239 35.10 -38.53 -34.92
C ASN E 239 35.15 -37.85 -33.55
N SER E 240 34.06 -37.19 -33.14
CA SER E 240 33.87 -36.65 -31.81
C SER E 240 32.44 -36.15 -31.64
N PRO E 241 31.74 -36.56 -30.56
CA PRO E 241 32.10 -37.60 -29.59
C PRO E 241 31.69 -38.96 -30.13
N TYR E 242 31.55 -39.04 -31.45
CA TYR E 242 31.09 -40.26 -32.10
C TYR E 242 32.02 -41.42 -31.82
N GLN E 243 31.43 -42.58 -31.55
CA GLN E 243 32.17 -43.79 -31.26
C GLN E 243 32.53 -44.58 -32.51
N ALA E 244 32.02 -44.16 -33.67
CA ALA E 244 32.34 -44.82 -34.94
C ALA E 244 32.88 -43.85 -35.98
N GLY E 245 32.34 -42.64 -36.02
CA GLY E 245 32.73 -41.68 -37.04
C GLY E 245 31.87 -41.72 -38.28
N LEU E 246 31.78 -42.88 -38.93
CA LEU E 246 30.86 -43.09 -40.03
C LEU E 246 29.63 -43.86 -39.54
N TYR E 247 28.47 -43.45 -40.02
CA TYR E 247 27.21 -43.86 -39.44
C TYR E 247 26.07 -43.52 -40.40
N ASN E 248 24.95 -44.22 -40.24
CA ASN E 248 23.78 -43.97 -41.06
C ASN E 248 22.54 -43.92 -40.18
N PRO E 249 21.75 -42.84 -40.24
CA PRO E 249 20.58 -42.74 -39.34
C PRO E 249 19.57 -43.87 -39.48
N MET E 250 19.34 -44.35 -40.71
CA MET E 250 18.36 -45.41 -40.91
C MET E 250 18.83 -46.72 -40.29
N GLN E 251 20.11 -46.83 -39.96
CA GLN E 251 20.59 -47.96 -39.18
C GLN E 251 20.13 -47.85 -37.73
N VAL E 252 20.11 -46.63 -37.18
CA VAL E 252 19.71 -46.44 -35.79
C VAL E 252 18.25 -46.83 -35.61
N ASN E 253 17.39 -46.45 -36.56
CA ASN E 253 15.97 -46.73 -36.47
C ASN E 253 15.61 -48.11 -37.01
N GLY E 254 16.33 -49.14 -36.59
CA GLY E 254 16.15 -50.46 -37.16
C GLY E 254 15.49 -51.44 -36.21
N ASN E 255 14.87 -52.48 -36.79
CA ASN E 255 14.23 -53.53 -36.01
C ASN E 255 15.20 -54.67 -35.75
N LEU E 256 16.20 -54.42 -34.90
CA LEU E 256 17.24 -55.40 -34.62
C LEU E 256 16.68 -56.48 -33.69
N GLY E 257 16.23 -57.59 -34.27
CA GLY E 257 15.60 -58.65 -33.51
C GLY E 257 16.48 -59.32 -32.47
N SER E 258 17.70 -59.69 -32.85
CA SER E 258 18.59 -60.38 -31.93
C SER E 258 20.00 -59.81 -31.99
N LEU E 259 20.17 -58.69 -32.70
CA LEU E 259 21.45 -58.02 -32.81
C LEU E 259 21.50 -56.77 -31.94
N SER E 260 20.89 -56.83 -30.76
CA SER E 260 20.75 -55.67 -29.89
C SER E 260 21.97 -55.47 -28.99
N SER E 261 22.97 -56.34 -29.12
CA SER E 261 24.20 -56.21 -28.35
C SER E 261 25.25 -55.39 -29.09
N GLU E 262 24.92 -54.94 -30.31
CA GLU E 262 25.84 -54.18 -31.13
C GLU E 262 25.12 -53.04 -31.86
N ALA E 263 24.07 -52.49 -31.25
CA ALA E 263 23.24 -51.48 -31.89
C ALA E 263 24.06 -50.24 -32.26
N TYR E 264 24.60 -49.54 -31.27
CA TYR E 264 25.47 -48.40 -31.53
C TYR E 264 26.94 -48.80 -31.57
N TYR E 265 27.25 -50.07 -31.37
CA TYR E 265 28.64 -50.52 -31.30
C TYR E 265 29.12 -50.92 -32.68
N HIS E 266 28.19 -51.25 -33.58
CA HIS E 266 28.53 -51.89 -34.85
C HIS E 266 27.96 -51.08 -36.01
N PRO E 267 28.76 -50.20 -36.63
CA PRO E 267 28.26 -49.35 -37.72
C PRO E 267 28.07 -50.11 -39.02
N VAL E 268 26.91 -50.73 -39.18
CA VAL E 268 26.64 -51.62 -40.30
C VAL E 268 25.95 -50.84 -41.43
N ILE E 269 26.15 -51.29 -42.66
CA ILE E 269 25.49 -50.76 -43.84
C ILE E 269 25.05 -51.94 -44.70
N TRP E 270 24.12 -51.69 -45.61
CA TRP E 270 23.50 -52.76 -46.39
C TRP E 270 23.78 -52.59 -47.88
N GLY E 271 24.14 -53.71 -48.52
CA GLY E 271 24.20 -53.81 -49.97
C GLY E 271 24.86 -52.65 -50.68
N ARG E 272 24.11 -51.92 -51.50
CA ARG E 272 24.59 -50.74 -52.18
C ARG E 272 24.10 -49.44 -51.52
N ALA E 273 23.50 -49.53 -50.34
CA ALA E 273 22.91 -48.36 -49.71
C ALA E 273 24.00 -47.35 -49.32
N LEU E 274 23.57 -46.13 -49.05
CA LEU E 274 24.46 -45.02 -48.77
C LEU E 274 24.72 -44.93 -47.27
N ILE E 275 25.95 -44.59 -46.91
CA ILE E 275 26.32 -44.32 -45.53
C ILE E 275 26.82 -42.89 -45.45
N ASN E 276 26.36 -42.14 -44.45
CA ASN E 276 26.64 -40.72 -44.38
C ASN E 276 28.02 -40.44 -43.79
N THR E 277 28.64 -39.36 -44.26
CA THR E 277 29.88 -38.84 -43.72
C THR E 277 29.85 -37.32 -43.78
N THR E 278 30.67 -36.70 -42.94
CA THR E 278 30.77 -35.24 -42.85
C THR E 278 32.25 -34.87 -42.88
N LEU E 279 32.73 -34.43 -44.05
CA LEU E 279 34.13 -34.06 -44.18
C LEU E 279 34.29 -32.57 -43.86
N ILE E 280 35.21 -32.26 -42.95
CA ILE E 280 35.50 -30.87 -42.63
C ILE E 280 36.61 -30.37 -43.55
N ASP E 281 36.27 -29.44 -44.44
CA ASP E 281 37.23 -28.98 -45.45
C ASP E 281 36.85 -27.58 -45.90
N THR E 282 37.70 -26.61 -45.58
CA THR E 282 37.49 -25.23 -46.01
C THR E 282 38.77 -24.60 -46.56
N TYR E 283 39.44 -25.28 -47.49
CA TYR E 283 40.61 -24.71 -48.14
C TYR E 283 40.26 -24.14 -49.51
N ALA E 284 38.98 -24.11 -49.86
CA ALA E 284 38.54 -23.55 -51.13
C ALA E 284 37.15 -22.94 -50.94
N SER E 285 36.75 -22.14 -51.93
CA SER E 285 35.44 -21.50 -51.92
C SER E 285 34.59 -22.08 -53.04
N GLY E 286 33.30 -22.26 -52.75
CA GLY E 286 32.39 -22.83 -53.73
C GLY E 286 32.16 -24.30 -53.50
N SER E 287 32.04 -25.05 -54.59
CA SER E 287 31.81 -26.48 -54.53
C SER E 287 33.14 -27.23 -54.51
N VAL E 288 33.19 -28.29 -53.71
CA VAL E 288 34.43 -29.05 -53.56
C VAL E 288 34.20 -30.50 -53.97
N PRO E 289 34.78 -30.96 -55.08
CA PRO E 289 34.87 -32.41 -55.33
C PRO E 289 35.67 -33.10 -54.24
N PHE E 290 35.23 -34.31 -53.89
CA PHE E 290 35.90 -35.14 -52.90
C PHE E 290 36.00 -36.55 -53.44
N THR E 291 37.18 -37.16 -53.29
CA THR E 291 37.40 -38.53 -53.71
C THR E 291 37.37 -39.45 -52.49
N PHE E 292 36.89 -40.67 -52.71
CA PHE E 292 36.79 -41.66 -51.64
C PHE E 292 37.43 -42.97 -52.10
N GLN E 293 38.15 -43.60 -51.18
CA GLN E 293 38.74 -44.91 -51.41
C GLN E 293 38.23 -45.87 -50.35
N LEU E 294 37.73 -47.02 -50.79
CA LEU E 294 37.09 -47.99 -49.92
C LEU E 294 37.88 -49.29 -49.97
N ASN E 295 38.23 -49.83 -48.81
CA ASN E 295 38.98 -51.08 -48.68
C ASN E 295 38.07 -52.11 -48.04
N TYR E 296 37.80 -53.20 -48.76
CA TYR E 296 36.94 -54.27 -48.28
C TYR E 296 37.77 -55.48 -47.88
N SER E 297 37.48 -56.00 -46.69
CA SER E 297 38.15 -57.20 -46.19
C SER E 297 37.10 -58.17 -45.67
N VAL E 298 37.42 -59.46 -45.71
CA VAL E 298 36.48 -60.51 -45.31
C VAL E 298 37.18 -61.53 -44.42
N PRO E 299 36.58 -61.93 -43.29
CA PRO E 299 37.20 -62.94 -42.44
C PRO E 299 37.08 -64.35 -43.01
N GLY E 300 37.97 -64.70 -43.94
CA GLY E 300 37.99 -66.01 -44.52
C GLY E 300 38.97 -66.13 -45.67
N PRO E 301 39.71 -67.23 -45.73
CA PRO E 301 40.68 -67.41 -46.81
C PRO E 301 39.98 -67.81 -48.09
N LEU E 302 40.12 -66.95 -49.11
CA LEU E 302 39.25 -67.03 -50.27
C LEU E 302 39.71 -68.13 -51.22
N THR E 303 38.89 -69.16 -51.35
CA THR E 303 39.16 -70.25 -52.27
C THR E 303 38.71 -69.85 -53.67
N ILE E 304 39.67 -69.53 -54.53
CA ILE E 304 39.39 -69.03 -55.86
C ILE E 304 39.67 -70.12 -56.88
N ASN E 305 38.70 -70.35 -57.77
CA ASN E 305 38.88 -71.12 -58.98
C ASN E 305 39.17 -70.15 -60.12
N MET E 306 40.26 -70.37 -60.83
CA MET E 306 40.75 -69.42 -61.82
C MET E 306 41.21 -70.18 -63.06
N ALA E 307 40.84 -69.66 -64.23
CA ALA E 307 41.16 -70.30 -65.50
C ALA E 307 42.49 -69.81 -66.04
N GLN E 308 43.13 -70.66 -66.84
CA GLN E 308 44.39 -70.30 -67.48
C GLN E 308 44.08 -69.57 -68.79
N LEU E 309 44.17 -68.24 -68.77
CA LEU E 309 43.94 -67.45 -69.97
C LEU E 309 45.05 -67.68 -70.98
N ALA E 310 46.26 -67.97 -70.50
CA ALA E 310 47.39 -68.21 -71.38
C ALA E 310 48.45 -69.04 -70.67
N TRP E 311 49.19 -69.81 -71.45
CA TRP E 311 50.36 -70.53 -70.99
C TRP E 311 51.55 -70.15 -71.86
N ILE E 312 52.61 -69.65 -71.23
CA ILE E 312 53.82 -69.24 -71.93
C ILE E 312 54.98 -70.05 -71.38
N ALA E 313 55.69 -70.74 -72.28
CA ALA E 313 56.83 -71.56 -71.89
C ALA E 313 57.69 -71.81 -73.12
N SER E 314 58.93 -72.22 -72.87
CA SER E 314 59.85 -72.54 -73.96
C SER E 314 59.44 -73.85 -74.62
N ILE E 315 59.98 -74.07 -75.82
CA ILE E 315 59.60 -75.28 -76.57
C ILE E 315 60.07 -76.54 -75.86
N ASN E 316 61.22 -76.48 -75.19
CA ASN E 316 61.68 -77.62 -74.41
C ASN E 316 60.93 -77.74 -73.08
N ASN E 317 60.58 -76.60 -72.46
CA ASN E 317 59.86 -76.61 -71.20
C ASN E 317 58.45 -77.16 -71.36
N LEU E 318 57.83 -76.96 -72.53
CA LEU E 318 56.52 -77.53 -72.78
C LEU E 318 56.61 -79.03 -72.96
N PRO E 319 55.58 -79.79 -72.57
CA PRO E 319 55.60 -81.23 -72.77
C PRO E 319 55.60 -81.59 -74.25
N THR E 320 56.13 -82.76 -74.56
CA THR E 320 56.20 -83.21 -75.95
C THR E 320 54.81 -83.41 -76.55
N SER E 321 53.84 -83.82 -75.74
CA SER E 321 52.49 -84.04 -76.25
C SER E 321 51.48 -83.89 -75.12
N PHE E 322 50.34 -83.27 -75.44
CA PHE E 322 49.23 -83.13 -74.50
C PHE E 322 47.99 -82.75 -75.29
N THR E 323 46.85 -82.73 -74.60
CA THR E 323 45.57 -82.36 -75.19
C THR E 323 45.16 -80.99 -74.66
N TYR E 324 44.72 -80.12 -75.58
CA TYR E 324 44.39 -78.75 -75.20
C TYR E 324 43.28 -78.22 -76.10
N LEU E 325 42.46 -77.34 -75.54
CA LEU E 325 41.46 -76.60 -76.30
C LEU E 325 41.18 -75.31 -75.56
N SER E 326 41.06 -74.22 -76.32
CA SER E 326 40.92 -72.90 -75.71
C SER E 326 39.61 -72.79 -74.93
N TYR E 327 39.65 -71.97 -73.88
CA TYR E 327 38.48 -71.68 -73.07
C TYR E 327 37.89 -70.35 -73.50
N LYS E 328 36.64 -70.38 -73.97
CA LYS E 328 35.99 -69.16 -74.42
C LYS E 328 35.71 -68.25 -73.23
N PHE E 329 35.84 -66.95 -73.45
CA PHE E 329 35.73 -65.96 -72.38
C PHE E 329 34.48 -65.12 -72.58
N SER E 330 34.27 -64.17 -71.67
CA SER E 330 33.01 -63.43 -71.61
C SER E 330 33.08 -62.15 -72.43
N ASN E 331 34.17 -61.96 -73.18
CA ASN E 331 34.32 -60.78 -74.01
C ASN E 331 34.90 -61.10 -75.38
N GLY E 332 34.83 -62.36 -75.80
CA GLY E 332 35.35 -62.76 -77.09
C GLY E 332 36.80 -63.19 -77.08
N TYR E 333 37.49 -63.07 -75.96
CA TYR E 333 38.88 -63.49 -75.87
C TYR E 333 38.94 -65.01 -75.77
N GLU E 334 40.11 -65.57 -76.07
CA GLU E 334 40.30 -67.01 -76.07
C GLU E 334 41.60 -67.34 -75.34
N SER E 335 41.65 -68.54 -74.80
CA SER E 335 42.88 -69.06 -74.21
C SER E 335 43.88 -69.39 -75.32
N PHE E 336 45.15 -69.08 -75.06
CA PHE E 336 46.18 -69.28 -76.07
C PHE E 336 47.45 -69.77 -75.40
N LEU E 337 48.33 -70.34 -76.22
CA LEU E 337 49.61 -70.89 -75.78
C LEU E 337 50.73 -70.05 -76.36
N GLY E 338 51.74 -69.76 -75.54
CA GLY E 338 52.90 -69.02 -75.98
C GLY E 338 54.15 -69.87 -76.06
N ILE E 339 54.60 -70.15 -77.29
CA ILE E 339 55.81 -70.95 -77.49
C ILE E 339 56.98 -70.02 -77.74
N ILE E 340 58.03 -70.17 -76.93
CA ILE E 340 59.25 -69.38 -77.05
C ILE E 340 60.35 -70.28 -77.58
N SER E 341 60.93 -69.90 -78.71
CA SER E 341 61.93 -70.74 -79.37
C SER E 341 63.01 -69.88 -79.98
N ASN E 342 64.20 -70.48 -80.13
CA ASN E 342 65.26 -69.81 -80.87
C ASN E 342 65.02 -69.89 -82.38
N SER E 343 64.20 -70.84 -82.83
CA SER E 343 63.89 -70.97 -84.24
C SER E 343 63.14 -69.73 -84.73
N THR E 344 63.41 -69.36 -85.98
CA THR E 344 62.75 -68.21 -86.58
C THR E 344 61.30 -68.49 -86.91
N GLN E 345 60.90 -69.77 -86.97
CA GLN E 345 59.54 -70.15 -87.31
C GLN E 345 59.19 -71.46 -86.60
N LEU E 346 57.90 -71.76 -86.55
CA LEU E 346 57.44 -73.08 -86.15
C LEU E 346 56.95 -73.85 -87.36
N THR E 347 57.26 -75.14 -87.39
CA THR E 347 56.87 -76.00 -88.50
C THR E 347 56.03 -77.15 -87.99
N ALA E 348 54.90 -77.40 -88.65
CA ALA E 348 54.06 -78.54 -88.34
C ALA E 348 53.72 -79.32 -89.61
N GLY E 349 54.71 -79.43 -90.50
CA GLY E 349 54.48 -80.04 -91.80
C GLY E 349 54.17 -78.98 -92.85
N ALA E 350 52.92 -78.97 -93.33
CA ALA E 350 52.50 -77.97 -94.30
C ALA E 350 52.25 -76.62 -93.64
N LEU E 351 52.09 -76.59 -92.33
CA LEU E 351 51.77 -75.35 -91.62
C LEU E 351 53.04 -74.70 -91.06
N THR E 352 53.13 -73.39 -91.22
CA THR E 352 54.25 -72.62 -90.70
C THR E 352 53.72 -71.47 -89.86
N ILE E 353 54.43 -71.20 -88.76
CA ILE E 353 54.04 -70.16 -87.81
C ILE E 353 55.11 -69.08 -87.83
N ASN E 354 54.66 -67.84 -88.10
CA ASN E 354 55.50 -66.67 -88.31
C ASN E 354 55.68 -65.91 -86.99
N PRO E 355 56.63 -64.98 -86.91
CA PRO E 355 56.86 -64.28 -85.64
C PRO E 355 55.68 -63.45 -85.17
N SER E 356 55.06 -63.91 -84.07
CA SER E 356 54.13 -63.07 -83.33
C SER E 356 54.88 -61.97 -82.60
N GLY E 357 56.02 -62.31 -82.01
CA GLY E 357 56.88 -61.33 -81.40
C GLY E 357 58.27 -61.89 -81.23
N ASN E 358 59.21 -61.01 -80.92
CA ASN E 358 60.59 -61.46 -80.70
C ASN E 358 61.29 -60.48 -79.78
N PHE E 359 62.35 -60.97 -79.14
CA PHE E 359 63.14 -60.13 -78.24
C PHE E 359 64.58 -60.64 -78.24
N THR E 360 65.45 -59.87 -77.60
CA THR E 360 66.87 -60.17 -77.56
C THR E 360 67.40 -59.96 -76.15
N ILE E 361 68.24 -60.90 -75.70
CA ILE E 361 68.93 -60.81 -74.41
C ILE E 361 70.39 -61.15 -74.64
N ASN E 362 71.28 -60.20 -74.31
CA ASN E 362 72.72 -60.38 -74.45
C ASN E 362 73.11 -60.80 -75.86
N GLY E 363 72.36 -60.31 -76.85
CA GLY E 363 72.61 -60.62 -78.24
C GLY E 363 71.90 -61.85 -78.77
N LYS E 364 71.39 -62.72 -77.89
CA LYS E 364 70.67 -63.89 -78.32
C LYS E 364 69.20 -63.56 -78.57
N LYS E 365 68.66 -64.07 -79.68
CA LYS E 365 67.32 -63.74 -80.13
C LYS E 365 66.37 -64.88 -79.81
N PHE E 366 65.17 -64.53 -79.37
CA PHE E 366 64.11 -65.48 -79.07
C PHE E 366 62.81 -65.01 -79.70
N TYR E 367 61.99 -65.96 -80.12
CA TYR E 367 60.72 -65.68 -80.77
C TYR E 367 59.59 -66.24 -79.92
N VAL E 368 58.59 -65.40 -79.67
CA VAL E 368 57.41 -65.77 -78.90
C VAL E 368 56.23 -65.83 -79.86
N TYR E 369 55.57 -66.99 -79.90
CA TYR E 369 54.48 -67.24 -80.83
C TYR E 369 53.23 -67.52 -80.01
N LEU E 370 52.16 -66.78 -80.28
CA LEU E 370 50.92 -66.86 -79.51
C LEU E 370 49.84 -67.49 -80.38
N LEU E 371 49.37 -68.67 -79.98
CA LEU E 371 48.46 -69.46 -80.82
C LEU E 371 47.23 -69.85 -80.03
N VAL E 372 46.05 -69.65 -80.61
CA VAL E 372 44.80 -70.04 -79.99
C VAL E 372 44.40 -71.42 -80.50
N VAL E 373 44.19 -72.36 -79.59
CA VAL E 373 43.74 -73.70 -79.95
C VAL E 373 42.24 -73.67 -80.20
N GLY E 374 41.84 -73.75 -81.46
CA GLY E 374 40.44 -73.64 -81.80
C GLY E 374 39.98 -74.61 -82.87
N SER E 375 39.03 -74.17 -83.69
CA SER E 375 38.43 -75.03 -84.71
C SER E 375 39.15 -74.95 -86.05
N THR E 376 40.19 -74.13 -86.17
CA THR E 376 40.92 -74.01 -87.42
C THR E 376 42.27 -73.37 -87.15
N ASN E 377 43.17 -73.48 -88.13
CA ASN E 377 44.44 -72.79 -88.08
C ASN E 377 44.33 -71.47 -88.85
N SER E 378 44.62 -70.37 -88.17
CA SER E 378 44.47 -69.04 -88.75
C SER E 378 45.81 -68.33 -88.74
N THR E 379 46.20 -67.79 -89.91
CA THR E 379 47.38 -66.96 -90.02
C THR E 379 47.16 -65.55 -89.50
N THR E 380 45.97 -65.00 -89.67
CA THR E 380 45.61 -63.64 -89.27
C THR E 380 45.60 -63.50 -87.76
N PRO E 381 45.88 -62.31 -87.24
CA PRO E 381 45.75 -62.09 -85.78
C PRO E 381 44.30 -62.26 -85.34
N VAL E 382 44.10 -63.13 -84.36
CA VAL E 382 42.74 -63.36 -83.87
C VAL E 382 42.48 -62.51 -82.63
N GLU E 383 43.49 -62.33 -81.79
CA GLU E 383 43.40 -61.37 -80.68
C GLU E 383 44.76 -60.70 -80.54
N TYR E 384 44.90 -59.86 -79.53
CA TYR E 384 46.15 -59.14 -79.34
C TYR E 384 46.48 -59.04 -77.86
N VAL E 385 47.78 -58.94 -77.58
CA VAL E 385 48.27 -58.47 -76.28
C VAL E 385 48.95 -57.13 -76.52
N THR E 386 48.45 -56.08 -75.84
CA THR E 386 48.85 -54.71 -76.11
C THR E 386 50.08 -54.35 -75.29
N LYS E 387 50.36 -55.10 -74.25
CA LYS E 387 51.56 -54.88 -73.44
C LYS E 387 51.86 -56.12 -72.60
N LEU E 388 52.98 -56.77 -72.90
CA LEU E 388 53.42 -57.92 -72.13
C LEU E 388 54.92 -57.80 -71.87
N VAL E 389 55.31 -57.91 -70.60
CA VAL E 389 56.70 -57.74 -70.19
C VAL E 389 57.26 -59.09 -69.81
N VAL E 390 58.34 -59.50 -70.47
CA VAL E 390 59.05 -60.74 -70.14
C VAL E 390 60.25 -60.37 -69.27
N GLU E 391 60.43 -61.12 -68.19
CA GLU E 391 61.50 -60.87 -67.23
C GLU E 391 62.58 -61.93 -67.37
N TYR E 392 63.81 -61.51 -67.13
CA TYR E 392 64.95 -62.41 -67.17
C TYR E 392 65.99 -61.94 -66.16
N PRO E 393 66.70 -62.86 -65.50
CA PRO E 393 67.75 -62.45 -64.57
C PRO E 393 68.92 -61.81 -65.30
N SER E 394 69.60 -60.91 -64.61
CA SER E 394 70.78 -60.26 -65.18
C SER E 394 71.92 -61.27 -65.30
N SER E 395 72.73 -61.11 -66.35
CA SER E 395 73.84 -62.02 -66.59
C SER E 395 74.95 -61.84 -65.56
N THR E 396 75.16 -60.61 -65.09
CA THR E 396 76.26 -60.32 -64.18
C THR E 396 75.81 -60.09 -62.75
N ASN E 397 74.58 -59.61 -62.53
CA ASN E 397 74.12 -59.29 -61.19
C ASN E 397 72.94 -60.15 -60.74
N PHE E 398 72.37 -60.95 -61.65
CA PHE E 398 71.22 -61.81 -61.36
C PHE E 398 70.05 -61.02 -60.78
N LEU E 399 69.84 -59.81 -61.32
CA LEU E 399 68.71 -58.99 -60.93
C LEU E 399 67.67 -59.01 -62.03
N PRO E 400 66.38 -58.92 -61.69
CA PRO E 400 65.34 -58.97 -62.72
C PRO E 400 65.46 -57.83 -63.72
N GLN E 401 65.24 -58.16 -64.99
CA GLN E 401 65.20 -57.17 -66.06
C GLN E 401 64.01 -57.50 -66.94
N GLY E 402 63.14 -56.52 -67.15
CA GLY E 402 61.93 -56.72 -67.92
C GLY E 402 61.97 -55.96 -69.22
N VAL E 403 61.56 -56.64 -70.29
CA VAL E 403 61.51 -56.05 -71.63
C VAL E 403 60.18 -56.38 -72.26
N THR E 404 59.64 -55.42 -73.03
CA THR E 404 58.39 -55.64 -73.75
C THR E 404 58.69 -56.32 -75.09
N VAL E 405 57.99 -57.42 -75.37
CA VAL E 405 58.24 -58.15 -76.60
C VAL E 405 57.75 -57.34 -77.80
N THR E 406 58.59 -57.28 -78.83
CA THR E 406 58.27 -56.54 -80.05
C THR E 406 58.02 -57.52 -81.18
N THR E 407 57.23 -57.11 -82.16
CA THR E 407 56.96 -57.93 -83.33
C THR E 407 58.12 -57.87 -84.31
N SER E 408 57.96 -58.56 -85.43
CA SER E 408 58.94 -58.49 -86.51
C SER E 408 58.95 -57.12 -87.18
N SER E 409 57.88 -56.35 -87.01
CA SER E 409 57.80 -54.99 -87.54
C SER E 409 57.97 -53.94 -86.46
N ASN E 410 58.58 -54.29 -85.33
CA ASN E 410 58.82 -53.38 -84.21
C ASN E 410 57.52 -52.79 -83.68
N LYS E 411 56.63 -53.66 -83.20
CA LYS E 411 55.39 -53.23 -82.59
C LYS E 411 55.22 -53.90 -81.24
N TYR E 412 54.65 -53.16 -80.29
CA TYR E 412 54.46 -53.66 -78.94
C TYR E 412 53.10 -54.32 -78.73
N THR E 413 52.29 -54.45 -79.77
CA THR E 413 51.02 -55.15 -79.72
C THR E 413 51.17 -56.49 -80.43
N LEU E 414 51.46 -57.53 -79.66
CA LEU E 414 51.70 -58.85 -80.25
C LEU E 414 50.39 -59.49 -80.70
N PRO E 415 50.33 -59.95 -81.93
CA PRO E 415 49.14 -60.66 -82.42
C PRO E 415 49.09 -62.09 -81.90
N VAL E 416 47.89 -62.63 -81.84
CA VAL E 416 47.65 -64.00 -81.40
C VAL E 416 46.76 -64.68 -82.42
N TYR E 417 47.26 -65.74 -83.03
CA TYR E 417 46.55 -66.46 -84.08
C TYR E 417 45.82 -67.67 -83.52
N GLU E 418 45.25 -68.47 -84.41
CA GLU E 418 44.66 -69.75 -84.05
C GLU E 418 45.37 -70.90 -84.75
N ILE E 419 45.46 -72.03 -84.06
CA ILE E 419 45.81 -73.30 -84.66
C ILE E 419 44.81 -74.33 -84.16
N GLY E 420 44.65 -75.40 -84.92
CA GLY E 420 43.76 -76.46 -84.53
C GLY E 420 42.92 -76.92 -85.70
N GLY E 421 41.75 -77.45 -85.37
CA GLY E 421 40.84 -77.97 -86.36
C GLY E 421 39.68 -78.71 -85.71
N PRO E 422 39.18 -79.74 -86.38
CA PRO E 422 38.10 -80.55 -85.81
C PRO E 422 38.55 -81.31 -84.57
N ALA E 423 37.59 -81.77 -83.77
CA ALA E 423 37.90 -82.52 -82.57
C ALA E 423 38.69 -83.77 -82.90
N GLY E 424 39.75 -84.03 -82.14
CA GLY E 424 40.62 -85.17 -82.35
C GLY E 424 41.82 -84.89 -83.22
N THR E 425 41.88 -83.71 -83.85
CA THR E 425 43.02 -83.38 -84.70
C THR E 425 44.25 -83.11 -83.83
N THR E 426 45.40 -83.62 -84.28
CA THR E 426 46.66 -83.44 -83.59
C THR E 426 47.62 -82.67 -84.48
N ILE E 427 48.30 -81.69 -83.88
CA ILE E 427 49.26 -80.85 -84.60
C ILE E 427 50.59 -80.92 -83.87
N THR E 428 51.65 -81.25 -84.60
CA THR E 428 52.99 -81.34 -84.00
C THR E 428 53.83 -80.15 -84.44
N LEU E 429 54.01 -79.20 -83.53
CA LEU E 429 54.78 -77.99 -83.80
C LEU E 429 56.24 -78.24 -83.43
N THR E 430 57.13 -77.99 -84.36
CA THR E 430 58.56 -78.21 -84.17
C THR E 430 59.27 -76.86 -84.13
N GLY E 431 60.00 -76.62 -83.05
CA GLY E 431 60.79 -75.41 -82.91
C GLY E 431 62.21 -75.72 -82.51
N ASN E 432 63.00 -74.68 -82.22
CA ASN E 432 64.38 -74.86 -81.81
C ASN E 432 64.62 -74.07 -80.53
N TRP E 433 65.17 -74.74 -79.52
CA TRP E 433 65.67 -74.09 -78.31
C TRP E 433 67.19 -74.06 -78.43
N TYR E 434 67.74 -72.87 -78.66
CA TYR E 434 69.14 -72.69 -79.04
C TYR E 434 69.40 -73.55 -80.28
N SER E 435 70.25 -74.58 -80.17
CA SER E 435 70.54 -75.43 -81.32
C SER E 435 69.77 -76.75 -81.28
N THR E 436 68.95 -76.98 -80.25
CA THR E 436 68.29 -78.27 -80.13
C THR E 436 66.88 -78.22 -80.66
N PRO E 437 66.54 -79.03 -81.67
CA PRO E 437 65.14 -79.10 -82.12
C PRO E 437 64.27 -79.80 -81.09
N TYR E 438 63.04 -79.29 -80.93
CA TYR E 438 62.08 -79.82 -79.99
C TYR E 438 60.70 -79.84 -80.64
N THR E 439 59.85 -80.73 -80.17
CA THR E 439 58.51 -80.91 -80.72
C THR E 439 57.48 -80.88 -79.61
N VAL E 440 56.32 -80.31 -79.92
CA VAL E 440 55.18 -80.31 -79.02
C VAL E 440 53.95 -80.72 -79.82
N GLN E 441 53.23 -81.73 -79.31
CA GLN E 441 52.08 -82.29 -80.02
C GLN E 441 50.80 -81.91 -79.27
N ILE E 442 50.03 -81.00 -79.86
CA ILE E 442 48.78 -80.57 -79.25
C ILE E 442 47.61 -81.30 -79.89
N THR E 443 46.77 -81.91 -79.05
CA THR E 443 45.59 -82.63 -79.50
C THR E 443 44.36 -81.75 -79.29
N VAL E 444 43.60 -81.52 -80.37
CA VAL E 444 42.40 -80.70 -80.30
C VAL E 444 41.27 -81.55 -79.72
N GLY E 445 41.01 -81.40 -78.43
CA GLY E 445 39.95 -82.16 -77.79
C GLY E 445 38.57 -81.66 -78.16
N SER E 446 37.59 -82.55 -78.00
CA SER E 446 36.20 -82.20 -78.28
C SER E 446 35.62 -81.23 -77.25
N THR E 447 36.23 -81.17 -76.06
CA THR E 447 35.80 -80.26 -75.01
C THR E 447 37.00 -79.43 -74.59
N PRO E 448 36.77 -78.22 -74.07
CA PRO E 448 37.91 -77.40 -73.60
C PRO E 448 38.73 -78.15 -72.56
N THR E 449 39.99 -78.43 -72.93
CA THR E 449 40.92 -79.11 -72.03
C THR E 449 41.81 -78.07 -71.37
N LEU E 450 41.21 -77.23 -70.53
CA LEU E 450 41.92 -76.13 -69.91
C LEU E 450 42.39 -76.51 -68.52
N THR E 451 43.51 -75.92 -68.10
CA THR E 451 44.03 -76.09 -66.75
C THR E 451 43.43 -75.03 -65.84
N ASN E 452 42.72 -75.46 -64.81
CA ASN E 452 42.06 -74.58 -63.86
C ASN E 452 42.69 -74.76 -62.49
N TYR E 453 42.99 -73.65 -61.82
CA TYR E 453 43.65 -73.65 -60.53
C TYR E 453 42.66 -73.26 -59.44
N VAL E 454 42.49 -74.13 -58.45
CA VAL E 454 41.62 -73.86 -57.31
C VAL E 454 42.50 -73.77 -56.07
N SER E 455 42.65 -72.56 -55.52
CA SER E 455 43.59 -72.37 -54.43
C SER E 455 43.05 -71.36 -53.42
N GLN E 456 43.46 -71.52 -52.16
CA GLN E 456 43.12 -70.57 -51.11
C GLN E 456 44.11 -69.41 -51.14
N ILE E 457 43.58 -68.19 -51.20
CA ILE E 457 44.39 -67.00 -51.40
C ILE E 457 43.99 -65.95 -50.37
N LEU E 458 44.96 -65.12 -49.97
CA LEU E 458 44.74 -63.86 -49.26
C LEU E 458 44.17 -62.86 -50.25
N LEU E 459 42.97 -62.37 -49.95
CA LEU E 459 42.35 -61.39 -50.84
C LEU E 459 41.71 -60.25 -50.05
N LYS E 460 41.78 -59.05 -50.63
CA LYS E 460 41.04 -57.89 -50.18
C LYS E 460 40.74 -57.05 -51.42
N ALA E 461 39.97 -55.98 -51.26
CA ALA E 461 39.57 -55.18 -52.41
C ALA E 461 39.75 -53.71 -52.10
N VAL E 462 40.02 -52.92 -53.15
CA VAL E 462 40.07 -51.46 -53.02
C VAL E 462 39.35 -50.86 -54.22
N ALA E 463 38.45 -49.91 -53.93
CA ALA E 463 37.60 -49.28 -54.92
C ALA E 463 37.66 -47.77 -54.73
N TYR E 464 37.27 -47.05 -55.78
CA TYR E 464 37.34 -45.59 -55.78
C TYR E 464 35.97 -45.02 -56.14
N GLU E 465 35.72 -43.80 -55.67
CA GLU E 465 34.47 -43.09 -55.90
C GLU E 465 34.75 -41.60 -55.78
N GLY E 466 33.83 -40.77 -56.26
CA GLY E 466 33.95 -39.35 -56.14
C GLY E 466 32.59 -38.68 -56.12
N ILE E 467 32.54 -37.51 -55.49
CA ILE E 467 31.30 -36.75 -55.38
C ILE E 467 31.62 -35.28 -55.19
N ASN E 468 30.95 -34.44 -55.95
CA ASN E 468 31.04 -32.99 -55.76
C ASN E 468 30.09 -32.60 -54.64
N VAL E 469 30.63 -31.98 -53.59
CA VAL E 469 29.84 -31.63 -52.42
C VAL E 469 29.84 -30.11 -52.27
N SER E 470 28.65 -29.54 -52.13
CA SER E 470 28.47 -28.13 -51.84
C SER E 470 27.18 -27.96 -51.05
N THR E 471 27.29 -27.97 -49.73
CA THR E 471 26.12 -27.92 -48.87
C THR E 471 26.23 -26.73 -47.93
N THR E 472 25.08 -26.28 -47.44
CA THR E 472 25.02 -25.12 -46.54
C THR E 472 25.26 -25.55 -45.10
N GLN E 473 26.33 -26.30 -44.87
CA GLN E 473 26.70 -26.77 -43.54
C GLN E 473 28.17 -26.55 -43.25
N SER E 474 28.80 -25.58 -43.92
CA SER E 474 30.23 -25.33 -43.82
C SER E 474 30.66 -25.14 -42.36
N PRO E 475 31.78 -25.74 -41.94
CA PRO E 475 32.76 -26.49 -42.74
C PRO E 475 32.34 -27.93 -43.06
N TYR E 476 31.28 -28.45 -42.46
CA TYR E 476 30.81 -29.78 -42.84
C TYR E 476 30.36 -29.81 -44.29
N TYR E 477 31.08 -30.57 -45.10
CA TYR E 477 30.61 -31.03 -46.39
C TYR E 477 30.02 -32.40 -46.11
N SER E 478 28.71 -32.46 -45.94
CA SER E 478 28.02 -33.66 -45.51
C SER E 478 27.35 -34.34 -46.69
N THR E 479 27.65 -35.62 -46.87
CA THR E 479 27.16 -36.36 -48.03
C THR E 479 27.00 -37.82 -47.63
N ALA E 480 26.60 -38.64 -48.60
CA ALA E 480 26.46 -40.07 -48.40
C ALA E 480 27.21 -40.80 -49.50
N ILE E 481 28.00 -41.79 -49.10
CA ILE E 481 28.84 -42.54 -50.02
C ILE E 481 28.26 -43.93 -50.21
N LEU E 482 28.40 -44.44 -51.44
CA LEU E 482 27.93 -45.78 -51.77
C LEU E 482 28.78 -46.82 -51.06
N SER E 483 28.14 -47.95 -50.71
CA SER E 483 28.89 -49.06 -50.15
C SER E 483 29.81 -49.70 -51.18
N THR E 484 29.36 -49.78 -52.44
CA THR E 484 30.18 -50.27 -53.53
C THR E 484 29.86 -49.49 -54.79
N PRO E 485 30.69 -48.52 -55.17
CA PRO E 485 30.39 -47.71 -56.35
C PRO E 485 30.67 -48.48 -57.63
N PRO E 486 30.04 -48.10 -58.74
CA PRO E 486 30.34 -48.73 -60.04
C PRO E 486 31.56 -48.10 -60.68
N SER E 487 32.74 -48.51 -60.23
CA SER E 487 34.00 -47.96 -60.71
C SER E 487 34.99 -49.09 -60.92
N GLU E 488 36.19 -48.75 -61.37
CA GLU E 488 37.25 -49.74 -61.48
C GLU E 488 37.68 -50.20 -60.10
N ILE E 489 37.23 -51.40 -59.71
CA ILE E 489 37.53 -51.97 -58.41
C ILE E 489 38.70 -52.94 -58.60
N SER E 490 39.80 -52.68 -57.90
CA SER E 490 40.97 -53.55 -57.99
C SER E 490 41.02 -54.43 -56.76
N ILE E 491 40.81 -55.73 -56.97
CA ILE E 491 40.99 -56.71 -55.92
C ILE E 491 42.46 -57.07 -55.82
N THR E 492 43.07 -56.82 -54.66
CA THR E 492 44.46 -57.13 -54.43
C THR E 492 44.53 -58.37 -53.54
N GLY E 493 45.68 -59.01 -53.53
CA GLY E 493 45.83 -60.22 -52.75
C GLY E 493 47.26 -60.67 -52.66
N SER E 494 47.49 -61.57 -51.71
CA SER E 494 48.82 -62.09 -51.44
C SER E 494 48.83 -63.61 -51.48
N SER E 495 49.94 -64.15 -51.96
CA SER E 495 50.21 -65.58 -51.95
C SER E 495 51.73 -65.76 -51.87
N THR E 496 52.20 -66.99 -52.07
CA THR E 496 53.61 -67.28 -52.02
C THR E 496 54.09 -67.86 -53.34
N ILE E 497 55.33 -67.55 -53.71
CA ILE E 497 56.00 -68.17 -54.84
C ILE E 497 57.26 -68.84 -54.32
N THR E 498 57.45 -70.09 -54.72
CA THR E 498 58.62 -70.85 -54.31
C THR E 498 59.30 -71.42 -55.54
N ALA E 499 60.61 -71.65 -55.42
CA ALA E 499 61.41 -72.19 -56.50
C ALA E 499 62.29 -73.30 -55.96
N GLN E 500 62.17 -74.49 -56.56
CA GLN E 500 63.03 -75.61 -56.26
C GLN E 500 63.88 -75.89 -57.48
N GLY E 501 65.09 -76.39 -57.27
CA GLY E 501 65.97 -76.66 -58.40
C GLY E 501 67.03 -77.67 -58.07
N LYS E 502 67.42 -78.44 -59.07
CA LYS E 502 68.60 -79.28 -59.02
C LYS E 502 69.69 -78.61 -59.85
N LEU E 503 70.86 -78.46 -59.25
CA LEU E 503 71.97 -77.73 -59.86
C LEU E 503 73.18 -78.64 -59.99
N THR E 504 73.73 -78.65 -61.21
CA THR E 504 74.95 -79.39 -61.51
C THR E 504 76.00 -78.39 -61.98
N ALA E 505 77.15 -78.92 -62.40
CA ALA E 505 78.23 -78.06 -62.86
C ALA E 505 77.90 -77.42 -64.21
N THR E 506 77.23 -78.14 -65.09
CA THR E 506 77.00 -77.67 -66.46
C THR E 506 75.55 -77.30 -66.74
N SER E 507 74.59 -77.84 -66.00
CA SER E 507 73.19 -77.55 -66.26
C SER E 507 72.43 -77.58 -64.94
N ALA E 508 71.19 -77.09 -64.97
CA ALA E 508 70.35 -77.05 -63.77
C ALA E 508 68.90 -77.04 -64.19
N SER E 509 68.11 -77.91 -63.59
CA SER E 509 66.67 -77.95 -63.82
C SER E 509 65.93 -77.34 -62.65
N ALA E 510 64.70 -76.90 -62.89
CA ALA E 510 64.00 -76.14 -61.85
C ALA E 510 62.50 -76.33 -62.01
N THR E 511 61.78 -76.09 -60.90
CA THR E 511 60.33 -75.96 -60.89
C THR E 511 59.99 -74.78 -60.01
N VAL E 512 58.87 -74.13 -60.32
CA VAL E 512 58.39 -73.01 -59.52
C VAL E 512 56.90 -73.16 -59.26
N ASN E 513 56.50 -72.81 -58.04
CA ASN E 513 55.11 -72.86 -57.62
C ASN E 513 54.65 -71.46 -57.25
N LEU E 514 53.68 -70.94 -58.00
CA LEU E 514 53.11 -69.62 -57.76
C LEU E 514 51.61 -69.75 -57.65
N LEU E 515 50.99 -68.82 -56.92
CA LEU E 515 49.54 -68.79 -56.71
C LEU E 515 49.07 -70.04 -55.95
N THR E 516 49.99 -70.65 -55.20
CA THR E 516 49.73 -71.66 -54.17
C THR E 516 49.36 -73.03 -54.75
N ASN E 517 49.05 -73.10 -56.05
CA ASN E 517 48.94 -74.42 -56.67
C ASN E 517 49.41 -74.43 -58.12
N ALA E 518 49.85 -73.28 -58.62
CA ALA E 518 50.26 -73.19 -60.02
C ALA E 518 51.71 -73.61 -60.17
N THR E 519 51.99 -74.44 -61.17
CA THR E 519 53.30 -75.04 -61.32
C THR E 519 53.87 -74.72 -62.71
N LEU E 520 55.16 -74.37 -62.74
CA LEU E 520 55.88 -74.16 -63.98
C LEU E 520 57.19 -74.93 -63.91
N THR E 521 57.65 -75.41 -65.05
CA THR E 521 58.82 -76.28 -65.12
C THR E 521 59.89 -75.64 -65.99
N TYR E 522 61.14 -76.01 -65.74
CA TYR E 522 62.29 -75.55 -66.51
C TYR E 522 63.24 -76.73 -66.66
N GLU E 523 63.40 -77.20 -67.90
CA GLU E 523 64.35 -78.27 -68.19
C GLU E 523 65.76 -77.82 -67.81
N ASN E 524 66.69 -78.77 -67.78
CA ASN E 524 68.05 -78.47 -67.37
C ASN E 524 68.64 -77.34 -68.20
N ILE E 525 68.88 -76.21 -67.55
CA ILE E 525 69.30 -74.99 -68.24
C ILE E 525 70.83 -75.04 -68.36
N PRO E 526 71.39 -75.02 -69.56
CA PRO E 526 72.84 -75.05 -69.70
C PRO E 526 73.49 -73.77 -69.19
N LEU E 527 74.82 -73.79 -69.15
CA LEU E 527 75.58 -72.64 -68.68
C LEU E 527 75.34 -71.42 -69.57
N THR E 528 75.22 -70.26 -68.94
CA THR E 528 75.01 -68.96 -69.59
C THR E 528 73.75 -68.93 -70.45
N GLN E 529 72.77 -69.77 -70.16
CA GLN E 529 71.57 -69.87 -70.99
C GLN E 529 70.32 -69.57 -70.17
N TYR E 530 69.25 -69.24 -70.89
CA TYR E 530 67.97 -68.91 -70.28
C TYR E 530 66.91 -69.95 -70.61
N SER E 531 65.85 -69.93 -69.83
CA SER E 531 64.67 -70.78 -70.03
C SER E 531 63.47 -70.05 -69.49
N PHE E 532 62.46 -69.87 -70.33
CA PHE E 532 61.32 -69.03 -69.99
C PHE E 532 60.09 -69.88 -69.75
N ASN E 533 59.25 -69.41 -68.83
CA ASN E 533 57.96 -70.06 -68.56
C ASN E 533 57.05 -69.01 -67.94
N GLY E 534 55.79 -69.36 -67.78
CA GLY E 534 54.86 -68.43 -67.17
C GLY E 534 53.41 -68.73 -67.47
N ILE E 535 52.53 -67.97 -66.83
CA ILE E 535 51.09 -68.16 -66.97
C ILE E 535 50.37 -66.82 -66.87
N ILE E 536 49.29 -66.71 -67.62
CA ILE E 536 48.30 -65.65 -67.44
C ILE E 536 47.05 -66.30 -66.90
N VAL E 537 46.54 -65.77 -65.79
CA VAL E 537 45.40 -66.36 -65.11
C VAL E 537 44.28 -65.34 -65.01
N THR E 538 43.07 -65.81 -65.28
CA THR E 538 41.85 -65.00 -65.18
C THR E 538 40.94 -65.62 -64.14
N PRO E 539 40.09 -64.83 -63.49
CA PRO E 539 39.13 -65.41 -62.56
C PRO E 539 38.22 -66.41 -63.26
N GLY E 540 37.98 -67.55 -62.60
CA GLY E 540 37.17 -68.59 -63.20
C GLY E 540 35.69 -68.34 -63.16
N TYR E 541 35.25 -67.32 -62.44
CA TYR E 541 33.83 -67.00 -62.38
C TYR E 541 33.34 -66.51 -63.73
N ALA E 542 32.14 -66.92 -64.10
CA ALA E 542 31.61 -66.61 -65.43
C ALA E 542 31.02 -65.20 -65.49
N ALA E 543 31.73 -64.20 -64.98
CA ALA E 543 31.34 -62.80 -65.13
C ALA E 543 32.54 -61.89 -65.36
N ILE E 544 33.74 -62.31 -64.97
CA ILE E 544 34.95 -61.53 -65.19
C ILE E 544 36.05 -62.37 -65.82
N ASN E 545 35.71 -63.57 -66.28
CA ASN E 545 36.66 -64.45 -66.94
C ASN E 545 37.04 -63.88 -68.30
N GLY E 546 38.34 -63.78 -68.56
CA GLY E 546 38.80 -63.22 -69.82
C GLY E 546 38.63 -61.73 -69.95
N THR E 547 38.35 -61.03 -68.85
CA THR E 547 38.29 -59.58 -68.84
C THR E 547 39.37 -58.94 -68.01
N THR E 548 39.80 -59.58 -66.92
CA THR E 548 40.91 -59.10 -66.11
C THR E 548 41.76 -60.31 -65.75
N ALA E 549 43.07 -60.09 -65.61
CA ALA E 549 44.00 -61.20 -65.48
C ALA E 549 45.26 -60.76 -64.74
N MET E 550 46.05 -61.75 -64.38
CA MET E 550 47.41 -61.61 -63.87
C MET E 550 48.36 -62.30 -64.83
N ALA E 551 49.37 -61.57 -65.31
CA ALA E 551 50.38 -62.12 -66.17
C ALA E 551 51.69 -62.26 -65.40
N TYR E 552 52.21 -63.49 -65.34
CA TYR E 552 53.49 -63.77 -64.71
C TYR E 552 54.37 -64.46 -65.74
N VAL E 553 55.49 -63.84 -66.08
CA VAL E 553 56.46 -64.40 -67.02
C VAL E 553 57.80 -64.51 -66.30
N ILE E 554 58.15 -65.72 -65.89
CA ILE E 554 59.36 -65.98 -65.12
C ILE E 554 60.40 -66.55 -66.08
N GLY E 555 61.50 -65.82 -66.23
CA GLY E 555 62.65 -66.37 -66.91
C GLY E 555 63.68 -66.87 -65.92
N ALA E 556 64.49 -67.83 -66.35
CA ALA E 556 65.52 -68.41 -65.51
C ALA E 556 66.84 -68.42 -66.26
N LEU E 557 67.91 -68.16 -65.53
CA LEU E 557 69.25 -68.10 -66.10
C LEU E 557 70.17 -68.98 -65.26
N TYR E 558 70.94 -69.83 -65.92
CA TYR E 558 71.92 -70.67 -65.23
C TYR E 558 73.32 -70.18 -65.55
N ASN E 559 74.15 -70.03 -64.52
CA ASN E 559 75.47 -69.47 -64.73
C ASN E 559 76.42 -69.94 -63.64
N LYS E 560 77.69 -69.62 -63.82
CA LYS E 560 78.74 -69.91 -62.84
C LYS E 560 79.75 -68.78 -62.82
N THR E 561 79.80 -68.05 -61.70
CA THR E 561 80.81 -67.01 -61.51
C THR E 561 81.78 -67.51 -60.45
N SER E 562 81.32 -67.79 -59.24
CA SER E 562 82.12 -68.47 -58.23
C SER E 562 81.40 -69.70 -57.70
N ASP E 563 80.07 -69.68 -57.69
CA ASP E 563 79.24 -70.83 -57.38
C ASP E 563 78.18 -70.97 -58.45
N TYR E 564 77.69 -72.19 -58.64
CA TYR E 564 76.63 -72.45 -59.62
C TYR E 564 75.36 -71.74 -59.19
N VAL E 565 74.89 -70.80 -60.00
CA VAL E 565 73.75 -69.96 -59.65
C VAL E 565 72.65 -70.18 -60.69
N LEU E 566 71.47 -70.56 -60.19
CA LEU E 566 70.26 -70.61 -61.00
C LEU E 566 69.34 -69.51 -60.51
N SER E 567 69.10 -68.51 -61.35
CA SER E 567 68.34 -67.33 -60.95
C SER E 567 67.03 -67.25 -61.71
N PHE E 568 66.01 -66.74 -61.03
CA PHE E 568 64.68 -66.60 -61.59
C PHE E 568 64.23 -65.15 -61.44
N ALA E 569 63.68 -64.60 -62.52
CA ALA E 569 63.17 -63.25 -62.52
C ALA E 569 61.76 -63.27 -63.09
N GLY E 570 60.80 -62.78 -62.32
CA GLY E 570 59.41 -62.83 -62.74
C GLY E 570 58.69 -61.50 -62.69
N SER E 571 57.91 -61.21 -63.72
CA SER E 571 57.13 -59.98 -63.76
C SER E 571 55.71 -60.23 -63.22
N GLN E 572 55.05 -59.14 -62.83
CA GLN E 572 53.69 -59.21 -62.30
C GLN E 572 52.88 -58.13 -63.00
N GLU E 573 51.95 -58.54 -63.86
CA GLU E 573 51.19 -57.57 -64.63
C GLU E 573 49.69 -57.74 -64.45
N PRO E 574 49.04 -56.87 -63.68
CA PRO E 574 47.57 -56.78 -63.75
C PRO E 574 47.17 -56.37 -65.15
N MET E 575 46.11 -57.00 -65.66
CA MET E 575 45.98 -57.10 -67.10
C MET E 575 44.48 -57.01 -67.41
N GLN E 576 44.11 -56.40 -68.52
CA GLN E 576 42.68 -56.29 -68.84
C GLN E 576 42.44 -56.50 -70.33
N VAL E 577 41.24 -56.96 -70.67
CA VAL E 577 40.89 -57.23 -72.05
C VAL E 577 39.83 -56.23 -72.51
N MET E 578 40.09 -55.56 -73.63
CA MET E 578 39.08 -54.71 -74.24
C MET E 578 39.35 -54.66 -75.74
N ASN E 579 38.27 -54.72 -76.53
CA ASN E 579 38.35 -54.81 -77.98
C ASN E 579 39.13 -56.04 -78.44
N ASN E 580 39.05 -57.15 -77.68
CA ASN E 580 39.83 -58.36 -77.90
C ASN E 580 41.33 -58.09 -77.79
N ASN E 581 41.71 -56.93 -77.29
CA ASN E 581 43.10 -56.59 -77.06
C ASN E 581 43.41 -56.82 -75.59
N LEU E 582 44.44 -57.60 -75.32
CA LEU E 582 44.96 -57.79 -73.97
C LEU E 582 45.89 -56.61 -73.69
N THR E 583 45.40 -55.62 -72.95
CA THR E 583 46.15 -54.42 -72.63
C THR E 583 46.50 -54.38 -71.16
N GLU E 584 47.74 -53.99 -70.86
CA GLU E 584 48.19 -53.93 -69.47
C GLU E 584 47.73 -52.62 -68.85
N VAL E 585 47.06 -52.72 -67.70
CA VAL E 585 46.68 -51.53 -66.93
C VAL E 585 47.90 -50.91 -66.27
N THR E 586 48.69 -51.74 -65.59
CA THR E 586 49.93 -51.30 -64.95
C THR E 586 50.76 -52.53 -64.63
N THR E 587 51.97 -52.29 -64.15
CA THR E 587 52.90 -53.36 -63.81
C THR E 587 53.39 -53.18 -62.38
N LEU E 588 53.60 -54.29 -61.68
CA LEU E 588 54.10 -54.28 -60.32
C LEU E 588 55.61 -54.52 -60.33
N ALA E 589 56.21 -54.40 -59.15
CA ALA E 589 57.65 -54.60 -59.03
C ALA E 589 58.01 -56.05 -59.33
N PRO E 590 58.93 -56.30 -60.24
CA PRO E 590 59.33 -57.68 -60.53
C PRO E 590 60.03 -58.33 -59.35
N PHE E 591 59.90 -59.65 -59.24
CA PHE E 591 60.48 -60.39 -58.13
C PHE E 591 61.64 -61.23 -58.65
N GLY E 592 62.55 -61.58 -57.74
CA GLY E 592 63.72 -62.34 -58.10
C GLY E 592 64.07 -63.35 -57.03
N LEU E 593 64.52 -64.52 -57.48
CA LEU E 593 64.96 -65.59 -56.59
C LEU E 593 66.28 -66.14 -57.09
N THR E 594 67.09 -66.66 -56.16
CA THR E 594 68.41 -67.17 -56.50
C THR E 594 68.62 -68.52 -55.82
N LEU E 595 69.31 -69.41 -56.53
CA LEU E 595 69.72 -70.70 -55.99
C LEU E 595 71.23 -70.82 -56.18
N LEU E 596 71.97 -70.80 -55.08
CA LEU E 596 73.42 -70.80 -55.11
C LEU E 596 73.95 -72.15 -54.62
N ALA E 597 74.96 -72.66 -55.30
CA ALA E 597 75.52 -73.97 -54.96
C ALA E 597 77.03 -73.97 -55.15
N PRO E 598 77.81 -74.06 -54.07
CA PRO E 598 79.26 -74.22 -54.21
C PRO E 598 79.69 -75.65 -54.52
N SER E 599 78.79 -76.62 -54.35
CA SER E 599 79.09 -78.01 -54.64
C SER E 599 78.50 -78.39 -56.00
N VAL E 600 79.14 -79.33 -56.68
CA VAL E 600 78.71 -79.69 -58.03
C VAL E 600 77.30 -80.27 -58.03
N PRO E 601 76.98 -81.32 -57.27
CA PRO E 601 75.57 -81.72 -57.16
C PRO E 601 74.87 -81.04 -56.01
N ALA E 602 73.75 -80.40 -56.30
CA ALA E 602 73.04 -79.72 -55.22
C ALA E 602 71.56 -79.65 -55.52
N THR E 603 70.77 -79.52 -54.45
CA THR E 603 69.36 -79.20 -54.53
C THR E 603 69.09 -77.95 -53.70
N GLU E 604 68.51 -76.94 -54.34
CA GLU E 604 68.34 -75.65 -53.71
C GLU E 604 66.88 -75.22 -53.78
N THR E 605 66.51 -74.33 -52.87
CA THR E 605 65.14 -73.84 -52.80
C THR E 605 65.15 -72.38 -52.34
N GLY E 606 64.09 -71.68 -52.70
CA GLY E 606 63.91 -70.29 -52.32
C GLY E 606 62.44 -69.91 -52.36
N THR E 607 62.13 -68.77 -51.76
CA THR E 607 60.74 -68.35 -51.67
C THR E 607 60.67 -66.82 -51.71
N SER E 608 59.47 -66.32 -52.01
CA SER E 608 59.21 -64.89 -52.11
C SER E 608 57.70 -64.67 -52.02
N PRO E 609 57.27 -63.48 -51.62
CA PRO E 609 55.84 -63.15 -51.72
C PRO E 609 55.40 -62.97 -53.16
N LEU E 610 54.11 -63.17 -53.40
CA LEU E 610 53.52 -62.99 -54.72
C LEU E 610 52.26 -62.15 -54.58
N GLN E 611 52.07 -61.23 -55.53
CA GLN E 611 50.98 -60.29 -55.49
C GLN E 611 49.98 -60.59 -56.61
N LEU E 612 48.70 -60.62 -56.23
CA LEU E 612 47.60 -60.90 -57.12
C LEU E 612 46.75 -59.63 -57.26
N GLU E 613 46.34 -59.31 -58.49
CA GLU E 613 45.60 -58.07 -58.68
C GLU E 613 44.62 -58.24 -59.83
N PHE E 614 43.45 -57.65 -59.66
CA PHE E 614 42.41 -57.70 -60.69
C PHE E 614 41.67 -56.37 -60.72
N PHE E 615 41.94 -55.57 -61.75
CA PHE E 615 41.15 -54.37 -62.01
C PHE E 615 39.90 -54.77 -62.79
N THR E 616 38.81 -55.03 -62.08
CA THR E 616 37.60 -55.50 -62.71
C THR E 616 36.91 -54.37 -63.48
N VAL E 617 36.23 -54.73 -64.56
CA VAL E 617 35.43 -53.78 -65.33
C VAL E 617 34.35 -53.21 -64.41
N PRO E 618 34.12 -51.88 -64.42
CA PRO E 618 33.17 -51.29 -63.46
C PRO E 618 31.79 -51.93 -63.52
N SER E 619 31.30 -52.21 -64.72
CA SER E 619 29.95 -52.76 -64.87
C SER E 619 29.81 -54.09 -64.11
N THR E 620 30.87 -54.89 -64.11
CA THR E 620 30.87 -56.15 -63.36
C THR E 620 31.57 -56.03 -62.02
N SER E 621 32.16 -54.87 -61.70
CA SER E 621 33.00 -54.77 -60.51
C SER E 621 32.26 -55.20 -59.25
N TYR E 622 31.07 -54.63 -59.01
CA TYR E 622 30.28 -55.06 -57.86
C TYR E 622 29.98 -56.55 -57.94
N ILE E 623 29.58 -57.03 -59.12
CA ILE E 623 29.31 -58.46 -59.28
C ILE E 623 30.56 -59.27 -58.97
N ALA E 624 31.71 -58.80 -59.45
CA ALA E 624 32.98 -59.47 -59.11
C ALA E 624 33.18 -59.49 -57.60
N LEU E 625 32.84 -58.38 -56.93
CA LEU E 625 32.94 -58.34 -55.48
C LEU E 625 32.08 -59.41 -54.83
N VAL E 626 30.93 -59.71 -55.44
CA VAL E 626 30.11 -60.82 -54.95
C VAL E 626 30.74 -62.15 -55.35
N ASP E 627 31.30 -62.22 -56.56
CA ASP E 627 31.85 -63.48 -57.05
C ASP E 627 33.03 -63.94 -56.20
N PHE E 628 33.94 -63.04 -55.87
CA PHE E 628 35.08 -63.40 -55.04
C PHE E 628 34.69 -63.61 -53.58
N GLY E 629 33.47 -63.25 -53.20
CA GLY E 629 33.05 -63.37 -51.82
C GLY E 629 33.53 -62.25 -50.93
N LEU E 630 33.78 -61.07 -51.48
CA LEU E 630 34.30 -59.94 -50.73
C LEU E 630 33.20 -59.00 -50.24
N TRP E 631 31.96 -59.48 -50.16
CA TRP E 631 30.85 -58.67 -49.67
C TRP E 631 29.81 -59.58 -49.04
N GLY E 632 28.99 -59.00 -48.17
CA GLY E 632 27.94 -59.74 -47.51
C GLY E 632 27.78 -59.36 -46.06
N ASN E 633 27.54 -60.36 -45.21
CA ASN E 633 27.44 -60.14 -43.78
C ASN E 633 28.80 -60.18 -43.10
N LEU E 634 29.87 -60.36 -43.88
CA LEU E 634 31.19 -60.66 -43.33
C LEU E 634 32.12 -59.47 -43.48
N THR E 635 31.92 -58.68 -44.54
CA THR E 635 32.92 -57.70 -44.96
C THR E 635 33.04 -56.54 -43.98
N SER E 636 34.22 -55.93 -43.97
CA SER E 636 34.51 -54.73 -43.21
C SER E 636 35.20 -53.74 -44.14
N VAL E 637 34.80 -52.47 -44.03
CA VAL E 637 35.18 -51.45 -45.01
C VAL E 637 35.92 -50.32 -44.30
N THR E 638 37.11 -50.03 -44.80
CA THR E 638 37.90 -48.85 -44.45
C THR E 638 37.66 -47.76 -45.48
N VAL E 639 37.54 -46.52 -45.01
CA VAL E 639 37.21 -45.38 -45.87
C VAL E 639 38.30 -44.33 -45.72
N SER E 640 38.75 -43.80 -46.85
CA SER E 640 39.68 -42.69 -46.88
C SER E 640 39.19 -41.61 -47.83
N ALA E 641 39.39 -40.35 -47.44
CA ALA E 641 38.90 -39.22 -48.20
C ALA E 641 40.08 -38.48 -48.84
N TYR E 642 39.76 -37.71 -49.88
CA TYR E 642 40.76 -37.01 -50.66
C TYR E 642 40.20 -35.68 -51.12
N ASP E 643 40.86 -34.59 -50.73
CA ASP E 643 40.50 -33.26 -51.21
C ASP E 643 40.96 -33.11 -52.65
N THR E 644 40.04 -33.36 -53.60
CA THR E 644 40.39 -33.42 -55.00
C THR E 644 40.79 -32.07 -55.56
N VAL E 645 40.35 -30.97 -54.96
CA VAL E 645 40.66 -29.64 -55.47
C VAL E 645 42.04 -29.19 -55.01
N ASN E 646 42.27 -29.17 -53.69
CA ASN E 646 43.49 -28.61 -53.14
C ASN E 646 44.45 -29.66 -52.58
N ASN E 647 44.29 -30.92 -52.98
CA ASN E 647 45.30 -31.96 -52.76
C ASN E 647 45.59 -32.20 -51.27
N LYS E 648 44.57 -32.63 -50.53
CA LYS E 648 44.78 -33.24 -49.22
C LYS E 648 44.18 -34.63 -49.17
N LEU E 649 44.92 -35.54 -48.54
CA LEU E 649 44.46 -36.89 -48.25
C LEU E 649 44.12 -36.98 -46.76
N SER E 650 42.94 -37.53 -46.47
CA SER E 650 42.53 -37.73 -45.09
C SER E 650 43.36 -38.82 -44.46
N VAL E 651 44.27 -38.44 -43.55
CA VAL E 651 45.05 -39.41 -42.80
C VAL E 651 44.15 -40.27 -41.94
N ASN E 652 43.00 -39.74 -41.54
CA ASN E 652 41.98 -40.53 -40.85
C ASN E 652 41.35 -41.49 -41.84
N LEU E 653 41.12 -42.72 -41.37
CA LEU E 653 40.42 -43.73 -42.16
C LEU E 653 39.21 -44.20 -41.36
N GLY E 654 38.02 -43.77 -41.80
CA GLY E 654 36.81 -44.21 -41.16
C GLY E 654 36.55 -45.68 -41.40
N TYR E 655 35.54 -46.20 -40.72
CA TYR E 655 35.28 -47.63 -40.80
C TYR E 655 33.78 -47.88 -40.73
N PHE E 656 33.34 -48.92 -41.43
CA PHE E 656 32.01 -49.47 -41.20
C PHE E 656 32.04 -50.93 -41.63
N TYR E 657 30.86 -51.55 -41.64
CA TYR E 657 30.75 -52.97 -41.91
C TYR E 657 29.57 -53.24 -42.83
N GLY E 658 29.78 -54.17 -43.76
CA GLY E 658 28.67 -54.63 -44.59
C GLY E 658 27.94 -55.79 -43.93
N ILE E 659 26.62 -55.67 -43.89
CA ILE E 659 25.77 -56.71 -43.36
C ILE E 659 24.43 -56.63 -44.08
N VAL E 660 23.66 -57.71 -44.02
CA VAL E 660 22.36 -57.79 -44.67
C VAL E 660 21.31 -58.15 -43.62
N ILE E 661 20.33 -57.29 -43.44
CA ILE E 661 19.19 -57.54 -42.58
C ILE E 661 17.99 -57.86 -43.48
N PRO E 662 17.31 -58.99 -43.26
CA PRO E 662 16.23 -59.36 -44.16
C PRO E 662 15.04 -58.44 -43.99
N PRO E 663 14.44 -57.99 -45.09
CA PRO E 663 13.23 -57.16 -44.99
C PRO E 663 12.10 -57.86 -44.25
N SER E 664 11.32 -57.09 -43.52
CA SER E 664 10.16 -57.61 -42.80
C SER E 664 8.93 -56.79 -43.18
N ILE E 665 7.79 -57.19 -42.63
CA ILE E 665 6.53 -56.53 -42.93
C ILE E 665 5.80 -56.26 -41.62
N SER E 666 5.00 -55.20 -41.62
CA SER E 666 4.20 -54.88 -40.43
C SER E 666 2.87 -54.30 -40.89
N THR E 667 1.80 -54.93 -40.40
CA THR E 667 0.43 -54.60 -40.79
C THR E 667 -0.43 -54.52 -39.53
N ALA E 668 -1.55 -53.82 -39.65
CA ALA E 668 -2.49 -53.65 -38.56
C ALA E 668 -3.90 -53.70 -39.13
N PRO E 669 -4.92 -53.97 -38.29
CA PRO E 669 -6.29 -53.92 -38.79
C PRO E 669 -6.65 -52.54 -39.32
N TYR E 670 -7.47 -52.52 -40.37
CA TYR E 670 -7.77 -51.29 -41.11
C TYR E 670 -9.23 -50.92 -40.92
N ASN E 671 -9.48 -49.65 -40.63
CA ASN E 671 -10.83 -49.16 -40.48
C ASN E 671 -11.45 -48.87 -41.85
N TYR E 672 -12.76 -49.12 -41.96
CA TYR E 672 -13.45 -48.82 -43.21
C TYR E 672 -13.51 -47.32 -43.47
N GLN E 673 -13.43 -46.51 -42.41
CA GLN E 673 -13.41 -45.06 -42.56
C GLN E 673 -12.25 -44.61 -43.45
N ASN E 674 -11.13 -45.31 -43.39
CA ASN E 674 -9.97 -44.98 -44.22
C ASN E 674 -10.18 -45.33 -45.68
N PHE E 675 -11.39 -45.71 -46.07
CA PHE E 675 -11.69 -46.06 -47.45
C PHE E 675 -12.82 -45.23 -48.04
N ILE E 676 -13.56 -44.48 -47.23
CA ILE E 676 -14.79 -43.83 -47.66
C ILE E 676 -14.53 -42.44 -48.21
N CYS E 677 -14.00 -41.55 -47.39
CA CYS E 677 -13.83 -40.17 -47.78
C CYS E 677 -12.42 -39.95 -48.32
N PRO E 678 -12.25 -39.05 -49.31
CA PRO E 678 -10.92 -38.87 -49.93
C PRO E 678 -10.00 -37.97 -49.10
N ASN E 679 -10.02 -38.16 -47.80
CA ASN E 679 -9.04 -37.56 -46.89
C ASN E 679 -8.57 -38.60 -45.88
N ASN E 680 -9.24 -39.75 -45.85
CA ASN E 680 -8.87 -40.86 -44.98
C ASN E 680 -8.29 -41.97 -45.84
N TYR E 681 -7.06 -42.36 -45.55
CA TYR E 681 -6.35 -43.35 -46.35
C TYR E 681 -5.72 -44.37 -45.42
N VAL E 682 -5.14 -45.41 -46.02
CA VAL E 682 -4.54 -46.51 -45.27
C VAL E 682 -3.03 -46.40 -45.35
N THR E 683 -2.37 -46.50 -44.19
CA THR E 683 -0.92 -46.46 -44.12
C THR E 683 -0.39 -47.87 -43.86
N VAL E 684 0.52 -48.33 -44.73
CA VAL E 684 1.11 -49.66 -44.64
C VAL E 684 2.59 -49.48 -44.32
N THR E 685 3.08 -50.23 -43.33
CA THR E 685 4.46 -50.09 -42.89
C THR E 685 5.28 -51.28 -43.35
N ILE E 686 6.26 -51.02 -44.22
CA ILE E 686 7.09 -52.05 -44.81
C ILE E 686 8.52 -51.85 -44.32
N TYR E 687 9.13 -52.91 -43.80
CA TYR E 687 10.50 -52.86 -43.30
C TYR E 687 11.46 -53.36 -44.36
N ASP E 688 12.27 -52.44 -44.89
CA ASP E 688 13.33 -52.81 -45.83
C ASP E 688 14.39 -51.72 -45.85
N PRO E 689 15.39 -51.80 -44.98
CA PRO E 689 16.42 -50.75 -44.96
C PRO E 689 17.22 -50.68 -46.24
N ASP E 690 17.26 -51.76 -47.02
CA ASP E 690 18.27 -51.91 -48.06
C ASP E 690 17.93 -51.17 -49.35
N ALA E 691 16.69 -50.72 -49.51
CA ALA E 691 16.28 -50.08 -50.75
C ALA E 691 16.60 -48.60 -50.79
N VAL E 692 17.19 -48.05 -49.74
CA VAL E 692 17.48 -46.62 -49.69
C VAL E 692 18.77 -46.35 -50.46
N LEU E 693 18.68 -45.51 -51.49
CA LEU E 693 19.85 -45.06 -52.23
C LEU E 693 19.92 -43.54 -52.31
N ASP E 694 19.08 -42.85 -51.54
CA ASP E 694 19.08 -41.40 -51.48
C ASP E 694 18.43 -40.95 -50.17
N PRO E 695 19.20 -40.93 -49.06
CA PRO E 695 18.60 -40.59 -47.77
C PRO E 695 18.40 -39.10 -47.55
N TYR E 696 17.64 -38.45 -48.43
CA TYR E 696 17.31 -37.04 -48.26
C TYR E 696 16.02 -36.73 -49.00
N PRO E 697 14.92 -36.46 -48.30
CA PRO E 697 13.67 -36.15 -49.00
C PRO E 697 13.80 -34.92 -49.87
N SER E 698 13.04 -34.92 -50.98
CA SER E 698 13.07 -33.84 -51.97
C SER E 698 14.48 -33.60 -52.50
N GLY E 699 15.22 -34.69 -52.71
CA GLY E 699 16.56 -34.62 -53.22
C GLY E 699 16.80 -35.59 -54.37
N SER E 700 17.84 -35.30 -55.15
CA SER E 700 18.21 -36.13 -56.28
C SER E 700 19.64 -35.85 -56.69
N PHE E 701 20.26 -36.75 -57.46
CA PHE E 701 21.62 -36.53 -57.93
C PHE E 701 21.86 -37.40 -59.17
N THR E 702 22.93 -37.07 -59.89
CA THR E 702 23.34 -37.80 -61.08
C THR E 702 24.77 -38.27 -60.90
N THR E 703 25.25 -39.09 -61.84
CA THR E 703 26.60 -39.61 -61.77
C THR E 703 27.21 -39.68 -63.17
N SER E 704 28.53 -39.67 -63.23
CA SER E 704 29.25 -39.76 -64.49
C SER E 704 30.62 -40.37 -64.28
N SER E 705 31.05 -41.17 -65.24
CA SER E 705 32.34 -41.85 -65.18
C SER E 705 33.46 -40.93 -65.64
N LEU E 706 34.53 -40.89 -64.86
CA LEU E 706 35.65 -39.98 -65.10
C LEU E 706 36.92 -40.61 -64.57
N PRO E 707 38.09 -40.20 -65.07
CA PRO E 707 39.34 -40.59 -64.42
C PRO E 707 39.60 -39.72 -63.19
N LEU E 708 39.36 -40.30 -62.02
CA LEU E 708 39.42 -39.59 -60.75
C LEU E 708 40.86 -39.57 -60.24
N LYS E 709 41.31 -38.41 -59.78
CA LYS E 709 42.63 -38.28 -59.18
C LYS E 709 42.57 -38.64 -57.70
N TYR E 710 43.46 -39.53 -57.28
CA TYR E 710 43.55 -39.94 -55.88
C TYR E 710 44.99 -40.32 -55.58
N GLY E 711 45.47 -39.93 -54.40
CA GLY E 711 46.85 -40.21 -54.03
C GLY E 711 47.81 -39.58 -55.02
N ASN E 712 48.39 -40.40 -55.89
CA ASN E 712 49.27 -39.90 -56.94
C ASN E 712 48.95 -40.52 -58.29
N MET E 713 47.69 -40.92 -58.52
CA MET E 713 47.34 -41.58 -59.76
C MET E 713 45.85 -41.39 -60.05
N ASN E 714 45.49 -41.59 -61.31
CA ASN E 714 44.11 -41.46 -61.77
C ASN E 714 43.55 -42.84 -62.05
N ILE E 715 42.38 -43.12 -61.48
CA ILE E 715 41.70 -44.40 -61.67
C ILE E 715 40.28 -44.12 -62.11
N THR E 716 39.74 -44.97 -62.99
CA THR E 716 38.36 -44.81 -63.44
C THR E 716 37.41 -44.87 -62.24
N GLY E 717 36.49 -43.92 -62.17
CA GLY E 717 35.56 -43.85 -61.05
C GLY E 717 34.32 -43.10 -61.45
N ALA E 718 33.40 -42.96 -60.49
CA ALA E 718 32.13 -42.29 -60.70
C ALA E 718 32.08 -41.04 -59.85
N VAL E 719 31.94 -39.89 -60.49
CA VAL E 719 31.74 -38.62 -59.80
C VAL E 719 30.23 -38.38 -59.74
N ILE E 720 29.74 -38.10 -58.54
CA ILE E 720 28.31 -37.85 -58.32
C ILE E 720 28.09 -36.34 -58.21
N PHE E 721 27.20 -35.82 -59.05
CA PHE E 721 26.87 -34.40 -59.08
C PHE E 721 25.48 -34.19 -58.48
N PRO E 722 25.35 -33.39 -57.42
CA PRO E 722 24.01 -33.09 -56.89
C PRO E 722 23.19 -32.29 -57.89
N GLY E 723 21.88 -32.49 -57.86
CA GLY E 723 20.98 -31.83 -58.78
C GLY E 723 20.13 -32.83 -59.53
N SER E 724 19.66 -32.42 -60.71
CA SER E 724 18.79 -33.29 -61.51
C SER E 724 19.13 -33.21 -62.98
N SER E 725 20.40 -32.94 -63.30
CA SER E 725 20.86 -32.83 -64.68
C SER E 725 22.04 -33.76 -64.90
N VAL E 726 21.95 -34.56 -65.97
CA VAL E 726 23.04 -35.46 -66.37
C VAL E 726 23.90 -34.73 -67.39
N TYR E 727 25.18 -34.59 -67.08
CA TYR E 727 26.14 -33.85 -67.88
C TYR E 727 27.05 -34.81 -68.62
N ASN E 728 27.99 -34.25 -69.40
CA ASN E 728 29.05 -35.00 -70.05
C ASN E 728 30.37 -34.28 -69.79
N PRO E 729 30.98 -34.50 -68.63
CA PRO E 729 32.23 -33.82 -68.29
C PRO E 729 33.40 -34.33 -69.13
N SER E 730 34.51 -33.61 -69.09
CA SER E 730 35.69 -33.95 -69.87
C SER E 730 36.92 -33.57 -69.04
N GLY E 731 38.10 -33.86 -69.61
CA GLY E 731 39.35 -33.55 -68.94
C GLY E 731 39.69 -34.53 -67.84
N VAL E 732 40.77 -34.24 -67.12
CA VAL E 732 41.23 -35.08 -66.02
C VAL E 732 40.69 -34.53 -64.72
N PHE E 733 39.96 -35.36 -63.99
CA PHE E 733 39.34 -34.93 -62.74
C PHE E 733 40.40 -34.54 -61.72
N GLY E 734 40.18 -33.41 -61.05
CA GLY E 734 41.12 -32.92 -60.06
C GLY E 734 42.17 -31.97 -60.58
N TYR E 735 42.03 -31.50 -61.81
CA TYR E 735 43.00 -30.59 -62.41
C TYR E 735 42.24 -29.47 -63.12
N SER E 736 42.97 -28.61 -63.82
CA SER E 736 42.38 -27.58 -64.65
C SER E 736 41.84 -28.15 -65.96
N ASN E 737 42.22 -29.37 -66.31
CA ASN E 737 41.68 -30.02 -67.51
C ASN E 737 40.22 -30.40 -67.34
N PHE E 738 39.80 -30.74 -66.12
CA PHE E 738 38.43 -31.12 -65.86
C PHE E 738 37.49 -29.93 -66.08
N ASN E 739 36.42 -30.17 -66.83
CA ASN E 739 35.41 -29.15 -67.08
C ASN E 739 34.14 -29.85 -67.52
N LYS E 740 33.08 -29.76 -66.70
CA LYS E 740 31.82 -30.37 -67.06
C LYS E 740 31.08 -29.49 -68.06
N GLY E 741 30.54 -30.12 -69.10
CA GLY E 741 29.86 -29.41 -70.17
C GLY E 741 28.41 -29.14 -69.87
N ALA E 742 27.65 -28.83 -70.92
CA ALA E 742 26.23 -28.57 -70.77
C ALA E 742 25.49 -29.85 -70.38
N ALA E 743 24.34 -29.67 -69.73
CA ALA E 743 23.52 -30.80 -69.30
C ALA E 743 23.06 -31.59 -70.51
N VAL E 744 23.54 -32.84 -70.64
CA VAL E 744 23.09 -33.68 -71.74
C VAL E 744 21.60 -33.94 -71.63
N THR E 745 21.11 -34.22 -70.42
CA THR E 745 19.68 -34.31 -70.18
C THR E 745 19.35 -33.67 -68.85
N THR E 746 18.09 -33.30 -68.68
CA THR E 746 17.62 -32.70 -67.45
C THR E 746 16.41 -33.48 -66.94
N PHE E 747 16.59 -34.21 -65.86
CA PHE E 747 15.51 -34.97 -65.25
C PHE E 747 14.68 -34.07 -64.35
N THR E 748 13.37 -34.08 -64.55
CA THR E 748 12.49 -33.24 -63.75
C THR E 748 11.27 -34.05 -63.33
N TYR E 749 10.97 -34.02 -62.03
CA TYR E 749 9.75 -34.63 -61.52
C TYR E 749 8.62 -33.63 -61.63
N THR E 750 7.71 -33.87 -62.57
CA THR E 750 6.64 -32.93 -62.89
C THR E 750 5.31 -33.67 -62.84
N ALA E 751 4.23 -32.90 -62.64
CA ALA E 751 2.90 -33.47 -62.74
C ALA E 751 2.60 -33.86 -64.18
N GLN E 752 1.94 -35.01 -64.34
CA GLN E 752 1.61 -35.52 -65.65
C GLN E 752 0.11 -35.39 -65.89
N SER E 753 -0.25 -34.88 -67.06
CA SER E 753 -1.65 -34.67 -67.43
C SER E 753 -2.36 -35.99 -67.65
N GLY E 754 -3.66 -35.93 -67.97
CA GLY E 754 -4.44 -37.12 -68.17
C GLY E 754 -5.11 -37.57 -66.88
N PRO E 755 -5.23 -38.89 -66.71
CA PRO E 755 -5.83 -39.42 -65.48
C PRO E 755 -5.05 -38.97 -64.24
N PHE E 756 -5.80 -38.59 -63.20
CA PHE E 756 -5.23 -38.22 -61.90
C PHE E 756 -4.21 -37.10 -62.05
N SER E 757 -3.26 -37.01 -61.13
CA SER E 757 -2.20 -36.01 -61.18
C SER E 757 -0.95 -36.53 -60.49
N PRO E 758 -0.28 -37.51 -61.08
CA PRO E 758 0.95 -38.05 -60.47
C PRO E 758 2.13 -37.15 -60.74
N VAL E 759 3.14 -37.27 -59.88
CA VAL E 759 4.42 -36.60 -60.05
C VAL E 759 5.40 -37.65 -60.58
N ALA E 760 5.81 -37.50 -61.83
CA ALA E 760 6.62 -38.51 -62.48
C ALA E 760 7.83 -37.87 -63.15
N LEU E 761 8.81 -38.71 -63.46
CA LEU E 761 10.06 -38.24 -64.04
C LEU E 761 9.88 -37.90 -65.53
N THR E 762 10.61 -36.88 -65.96
CA THR E 762 10.68 -36.48 -67.36
C THR E 762 12.13 -36.27 -67.74
N GLY E 763 12.49 -36.77 -68.90
CA GLY E 763 13.85 -36.74 -69.39
C GLY E 763 14.16 -37.96 -70.24
N ASN E 764 15.44 -38.13 -70.54
CA ASN E 764 15.91 -39.25 -71.35
C ASN E 764 16.16 -40.44 -70.45
N THR E 765 15.31 -41.48 -70.57
CA THR E 765 15.45 -42.67 -69.74
C THR E 765 16.74 -43.43 -70.00
N ASN E 766 17.40 -43.18 -71.13
CA ASN E 766 18.68 -43.82 -71.40
C ASN E 766 19.72 -43.47 -70.35
N TYR E 767 19.51 -42.36 -69.62
CA TYR E 767 20.40 -41.94 -68.56
C TYR E 767 19.84 -42.22 -67.17
N LEU E 768 18.86 -43.13 -67.05
CA LEU E 768 18.42 -43.55 -65.73
C LEU E 768 19.53 -44.23 -64.97
N SER E 769 20.45 -44.90 -65.67
CA SER E 769 21.65 -45.46 -65.06
C SER E 769 22.59 -44.39 -64.52
N GLN E 770 22.41 -43.15 -64.96
CA GLN E 770 23.19 -42.04 -64.42
C GLN E 770 22.35 -41.12 -63.55
N TYR E 771 21.22 -41.59 -63.04
CA TYR E 771 20.30 -40.78 -62.27
C TYR E 771 19.84 -41.55 -61.04
N ALA E 772 19.75 -40.85 -59.91
CA ALA E 772 19.30 -41.45 -58.66
C ALA E 772 18.43 -40.47 -57.90
N ASP E 773 17.38 -41.00 -57.28
CA ASP E 773 16.38 -40.20 -56.59
C ASP E 773 15.99 -40.89 -55.28
N ASN E 774 15.10 -40.25 -54.52
CA ASN E 774 14.54 -40.85 -53.33
C ASN E 774 13.76 -42.11 -53.65
N ASN E 775 13.22 -42.21 -54.85
CA ASN E 775 12.42 -43.36 -55.24
C ASN E 775 13.30 -44.59 -55.45
N PRO E 776 13.03 -45.70 -54.77
CA PRO E 776 13.81 -46.92 -55.00
C PRO E 776 13.41 -47.71 -56.24
N THR E 777 12.41 -47.25 -57.00
CA THR E 777 11.96 -47.92 -58.21
C THR E 777 12.68 -47.43 -59.45
N ASP E 778 13.72 -46.60 -59.29
CA ASP E 778 14.59 -46.22 -60.39
C ASP E 778 16.06 -46.22 -59.98
N ASN E 779 16.35 -46.52 -58.71
CA ASN E 779 17.72 -46.49 -58.22
C ASN E 779 18.49 -47.75 -58.59
N TYR E 780 17.82 -48.82 -59.00
CA TYR E 780 18.53 -50.01 -59.46
C TYR E 780 19.24 -49.80 -60.79
N TYR E 781 18.90 -48.73 -61.52
CA TYR E 781 19.68 -48.34 -62.69
C TYR E 781 21.07 -47.84 -62.32
N PHE E 782 21.25 -47.34 -61.09
CA PHE E 782 22.43 -46.55 -60.75
C PHE E 782 23.74 -47.32 -60.94
N ILE E 783 23.79 -48.56 -60.45
CA ILE E 783 25.01 -49.36 -60.50
C ILE E 783 24.90 -50.56 -61.43
N GLN E 784 23.87 -51.38 -61.26
CA GLN E 784 23.72 -52.62 -62.03
C GLN E 784 22.90 -52.35 -63.29
N THR E 785 23.58 -51.80 -64.29
CA THR E 785 22.98 -51.52 -65.60
C THR E 785 24.00 -51.79 -66.69
N VAL E 786 23.66 -52.72 -67.58
CA VAL E 786 24.49 -53.05 -68.73
C VAL E 786 23.62 -53.02 -69.97
N ASN E 787 24.20 -52.56 -71.08
CA ASN E 787 23.52 -52.46 -72.37
C ASN E 787 22.26 -51.59 -72.30
N GLY E 788 22.23 -50.61 -71.40
CA GLY E 788 21.10 -49.71 -71.30
C GLY E 788 19.92 -50.25 -70.53
N MET E 789 20.03 -51.45 -69.94
CA MET E 789 18.95 -52.03 -69.16
C MET E 789 19.45 -52.31 -67.75
N PRO E 790 18.59 -52.17 -66.73
CA PRO E 790 19.06 -52.37 -65.36
C PRO E 790 19.13 -53.85 -65.02
N VAL E 791 20.29 -54.27 -64.51
CA VAL E 791 20.43 -55.64 -64.05
C VAL E 791 19.60 -55.88 -62.80
N LEU E 792 19.61 -54.92 -61.88
CA LEU E 792 18.87 -55.02 -60.62
C LEU E 792 17.46 -54.48 -60.80
N MET E 793 16.53 -55.03 -60.02
CA MET E 793 15.15 -54.57 -60.01
C MET E 793 14.65 -54.56 -58.57
N GLY E 794 14.82 -53.43 -57.90
CA GLY E 794 14.43 -53.30 -56.51
C GLY E 794 13.41 -52.20 -56.28
N GLY E 795 13.09 -51.99 -55.01
CA GLY E 795 12.14 -50.96 -54.63
C GLY E 795 10.76 -51.50 -54.36
N LEU E 796 9.80 -50.59 -54.41
CA LEU E 796 8.40 -50.93 -54.20
C LEU E 796 7.78 -51.52 -55.46
N SER E 797 6.80 -52.40 -55.28
CA SER E 797 6.01 -52.91 -56.39
C SER E 797 4.61 -53.15 -55.88
N ILE E 798 3.62 -52.95 -56.76
CA ILE E 798 2.23 -52.97 -56.37
C ILE E 798 1.44 -53.79 -57.38
N VAL E 799 0.56 -54.66 -56.87
CA VAL E 799 -0.40 -55.37 -57.70
C VAL E 799 -1.77 -55.17 -57.09
N ALA E 800 -2.81 -55.30 -57.90
CA ALA E 800 -4.15 -54.99 -57.44
C ALA E 800 -5.14 -55.91 -58.11
N SER E 801 -6.10 -56.39 -57.32
CA SER E 801 -7.10 -57.37 -57.74
C SER E 801 -8.45 -56.93 -57.19
N PRO E 802 -9.57 -57.44 -57.73
CA PRO E 802 -9.73 -58.41 -58.83
C PRO E 802 -9.32 -57.85 -60.18
N VAL E 803 -9.53 -56.55 -60.42
CA VAL E 803 -9.09 -55.95 -61.67
C VAL E 803 -7.57 -55.93 -61.68
N SER E 804 -6.97 -56.81 -62.48
CA SER E 804 -5.52 -57.01 -62.46
C SER E 804 -4.82 -55.73 -62.89
N ALA E 805 -4.15 -55.08 -61.94
CA ALA E 805 -3.36 -53.89 -62.24
C ALA E 805 -2.00 -54.06 -61.56
N SER E 806 -0.99 -53.41 -62.14
CA SER E 806 0.36 -53.60 -61.63
C SER E 806 1.24 -52.38 -61.87
N LEU E 807 2.20 -52.15 -60.98
CA LEU E 807 3.21 -51.14 -61.13
C LEU E 807 4.51 -51.66 -60.52
N PRO E 808 5.66 -51.43 -61.16
CA PRO E 808 5.88 -50.72 -62.43
C PRO E 808 5.24 -51.40 -63.64
N SER E 809 4.52 -50.63 -64.45
CA SER E 809 3.88 -51.13 -65.65
C SER E 809 4.78 -50.89 -66.85
N SER E 810 4.54 -51.67 -67.90
CA SER E 810 5.29 -51.51 -69.15
C SER E 810 4.98 -50.21 -69.86
N THR E 811 3.88 -49.55 -69.49
CA THR E 811 3.49 -48.28 -70.07
C THR E 811 4.03 -47.08 -69.30
N SER E 812 4.69 -47.31 -68.16
CA SER E 812 5.23 -46.23 -67.35
C SER E 812 6.72 -46.41 -67.17
N SER E 813 7.47 -45.35 -67.44
CA SER E 813 8.91 -45.38 -67.27
C SER E 813 9.27 -45.38 -65.77
N PRO E 814 10.43 -45.91 -65.41
CA PRO E 814 10.85 -45.87 -64.00
C PRO E 814 10.88 -44.47 -63.42
N GLY E 815 10.39 -44.33 -62.20
CA GLY E 815 10.30 -43.03 -61.58
C GLY E 815 8.94 -42.38 -61.74
N PHE E 816 7.89 -43.19 -61.82
CA PHE E 816 6.55 -42.68 -62.10
C PHE E 816 5.85 -42.18 -60.84
N MET E 817 6.46 -42.29 -59.67
CA MET E 817 6.02 -41.54 -58.50
C MET E 817 7.20 -40.73 -57.98
N TYR E 818 6.92 -39.88 -56.99
CA TYR E 818 7.97 -39.15 -56.30
C TYR E 818 8.00 -39.58 -54.84
N LEU E 819 7.98 -40.90 -54.61
CA LEU E 819 7.95 -41.45 -53.26
C LEU E 819 9.14 -40.98 -52.45
N LEU E 820 8.87 -40.46 -51.26
CA LEU E 820 9.89 -39.96 -50.36
C LEU E 820 10.01 -40.87 -49.14
N PRO E 821 11.22 -41.26 -48.77
CA PRO E 821 11.39 -42.12 -47.59
C PRO E 821 11.01 -41.37 -46.32
N SER E 822 10.61 -42.15 -45.32
CA SER E 822 10.23 -41.57 -44.03
C SER E 822 11.43 -40.86 -43.40
N ALA E 823 11.16 -39.70 -42.81
CA ALA E 823 12.21 -38.89 -42.22
C ALA E 823 12.78 -39.56 -40.97
N ALA E 824 14.07 -39.32 -40.72
CA ALA E 824 14.71 -39.87 -39.54
C ALA E 824 14.13 -39.24 -38.28
N GLN E 825 14.00 -40.05 -37.23
CA GLN E 825 13.39 -39.61 -35.99
C GLN E 825 14.40 -38.93 -35.07
N VAL E 826 13.98 -38.69 -33.82
CA VAL E 826 14.79 -37.90 -32.90
C VAL E 826 16.15 -38.54 -32.59
N PRO E 827 16.22 -39.82 -32.18
CA PRO E 827 17.53 -40.35 -31.75
C PRO E 827 18.57 -40.42 -32.87
N SER E 828 18.15 -40.31 -34.12
CA SER E 828 19.09 -40.28 -35.24
C SER E 828 19.92 -38.99 -35.18
N PRO E 829 21.23 -39.09 -35.38
CA PRO E 829 22.08 -37.89 -35.34
C PRO E 829 21.80 -36.94 -36.50
N LEU E 830 21.12 -37.43 -37.54
CA LEU E 830 20.73 -36.62 -38.69
C LEU E 830 19.23 -36.76 -38.90
N PRO E 831 18.41 -36.03 -38.16
CA PRO E 831 16.96 -36.12 -38.34
C PRO E 831 16.54 -35.67 -39.74
N GLY E 832 15.48 -36.30 -40.24
CA GLY E 832 14.94 -35.97 -41.55
C GLY E 832 15.83 -36.35 -42.71
N MET E 833 16.45 -37.53 -42.65
CA MET E 833 17.23 -38.05 -43.77
C MET E 833 16.54 -39.27 -44.34
N ALA E 834 16.37 -40.30 -43.53
CA ALA E 834 15.80 -41.56 -44.01
C ALA E 834 15.38 -42.43 -42.83
N THR E 835 14.59 -43.45 -43.14
CA THR E 835 14.09 -44.41 -42.17
C THR E 835 13.78 -45.70 -42.91
N PRO E 836 14.25 -46.84 -42.39
CA PRO E 836 13.98 -48.12 -43.07
C PRO E 836 12.50 -48.44 -43.17
N ASN E 837 11.67 -47.91 -42.28
CA ASN E 837 10.23 -48.09 -42.38
C ASN E 837 9.68 -47.26 -43.52
N TYR E 838 8.91 -47.89 -44.39
CA TYR E 838 8.25 -47.22 -45.50
C TYR E 838 6.75 -47.17 -45.19
N ASN E 839 6.23 -45.95 -45.02
CA ASN E 839 4.81 -45.73 -44.78
C ASN E 839 4.15 -45.36 -46.09
N LEU E 840 3.34 -46.28 -46.62
CA LEU E 840 2.72 -46.12 -47.93
C LEU E 840 1.26 -45.74 -47.74
N ASN E 841 0.81 -44.71 -48.46
CA ASN E 841 -0.56 -44.23 -48.39
C ASN E 841 -1.38 -44.78 -49.54
N ILE E 842 -2.49 -45.43 -49.20
CA ILE E 842 -3.29 -46.19 -50.14
C ILE E 842 -4.75 -45.76 -50.04
N TYR E 843 -5.39 -45.53 -51.19
CA TYR E 843 -6.83 -45.39 -51.30
C TYR E 843 -7.38 -46.55 -52.11
N ILE E 844 -8.38 -47.23 -51.55
CA ILE E 844 -9.10 -48.29 -52.26
C ILE E 844 -10.54 -47.82 -52.43
N THR E 845 -11.03 -47.79 -53.67
CA THR E 845 -12.33 -47.22 -53.93
C THR E 845 -12.92 -47.86 -55.18
N TYR E 846 -14.21 -47.59 -55.39
CA TYR E 846 -14.95 -48.03 -56.56
C TYR E 846 -15.56 -46.88 -57.35
N LYS E 847 -15.61 -45.68 -56.78
CA LYS E 847 -16.52 -44.65 -57.25
C LYS E 847 -16.07 -44.04 -58.56
N ILE E 848 -14.78 -43.73 -58.70
CA ILE E 848 -14.28 -43.06 -59.89
C ILE E 848 -13.84 -44.06 -60.95
N ASP E 849 -14.05 -45.35 -60.71
CA ASP E 849 -13.78 -46.36 -61.71
C ASP E 849 -14.84 -46.30 -62.80
N GLY E 850 -14.42 -46.51 -64.04
CA GLY E 850 -15.29 -46.39 -65.19
C GLY E 850 -15.46 -44.97 -65.69
N ALA E 851 -14.85 -43.99 -65.03
CA ALA E 851 -14.95 -42.61 -65.46
C ALA E 851 -14.12 -42.39 -66.72
N THR E 852 -14.42 -41.29 -67.41
CA THR E 852 -13.74 -40.92 -68.64
C THR E 852 -13.01 -39.61 -68.46
N VAL E 853 -11.74 -39.60 -68.90
CA VAL E 853 -10.92 -38.39 -68.92
C VAL E 853 -10.48 -38.20 -70.36
N GLY E 854 -11.25 -37.40 -71.11
CA GLY E 854 -11.03 -37.31 -72.54
C GLY E 854 -11.32 -38.62 -73.23
N ASN E 855 -10.28 -39.27 -73.73
CA ASN E 855 -10.42 -40.61 -74.29
C ASN E 855 -9.92 -41.69 -73.35
N ASN E 856 -9.41 -41.31 -72.18
CA ASN E 856 -8.85 -42.26 -71.23
C ASN E 856 -9.92 -42.84 -70.32
N MET E 857 -9.73 -44.09 -69.94
CA MET E 857 -10.64 -44.81 -69.06
C MET E 857 -10.00 -44.97 -67.69
N ILE E 858 -10.80 -44.80 -66.64
CA ILE E 858 -10.30 -44.87 -65.27
C ILE E 858 -10.67 -46.25 -64.70
N ASN E 859 -9.65 -47.09 -64.51
CA ASN E 859 -9.84 -48.42 -63.96
C ASN E 859 -8.50 -49.00 -63.56
N GLY E 860 -8.43 -49.54 -62.34
CA GLY E 860 -7.23 -50.20 -61.88
C GLY E 860 -6.40 -49.35 -60.96
N LEU E 861 -5.08 -49.50 -61.08
CA LEU E 861 -4.11 -48.88 -60.19
C LEU E 861 -3.53 -47.63 -60.81
N TYR E 862 -3.30 -46.62 -59.98
CA TYR E 862 -2.79 -45.33 -60.44
C TYR E 862 -1.98 -44.68 -59.33
N VAL E 863 -1.10 -43.77 -59.74
CA VAL E 863 -0.26 -43.01 -58.81
C VAL E 863 -0.79 -41.59 -58.73
N ALA E 864 -0.81 -41.04 -57.51
CA ALA E 864 -1.26 -39.67 -57.30
C ALA E 864 -0.40 -39.00 -56.25
N SER E 865 -0.28 -37.68 -56.37
CA SER E 865 0.55 -36.85 -55.50
C SER E 865 1.99 -37.37 -55.58
N GLN E 866 2.69 -37.45 -54.45
CA GLN E 866 4.03 -38.03 -54.43
C GLN E 866 4.06 -39.38 -53.74
N ASN E 867 3.20 -39.61 -52.75
CA ASN E 867 3.19 -40.86 -52.01
C ASN E 867 1.84 -41.56 -52.02
N THR E 868 0.91 -41.18 -52.90
CA THR E 868 -0.43 -41.75 -52.88
C THR E 868 -0.60 -42.79 -53.97
N LEU E 869 -1.15 -43.94 -53.59
CA LEU E 869 -1.57 -44.96 -54.54
C LEU E 869 -3.08 -45.04 -54.52
N ILE E 870 -3.70 -45.20 -55.68
CA ILE E 870 -5.15 -45.21 -55.80
C ILE E 870 -5.56 -46.43 -56.62
N TYR E 871 -6.43 -47.26 -56.04
CA TYR E 871 -6.98 -48.41 -56.75
C TYR E 871 -8.49 -48.20 -56.90
N VAL E 872 -8.97 -48.31 -58.13
CA VAL E 872 -10.37 -48.11 -58.46
C VAL E 872 -10.88 -49.38 -59.14
N VAL E 873 -12.04 -49.85 -58.69
CA VAL E 873 -12.63 -51.09 -59.18
C VAL E 873 -14.06 -50.81 -59.62
N PRO E 874 -14.56 -51.55 -60.60
CA PRO E 874 -15.95 -51.41 -60.99
C PRO E 874 -16.89 -51.83 -59.86
N ASN E 875 -18.19 -51.71 -60.13
CA ASN E 875 -19.21 -52.06 -59.15
C ASN E 875 -19.10 -53.53 -58.75
N GLY E 876 -18.94 -54.41 -59.72
CA GLY E 876 -18.88 -55.83 -59.42
C GLY E 876 -17.63 -56.29 -58.69
N SER E 877 -16.53 -55.56 -58.78
CA SER E 877 -15.29 -55.93 -58.12
C SER E 877 -15.07 -55.21 -56.79
N PHE E 878 -16.06 -54.46 -56.31
CA PHE E 878 -15.88 -53.73 -55.05
C PHE E 878 -15.76 -54.69 -53.86
N VAL E 879 -16.54 -55.77 -53.85
CA VAL E 879 -16.51 -56.72 -52.75
C VAL E 879 -15.15 -57.41 -52.74
N GLY E 880 -14.33 -57.10 -51.74
CA GLY E 880 -13.02 -57.70 -51.63
C GLY E 880 -11.95 -57.11 -52.52
N SER E 881 -12.18 -55.92 -53.08
CA SER E 881 -11.15 -55.26 -53.87
C SER E 881 -9.93 -54.98 -52.99
N ASN E 882 -8.77 -55.35 -53.50
CA ASN E 882 -7.58 -55.37 -52.66
C ASN E 882 -6.34 -55.01 -53.45
N ILE E 883 -5.31 -54.59 -52.71
CA ILE E 883 -3.99 -54.27 -53.24
C ILE E 883 -2.97 -55.09 -52.46
N LYS E 884 -2.06 -55.73 -53.18
CA LYS E 884 -0.95 -56.44 -52.58
C LYS E 884 0.35 -55.70 -52.87
N LEU E 885 1.05 -55.32 -51.82
CA LEU E 885 2.30 -54.60 -51.90
C LEU E 885 3.46 -55.56 -51.72
N THR E 886 4.34 -55.59 -52.71
CA THR E 886 5.55 -56.40 -52.66
C THR E 886 6.75 -55.48 -52.70
N TYR E 887 7.49 -55.42 -51.60
CA TYR E 887 8.69 -54.61 -51.52
C TYR E 887 9.91 -55.51 -51.67
N THR E 888 10.77 -55.17 -52.62
CA THR E 888 12.00 -55.88 -52.89
C THR E 888 13.17 -54.97 -52.55
N THR E 889 14.24 -55.57 -52.04
CA THR E 889 15.46 -54.82 -51.80
C THR E 889 16.01 -54.27 -53.10
N THR E 890 16.53 -53.04 -53.04
CA THR E 890 17.29 -52.47 -54.15
C THR E 890 18.78 -52.77 -53.92
N ASP E 891 19.09 -54.03 -53.66
CA ASP E 891 20.45 -54.47 -53.36
C ASP E 891 20.63 -55.90 -53.86
N TYR E 892 21.77 -56.17 -54.49
CA TYR E 892 22.05 -57.52 -54.98
C TYR E 892 22.37 -58.48 -53.84
N ALA E 893 23.13 -58.01 -52.84
CA ALA E 893 23.52 -58.89 -51.74
C ALA E 893 22.32 -59.36 -50.93
N VAL E 894 21.33 -58.49 -50.75
CA VAL E 894 20.15 -58.85 -49.96
C VAL E 894 19.33 -59.92 -50.69
N LEU E 895 19.22 -59.79 -52.01
CA LEU E 895 18.57 -60.83 -52.79
C LEU E 895 19.31 -62.16 -52.68
N HIS E 896 20.64 -62.11 -52.75
CA HIS E 896 21.42 -63.34 -52.77
C HIS E 896 21.41 -64.06 -51.43
N TYR E 897 21.55 -63.30 -50.34
CA TYR E 897 21.81 -63.91 -49.03
C TYR E 897 20.55 -64.36 -48.31
N PHE E 898 19.37 -63.92 -48.74
CA PHE E 898 18.13 -64.33 -48.08
C PHE E 898 17.14 -64.96 -49.05
N TYR E 899 17.63 -65.59 -50.13
CA TYR E 899 16.74 -66.30 -51.02
C TYR E 899 16.16 -67.54 -50.35
N SER E 900 16.97 -68.24 -49.54
CA SER E 900 16.50 -69.46 -48.91
C SER E 900 15.54 -69.18 -47.76
N THR E 901 15.80 -68.13 -46.97
CA THR E 901 14.96 -67.82 -45.82
C THR E 901 13.59 -67.30 -46.22
N GLY E 902 13.43 -66.83 -47.45
CA GLY E 902 12.16 -66.28 -47.88
C GLY E 902 11.86 -64.90 -47.39
N GLN E 903 12.87 -64.17 -46.90
CA GLN E 903 12.67 -62.82 -46.38
C GLN E 903 13.50 -61.80 -47.16
N TYR E 904 13.55 -61.91 -48.48
CA TYR E 904 14.21 -60.90 -49.29
C TYR E 904 13.20 -59.99 -49.98
N LYS E 905 11.97 -60.49 -50.16
CA LYS E 905 10.85 -59.68 -50.59
C LYS E 905 9.73 -59.83 -49.56
N VAL E 906 9.04 -58.72 -49.28
CA VAL E 906 7.99 -58.73 -48.27
C VAL E 906 6.68 -58.27 -48.91
N PHE E 907 5.63 -59.06 -48.69
CA PHE E 907 4.34 -58.78 -49.29
C PHE E 907 3.28 -58.64 -48.20
N LYS E 908 2.35 -57.73 -48.44
CA LYS E 908 1.23 -57.51 -47.54
C LYS E 908 0.02 -57.11 -48.38
N THR E 909 -1.16 -57.12 -47.75
CA THR E 909 -2.37 -56.86 -48.51
C THR E 909 -3.27 -55.89 -47.76
N VAL E 910 -4.00 -55.07 -48.53
CA VAL E 910 -5.04 -54.18 -48.02
C VAL E 910 -6.32 -54.47 -48.80
N SER E 911 -7.40 -54.72 -48.08
CA SER E 911 -8.63 -55.14 -48.74
C SER E 911 -9.82 -54.42 -48.14
N VAL E 912 -10.92 -54.40 -48.89
CA VAL E 912 -12.18 -53.85 -48.40
C VAL E 912 -12.74 -54.80 -47.34
N PRO E 913 -12.94 -54.32 -46.11
CA PRO E 913 -13.44 -55.20 -45.05
C PRO E 913 -14.87 -55.65 -45.30
N ASN E 914 -15.17 -56.86 -44.85
CA ASN E 914 -16.53 -57.36 -44.85
C ASN E 914 -17.26 -56.78 -43.65
N VAL E 915 -18.03 -55.72 -43.90
CA VAL E 915 -18.61 -54.92 -42.84
C VAL E 915 -20.12 -55.18 -42.79
N THR E 916 -20.68 -54.99 -41.60
CA THR E 916 -22.10 -55.23 -41.38
C THR E 916 -22.90 -53.94 -41.61
N ALA E 917 -24.05 -54.09 -42.25
CA ALA E 917 -24.94 -52.97 -42.53
C ALA E 917 -26.34 -53.36 -42.08
N ASN E 918 -27.30 -52.47 -42.29
CA ASN E 918 -28.67 -52.83 -41.91
C ASN E 918 -29.68 -52.06 -42.74
N LEU E 919 -30.90 -52.60 -42.76
CA LEU E 919 -32.05 -52.00 -43.42
C LEU E 919 -33.23 -52.10 -42.48
N TYR E 920 -33.87 -50.97 -42.17
CA TYR E 920 -34.93 -50.99 -41.18
C TYR E 920 -35.91 -49.86 -41.46
N PHE E 921 -36.81 -49.63 -40.51
CA PHE E 921 -37.94 -48.71 -40.62
C PHE E 921 -37.99 -47.80 -39.39
N PRO E 922 -38.68 -46.66 -39.48
CA PRO E 922 -38.79 -45.77 -38.33
C PRO E 922 -39.32 -46.45 -37.07
N SER E 923 -40.29 -47.34 -37.22
CA SER E 923 -40.88 -48.06 -36.09
C SER E 923 -41.53 -49.33 -36.61
N SER E 924 -41.70 -50.30 -35.71
CA SER E 924 -42.35 -51.56 -36.06
C SER E 924 -43.84 -51.52 -35.80
N THR E 925 -44.34 -50.44 -35.21
CA THR E 925 -45.76 -50.28 -34.91
C THR E 925 -46.27 -48.93 -35.39
N THR E 926 -45.92 -48.57 -36.62
CA THR E 926 -46.34 -47.29 -37.18
C THR E 926 -47.86 -47.26 -37.36
N PRO E 927 -48.55 -46.30 -36.77
CA PRO E 927 -50.01 -46.21 -36.95
C PRO E 927 -50.37 -45.66 -38.32
N LEU E 928 -51.65 -45.76 -38.67
CA LEU E 928 -52.12 -45.28 -39.97
C LEU E 928 -52.56 -43.82 -39.91
N TYR E 929 -51.73 -42.94 -39.36
CA TYR E 929 -51.93 -41.51 -39.52
C TYR E 929 -50.98 -40.96 -40.57
N GLN E 930 -49.83 -41.61 -40.72
CA GLN E 930 -48.93 -41.39 -41.84
C GLN E 930 -49.03 -42.56 -42.81
N LEU E 931 -49.04 -42.24 -44.10
CA LEU E 931 -49.23 -43.25 -45.13
C LEU E 931 -47.98 -43.40 -46.00
N SER E 932 -46.80 -43.34 -45.39
CA SER E 932 -45.54 -43.53 -46.11
C SER E 932 -44.45 -43.87 -45.11
N VAL E 933 -43.90 -45.07 -45.24
CA VAL E 933 -42.83 -45.53 -44.37
C VAL E 933 -41.50 -45.41 -45.10
N PRO E 934 -40.60 -44.55 -44.61
CA PRO E 934 -39.28 -44.43 -45.26
C PRO E 934 -38.36 -45.58 -44.87
N LEU E 935 -37.75 -46.18 -45.88
CA LEU E 935 -36.80 -47.28 -45.66
C LEU E 935 -35.43 -46.70 -45.37
N TYR E 936 -34.84 -47.11 -44.24
CA TYR E 936 -33.54 -46.61 -43.81
C TYR E 936 -32.51 -47.67 -44.16
N LEU E 937 -31.54 -47.31 -45.00
CA LEU E 937 -30.44 -48.20 -45.36
C LEU E 937 -29.15 -47.61 -44.80
N SER E 938 -28.60 -48.22 -43.75
CA SER E 938 -27.35 -47.75 -43.17
C SER E 938 -26.25 -48.72 -43.60
N GLU E 939 -25.40 -48.25 -44.50
CA GLU E 939 -24.24 -48.96 -45.03
C GLU E 939 -22.98 -48.24 -44.57
N PRO E 940 -22.11 -48.87 -43.80
CA PRO E 940 -20.90 -48.17 -43.35
C PRO E 940 -19.98 -47.73 -44.48
N TYR E 941 -19.44 -48.68 -45.25
CA TYR E 941 -18.54 -48.36 -46.36
C TYR E 941 -19.27 -48.34 -47.71
N TYR E 942 -20.21 -47.42 -47.87
CA TYR E 942 -20.92 -47.26 -49.13
C TYR E 942 -21.08 -45.79 -49.52
N GLY E 943 -20.85 -44.88 -48.58
CA GLY E 943 -21.11 -43.48 -48.81
C GLY E 943 -19.90 -42.70 -49.28
N SER E 944 -20.04 -41.39 -49.23
CA SER E 944 -19.00 -40.44 -49.60
C SER E 944 -19.38 -39.09 -49.00
N PRO E 945 -18.47 -38.12 -48.95
CA PRO E 945 -18.85 -36.78 -48.51
C PRO E 945 -20.04 -36.28 -49.33
N LEU E 946 -21.04 -35.76 -48.63
CA LEU E 946 -22.31 -35.45 -49.27
C LEU E 946 -22.10 -34.41 -50.38
N PRO E 947 -22.90 -34.48 -51.45
CA PRO E 947 -23.99 -35.42 -51.71
C PRO E 947 -23.57 -36.75 -52.34
N THR E 948 -24.38 -37.78 -52.11
CA THR E 948 -24.28 -39.07 -52.79
C THR E 948 -25.63 -39.77 -52.69
N TYR E 949 -26.06 -40.39 -53.80
CA TYR E 949 -27.40 -40.92 -53.85
C TYR E 949 -27.41 -42.27 -54.55
N ILE E 950 -28.61 -42.83 -54.71
CA ILE E 950 -28.81 -44.13 -55.33
C ILE E 950 -30.07 -44.05 -56.18
N GLY E 951 -29.92 -44.26 -57.48
CA GLY E 951 -31.08 -44.46 -58.34
C GLY E 951 -31.65 -45.85 -58.14
N LEU E 952 -32.97 -45.95 -58.19
CA LEU E 952 -33.66 -47.21 -58.02
C LEU E 952 -34.66 -47.42 -59.14
N GLY E 953 -34.80 -48.67 -59.58
CA GLY E 953 -35.69 -49.00 -60.67
C GLY E 953 -35.44 -50.41 -61.19
N THR E 954 -36.10 -50.73 -62.30
CA THR E 954 -36.02 -52.06 -62.91
C THR E 954 -36.32 -53.13 -61.86
N ASN E 955 -35.34 -53.51 -61.06
CA ASN E 955 -35.53 -54.47 -59.97
C ASN E 955 -35.10 -53.88 -58.62
N GLY E 956 -35.48 -52.64 -58.33
CA GLY E 956 -34.94 -51.95 -57.18
C GLY E 956 -33.44 -51.77 -57.23
N THR E 957 -32.87 -51.73 -58.44
CA THR E 957 -31.43 -51.76 -58.63
C THR E 957 -30.74 -50.54 -58.05
N SER E 958 -29.85 -50.75 -57.09
CA SER E 958 -29.14 -49.67 -56.42
C SER E 958 -28.06 -49.15 -57.36
N LEU E 959 -28.44 -48.25 -58.27
CA LEU E 959 -27.49 -47.54 -59.12
C LEU E 959 -26.87 -46.44 -58.27
N TRP E 960 -25.84 -46.80 -57.51
CA TRP E 960 -25.20 -45.83 -56.65
C TRP E 960 -24.51 -44.76 -57.48
N ASN E 961 -25.01 -43.53 -57.37
CA ASN E 961 -24.52 -42.41 -58.19
C ASN E 961 -23.97 -41.36 -57.24
N SER E 962 -22.70 -41.01 -57.41
CA SER E 962 -22.07 -39.91 -56.68
C SER E 962 -21.11 -39.17 -57.60
N PRO E 963 -21.62 -38.35 -58.53
CA PRO E 963 -20.72 -37.53 -59.34
C PRO E 963 -20.06 -36.42 -58.53
N ASN E 964 -20.35 -36.38 -57.24
CA ASN E 964 -19.75 -35.42 -56.33
C ASN E 964 -18.63 -36.05 -55.51
N TYR E 965 -17.99 -37.09 -56.03
CA TYR E 965 -16.80 -37.67 -55.41
C TYR E 965 -15.61 -37.53 -56.33
N VAL E 966 -14.48 -37.11 -55.78
CA VAL E 966 -13.23 -37.00 -56.53
C VAL E 966 -12.12 -37.57 -55.66
N LEU E 967 -11.19 -38.29 -56.27
CA LEU E 967 -10.03 -38.84 -55.58
C LEU E 967 -8.80 -38.50 -56.41
N PHE E 968 -8.24 -37.30 -56.16
CA PHE E 968 -7.02 -36.83 -56.81
C PHE E 968 -7.18 -36.74 -58.34
N GLY E 969 -8.14 -35.91 -58.76
CA GLY E 969 -8.24 -35.49 -60.14
C GLY E 969 -9.11 -36.33 -61.04
N VAL E 970 -9.92 -37.24 -60.50
CA VAL E 970 -10.82 -38.08 -61.29
C VAL E 970 -12.21 -37.99 -60.67
N SER E 971 -13.21 -37.69 -61.50
CA SER E 971 -14.58 -37.67 -61.04
C SER E 971 -15.15 -39.09 -61.00
N ALA E 972 -16.27 -39.24 -60.30
CA ALA E 972 -16.91 -40.53 -60.12
C ALA E 972 -18.12 -40.66 -61.05
N VAL E 973 -18.46 -41.91 -61.35
CA VAL E 973 -19.58 -42.22 -62.25
C VAL E 973 -20.46 -43.26 -61.60
N GLN E 974 -21.47 -43.73 -62.35
CA GLN E 974 -22.46 -44.67 -61.82
C GLN E 974 -21.78 -45.98 -61.43
N GLN E 975 -22.17 -46.53 -60.28
CA GLN E 975 -21.74 -47.84 -59.82
C GLN E 975 -22.99 -48.66 -59.54
N TYR E 976 -23.24 -49.67 -60.37
CA TYR E 976 -24.38 -50.56 -60.14
C TYR E 976 -24.02 -51.46 -58.97
N LEU E 977 -24.23 -50.94 -57.76
CA LEU E 977 -23.73 -51.54 -56.53
C LEU E 977 -24.86 -52.06 -55.65
N GLY E 978 -25.84 -52.70 -56.26
CA GLY E 978 -26.84 -53.40 -55.48
C GLY E 978 -28.20 -53.33 -56.14
N PHE E 979 -29.15 -53.96 -55.47
CA PHE E 979 -30.55 -53.98 -55.88
C PHE E 979 -31.36 -54.53 -54.72
N ILE E 980 -32.59 -54.03 -54.59
CA ILE E 980 -33.49 -54.53 -53.55
C ILE E 980 -33.75 -56.00 -53.87
N LYS E 981 -33.42 -56.89 -52.93
CA LYS E 981 -33.49 -58.32 -53.21
C LYS E 981 -34.92 -58.75 -53.51
N SER E 982 -35.85 -58.42 -52.63
CA SER E 982 -37.24 -58.87 -52.78
C SER E 982 -38.12 -58.12 -51.78
N ILE E 983 -39.43 -58.32 -51.96
CA ILE E 983 -40.43 -57.90 -50.98
C ILE E 983 -41.33 -59.11 -50.75
N SER E 984 -41.00 -59.91 -49.73
CA SER E 984 -41.70 -61.15 -49.44
C SER E 984 -42.62 -60.94 -48.25
N VAL E 985 -43.57 -61.87 -48.07
CA VAL E 985 -44.52 -61.79 -46.98
C VAL E 985 -44.65 -63.17 -46.37
N THR E 986 -44.56 -63.25 -45.04
CA THR E 986 -44.82 -64.51 -44.35
C THR E 986 -46.33 -64.68 -44.22
N LEU E 987 -46.80 -65.89 -44.56
CA LEU E 987 -48.14 -66.36 -44.25
C LEU E 987 -48.05 -67.86 -43.95
N SER E 988 -47.83 -68.20 -42.69
CA SER E 988 -47.34 -69.53 -42.34
C SER E 988 -48.34 -70.32 -41.51
N ASN E 989 -49.13 -71.14 -42.18
CA ASN E 989 -49.66 -72.35 -41.56
C ASN E 989 -48.69 -73.50 -41.80
N GLY E 990 -47.44 -73.16 -42.13
CA GLY E 990 -46.48 -74.08 -42.68
C GLY E 990 -45.88 -73.56 -43.97
N THR E 991 -46.22 -72.32 -44.33
CA THR E 991 -45.87 -71.78 -45.64
C THR E 991 -45.05 -70.49 -45.51
N THR E 992 -43.74 -70.62 -45.77
CA THR E 992 -42.85 -69.50 -45.97
C THR E 992 -43.11 -68.94 -47.37
N VAL E 993 -43.91 -67.88 -47.43
CA VAL E 993 -44.45 -67.42 -48.71
C VAL E 993 -43.40 -66.55 -49.41
N VAL E 994 -42.63 -67.19 -50.28
CA VAL E 994 -41.69 -66.53 -51.17
C VAL E 994 -42.48 -65.97 -52.36
N ILE E 995 -42.61 -64.65 -52.41
CA ILE E 995 -43.43 -63.97 -53.41
C ILE E 995 -42.82 -64.12 -54.79
N PRO E 996 -43.58 -64.56 -55.80
CA PRO E 996 -43.10 -64.46 -57.19
C PRO E 996 -42.90 -63.01 -57.59
N LEU E 997 -41.65 -62.64 -57.85
CA LEU E 997 -41.27 -61.25 -58.03
C LEU E 997 -41.70 -60.74 -59.40
N THR E 998 -42.49 -59.67 -59.41
CA THR E 998 -42.91 -59.03 -60.65
C THR E 998 -42.09 -57.77 -60.86
N THR E 999 -41.57 -57.63 -62.07
CA THR E 999 -40.63 -56.55 -62.39
C THR E 999 -41.29 -55.17 -62.30
N SER E 1000 -42.46 -55.02 -62.90
CA SER E 1000 -43.11 -53.70 -62.94
C SER E 1000 -43.45 -53.21 -61.55
N ASN E 1001 -44.10 -54.06 -60.75
CA ASN E 1001 -44.40 -53.69 -59.37
C ASN E 1001 -43.13 -53.36 -58.60
N MET E 1002 -42.09 -54.16 -58.76
CA MET E 1002 -40.88 -53.95 -57.97
C MET E 1002 -40.18 -52.65 -58.34
N GLN E 1003 -40.07 -52.32 -59.63
CA GLN E 1003 -39.46 -51.06 -60.00
C GLN E 1003 -40.30 -49.87 -59.58
N THR E 1004 -41.63 -50.01 -59.62
CA THR E 1004 -42.47 -48.84 -59.36
C THR E 1004 -42.68 -48.64 -57.86
N LEU E 1005 -42.43 -49.66 -57.05
CA LEU E 1005 -42.47 -49.48 -55.61
C LEU E 1005 -41.22 -48.79 -55.08
N PHE E 1006 -40.13 -48.82 -55.86
CA PHE E 1006 -38.91 -48.09 -55.53
C PHE E 1006 -38.44 -47.33 -56.77
N PRO E 1007 -39.14 -46.27 -57.19
CA PRO E 1007 -38.74 -45.58 -58.43
C PRO E 1007 -37.83 -44.39 -58.18
N GLN E 1008 -37.45 -44.16 -56.92
CA GLN E 1008 -36.74 -42.93 -56.56
C GLN E 1008 -35.34 -42.89 -57.17
N LEU E 1009 -35.09 -41.84 -57.95
CA LEU E 1009 -33.80 -41.66 -58.60
C LEU E 1009 -32.72 -41.21 -57.63
N VAL E 1010 -33.08 -40.47 -56.59
CA VAL E 1010 -32.10 -39.92 -55.67
C VAL E 1010 -32.46 -40.25 -54.23
N GLY E 1011 -31.80 -41.26 -53.66
CA GLY E 1011 -31.84 -41.45 -52.22
C GLY E 1011 -30.57 -40.91 -51.59
N GLN E 1012 -30.63 -39.70 -51.06
CA GLN E 1012 -29.43 -39.07 -50.53
C GLN E 1012 -29.14 -39.59 -49.13
N GLU E 1013 -27.86 -39.65 -48.79
CA GLU E 1013 -27.46 -40.04 -47.44
C GLU E 1013 -27.51 -38.86 -46.49
N LEU E 1014 -27.15 -39.10 -45.24
CA LEU E 1014 -27.22 -38.07 -44.21
C LEU E 1014 -25.86 -37.65 -43.68
N GLN E 1015 -25.05 -38.60 -43.21
CA GLN E 1015 -23.80 -38.27 -42.53
C GLN E 1015 -22.62 -38.48 -43.47
N ALA E 1016 -21.61 -37.63 -43.34
CA ALA E 1016 -20.40 -37.75 -44.13
C ALA E 1016 -19.58 -38.95 -43.66
N CYS E 1017 -18.85 -39.56 -44.60
CA CYS E 1017 -18.01 -40.73 -44.32
C CYS E 1017 -18.83 -41.89 -43.77
N ASN E 1018 -20.12 -41.93 -44.13
CA ASN E 1018 -21.01 -43.00 -43.68
C ASN E 1018 -22.27 -43.04 -44.53
N GLY E 1019 -22.58 -44.19 -45.10
CA GLY E 1019 -23.78 -44.31 -45.91
C GLY E 1019 -25.03 -44.43 -45.04
N THR E 1020 -25.89 -43.42 -45.12
CA THR E 1020 -27.18 -43.45 -44.43
C THR E 1020 -28.29 -43.18 -45.44
N PHE E 1021 -28.33 -43.98 -46.51
CA PHE E 1021 -29.24 -43.73 -47.62
C PHE E 1021 -30.71 -43.82 -47.23
N GLN E 1022 -31.51 -42.90 -47.75
CA GLN E 1022 -32.93 -42.80 -47.45
C GLN E 1022 -33.74 -43.25 -48.67
N PHE E 1023 -34.48 -44.34 -48.52
CA PHE E 1023 -35.48 -44.76 -49.49
C PHE E 1023 -36.86 -44.72 -48.86
N GLY E 1024 -37.87 -45.25 -49.55
CA GLY E 1024 -39.20 -45.26 -48.96
C GLY E 1024 -40.29 -45.87 -49.81
N ILE E 1025 -41.21 -46.59 -49.15
CA ILE E 1025 -42.40 -47.12 -49.80
C ILE E 1025 -43.60 -46.56 -49.05
N SER E 1026 -44.59 -46.06 -49.79
CA SER E 1026 -45.74 -45.46 -49.14
C SER E 1026 -46.84 -46.50 -48.93
N ILE E 1027 -47.68 -46.26 -47.91
CA ILE E 1027 -48.72 -47.21 -47.57
C ILE E 1027 -49.92 -47.07 -48.51
N THR E 1028 -50.23 -45.83 -48.92
CA THR E 1028 -51.38 -45.61 -49.78
C THR E 1028 -51.22 -46.31 -51.12
N GLY E 1029 -50.02 -46.26 -51.70
CA GLY E 1029 -49.78 -46.94 -52.95
C GLY E 1029 -49.95 -48.44 -52.85
N LEU E 1030 -49.39 -49.05 -51.80
CA LEU E 1030 -49.53 -50.49 -51.61
C LEU E 1030 -50.98 -50.87 -51.37
N GLU E 1031 -51.72 -50.05 -50.62
CA GLU E 1031 -53.13 -50.32 -50.37
C GLU E 1031 -53.96 -50.20 -51.65
N LYS E 1032 -53.67 -49.18 -52.46
CA LYS E 1032 -54.36 -49.03 -53.74
C LYS E 1032 -54.08 -50.20 -54.66
N LEU E 1033 -52.83 -50.67 -54.67
CA LEU E 1033 -52.51 -51.88 -55.42
C LEU E 1033 -53.29 -53.08 -54.89
N LEU E 1034 -53.36 -53.22 -53.57
CA LEU E 1034 -54.05 -54.35 -52.95
C LEU E 1034 -55.54 -54.12 -52.78
N ASN E 1035 -56.05 -52.95 -53.18
CA ASN E 1035 -57.47 -52.62 -53.07
C ASN E 1035 -57.96 -52.74 -51.63
N LEU E 1036 -57.21 -52.17 -50.70
CA LEU E 1036 -57.55 -52.20 -49.28
C LEU E 1036 -57.92 -50.80 -48.81
N ASN E 1037 -58.18 -50.70 -47.51
CA ASN E 1037 -58.57 -49.43 -46.91
C ASN E 1037 -57.41 -48.43 -46.97
N VAL E 1038 -57.76 -47.15 -47.05
CA VAL E 1038 -56.74 -46.11 -47.14
C VAL E 1038 -55.96 -46.00 -45.83
N GLN E 1039 -56.64 -45.79 -44.72
CA GLN E 1039 -55.96 -45.72 -43.43
C GLN E 1039 -56.79 -46.40 -42.34
N GLN E 1040 -57.77 -47.21 -42.72
CA GLN E 1040 -58.64 -47.84 -41.73
C GLN E 1040 -58.02 -49.10 -41.15
N LEU E 1041 -57.81 -50.13 -41.97
CA LEU E 1041 -57.21 -51.38 -41.53
C LEU E 1041 -56.34 -51.99 -42.63
N ASN E 1042 -55.08 -52.30 -42.30
CA ASN E 1042 -54.19 -52.96 -43.25
C ASN E 1042 -53.03 -53.61 -42.51
N ASN E 1043 -52.78 -54.90 -42.77
CA ASN E 1043 -51.73 -55.63 -42.04
C ASN E 1043 -51.31 -56.92 -42.71
N SER E 1044 -50.02 -57.05 -43.04
CA SER E 1044 -49.40 -58.31 -43.41
C SER E 1044 -48.06 -58.41 -42.70
N ILE E 1045 -47.29 -59.48 -42.97
CA ILE E 1045 -45.93 -59.52 -42.43
C ILE E 1045 -45.05 -58.44 -43.05
N LEU E 1046 -45.30 -58.09 -44.32
CA LEU E 1046 -44.68 -57.00 -45.07
C LEU E 1046 -43.17 -56.90 -44.87
N SER E 1047 -42.42 -57.89 -45.35
CA SER E 1047 -40.97 -57.94 -45.17
C SER E 1047 -40.28 -57.55 -46.49
N VAL E 1048 -39.82 -56.30 -46.55
CA VAL E 1048 -39.01 -55.86 -47.68
C VAL E 1048 -37.54 -56.16 -47.39
N THR E 1049 -36.73 -56.16 -48.43
CA THR E 1049 -35.32 -56.48 -48.30
C THR E 1049 -34.47 -55.46 -49.06
N TYR E 1050 -33.17 -55.76 -49.12
CA TYR E 1050 -32.22 -55.06 -49.97
C TYR E 1050 -30.93 -55.86 -50.01
N HIS E 1051 -30.39 -56.05 -51.20
CA HIS E 1051 -29.08 -56.67 -51.37
C HIS E 1051 -28.07 -55.58 -51.68
N ASP E 1052 -27.02 -55.49 -50.86
CA ASP E 1052 -25.95 -54.56 -51.14
C ASP E 1052 -24.75 -55.28 -51.76
N TYR E 1053 -24.26 -54.72 -52.86
CA TYR E 1053 -22.99 -55.12 -53.45
C TYR E 1053 -21.83 -54.45 -52.75
N VAL E 1054 -22.07 -53.85 -51.59
CA VAL E 1054 -21.00 -53.27 -50.79
C VAL E 1054 -20.06 -54.37 -50.29
N THR E 1055 -20.59 -55.28 -49.48
CA THR E 1055 -19.89 -56.50 -49.12
C THR E 1055 -20.68 -57.75 -49.49
N GLY E 1056 -21.69 -57.62 -50.35
CA GLY E 1056 -22.51 -58.75 -50.74
C GLY E 1056 -23.37 -59.27 -49.62
N GLU E 1057 -24.33 -58.47 -49.14
CA GLU E 1057 -25.13 -58.87 -48.00
C GLU E 1057 -26.61 -58.69 -48.32
N THR E 1058 -27.45 -59.42 -47.57
CA THR E 1058 -28.90 -59.32 -47.68
C THR E 1058 -29.46 -58.76 -46.37
N LEU E 1059 -29.93 -57.51 -46.39
CA LEU E 1059 -30.51 -56.88 -45.22
C LEU E 1059 -32.03 -56.88 -45.39
N THR E 1060 -32.76 -56.99 -44.28
CA THR E 1060 -34.21 -57.09 -44.32
C THR E 1060 -34.85 -56.12 -43.34
N ALA E 1061 -35.95 -55.52 -43.77
CA ALA E 1061 -36.77 -54.65 -42.95
C ALA E 1061 -38.19 -55.18 -42.99
N THR E 1062 -38.68 -55.67 -41.86
CA THR E 1062 -40.03 -56.21 -41.73
C THR E 1062 -40.90 -55.19 -41.03
N THR E 1063 -42.18 -55.14 -41.42
CA THR E 1063 -43.10 -54.20 -40.79
C THR E 1063 -44.52 -54.74 -40.81
N LYS E 1064 -45.26 -54.35 -39.76
CA LYS E 1064 -46.67 -54.65 -39.59
C LYS E 1064 -47.35 -53.33 -39.19
N LEU E 1065 -48.52 -53.07 -39.76
CA LEU E 1065 -49.18 -51.80 -39.56
C LEU E 1065 -50.34 -51.94 -38.57
N VAL E 1066 -50.45 -50.95 -37.67
CA VAL E 1066 -51.51 -50.88 -36.68
C VAL E 1066 -52.59 -49.97 -37.22
N ALA E 1067 -53.86 -50.34 -36.97
CA ALA E 1067 -54.98 -49.54 -37.45
C ALA E 1067 -54.84 -48.07 -37.10
N LEU E 1068 -54.75 -47.77 -35.80
CA LEU E 1068 -54.44 -46.41 -35.34
C LEU E 1068 -54.10 -46.46 -33.85
N SER E 1069 -53.00 -45.81 -33.49
CA SER E 1069 -52.59 -45.76 -32.09
C SER E 1069 -53.60 -45.00 -31.24
N THR E 1070 -54.05 -45.63 -30.16
CA THR E 1070 -55.00 -45.01 -29.26
C THR E 1070 -54.32 -43.87 -28.51
N LEU E 1071 -54.85 -42.66 -28.66
CA LEU E 1071 -54.25 -41.47 -28.10
C LEU E 1071 -55.26 -40.74 -27.22
N SER E 1072 -54.93 -39.50 -26.85
CA SER E 1072 -55.77 -38.73 -25.94
C SER E 1072 -57.16 -38.47 -26.53
N LEU E 1073 -58.19 -38.88 -25.78
CA LEU E 1073 -59.57 -38.51 -26.08
C LEU E 1073 -60.03 -37.49 -25.06
N VAL E 1074 -60.13 -36.23 -25.47
CA VAL E 1074 -60.46 -35.13 -24.56
C VAL E 1074 -61.83 -34.57 -24.91
N ALA E 1075 -62.78 -34.66 -23.98
CA ALA E 1075 -64.11 -34.10 -24.19
C ALA E 1075 -64.25 -32.81 -23.40
N LYS E 1076 -64.21 -31.69 -24.11
CA LYS E 1076 -64.30 -30.39 -23.48
C LYS E 1076 -65.74 -29.90 -23.41
N GLY E 1077 -66.67 -30.76 -23.80
CA GLY E 1077 -68.08 -30.44 -23.74
C GLY E 1077 -68.96 -31.58 -24.20
N ALA E 1078 -70.21 -31.55 -23.75
CA ALA E 1078 -71.20 -32.56 -24.12
C ALA E 1078 -72.56 -31.90 -24.28
N GLY E 1079 -73.59 -32.74 -24.39
CA GLY E 1079 -74.94 -32.24 -24.52
C GLY E 1079 -75.44 -31.60 -23.25
N VAL E 1080 -76.50 -30.79 -23.38
CA VAL E 1080 -77.08 -30.08 -22.25
C VAL E 1080 -78.56 -30.46 -22.15
N VAL E 1081 -78.97 -30.90 -20.96
CA VAL E 1081 -80.37 -31.21 -20.68
C VAL E 1081 -80.84 -30.30 -19.56
N GLU E 1082 -81.90 -29.54 -19.82
CA GLU E 1082 -82.41 -28.55 -18.88
C GLU E 1082 -83.84 -28.87 -18.50
N PHE E 1083 -84.46 -27.99 -17.72
CA PHE E 1083 -85.84 -28.13 -17.30
C PHE E 1083 -86.67 -26.99 -17.90
N LEU E 1084 -87.94 -26.92 -17.50
CA LEU E 1084 -88.85 -25.87 -17.95
C LEU E 1084 -88.96 -25.87 -19.47
N LEU E 1085 -89.12 -27.05 -20.07
CA LEU E 1085 -89.23 -27.17 -21.51
C LEU E 1085 -90.56 -26.58 -21.99
N THR E 1086 -90.59 -26.20 -23.26
CA THR E 1086 -91.81 -25.65 -23.86
C THR E 1086 -92.87 -26.74 -23.96
N ALA E 1087 -93.93 -26.60 -23.18
CA ALA E 1087 -94.98 -27.61 -23.11
C ALA E 1087 -95.73 -27.73 -24.42
N TYR E 1088 -95.96 -28.97 -24.84
CA TYR E 1088 -96.76 -29.26 -26.02
C TYR E 1088 -97.97 -30.09 -25.63
N PRO E 1089 -99.15 -29.49 -25.47
CA PRO E 1089 -100.33 -30.25 -25.05
C PRO E 1089 -100.74 -31.28 -26.09
N TYR E 1090 -101.39 -32.34 -25.62
CA TYR E 1090 -101.88 -33.38 -26.52
C TYR E 1090 -102.97 -32.85 -27.44
N THR E 1091 -103.63 -31.76 -27.04
CA THR E 1091 -104.66 -31.15 -27.87
C THR E 1091 -104.02 -30.50 -29.10
N GLY E 1092 -104.87 -30.08 -30.03
CA GLY E 1092 -104.39 -29.44 -31.24
C GLY E 1092 -103.72 -28.11 -30.98
N ASN E 1093 -104.07 -27.47 -29.87
CA ASN E 1093 -103.46 -26.20 -29.47
C ASN E 1093 -102.13 -26.48 -28.80
N ILE E 1094 -101.10 -26.67 -29.61
CA ILE E 1094 -99.77 -27.02 -29.12
C ILE E 1094 -98.99 -25.78 -28.70
N THR E 1095 -99.39 -24.60 -29.20
CA THR E 1095 -98.65 -23.38 -28.96
C THR E 1095 -98.93 -22.79 -27.58
N PHE E 1096 -99.57 -23.57 -26.72
CA PHE E 1096 -99.80 -23.16 -25.35
C PHE E 1096 -98.91 -23.97 -24.42
N ALA E 1097 -98.24 -23.30 -23.50
CA ALA E 1097 -97.25 -23.97 -22.66
C ALA E 1097 -97.62 -23.86 -21.19
N PRO E 1098 -98.37 -24.81 -20.65
CA PRO E 1098 -98.50 -24.92 -19.20
C PRO E 1098 -97.16 -25.21 -18.57
N PRO E 1099 -96.88 -24.66 -17.39
CA PRO E 1099 -95.55 -24.83 -16.81
C PRO E 1099 -95.20 -26.31 -16.62
N TRP E 1100 -94.19 -26.76 -17.35
CA TRP E 1100 -93.68 -28.12 -17.20
C TRP E 1100 -92.41 -28.09 -16.36
N PHE E 1101 -92.13 -29.23 -15.74
CA PHE E 1101 -90.98 -29.37 -14.85
C PHE E 1101 -90.55 -30.82 -14.85
N ILE E 1102 -89.43 -31.13 -15.51
CA ILE E 1102 -88.85 -32.46 -15.41
C ILE E 1102 -88.43 -32.67 -13.96
N ALA E 1103 -88.77 -33.82 -13.40
CA ALA E 1103 -88.59 -34.05 -11.97
C ALA E 1103 -87.12 -34.16 -11.60
N GLU E 1104 -86.86 -34.45 -10.32
CA GLU E 1104 -85.53 -34.36 -9.73
C GLU E 1104 -84.51 -35.25 -10.41
N ASN E 1105 -83.23 -34.90 -10.25
CA ASN E 1105 -82.09 -35.73 -10.65
C ASN E 1105 -81.98 -35.95 -12.14
N VAL E 1106 -82.04 -34.86 -12.92
CA VAL E 1106 -81.69 -34.91 -14.34
C VAL E 1106 -80.64 -33.84 -14.60
N VAL E 1107 -79.37 -34.23 -14.61
CA VAL E 1107 -78.27 -33.26 -14.62
C VAL E 1107 -77.46 -33.44 -15.90
N LYS E 1108 -77.90 -32.75 -16.96
CA LYS E 1108 -77.15 -32.51 -18.20
C LYS E 1108 -76.32 -33.67 -18.72
N GLN E 1109 -75.34 -33.35 -19.58
CA GLN E 1109 -74.30 -34.24 -20.07
C GLN E 1109 -74.79 -35.66 -20.36
N PRO E 1110 -75.60 -35.85 -21.38
CA PRO E 1110 -75.99 -37.21 -21.77
C PRO E 1110 -74.78 -37.97 -22.31
N PHE E 1111 -74.93 -39.29 -22.42
CA PHE E 1111 -73.91 -40.08 -23.07
C PHE E 1111 -74.21 -40.24 -24.56
N MET E 1112 -73.21 -39.95 -25.39
CA MET E 1112 -73.35 -40.05 -26.83
C MET E 1112 -71.99 -40.34 -27.46
N THR E 1113 -72.02 -40.90 -28.66
CA THR E 1113 -70.82 -41.43 -29.31
C THR E 1113 -70.43 -40.56 -30.49
N TYR E 1114 -69.13 -40.39 -30.68
CA TYR E 1114 -68.62 -39.61 -31.81
C TYR E 1114 -68.90 -40.34 -33.12
N SER E 1115 -69.06 -39.56 -34.20
CA SER E 1115 -69.33 -40.15 -35.51
C SER E 1115 -68.05 -40.62 -36.20
N ASP E 1116 -66.89 -40.27 -35.65
CA ASP E 1116 -65.60 -40.67 -36.23
C ASP E 1116 -64.63 -41.05 -35.12
N LEU E 1117 -64.30 -42.34 -35.03
CA LEU E 1117 -63.40 -42.82 -33.98
C LEU E 1117 -61.96 -42.37 -34.21
N GLN E 1118 -61.52 -42.40 -35.48
CA GLN E 1118 -60.11 -42.13 -35.77
C GLN E 1118 -59.71 -40.71 -35.40
N PHE E 1119 -60.54 -39.71 -35.73
CA PHE E 1119 -60.19 -38.34 -35.38
C PHE E 1119 -60.27 -38.10 -33.88
N ALA E 1120 -61.30 -38.64 -33.22
CA ALA E 1120 -61.43 -38.50 -31.79
C ALA E 1120 -60.30 -39.20 -31.04
N LYS E 1121 -59.69 -40.22 -31.66
CA LYS E 1121 -58.57 -40.90 -31.03
C LYS E 1121 -57.38 -39.99 -30.79
N THR E 1122 -57.09 -39.08 -31.73
CA THR E 1122 -56.01 -38.12 -31.56
C THR E 1122 -56.43 -36.89 -30.79
N ASN E 1123 -57.41 -36.15 -31.29
CA ASN E 1123 -58.01 -35.03 -30.57
C ASN E 1123 -59.33 -34.66 -31.23
N PRO E 1124 -60.44 -34.66 -30.49
CA PRO E 1124 -61.71 -34.22 -31.08
C PRO E 1124 -61.91 -32.71 -30.97
N SER E 1125 -60.87 -31.95 -31.35
CA SER E 1125 -60.93 -30.50 -31.27
C SER E 1125 -61.33 -29.91 -32.60
N ALA E 1126 -62.49 -30.32 -33.12
CA ALA E 1126 -63.00 -29.81 -34.38
C ALA E 1126 -64.50 -30.09 -34.47
N ILE E 1127 -65.08 -29.73 -35.62
CA ILE E 1127 -66.50 -29.92 -35.85
C ILE E 1127 -66.79 -31.42 -35.97
N LEU E 1128 -67.79 -31.89 -35.24
CA LEU E 1128 -68.11 -33.31 -35.16
C LEU E 1128 -69.62 -33.47 -35.01
N SER E 1129 -70.08 -34.71 -35.19
CA SER E 1129 -71.47 -35.07 -34.95
C SER E 1129 -71.51 -36.16 -33.89
N LEU E 1130 -72.40 -35.98 -32.91
CA LEU E 1130 -72.49 -36.86 -31.76
C LEU E 1130 -73.83 -37.58 -31.80
N SER E 1131 -73.79 -38.89 -32.01
CA SER E 1131 -75.01 -39.68 -32.01
C SER E 1131 -75.43 -39.97 -30.58
N THR E 1132 -76.60 -39.48 -30.18
CA THR E 1132 -77.06 -39.63 -28.81
C THR E 1132 -77.37 -41.09 -28.51
N VAL E 1133 -76.78 -41.61 -27.43
CA VAL E 1133 -76.99 -43.00 -27.03
C VAL E 1133 -77.46 -43.05 -25.59
N ASN E 1134 -77.96 -41.93 -25.08
CA ASN E 1134 -78.52 -41.88 -23.74
C ASN E 1134 -79.36 -40.62 -23.57
N ILE E 1135 -80.64 -40.81 -23.24
CA ILE E 1135 -81.52 -39.73 -22.82
C ILE E 1135 -82.29 -40.21 -21.60
N THR E 1136 -82.17 -39.47 -20.49
CA THR E 1136 -82.77 -39.89 -19.23
C THR E 1136 -83.73 -38.82 -18.73
N VAL E 1137 -84.95 -39.22 -18.42
CA VAL E 1137 -85.94 -38.37 -17.76
C VAL E 1137 -86.32 -39.03 -16.45
N VAL E 1138 -85.97 -38.41 -15.34
CA VAL E 1138 -86.13 -38.99 -14.02
C VAL E 1138 -87.34 -38.37 -13.34
N GLY E 1139 -88.26 -39.21 -12.87
CA GLY E 1139 -89.43 -38.76 -12.14
C GLY E 1139 -89.36 -39.12 -10.67
N LEU E 1140 -90.45 -38.88 -9.94
CA LEU E 1140 -90.52 -39.18 -8.52
C LEU E 1140 -90.98 -40.62 -8.29
N GLY E 1141 -90.05 -41.57 -8.36
CA GLY E 1141 -90.37 -42.97 -8.19
C GLY E 1141 -89.68 -43.86 -9.20
N GLY E 1142 -89.22 -43.27 -10.30
CA GLY E 1142 -88.55 -44.02 -11.33
C GLY E 1142 -87.92 -43.08 -12.34
N LYS E 1143 -87.56 -43.65 -13.50
CA LYS E 1143 -86.99 -42.85 -14.57
C LYS E 1143 -87.10 -43.61 -15.89
N ALA E 1144 -87.42 -42.88 -16.95
CA ALA E 1144 -87.50 -43.42 -18.29
C ALA E 1144 -86.26 -43.05 -19.10
N SER E 1145 -85.99 -43.85 -20.14
CA SER E 1145 -84.79 -43.67 -20.94
C SER E 1145 -85.11 -43.88 -22.41
N VAL E 1146 -84.37 -43.16 -23.24
CA VAL E 1146 -84.39 -43.33 -24.69
C VAL E 1146 -82.94 -43.31 -25.16
N TYR E 1147 -82.40 -44.46 -25.54
CA TYR E 1147 -80.98 -44.56 -25.84
C TYR E 1147 -80.76 -45.33 -27.12
N TYR E 1148 -79.83 -44.86 -27.94
CA TYR E 1148 -79.48 -45.55 -29.19
C TYR E 1148 -78.41 -46.59 -28.89
N ASN E 1149 -78.83 -47.82 -28.59
CA ASN E 1149 -77.91 -48.92 -28.31
C ASN E 1149 -77.15 -49.22 -29.60
N SER E 1150 -75.87 -48.88 -29.63
CA SER E 1150 -75.03 -49.13 -30.79
C SER E 1150 -74.60 -50.58 -30.91
N THR E 1151 -74.69 -51.36 -29.84
CA THR E 1151 -74.38 -52.78 -29.89
C THR E 1151 -75.33 -53.52 -30.83
N SER E 1152 -76.62 -53.19 -30.79
CA SER E 1152 -77.57 -53.73 -31.74
C SER E 1152 -77.97 -52.73 -32.81
N GLY E 1153 -77.48 -51.50 -32.72
CA GLY E 1153 -77.85 -50.46 -33.67
C GLY E 1153 -79.32 -50.13 -33.64
N GLN E 1154 -79.93 -50.13 -32.45
CA GLN E 1154 -81.36 -49.95 -32.33
C GLN E 1154 -81.64 -48.90 -31.26
N THR E 1155 -82.67 -48.10 -31.48
CA THR E 1155 -83.09 -47.11 -30.49
C THR E 1155 -84.05 -47.77 -29.52
N VAL E 1156 -83.61 -47.95 -28.28
CA VAL E 1156 -84.40 -48.61 -27.24
C VAL E 1156 -85.02 -47.56 -26.34
N ILE E 1157 -86.32 -47.69 -26.12
CA ILE E 1157 -87.09 -46.76 -25.30
C ILE E 1157 -87.70 -47.56 -24.15
N THR E 1158 -87.42 -47.14 -22.93
CA THR E 1158 -87.94 -47.76 -21.72
C THR E 1158 -88.69 -46.72 -20.90
N ASN E 1159 -89.81 -47.14 -20.31
CA ASN E 1159 -90.68 -46.26 -19.55
C ASN E 1159 -90.17 -46.08 -18.12
N ILE E 1160 -90.98 -45.46 -17.27
CA ILE E 1160 -90.56 -45.18 -15.90
C ILE E 1160 -90.39 -46.46 -15.08
N TYR E 1161 -91.05 -47.55 -15.48
CA TYR E 1161 -90.96 -48.81 -14.75
C TYR E 1161 -89.63 -49.51 -14.97
N GLY E 1162 -88.81 -49.03 -15.90
CA GLY E 1162 -87.54 -49.66 -16.18
C GLY E 1162 -87.62 -50.86 -17.10
N GLN E 1163 -88.73 -51.04 -17.81
CA GLN E 1163 -88.92 -52.17 -18.71
C GLN E 1163 -88.91 -51.67 -20.15
N THR E 1164 -88.29 -52.44 -21.03
CA THR E 1164 -88.21 -52.08 -22.44
C THR E 1164 -89.59 -52.06 -23.08
N VAL E 1165 -90.00 -50.90 -23.58
CA VAL E 1165 -91.32 -50.76 -24.20
C VAL E 1165 -91.25 -50.51 -25.70
N ALA E 1166 -90.08 -50.13 -26.23
CA ALA E 1166 -90.00 -49.89 -27.67
C ALA E 1166 -88.59 -50.17 -28.16
N THR E 1167 -88.51 -50.73 -29.37
CA THR E 1167 -87.25 -50.92 -30.07
C THR E 1167 -87.44 -50.49 -31.52
N LEU E 1168 -86.64 -49.52 -31.95
CA LEU E 1168 -86.81 -48.90 -33.26
C LEU E 1168 -85.56 -49.14 -34.09
N SER E 1169 -85.76 -49.45 -35.38
CA SER E 1169 -84.64 -49.71 -36.28
C SER E 1169 -83.86 -48.43 -36.55
N GLY E 1170 -82.54 -48.55 -36.58
CA GLY E 1170 -81.68 -47.43 -36.88
C GLY E 1170 -81.67 -46.39 -35.77
N ASN E 1171 -81.12 -45.23 -36.11
CA ASN E 1171 -81.04 -44.11 -35.17
C ASN E 1171 -82.14 -43.10 -35.50
N VAL E 1172 -83.27 -43.21 -34.81
CA VAL E 1172 -84.34 -42.21 -34.91
C VAL E 1172 -84.02 -40.98 -34.09
N LEU E 1173 -83.15 -41.10 -33.09
CA LEU E 1173 -82.67 -39.95 -32.36
C LEU E 1173 -81.86 -39.05 -33.30
N PRO E 1174 -82.10 -37.74 -33.26
CA PRO E 1174 -81.29 -36.83 -34.07
C PRO E 1174 -79.85 -36.80 -33.59
N THR E 1175 -78.93 -36.60 -34.53
CA THR E 1175 -77.52 -36.53 -34.22
C THR E 1175 -77.14 -35.10 -33.83
N LEU E 1176 -76.72 -34.94 -32.59
CA LEU E 1176 -76.38 -33.62 -32.04
C LEU E 1176 -75.17 -33.09 -32.81
N THR E 1177 -75.38 -32.02 -33.57
CA THR E 1177 -74.30 -31.42 -34.34
C THR E 1177 -73.63 -30.32 -33.53
N GLU E 1178 -72.30 -30.36 -33.50
CA GLU E 1178 -71.55 -29.32 -32.80
C GLU E 1178 -71.77 -27.97 -33.46
N LEU E 1179 -71.82 -26.92 -32.65
CA LEU E 1179 -72.00 -25.58 -33.18
C LEU E 1179 -70.68 -24.97 -33.66
N ALA E 1180 -69.56 -25.43 -33.14
CA ALA E 1180 -68.26 -24.87 -33.51
C ALA E 1180 -67.19 -25.94 -33.34
N ALA E 1181 -66.05 -25.71 -33.99
CA ALA E 1181 -64.92 -26.64 -33.91
C ALA E 1181 -64.23 -26.52 -32.56
N GLY E 1182 -64.09 -27.65 -31.88
CA GLY E 1182 -63.48 -27.67 -30.57
C GLY E 1182 -64.20 -26.83 -29.52
N ASN E 1183 -65.52 -26.77 -29.58
CA ASN E 1183 -66.29 -25.95 -28.65
C ASN E 1183 -66.85 -26.80 -27.52
N GLY E 1184 -67.60 -27.84 -27.85
CA GLY E 1184 -68.17 -28.72 -26.84
C GLY E 1184 -69.67 -28.61 -26.71
N THR E 1185 -70.31 -27.79 -27.55
CA THR E 1185 -71.76 -27.63 -27.52
C THR E 1185 -72.38 -28.31 -28.73
N PHE E 1186 -73.28 -29.24 -28.47
CA PHE E 1186 -73.92 -30.03 -29.51
C PHE E 1186 -75.42 -29.81 -29.44
N THR E 1187 -76.03 -29.56 -30.59
CA THR E 1187 -77.42 -29.12 -30.64
C THR E 1187 -78.23 -30.09 -31.50
N GLY E 1188 -79.47 -30.33 -31.08
CA GLY E 1188 -80.40 -31.16 -31.82
C GLY E 1188 -81.83 -30.70 -31.59
N SER E 1189 -82.74 -31.66 -31.49
CA SER E 1189 -84.15 -31.38 -31.26
C SER E 1189 -84.78 -32.48 -30.44
N LEU E 1190 -85.63 -32.07 -29.49
CA LEU E 1190 -86.33 -33.00 -28.59
C LEU E 1190 -87.76 -32.49 -28.41
N GLN E 1191 -88.74 -33.26 -28.87
CA GLN E 1191 -90.13 -32.90 -28.68
C GLN E 1191 -90.76 -33.79 -27.62
N PHE E 1192 -91.84 -33.30 -27.01
CA PHE E 1192 -92.53 -34.05 -25.96
C PHE E 1192 -94.04 -33.88 -26.11
N THR E 1193 -94.78 -34.85 -25.58
CA THR E 1193 -96.23 -34.82 -25.59
C THR E 1193 -96.75 -35.70 -24.47
N ILE E 1194 -98.07 -35.71 -24.31
CA ILE E 1194 -98.75 -36.50 -23.28
C ILE E 1194 -99.77 -37.41 -23.95
N VAL E 1195 -99.63 -38.71 -23.71
CA VAL E 1195 -100.60 -39.69 -24.19
C VAL E 1195 -101.36 -40.24 -23.00
N PRO E 1196 -102.65 -39.92 -22.84
CA PRO E 1196 -103.39 -40.35 -21.66
C PRO E 1196 -103.40 -41.86 -21.47
N ASN E 1197 -103.31 -42.30 -20.22
CA ASN E 1197 -103.39 -43.72 -19.88
C ASN E 1197 -104.44 -43.92 -18.80
N ASN E 1198 -104.51 -45.15 -18.29
CA ASN E 1198 -105.52 -45.54 -17.32
C ASN E 1198 -104.86 -45.84 -15.98
N THR E 1199 -105.36 -45.18 -14.93
CA THR E 1199 -104.97 -45.47 -13.56
C THR E 1199 -106.07 -44.98 -12.63
N VAL E 1200 -106.80 -45.90 -12.02
CA VAL E 1200 -108.00 -45.57 -11.25
C VAL E 1200 -107.59 -45.10 -9.86
N VAL E 1201 -108.04 -43.91 -9.49
CA VAL E 1201 -107.85 -43.38 -8.15
C VAL E 1201 -109.24 -43.16 -7.55
N GLN E 1202 -109.49 -43.74 -6.38
CA GLN E 1202 -110.81 -43.66 -5.76
C GLN E 1202 -110.81 -42.64 -4.64
N ILE E 1203 -111.71 -41.67 -4.72
CA ILE E 1203 -111.95 -40.69 -3.67
C ILE E 1203 -113.22 -41.09 -2.95
N PRO E 1204 -113.15 -41.51 -1.68
CA PRO E 1204 -114.34 -42.03 -1.01
C PRO E 1204 -115.38 -40.95 -0.76
N SER E 1205 -116.63 -41.38 -0.63
CA SER E 1205 -117.72 -40.46 -0.30
C SER E 1205 -117.77 -40.13 1.18
N SER E 1206 -116.97 -40.79 2.01
CA SER E 1206 -116.92 -40.50 3.44
C SER E 1206 -116.35 -39.12 3.74
N LEU E 1207 -115.65 -38.50 2.78
CA LEU E 1207 -115.10 -37.16 2.96
C LEU E 1207 -115.64 -36.14 1.97
N THR E 1208 -116.34 -36.56 0.91
CA THR E 1208 -116.84 -35.62 -0.09
C THR E 1208 -118.32 -35.81 -0.39
N LYS E 1209 -118.96 -36.84 0.16
CA LYS E 1209 -120.37 -37.18 -0.07
C LYS E 1209 -120.63 -37.65 -1.50
N THR E 1210 -119.61 -37.61 -2.35
CA THR E 1210 -119.69 -38.09 -3.73
C THR E 1210 -118.36 -38.75 -4.07
N SER E 1211 -118.42 -39.98 -4.58
CA SER E 1211 -117.21 -40.70 -4.93
C SER E 1211 -116.63 -40.15 -6.23
N PHE E 1212 -115.31 -40.28 -6.40
CA PHE E 1212 -114.64 -39.85 -7.62
C PHE E 1212 -113.66 -40.92 -8.07
N ALA E 1213 -113.91 -41.48 -9.26
CA ALA E 1213 -112.98 -42.41 -9.89
C ALA E 1213 -112.20 -41.62 -10.94
N VAL E 1214 -110.93 -41.36 -10.67
CA VAL E 1214 -110.13 -40.46 -11.50
C VAL E 1214 -109.11 -41.28 -12.27
N TYR E 1215 -109.16 -41.16 -13.60
CA TYR E 1215 -108.07 -41.59 -14.46
C TYR E 1215 -106.99 -40.51 -14.44
N THR E 1216 -105.76 -40.91 -14.13
CA THR E 1216 -104.69 -39.97 -13.80
C THR E 1216 -104.16 -39.28 -15.04
N ASN E 1217 -103.04 -38.58 -14.86
CA ASN E 1217 -102.39 -37.76 -15.89
C ASN E 1217 -102.31 -38.47 -17.24
N GLY E 1218 -101.63 -39.60 -17.29
CA GLY E 1218 -101.39 -40.24 -18.57
C GLY E 1218 -99.98 -40.79 -18.62
N SER E 1219 -99.31 -40.54 -19.74
CA SER E 1219 -97.93 -40.98 -19.94
C SER E 1219 -97.16 -39.93 -20.73
N LEU E 1220 -95.99 -39.57 -20.23
CA LEU E 1220 -95.10 -38.69 -20.98
C LEU E 1220 -94.52 -39.45 -22.17
N ALA E 1221 -94.51 -38.81 -23.33
CA ALA E 1221 -94.03 -39.43 -24.55
C ALA E 1221 -93.02 -38.53 -25.23
N ILE E 1222 -91.88 -39.11 -25.61
CA ILE E 1222 -90.90 -38.37 -26.42
C ILE E 1222 -91.33 -38.43 -27.87
N VAL E 1223 -91.30 -37.28 -28.53
CA VAL E 1223 -91.66 -37.18 -29.94
C VAL E 1223 -90.39 -36.99 -30.74
N LEU E 1224 -90.11 -37.96 -31.61
CA LEU E 1224 -88.95 -37.99 -32.47
C LEU E 1224 -89.41 -38.11 -33.91
N ASN E 1225 -88.89 -37.25 -34.79
CA ASN E 1225 -89.27 -37.24 -36.19
C ASN E 1225 -90.77 -37.08 -36.38
N GLY E 1226 -91.44 -36.44 -35.42
CA GLY E 1226 -92.88 -36.24 -35.48
C GLY E 1226 -93.72 -37.37 -34.93
N LYS E 1227 -93.10 -38.44 -34.43
CA LYS E 1227 -93.82 -39.59 -33.90
C LYS E 1227 -93.62 -39.69 -32.40
N ALA E 1228 -94.71 -39.90 -31.67
CA ALA E 1228 -94.66 -39.97 -30.22
C ALA E 1228 -94.41 -41.39 -29.75
N TYR E 1229 -93.73 -41.51 -28.60
CA TYR E 1229 -93.39 -42.81 -28.03
C TYR E 1229 -93.45 -42.66 -26.51
N SER E 1230 -94.32 -43.44 -25.87
CA SER E 1230 -94.60 -43.27 -24.44
C SER E 1230 -93.38 -43.59 -23.60
N LEU E 1231 -93.24 -42.88 -22.48
CA LEU E 1231 -92.15 -43.09 -21.53
C LEU E 1231 -92.65 -43.37 -20.12
N GLY E 1232 -93.85 -43.92 -19.97
CA GLY E 1232 -94.40 -44.18 -18.66
C GLY E 1232 -95.20 -42.99 -18.15
N PRO E 1233 -95.86 -43.17 -16.99
CA PRO E 1233 -96.76 -42.13 -16.47
C PRO E 1233 -96.12 -40.76 -16.34
N ALA E 1234 -96.82 -39.73 -16.82
CA ALA E 1234 -96.29 -38.36 -16.76
C ALA E 1234 -96.54 -37.72 -15.40
N GLY E 1235 -97.40 -38.32 -14.59
CA GLY E 1235 -97.69 -37.76 -13.27
C GLY E 1235 -96.46 -37.63 -12.39
N LEU E 1236 -95.57 -38.62 -12.41
CA LEU E 1236 -94.33 -38.54 -11.64
C LEU E 1236 -93.31 -37.63 -12.31
N PHE E 1237 -93.28 -37.62 -13.64
CA PHE E 1237 -92.34 -36.77 -14.37
C PHE E 1237 -92.72 -35.30 -14.28
N LEU E 1238 -93.99 -34.96 -14.50
CA LEU E 1238 -94.38 -33.57 -14.70
C LEU E 1238 -94.97 -32.98 -13.44
N LEU E 1239 -94.81 -31.66 -13.32
CA LEU E 1239 -95.30 -30.85 -12.22
C LEU E 1239 -96.16 -29.75 -12.81
N PRO E 1240 -97.30 -29.42 -12.19
CA PRO E 1240 -97.87 -29.98 -10.94
C PRO E 1240 -98.48 -31.36 -11.01
N PHE E 1241 -98.75 -31.94 -9.86
CA PHE E 1241 -99.60 -33.11 -9.74
C PHE E 1241 -100.39 -33.00 -8.43
N VAL E 1242 -101.51 -33.72 -8.36
CA VAL E 1242 -102.37 -33.71 -7.19
C VAL E 1242 -102.30 -35.08 -6.54
N THR E 1243 -101.90 -35.12 -5.26
CA THR E 1243 -101.77 -36.37 -4.54
C THR E 1243 -103.03 -36.63 -3.72
N TYR E 1244 -103.75 -37.69 -4.07
CA TYR E 1244 -104.83 -38.20 -3.24
C TYR E 1244 -104.42 -39.59 -2.76
N THR E 1245 -104.23 -39.72 -1.45
CA THR E 1245 -103.75 -40.96 -0.83
C THR E 1245 -102.47 -41.47 -1.51
N GLY E 1246 -101.59 -40.53 -1.85
CA GLY E 1246 -100.34 -40.88 -2.50
C GLY E 1246 -100.44 -41.16 -3.99
N SER E 1247 -101.58 -40.90 -4.60
CA SER E 1247 -101.78 -41.14 -6.03
C SER E 1247 -101.73 -39.80 -6.76
N ALA E 1248 -100.93 -39.74 -7.82
CA ALA E 1248 -100.71 -38.49 -8.53
C ALA E 1248 -101.65 -38.38 -9.72
N ILE E 1249 -102.31 -37.22 -9.84
CA ILE E 1249 -103.24 -36.95 -10.92
C ILE E 1249 -102.80 -35.66 -11.61
N GLY E 1250 -102.75 -35.69 -12.94
CA GLY E 1250 -102.34 -34.54 -13.72
C GLY E 1250 -103.33 -34.22 -14.83
N ALA E 1251 -102.83 -33.52 -15.86
CA ALA E 1251 -103.65 -33.12 -17.00
C ALA E 1251 -104.07 -34.37 -17.77
N ASN E 1252 -105.01 -34.18 -18.70
CA ASN E 1252 -105.58 -35.28 -19.48
C ASN E 1252 -106.23 -36.31 -18.56
N ALA E 1253 -106.62 -35.88 -17.36
CA ALA E 1253 -107.32 -36.75 -16.43
C ALA E 1253 -108.77 -36.94 -16.84
N THR E 1254 -109.45 -37.88 -16.19
CA THR E 1254 -110.86 -38.15 -16.45
C THR E 1254 -111.55 -38.50 -15.14
N ALA E 1255 -112.41 -37.60 -14.65
CA ALA E 1255 -113.04 -37.80 -13.35
C ALA E 1255 -114.47 -38.32 -13.56
N ILE E 1256 -114.73 -39.53 -13.08
CA ILE E 1256 -116.08 -40.09 -13.03
C ILE E 1256 -116.65 -39.77 -11.65
N ILE E 1257 -117.66 -38.90 -11.63
CA ILE E 1257 -118.33 -38.50 -10.40
C ILE E 1257 -119.47 -39.48 -10.15
N THR E 1258 -119.42 -40.14 -9.00
CA THR E 1258 -120.46 -41.06 -8.54
C THR E 1258 -121.25 -40.36 -7.43
N VAL E 1259 -122.48 -39.96 -7.76
CA VAL E 1259 -123.34 -39.23 -6.85
C VAL E 1259 -124.29 -40.22 -6.18
N SER E 1260 -124.32 -40.21 -4.86
CA SER E 1260 -125.22 -41.05 -4.08
C SER E 1260 -126.30 -40.18 -3.44
N ASP E 1261 -127.55 -40.54 -3.66
CA ASP E 1261 -128.68 -39.77 -3.15
C ASP E 1261 -129.82 -40.73 -2.82
N GLY E 1262 -130.94 -40.17 -2.40
CA GLY E 1262 -132.09 -40.99 -2.04
C GLY E 1262 -132.61 -41.85 -3.16
N VAL E 1263 -132.52 -41.37 -4.41
CA VAL E 1263 -132.86 -42.19 -5.56
C VAL E 1263 -131.91 -43.37 -5.71
N GLY E 1264 -130.64 -43.20 -5.40
CA GLY E 1264 -129.67 -44.28 -5.51
C GLY E 1264 -128.30 -43.82 -5.92
N THR E 1265 -127.77 -44.42 -6.99
CA THR E 1265 -126.42 -44.14 -7.46
C THR E 1265 -126.47 -43.68 -8.91
N SER E 1266 -125.76 -42.58 -9.20
CA SER E 1266 -125.66 -42.07 -10.55
C SER E 1266 -124.20 -41.81 -10.88
N THR E 1267 -123.85 -41.92 -12.16
CA THR E 1267 -122.47 -41.75 -12.59
C THR E 1267 -122.42 -40.78 -13.76
N THR E 1268 -121.50 -39.83 -13.70
CA THR E 1268 -121.24 -38.90 -14.79
C THR E 1268 -119.73 -38.81 -15.02
N GLN E 1269 -119.35 -38.34 -16.19
CA GLN E 1269 -117.96 -38.26 -16.59
C GLN E 1269 -117.59 -36.85 -17.00
N VAL E 1270 -116.47 -36.35 -16.48
CA VAL E 1270 -115.92 -35.06 -16.87
C VAL E 1270 -114.47 -35.29 -17.30
N PRO E 1271 -114.13 -35.08 -18.57
CA PRO E 1271 -112.73 -35.23 -18.99
C PRO E 1271 -111.93 -33.96 -18.73
N ILE E 1272 -110.77 -34.13 -18.12
CA ILE E 1272 -109.82 -33.03 -17.93
C ILE E 1272 -108.93 -32.95 -19.17
N THR E 1273 -108.81 -31.76 -19.73
CA THR E 1273 -108.05 -31.56 -20.95
C THR E 1273 -106.57 -31.37 -20.63
N ALA E 1274 -105.77 -31.25 -21.68
CA ALA E 1274 -104.35 -30.95 -21.53
C ALA E 1274 -104.11 -29.47 -21.27
N GLU E 1275 -105.16 -28.66 -21.41
CA GLU E 1275 -105.08 -27.22 -21.15
C GLU E 1275 -105.66 -26.87 -19.78
N ASN E 1276 -106.09 -27.88 -19.01
CA ASN E 1276 -106.61 -27.67 -17.67
C ASN E 1276 -105.56 -28.16 -16.69
N PHE E 1277 -104.29 -27.96 -17.06
CA PHE E 1277 -103.12 -28.46 -16.32
C PHE E 1277 -102.86 -27.61 -15.08
N THR E 1278 -103.01 -26.28 -15.21
CA THR E 1278 -103.37 -25.35 -14.13
C THR E 1278 -102.63 -25.59 -12.81
N PRO E 1279 -101.43 -25.04 -12.63
CA PRO E 1279 -100.86 -24.96 -11.27
C PRO E 1279 -101.74 -24.10 -10.36
N ILE E 1280 -101.88 -24.53 -9.11
CA ILE E 1280 -102.64 -23.80 -8.08
C ILE E 1280 -101.79 -23.73 -6.82
N ARG E 1281 -101.68 -22.54 -6.24
CA ARG E 1281 -100.89 -22.32 -5.03
C ARG E 1281 -101.79 -21.96 -3.85
N LEU E 1282 -101.49 -22.56 -2.70
CA LEU E 1282 -102.16 -22.24 -1.45
C LEU E 1282 -101.20 -21.47 -0.55
N ALA E 1283 -101.60 -20.26 -0.14
CA ALA E 1283 -100.69 -19.41 0.61
C ALA E 1283 -101.36 -18.84 1.85
N PRO E 1284 -100.59 -18.62 2.92
CA PRO E 1284 -101.13 -17.93 4.09
C PRO E 1284 -101.41 -16.47 3.81
N PHE E 1285 -102.28 -15.87 4.62
CA PHE E 1285 -102.65 -14.47 4.42
C PHE E 1285 -101.49 -13.52 4.71
N GLN E 1286 -100.54 -13.92 5.58
CA GLN E 1286 -99.41 -13.07 5.91
C GLN E 1286 -98.25 -13.23 4.94
N VAL E 1287 -98.34 -14.19 4.03
CA VAL E 1287 -97.30 -14.45 3.05
C VAL E 1287 -97.75 -13.90 1.70
N PRO E 1288 -96.87 -13.28 0.92
CA PRO E 1288 -97.28 -12.78 -0.40
C PRO E 1288 -97.85 -13.87 -1.28
N ALA E 1289 -98.89 -13.52 -2.04
CA ALA E 1289 -99.58 -14.46 -2.92
C ALA E 1289 -99.34 -14.14 -4.39
N GLN E 1290 -98.95 -12.91 -4.70
CA GLN E 1290 -98.63 -12.53 -6.07
C GLN E 1290 -97.21 -12.94 -6.46
N VAL E 1291 -96.39 -13.31 -5.48
CA VAL E 1291 -95.03 -13.78 -5.71
C VAL E 1291 -95.02 -15.30 -5.55
N PRO E 1292 -94.66 -16.05 -6.58
CA PRO E 1292 -94.60 -17.52 -6.45
C PRO E 1292 -93.61 -17.95 -5.38
N LEU E 1293 -93.93 -19.03 -4.68
CA LEU E 1293 -93.08 -19.52 -3.61
C LEU E 1293 -92.10 -20.56 -4.15
N PRO E 1294 -90.80 -20.27 -4.17
CA PRO E 1294 -89.84 -21.25 -4.67
C PRO E 1294 -89.33 -22.17 -3.57
N ASN E 1295 -89.63 -21.83 -2.31
CA ASN E 1295 -89.18 -22.61 -1.16
C ASN E 1295 -90.26 -23.57 -0.68
N ALA E 1296 -91.10 -24.05 -1.58
CA ALA E 1296 -92.17 -24.97 -1.20
C ALA E 1296 -91.99 -26.29 -1.93
N PRO E 1297 -91.88 -27.40 -1.20
CA PRO E 1297 -91.81 -28.72 -1.84
C PRO E 1297 -93.04 -29.03 -2.68
N LYS E 1298 -92.92 -30.05 -3.53
CA LYS E 1298 -93.99 -30.38 -4.46
C LYS E 1298 -95.23 -30.93 -3.76
N LEU E 1299 -95.07 -31.45 -2.53
CA LEU E 1299 -96.17 -32.10 -1.83
C LEU E 1299 -96.82 -31.21 -0.78
N LYS E 1300 -96.08 -30.26 -0.21
CA LYS E 1300 -96.59 -29.46 0.90
C LYS E 1300 -95.67 -28.28 1.19
N TYR E 1301 -96.19 -27.28 1.90
CA TYR E 1301 -95.38 -26.21 2.46
C TYR E 1301 -95.73 -26.07 3.93
N GLU E 1302 -94.72 -26.21 4.79
CA GLU E 1302 -94.91 -26.11 6.24
C GLU E 1302 -94.59 -24.68 6.67
N TYR E 1303 -95.65 -23.94 7.00
CA TYR E 1303 -95.50 -22.57 7.49
C TYR E 1303 -95.22 -22.61 8.98
N ASN E 1304 -93.98 -22.26 9.35
CA ASN E 1304 -93.55 -22.31 10.75
C ASN E 1304 -93.92 -21.06 11.53
N GLY E 1305 -94.55 -20.08 10.88
CA GLY E 1305 -94.97 -18.89 11.61
C GLY E 1305 -96.01 -19.20 12.66
N SER E 1306 -95.94 -18.47 13.77
CA SER E 1306 -96.84 -18.70 14.89
C SER E 1306 -98.23 -18.16 14.57
N ILE E 1307 -99.24 -19.01 14.73
CA ILE E 1307 -100.63 -18.65 14.50
C ILE E 1307 -101.44 -19.04 15.73
N VAL E 1308 -102.18 -18.09 16.29
CA VAL E 1308 -103.04 -18.32 17.44
C VAL E 1308 -104.47 -18.05 17.02
N ILE E 1309 -105.31 -19.07 17.12
CA ILE E 1309 -106.71 -18.97 16.69
C ILE E 1309 -107.54 -18.41 17.84
N THR E 1310 -108.09 -17.23 17.65
CA THR E 1310 -108.98 -16.64 18.63
C THR E 1310 -110.31 -17.38 18.65
N PRO E 1311 -111.01 -17.38 19.79
CA PRO E 1311 -112.32 -18.06 19.85
C PRO E 1311 -113.39 -17.37 19.02
N GLN E 1312 -113.12 -16.17 18.51
CA GLN E 1312 -114.05 -15.46 17.66
C GLN E 1312 -113.90 -15.82 16.19
N GLN E 1313 -112.97 -16.71 15.86
CA GLN E 1313 -112.69 -17.06 14.48
C GLN E 1313 -113.07 -18.51 14.23
N GLN E 1314 -113.95 -18.72 13.25
CA GLN E 1314 -114.29 -20.06 12.78
C GLN E 1314 -113.91 -20.25 11.32
N VAL E 1315 -113.33 -19.23 10.69
CA VAL E 1315 -112.90 -19.30 9.29
C VAL E 1315 -111.46 -18.81 9.21
N LEU E 1316 -110.66 -19.48 8.39
CA LEU E 1316 -109.26 -19.12 8.17
C LEU E 1316 -109.14 -18.46 6.81
N LYS E 1317 -108.58 -17.25 6.77
CA LYS E 1317 -108.42 -16.53 5.52
C LYS E 1317 -107.12 -16.92 4.85
N ILE E 1318 -107.22 -17.55 3.67
CA ILE E 1318 -106.05 -17.99 2.92
C ILE E 1318 -106.17 -17.45 1.49
N TYR E 1319 -105.06 -17.53 0.76
CA TYR E 1319 -105.04 -17.10 -0.63
C TYR E 1319 -104.86 -18.29 -1.57
N VAL E 1320 -105.66 -18.32 -2.62
CA VAL E 1320 -105.56 -19.33 -3.67
C VAL E 1320 -105.09 -18.61 -4.92
N THR E 1321 -103.88 -18.93 -5.38
CA THR E 1321 -103.30 -18.28 -6.54
C THR E 1321 -103.39 -19.20 -7.75
N SER E 1322 -103.89 -18.66 -8.85
CA SER E 1322 -104.06 -19.40 -10.09
C SER E 1322 -103.23 -18.76 -11.20
N ILE E 1323 -102.37 -19.57 -11.82
CA ILE E 1323 -101.58 -19.12 -12.96
C ILE E 1323 -102.32 -19.37 -14.26
N LEU E 1324 -103.06 -20.46 -14.36
CA LEU E 1324 -103.88 -20.79 -15.50
C LEU E 1324 -105.34 -20.77 -15.09
N PRO E 1325 -106.27 -20.57 -16.04
CA PRO E 1325 -107.69 -20.46 -15.67
C PRO E 1325 -108.21 -21.67 -14.92
N TYR E 1326 -109.06 -21.41 -13.93
CA TYR E 1326 -109.59 -22.44 -13.04
C TYR E 1326 -111.12 -22.34 -13.00
N PRO E 1327 -111.83 -22.97 -13.92
CA PRO E 1327 -113.29 -22.78 -13.99
C PRO E 1327 -114.10 -23.67 -13.06
N GLN E 1328 -113.58 -24.85 -12.71
CA GLN E 1328 -114.38 -25.80 -11.94
C GLN E 1328 -114.24 -25.56 -10.44
N GLU E 1329 -115.24 -26.04 -9.70
CA GLU E 1329 -115.32 -25.85 -8.26
C GLU E 1329 -114.51 -26.92 -7.53
N PHE E 1330 -114.26 -26.68 -6.25
CA PHE E 1330 -113.48 -27.59 -5.43
C PHE E 1330 -113.81 -27.34 -3.96
N GLN E 1331 -112.97 -27.84 -3.06
CA GLN E 1331 -113.09 -27.55 -1.65
C GLN E 1331 -111.71 -27.58 -1.02
N ILE E 1332 -111.61 -26.96 0.15
CA ILE E 1332 -110.41 -27.05 0.98
C ILE E 1332 -110.77 -27.92 2.17
N GLN E 1333 -110.08 -29.04 2.31
CA GLN E 1333 -110.26 -29.89 3.48
C GLN E 1333 -109.18 -29.60 4.51
N ALA E 1334 -109.61 -29.42 5.75
CA ALA E 1334 -108.73 -29.15 6.87
C ALA E 1334 -108.65 -30.39 7.74
N PHE E 1335 -107.44 -30.95 7.84
CA PHE E 1335 -107.16 -32.08 8.72
C PHE E 1335 -106.35 -31.57 9.89
N VAL E 1336 -106.91 -31.66 11.09
CA VAL E 1336 -106.26 -31.20 12.31
C VAL E 1336 -105.66 -32.40 13.01
N TYR E 1337 -104.37 -32.31 13.32
CA TYR E 1337 -103.63 -33.31 14.08
C TYR E 1337 -103.13 -32.64 15.35
N GLU E 1338 -102.95 -33.43 16.40
CA GLU E 1338 -102.30 -32.91 17.59
C GLU E 1338 -100.82 -32.68 17.32
N ALA E 1339 -100.24 -31.71 18.03
CA ALA E 1339 -98.83 -31.38 17.83
C ALA E 1339 -97.94 -32.57 18.14
N SER E 1340 -98.32 -33.39 19.13
CA SER E 1340 -97.54 -34.58 19.43
C SER E 1340 -97.77 -35.68 18.40
N GLN E 1341 -98.93 -35.69 17.74
CA GLN E 1341 -99.28 -36.70 16.76
C GLN E 1341 -98.84 -36.31 15.35
N PHE E 1342 -98.18 -35.16 15.19
CA PHE E 1342 -97.68 -34.73 13.90
C PHE E 1342 -96.19 -34.46 14.03
N ASN E 1343 -95.41 -35.02 13.10
CA ASN E 1343 -93.96 -34.85 13.08
C ASN E 1343 -93.65 -33.63 12.21
N VAL E 1344 -93.42 -32.49 12.86
CA VAL E 1344 -93.12 -31.26 12.12
C VAL E 1344 -91.75 -31.30 11.49
N HIS E 1345 -90.85 -32.15 11.99
CA HIS E 1345 -89.50 -32.25 11.42
C HIS E 1345 -89.53 -32.82 10.01
N THR E 1346 -90.35 -33.85 9.78
CA THR E 1346 -90.47 -34.47 8.47
C THR E 1346 -91.71 -34.02 7.70
N GLY E 1347 -92.67 -33.39 8.36
CA GLY E 1347 -93.88 -32.95 7.68
C GLY E 1347 -94.85 -34.05 7.33
N SER E 1348 -94.65 -35.26 7.87
CA SER E 1348 -95.53 -36.38 7.59
C SER E 1348 -96.36 -36.70 8.82
N PRO E 1349 -97.66 -36.93 8.66
CA PRO E 1349 -98.49 -37.27 9.83
C PRO E 1349 -98.18 -38.66 10.35
N THR E 1350 -97.96 -38.75 11.66
CA THR E 1350 -97.65 -40.01 12.31
C THR E 1350 -98.90 -40.73 12.82
N ALA E 1351 -100.08 -40.16 12.60
CA ALA E 1351 -101.33 -40.76 13.06
C ALA E 1351 -102.47 -40.18 12.25
N ALA E 1352 -103.64 -40.78 12.41
CA ALA E 1352 -104.84 -40.29 11.74
C ALA E 1352 -105.20 -38.91 12.29
N PRO E 1353 -105.83 -38.05 11.48
CA PRO E 1353 -106.20 -36.72 11.96
C PRO E 1353 -107.16 -36.79 13.14
N VAL E 1354 -106.94 -35.92 14.13
CA VAL E 1354 -107.86 -35.91 15.27
C VAL E 1354 -109.14 -35.16 14.93
N TYR E 1355 -109.15 -34.38 13.85
CA TYR E 1355 -110.40 -33.80 13.38
C TYR E 1355 -110.31 -33.55 11.88
N PHE E 1356 -111.46 -33.52 11.23
CA PHE E 1356 -111.55 -33.23 9.81
C PHE E 1356 -112.71 -32.27 9.56
N SER E 1357 -112.51 -31.37 8.59
CA SER E 1357 -113.53 -30.42 8.21
C SER E 1357 -113.35 -30.08 6.74
N TYR E 1358 -114.38 -29.48 6.14
CA TYR E 1358 -114.32 -29.13 4.74
C TYR E 1358 -114.96 -27.77 4.52
N SER E 1359 -114.51 -27.07 3.46
CA SER E 1359 -115.09 -25.79 3.06
C SER E 1359 -115.17 -25.79 1.53
N ALA E 1360 -116.39 -25.82 1.01
CA ALA E 1360 -116.59 -25.88 -0.44
C ALA E 1360 -116.32 -24.51 -1.06
N VAL E 1361 -115.32 -24.45 -1.94
CA VAL E 1361 -114.93 -23.24 -2.64
C VAL E 1361 -115.42 -23.36 -4.07
N ARG E 1362 -116.44 -22.58 -4.41
CA ARG E 1362 -116.94 -22.50 -5.78
C ARG E 1362 -116.13 -21.45 -6.53
N ALA E 1363 -115.42 -21.88 -7.56
CA ALA E 1363 -114.50 -21.00 -8.29
C ALA E 1363 -115.28 -19.94 -9.04
N TYR E 1364 -115.30 -18.74 -8.48
CA TYR E 1364 -115.93 -17.58 -9.11
C TYR E 1364 -115.00 -16.38 -9.00
N PRO E 1365 -115.01 -15.50 -10.00
CA PRO E 1365 -114.18 -14.30 -9.90
C PRO E 1365 -114.63 -13.37 -8.77
N ALA E 1366 -113.67 -12.66 -8.19
CA ALA E 1366 -113.97 -11.70 -7.13
C ALA E 1366 -114.29 -10.34 -7.75
N LEU E 1367 -113.35 -9.84 -8.56
CA LEU E 1367 -113.54 -8.62 -9.31
C LEU E 1367 -114.22 -8.88 -10.66
N GLY E 1368 -113.78 -8.20 -11.71
CA GLY E 1368 -114.28 -8.43 -13.06
C GLY E 1368 -114.30 -9.91 -13.44
N ILE E 1369 -115.38 -10.32 -14.08
CA ILE E 1369 -115.56 -11.71 -14.47
C ILE E 1369 -114.56 -12.05 -15.56
N GLY E 1370 -113.85 -13.16 -15.38
CA GLY E 1370 -112.85 -13.61 -16.32
C GLY E 1370 -111.48 -12.99 -16.13
N THR E 1371 -111.42 -11.67 -15.94
CA THR E 1371 -110.15 -10.98 -15.77
C THR E 1371 -109.91 -10.53 -14.33
N SER E 1372 -110.44 -11.27 -13.36
CA SER E 1372 -110.28 -10.92 -11.96
C SER E 1372 -108.84 -11.14 -11.50
N VAL E 1373 -108.58 -10.86 -10.23
CA VAL E 1373 -107.25 -11.05 -9.65
C VAL E 1373 -106.94 -12.53 -9.66
N PRO E 1374 -105.71 -12.93 -10.02
CA PRO E 1374 -105.33 -14.35 -9.94
C PRO E 1374 -105.32 -14.90 -8.52
N ASN E 1375 -105.61 -14.08 -7.52
CA ASN E 1375 -105.65 -14.50 -6.13
C ASN E 1375 -107.09 -14.43 -5.64
N LEU E 1376 -107.54 -15.51 -4.99
CA LEU E 1376 -108.87 -15.58 -4.41
C LEU E 1376 -108.73 -15.70 -2.89
N LEU E 1377 -109.46 -14.86 -2.16
CA LEU E 1377 -109.46 -14.90 -0.70
C LEU E 1377 -110.48 -15.94 -0.25
N VAL E 1378 -110.00 -17.07 0.27
CA VAL E 1378 -110.84 -18.20 0.65
C VAL E 1378 -110.96 -18.22 2.17
N TYR E 1379 -112.20 -18.21 2.64
CA TYR E 1379 -112.50 -18.38 4.06
C TYR E 1379 -112.75 -19.86 4.32
N VAL E 1380 -111.68 -20.58 4.65
CA VAL E 1380 -111.76 -22.01 4.95
C VAL E 1380 -112.58 -22.14 6.23
N GLN E 1381 -113.79 -22.69 6.10
CA GLN E 1381 -114.67 -22.85 7.25
C GLN E 1381 -114.43 -24.19 7.93
N LEU E 1382 -114.89 -24.30 9.17
CA LEU E 1382 -114.81 -25.55 9.92
C LEU E 1382 -116.20 -25.96 10.42
N GLN E 1383 -116.56 -27.22 10.23
CA GLN E 1383 -117.86 -27.72 10.68
C GLN E 1383 -117.86 -27.94 12.19
N GLY E 1384 -117.59 -26.88 12.94
CA GLY E 1384 -117.49 -26.98 14.39
C GLY E 1384 -116.07 -26.85 14.90
N ILE E 1385 -115.68 -25.67 15.39
CA ILE E 1385 -114.34 -25.50 15.92
C ILE E 1385 -114.30 -25.79 17.41
N SER E 1386 -115.46 -25.82 18.07
CA SER E 1386 -115.51 -26.18 19.49
C SER E 1386 -115.21 -27.65 19.70
N ASN E 1387 -115.25 -28.47 18.65
CA ASN E 1387 -114.92 -29.88 18.77
C ASN E 1387 -113.46 -30.11 19.17
N LEU E 1388 -112.57 -29.20 18.80
CA LEU E 1388 -111.16 -29.35 19.16
C LEU E 1388 -110.85 -28.59 20.45
N PRO E 1389 -110.38 -29.29 21.48
CA PRO E 1389 -110.00 -28.59 22.72
C PRO E 1389 -108.83 -27.65 22.48
N ALA E 1390 -108.71 -26.65 23.35
CA ALA E 1390 -107.63 -25.68 23.26
C ALA E 1390 -106.29 -26.35 23.45
N GLY E 1391 -105.32 -25.99 22.62
CA GLY E 1391 -104.00 -26.57 22.72
C GLY E 1391 -103.18 -26.30 21.48
N LYS E 1392 -102.14 -27.10 21.30
CA LYS E 1392 -101.27 -27.01 20.13
C LYS E 1392 -101.67 -28.05 19.09
N TYR E 1393 -101.68 -27.61 17.83
CA TYR E 1393 -102.17 -28.43 16.73
C TYR E 1393 -101.37 -28.15 15.47
N VAL E 1394 -101.47 -29.08 14.52
CA VAL E 1394 -100.96 -28.92 13.18
C VAL E 1394 -102.14 -29.09 12.22
N ILE E 1395 -102.40 -28.07 11.40
CA ILE E 1395 -103.56 -28.05 10.52
C ILE E 1395 -103.08 -28.14 9.07
N VAL E 1396 -103.57 -29.13 8.34
CA VAL E 1396 -103.21 -29.35 6.95
C VAL E 1396 -104.40 -28.99 6.08
N LEU E 1397 -104.21 -28.02 5.20
CA LEU E 1397 -105.21 -27.64 4.21
C LEU E 1397 -104.86 -28.24 2.86
N SER E 1398 -105.80 -29.00 2.30
CA SER E 1398 -105.57 -29.71 1.05
C SER E 1398 -106.72 -29.43 0.10
N ALA E 1399 -106.39 -29.20 -1.18
CA ALA E 1399 -107.41 -28.94 -2.17
C ALA E 1399 -107.99 -30.25 -2.71
N VAL E 1400 -109.25 -30.49 -2.39
CA VAL E 1400 -109.96 -31.69 -2.87
C VAL E 1400 -111.01 -31.23 -3.88
N PRO E 1401 -110.92 -31.64 -5.14
CA PRO E 1401 -111.79 -31.07 -6.17
C PRO E 1401 -113.13 -31.79 -6.26
N PHE E 1402 -114.12 -31.04 -6.73
CA PHE E 1402 -115.49 -31.54 -6.89
C PHE E 1402 -115.91 -31.55 -8.36
N ALA E 1403 -116.71 -32.54 -8.72
CA ALA E 1403 -117.41 -32.58 -10.01
C ALA E 1403 -116.47 -32.41 -11.19
N GLY E 1404 -115.60 -33.40 -11.42
CA GLY E 1404 -114.65 -33.32 -12.50
C GLY E 1404 -113.31 -32.75 -12.09
N GLY E 1405 -112.67 -33.36 -11.09
CA GLY E 1405 -111.50 -32.82 -10.44
C GLY E 1405 -110.41 -32.34 -11.38
N PRO E 1406 -110.19 -31.02 -11.39
CA PRO E 1406 -109.13 -30.44 -12.23
C PRO E 1406 -107.76 -30.67 -11.64
N VAL E 1407 -106.75 -30.11 -12.30
CA VAL E 1407 -105.37 -30.25 -11.85
C VAL E 1407 -104.96 -29.02 -11.05
N LEU E 1408 -104.17 -29.23 -10.00
CA LEU E 1408 -103.77 -28.16 -9.09
C LEU E 1408 -102.41 -28.48 -8.47
N SER E 1409 -102.08 -27.73 -7.42
CA SER E 1409 -101.12 -28.12 -6.40
C SER E 1409 -99.67 -28.33 -6.85
N GLU E 1410 -98.97 -27.26 -7.23
CA GLU E 1410 -97.51 -27.24 -7.19
C GLU E 1410 -97.00 -26.04 -6.41
N TYR E 1411 -96.05 -26.28 -5.51
CA TYR E 1411 -95.35 -25.24 -4.75
C TYR E 1411 -96.35 -24.28 -4.09
N PRO E 1412 -97.13 -24.73 -3.11
CA PRO E 1412 -97.20 -26.08 -2.55
C PRO E 1412 -98.37 -26.90 -3.05
N ALA E 1413 -98.46 -28.17 -2.64
CA ALA E 1413 -99.66 -28.96 -2.86
C ALA E 1413 -100.59 -28.90 -1.66
N GLN E 1414 -100.03 -28.80 -0.46
CA GLN E 1414 -100.80 -28.68 0.78
C GLN E 1414 -100.21 -27.55 1.61
N LEU E 1415 -101.03 -26.96 2.47
CA LEU E 1415 -100.59 -25.87 3.34
C LEU E 1415 -100.65 -26.37 4.77
N ILE E 1416 -99.49 -26.58 5.39
CA ILE E 1416 -99.40 -27.20 6.71
C ILE E 1416 -98.96 -26.14 7.70
N PHE E 1417 -99.91 -25.68 8.52
CA PHE E 1417 -99.60 -24.82 9.65
C PHE E 1417 -99.18 -25.71 10.82
N THR E 1418 -97.88 -25.71 11.12
CA THR E 1418 -97.33 -26.63 12.11
C THR E 1418 -97.35 -26.07 13.53
N ASN E 1419 -97.77 -24.82 13.71
CA ASN E 1419 -97.73 -24.19 15.03
C ASN E 1419 -99.07 -23.55 15.37
N VAL E 1420 -100.16 -24.26 15.12
CA VAL E 1420 -101.49 -23.75 15.44
C VAL E 1420 -101.68 -23.77 16.94
N THR E 1421 -102.16 -22.66 17.49
CA THR E 1421 -102.45 -22.56 18.92
C THR E 1421 -103.92 -22.21 19.07
N LEU E 1422 -104.76 -23.22 19.28
CA LEU E 1422 -106.19 -23.00 19.44
C LEU E 1422 -106.49 -22.59 20.88
N THR E 1423 -107.07 -21.40 21.03
CA THR E 1423 -107.42 -20.88 22.34
C THR E 1423 -108.90 -20.51 22.34
N GLN E 1424 -109.61 -20.98 23.37
CA GLN E 1424 -111.03 -20.69 23.51
C GLN E 1424 -111.34 -20.18 24.92
N LEU F 30 -30.36 -15.63 -41.41
CA LEU F 30 -30.92 -16.34 -42.55
C LEU F 30 -30.11 -17.61 -42.81
N THR F 31 -29.49 -17.69 -43.97
CA THR F 31 -28.55 -18.77 -44.29
C THR F 31 -27.24 -18.16 -44.78
N PRO F 32 -26.09 -18.77 -44.47
CA PRO F 32 -25.89 -20.01 -43.69
C PRO F 32 -26.16 -19.87 -42.20
N PRO F 33 -26.54 -20.96 -41.53
CA PRO F 33 -26.75 -20.91 -40.09
C PRO F 33 -25.43 -20.72 -39.35
N VAL F 34 -25.54 -20.11 -38.17
CA VAL F 34 -24.36 -19.81 -37.35
C VAL F 34 -24.57 -20.35 -35.95
N SER F 35 -23.47 -20.75 -35.31
CA SER F 35 -23.51 -21.29 -33.95
C SER F 35 -23.03 -20.25 -32.96
N ALA F 36 -23.17 -20.57 -31.68
CA ALA F 36 -22.74 -19.68 -30.61
C ALA F 36 -21.22 -19.55 -30.63
N GLY F 37 -20.73 -18.38 -31.03
CA GLY F 37 -19.31 -18.14 -31.12
C GLY F 37 -18.65 -18.79 -32.33
N GLY F 38 -19.42 -19.15 -33.35
CA GLY F 38 -18.87 -19.80 -34.52
C GLY F 38 -18.22 -18.84 -35.49
N ILE F 39 -17.72 -19.40 -36.59
CA ILE F 39 -17.04 -18.65 -37.63
C ILE F 39 -17.79 -18.87 -38.94
N GLN F 40 -17.91 -17.81 -39.74
CA GLN F 40 -18.65 -17.85 -40.98
C GLN F 40 -17.92 -16.96 -41.99
N ALA F 41 -18.32 -17.07 -43.26
CA ALA F 41 -17.65 -16.33 -44.33
C ALA F 41 -18.69 -15.71 -45.27
N TYR F 42 -18.25 -14.70 -46.02
CA TYR F 42 -19.10 -14.06 -47.02
C TYR F 42 -18.22 -13.52 -48.15
N LEU F 43 -18.53 -13.91 -49.38
CA LEU F 43 -17.77 -13.41 -50.53
C LEU F 43 -18.33 -12.07 -50.98
N LEU F 44 -17.44 -11.15 -51.34
CA LEU F 44 -17.85 -9.87 -51.91
C LEU F 44 -17.83 -9.97 -53.44
N THR F 45 -19.01 -10.09 -54.04
CA THR F 45 -19.12 -10.14 -55.50
C THR F 45 -20.52 -9.72 -55.90
N GLY F 46 -20.70 -9.48 -57.20
CA GLY F 46 -21.99 -9.10 -57.73
C GLY F 46 -21.87 -7.92 -58.68
N SER F 47 -23.03 -7.38 -59.05
CA SER F 47 -23.06 -6.21 -59.91
C SER F 47 -22.57 -5.00 -59.13
N GLY F 48 -21.49 -4.38 -59.60
CA GLY F 48 -20.88 -3.27 -58.91
C GLY F 48 -19.83 -3.65 -57.89
N ALA F 49 -19.33 -4.88 -57.91
CA ALA F 49 -18.31 -5.30 -56.97
C ALA F 49 -17.00 -4.54 -57.23
N PRO F 50 -16.29 -4.12 -56.17
CA PRO F 50 -15.04 -3.40 -56.37
C PRO F 50 -13.90 -4.27 -56.87
N ALA F 51 -13.80 -5.51 -56.38
CA ALA F 51 -12.76 -6.43 -56.81
C ALA F 51 -13.17 -7.85 -56.47
N SER F 52 -13.00 -8.75 -57.43
CA SER F 52 -13.34 -10.15 -57.24
C SER F 52 -12.21 -10.88 -56.55
N GLY F 53 -12.52 -11.55 -55.44
CA GLY F 53 -11.52 -12.27 -54.68
C GLY F 53 -11.43 -11.85 -53.23
N LEU F 54 -12.38 -11.06 -52.76
CA LEU F 54 -12.40 -10.59 -51.38
C LEU F 54 -13.37 -11.43 -50.57
N VAL F 55 -12.88 -12.02 -49.49
CA VAL F 55 -13.70 -12.85 -48.60
C VAL F 55 -13.65 -12.26 -47.19
N LEU F 56 -14.82 -12.12 -46.59
CA LEU F 56 -14.98 -11.55 -45.26
C LEU F 56 -15.23 -12.70 -44.29
N PHE F 57 -14.27 -12.93 -43.40
CA PHE F 57 -14.43 -13.91 -42.33
C PHE F 57 -14.94 -13.21 -41.08
N VAL F 58 -16.06 -13.72 -40.55
CA VAL F 58 -16.69 -13.16 -39.37
C VAL F 58 -16.74 -14.21 -38.28
N VAL F 59 -16.65 -13.76 -37.03
CA VAL F 59 -16.83 -14.59 -35.86
C VAL F 59 -17.76 -13.86 -34.90
N ASN F 60 -18.76 -14.58 -34.39
CA ASN F 60 -19.82 -14.00 -33.58
C ASN F 60 -19.27 -13.64 -32.21
N VAL F 61 -19.39 -12.36 -31.84
CA VAL F 61 -18.83 -11.86 -30.59
C VAL F 61 -19.99 -11.23 -29.81
N SER F 62 -21.17 -11.79 -30.00
CA SER F 62 -22.32 -11.49 -29.16
C SER F 62 -22.27 -12.22 -27.83
N ASN F 63 -21.35 -13.16 -27.65
CA ASN F 63 -21.30 -13.92 -26.40
C ASN F 63 -20.61 -13.11 -25.30
N ILE F 64 -19.75 -12.17 -25.66
CA ILE F 64 -19.09 -11.27 -24.70
C ILE F 64 -19.26 -9.84 -25.17
N GLN F 65 -19.10 -8.89 -24.25
CA GLN F 65 -19.15 -7.48 -24.61
C GLN F 65 -17.75 -6.92 -24.79
N VAL F 66 -17.54 -6.16 -25.86
CA VAL F 66 -16.23 -5.62 -26.18
C VAL F 66 -16.33 -4.09 -26.22
N SER F 67 -15.45 -3.44 -25.47
CA SER F 67 -15.38 -1.98 -25.45
C SER F 67 -14.23 -1.53 -26.34
N SER F 68 -14.02 -0.22 -26.38
CA SER F 68 -12.96 0.35 -27.21
C SER F 68 -11.64 0.46 -26.47
N SER F 69 -11.63 0.17 -25.18
CA SER F 69 -10.42 0.28 -24.37
C SER F 69 -9.62 -1.02 -24.34
N ASN F 70 -10.21 -2.13 -24.77
CA ASN F 70 -9.51 -3.41 -24.79
C ASN F 70 -9.81 -4.18 -26.06
N VAL F 71 -10.42 -3.54 -27.06
CA VAL F 71 -10.79 -4.23 -28.29
C VAL F 71 -9.56 -4.82 -28.96
N THR F 72 -8.44 -4.10 -28.94
CA THR F 72 -7.22 -4.62 -29.54
C THR F 72 -6.83 -5.96 -28.95
N ASN F 73 -6.88 -6.08 -27.62
CA ASN F 73 -6.54 -7.35 -26.98
C ASN F 73 -7.47 -8.46 -27.43
N VAL F 74 -8.78 -8.22 -27.38
CA VAL F 74 -9.72 -9.30 -27.64
C VAL F 74 -9.64 -9.74 -29.10
N ILE F 75 -9.53 -8.78 -30.02
CA ILE F 75 -9.41 -9.15 -31.43
C ILE F 75 -8.09 -9.86 -31.68
N SER F 76 -7.02 -9.46 -30.98
CA SER F 76 -5.76 -10.16 -31.12
C SER F 76 -5.89 -11.62 -30.70
N THR F 77 -6.57 -11.85 -29.57
CA THR F 77 -6.80 -13.22 -29.13
C THR F 77 -7.64 -13.99 -30.14
N VAL F 78 -8.68 -13.33 -30.67
CA VAL F 78 -9.61 -14.00 -31.55
C VAL F 78 -8.91 -14.43 -32.84
N VAL F 79 -8.17 -13.51 -33.45
CA VAL F 79 -7.43 -13.85 -34.67
C VAL F 79 -6.29 -14.82 -34.36
N SER F 80 -5.83 -14.87 -33.11
CA SER F 80 -4.86 -15.89 -32.74
C SER F 80 -5.51 -17.26 -32.70
N ASN F 81 -6.80 -17.32 -32.37
CA ASN F 81 -7.50 -18.59 -32.26
C ASN F 81 -8.18 -19.01 -33.57
N ILE F 82 -8.27 -18.12 -34.56
CA ILE F 82 -8.87 -18.49 -35.84
C ILE F 82 -7.83 -19.12 -36.74
N GLN F 83 -8.23 -20.17 -37.45
CA GLN F 83 -7.40 -20.80 -38.46
C GLN F 83 -8.15 -20.84 -39.79
N ILE F 84 -7.39 -20.71 -40.88
CA ILE F 84 -7.95 -20.65 -42.22
C ILE F 84 -7.43 -21.84 -43.02
N ASN F 85 -8.34 -22.61 -43.59
CA ASN F 85 -7.99 -23.83 -44.31
C ASN F 85 -8.09 -23.61 -45.82
N ALA F 86 -7.08 -24.08 -46.53
CA ALA F 86 -7.08 -24.11 -47.99
C ALA F 86 -7.10 -25.56 -48.45
N LYS F 87 -7.98 -25.86 -49.41
CA LYS F 87 -8.24 -27.23 -49.77
C LYS F 87 -8.23 -27.37 -51.29
N THR F 88 -7.78 -28.53 -51.75
CA THR F 88 -7.87 -28.93 -53.15
C THR F 88 -8.95 -30.01 -53.31
N GLU F 89 -9.77 -29.82 -54.34
CA GLU F 89 -10.92 -30.66 -54.60
C GLU F 89 -11.19 -30.67 -56.10
N ASN F 90 -12.37 -31.17 -56.46
CA ASN F 90 -12.84 -31.09 -57.84
C ASN F 90 -13.83 -29.96 -58.00
N ALA F 91 -14.12 -29.59 -59.25
CA ALA F 91 -15.07 -28.52 -59.53
C ALA F 91 -16.50 -29.03 -59.66
N GLN F 92 -16.75 -30.27 -59.24
CA GLN F 92 -18.07 -30.88 -59.31
C GLN F 92 -18.49 -31.49 -57.99
N THR F 93 -17.59 -31.61 -57.04
CA THR F 93 -17.80 -32.41 -55.84
C THR F 93 -17.84 -31.53 -54.60
N GLY F 94 -18.12 -32.15 -53.46
CA GLY F 94 -18.02 -31.51 -52.17
C GLY F 94 -17.27 -32.39 -51.20
N ALA F 95 -16.40 -33.24 -51.76
CA ALA F 95 -15.64 -34.21 -50.98
C ALA F 95 -14.21 -33.72 -50.79
N THR F 96 -13.80 -33.62 -49.53
CA THR F 96 -12.47 -33.11 -49.21
C THR F 96 -11.39 -34.04 -49.75
N THR F 97 -10.52 -33.50 -50.60
CA THR F 97 -9.45 -34.26 -51.21
C THR F 97 -8.07 -33.90 -50.66
N GLY F 98 -7.83 -32.64 -50.31
CA GLY F 98 -6.60 -32.27 -49.64
C GLY F 98 -6.76 -30.98 -48.86
N SER F 99 -6.20 -30.90 -47.64
CA SER F 99 -6.44 -29.74 -46.78
C SER F 99 -5.15 -29.32 -46.09
N VAL F 100 -4.98 -27.99 -45.97
CA VAL F 100 -3.86 -27.39 -45.26
C VAL F 100 -4.41 -26.24 -44.42
N THR F 101 -3.76 -25.94 -43.30
CA THR F 101 -4.24 -24.90 -42.40
C THR F 101 -3.16 -23.84 -42.20
N VAL F 102 -3.61 -22.59 -42.03
CA VAL F 102 -2.74 -21.44 -41.74
C VAL F 102 -3.41 -20.61 -40.65
N ARG F 103 -2.71 -19.60 -40.15
CA ARG F 103 -3.25 -18.77 -39.08
C ARG F 103 -2.90 -17.32 -39.36
N PHE F 104 -3.75 -16.41 -38.88
CA PHE F 104 -3.47 -14.99 -39.01
C PHE F 104 -2.21 -14.63 -38.21
N PRO F 105 -1.41 -13.68 -38.70
CA PRO F 105 -0.21 -13.28 -37.97
C PRO F 105 -0.57 -12.52 -36.69
N THR F 106 0.41 -12.40 -35.80
CA THR F 106 0.29 -11.57 -34.61
C THR F 106 0.92 -10.20 -34.78
N SER F 107 1.46 -9.90 -35.97
CA SER F 107 2.08 -8.61 -36.24
C SER F 107 1.98 -8.32 -37.73
N GLY F 108 1.35 -7.20 -38.08
CA GLY F 108 1.10 -6.86 -39.47
C GLY F 108 -0.23 -7.34 -39.98
N TYR F 109 -1.05 -7.95 -39.12
CA TYR F 109 -2.36 -8.45 -39.50
C TYR F 109 -3.40 -7.35 -39.42
N ASN F 110 -4.61 -7.66 -39.87
CA ASN F 110 -5.74 -6.75 -39.81
C ASN F 110 -6.89 -7.43 -39.09
N ALA F 111 -7.54 -6.70 -38.20
CA ALA F 111 -8.69 -7.21 -37.47
C ALA F 111 -9.67 -6.06 -37.22
N TYR F 112 -10.96 -6.35 -37.36
CA TYR F 112 -12.00 -5.34 -37.22
C TYR F 112 -13.11 -5.89 -36.36
N TYR F 113 -13.87 -4.99 -35.74
CA TYR F 113 -14.99 -5.38 -34.88
C TYR F 113 -16.16 -4.45 -35.12
N ASP F 114 -17.33 -5.03 -35.40
CA ASP F 114 -18.56 -4.27 -35.55
C ASP F 114 -19.40 -4.44 -34.29
N SER F 115 -19.73 -3.32 -33.65
CA SER F 115 -20.44 -3.33 -32.38
C SER F 115 -21.96 -3.37 -32.56
N VAL F 116 -22.46 -3.09 -33.76
CA VAL F 116 -23.89 -3.18 -34.05
C VAL F 116 -24.25 -4.58 -34.54
N ASP F 117 -23.54 -5.08 -35.55
CA ASP F 117 -23.58 -6.49 -35.87
C ASP F 117 -22.72 -7.30 -34.91
N LYS F 118 -21.99 -6.63 -34.03
CA LYS F 118 -21.32 -7.22 -32.86
C LYS F 118 -20.59 -8.52 -33.20
N VAL F 119 -19.73 -8.45 -34.22
CA VAL F 119 -18.92 -9.58 -34.65
C VAL F 119 -17.54 -9.07 -35.05
N VAL F 120 -16.53 -9.92 -34.87
CA VAL F 120 -15.17 -9.57 -35.31
C VAL F 120 -14.94 -10.12 -36.71
N PHE F 121 -14.55 -9.24 -37.63
CA PHE F 121 -14.43 -9.60 -39.03
C PHE F 121 -13.08 -9.15 -39.58
N VAL F 122 -12.59 -9.92 -40.56
CA VAL F 122 -11.34 -9.67 -41.25
C VAL F 122 -11.55 -9.95 -42.73
N VAL F 123 -11.01 -9.09 -43.59
CA VAL F 123 -11.13 -9.25 -45.05
C VAL F 123 -9.82 -9.80 -45.58
N VAL F 124 -9.91 -10.83 -46.42
CA VAL F 124 -8.75 -11.46 -47.05
C VAL F 124 -8.95 -11.44 -48.56
N SER F 125 -7.90 -11.05 -49.28
CA SER F 125 -7.91 -11.02 -50.74
C SER F 125 -7.28 -12.30 -51.28
N PHE F 126 -8.03 -13.03 -52.11
CA PHE F 126 -7.57 -14.32 -52.62
C PHE F 126 -7.34 -14.30 -54.13
N LEU F 127 -8.37 -13.98 -54.91
CA LEU F 127 -8.30 -14.15 -56.35
C LEU F 127 -7.66 -12.95 -57.03
N TYR F 128 -7.47 -13.09 -58.34
CA TYR F 128 -6.86 -12.07 -59.18
C TYR F 128 -7.72 -10.81 -59.20
N PRO F 129 -7.13 -9.62 -59.23
CA PRO F 129 -5.68 -9.33 -59.20
C PRO F 129 -5.09 -9.36 -57.80
N TYR F 130 -5.87 -8.98 -56.78
CA TYR F 130 -5.35 -8.78 -55.42
C TYR F 130 -5.22 -10.12 -54.72
N THR F 131 -3.99 -10.63 -54.67
CA THR F 131 -3.69 -11.86 -53.94
C THR F 131 -2.70 -11.62 -52.81
N THR F 132 -1.60 -10.91 -53.09
CA THR F 132 -0.63 -10.55 -52.07
C THR F 132 -0.57 -9.05 -51.80
N THR F 133 -1.33 -8.25 -52.53
CA THR F 133 -1.33 -6.80 -52.39
C THR F 133 -2.61 -6.35 -51.68
N SER F 134 -2.44 -5.55 -50.63
CA SER F 134 -3.57 -5.06 -49.86
C SER F 134 -4.40 -4.09 -50.70
N VAL F 135 -5.72 -4.16 -50.53
CA VAL F 135 -6.65 -3.31 -51.24
C VAL F 135 -7.60 -2.69 -50.22
N ASN F 136 -8.14 -1.53 -50.56
CA ASN F 136 -9.07 -0.82 -49.69
C ASN F 136 -10.50 -1.22 -50.04
N ILE F 137 -11.23 -1.68 -49.03
CA ILE F 137 -12.61 -2.13 -49.17
C ILE F 137 -13.53 -0.98 -48.76
N PRO F 138 -14.37 -0.47 -49.66
CA PRO F 138 -15.29 0.61 -49.29
C PRO F 138 -16.28 0.15 -48.23
N LEU F 139 -16.67 1.10 -47.38
CA LEU F 139 -17.64 0.82 -46.32
C LEU F 139 -19.03 0.52 -46.88
N SER F 140 -19.45 1.25 -47.91
CA SER F 140 -20.81 1.12 -48.44
C SER F 140 -21.06 -0.23 -49.10
N TYR F 141 -20.05 -0.82 -49.74
CA TYR F 141 -20.25 -2.12 -50.38
C TYR F 141 -20.13 -3.26 -49.39
N LEU F 142 -19.22 -3.17 -48.41
CA LEU F 142 -19.18 -4.14 -47.34
C LEU F 142 -20.41 -4.08 -46.45
N SER F 143 -21.11 -2.95 -46.42
CA SER F 143 -22.34 -2.84 -45.65
C SER F 143 -23.44 -3.75 -46.17
N LYS F 144 -23.33 -4.23 -47.40
CA LYS F 144 -24.34 -5.14 -47.95
C LYS F 144 -24.39 -6.45 -47.15
N TYR F 145 -23.22 -6.98 -46.79
CA TYR F 145 -23.14 -8.21 -46.01
C TYR F 145 -23.14 -7.98 -44.51
N LEU F 146 -22.98 -6.73 -44.07
CA LEU F 146 -23.02 -6.40 -42.64
C LEU F 146 -23.63 -5.00 -42.51
N PRO F 147 -24.94 -4.91 -42.30
CA PRO F 147 -25.58 -3.58 -42.21
C PRO F 147 -25.06 -2.74 -41.07
N GLY F 148 -24.61 -3.35 -39.97
CA GLY F 148 -24.16 -2.62 -38.80
C GLY F 148 -23.05 -1.62 -39.06
N LEU F 149 -22.21 -1.86 -40.06
CA LEU F 149 -21.14 -0.93 -40.39
C LEU F 149 -21.67 0.43 -40.83
N LEU F 150 -22.94 0.51 -41.23
CA LEU F 150 -23.53 1.80 -41.58
C LEU F 150 -23.84 2.66 -40.36
N THR F 151 -24.17 2.05 -39.22
CA THR F 151 -24.51 2.83 -38.03
C THR F 151 -23.30 3.14 -37.17
N ALA F 152 -22.51 2.12 -36.81
CA ALA F 152 -21.33 2.32 -36.01
C ALA F 152 -20.11 1.94 -36.84
N GLN F 153 -19.15 2.85 -36.91
CA GLN F 153 -17.95 2.61 -37.69
C GLN F 153 -17.17 1.48 -37.05
N PRO F 154 -16.88 0.40 -37.79
CA PRO F 154 -16.17 -0.74 -37.20
C PRO F 154 -14.80 -0.35 -36.67
N TYR F 155 -14.46 -0.93 -35.53
CA TYR F 155 -13.19 -0.65 -34.86
C TYR F 155 -12.03 -1.31 -35.61
N ASP F 156 -10.84 -0.78 -35.41
CA ASP F 156 -9.62 -1.37 -35.95
C ASP F 156 -8.62 -1.56 -34.83
N GLU F 157 -7.40 -1.93 -35.20
CA GLU F 157 -6.33 -2.05 -34.21
C GLU F 157 -5.97 -0.68 -33.65
N THR F 158 -5.31 -0.68 -32.50
CA THR F 158 -4.95 0.52 -31.74
C THR F 158 -6.18 1.30 -31.28
N GLY F 159 -7.36 0.67 -31.30
CA GLY F 159 -8.57 1.32 -30.80
C GLY F 159 -9.08 2.44 -31.67
N ALA F 160 -8.68 2.48 -32.95
CA ALA F 160 -9.09 3.55 -33.84
C ALA F 160 -10.19 3.07 -34.78
N GLN F 161 -11.23 3.88 -34.91
CA GLN F 161 -12.31 3.58 -35.83
C GLN F 161 -11.94 4.06 -37.24
N VAL F 162 -11.80 3.11 -38.16
CA VAL F 162 -11.38 3.41 -39.52
C VAL F 162 -12.59 3.36 -40.44
N THR F 163 -12.61 4.25 -41.42
CA THR F 163 -13.74 4.40 -42.32
C THR F 163 -13.69 3.44 -43.51
N SER F 164 -12.54 2.82 -43.76
CA SER F 164 -12.40 1.87 -44.85
C SER F 164 -11.66 0.66 -44.32
N VAL F 165 -11.88 -0.48 -44.97
CA VAL F 165 -11.30 -1.74 -44.53
C VAL F 165 -10.04 -2.02 -45.34
N SER F 166 -9.01 -2.52 -44.66
CA SER F 166 -7.78 -2.93 -45.31
C SER F 166 -7.71 -4.45 -45.33
N SER F 167 -7.64 -5.01 -46.53
CA SER F 167 -7.63 -6.45 -46.68
C SER F 167 -6.31 -7.04 -46.22
N THR F 168 -6.39 -8.17 -45.53
CA THR F 168 -5.19 -8.91 -45.15
C THR F 168 -4.70 -9.71 -46.35
N PRO F 169 -3.49 -9.47 -46.84
CA PRO F 169 -3.00 -10.23 -47.99
C PRO F 169 -2.91 -11.71 -47.67
N PHE F 170 -3.23 -12.54 -48.67
CA PHE F 170 -3.16 -13.99 -48.48
C PHE F 170 -1.72 -14.44 -48.24
N GLY F 171 -0.77 -13.84 -48.98
CA GLY F 171 0.63 -14.19 -48.83
C GLY F 171 1.25 -13.80 -47.51
N SER F 172 0.60 -12.94 -46.73
CA SER F 172 1.11 -12.51 -45.44
C SER F 172 0.71 -13.43 -44.29
N LEU F 173 -0.17 -14.41 -44.54
CA LEU F 173 -0.60 -15.31 -43.49
C LEU F 173 0.55 -16.21 -43.05
N ILE F 174 0.54 -16.56 -41.77
CA ILE F 174 1.60 -17.35 -41.15
C ILE F 174 1.14 -18.80 -41.06
N ASP F 175 1.98 -19.71 -41.53
CA ASP F 175 1.67 -21.14 -41.44
C ASP F 175 1.62 -21.58 -39.99
N THR F 176 0.62 -22.40 -39.66
CA THR F 176 0.47 -22.92 -38.30
C THR F 176 1.46 -24.05 -38.03
N SER F 177 1.74 -24.89 -39.03
CA SER F 177 2.60 -26.04 -38.83
C SER F 177 4.07 -25.69 -39.06
N THR F 178 4.35 -24.46 -39.49
CA THR F 178 5.72 -24.03 -39.75
C THR F 178 6.13 -22.82 -38.92
N GLY F 179 5.18 -21.95 -38.57
CA GLY F 179 5.51 -20.74 -37.86
C GLY F 179 6.06 -19.62 -38.72
N GLN F 180 5.95 -19.74 -40.04
CA GLN F 180 6.47 -18.75 -40.97
C GLN F 180 5.36 -18.30 -41.91
N GLN F 181 5.51 -17.09 -42.44
CA GLN F 181 4.58 -16.59 -43.45
C GLN F 181 4.65 -17.46 -44.69
N ILE F 182 3.51 -17.65 -45.35
CA ILE F 182 3.48 -18.50 -46.53
C ILE F 182 4.29 -17.86 -47.65
N LEU F 183 4.83 -18.70 -48.53
CA LEU F 183 5.68 -18.21 -49.60
C LEU F 183 4.84 -17.50 -50.66
N GLY F 184 5.54 -16.91 -51.64
CA GLY F 184 4.86 -16.28 -52.76
C GLY F 184 4.60 -17.21 -53.92
N THR F 185 5.21 -18.40 -53.92
CA THR F 185 5.06 -19.37 -54.99
C THR F 185 4.30 -20.61 -54.55
N ASN F 186 3.61 -20.56 -53.41
CA ASN F 186 2.84 -21.70 -52.95
C ASN F 186 1.69 -21.98 -53.91
N PRO F 187 1.35 -23.25 -54.16
CA PRO F 187 0.42 -23.57 -55.26
C PRO F 187 -0.95 -22.93 -55.14
N VAL F 188 -1.50 -22.84 -53.92
CA VAL F 188 -2.86 -22.33 -53.78
C VAL F 188 -2.90 -20.83 -54.09
N LEU F 189 -1.80 -20.12 -53.82
CA LEU F 189 -1.76 -18.70 -54.13
C LEU F 189 -1.81 -18.45 -55.63
N THR F 190 -1.00 -19.17 -56.40
CA THR F 190 -1.04 -19.05 -57.85
C THR F 190 -2.37 -19.55 -58.40
N SER F 191 -2.94 -20.58 -57.77
CA SER F 191 -4.26 -21.05 -58.16
C SER F 191 -5.30 -19.95 -57.98
N TYR F 192 -5.24 -19.22 -56.86
CA TYR F 192 -6.17 -18.12 -56.66
C TYR F 192 -5.92 -17.00 -57.66
N ASN F 193 -4.66 -16.70 -57.96
CA ASN F 193 -4.29 -15.65 -58.90
C ASN F 193 -4.68 -15.97 -60.33
N SER F 194 -4.82 -17.25 -60.69
CA SER F 194 -5.23 -17.61 -62.04
C SER F 194 -6.47 -18.50 -62.06
N TYR F 195 -7.33 -18.42 -61.04
CA TYR F 195 -8.45 -19.33 -60.85
C TYR F 195 -9.16 -19.72 -62.13
N THR F 196 -9.49 -18.76 -63.00
CA THR F 196 -10.24 -19.07 -64.21
C THR F 196 -9.51 -20.12 -65.05
N THR F 197 -8.33 -19.78 -65.55
CA THR F 197 -7.57 -20.71 -66.38
C THR F 197 -7.15 -21.96 -65.61
N GLN F 198 -6.78 -21.82 -64.34
CA GLN F 198 -6.32 -22.97 -63.57
C GLN F 198 -7.41 -24.03 -63.44
N ALA F 199 -8.61 -23.62 -62.98
CA ALA F 199 -9.70 -24.57 -62.82
C ALA F 199 -10.18 -25.07 -64.18
N ASN F 200 -10.10 -24.23 -65.21
CA ASN F 200 -10.52 -24.65 -66.54
C ASN F 200 -9.60 -25.74 -67.09
N THR F 201 -8.30 -25.62 -66.85
CA THR F 201 -7.35 -26.55 -67.46
C THR F 201 -7.14 -27.80 -66.62
N ASN F 202 -6.69 -27.65 -65.37
CA ASN F 202 -6.27 -28.79 -64.57
C ASN F 202 -7.40 -29.36 -63.71
N MET F 203 -8.62 -28.84 -63.86
CA MET F 203 -9.83 -29.33 -63.17
C MET F 203 -9.64 -29.50 -61.67
N GLN F 204 -8.63 -28.85 -61.11
CA GLN F 204 -8.45 -28.80 -59.67
C GLN F 204 -9.03 -27.51 -59.10
N GLU F 205 -9.71 -27.63 -57.96
CA GLU F 205 -10.44 -26.51 -57.36
C GLU F 205 -9.85 -26.16 -56.01
N GLY F 206 -9.61 -24.87 -55.80
CA GLY F 206 -9.15 -24.38 -54.52
C GLY F 206 -10.28 -23.76 -53.71
N VAL F 207 -10.58 -24.37 -52.57
CA VAL F 207 -11.69 -23.97 -51.72
C VAL F 207 -11.15 -23.62 -50.34
N VAL F 208 -11.55 -22.44 -49.84
CA VAL F 208 -11.08 -21.95 -48.56
C VAL F 208 -12.18 -22.24 -47.53
N SER F 209 -11.80 -22.24 -46.26
CA SER F 209 -12.75 -22.40 -45.16
C SER F 209 -12.13 -21.82 -43.90
N GLY F 210 -12.91 -21.75 -42.82
CA GLY F 210 -12.42 -21.22 -41.57
C GLY F 210 -12.82 -22.10 -40.40
N THR F 211 -12.06 -21.97 -39.31
CA THR F 211 -12.35 -22.70 -38.10
C THR F 211 -11.86 -21.88 -36.91
N LEU F 212 -12.44 -22.14 -35.75
CA LEU F 212 -12.12 -21.44 -34.52
C LEU F 212 -11.75 -22.47 -33.46
N THR F 213 -10.48 -22.50 -33.07
CA THR F 213 -10.04 -23.37 -31.99
C THR F 213 -10.79 -23.01 -30.72
N SER F 214 -11.34 -24.02 -30.04
CA SER F 214 -12.14 -23.77 -28.84
C SER F 214 -11.29 -23.09 -27.77
N PHE F 215 -11.82 -21.99 -27.23
CA PHE F 215 -11.11 -21.27 -26.18
C PHE F 215 -12.13 -20.58 -25.28
N THR F 216 -11.69 -20.24 -24.07
CA THR F 216 -12.53 -19.61 -23.08
C THR F 216 -12.06 -18.20 -22.81
N LEU F 217 -12.99 -17.25 -22.93
CA LEU F 217 -12.71 -15.85 -22.65
C LEU F 217 -13.98 -15.23 -22.07
N GLY F 218 -13.82 -14.35 -21.09
CA GLY F 218 -14.95 -13.76 -20.42
C GLY F 218 -15.88 -14.75 -19.75
N GLY F 219 -15.39 -15.94 -19.42
CA GLY F 219 -16.23 -16.98 -18.87
C GLY F 219 -17.09 -17.70 -19.88
N GLN F 220 -16.83 -17.50 -21.17
CA GLN F 220 -17.64 -18.11 -22.22
C GLN F 220 -16.74 -18.74 -23.26
N SER F 221 -17.26 -19.80 -23.90
CA SER F 221 -16.48 -20.62 -24.82
C SER F 221 -16.78 -20.22 -26.27
N PHE F 222 -15.76 -20.41 -27.12
CA PHE F 222 -15.88 -20.15 -28.54
C PHE F 222 -15.26 -21.31 -29.32
N SER F 223 -16.00 -21.78 -30.32
CA SER F 223 -15.58 -22.86 -31.21
C SER F 223 -16.59 -23.03 -32.35
N GLY F 224 -16.13 -23.47 -33.51
CA GLY F 224 -17.05 -23.70 -34.60
C GLY F 224 -16.32 -23.85 -35.92
N SER F 225 -17.12 -24.05 -36.98
CA SER F 225 -16.61 -24.19 -38.33
C SER F 225 -17.62 -23.61 -39.30
N THR F 226 -17.14 -23.21 -40.47
CA THR F 226 -17.99 -22.54 -41.45
C THR F 226 -18.67 -23.56 -42.35
N VAL F 227 -19.99 -23.45 -42.45
CA VAL F 227 -20.69 -24.09 -43.57
C VAL F 227 -20.14 -23.50 -44.86
N PRO F 228 -19.79 -24.30 -45.86
CA PRO F 228 -19.05 -23.75 -47.01
C PRO F 228 -19.82 -22.62 -47.70
N VAL F 229 -19.34 -21.41 -47.46
CA VAL F 229 -19.94 -20.16 -47.92
C VAL F 229 -18.82 -19.31 -48.49
N ILE F 230 -17.83 -19.96 -49.09
CA ILE F 230 -16.53 -19.34 -49.31
C ILE F 230 -16.40 -18.93 -50.77
N LEU F 231 -15.30 -18.25 -51.11
CA LEU F 231 -15.08 -17.52 -52.35
C LEU F 231 -15.82 -18.08 -53.56
N TYR F 232 -15.65 -19.36 -53.88
CA TYR F 232 -16.54 -20.03 -54.83
C TYR F 232 -16.41 -21.55 -54.71
N ALA F 233 -17.47 -22.19 -54.23
CA ALA F 233 -17.55 -23.64 -54.19
C ALA F 233 -18.24 -24.13 -55.46
N PRO F 234 -18.08 -25.40 -55.83
CA PRO F 234 -18.70 -25.88 -57.07
C PRO F 234 -20.21 -25.76 -57.06
N PHE F 235 -20.80 -25.72 -58.26
CA PHE F 235 -22.22 -25.45 -58.44
C PHE F 235 -23.01 -26.72 -58.14
N ILE F 236 -23.33 -26.93 -56.86
CA ILE F 236 -24.14 -28.06 -56.41
C ILE F 236 -25.11 -27.57 -55.35
N PHE F 237 -26.04 -28.43 -54.94
CA PHE F 237 -26.90 -28.16 -53.80
C PHE F 237 -26.07 -28.39 -52.55
N SER F 238 -26.09 -27.42 -51.63
CA SER F 238 -25.26 -27.49 -50.44
C SER F 238 -25.71 -28.65 -49.55
N ASN F 239 -24.83 -29.63 -49.38
CA ASN F 239 -25.07 -30.70 -48.43
C ASN F 239 -23.92 -30.86 -47.44
N SER F 240 -23.85 -29.99 -46.43
CA SER F 240 -22.93 -30.11 -45.31
C SER F 240 -23.27 -29.06 -44.25
N PRO F 241 -23.41 -29.45 -42.98
CA PRO F 241 -23.48 -30.82 -42.46
C PRO F 241 -24.91 -31.33 -42.57
N TYR F 242 -25.67 -30.72 -43.47
CA TYR F 242 -27.08 -31.05 -43.64
C TYR F 242 -27.26 -32.51 -44.01
N GLN F 243 -28.26 -33.14 -43.40
CA GLN F 243 -28.57 -34.54 -43.65
C GLN F 243 -29.53 -34.72 -44.82
N ALA F 244 -30.06 -33.63 -45.38
CA ALA F 244 -30.96 -33.71 -46.52
C ALA F 244 -30.49 -32.84 -47.68
N GLY F 245 -29.95 -31.66 -47.38
CA GLY F 245 -29.56 -30.73 -48.42
C GLY F 245 -30.64 -29.73 -48.80
N LEU F 246 -31.80 -30.23 -49.21
CA LEU F 246 -32.97 -29.39 -49.42
C LEU F 246 -33.92 -29.50 -48.24
N TYR F 247 -34.47 -28.36 -47.86
CA TYR F 247 -35.16 -28.24 -46.58
C TYR F 247 -35.98 -26.96 -46.57
N ASN F 248 -37.00 -26.92 -45.71
CA ASN F 248 -37.84 -25.75 -45.56
C ASN F 248 -38.03 -25.45 -44.09
N PRO F 249 -37.74 -24.22 -43.62
CA PRO F 249 -37.85 -23.92 -42.19
C PRO F 249 -39.24 -24.12 -41.62
N MET F 250 -40.29 -23.80 -42.38
CA MET F 250 -41.65 -23.94 -41.87
C MET F 250 -42.02 -25.40 -41.68
N GLN F 251 -41.26 -26.31 -42.28
CA GLN F 251 -41.43 -27.73 -41.98
C GLN F 251 -40.90 -28.06 -40.58
N VAL F 252 -39.80 -27.43 -40.19
CA VAL F 252 -39.22 -27.68 -38.87
C VAL F 252 -40.19 -27.26 -37.77
N ASN F 253 -40.82 -26.11 -37.93
CA ASN F 253 -41.73 -25.59 -36.93
C ASN F 253 -43.14 -26.14 -37.07
N GLY F 254 -43.28 -27.46 -37.22
CA GLY F 254 -44.57 -28.04 -37.50
C GLY F 254 -45.16 -28.81 -36.34
N ASN F 255 -46.48 -28.96 -36.36
CA ASN F 255 -47.19 -29.70 -35.33
C ASN F 255 -47.34 -31.17 -35.74
N LEU F 256 -46.25 -31.91 -35.76
CA LEU F 256 -46.24 -33.30 -36.21
C LEU F 256 -46.84 -34.18 -35.13
N GLY F 257 -48.14 -34.46 -35.26
CA GLY F 257 -48.86 -35.22 -34.24
C GLY F 257 -48.36 -36.65 -34.03
N SER F 258 -48.16 -37.39 -35.11
CA SER F 258 -47.73 -38.78 -34.98
C SER F 258 -46.60 -39.10 -35.96
N LEU F 259 -46.07 -38.08 -36.62
CA LEU F 259 -44.97 -38.24 -37.56
C LEU F 259 -43.66 -37.76 -36.95
N SER F 260 -43.46 -38.01 -35.66
CA SER F 260 -42.31 -37.50 -34.93
C SER F 260 -41.10 -38.41 -35.05
N SER F 261 -41.23 -39.51 -35.80
CA SER F 261 -40.12 -40.42 -36.02
C SER F 261 -39.34 -40.06 -37.28
N GLU F 262 -39.79 -39.03 -37.99
CA GLU F 262 -39.14 -38.60 -39.23
C GLU F 262 -39.08 -37.08 -39.33
N ALA F 263 -38.97 -36.40 -38.19
CA ALA F 263 -39.00 -34.94 -38.15
C ALA F 263 -37.88 -34.33 -38.98
N TYR F 264 -36.63 -34.57 -38.61
CA TYR F 264 -35.49 -34.11 -39.39
C TYR F 264 -35.01 -35.15 -40.37
N TYR F 265 -35.64 -36.33 -40.42
CA TYR F 265 -35.18 -37.42 -41.25
C TYR F 265 -35.86 -37.34 -42.60
N HIS F 266 -37.02 -36.68 -42.68
CA HIS F 266 -37.88 -36.74 -43.85
C HIS F 266 -38.17 -35.33 -44.35
N PRO F 267 -37.44 -34.87 -45.37
CA PRO F 267 -37.62 -33.50 -45.87
C PRO F 267 -38.88 -33.35 -46.73
N VAL F 268 -40.00 -33.10 -46.07
CA VAL F 268 -41.31 -33.08 -46.72
C VAL F 268 -41.66 -31.66 -47.14
N ILE F 269 -42.46 -31.53 -48.21
CA ILE F 269 -43.01 -30.26 -48.66
C ILE F 269 -44.47 -30.49 -49.01
N TRP F 270 -45.23 -29.40 -49.10
CA TRP F 270 -46.67 -29.48 -49.26
C TRP F 270 -47.12 -28.84 -50.56
N GLY F 271 -48.02 -29.55 -51.26
CA GLY F 271 -48.75 -28.99 -52.40
C GLY F 271 -47.91 -28.21 -53.39
N ARG F 272 -48.20 -26.91 -53.52
CA ARG F 272 -47.43 -26.01 -54.38
C ARG F 272 -46.48 -25.13 -53.59
N ALA F 273 -46.30 -25.40 -52.30
CA ALA F 273 -45.49 -24.52 -51.46
C ALA F 273 -44.03 -24.57 -51.88
N LEU F 274 -43.27 -23.58 -51.41
CA LEU F 274 -41.88 -23.40 -51.81
C LEU F 274 -40.97 -24.14 -50.85
N ILE F 275 -39.90 -24.73 -51.39
CA ILE F 275 -38.86 -25.36 -50.59
C ILE F 275 -37.55 -24.64 -50.90
N ASN F 276 -36.79 -24.31 -49.84
CA ASN F 276 -35.62 -23.47 -50.00
C ASN F 276 -34.40 -24.28 -50.45
N THR F 277 -33.55 -23.63 -51.24
CA THR F 277 -32.27 -24.18 -51.66
C THR F 277 -31.25 -23.04 -51.71
N THR F 278 -29.97 -23.40 -51.62
CA THR F 278 -28.86 -22.46 -51.64
C THR F 278 -27.83 -22.99 -52.64
N LEU F 279 -27.82 -22.41 -53.83
CA LEU F 279 -26.88 -22.83 -54.88
C LEU F 279 -25.60 -22.01 -54.76
N ILE F 280 -24.46 -22.68 -54.68
CA ILE F 280 -23.19 -21.98 -54.65
C ILE F 280 -22.68 -21.81 -56.08
N ASP F 281 -22.64 -20.57 -56.54
CA ASP F 281 -22.29 -20.30 -57.94
C ASP F 281 -21.71 -18.89 -58.05
N THR F 282 -20.43 -18.80 -58.39
CA THR F 282 -19.79 -17.51 -58.60
C THR F 282 -18.93 -17.50 -59.86
N TYR F 283 -19.48 -17.93 -60.99
CA TYR F 283 -18.77 -17.86 -62.26
C TYR F 283 -19.22 -16.65 -63.09
N ALA F 284 -20.04 -15.79 -62.51
CA ALA F 284 -20.49 -14.58 -63.17
C ALA F 284 -20.71 -13.47 -62.15
N SER F 285 -20.84 -12.25 -62.63
CA SER F 285 -21.07 -11.09 -61.79
C SER F 285 -22.47 -10.55 -62.06
N GLY F 286 -23.14 -10.11 -61.01
CA GLY F 286 -24.49 -9.58 -61.14
C GLY F 286 -25.54 -10.62 -60.78
N SER F 287 -26.65 -10.60 -61.53
CA SER F 287 -27.74 -11.53 -61.30
C SER F 287 -27.55 -12.78 -62.14
N VAL F 288 -27.88 -13.93 -61.55
CA VAL F 288 -27.68 -15.20 -62.24
C VAL F 288 -29.02 -15.94 -62.37
N PRO F 289 -29.55 -16.08 -63.58
CA PRO F 289 -30.64 -17.03 -63.80
C PRO F 289 -30.18 -18.46 -63.49
N PHE F 290 -31.09 -19.24 -62.91
CA PHE F 290 -30.85 -20.65 -62.59
C PHE F 290 -32.05 -21.46 -63.05
N THR F 291 -31.77 -22.59 -63.69
CA THR F 291 -32.82 -23.50 -64.13
C THR F 291 -32.90 -24.69 -63.18
N PHE F 292 -34.10 -25.21 -63.00
CA PHE F 292 -34.35 -26.33 -62.12
C PHE F 292 -35.13 -27.40 -62.86
N GLN F 293 -34.76 -28.65 -62.63
CA GLN F 293 -35.47 -29.80 -63.16
C GLN F 293 -35.91 -30.69 -62.01
N LEU F 294 -37.19 -31.04 -61.99
CA LEU F 294 -37.80 -31.79 -60.89
C LEU F 294 -38.32 -33.12 -61.44
N ASN F 295 -37.95 -34.21 -60.78
CA ASN F 295 -38.36 -35.56 -61.15
C ASN F 295 -39.26 -36.10 -60.05
N TYR F 296 -40.50 -36.41 -60.40
CA TYR F 296 -41.48 -36.92 -59.46
C TYR F 296 -41.70 -38.42 -59.68
N SER F 297 -41.66 -39.17 -58.57
CA SER F 297 -41.89 -40.61 -58.62
C SER F 297 -42.89 -40.97 -57.51
N VAL F 298 -43.64 -42.05 -57.74
CA VAL F 298 -44.69 -42.47 -56.80
C VAL F 298 -44.60 -43.98 -56.58
N PRO F 299 -44.67 -44.44 -55.33
CA PRO F 299 -44.63 -45.89 -55.07
C PRO F 299 -45.96 -46.57 -55.39
N GLY F 300 -46.17 -46.87 -56.67
CA GLY F 300 -47.36 -47.56 -57.11
C GLY F 300 -47.47 -47.65 -58.61
N PRO F 301 -47.87 -48.82 -59.13
CA PRO F 301 -48.00 -48.98 -60.58
C PRO F 301 -49.26 -48.30 -61.08
N LEU F 302 -49.07 -47.32 -61.96
CA LEU F 302 -50.15 -46.38 -62.25
C LEU F 302 -51.11 -46.98 -63.25
N THR F 303 -52.34 -47.23 -62.79
CA THR F 303 -53.39 -47.74 -63.65
C THR F 303 -54.02 -46.57 -64.41
N ILE F 304 -53.71 -46.48 -65.70
CA ILE F 304 -54.13 -45.36 -66.54
C ILE F 304 -55.24 -45.84 -67.46
N ASN F 305 -56.32 -45.08 -67.50
CA ASN F 305 -57.35 -45.20 -68.53
C ASN F 305 -57.06 -44.14 -69.58
N MET F 306 -56.98 -44.56 -70.84
CA MET F 306 -56.53 -43.71 -71.93
C MET F 306 -57.41 -43.93 -73.15
N ALA F 307 -57.80 -42.83 -73.80
CA ALA F 307 -58.68 -42.89 -74.94
C ALA F 307 -57.88 -43.02 -76.24
N GLN F 308 -58.52 -43.60 -77.25
CA GLN F 308 -57.91 -43.74 -78.57
C GLN F 308 -58.18 -42.46 -79.37
N LEU F 309 -57.19 -41.57 -79.42
CA LEU F 309 -57.34 -40.35 -80.19
C LEU F 309 -57.39 -40.65 -81.69
N ALA F 310 -56.72 -41.73 -82.11
CA ALA F 310 -56.71 -42.11 -83.51
C ALA F 310 -56.38 -43.58 -83.65
N TRP F 311 -56.90 -44.18 -84.73
CA TRP F 311 -56.57 -45.54 -85.13
C TRP F 311 -56.08 -45.51 -86.56
N ILE F 312 -54.87 -46.01 -86.79
CA ILE F 312 -54.27 -46.05 -88.12
C ILE F 312 -53.97 -47.50 -88.45
N ALA F 313 -54.49 -47.97 -89.58
CA ALA F 313 -54.27 -49.34 -90.02
C ALA F 313 -54.58 -49.43 -91.51
N SER F 314 -54.09 -50.50 -92.13
CA SER F 314 -54.34 -50.73 -93.55
C SER F 314 -55.79 -51.15 -93.76
N ILE F 315 -56.24 -51.06 -95.01
CA ILE F 315 -57.63 -51.38 -95.32
C ILE F 315 -57.93 -52.85 -95.05
N ASN F 316 -56.96 -53.73 -95.32
CA ASN F 316 -57.15 -55.14 -94.99
C ASN F 316 -56.98 -55.42 -93.50
N ASN F 317 -56.08 -54.70 -92.83
CA ASN F 317 -55.88 -54.88 -91.39
C ASN F 317 -57.09 -54.45 -90.59
N LEU F 318 -57.83 -53.45 -91.07
CA LEU F 318 -59.04 -53.03 -90.39
C LEU F 318 -60.13 -54.07 -90.56
N PRO F 319 -61.02 -54.23 -89.57
CA PRO F 319 -62.13 -55.19 -89.72
C PRO F 319 -63.08 -54.77 -90.83
N THR F 320 -63.76 -55.76 -91.40
CA THR F 320 -64.70 -55.49 -92.48
C THR F 320 -65.87 -54.62 -92.03
N SER F 321 -66.29 -54.75 -90.76
CA SER F 321 -67.40 -53.96 -90.26
C SER F 321 -67.29 -53.82 -88.75
N PHE F 322 -67.61 -52.63 -88.25
CA PHE F 322 -67.66 -52.35 -86.83
C PHE F 322 -68.43 -51.05 -86.62
N THR F 323 -68.69 -50.73 -85.35
CA THR F 323 -69.40 -49.52 -84.95
C THR F 323 -68.41 -48.55 -84.31
N TYR F 324 -68.46 -47.29 -84.72
CA TYR F 324 -67.50 -46.31 -84.25
C TYR F 324 -68.16 -44.93 -84.22
N LEU F 325 -67.70 -44.11 -83.27
CA LEU F 325 -68.08 -42.70 -83.20
C LEU F 325 -66.97 -41.95 -82.48
N SER F 326 -66.63 -40.77 -82.99
CA SER F 326 -65.48 -40.04 -82.47
C SER F 326 -65.73 -39.60 -81.02
N TYR F 327 -64.64 -39.50 -80.27
CA TYR F 327 -64.68 -39.03 -78.89
C TYR F 327 -64.26 -37.57 -78.86
N LYS F 328 -65.17 -36.72 -78.40
CA LYS F 328 -64.87 -35.29 -78.33
C LYS F 328 -63.82 -35.03 -77.25
N PHE F 329 -62.94 -34.07 -77.54
CA PHE F 329 -61.80 -33.79 -76.68
C PHE F 329 -61.98 -32.42 -76.02
N SER F 330 -60.99 -32.05 -75.21
CA SER F 330 -61.11 -30.87 -74.35
C SER F 330 -60.57 -29.62 -75.03
N ASN F 331 -60.22 -29.74 -76.32
CA ASN F 331 -59.70 -28.59 -77.06
C ASN F 331 -60.27 -28.52 -78.47
N GLY F 332 -61.38 -29.20 -78.73
CA GLY F 332 -62.01 -29.18 -80.04
C GLY F 332 -61.54 -30.27 -80.98
N TYR F 333 -60.54 -31.06 -80.58
CA TYR F 333 -60.07 -32.15 -81.42
C TYR F 333 -61.06 -33.32 -81.35
N GLU F 334 -60.96 -34.20 -82.34
CA GLU F 334 -61.86 -35.34 -82.44
C GLU F 334 -61.06 -36.59 -82.73
N SER F 335 -61.61 -37.73 -82.33
CA SER F 335 -61.05 -39.02 -82.68
C SER F 335 -61.28 -39.30 -84.17
N PHE F 336 -60.26 -39.86 -84.82
CA PHE F 336 -60.33 -40.11 -86.25
C PHE F 336 -59.68 -41.45 -86.57
N LEU F 337 -60.00 -41.95 -87.75
CA LEU F 337 -59.50 -43.24 -88.24
C LEU F 337 -58.59 -42.97 -89.43
N GLY F 338 -57.47 -43.69 -89.48
CA GLY F 338 -56.55 -43.58 -90.59
C GLY F 338 -56.51 -44.82 -91.45
N ILE F 339 -57.04 -44.71 -92.66
CA ILE F 339 -57.07 -45.84 -93.60
C ILE F 339 -55.90 -45.71 -94.57
N ILE F 340 -55.07 -46.73 -94.64
CA ILE F 340 -53.93 -46.77 -95.54
C ILE F 340 -54.23 -47.76 -96.65
N SER F 341 -54.17 -47.30 -97.89
CA SER F 341 -54.56 -48.14 -99.02
C SER F 341 -53.67 -47.83 -100.22
N ASN F 342 -53.52 -48.82 -101.10
CA ASN F 342 -52.85 -48.59 -102.37
C ASN F 342 -53.76 -47.84 -103.34
N SER F 343 -55.07 -47.87 -103.12
CA SER F 343 -55.99 -47.16 -103.99
C SER F 343 -55.76 -45.66 -103.89
N THR F 344 -55.96 -44.98 -105.02
CA THR F 344 -55.79 -43.53 -105.06
C THR F 344 -56.91 -42.80 -104.34
N GLN F 345 -58.05 -43.48 -104.11
CA GLN F 345 -59.20 -42.87 -103.47
C GLN F 345 -59.97 -43.92 -102.69
N LEU F 346 -60.83 -43.46 -101.79
CA LEU F 346 -61.81 -44.35 -101.17
C LEU F 346 -63.19 -44.09 -101.76
N THR F 347 -63.95 -45.17 -101.96
CA THR F 347 -65.28 -45.06 -102.53
C THR F 347 -66.29 -45.67 -101.56
N ALA F 348 -67.38 -44.95 -101.33
CA ALA F 348 -68.48 -45.44 -100.51
C ALA F 348 -69.80 -45.25 -101.24
N GLY F 349 -69.79 -45.45 -102.55
CA GLY F 349 -70.96 -45.19 -103.38
C GLY F 349 -70.89 -43.80 -103.99
N ALA F 350 -71.76 -42.90 -103.54
CA ALA F 350 -71.74 -41.52 -104.01
C ALA F 350 -70.62 -40.71 -103.37
N LEU F 351 -70.06 -41.20 -102.27
CA LEU F 351 -69.02 -40.46 -101.56
C LEU F 351 -67.64 -40.94 -101.97
N THR F 352 -66.74 -39.98 -102.17
CA THR F 352 -65.36 -40.26 -102.53
C THR F 352 -64.43 -39.53 -101.57
N ILE F 353 -63.34 -40.21 -101.20
CA ILE F 353 -62.36 -39.70 -100.25
C ILE F 353 -61.05 -39.48 -100.98
N ASN F 354 -60.56 -38.24 -100.92
CA ASN F 354 -59.38 -37.75 -101.64
C ASN F 354 -58.14 -37.91 -100.77
N PRO F 355 -56.94 -37.78 -101.35
CA PRO F 355 -55.71 -37.98 -100.57
C PRO F 355 -55.54 -36.97 -99.43
N SER F 356 -55.67 -37.45 -98.20
CA SER F 356 -55.22 -36.69 -97.05
C SER F 356 -53.70 -36.63 -97.00
N GLY F 357 -53.05 -37.75 -97.30
CA GLY F 357 -51.62 -37.79 -97.42
C GLY F 357 -51.19 -39.02 -98.19
N ASN F 358 -49.92 -39.04 -98.60
CA ASN F 358 -49.40 -40.18 -99.32
C ASN F 358 -47.91 -40.29 -99.10
N PHE F 359 -47.38 -41.49 -99.29
CA PHE F 359 -45.95 -41.73 -99.14
C PHE F 359 -45.54 -42.85 -100.08
N THR F 360 -44.22 -43.05 -100.19
CA THR F 360 -43.66 -44.06 -101.07
C THR F 360 -42.56 -44.83 -100.36
N ILE F 361 -42.56 -46.15 -100.56
CA ILE F 361 -41.52 -47.03 -100.04
C ILE F 361 -41.09 -47.95 -101.17
N ASN F 362 -39.80 -47.91 -101.52
CA ASN F 362 -39.22 -48.76 -102.56
C ASN F 362 -39.98 -48.63 -103.88
N GLY F 363 -40.50 -47.42 -104.14
CA GLY F 363 -41.26 -47.15 -105.34
C GLY F 363 -42.74 -47.41 -105.25
N LYS F 364 -43.20 -48.16 -104.24
CA LYS F 364 -44.62 -48.41 -104.08
C LYS F 364 -45.28 -47.27 -103.32
N LYS F 365 -46.46 -46.85 -103.79
CA LYS F 365 -47.15 -45.69 -103.25
C LYS F 365 -48.31 -46.14 -102.37
N PHE F 366 -48.48 -45.45 -101.25
CA PHE F 366 -49.58 -45.69 -100.33
C PHE F 366 -50.23 -44.36 -99.96
N TYR F 367 -51.54 -44.42 -99.72
CA TYR F 367 -52.32 -43.24 -99.38
C TYR F 367 -52.91 -43.42 -97.99
N VAL F 368 -52.74 -42.39 -97.15
CA VAL F 368 -53.26 -42.37 -95.79
C VAL F 368 -54.39 -41.35 -95.75
N TYR F 369 -55.57 -41.81 -95.33
CA TYR F 369 -56.77 -40.97 -95.31
C TYR F 369 -57.24 -40.87 -93.87
N LEU F 370 -57.41 -39.65 -93.38
CA LEU F 370 -57.76 -39.40 -91.99
C LEU F 370 -59.18 -38.86 -91.92
N LEU F 371 -60.08 -39.63 -91.29
CA LEU F 371 -61.50 -39.34 -91.33
C LEU F 371 -62.06 -39.30 -89.91
N VAL F 372 -62.83 -38.27 -89.59
CA VAL F 372 -63.47 -38.15 -88.28
C VAL F 372 -64.89 -38.69 -88.39
N VAL F 373 -65.22 -39.66 -87.55
CA VAL F 373 -66.58 -40.22 -87.51
C VAL F 373 -67.47 -39.28 -86.71
N GLY F 374 -68.34 -38.55 -87.40
CA GLY F 374 -69.17 -37.57 -86.74
C GLY F 374 -70.59 -37.53 -87.24
N SER F 375 -71.20 -36.34 -87.23
CA SER F 375 -72.60 -36.17 -87.60
C SER F 375 -72.80 -35.91 -89.08
N THR F 376 -71.73 -35.82 -89.86
CA THR F 376 -71.85 -35.57 -91.30
C THR F 376 -70.56 -35.95 -91.98
N ASN F 377 -70.63 -36.07 -93.31
CA ASN F 377 -69.43 -36.28 -94.13
C ASN F 377 -68.94 -34.94 -94.65
N SER F 378 -67.69 -34.62 -94.35
CA SER F 378 -67.12 -33.32 -94.70
C SER F 378 -65.91 -33.54 -95.59
N THR F 379 -65.88 -32.85 -96.73
CA THR F 379 -64.72 -32.84 -97.61
C THR F 379 -63.60 -31.94 -97.09
N THR F 380 -63.93 -30.83 -96.46
CA THR F 380 -62.99 -29.85 -95.94
C THR F 380 -62.17 -30.43 -94.80
N PRO F 381 -60.93 -29.96 -94.61
CA PRO F 381 -60.16 -30.38 -93.43
C PRO F 381 -60.83 -29.92 -92.15
N VAL F 382 -61.09 -30.88 -91.25
CA VAL F 382 -61.73 -30.54 -89.98
C VAL F 382 -60.70 -30.35 -88.89
N GLU F 383 -59.63 -31.14 -88.92
CA GLU F 383 -58.48 -30.90 -88.05
C GLU F 383 -57.21 -31.22 -88.84
N TYR F 384 -56.07 -31.15 -88.18
CA TYR F 384 -54.80 -31.39 -88.88
C TYR F 384 -53.86 -32.16 -87.98
N VAL F 385 -52.96 -32.92 -88.61
CA VAL F 385 -51.76 -33.42 -87.96
C VAL F 385 -50.56 -32.73 -88.60
N THR F 386 -49.79 -32.02 -87.78
CA THR F 386 -48.74 -31.13 -88.28
C THR F 386 -47.43 -31.89 -88.47
N LYS F 387 -47.31 -33.07 -87.85
CA LYS F 387 -46.15 -33.91 -88.04
C LYS F 387 -46.45 -35.32 -87.57
N LEU F 388 -46.46 -36.25 -88.52
CA LEU F 388 -46.65 -37.67 -88.21
C LEU F 388 -45.64 -38.50 -88.99
N VAL F 389 -44.92 -39.35 -88.30
CA VAL F 389 -43.86 -40.16 -88.90
C VAL F 389 -44.32 -41.61 -88.94
N VAL F 390 -44.35 -42.19 -90.14
CA VAL F 390 -44.68 -43.59 -90.35
C VAL F 390 -43.38 -44.37 -90.48
N GLU F 391 -43.29 -45.49 -89.76
CA GLU F 391 -42.09 -46.31 -89.75
C GLU F 391 -42.32 -47.59 -90.54
N TYR F 392 -41.25 -48.06 -91.18
CA TYR F 392 -41.31 -49.30 -91.94
C TYR F 392 -39.94 -49.97 -91.86
N PRO F 393 -39.89 -51.30 -91.81
CA PRO F 393 -38.60 -52.00 -91.80
C PRO F 393 -37.88 -51.84 -93.12
N SER F 394 -36.55 -51.86 -93.07
CA SER F 394 -35.75 -51.78 -94.28
C SER F 394 -35.90 -53.06 -95.10
N SER F 395 -35.86 -52.90 -96.43
CA SER F 395 -36.03 -54.05 -97.32
C SER F 395 -34.83 -54.97 -97.28
N THR F 396 -33.63 -54.43 -97.08
CA THR F 396 -32.40 -55.22 -97.12
C THR F 396 -31.79 -55.46 -95.74
N ASN F 397 -32.01 -54.55 -94.79
CA ASN F 397 -31.39 -54.68 -93.47
C ASN F 397 -32.41 -54.86 -92.36
N PHE F 398 -33.70 -54.71 -92.65
CA PHE F 398 -34.78 -54.84 -91.66
C PHE F 398 -34.57 -53.91 -90.47
N LEU F 399 -34.10 -52.70 -90.76
CA LEU F 399 -33.93 -51.68 -89.74
C LEU F 399 -35.03 -50.63 -89.89
N PRO F 400 -35.49 -50.03 -88.79
CA PRO F 400 -36.57 -49.04 -88.88
C PRO F 400 -36.18 -47.85 -89.74
N GLN F 401 -37.14 -47.39 -90.55
CA GLN F 401 -36.98 -46.19 -91.34
C GLN F 401 -38.26 -45.38 -91.23
N GLY F 402 -38.13 -44.13 -90.82
CA GLY F 402 -39.29 -43.28 -90.62
C GLY F 402 -39.35 -42.16 -91.65
N VAL F 403 -40.55 -41.94 -92.17
CA VAL F 403 -40.80 -40.91 -93.16
C VAL F 403 -42.04 -40.14 -92.76
N THR F 404 -42.03 -38.83 -93.00
CA THR F 404 -43.19 -37.98 -92.73
C THR F 404 -44.13 -38.02 -93.92
N VAL F 405 -45.41 -38.30 -93.66
CA VAL F 405 -46.39 -38.41 -94.73
C VAL F 405 -46.64 -37.04 -95.33
N THR F 406 -46.65 -36.96 -96.66
CA THR F 406 -46.89 -35.74 -97.39
C THR F 406 -48.25 -35.79 -98.07
N THR F 407 -48.84 -34.63 -98.30
CA THR F 407 -50.12 -34.55 -98.98
C THR F 407 -49.92 -34.68 -100.48
N SER F 408 -51.03 -34.59 -101.23
CA SER F 408 -50.97 -34.58 -102.68
C SER F 408 -50.34 -33.30 -103.21
N SER F 409 -50.27 -32.25 -102.39
CA SER F 409 -49.62 -31.00 -102.76
C SER F 409 -48.28 -30.83 -102.08
N ASN F 410 -47.66 -31.92 -101.62
CA ASN F 410 -46.37 -31.90 -100.95
C ASN F 410 -46.39 -31.01 -99.71
N LYS F 411 -47.24 -31.37 -98.74
CA LYS F 411 -47.32 -30.67 -97.47
C LYS F 411 -47.23 -31.68 -96.33
N TYR F 412 -46.57 -31.26 -95.26
CA TYR F 412 -46.36 -32.12 -94.10
C TYR F 412 -47.45 -31.96 -93.05
N THR F 413 -48.46 -31.15 -93.31
CA THR F 413 -49.61 -30.99 -92.41
C THR F 413 -50.80 -31.71 -93.04
N LEU F 414 -51.02 -32.95 -92.62
CA LEU F 414 -52.09 -33.75 -93.20
C LEU F 414 -53.44 -33.30 -92.66
N PRO F 415 -54.40 -33.05 -93.55
CA PRO F 415 -55.76 -32.69 -93.13
C PRO F 415 -56.53 -33.93 -92.68
N VAL F 416 -57.52 -33.69 -91.83
CA VAL F 416 -58.39 -34.75 -91.32
C VAL F 416 -59.83 -34.29 -91.51
N TYR F 417 -60.60 -35.04 -92.27
CA TYR F 417 -61.98 -34.70 -92.60
C TYR F 417 -62.95 -35.42 -91.66
N GLU F 418 -64.24 -35.28 -91.95
CA GLU F 418 -65.28 -36.04 -91.27
C GLU F 418 -66.03 -36.93 -92.25
N ILE F 419 -66.44 -38.10 -91.77
CA ILE F 419 -67.44 -38.92 -92.42
C ILE F 419 -68.46 -39.34 -91.37
N GLY F 420 -69.65 -39.68 -91.82
CA GLY F 420 -70.69 -40.14 -90.93
C GLY F 420 -72.01 -39.48 -91.25
N GLY F 421 -72.85 -39.39 -90.22
CA GLY F 421 -74.17 -38.83 -90.37
C GLY F 421 -74.99 -39.02 -89.11
N PRO F 422 -76.30 -39.19 -89.27
CA PRO F 422 -77.16 -39.44 -88.11
C PRO F 422 -76.86 -40.79 -87.47
N ALA F 423 -77.31 -40.95 -86.23
CA ALA F 423 -77.09 -42.20 -85.50
C ALA F 423 -77.73 -43.36 -86.25
N GLY F 424 -76.97 -44.47 -86.36
CA GLY F 424 -77.42 -45.65 -87.08
C GLY F 424 -76.99 -45.70 -88.53
N THR F 425 -76.43 -44.61 -89.06
CA THR F 425 -75.99 -44.60 -90.44
C THR F 425 -74.74 -45.46 -90.61
N THR F 426 -74.70 -46.24 -91.70
CA THR F 426 -73.58 -47.10 -92.00
C THR F 426 -72.95 -46.67 -93.32
N ILE F 427 -71.62 -46.60 -93.33
CA ILE F 427 -70.86 -46.19 -94.51
C ILE F 427 -69.86 -47.28 -94.83
N THR F 428 -69.87 -47.77 -96.07
CA THR F 428 -68.94 -48.82 -96.49
C THR F 428 -67.88 -48.22 -97.40
N LEU F 429 -66.68 -48.05 -96.85
CA LEU F 429 -65.54 -47.48 -97.57
C LEU F 429 -64.77 -48.60 -98.23
N THR F 430 -64.56 -48.48 -99.54
CA THR F 430 -63.87 -49.49 -100.33
C THR F 430 -62.52 -48.94 -100.77
N GLY F 431 -61.45 -49.64 -100.44
CA GLY F 431 -60.12 -49.26 -100.88
C GLY F 431 -59.39 -50.43 -101.50
N ASN F 432 -58.11 -50.24 -101.81
CA ASN F 432 -57.29 -51.29 -102.39
C ASN F 432 -56.00 -51.44 -101.61
N TRP F 433 -55.70 -52.67 -101.20
CA TRP F 433 -54.41 -53.02 -100.63
C TRP F 433 -53.64 -53.76 -101.71
N TYR F 434 -52.63 -53.09 -102.26
CA TYR F 434 -51.94 -53.54 -103.46
C TYR F 434 -52.98 -53.76 -104.55
N SER F 435 -53.21 -54.98 -105.01
CA SER F 435 -54.20 -55.23 -106.05
C SER F 435 -55.50 -55.77 -105.50
N THR F 436 -55.61 -55.95 -104.18
CA THR F 436 -56.81 -56.59 -103.63
C THR F 436 -57.78 -55.54 -103.12
N PRO F 437 -59.00 -55.49 -103.64
CA PRO F 437 -60.01 -54.59 -103.05
C PRO F 437 -60.47 -55.09 -101.70
N TYR F 438 -60.69 -54.14 -100.79
CA TYR F 438 -61.14 -54.42 -99.44
C TYR F 438 -62.19 -53.40 -99.03
N THR F 439 -63.03 -53.80 -98.09
CA THR F 439 -64.14 -52.95 -97.63
C THR F 439 -64.13 -52.87 -96.12
N VAL F 440 -64.50 -51.71 -95.61
CA VAL F 440 -64.68 -51.49 -94.18
C VAL F 440 -66.00 -50.77 -93.96
N GLN F 441 -66.85 -51.33 -93.09
CA GLN F 441 -68.19 -50.80 -92.87
C GLN F 441 -68.24 -50.17 -91.47
N ILE F 442 -68.30 -48.85 -91.43
CA ILE F 442 -68.37 -48.15 -90.16
C ILE F 442 -69.82 -47.74 -89.87
N THR F 443 -70.28 -48.11 -88.67
CA THR F 443 -71.63 -47.78 -88.22
C THR F 443 -71.57 -46.59 -87.27
N VAL F 444 -72.32 -45.54 -87.60
CA VAL F 444 -72.36 -44.34 -86.77
C VAL F 444 -73.28 -44.60 -85.58
N GLY F 445 -72.69 -44.92 -84.43
CA GLY F 445 -73.49 -45.19 -83.25
C GLY F 445 -74.04 -43.93 -82.64
N SER F 446 -75.11 -44.10 -81.85
CA SER F 446 -75.74 -42.98 -81.16
C SER F 446 -74.87 -42.45 -80.02
N THR F 447 -73.95 -43.26 -79.52
CA THR F 447 -73.03 -42.84 -78.46
C THR F 447 -71.61 -43.09 -78.94
N PRO F 448 -70.64 -42.34 -78.43
CA PRO F 448 -69.24 -42.57 -78.82
C PRO F 448 -68.82 -44.01 -78.57
N THR F 449 -68.54 -44.73 -79.65
CA THR F 449 -68.08 -46.11 -79.59
C THR F 449 -66.56 -46.15 -79.68
N LEU F 450 -65.90 -45.61 -78.66
CA LEU F 450 -64.45 -45.49 -78.68
C LEU F 450 -63.80 -46.63 -77.93
N THR F 451 -62.61 -47.00 -78.36
CA THR F 451 -61.80 -48.01 -77.68
C THR F 451 -60.93 -47.34 -76.61
N ASN F 452 -61.14 -47.74 -75.37
CA ASN F 452 -60.41 -47.18 -74.23
C ASN F 452 -59.55 -48.25 -73.60
N TYR F 453 -58.29 -47.92 -73.32
CA TYR F 453 -57.32 -48.86 -72.77
C TYR F 453 -57.06 -48.54 -71.31
N VAL F 454 -57.28 -49.51 -70.43
CA VAL F 454 -57.01 -49.36 -69.01
C VAL F 454 -55.90 -50.33 -68.65
N SER F 455 -54.71 -49.80 -68.35
CA SER F 455 -53.55 -50.66 -68.15
C SER F 455 -52.66 -50.09 -67.04
N GLN F 456 -51.95 -50.99 -66.36
CA GLN F 456 -50.97 -50.61 -65.36
C GLN F 456 -49.65 -50.30 -66.05
N ILE F 457 -49.10 -49.12 -65.77
CA ILE F 457 -47.93 -48.61 -66.48
C ILE F 457 -46.91 -48.11 -65.45
N LEU F 458 -45.62 -48.22 -65.81
CA LEU F 458 -44.53 -47.53 -65.15
C LEU F 458 -44.60 -46.05 -65.53
N LEU F 459 -44.75 -45.20 -64.53
CA LEU F 459 -44.81 -43.77 -64.81
C LEU F 459 -43.98 -42.96 -63.81
N LYS F 460 -43.39 -41.88 -64.31
CA LYS F 460 -42.74 -40.85 -63.52
C LYS F 460 -42.91 -39.53 -64.27
N ALA F 461 -42.49 -38.43 -63.66
CA ALA F 461 -42.69 -37.14 -64.29
C ALA F 461 -41.42 -36.32 -64.19
N VAL F 462 -41.22 -35.44 -65.18
CA VAL F 462 -40.13 -34.47 -65.13
C VAL F 462 -40.65 -33.12 -65.57
N ALA F 463 -40.34 -32.09 -64.78
CA ALA F 463 -40.81 -30.73 -64.99
C ALA F 463 -39.63 -29.77 -64.92
N TYR F 464 -39.83 -28.58 -65.46
CA TYR F 464 -38.78 -27.57 -65.53
C TYR F 464 -39.28 -26.27 -64.93
N GLU F 465 -38.33 -25.48 -64.42
CA GLU F 465 -38.61 -24.20 -63.80
C GLU F 465 -37.35 -23.33 -63.91
N GLY F 466 -37.51 -22.03 -63.68
CA GLY F 466 -36.38 -21.13 -63.69
C GLY F 466 -36.61 -19.94 -62.79
N ILE F 467 -35.52 -19.35 -62.32
CA ILE F 467 -35.61 -18.20 -61.43
C ILE F 467 -34.31 -17.42 -61.53
N ASN F 468 -34.44 -16.10 -61.67
CA ASN F 468 -33.29 -15.22 -61.61
C ASN F 468 -32.99 -14.92 -60.14
N VAL F 469 -31.76 -15.23 -59.72
CA VAL F 469 -31.39 -15.08 -58.32
C VAL F 469 -30.25 -14.07 -58.23
N SER F 470 -30.42 -13.09 -57.35
CA SER F 470 -29.39 -12.11 -57.05
C SER F 470 -29.58 -11.65 -55.61
N THR F 471 -28.90 -12.32 -54.68
CA THR F 471 -29.07 -12.04 -53.27
C THR F 471 -27.73 -11.68 -52.65
N THR F 472 -27.79 -10.95 -51.54
CA THR F 472 -26.60 -10.51 -50.84
C THR F 472 -26.08 -11.57 -49.89
N GLN F 473 -25.92 -12.80 -50.42
CA GLN F 473 -25.42 -13.92 -49.63
C GLN F 473 -24.34 -14.69 -50.39
N SER F 474 -23.64 -14.04 -51.32
CA SER F 474 -22.66 -14.66 -52.19
C SER F 474 -21.61 -15.42 -51.37
N PRO F 475 -21.24 -16.63 -51.77
CA PRO F 475 -21.63 -17.33 -53.01
C PRO F 475 -23.00 -18.00 -52.96
N TYR F 476 -23.65 -18.08 -51.80
CA TYR F 476 -25.01 -18.60 -51.75
C TYR F 476 -25.96 -17.72 -52.55
N TYR F 477 -26.49 -18.28 -53.63
CA TYR F 477 -27.69 -17.78 -54.29
C TYR F 477 -28.82 -18.58 -53.65
N SER F 478 -29.48 -17.99 -52.67
CA SER F 478 -30.49 -18.67 -51.88
C SER F 478 -31.88 -18.26 -52.32
N THR F 479 -32.70 -19.25 -52.63
CA THR F 479 -34.03 -19.01 -53.18
C THR F 479 -34.95 -20.14 -52.74
N ALA F 480 -36.20 -20.07 -53.19
CA ALA F 480 -37.18 -21.10 -52.92
C ALA F 480 -37.81 -21.53 -54.24
N ILE F 481 -37.88 -22.85 -54.44
CA ILE F 481 -38.41 -23.42 -55.67
C ILE F 481 -39.79 -24.01 -55.40
N LEU F 482 -40.64 -23.90 -56.41
CA LEU F 482 -41.99 -24.46 -56.33
C LEU F 482 -41.94 -25.98 -56.34
N SER F 483 -42.90 -26.59 -55.64
CA SER F 483 -43.02 -28.05 -55.68
C SER F 483 -43.47 -28.53 -57.06
N THR F 484 -44.36 -27.78 -57.71
CA THR F 484 -44.79 -28.08 -59.06
C THR F 484 -45.02 -26.78 -59.82
N PRO F 485 -44.08 -26.36 -60.67
CA PRO F 485 -44.22 -25.09 -61.38
C PRO F 485 -45.23 -25.22 -62.52
N PRO F 486 -45.83 -24.11 -62.94
CA PRO F 486 -46.72 -24.15 -64.11
C PRO F 486 -45.94 -24.06 -65.42
N SER F 487 -45.38 -25.19 -65.84
CA SER F 487 -44.56 -25.25 -67.03
C SER F 487 -44.92 -26.50 -67.81
N GLU F 488 -44.26 -26.71 -68.95
CA GLU F 488 -44.45 -27.92 -69.72
C GLU F 488 -43.89 -29.11 -68.94
N ILE F 489 -44.78 -29.89 -68.34
CA ILE F 489 -44.40 -31.05 -67.54
C ILE F 489 -44.54 -32.28 -68.42
N SER F 490 -43.44 -33.00 -68.62
CA SER F 490 -43.47 -34.21 -69.44
C SER F 490 -43.48 -35.42 -68.52
N ILE F 491 -44.60 -36.14 -68.53
CA ILE F 491 -44.68 -37.41 -67.83
C ILE F 491 -44.11 -38.51 -68.72
N THR F 492 -43.06 -39.16 -68.25
CA THR F 492 -42.43 -40.24 -68.98
C THR F 492 -42.83 -41.56 -68.33
N GLY F 493 -42.66 -42.65 -69.07
CA GLY F 493 -43.06 -43.94 -68.55
C GLY F 493 -42.57 -45.07 -69.42
N SER F 494 -42.63 -46.26 -68.83
CA SER F 494 -42.15 -47.47 -69.49
C SER F 494 -43.24 -48.53 -69.50
N SER F 495 -43.24 -49.31 -70.59
CA SER F 495 -44.10 -50.48 -70.73
C SER F 495 -43.38 -51.45 -71.66
N THR F 496 -44.09 -52.49 -72.10
CA THR F 496 -43.51 -53.49 -72.98
C THR F 496 -44.30 -53.56 -74.28
N ILE F 497 -43.60 -53.83 -75.37
CA ILE F 497 -44.22 -54.14 -76.66
C ILE F 497 -43.77 -55.52 -77.08
N THR F 498 -44.73 -56.34 -77.49
CA THR F 498 -44.45 -57.70 -77.93
C THR F 498 -45.07 -57.92 -79.30
N ALA F 499 -44.48 -58.84 -80.05
CA ALA F 499 -44.96 -59.17 -81.38
C ALA F 499 -44.99 -60.68 -81.54
N GLN F 500 -46.17 -61.18 -81.88
CA GLN F 500 -46.36 -62.59 -82.21
C GLN F 500 -46.69 -62.69 -83.69
N GLY F 501 -46.29 -63.79 -84.31
CA GLY F 501 -46.55 -63.95 -85.72
C GLY F 501 -46.55 -65.39 -86.15
N LYS F 502 -47.36 -65.69 -87.16
CA LYS F 502 -47.30 -66.96 -87.89
C LYS F 502 -46.64 -66.69 -89.23
N LEU F 503 -45.62 -67.48 -89.54
CA LEU F 503 -44.82 -67.28 -90.74
C LEU F 503 -44.87 -68.53 -91.62
N THR F 504 -45.16 -68.28 -92.90
CA THR F 504 -45.17 -69.32 -93.91
C THR F 504 -44.14 -68.97 -94.97
N ALA F 505 -44.10 -69.77 -96.04
CA ALA F 505 -43.15 -69.53 -97.10
C ALA F 505 -43.51 -68.30 -97.92
N THR F 506 -44.80 -68.05 -98.14
CA THR F 506 -45.24 -66.97 -99.02
C THR F 506 -45.88 -65.81 -98.29
N SER F 507 -46.42 -66.00 -97.10
CA SER F 507 -47.09 -64.94 -96.38
C SER F 507 -46.89 -65.14 -94.89
N ALA F 508 -47.20 -64.12 -94.11
CA ALA F 508 -47.05 -64.18 -92.66
C ALA F 508 -48.02 -63.19 -92.02
N SER F 509 -48.77 -63.67 -91.02
CA SER F 509 -49.68 -62.81 -90.27
C SER F 509 -49.08 -62.51 -88.90
N ALA F 510 -49.53 -61.43 -88.29
CA ALA F 510 -48.89 -60.98 -87.05
C ALA F 510 -49.89 -60.23 -86.18
N THR F 511 -49.58 -60.17 -84.90
CA THR F 511 -50.26 -59.30 -83.93
C THR F 511 -49.18 -58.67 -83.06
N VAL F 512 -49.47 -57.47 -82.56
CA VAL F 512 -48.56 -56.78 -81.68
C VAL F 512 -49.34 -56.19 -80.50
N ASN F 513 -48.73 -56.28 -79.33
CA ASN F 513 -49.30 -55.75 -78.10
C ASN F 513 -48.39 -54.68 -77.53
N LEU F 514 -48.89 -53.45 -77.48
CA LEU F 514 -48.16 -52.31 -76.94
C LEU F 514 -49.00 -51.65 -75.87
N LEU F 515 -48.33 -50.98 -74.94
CA LEU F 515 -48.97 -50.27 -73.83
C LEU F 515 -49.74 -51.25 -72.93
N THR F 516 -49.32 -52.52 -72.95
CA THR F 516 -49.67 -53.56 -71.99
C THR F 516 -51.10 -54.08 -72.16
N ASN F 517 -51.94 -53.38 -72.94
CA ASN F 517 -53.22 -53.98 -73.31
C ASN F 517 -53.67 -53.59 -74.71
N ALA F 518 -52.87 -52.78 -75.40
CA ALA F 518 -53.25 -52.31 -76.72
C ALA F 518 -52.84 -53.32 -77.78
N THR F 519 -53.76 -53.61 -78.70
CA THR F 519 -53.55 -54.68 -79.68
C THR F 519 -53.69 -54.13 -81.09
N LEU F 520 -52.77 -54.55 -81.96
CA LEU F 520 -52.82 -54.25 -83.38
C LEU F 520 -52.64 -55.53 -84.17
N THR F 521 -53.29 -55.60 -85.33
CA THR F 521 -53.30 -56.82 -86.14
C THR F 521 -52.69 -56.54 -87.50
N TYR F 522 -52.17 -57.61 -88.12
CA TYR F 522 -51.60 -57.54 -89.46
C TYR F 522 -51.99 -58.83 -90.18
N GLU F 523 -52.82 -58.69 -91.21
CA GLU F 523 -53.21 -59.84 -92.03
C GLU F 523 -51.96 -60.43 -92.68
N ASN F 524 -52.12 -61.62 -93.25
CA ASN F 524 -51.00 -62.33 -93.85
C ASN F 524 -50.29 -61.47 -94.88
N ILE F 525 -49.06 -61.07 -94.56
CA ILE F 525 -48.30 -60.14 -95.37
C ILE F 525 -47.57 -60.93 -96.46
N PRO F 526 -47.86 -60.67 -97.74
CA PRO F 526 -47.16 -61.42 -98.80
C PRO F 526 -45.68 -61.08 -98.85
N LEU F 527 -44.97 -61.83 -99.70
CA LEU F 527 -43.53 -61.62 -99.86
C LEU F 527 -43.24 -60.23 -100.39
N THR F 528 -42.18 -59.61 -99.86
CA THR F 528 -41.69 -58.29 -100.23
C THR F 528 -42.75 -57.20 -100.06
N GLN F 529 -43.73 -57.40 -99.19
CA GLN F 529 -44.83 -56.46 -99.03
C GLN F 529 -44.89 -55.94 -97.59
N TYR F 530 -45.56 -54.81 -97.44
CA TYR F 530 -45.73 -54.15 -96.15
C TYR F 530 -47.18 -54.18 -95.69
N SER F 531 -47.37 -53.96 -94.40
CA SER F 531 -48.67 -53.83 -93.77
C SER F 531 -48.54 -52.91 -92.58
N PHE F 532 -49.35 -51.86 -92.55
CA PHE F 532 -49.21 -50.79 -91.58
C PHE F 532 -50.35 -50.85 -90.57
N ASN F 533 -50.03 -50.49 -89.33
CA ASN F 533 -51.04 -50.37 -88.29
C ASN F 533 -50.49 -49.41 -87.24
N GLY F 534 -51.33 -49.06 -86.27
CA GLY F 534 -50.88 -48.16 -85.22
C GLY F 534 -52.00 -47.48 -84.49
N ILE F 535 -51.64 -46.75 -83.44
CA ILE F 535 -52.60 -46.05 -82.60
C ILE F 535 -52.00 -44.74 -82.09
N ILE F 536 -52.86 -43.75 -81.94
CA ILE F 536 -52.55 -42.54 -81.17
C ILE F 536 -53.42 -42.57 -79.93
N VAL F 537 -52.79 -42.43 -78.77
CA VAL F 537 -53.47 -42.54 -77.50
C VAL F 537 -53.31 -41.25 -76.72
N THR F 538 -54.41 -40.81 -76.11
CA THR F 538 -54.45 -39.63 -75.27
C THR F 538 -54.87 -40.05 -73.87
N PRO F 539 -54.45 -39.32 -72.83
CA PRO F 539 -54.93 -39.64 -71.47
C PRO F 539 -56.45 -39.55 -71.40
N GLY F 540 -57.05 -40.53 -70.72
CA GLY F 540 -58.50 -40.58 -70.64
C GLY F 540 -59.10 -39.62 -69.64
N TYR F 541 -58.28 -38.98 -68.81
CA TYR F 541 -58.78 -38.01 -67.85
C TYR F 541 -59.33 -36.78 -68.57
N ALA F 542 -60.44 -36.27 -68.06
CA ALA F 542 -61.13 -35.16 -68.71
C ALA F 542 -60.49 -33.81 -68.39
N ALA F 543 -59.17 -33.71 -68.49
CA ALA F 543 -58.48 -32.44 -68.38
C ALA F 543 -57.31 -32.32 -69.35
N ILE F 544 -56.78 -33.45 -69.83
CA ILE F 544 -55.69 -33.43 -70.81
C ILE F 544 -56.00 -34.35 -71.99
N ASN F 545 -57.24 -34.81 -72.09
CA ASN F 545 -57.65 -35.65 -73.20
C ASN F 545 -57.71 -34.84 -74.48
N GLY F 546 -57.07 -35.36 -75.53
CA GLY F 546 -57.04 -34.64 -76.80
C GLY F 546 -56.15 -33.42 -76.81
N THR F 547 -55.28 -33.27 -75.81
CA THR F 547 -54.29 -32.20 -75.78
C THR F 547 -52.86 -32.70 -75.88
N THR F 548 -52.57 -33.87 -75.32
CA THR F 548 -51.27 -34.50 -75.44
C THR F 548 -51.49 -35.98 -75.71
N ALA F 549 -50.57 -36.58 -76.46
CA ALA F 549 -50.80 -37.94 -76.95
C ALA F 549 -49.46 -38.62 -77.23
N MET F 550 -49.55 -39.93 -77.46
CA MET F 550 -48.48 -40.79 -77.96
C MET F 550 -48.92 -41.35 -79.30
N ALA F 551 -48.11 -41.15 -80.33
CA ALA F 551 -48.37 -41.72 -81.65
C ALA F 551 -47.40 -42.86 -81.91
N TYR F 552 -47.96 -44.05 -82.18
CA TYR F 552 -47.17 -45.21 -82.55
C TYR F 552 -47.69 -45.71 -83.89
N VAL F 553 -46.80 -45.72 -84.89
CA VAL F 553 -47.14 -46.22 -86.22
C VAL F 553 -46.17 -47.34 -86.56
N ILE F 554 -46.63 -48.58 -86.45
CA ILE F 554 -45.80 -49.76 -86.66
C ILE F 554 -46.10 -50.29 -88.06
N GLY F 555 -45.08 -50.29 -88.90
CA GLY F 555 -45.17 -51.00 -90.17
C GLY F 555 -44.51 -52.36 -90.07
N ALA F 556 -44.95 -53.28 -90.92
CA ALA F 556 -44.40 -54.63 -90.94
C ALA F 556 -44.08 -55.02 -92.39
N LEU F 557 -42.97 -55.73 -92.53
CA LEU F 557 -42.49 -56.16 -93.84
C LEU F 557 -42.21 -57.64 -93.80
N TYR F 558 -42.72 -58.38 -94.78
CA TYR F 558 -42.46 -59.80 -94.88
C TYR F 558 -41.52 -60.06 -96.06
N ASN F 559 -40.49 -60.86 -95.82
CA ASN F 559 -39.49 -61.07 -96.87
C ASN F 559 -38.79 -62.41 -96.65
N LYS F 560 -37.97 -62.78 -97.62
CA LYS F 560 -37.17 -64.00 -97.56
C LYS F 560 -35.82 -63.74 -98.23
N THR F 561 -34.75 -63.75 -97.44
CA THR F 561 -33.40 -63.63 -97.96
C THR F 561 -32.73 -64.99 -97.80
N SER F 562 -32.58 -65.48 -96.57
CA SER F 562 -32.15 -66.85 -96.31
C SER F 562 -33.15 -67.59 -95.43
N ASP F 563 -33.83 -66.86 -94.55
CA ASP F 563 -34.94 -67.38 -93.75
C ASP F 563 -36.11 -66.42 -93.86
N TYR F 564 -37.31 -66.95 -93.67
CA TYR F 564 -38.52 -66.13 -93.71
C TYR F 564 -38.51 -65.13 -92.56
N VAL F 565 -38.48 -63.85 -92.89
CA VAL F 565 -38.32 -62.79 -91.90
C VAL F 565 -39.55 -61.90 -91.94
N LEU F 566 -40.22 -61.75 -90.79
CA LEU F 566 -41.28 -60.77 -90.60
C LEU F 566 -40.77 -59.71 -89.65
N SER F 567 -40.59 -58.49 -90.14
CA SER F 567 -39.98 -57.42 -89.38
C SER F 567 -40.99 -56.33 -89.08
N PHE F 568 -40.84 -55.72 -87.91
CA PHE F 568 -41.72 -54.64 -87.46
C PHE F 568 -40.87 -53.43 -87.08
N ALA F 569 -41.29 -52.27 -87.56
CA ALA F 569 -40.62 -51.02 -87.23
C ALA F 569 -41.65 -50.02 -86.75
N GLY F 570 -41.46 -49.50 -85.54
CA GLY F 570 -42.43 -48.61 -84.94
C GLY F 570 -41.85 -47.29 -84.47
N SER F 571 -42.56 -46.20 -84.74
CA SER F 571 -42.13 -44.90 -84.27
C SER F 571 -42.80 -44.55 -82.94
N GLN F 572 -42.20 -43.59 -82.23
CA GLN F 572 -42.73 -43.16 -80.93
C GLN F 572 -42.73 -41.63 -80.94
N GLU F 573 -43.93 -41.03 -80.98
CA GLU F 573 -44.02 -39.58 -81.09
C GLU F 573 -44.84 -38.98 -79.96
N PRO F 574 -44.22 -38.36 -78.96
CA PRO F 574 -44.97 -37.48 -78.07
C PRO F 574 -45.57 -36.34 -78.87
N MET F 575 -46.81 -35.99 -78.55
CA MET F 575 -47.63 -35.34 -79.55
C MET F 575 -48.51 -34.34 -78.80
N GLN F 576 -48.83 -33.20 -79.41
CA GLN F 576 -49.67 -32.22 -78.71
C GLN F 576 -50.63 -31.55 -79.68
N VAL F 577 -51.75 -31.10 -79.14
CA VAL F 577 -52.79 -30.47 -79.96
C VAL F 577 -52.87 -28.99 -79.62
N MET F 578 -52.80 -28.14 -80.65
CA MET F 578 -53.04 -26.73 -80.47
C MET F 578 -53.58 -26.16 -81.77
N ASN F 579 -54.56 -25.27 -81.66
CA ASN F 579 -55.28 -24.72 -82.81
C ASN F 579 -55.94 -25.81 -83.64
N ASN F 580 -56.40 -26.90 -83.00
CA ASN F 580 -56.93 -28.09 -83.65
C ASN F 580 -55.91 -28.75 -84.56
N ASN F 581 -54.64 -28.34 -84.46
CA ASN F 581 -53.56 -28.96 -85.21
C ASN F 581 -52.86 -29.95 -84.28
N LEU F 582 -52.73 -31.19 -84.75
CA LEU F 582 -51.93 -32.19 -84.06
C LEU F 582 -50.49 -31.99 -84.48
N THR F 583 -49.70 -31.36 -83.61
CA THR F 583 -48.30 -31.03 -83.89
C THR F 583 -47.38 -31.85 -83.00
N GLU F 584 -46.32 -32.38 -83.59
CA GLU F 584 -45.37 -33.20 -82.84
C GLU F 584 -44.40 -32.30 -82.09
N VAL F 585 -44.27 -32.54 -80.78
CA VAL F 585 -43.29 -31.82 -79.98
C VAL F 585 -41.89 -32.33 -80.29
N THR F 586 -41.72 -33.65 -80.27
CA THR F 586 -40.46 -34.29 -80.60
C THR F 586 -40.72 -35.76 -80.90
N THR F 587 -39.68 -36.46 -81.33
CA THR F 587 -39.77 -37.87 -81.65
C THR F 587 -38.70 -38.64 -80.91
N LEU F 588 -39.04 -39.86 -80.49
CA LEU F 588 -38.12 -40.73 -79.80
C LEU F 588 -37.48 -41.71 -80.78
N ALA F 589 -36.52 -42.49 -80.29
CA ALA F 589 -35.84 -43.45 -81.13
C ALA F 589 -36.81 -44.55 -81.56
N PRO F 590 -36.93 -44.81 -82.87
CA PRO F 590 -37.82 -45.89 -83.32
C PRO F 590 -37.33 -47.25 -82.88
N PHE F 591 -38.27 -48.18 -82.68
CA PHE F 591 -37.95 -49.51 -82.22
C PHE F 591 -38.18 -50.51 -83.35
N GLY F 592 -37.50 -51.65 -83.25
CA GLY F 592 -37.59 -52.65 -84.28
C GLY F 592 -37.61 -54.05 -83.68
N LEU F 593 -38.38 -54.93 -84.29
CA LEU F 593 -38.48 -56.32 -83.89
C LEU F 593 -38.40 -57.20 -85.12
N THR F 594 -37.89 -58.42 -84.93
CA THR F 594 -37.71 -59.35 -86.05
C THR F 594 -38.22 -60.72 -85.66
N LEU F 595 -38.83 -61.42 -86.62
CA LEU F 595 -39.24 -62.80 -86.46
C LEU F 595 -38.61 -63.60 -87.60
N LEU F 596 -37.68 -64.48 -87.25
CA LEU F 596 -36.93 -65.25 -88.23
C LEU F 596 -37.36 -66.72 -88.18
N ALA F 597 -37.50 -67.33 -89.35
CA ALA F 597 -37.96 -68.70 -89.44
C ALA F 597 -37.25 -69.44 -90.57
N PRO F 598 -36.37 -70.40 -90.25
CA PRO F 598 -35.79 -71.23 -91.31
C PRO F 598 -36.70 -72.34 -91.80
N SER F 599 -37.78 -72.64 -91.07
CA SER F 599 -38.74 -73.66 -91.46
C SER F 599 -39.96 -73.00 -92.09
N VAL F 600 -40.61 -73.71 -93.01
CA VAL F 600 -41.73 -73.13 -93.74
C VAL F 600 -42.88 -72.78 -92.81
N PRO F 601 -43.43 -73.69 -92.00
CA PRO F 601 -44.41 -73.28 -90.99
C PRO F 601 -43.74 -72.94 -89.67
N ALA F 602 -44.05 -71.75 -89.17
CA ALA F 602 -43.42 -71.36 -87.90
C ALA F 602 -44.30 -70.38 -87.16
N THR F 603 -44.12 -70.34 -85.85
CA THR F 603 -44.70 -69.32 -84.98
C THR F 603 -43.56 -68.67 -84.20
N GLU F 604 -43.47 -67.35 -84.32
CA GLU F 604 -42.35 -66.62 -83.75
C GLU F 604 -42.86 -65.50 -82.87
N THR F 605 -42.01 -65.06 -81.94
CA THR F 605 -42.36 -64.01 -81.00
C THR F 605 -41.12 -63.18 -80.70
N GLY F 606 -41.35 -61.94 -80.27
CA GLY F 606 -40.29 -61.03 -79.90
C GLY F 606 -40.83 -59.96 -78.98
N THR F 607 -39.91 -59.25 -78.34
CA THR F 607 -40.30 -58.23 -77.36
C THR F 607 -39.30 -57.09 -77.38
N SER F 608 -39.72 -55.95 -76.82
CA SER F 608 -38.91 -54.74 -76.76
C SER F 608 -39.52 -53.82 -75.70
N PRO F 609 -38.73 -52.91 -75.15
CA PRO F 609 -39.31 -51.88 -74.28
C PRO F 609 -40.10 -50.86 -75.09
N LEU F 610 -41.03 -50.20 -74.42
CA LEU F 610 -41.84 -49.16 -75.03
C LEU F 610 -41.87 -47.95 -74.12
N GLN F 611 -41.77 -46.77 -74.73
CA GLN F 611 -41.67 -45.52 -73.99
C GLN F 611 -42.95 -44.71 -74.17
N LEU F 612 -43.48 -44.20 -73.06
CA LEU F 612 -44.68 -43.41 -73.00
C LEU F 612 -44.31 -41.99 -72.58
N GLU F 613 -44.88 -41.00 -73.24
CA GLU F 613 -44.51 -39.63 -72.92
C GLU F 613 -45.69 -38.69 -73.15
N PHE F 614 -45.82 -37.71 -72.26
CA PHE F 614 -46.90 -36.74 -72.36
C PHE F 614 -46.38 -35.38 -71.93
N PHE F 615 -46.16 -34.48 -72.89
CA PHE F 615 -45.86 -33.09 -72.58
C PHE F 615 -47.18 -32.35 -72.35
N THR F 616 -47.60 -32.27 -71.09
CA THR F 616 -48.88 -31.67 -70.77
C THR F 616 -48.81 -30.14 -70.91
N VAL F 617 -49.95 -29.56 -71.28
CA VAL F 617 -50.08 -28.10 -71.36
C VAL F 617 -49.81 -27.52 -69.97
N PRO F 618 -49.01 -26.46 -69.85
CA PRO F 618 -48.65 -25.95 -68.52
C PRO F 618 -49.85 -25.64 -67.63
N SER F 619 -50.89 -25.03 -68.22
CA SER F 619 -52.05 -24.64 -67.44
C SER F 619 -52.69 -25.85 -66.75
N THR F 620 -52.70 -26.99 -67.43
CA THR F 620 -53.22 -28.23 -66.85
C THR F 620 -52.13 -29.13 -66.30
N SER F 621 -50.84 -28.76 -66.45
CA SER F 621 -49.76 -29.67 -66.11
C SER F 621 -49.86 -30.14 -64.66
N TYR F 622 -49.98 -29.21 -63.72
CA TYR F 622 -50.15 -29.59 -62.32
C TYR F 622 -51.39 -30.47 -62.16
N ILE F 623 -52.51 -30.08 -62.78
CA ILE F 623 -53.72 -30.87 -62.70
C ILE F 623 -53.48 -32.26 -63.26
N ALA F 624 -52.76 -32.34 -64.40
CA ALA F 624 -52.40 -33.64 -64.95
C ALA F 624 -51.58 -34.44 -63.95
N LEU F 625 -50.67 -33.77 -63.24
CA LEU F 625 -49.89 -34.45 -62.21
C LEU F 625 -50.80 -35.05 -61.14
N VAL F 626 -51.91 -34.36 -60.83
CA VAL F 626 -52.89 -34.94 -59.92
C VAL F 626 -53.68 -36.04 -60.61
N ASP F 627 -54.01 -35.85 -61.89
CA ASP F 627 -54.82 -36.83 -62.60
C ASP F 627 -54.12 -38.17 -62.72
N PHE F 628 -52.84 -38.16 -63.08
CA PHE F 628 -52.09 -39.41 -63.19
C PHE F 628 -51.74 -40.00 -61.83
N GLY F 629 -51.97 -39.26 -60.75
CA GLY F 629 -51.63 -39.74 -59.43
C GLY F 629 -50.16 -39.60 -59.09
N LEU F 630 -49.46 -38.64 -59.69
CA LEU F 630 -48.03 -38.45 -59.49
C LEU F 630 -47.72 -37.41 -58.41
N TRP F 631 -48.68 -37.13 -57.52
CA TRP F 631 -48.47 -36.17 -56.44
C TRP F 631 -49.36 -36.54 -55.27
N GLY F 632 -48.98 -36.09 -54.08
CA GLY F 632 -49.74 -36.34 -52.88
C GLY F 632 -48.86 -36.63 -51.69
N ASN F 633 -49.28 -37.60 -50.89
CA ASN F 633 -48.50 -38.04 -49.73
C ASN F 633 -47.48 -39.11 -50.11
N LEU F 634 -47.41 -39.46 -51.39
CA LEU F 634 -46.66 -40.62 -51.83
C LEU F 634 -45.40 -40.21 -52.59
N THR F 635 -45.46 -39.06 -53.27
CA THR F 635 -44.45 -38.71 -54.26
C THR F 635 -43.10 -38.38 -53.61
N SER F 636 -42.04 -38.58 -54.39
CA SER F 636 -40.69 -38.23 -54.02
C SER F 636 -40.07 -37.47 -55.20
N VAL F 637 -39.35 -36.40 -54.88
CA VAL F 637 -38.89 -35.44 -55.88
C VAL F 637 -37.38 -35.35 -55.86
N THR F 638 -36.77 -35.55 -57.02
CA THR F 638 -35.36 -35.29 -57.29
C THR F 638 -35.21 -33.92 -57.93
N VAL F 639 -34.19 -33.18 -57.51
CA VAL F 639 -33.97 -31.81 -57.96
C VAL F 639 -32.59 -31.71 -58.59
N SER F 640 -32.52 -31.06 -59.75
CA SER F 640 -31.26 -30.76 -60.39
C SER F 640 -31.21 -29.29 -60.80
N ALA F 641 -30.04 -28.69 -60.66
CA ALA F 641 -29.87 -27.26 -60.94
C ALA F 641 -29.03 -27.09 -62.19
N TYR F 642 -29.15 -25.91 -62.79
CA TYR F 642 -28.50 -25.58 -64.06
C TYR F 642 -28.09 -24.14 -64.05
N ASP F 643 -26.79 -23.88 -64.22
CA ASP F 643 -26.29 -22.52 -64.36
C ASP F 643 -26.62 -22.01 -65.75
N THR F 644 -27.73 -21.28 -65.85
CA THR F 644 -28.27 -20.87 -67.15
C THR F 644 -27.37 -19.87 -67.87
N VAL F 645 -26.55 -19.12 -67.12
CA VAL F 645 -25.70 -18.11 -67.75
C VAL F 645 -24.43 -18.74 -68.30
N ASN F 646 -23.66 -19.44 -67.47
CA ASN F 646 -22.36 -19.94 -67.85
C ASN F 646 -22.32 -21.45 -68.04
N ASN F 647 -23.48 -22.10 -68.23
CA ASN F 647 -23.56 -23.48 -68.69
C ASN F 647 -22.87 -24.48 -67.76
N LYS F 648 -23.36 -24.57 -66.53
CA LYS F 648 -23.04 -25.70 -65.66
C LYS F 648 -24.32 -26.39 -65.21
N LEU F 649 -24.26 -27.72 -65.20
CA LEU F 649 -25.31 -28.58 -64.66
C LEU F 649 -24.85 -29.12 -63.31
N SER F 650 -25.72 -29.01 -62.31
CA SER F 650 -25.42 -29.55 -60.99
C SER F 650 -25.44 -31.07 -61.05
N VAL F 651 -24.26 -31.68 -60.96
CA VAL F 651 -24.16 -33.13 -60.89
C VAL F 651 -24.84 -33.65 -59.62
N ASN F 652 -24.88 -32.83 -58.58
CA ASN F 652 -25.65 -33.16 -57.39
C ASN F 652 -27.13 -33.06 -57.70
N LEU F 653 -27.89 -34.02 -57.18
CA LEU F 653 -29.34 -34.03 -57.30
C LEU F 653 -29.93 -34.07 -55.89
N GLY F 654 -30.46 -32.93 -55.45
CA GLY F 654 -31.12 -32.87 -54.16
C GLY F 654 -32.40 -33.68 -54.15
N TYR F 655 -32.98 -33.81 -52.96
CA TYR F 655 -34.16 -34.65 -52.83
C TYR F 655 -35.10 -34.05 -51.79
N PHE F 656 -36.39 -34.25 -52.02
CA PHE F 656 -37.38 -34.03 -50.96
C PHE F 656 -38.59 -34.89 -51.28
N TYR F 657 -39.66 -34.69 -50.51
CA TYR F 657 -40.84 -35.53 -50.62
C TYR F 657 -42.09 -34.67 -50.53
N GLY F 658 -43.07 -35.03 -51.35
CA GLY F 658 -44.36 -34.40 -51.25
C GLY F 658 -45.25 -35.13 -50.26
N ILE F 659 -45.86 -34.35 -49.36
CA ILE F 659 -46.79 -34.88 -48.37
C ILE F 659 -47.79 -33.78 -48.05
N VAL F 660 -48.92 -34.17 -47.47
CA VAL F 660 -49.98 -33.23 -47.11
C VAL F 660 -50.29 -33.40 -45.63
N ILE F 661 -50.13 -32.32 -44.88
CA ILE F 661 -50.50 -32.28 -43.46
C ILE F 661 -51.78 -31.48 -43.35
N PRO F 662 -52.83 -32.01 -42.73
CA PRO F 662 -54.10 -31.29 -42.69
C PRO F 662 -54.01 -30.07 -41.80
N PRO F 663 -54.54 -28.93 -42.25
CA PRO F 663 -54.55 -27.73 -41.39
C PRO F 663 -55.29 -27.96 -40.09
N SER F 664 -54.81 -27.32 -39.02
CA SER F 664 -55.44 -27.39 -37.71
C SER F 664 -55.71 -25.98 -37.22
N ILE F 665 -56.34 -25.90 -36.05
CA ILE F 665 -56.69 -24.61 -35.46
C ILE F 665 -56.27 -24.61 -33.99
N SER F 666 -55.94 -23.43 -33.48
CA SER F 666 -55.58 -23.29 -32.07
C SER F 666 -56.11 -21.96 -31.57
N THR F 667 -56.87 -22.05 -30.48
CA THR F 667 -57.56 -20.93 -29.88
C THR F 667 -57.35 -20.96 -28.37
N ALA F 668 -57.52 -19.81 -27.73
CA ALA F 668 -57.38 -19.67 -26.30
C ALA F 668 -58.43 -18.70 -25.80
N PRO F 669 -58.76 -18.72 -24.51
CA PRO F 669 -59.70 -17.72 -23.97
C PRO F 669 -59.18 -16.30 -24.17
N TYR F 670 -60.10 -15.38 -24.43
CA TYR F 670 -59.76 -14.01 -24.81
C TYR F 670 -60.19 -13.05 -23.72
N ASN F 671 -59.29 -12.14 -23.36
CA ASN F 671 -59.60 -11.11 -22.37
C ASN F 671 -60.37 -9.97 -23.00
N TYR F 672 -61.29 -9.39 -22.23
CA TYR F 672 -62.05 -8.25 -22.71
C TYR F 672 -61.15 -7.04 -22.90
N GLN F 673 -60.03 -6.97 -22.16
CA GLN F 673 -59.09 -5.87 -22.33
C GLN F 673 -58.56 -5.78 -23.75
N ASN F 674 -58.44 -6.91 -24.44
CA ASN F 674 -57.98 -6.93 -25.82
C ASN F 674 -59.03 -6.41 -26.80
N PHE F 675 -60.13 -5.85 -26.29
CA PHE F 675 -61.19 -5.31 -27.13
C PHE F 675 -61.50 -3.85 -26.85
N ILE F 676 -60.97 -3.29 -25.76
CA ILE F 676 -61.38 -1.97 -25.29
C ILE F 676 -60.54 -0.87 -25.90
N CYS F 677 -59.23 -0.89 -25.64
CA CYS F 677 -58.37 0.19 -26.07
C CYS F 677 -57.72 -0.17 -27.42
N PRO F 678 -57.46 0.82 -28.28
CA PRO F 678 -56.94 0.52 -29.61
C PRO F 678 -55.43 0.29 -29.62
N ASN F 679 -54.95 -0.43 -28.61
CA ASN F 679 -53.59 -0.93 -28.58
C ASN F 679 -53.57 -2.37 -28.11
N ASN F 680 -54.71 -2.86 -27.62
CA ASN F 680 -54.88 -4.23 -27.19
C ASN F 680 -55.76 -4.94 -28.20
N TYR F 681 -55.24 -6.02 -28.79
CA TYR F 681 -55.94 -6.75 -29.84
C TYR F 681 -55.87 -8.23 -29.52
N VAL F 682 -56.56 -9.01 -30.34
CA VAL F 682 -56.67 -10.46 -30.14
C VAL F 682 -55.83 -11.16 -31.20
N THR F 683 -55.00 -12.10 -30.76
CA THR F 683 -54.17 -12.89 -31.65
C THR F 683 -54.74 -14.30 -31.78
N VAL F 684 -55.00 -14.71 -33.02
CA VAL F 684 -55.56 -16.02 -33.32
C VAL F 684 -54.51 -16.84 -34.05
N THR F 685 -54.30 -18.08 -33.61
CA THR F 685 -53.25 -18.92 -34.18
C THR F 685 -53.88 -20.01 -35.05
N ILE F 686 -53.59 -19.95 -36.35
CA ILE F 686 -54.14 -20.87 -37.33
C ILE F 686 -53.02 -21.71 -37.89
N TYR F 687 -53.19 -23.03 -37.88
CA TYR F 687 -52.18 -23.95 -38.39
C TYR F 687 -52.52 -24.35 -39.82
N ASP F 688 -51.71 -23.90 -40.78
CA ASP F 688 -51.85 -24.30 -42.17
C ASP F 688 -50.53 -24.08 -42.89
N PRO F 689 -49.63 -25.08 -42.89
CA PRO F 689 -48.34 -24.88 -43.57
C PRO F 689 -48.49 -24.69 -45.07
N ASP F 690 -49.59 -25.12 -45.65
CA ASP F 690 -49.67 -25.32 -47.10
C ASP F 690 -49.93 -24.03 -47.87
N ALA F 691 -50.37 -22.97 -47.18
CA ALA F 691 -50.72 -21.72 -47.87
C ALA F 691 -49.53 -20.82 -48.13
N VAL F 692 -48.33 -21.22 -47.72
CA VAL F 692 -47.15 -20.38 -47.91
C VAL F 692 -46.64 -20.53 -49.34
N LEU F 693 -46.59 -19.42 -50.07
CA LEU F 693 -46.01 -19.40 -51.41
C LEU F 693 -44.94 -18.32 -51.53
N ASP F 694 -44.53 -17.73 -50.42
CA ASP F 694 -43.50 -16.70 -50.40
C ASP F 694 -42.91 -16.63 -48.99
N PRO F 695 -41.95 -17.52 -48.66
CA PRO F 695 -41.42 -17.55 -47.29
C PRO F 695 -40.38 -16.48 -47.02
N TYR F 696 -40.73 -15.21 -47.21
CA TYR F 696 -39.85 -14.10 -46.88
C TYR F 696 -40.68 -12.85 -46.61
N PRO F 697 -40.73 -12.38 -45.36
CA PRO F 697 -41.52 -11.17 -45.07
C PRO F 697 -41.00 -9.97 -45.83
N SER F 698 -41.93 -9.06 -46.17
CA SER F 698 -41.64 -7.87 -46.95
C SER F 698 -40.97 -8.21 -48.29
N GLY F 699 -41.45 -9.29 -48.91
CA GLY F 699 -40.92 -9.73 -50.19
C GLY F 699 -42.02 -10.03 -51.18
N SER F 700 -41.64 -10.04 -52.46
CA SER F 700 -42.57 -10.33 -53.54
C SER F 700 -41.79 -10.71 -54.80
N PHE F 701 -42.47 -11.34 -55.77
CA PHE F 701 -41.82 -11.70 -57.01
C PHE F 701 -42.88 -11.89 -58.10
N THR F 702 -42.43 -11.91 -59.34
CA THR F 702 -43.29 -12.11 -60.50
C THR F 702 -42.77 -13.29 -61.30
N THR F 703 -43.54 -13.71 -62.31
CA THR F 703 -43.15 -14.85 -63.13
C THR F 703 -43.54 -14.59 -64.57
N SER F 704 -42.86 -15.27 -65.50
CA SER F 704 -43.15 -15.15 -66.92
C SER F 704 -42.74 -16.42 -67.64
N SER F 705 -43.54 -16.80 -68.65
CA SER F 705 -43.30 -18.00 -69.43
C SER F 705 -42.28 -17.73 -70.52
N LEU F 706 -41.30 -18.63 -70.63
CA LEU F 706 -40.19 -18.47 -71.57
C LEU F 706 -39.70 -19.85 -71.98
N PRO F 707 -39.03 -19.95 -73.13
CA PRO F 707 -38.33 -21.20 -73.46
C PRO F 707 -37.00 -21.27 -72.71
N LEU F 708 -36.97 -22.08 -71.66
CA LEU F 708 -35.84 -22.18 -70.75
C LEU F 708 -34.82 -23.17 -71.31
N LYS F 709 -33.55 -22.78 -71.28
CA LYS F 709 -32.47 -23.66 -71.69
C LYS F 709 -32.05 -24.56 -70.52
N TYR F 710 -31.99 -25.87 -70.78
CA TYR F 710 -31.56 -26.83 -69.78
C TYR F 710 -30.92 -28.01 -70.48
N GLY F 711 -29.83 -28.53 -69.92
CA GLY F 711 -29.13 -29.62 -70.54
C GLY F 711 -28.63 -29.24 -71.92
N ASN F 712 -29.32 -29.76 -72.95
CA ASN F 712 -29.00 -29.40 -74.32
C ASN F 712 -30.25 -29.06 -75.11
N MET F 713 -31.30 -28.57 -74.47
CA MET F 713 -32.55 -28.30 -75.16
C MET F 713 -33.33 -27.23 -74.41
N ASN F 714 -34.28 -26.62 -75.12
CA ASN F 714 -35.13 -25.57 -74.56
C ASN F 714 -36.53 -26.12 -74.39
N ILE F 715 -37.09 -25.96 -73.19
CA ILE F 715 -38.43 -26.42 -72.86
C ILE F 715 -39.21 -25.26 -72.26
N THR F 716 -40.50 -25.18 -72.56
CA THR F 716 -41.34 -24.12 -72.00
C THR F 716 -41.31 -24.20 -70.48
N GLY F 717 -41.10 -23.06 -69.83
CA GLY F 717 -41.01 -23.01 -68.38
C GLY F 717 -41.34 -21.62 -67.88
N ALA F 718 -41.27 -21.47 -66.56
CA ALA F 718 -41.59 -20.21 -65.90
C ALA F 718 -40.32 -19.67 -65.23
N VAL F 719 -39.89 -18.49 -65.66
CA VAL F 719 -38.79 -17.78 -65.02
C VAL F 719 -39.40 -16.83 -64.00
N ILE F 720 -38.89 -16.90 -62.77
CA ILE F 720 -39.37 -16.06 -61.68
C ILE F 720 -38.38 -14.92 -61.47
N PHE F 721 -38.88 -13.69 -61.53
CA PHE F 721 -38.08 -12.48 -61.35
C PHE F 721 -38.39 -11.86 -60.00
N PRO F 722 -37.39 -11.69 -59.14
CA PRO F 722 -37.63 -10.99 -57.86
C PRO F 722 -37.99 -9.54 -58.10
N GLY F 723 -38.81 -8.99 -57.20
CA GLY F 723 -39.26 -7.61 -57.33
C GLY F 723 -40.77 -7.53 -57.31
N SER F 724 -41.31 -6.47 -57.90
CA SER F 724 -42.75 -6.26 -57.92
C SER F 724 -43.21 -5.73 -59.27
N SER F 725 -42.50 -6.08 -60.34
CA SER F 725 -42.84 -5.61 -61.68
C SER F 725 -42.98 -6.82 -62.61
N VAL F 726 -44.09 -6.86 -63.35
CA VAL F 726 -44.33 -7.90 -64.34
C VAL F 726 -43.86 -7.38 -65.69
N TYR F 727 -42.91 -8.11 -66.30
CA TYR F 727 -42.28 -7.73 -67.55
C TYR F 727 -42.82 -8.59 -68.68
N ASN F 728 -42.30 -8.33 -69.89
CA ASN F 728 -42.58 -9.14 -71.07
C ASN F 728 -41.24 -9.46 -71.75
N PRO F 729 -40.52 -10.47 -71.27
CA PRO F 729 -39.21 -10.80 -71.85
C PRO F 729 -39.36 -11.42 -73.23
N SER F 730 -38.23 -11.52 -73.94
CA SER F 730 -38.21 -12.05 -75.29
C SER F 730 -36.90 -12.81 -75.49
N GLY F 731 -36.75 -13.40 -76.68
CA GLY F 731 -35.55 -14.14 -77.00
C GLY F 731 -35.53 -15.52 -76.37
N VAL F 732 -34.41 -16.22 -76.55
CA VAL F 732 -34.23 -17.56 -76.01
C VAL F 732 -33.51 -17.46 -74.67
N PHE F 733 -34.14 -17.98 -73.63
CA PHE F 733 -33.57 -17.91 -72.29
C PHE F 733 -32.24 -18.66 -72.22
N GLY F 734 -31.25 -18.04 -71.59
CA GLY F 734 -29.93 -18.64 -71.46
C GLY F 734 -28.95 -18.29 -72.56
N TYR F 735 -29.29 -17.33 -73.41
CA TYR F 735 -28.42 -16.92 -74.50
C TYR F 735 -28.38 -15.40 -74.56
N SER F 736 -27.72 -14.86 -75.59
CA SER F 736 -27.72 -13.44 -75.84
C SER F 736 -29.03 -12.96 -76.47
N ASN F 737 -29.85 -13.88 -76.97
CA ASN F 737 -31.15 -13.52 -77.50
C ASN F 737 -32.12 -13.08 -76.41
N PHE F 738 -31.99 -13.66 -75.21
CA PHE F 738 -32.88 -13.29 -74.11
C PHE F 738 -32.65 -11.85 -73.69
N ASN F 739 -33.73 -11.10 -73.54
CA ASN F 739 -33.67 -9.73 -73.08
C ASN F 739 -35.05 -9.35 -72.58
N LYS F 740 -35.16 -9.07 -71.28
CA LYS F 740 -36.43 -8.66 -70.70
C LYS F 740 -36.69 -7.20 -70.99
N GLY F 741 -37.91 -6.89 -71.42
CA GLY F 741 -38.27 -5.54 -71.79
C GLY F 741 -38.73 -4.70 -70.61
N ALA F 742 -39.41 -3.60 -70.91
CA ALA F 742 -39.91 -2.72 -69.87
C ALA F 742 -41.01 -3.42 -69.07
N ALA F 743 -41.19 -2.96 -67.84
CA ALA F 743 -42.21 -3.53 -66.95
C ALA F 743 -43.59 -3.29 -67.56
N VAL F 744 -44.27 -4.37 -67.94
CA VAL F 744 -45.62 -4.25 -68.47
C VAL F 744 -46.55 -3.68 -67.39
N THR F 745 -46.42 -4.16 -66.16
CA THR F 745 -47.14 -3.57 -65.05
C THR F 745 -46.22 -3.53 -63.83
N THR F 746 -46.56 -2.67 -62.89
CA THR F 746 -45.79 -2.54 -61.65
C THR F 746 -46.75 -2.66 -60.48
N PHE F 747 -46.64 -3.78 -59.75
CA PHE F 747 -47.46 -4.02 -58.58
C PHE F 747 -46.84 -3.34 -57.36
N THR F 748 -47.65 -2.54 -56.67
CA THR F 748 -47.14 -1.83 -55.49
C THR F 748 -48.15 -1.94 -54.37
N TYR F 749 -47.67 -2.35 -53.19
CA TYR F 749 -48.50 -2.35 -51.99
C TYR F 749 -48.45 -0.98 -51.34
N THR F 750 -49.55 -0.24 -51.46
CA THR F 750 -49.62 1.14 -51.01
C THR F 750 -50.82 1.31 -50.09
N ALA F 751 -50.76 2.36 -49.26
CA ALA F 751 -51.91 2.71 -48.44
C ALA F 751 -53.04 3.24 -49.32
N GLN F 752 -54.26 2.84 -48.99
CA GLN F 752 -55.43 3.24 -49.77
C GLN F 752 -56.24 4.24 -48.96
N SER F 753 -56.63 5.34 -49.62
CA SER F 753 -57.41 6.40 -48.99
C SER F 753 -58.82 5.93 -48.67
N GLY F 754 -59.61 6.82 -48.06
CA GLY F 754 -60.96 6.48 -47.67
C GLY F 754 -61.02 5.94 -46.26
N PRO F 755 -61.91 4.98 -46.03
CA PRO F 755 -62.01 4.37 -44.70
C PRO F 755 -60.72 3.72 -44.28
N PHE F 756 -60.35 3.92 -43.01
CA PHE F 756 -59.17 3.31 -42.40
C PHE F 756 -57.91 3.63 -43.20
N SER F 757 -56.90 2.75 -43.13
CA SER F 757 -55.66 2.93 -43.88
C SER F 757 -55.03 1.57 -44.17
N PRO F 758 -55.65 0.78 -45.04
CA PRO F 758 -55.07 -0.54 -45.36
C PRO F 758 -53.94 -0.41 -46.37
N VAL F 759 -53.08 -1.42 -46.38
CA VAL F 759 -52.02 -1.56 -47.36
C VAL F 759 -52.47 -2.60 -48.38
N ALA F 760 -52.76 -2.14 -49.60
CA ALA F 760 -53.35 -3.00 -50.61
C ALA F 760 -52.57 -2.90 -51.90
N LEU F 761 -52.79 -3.89 -52.77
CA LEU F 761 -52.08 -3.97 -54.04
C LEU F 761 -52.63 -2.95 -55.04
N THR F 762 -51.74 -2.42 -55.87
CA THR F 762 -52.08 -1.54 -56.97
C THR F 762 -51.34 -2.00 -58.22
N GLY F 763 -52.07 -2.04 -59.33
CA GLY F 763 -51.55 -2.53 -60.59
C GLY F 763 -52.65 -3.19 -61.40
N ASN F 764 -52.23 -3.85 -62.48
CA ASN F 764 -53.16 -4.53 -63.36
C ASN F 764 -53.42 -5.94 -62.84
N THR F 765 -54.65 -6.16 -62.35
CA THR F 765 -55.02 -7.46 -61.79
C THR F 765 -54.99 -8.57 -62.83
N ASN F 766 -55.00 -8.24 -64.12
CA ASN F 766 -54.90 -9.27 -65.15
C ASN F 766 -53.60 -10.05 -65.02
N TYR F 767 -52.59 -9.48 -64.37
CA TYR F 767 -51.31 -10.13 -64.15
C TYR F 767 -51.15 -10.65 -62.73
N LEU F 768 -52.25 -10.82 -61.99
CA LEU F 768 -52.16 -11.48 -60.69
C LEU F 768 -51.66 -12.91 -60.84
N SER F 769 -51.98 -13.57 -61.96
CA SER F 769 -51.45 -14.88 -62.28
C SER F 769 -49.94 -14.87 -62.49
N GLN F 770 -49.37 -13.69 -62.73
CA GLN F 770 -47.93 -13.55 -62.86
C GLN F 770 -47.31 -12.84 -61.66
N TYR F 771 -48.01 -12.80 -60.53
CA TYR F 771 -47.56 -12.07 -59.35
C TYR F 771 -47.76 -12.93 -58.11
N ALA F 772 -46.77 -12.90 -57.22
CA ALA F 772 -46.83 -13.64 -55.96
C ALA F 772 -46.26 -12.81 -54.83
N ASP F 773 -46.88 -12.90 -53.67
CA ASP F 773 -46.53 -12.10 -52.50
C ASP F 773 -46.60 -12.98 -51.25
N ASN F 774 -46.25 -12.38 -50.11
CA ASN F 774 -46.40 -13.04 -48.83
C ASN F 774 -47.85 -13.38 -48.53
N ASN F 775 -48.79 -12.63 -49.10
CA ASN F 775 -50.21 -12.84 -48.85
C ASN F 775 -50.69 -14.10 -49.56
N PRO F 776 -51.30 -15.05 -48.85
CA PRO F 776 -51.85 -16.24 -49.52
C PRO F 776 -53.20 -16.02 -50.17
N THR F 777 -53.77 -14.82 -50.10
CA THR F 777 -55.06 -14.52 -50.70
C THR F 777 -54.93 -13.99 -52.13
N ASP F 778 -53.72 -14.03 -52.69
CA ASP F 778 -53.51 -13.74 -54.11
C ASP F 778 -52.53 -14.70 -54.75
N ASN F 779 -51.98 -15.64 -53.99
CA ASN F 779 -51.00 -16.58 -54.52
C ASN F 779 -51.64 -17.73 -55.27
N TYR F 780 -52.95 -17.95 -55.13
CA TYR F 780 -53.62 -18.97 -55.92
C TYR F 780 -53.73 -18.60 -57.39
N TYR F 781 -53.52 -17.33 -57.75
CA TYR F 781 -53.37 -16.96 -59.14
C TYR F 781 -52.12 -17.51 -59.79
N PHE F 782 -51.09 -17.81 -58.99
CA PHE F 782 -49.75 -18.02 -59.52
C PHE F 782 -49.68 -19.19 -60.49
N ILE F 783 -50.29 -20.32 -60.14
CA ILE F 783 -50.21 -21.53 -60.97
C ILE F 783 -51.55 -21.90 -61.57
N GLN F 784 -52.60 -22.01 -60.76
CA GLN F 784 -53.91 -22.47 -61.22
C GLN F 784 -54.75 -21.27 -61.63
N THR F 785 -54.50 -20.79 -62.86
CA THR F 785 -55.25 -19.68 -63.44
C THR F 785 -55.42 -19.93 -64.93
N VAL F 786 -56.66 -20.01 -65.37
CA VAL F 786 -57.00 -20.17 -66.78
C VAL F 786 -58.04 -19.13 -67.15
N ASN F 787 -57.94 -18.61 -68.37
CA ASN F 787 -58.84 -17.59 -68.90
C ASN F 787 -58.86 -16.33 -68.05
N GLY F 788 -57.77 -16.03 -67.35
CA GLY F 788 -57.70 -14.82 -66.56
C GLY F 788 -58.34 -14.92 -65.19
N MET F 789 -58.82 -16.09 -64.80
CA MET F 789 -59.44 -16.28 -63.49
C MET F 789 -58.71 -17.39 -62.75
N PRO F 790 -58.57 -17.28 -61.43
CA PRO F 790 -57.81 -18.28 -60.68
C PRO F 790 -58.64 -19.54 -60.45
N VAL F 791 -58.08 -20.69 -60.82
CA VAL F 791 -58.75 -21.96 -60.54
C VAL F 791 -58.76 -22.23 -59.05
N LEU F 792 -57.64 -21.96 -58.37
CA LEU F 792 -57.50 -22.21 -56.95
C LEU F 792 -57.96 -20.98 -56.16
N MET F 793 -58.47 -21.23 -54.96
CA MET F 793 -58.87 -20.17 -54.04
C MET F 793 -58.44 -20.55 -52.63
N GLY F 794 -57.24 -20.12 -52.24
CA GLY F 794 -56.70 -20.45 -50.94
C GLY F 794 -56.36 -19.22 -50.13
N GLY F 795 -55.78 -19.46 -48.96
CA GLY F 795 -55.38 -18.40 -48.07
C GLY F 795 -56.38 -18.16 -46.94
N LEU F 796 -56.27 -16.96 -46.38
CA LEU F 796 -57.14 -16.56 -45.30
C LEU F 796 -58.48 -16.07 -45.84
N SER F 797 -59.54 -16.25 -45.04
CA SER F 797 -60.84 -15.69 -45.35
C SER F 797 -61.51 -15.34 -44.04
N ILE F 798 -62.32 -14.28 -44.07
CA ILE F 798 -62.89 -13.71 -42.85
C ILE F 798 -64.37 -13.43 -43.09
N VAL F 799 -65.19 -13.80 -42.11
CA VAL F 799 -66.60 -13.43 -42.11
C VAL F 799 -66.89 -12.81 -40.74
N ALA F 800 -67.93 -11.99 -40.68
CA ALA F 800 -68.20 -11.25 -39.45
C ALA F 800 -69.69 -11.08 -39.30
N SER F 801 -70.16 -11.25 -38.06
CA SER F 801 -71.58 -11.23 -37.71
C SER F 801 -71.73 -10.45 -36.41
N PRO F 802 -72.93 -9.96 -36.08
CA PRO F 802 -74.23 -10.07 -36.80
C PRO F 802 -74.27 -9.28 -38.10
N VAL F 803 -73.58 -8.14 -38.16
CA VAL F 803 -73.51 -7.38 -39.40
C VAL F 803 -72.69 -8.18 -40.40
N SER F 804 -73.37 -8.78 -41.38
CA SER F 804 -72.73 -9.69 -42.31
C SER F 804 -71.67 -8.97 -43.12
N ALA F 805 -70.41 -9.30 -42.85
CA ALA F 805 -69.31 -8.74 -43.62
C ALA F 805 -68.37 -9.87 -43.99
N SER F 806 -67.66 -9.71 -45.10
CA SER F 806 -66.83 -10.80 -45.59
C SER F 806 -65.62 -10.29 -46.38
N LEU F 807 -64.54 -11.04 -46.33
CA LEU F 807 -63.35 -10.80 -47.13
C LEU F 807 -62.73 -12.15 -47.50
N PRO F 808 -62.27 -12.31 -48.75
CA PRO F 808 -62.26 -11.35 -49.86
C PRO F 808 -63.66 -10.95 -50.34
N SER F 809 -63.88 -9.65 -50.50
CA SER F 809 -65.14 -9.13 -50.98
C SER F 809 -65.08 -8.89 -52.47
N SER F 810 -66.24 -8.84 -53.11
CA SER F 810 -66.33 -8.59 -54.54
C SER F 810 -65.92 -7.17 -54.89
N THR F 811 -65.87 -6.27 -53.90
CA THR F 811 -65.46 -4.88 -54.12
C THR F 811 -63.97 -4.67 -53.91
N SER F 812 -63.24 -5.70 -53.48
CA SER F 812 -61.81 -5.58 -53.23
C SER F 812 -61.05 -6.60 -54.07
N SER F 813 -60.04 -6.12 -54.79
CA SER F 813 -59.22 -7.00 -55.60
C SER F 813 -58.32 -7.85 -54.71
N PRO F 814 -57.89 -9.02 -55.19
CA PRO F 814 -56.98 -9.86 -54.39
C PRO F 814 -55.71 -9.13 -54.00
N GLY F 815 -55.28 -9.31 -52.75
CA GLY F 815 -54.11 -8.62 -52.25
C GLY F 815 -54.46 -7.35 -51.49
N PHE F 816 -55.63 -7.32 -50.85
CA PHE F 816 -56.11 -6.12 -50.20
C PHE F 816 -55.55 -5.95 -48.79
N MET F 817 -54.73 -6.89 -48.31
CA MET F 817 -53.89 -6.63 -47.15
C MET F 817 -52.44 -6.93 -47.54
N TYR F 818 -51.53 -6.62 -46.62
CA TYR F 818 -50.12 -6.96 -46.80
C TYR F 818 -49.71 -7.95 -45.71
N LEU F 819 -50.55 -8.98 -45.50
CA LEU F 819 -50.30 -9.96 -44.45
C LEU F 819 -48.95 -10.63 -44.64
N LEU F 820 -48.16 -10.65 -43.56
CA LEU F 820 -46.85 -11.26 -43.56
C LEU F 820 -46.84 -12.51 -42.70
N PRO F 821 -46.29 -13.61 -43.21
CA PRO F 821 -46.23 -14.83 -42.40
C PRO F 821 -45.31 -14.68 -41.22
N SER F 822 -45.58 -15.47 -40.18
CA SER F 822 -44.78 -15.43 -38.97
C SER F 822 -43.34 -15.84 -39.29
N ALA F 823 -42.39 -15.13 -38.69
CA ALA F 823 -40.97 -15.39 -38.95
C ALA F 823 -40.55 -16.74 -38.37
N ALA F 824 -39.58 -17.37 -39.02
CA ALA F 824 -39.05 -18.63 -38.54
C ALA F 824 -38.32 -18.45 -37.22
N GLN F 825 -38.47 -19.42 -36.33
CA GLN F 825 -37.89 -19.33 -35.00
C GLN F 825 -36.44 -19.81 -34.98
N VAL F 826 -35.89 -19.98 -33.76
CA VAL F 826 -34.46 -20.25 -33.61
C VAL F 826 -34.05 -21.58 -34.24
N PRO F 827 -34.70 -22.72 -33.97
CA PRO F 827 -34.18 -24.00 -34.50
C PRO F 827 -34.21 -24.09 -36.02
N SER F 828 -34.96 -23.23 -36.70
CA SER F 828 -34.96 -23.21 -38.16
C SER F 828 -33.60 -22.76 -38.67
N PRO F 829 -33.06 -23.46 -39.68
CA PRO F 829 -31.75 -23.07 -40.23
C PRO F 829 -31.79 -21.71 -40.94
N LEU F 830 -32.98 -21.24 -41.28
CA LEU F 830 -33.17 -19.92 -41.90
C LEU F 830 -34.18 -19.13 -41.07
N PRO F 831 -33.74 -18.50 -39.99
CA PRO F 831 -34.67 -17.70 -39.18
C PRO F 831 -35.24 -16.53 -39.96
N GLY F 832 -36.48 -16.19 -39.63
CA GLY F 832 -37.16 -15.08 -40.27
C GLY F 832 -37.51 -15.30 -41.73
N MET F 833 -37.97 -16.50 -42.07
CA MET F 833 -38.46 -16.79 -43.42
C MET F 833 -39.96 -17.03 -43.38
N ALA F 834 -40.38 -18.05 -42.64
CA ALA F 834 -41.79 -18.42 -42.60
C ALA F 834 -42.06 -19.35 -41.42
N THR F 835 -43.35 -19.50 -41.13
CA THR F 835 -43.82 -20.36 -40.04
C THR F 835 -45.24 -20.78 -40.38
N PRO F 836 -45.54 -22.08 -40.28
CA PRO F 836 -46.90 -22.54 -40.58
C PRO F 836 -47.96 -21.94 -39.70
N ASN F 837 -47.61 -21.51 -38.49
CA ASN F 837 -48.55 -20.83 -37.62
C ASN F 837 -48.80 -19.42 -38.13
N TYR F 838 -50.07 -19.05 -38.27
CA TYR F 838 -50.48 -17.73 -38.68
C TYR F 838 -51.09 -17.02 -37.47
N ASN F 839 -50.43 -15.96 -37.03
CA ASN F 839 -50.91 -15.15 -35.92
C ASN F 839 -51.64 -13.94 -36.48
N LEU F 840 -52.96 -13.92 -36.35
CA LEU F 840 -53.80 -12.88 -36.93
C LEU F 840 -54.23 -11.92 -35.83
N ASN F 841 -54.09 -10.62 -36.10
CA ASN F 841 -54.44 -9.58 -35.15
C ASN F 841 -55.82 -9.01 -35.48
N ILE F 842 -56.70 -9.02 -34.48
CA ILE F 842 -58.11 -8.71 -34.66
C ILE F 842 -58.54 -7.67 -33.63
N TYR F 843 -59.26 -6.65 -34.08
CA TYR F 843 -59.97 -5.72 -33.23
C TYR F 843 -61.47 -5.89 -33.46
N ILE F 844 -62.21 -6.08 -32.37
CA ILE F 844 -63.67 -6.13 -32.41
C ILE F 844 -64.20 -4.96 -31.60
N THR F 845 -65.02 -4.12 -32.23
CA THR F 845 -65.44 -2.89 -31.58
C THR F 845 -66.79 -2.47 -32.12
N TYR F 846 -67.38 -1.48 -31.45
CA TYR F 846 -68.65 -0.88 -31.83
C TYR F 846 -68.55 0.62 -32.05
N LYS F 847 -67.46 1.25 -31.60
CA LYS F 847 -67.44 2.69 -31.38
C LYS F 847 -67.41 3.48 -32.68
N ILE F 848 -66.56 3.06 -33.63
CA ILE F 848 -66.40 3.80 -34.87
C ILE F 848 -67.38 3.33 -35.95
N ASP F 849 -68.27 2.41 -35.60
CA ASP F 849 -69.32 2.00 -36.52
C ASP F 849 -70.36 3.10 -36.65
N GLY F 850 -70.87 3.28 -37.87
CA GLY F 850 -71.79 4.35 -38.15
C GLY F 850 -71.13 5.68 -38.44
N ALA F 851 -69.80 5.75 -38.37
CA ALA F 851 -69.10 6.98 -38.66
C ALA F 851 -69.10 7.27 -40.16
N THR F 852 -68.81 8.52 -40.49
CA THR F 852 -68.80 8.97 -41.88
C THR F 852 -67.40 9.43 -42.24
N VAL F 853 -66.92 8.97 -43.41
CA VAL F 853 -65.65 9.40 -43.98
C VAL F 853 -65.97 9.95 -45.36
N GLY F 854 -66.19 11.25 -45.44
CA GLY F 854 -66.68 11.86 -46.66
C GLY F 854 -68.09 11.38 -46.96
N ASN F 855 -68.22 10.58 -48.01
CA ASN F 855 -69.50 9.95 -48.33
C ASN F 855 -69.54 8.49 -47.92
N ASN F 856 -68.44 7.96 -47.38
CA ASN F 856 -68.36 6.56 -47.02
C ASN F 856 -68.90 6.32 -45.62
N MET F 857 -69.49 5.14 -45.43
CA MET F 857 -70.06 4.72 -44.15
C MET F 857 -69.18 3.66 -43.54
N ILE F 858 -68.99 3.72 -42.22
CA ILE F 858 -68.12 2.79 -41.51
C ILE F 858 -69.01 1.75 -40.82
N ASN F 859 -68.97 0.52 -41.33
CA ASN F 859 -69.75 -0.57 -40.77
C ASN F 859 -69.24 -1.89 -41.33
N GLY F 860 -69.00 -2.86 -40.45
CA GLY F 860 -68.61 -4.19 -40.88
C GLY F 860 -67.12 -4.45 -40.73
N LEU F 861 -66.60 -5.20 -41.69
CA LEU F 861 -65.22 -5.69 -41.66
C LEU F 861 -64.33 -4.82 -42.54
N TYR F 862 -63.10 -4.59 -42.07
CA TYR F 862 -62.16 -3.74 -42.78
C TYR F 862 -60.73 -4.21 -42.48
N VAL F 863 -59.82 -3.85 -43.39
CA VAL F 863 -58.40 -4.17 -43.25
C VAL F 863 -57.65 -2.91 -42.86
N ALA F 864 -56.69 -3.05 -41.94
CA ALA F 864 -55.88 -1.93 -41.50
C ALA F 864 -54.44 -2.39 -41.28
N SER F 865 -53.52 -1.46 -41.48
CA SER F 865 -52.08 -1.70 -41.38
C SER F 865 -51.72 -2.81 -42.36
N GLN F 866 -50.86 -3.74 -41.98
CA GLN F 866 -50.54 -4.89 -42.83
C GLN F 866 -51.15 -6.18 -42.30
N ASN F 867 -51.29 -6.33 -40.99
CA ASN F 867 -51.82 -7.56 -40.40
C ASN F 867 -53.04 -7.32 -39.52
N THR F 868 -53.68 -6.15 -39.58
CA THR F 868 -54.77 -5.85 -38.66
C THR F 868 -56.12 -6.01 -39.36
N LEU F 869 -57.04 -6.71 -38.70
CA LEU F 869 -58.43 -6.78 -39.12
C LEU F 869 -59.28 -6.04 -38.11
N ILE F 870 -60.27 -5.29 -38.59
CA ILE F 870 -61.11 -4.47 -37.73
C ILE F 870 -62.57 -4.75 -38.05
N TYR F 871 -63.33 -5.13 -37.05
CA TYR F 871 -64.77 -5.33 -37.19
C TYR F 871 -65.50 -4.32 -36.33
N VAL F 872 -66.41 -3.59 -36.95
CA VAL F 872 -67.18 -2.55 -36.27
C VAL F 872 -68.66 -2.87 -36.43
N VAL F 873 -69.38 -2.80 -35.32
CA VAL F 873 -70.81 -3.13 -35.29
C VAL F 873 -71.58 -1.98 -34.67
N PRO F 874 -72.83 -1.79 -35.09
CA PRO F 874 -73.66 -0.76 -34.47
C PRO F 874 -73.92 -1.07 -33.00
N ASN F 875 -74.65 -0.16 -32.36
CA ASN F 875 -74.96 -0.30 -30.95
C ASN F 875 -75.75 -1.59 -30.68
N GLY F 876 -76.75 -1.88 -31.50
CA GLY F 876 -77.57 -3.06 -31.30
C GLY F 876 -76.88 -4.38 -31.55
N SER F 877 -75.82 -4.40 -32.35
CA SER F 877 -75.10 -5.63 -32.66
C SER F 877 -73.86 -5.84 -31.81
N PHE F 878 -73.63 -4.98 -30.81
CA PHE F 878 -72.42 -5.13 -29.99
C PHE F 878 -72.46 -6.41 -29.15
N VAL F 879 -73.62 -6.77 -28.62
CA VAL F 879 -73.75 -7.96 -27.79
C VAL F 879 -73.50 -9.18 -28.66
N GLY F 880 -72.38 -9.85 -28.45
CA GLY F 880 -72.04 -11.04 -29.21
C GLY F 880 -71.48 -10.78 -30.59
N SER F 881 -71.05 -9.56 -30.88
CA SER F 881 -70.41 -9.30 -32.16
C SER F 881 -69.15 -10.14 -32.30
N ASN F 882 -69.02 -10.80 -33.45
CA ASN F 882 -68.01 -11.83 -33.58
C ASN F 882 -67.48 -11.88 -35.02
N ILE F 883 -66.28 -12.46 -35.12
CA ILE F 883 -65.62 -12.71 -36.39
C ILE F 883 -65.26 -14.19 -36.46
N LYS F 884 -65.58 -14.82 -37.60
CA LYS F 884 -65.20 -16.20 -37.85
C LYS F 884 -64.13 -16.23 -38.94
N LEU F 885 -62.98 -16.81 -38.60
CA LEU F 885 -61.85 -16.93 -39.50
C LEU F 885 -61.84 -18.32 -40.11
N THR F 886 -61.84 -18.37 -41.44
CA THR F 886 -61.76 -19.62 -42.17
C THR F 886 -60.48 -19.59 -43.01
N TYR F 887 -59.52 -20.43 -42.66
CA TYR F 887 -58.29 -20.54 -43.40
C TYR F 887 -58.34 -21.77 -44.29
N THR F 888 -58.11 -21.56 -45.58
CA THR F 888 -58.07 -22.60 -46.58
C THR F 888 -56.65 -22.74 -47.10
N THR F 889 -56.26 -23.97 -47.40
CA THR F 889 -54.97 -24.20 -48.04
C THR F 889 -54.91 -23.52 -49.40
N THR F 890 -53.75 -22.95 -49.71
CA THR F 890 -53.47 -22.46 -51.05
C THR F 890 -52.77 -23.56 -51.85
N ASP F 891 -53.37 -24.75 -51.83
CA ASP F 891 -52.82 -25.93 -52.48
C ASP F 891 -53.96 -26.83 -52.96
N TYR F 892 -53.85 -27.34 -54.18
CA TYR F 892 -54.88 -28.24 -54.70
C TYR F 892 -54.83 -29.60 -54.04
N ALA F 893 -53.63 -30.13 -53.80
CA ALA F 893 -53.51 -31.46 -53.20
C ALA F 893 -54.09 -31.51 -51.80
N VAL F 894 -53.92 -30.44 -51.02
CA VAL F 894 -54.42 -30.43 -49.65
C VAL F 894 -55.95 -30.42 -49.65
N LEU F 895 -56.55 -29.67 -50.57
CA LEU F 895 -58.01 -29.71 -50.72
C LEU F 895 -58.48 -31.11 -51.10
N HIS F 896 -57.77 -31.77 -52.02
CA HIS F 896 -58.24 -33.05 -52.54
C HIS F 896 -58.09 -34.15 -51.49
N TYR F 897 -56.97 -34.18 -50.77
CA TYR F 897 -56.64 -35.34 -49.95
C TYR F 897 -57.28 -35.32 -48.57
N PHE F 898 -57.80 -34.17 -48.12
CA PHE F 898 -58.43 -34.09 -46.81
C PHE F 898 -59.87 -33.58 -46.89
N TYR F 899 -60.55 -33.79 -48.01
CA TYR F 899 -61.97 -33.43 -48.09
C TYR F 899 -62.82 -34.31 -47.18
N SER F 900 -62.49 -35.60 -47.09
CA SER F 900 -63.28 -36.52 -46.28
C SER F 900 -63.06 -36.30 -44.79
N THR F 901 -61.80 -36.06 -44.39
CA THR F 901 -61.49 -35.90 -42.97
C THR F 901 -62.03 -34.61 -42.38
N GLY F 902 -62.39 -33.63 -43.22
CA GLY F 902 -62.89 -32.37 -42.72
C GLY F 902 -61.84 -31.44 -42.17
N GLN F 903 -60.56 -31.69 -42.47
CA GLN F 903 -59.47 -30.84 -41.99
C GLN F 903 -58.67 -30.23 -43.13
N TYR F 904 -59.37 -29.72 -44.16
CA TYR F 904 -58.69 -28.99 -45.22
C TYR F 904 -58.93 -27.49 -45.09
N LYS F 905 -60.01 -27.11 -44.42
CA LYS F 905 -60.25 -25.73 -44.01
C LYS F 905 -60.45 -25.71 -42.51
N VAL F 906 -59.92 -24.67 -41.86
CA VAL F 906 -59.99 -24.56 -40.41
C VAL F 906 -60.67 -23.25 -40.04
N PHE F 907 -61.67 -23.34 -39.18
CA PHE F 907 -62.46 -22.18 -38.79
C PHE F 907 -62.41 -22.00 -37.28
N LYS F 908 -62.38 -20.74 -36.86
CA LYS F 908 -62.39 -20.39 -35.45
C LYS F 908 -63.15 -19.09 -35.30
N THR F 909 -63.49 -18.73 -34.06
CA THR F 909 -64.31 -17.55 -33.84
C THR F 909 -63.75 -16.71 -32.69
N VAL F 910 -63.93 -15.40 -32.82
CA VAL F 910 -63.62 -14.43 -31.77
C VAL F 910 -64.87 -13.59 -31.52
N SER F 911 -65.28 -13.52 -30.26
CA SER F 911 -66.55 -12.87 -29.94
C SER F 911 -66.38 -11.99 -28.72
N VAL F 912 -67.32 -11.04 -28.57
CA VAL F 912 -67.38 -10.20 -27.39
C VAL F 912 -67.81 -11.04 -26.20
N PRO F 913 -67.00 -11.14 -25.15
CA PRO F 913 -67.37 -11.98 -24.01
C PRO F 913 -68.57 -11.41 -23.25
N ASN F 914 -69.37 -12.33 -22.69
CA ASN F 914 -70.44 -11.95 -21.80
C ASN F 914 -69.86 -11.68 -20.42
N VAL F 915 -69.64 -10.40 -20.12
CA VAL F 915 -68.89 -9.99 -18.95
C VAL F 915 -69.84 -9.40 -17.92
N THR F 916 -69.45 -9.50 -16.65
CA THR F 916 -70.26 -9.00 -15.56
C THR F 916 -69.90 -7.56 -15.23
N ALA F 917 -70.91 -6.75 -14.97
CA ALA F 917 -70.74 -5.35 -14.61
C ALA F 917 -71.53 -5.08 -13.35
N ASN F 918 -71.52 -3.83 -12.89
CA ASN F 918 -72.32 -3.52 -11.70
C ASN F 918 -72.72 -2.05 -11.68
N LEU F 919 -73.75 -1.77 -10.89
CA LEU F 919 -74.26 -0.43 -10.64
C LEU F 919 -74.51 -0.30 -9.15
N TYR F 920 -73.91 0.71 -8.54
CA TYR F 920 -74.01 0.83 -7.08
C TYR F 920 -73.87 2.29 -6.67
N PHE F 921 -73.74 2.51 -5.36
CA PHE F 921 -73.75 3.81 -4.72
C PHE F 921 -72.56 3.94 -3.79
N PRO F 922 -72.17 5.16 -3.41
CA PRO F 922 -71.04 5.34 -2.48
C PRO F 922 -71.20 4.57 -1.18
N SER F 923 -72.42 4.54 -0.64
CA SER F 923 -72.69 3.83 0.61
C SER F 923 -74.18 3.51 0.67
N SER F 924 -74.52 2.49 1.48
CA SER F 924 -75.91 2.11 1.65
C SER F 924 -76.56 2.83 2.83
N THR F 925 -75.78 3.60 3.59
CA THR F 925 -76.28 4.33 4.75
C THR F 925 -75.84 5.79 4.68
N THR F 926 -75.99 6.42 3.52
CA THR F 926 -75.58 7.80 3.36
C THR F 926 -76.46 8.71 4.21
N PRO F 927 -75.87 9.51 5.09
CA PRO F 927 -76.67 10.43 5.91
C PRO F 927 -77.12 11.64 5.11
N LEU F 928 -78.04 12.42 5.68
CA LEU F 928 -78.57 13.59 5.00
C LEU F 928 -77.77 14.85 5.30
N TYR F 929 -76.44 14.78 5.16
CA TYR F 929 -75.62 15.98 5.15
C TYR F 929 -75.24 16.33 3.72
N GLN F 930 -75.15 15.32 2.86
CA GLN F 930 -75.05 15.50 1.43
C GLN F 930 -76.38 15.15 0.78
N LEU F 931 -76.79 15.97 -0.20
CA LEU F 931 -78.09 15.80 -0.83
C LEU F 931 -77.94 15.42 -2.31
N SER F 932 -76.98 14.55 -2.61
CA SER F 932 -76.78 14.08 -3.98
C SER F 932 -75.97 12.79 -3.94
N VAL F 933 -76.57 11.69 -4.38
CA VAL F 933 -75.91 10.40 -4.41
C VAL F 933 -75.46 10.10 -5.83
N PRO F 934 -74.16 10.01 -6.07
CA PRO F 934 -73.67 9.68 -7.42
C PRO F 934 -73.80 8.19 -7.72
N LEU F 935 -74.39 7.88 -8.87
CA LEU F 935 -74.55 6.50 -9.30
C LEU F 935 -73.27 6.03 -9.99
N TYR F 936 -72.70 4.93 -9.51
CA TYR F 936 -71.45 4.39 -10.05
C TYR F 936 -71.82 3.23 -10.97
N LEU F 937 -71.45 3.34 -12.25
CA LEU F 937 -71.66 2.28 -13.22
C LEU F 937 -70.30 1.76 -13.67
N SER F 938 -69.94 0.57 -13.22
CA SER F 938 -68.67 -0.04 -13.60
C SER F 938 -68.97 -1.13 -14.63
N GLU F 939 -68.61 -0.84 -15.87
CA GLU F 939 -68.75 -1.73 -17.03
C GLU F 939 -67.35 -2.10 -17.52
N PRO F 940 -66.96 -3.38 -17.49
CA PRO F 940 -65.61 -3.72 -17.96
C PRO F 940 -65.36 -3.39 -19.42
N TYR F 941 -66.11 -4.01 -20.34
CA TYR F 941 -65.93 -3.77 -21.77
C TYR F 941 -66.94 -2.76 -22.32
N TYR F 942 -66.87 -1.52 -21.83
CA TYR F 942 -67.74 -0.46 -22.32
C TYR F 942 -66.99 0.84 -22.54
N GLY F 943 -65.78 0.95 -22.00
CA GLY F 943 -65.05 2.19 -22.02
C GLY F 943 -64.08 2.30 -23.18
N SER F 944 -63.21 3.30 -23.07
CA SER F 944 -62.16 3.58 -24.05
C SER F 944 -61.15 4.49 -23.38
N PRO F 945 -59.96 4.66 -23.96
CA PRO F 945 -59.01 5.63 -23.39
C PRO F 945 -59.69 6.99 -23.24
N LEU F 946 -59.51 7.58 -22.07
CA LEU F 946 -60.28 8.78 -21.73
C LEU F 946 -59.98 9.91 -22.71
N PRO F 947 -60.96 10.76 -23.01
CA PRO F 947 -62.32 10.80 -22.47
C PRO F 947 -63.33 9.91 -23.20
N THR F 948 -64.37 9.50 -22.47
CA THR F 948 -65.54 8.83 -23.03
C THR F 948 -66.70 9.02 -22.06
N TYR F 949 -67.88 9.29 -22.61
CA TYR F 949 -69.00 9.67 -21.75
C TYR F 949 -70.29 9.02 -22.26
N ILE F 950 -71.39 9.34 -21.58
CA ILE F 950 -72.70 8.80 -21.90
C ILE F 950 -73.72 9.91 -21.72
N GLY F 951 -74.42 10.27 -22.79
CA GLY F 951 -75.58 11.14 -22.67
C GLY F 951 -76.76 10.35 -22.13
N LEU F 952 -77.55 11.02 -21.30
CA LEU F 952 -78.73 10.41 -20.69
C LEU F 952 -79.94 11.31 -20.89
N GLY F 953 -81.09 10.69 -21.11
CA GLY F 953 -82.32 11.42 -21.34
C GLY F 953 -83.40 10.51 -21.88
N THR F 954 -84.52 11.13 -22.28
CA THR F 954 -85.70 10.41 -22.76
C THR F 954 -86.12 9.34 -21.76
N ASN F 955 -85.48 8.17 -21.79
CA ASN F 955 -85.72 7.11 -20.82
C ASN F 955 -84.45 6.70 -20.10
N GLY F 956 -83.65 7.65 -19.65
CA GLY F 956 -82.32 7.34 -19.14
C GLY F 956 -81.43 6.68 -20.18
N THR F 957 -81.66 6.95 -21.46
CA THR F 957 -81.01 6.24 -22.55
C THR F 957 -79.51 6.48 -22.58
N SER F 958 -78.73 5.41 -22.43
CA SER F 958 -77.28 5.51 -22.41
C SER F 958 -76.78 5.72 -23.83
N LEU F 959 -76.79 6.97 -24.29
CA LEU F 959 -76.20 7.35 -25.57
C LEU F 959 -74.70 7.42 -25.34
N TRP F 960 -74.03 6.28 -25.45
CA TRP F 960 -72.60 6.23 -25.23
C TRP F 960 -71.87 7.00 -26.33
N ASN F 961 -71.23 8.10 -25.94
CA ASN F 961 -70.58 9.00 -26.90
C ASN F 961 -69.10 9.03 -26.56
N SER F 962 -68.26 8.68 -27.53
CA SER F 962 -66.81 8.80 -27.40
C SER F 962 -66.23 9.22 -28.74
N PRO F 963 -66.35 10.49 -29.12
CA PRO F 963 -65.70 10.96 -30.34
C PRO F 963 -64.18 11.04 -30.18
N ASN F 964 -63.69 10.64 -29.01
CA ASN F 964 -62.27 10.59 -28.73
C ASN F 964 -61.72 9.18 -28.84
N TYR F 965 -62.35 8.33 -29.64
CA TYR F 965 -61.84 7.00 -29.93
C TYR F 965 -61.54 6.88 -31.41
N VAL F 966 -60.38 6.31 -31.74
CA VAL F 966 -60.00 6.05 -33.13
C VAL F 966 -59.39 4.66 -33.19
N LEU F 967 -59.70 3.93 -34.25
CA LEU F 967 -59.13 2.60 -34.48
C LEU F 967 -58.63 2.55 -35.92
N PHE F 968 -57.39 2.99 -36.11
CA PHE F 968 -56.72 2.97 -37.42
C PHE F 968 -57.46 3.80 -38.46
N GLY F 969 -57.59 5.10 -38.17
CA GLY F 969 -58.01 6.07 -39.16
C GLY F 969 -59.49 6.35 -39.24
N VAL F 970 -60.30 5.88 -38.29
CA VAL F 970 -61.74 6.13 -38.29
C VAL F 970 -62.12 6.66 -36.91
N SER F 971 -62.83 7.78 -36.88
CA SER F 971 -63.34 8.34 -35.64
C SER F 971 -64.61 7.61 -35.21
N ALA F 972 -64.99 7.79 -33.95
CA ALA F 972 -66.15 7.14 -33.37
C ALA F 972 -67.32 8.10 -33.27
N VAL F 973 -68.53 7.53 -33.26
CA VAL F 973 -69.76 8.31 -33.21
C VAL F 973 -70.65 7.75 -32.11
N GLN F 974 -71.87 8.29 -32.01
CA GLN F 974 -72.79 7.91 -30.95
C GLN F 974 -73.17 6.44 -31.07
N GLN F 975 -73.21 5.75 -29.94
CA GLN F 975 -73.68 4.36 -29.86
C GLN F 975 -74.78 4.33 -28.81
N TYR F 976 -76.02 4.12 -29.26
CA TYR F 976 -77.15 3.98 -28.32
C TYR F 976 -77.02 2.62 -27.66
N LEU F 977 -76.19 2.56 -26.62
CA LEU F 977 -75.76 1.31 -26.00
C LEU F 977 -76.31 1.16 -24.59
N GLY F 978 -77.56 1.50 -24.40
CA GLY F 978 -78.22 1.19 -23.14
C GLY F 978 -79.21 2.26 -22.75
N PHE F 979 -79.84 2.02 -21.61
CA PHE F 979 -80.78 2.94 -21.01
C PHE F 979 -81.05 2.47 -19.59
N ILE F 980 -81.29 3.43 -18.69
CA ILE F 980 -81.62 3.09 -17.31
C ILE F 980 -82.94 2.32 -17.35
N LYS F 981 -82.94 1.09 -16.84
CA LYS F 981 -84.11 0.23 -16.98
C LYS F 981 -85.32 0.82 -16.27
N SER F 982 -85.16 1.16 -14.99
CA SER F 982 -86.28 1.65 -14.20
C SER F 982 -85.76 2.21 -12.88
N ILE F 983 -86.67 2.86 -12.15
CA ILE F 983 -86.45 3.25 -10.76
C ILE F 983 -87.65 2.77 -9.98
N SER F 984 -87.56 1.57 -9.42
CA SER F 984 -88.66 0.93 -8.71
C SER F 984 -88.44 1.03 -7.21
N VAL F 985 -89.51 0.80 -6.44
CA VAL F 985 -89.43 0.88 -4.99
C VAL F 985 -90.18 -0.31 -4.42
N THR F 986 -89.56 -1.02 -3.48
CA THR F 986 -90.24 -2.09 -2.76
C THR F 986 -91.11 -1.45 -1.68
N LEU F 987 -92.37 -1.91 -1.61
CA LEU F 987 -93.27 -1.67 -0.49
C LEU F 987 -94.12 -2.93 -0.30
N SER F 988 -93.64 -3.85 0.53
CA SER F 988 -94.15 -5.22 0.49
C SER F 988 -94.83 -5.61 1.79
N ASN F 989 -96.16 -5.47 1.81
CA ASN F 989 -96.98 -6.34 2.65
C ASN F 989 -97.38 -7.57 1.85
N GLY F 990 -96.64 -7.84 0.77
CA GLY F 990 -97.02 -8.78 -0.26
C GLY F 990 -96.96 -8.14 -1.63
N THR F 991 -96.45 -6.92 -1.70
CA THR F 991 -96.50 -6.13 -2.93
C THR F 991 -95.11 -5.70 -3.39
N THR F 992 -94.63 -6.39 -4.44
CA THR F 992 -93.45 -5.97 -5.19
C THR F 992 -93.88 -4.82 -6.09
N VAL F 993 -93.59 -3.60 -5.63
CA VAL F 993 -94.16 -2.40 -6.25
C VAL F 993 -93.34 -2.03 -7.48
N VAL F 994 -93.80 -2.52 -8.63
CA VAL F 994 -93.25 -2.14 -9.93
C VAL F 994 -93.84 -0.79 -10.32
N ILE F 995 -93.01 0.25 -10.30
CA ILE F 995 -93.46 1.63 -10.53
C ILE F 995 -93.89 1.81 -11.98
N PRO F 996 -95.08 2.37 -12.23
CA PRO F 996 -95.43 2.80 -13.59
C PRO F 996 -94.48 3.91 -14.04
N LEU F 997 -93.68 3.61 -15.06
CA LEU F 997 -92.59 4.49 -15.47
C LEU F 997 -93.12 5.68 -16.25
N THR F 998 -92.81 6.89 -15.76
CA THR F 998 -93.17 8.13 -16.41
C THR F 998 -91.95 8.68 -17.14
N THR F 999 -92.14 9.04 -18.41
CA THR F 999 -91.05 9.45 -19.27
C THR F 999 -90.39 10.74 -18.80
N SER F 1000 -91.19 11.77 -18.49
CA SER F 1000 -90.65 13.07 -18.12
C SER F 1000 -89.81 12.97 -16.85
N ASN F 1001 -90.36 12.35 -15.81
CA ASN F 1001 -89.61 12.17 -14.58
C ASN F 1001 -88.33 11.37 -14.82
N MET F 1002 -88.42 10.31 -15.63
CA MET F 1002 -87.25 9.46 -15.82
C MET F 1002 -86.14 10.17 -16.57
N GLN F 1003 -86.48 10.92 -17.62
CA GLN F 1003 -85.44 11.66 -18.33
C GLN F 1003 -84.87 12.78 -17.49
N THR F 1004 -85.68 13.41 -16.64
CA THR F 1004 -85.18 14.57 -15.92
C THR F 1004 -84.43 14.17 -14.65
N LEU F 1005 -84.63 12.94 -14.18
CA LEU F 1005 -83.84 12.44 -13.07
C LEU F 1005 -82.44 12.02 -13.51
N PHE F 1006 -82.26 11.76 -14.80
CA PHE F 1006 -80.94 11.49 -15.37
C PHE F 1006 -80.75 12.33 -16.62
N PRO F 1007 -80.58 13.65 -16.50
CA PRO F 1007 -80.47 14.49 -17.70
C PRO F 1007 -79.03 14.74 -18.14
N GLN F 1008 -78.07 14.13 -17.44
CA GLN F 1008 -76.67 14.46 -17.65
C GLN F 1008 -76.19 14.02 -19.02
N LEU F 1009 -75.69 14.98 -19.80
CA LEU F 1009 -75.18 14.71 -21.15
C LEU F 1009 -73.83 14.02 -21.13
N VAL F 1010 -73.01 14.27 -20.11
CA VAL F 1010 -71.66 13.71 -20.07
C VAL F 1010 -71.40 13.03 -18.74
N GLY F 1011 -71.49 11.70 -18.72
CA GLY F 1011 -70.95 10.94 -17.61
C GLY F 1011 -69.60 10.35 -17.97
N GLN F 1012 -68.53 11.02 -17.56
CA GLN F 1012 -67.20 10.59 -17.95
C GLN F 1012 -66.74 9.43 -17.07
N GLU F 1013 -65.93 8.54 -17.65
CA GLU F 1013 -65.37 7.43 -16.89
C GLU F 1013 -64.10 7.89 -16.17
N LEU F 1014 -63.49 6.95 -15.45
CA LEU F 1014 -62.32 7.27 -14.64
C LEU F 1014 -61.04 6.60 -15.14
N GLN F 1015 -61.05 5.27 -15.29
CA GLN F 1015 -59.84 4.53 -15.61
C GLN F 1015 -59.81 4.17 -17.08
N ALA F 1016 -58.61 4.18 -17.66
CA ALA F 1016 -58.43 3.80 -19.05
C ALA F 1016 -58.61 2.30 -19.21
N CYS F 1017 -59.09 1.88 -20.39
CA CYS F 1017 -59.34 0.48 -20.71
C CYS F 1017 -60.32 -0.17 -19.74
N ASN F 1018 -61.20 0.66 -19.17
CA ASN F 1018 -62.21 0.18 -18.22
C ASN F 1018 -63.31 1.22 -18.03
N GLY F 1019 -64.56 0.81 -18.24
CA GLY F 1019 -65.66 1.73 -18.07
C GLY F 1019 -66.00 1.93 -16.60
N THR F 1020 -65.79 3.15 -16.12
CA THR F 1020 -66.17 3.51 -14.75
C THR F 1020 -67.04 4.75 -14.79
N PHE F 1021 -68.14 4.69 -15.54
CA PHE F 1021 -68.98 5.86 -15.80
C PHE F 1021 -69.63 6.40 -14.53
N GLN F 1022 -69.66 7.72 -14.42
CA GLN F 1022 -70.21 8.41 -13.26
C GLN F 1022 -71.53 9.08 -13.65
N PHE F 1023 -72.62 8.64 -13.04
CA PHE F 1023 -73.90 9.31 -13.12
C PHE F 1023 -74.31 9.79 -11.72
N GLY F 1024 -75.55 10.27 -11.57
CA GLY F 1024 -75.98 10.70 -10.26
C GLY F 1024 -77.39 11.24 -10.17
N ILE F 1025 -78.07 10.93 -9.07
CA ILE F 1025 -79.39 11.48 -8.77
C ILE F 1025 -79.27 12.19 -7.43
N SER F 1026 -79.80 13.40 -7.34
CA SER F 1026 -79.68 14.16 -6.10
C SER F 1026 -80.89 13.92 -5.21
N ILE F 1027 -80.68 14.07 -3.90
CA ILE F 1027 -81.75 13.80 -2.94
C ILE F 1027 -82.72 14.97 -2.87
N THR F 1028 -82.22 16.20 -3.00
CA THR F 1028 -83.09 17.36 -2.89
C THR F 1028 -84.13 17.39 -4.01
N GLY F 1029 -83.74 17.04 -5.23
CA GLY F 1029 -84.69 16.99 -6.31
C GLY F 1029 -85.79 15.96 -6.11
N LEU F 1030 -85.41 14.76 -5.66
CA LEU F 1030 -86.40 13.72 -5.40
C LEU F 1030 -87.33 14.11 -4.26
N GLU F 1031 -86.77 14.76 -3.24
CA GLU F 1031 -87.60 15.22 -2.11
C GLU F 1031 -88.56 16.31 -2.54
N LYS F 1032 -88.09 17.25 -3.36
CA LYS F 1032 -88.95 18.31 -3.87
C LYS F 1032 -90.06 17.73 -4.73
N LEU F 1033 -89.74 16.74 -5.55
CA LEU F 1033 -90.76 16.03 -6.31
C LEU F 1033 -91.78 15.36 -5.39
N LEU F 1034 -91.28 14.71 -4.33
CA LEU F 1034 -92.13 13.98 -3.40
C LEU F 1034 -92.69 14.87 -2.29
N ASN F 1035 -92.33 16.16 -2.28
CA ASN F 1035 -92.80 17.11 -1.27
C ASN F 1035 -92.47 16.64 0.14
N LEU F 1036 -91.22 16.24 0.35
CA LEU F 1036 -90.75 15.76 1.64
C LEU F 1036 -89.74 16.73 2.21
N ASN F 1037 -89.18 16.37 3.36
CA ASN F 1037 -88.22 17.22 4.05
C ASN F 1037 -86.94 17.34 3.23
N VAL F 1038 -86.26 18.47 3.38
CA VAL F 1038 -85.03 18.71 2.62
C VAL F 1038 -83.92 17.78 3.09
N GLN F 1039 -83.61 17.79 4.39
CA GLN F 1039 -82.58 16.90 4.91
C GLN F 1039 -82.98 16.36 6.28
N GLN F 1040 -84.24 16.49 6.65
CA GLN F 1040 -84.67 16.06 7.98
C GLN F 1040 -84.95 14.57 8.03
N LEU F 1041 -85.95 14.09 7.30
CA LEU F 1041 -86.29 12.67 7.26
C LEU F 1041 -86.79 12.27 5.87
N ASN F 1042 -86.18 11.22 5.29
CA ASN F 1042 -86.62 10.69 4.00
C ASN F 1042 -86.10 9.28 3.82
N ASN F 1043 -87.00 8.34 3.48
CA ASN F 1043 -86.60 6.93 3.36
C ASN F 1043 -87.60 6.08 2.59
N SER F 1044 -87.16 5.45 1.50
CA SER F 1044 -87.90 4.38 0.84
C SER F 1044 -86.91 3.26 0.49
N ILE F 1045 -87.37 2.21 -0.19
CA ILE F 1045 -86.43 1.20 -0.68
C ILE F 1045 -85.50 1.79 -1.75
N LEU F 1046 -86.00 2.74 -2.54
CA LEU F 1046 -85.25 3.52 -3.53
C LEU F 1046 -84.29 2.68 -4.36
N SER F 1047 -84.82 1.80 -5.21
CA SER F 1047 -83.99 0.90 -6.03
C SER F 1047 -83.98 1.41 -7.47
N VAL F 1048 -82.89 2.08 -7.84
CA VAL F 1048 -82.69 2.47 -9.23
C VAL F 1048 -81.98 1.33 -9.97
N THR F 1049 -82.05 1.36 -11.30
CA THR F 1049 -81.45 0.31 -12.11
C THR F 1049 -80.65 0.92 -13.26
N TYR F 1050 -80.20 0.04 -14.15
CA TYR F 1050 -79.61 0.42 -15.43
C TYR F 1050 -79.50 -0.83 -16.29
N HIS F 1051 -79.92 -0.72 -17.54
CA HIS F 1051 -79.74 -1.79 -18.52
C HIS F 1051 -78.58 -1.42 -19.42
N ASP F 1052 -77.58 -2.28 -19.50
CA ASP F 1052 -76.49 -2.07 -20.43
C ASP F 1052 -76.64 -2.95 -21.66
N TYR F 1053 -76.53 -2.31 -22.82
CA TYR F 1053 -76.41 -3.01 -24.10
C TYR F 1053 -74.99 -3.48 -24.35
N VAL F 1054 -74.14 -3.44 -23.32
CA VAL F 1054 -72.79 -3.97 -23.42
C VAL F 1054 -72.83 -5.48 -23.64
N THR F 1055 -73.35 -6.21 -22.66
CA THR F 1055 -73.67 -7.62 -22.83
C THR F 1055 -75.13 -7.91 -22.57
N GLY F 1056 -75.99 -6.90 -22.56
CA GLY F 1056 -77.39 -7.08 -22.31
C GLY F 1056 -77.68 -7.50 -20.88
N GLU F 1057 -77.41 -6.62 -19.91
CA GLU F 1057 -77.57 -6.99 -18.51
C GLU F 1057 -78.39 -5.93 -17.78
N THR F 1058 -78.98 -6.33 -16.66
CA THR F 1058 -79.74 -5.43 -15.79
C THR F 1058 -79.02 -5.33 -14.46
N LEU F 1059 -78.41 -4.18 -14.19
CA LEU F 1059 -77.72 -3.93 -12.93
C LEU F 1059 -78.60 -3.03 -12.06
N THR F 1060 -78.53 -3.23 -10.75
CA THR F 1060 -79.39 -2.51 -9.82
C THR F 1060 -78.59 -1.91 -8.68
N ALA F 1061 -78.96 -0.69 -8.30
CA ALA F 1061 -78.40 0.00 -7.14
C ALA F 1061 -79.56 0.40 -6.24
N THR F 1062 -79.61 -0.20 -5.05
CA THR F 1062 -80.64 0.09 -4.07
C THR F 1062 -80.06 0.97 -2.98
N THR F 1063 -80.88 1.87 -2.44
CA THR F 1063 -80.42 2.75 -1.38
C THR F 1063 -81.56 3.13 -0.45
N LYS F 1064 -81.18 3.34 0.81
CA LYS F 1064 -82.06 3.82 1.87
C LYS F 1064 -81.31 4.93 2.60
N LEU F 1065 -82.02 6.00 2.93
CA LEU F 1065 -81.38 7.18 3.49
C LEU F 1065 -81.62 7.26 5.00
N VAL F 1066 -80.57 7.61 5.73
CA VAL F 1066 -80.61 7.79 7.18
C VAL F 1066 -80.80 9.26 7.46
N ALA F 1067 -81.60 9.57 8.48
CA ALA F 1067 -81.88 10.96 8.85
C ALA F 1067 -80.61 11.77 9.00
N LEU F 1068 -79.72 11.36 9.91
CA LEU F 1068 -78.40 11.95 10.04
C LEU F 1068 -77.54 11.06 10.93
N SER F 1069 -76.32 10.78 10.48
CA SER F 1069 -75.41 9.96 11.26
C SER F 1069 -75.01 10.67 12.55
N THR F 1070 -75.17 9.97 13.68
CA THR F 1070 -74.81 10.52 14.97
C THR F 1070 -73.30 10.63 15.06
N LEU F 1071 -72.81 11.85 15.28
CA LEU F 1071 -71.38 12.11 15.30
C LEU F 1071 -70.98 12.80 16.60
N SER F 1072 -69.78 13.34 16.65
CA SER F 1072 -69.25 13.93 17.88
C SER F 1072 -70.08 15.12 18.34
N LEU F 1073 -70.56 15.05 19.58
CA LEU F 1073 -71.18 16.18 20.24
C LEU F 1073 -70.21 16.70 21.30
N VAL F 1074 -69.59 17.84 21.04
CA VAL F 1074 -68.56 18.39 21.93
C VAL F 1074 -69.06 19.68 22.55
N ALA F 1075 -69.18 19.71 23.87
CA ALA F 1075 -69.60 20.92 24.57
C ALA F 1075 -68.40 21.57 25.24
N LYS F 1076 -67.93 22.67 24.66
CA LYS F 1076 -66.76 23.35 25.18
C LYS F 1076 -67.16 24.45 26.16
N GLY F 1077 -68.44 24.52 26.49
CA GLY F 1077 -68.93 25.47 27.46
C GLY F 1077 -70.42 25.33 27.70
N ALA F 1078 -70.85 25.82 28.86
CA ALA F 1078 -72.25 25.79 29.25
C ALA F 1078 -72.60 27.06 30.00
N GLY F 1079 -73.78 27.07 30.61
CA GLY F 1079 -74.21 28.21 31.38
C GLY F 1079 -73.42 28.37 32.67
N VAL F 1080 -73.48 29.57 33.24
CA VAL F 1080 -72.76 29.89 34.47
C VAL F 1080 -73.76 30.36 35.51
N VAL F 1081 -73.72 29.74 36.69
CA VAL F 1081 -74.54 30.14 37.83
C VAL F 1081 -73.62 30.55 38.97
N GLU F 1082 -73.78 31.77 39.45
CA GLU F 1082 -72.90 32.32 40.47
C GLU F 1082 -73.72 32.69 41.71
N PHE F 1083 -73.05 33.30 42.68
CA PHE F 1083 -73.68 33.76 43.91
C PHE F 1083 -73.61 35.28 43.99
N LEU F 1084 -74.05 35.84 45.12
CA LEU F 1084 -74.02 37.27 45.35
C LEU F 1084 -74.80 38.02 44.28
N LEU F 1085 -75.98 37.54 43.95
CA LEU F 1085 -76.82 38.15 42.93
C LEU F 1085 -77.34 39.51 43.43
N THR F 1086 -77.71 40.37 42.49
CA THR F 1086 -78.26 41.67 42.82
C THR F 1086 -79.62 41.51 43.46
N ALA F 1087 -79.72 41.85 44.74
CA ALA F 1087 -80.94 41.65 45.50
C ALA F 1087 -82.06 42.55 45.00
N TYR F 1088 -83.26 41.99 44.85
CA TYR F 1088 -84.44 42.74 44.49
C TYR F 1088 -85.49 42.62 45.60
N PRO F 1089 -85.60 43.61 46.48
CA PRO F 1089 -86.56 43.51 47.58
C PRO F 1089 -88.00 43.47 47.09
N TYR F 1090 -88.86 42.85 47.88
CA TYR F 1090 -90.28 42.76 47.54
C TYR F 1090 -90.93 44.15 47.55
N THR F 1091 -90.33 45.11 48.26
CA THR F 1091 -90.83 46.47 48.30
C THR F 1091 -90.64 47.13 46.95
N GLY F 1092 -91.25 48.31 46.78
CA GLY F 1092 -91.10 49.04 45.55
C GLY F 1092 -89.69 49.52 45.29
N ASN F 1093 -88.90 49.67 46.35
CA ASN F 1093 -87.51 50.07 46.22
C ASN F 1093 -86.68 48.85 45.87
N ILE F 1094 -86.65 48.53 44.58
CA ILE F 1094 -85.95 47.34 44.09
C ILE F 1094 -84.47 47.62 43.87
N THR F 1095 -84.10 48.90 43.73
CA THR F 1095 -82.73 49.27 43.41
C THR F 1095 -81.81 49.22 44.62
N PHE F 1096 -82.28 48.62 45.71
CA PHE F 1096 -81.46 48.42 46.89
C PHE F 1096 -81.12 46.95 47.03
N ALA F 1097 -79.85 46.65 47.28
CA ALA F 1097 -79.39 45.27 47.27
C ALA F 1097 -78.81 44.88 48.62
N PRO F 1098 -79.62 44.36 49.53
CA PRO F 1098 -79.07 43.71 50.71
C PRO F 1098 -78.26 42.50 50.31
N PRO F 1099 -77.18 42.20 51.01
CA PRO F 1099 -76.30 41.10 50.59
C PRO F 1099 -77.07 39.78 50.53
N TRP F 1100 -77.19 39.24 49.32
CA TRP F 1100 -77.80 37.94 49.12
C TRP F 1100 -76.71 36.89 48.92
N PHE F 1101 -77.05 35.64 49.23
CA PHE F 1101 -76.11 34.53 49.15
C PHE F 1101 -76.91 33.27 48.89
N ILE F 1102 -76.84 32.74 47.67
CA ILE F 1102 -77.41 31.44 47.38
C ILE F 1102 -76.65 30.41 48.21
N ALA F 1103 -77.37 29.52 48.88
CA ALA F 1103 -76.75 28.62 49.85
C ALA F 1103 -75.87 27.57 49.16
N GLU F 1104 -75.33 26.66 49.96
CA GLU F 1104 -74.28 25.75 49.54
C GLU F 1104 -74.68 24.87 48.36
N ASN F 1105 -73.68 24.35 47.64
CA ASN F 1105 -73.85 23.33 46.62
C ASN F 1105 -74.66 23.80 45.41
N VAL F 1106 -74.29 24.94 44.84
CA VAL F 1106 -74.82 25.36 43.55
C VAL F 1106 -73.63 25.68 42.64
N VAL F 1107 -73.23 24.72 41.81
CA VAL F 1107 -71.98 24.83 41.07
C VAL F 1107 -72.28 24.85 39.58
N LYS F 1108 -72.54 26.05 39.04
CA LYS F 1108 -72.55 26.37 37.61
C LYS F 1108 -73.19 25.33 36.69
N GLN F 1109 -72.85 25.43 35.41
CA GLN F 1109 -73.15 24.44 34.37
C GLN F 1109 -74.54 23.82 34.49
N PRO F 1110 -75.61 24.59 34.26
CA PRO F 1110 -76.94 23.99 34.24
C PRO F 1110 -77.09 23.05 33.05
N PHE F 1111 -78.14 22.24 33.09
CA PHE F 1111 -78.47 21.42 31.95
C PHE F 1111 -79.44 22.14 31.02
N MET F 1112 -79.11 22.18 29.73
CA MET F 1112 -79.93 22.83 28.74
C MET F 1112 -79.72 22.17 27.39
N THR F 1113 -80.70 22.32 26.49
CA THR F 1113 -80.75 21.59 25.23
C THR F 1113 -80.48 22.53 24.07
N TYR F 1114 -79.76 22.05 23.06
CA TYR F 1114 -79.49 22.84 21.87
C TYR F 1114 -80.77 23.06 21.07
N SER F 1115 -80.82 24.17 20.34
CA SER F 1115 -82.00 24.49 19.55
C SER F 1115 -81.99 23.79 18.20
N ASP F 1116 -80.85 23.17 17.84
CA ASP F 1116 -80.73 22.44 16.58
C ASP F 1116 -79.96 21.15 16.78
N LEU F 1117 -80.63 20.01 16.65
CA LEU F 1117 -80.00 18.72 16.87
C LEU F 1117 -79.03 18.37 15.74
N GLN F 1118 -79.41 18.68 14.50
CA GLN F 1118 -78.61 18.24 13.35
C GLN F 1118 -77.23 18.88 13.34
N PHE F 1119 -77.13 20.19 13.62
CA PHE F 1119 -75.82 20.83 13.63
C PHE F 1119 -74.98 20.36 14.81
N ALA F 1120 -75.60 20.24 15.99
CA ALA F 1120 -74.87 19.76 17.16
C ALA F 1120 -74.42 18.32 16.99
N LYS F 1121 -75.09 17.54 16.14
CA LYS F 1121 -74.68 16.16 15.90
C LYS F 1121 -73.29 16.07 15.28
N THR F 1122 -72.95 16.98 14.37
CA THR F 1122 -71.63 17.01 13.76
C THR F 1122 -70.62 17.78 14.61
N ASN F 1123 -70.85 19.06 14.86
CA ASN F 1123 -70.04 19.85 15.78
C ASN F 1123 -70.81 21.12 16.15
N PRO F 1124 -71.04 21.38 17.42
CA PRO F 1124 -71.69 22.64 17.80
C PRO F 1124 -70.69 23.78 17.99
N SER F 1125 -69.79 23.94 17.01
CA SER F 1125 -68.76 24.97 17.08
C SER F 1125 -69.21 26.21 16.34
N ALA F 1126 -70.36 26.76 16.72
CA ALA F 1126 -70.87 27.97 16.08
C ALA F 1126 -71.91 28.61 17.00
N ILE F 1127 -72.50 29.70 16.50
CA ILE F 1127 -73.51 30.43 17.27
C ILE F 1127 -74.76 29.57 17.38
N LEU F 1128 -75.28 29.44 18.61
CA LEU F 1128 -76.41 28.56 18.89
C LEU F 1128 -77.25 29.19 19.99
N SER F 1129 -78.44 28.64 20.19
CA SER F 1129 -79.32 29.02 21.28
C SER F 1129 -79.60 27.79 22.13
N LEU F 1130 -79.49 27.94 23.45
CA LEU F 1130 -79.59 26.85 24.40
C LEU F 1130 -80.83 27.07 25.25
N SER F 1131 -81.83 26.22 25.09
CA SER F 1131 -83.04 26.31 25.90
C SER F 1131 -82.78 25.67 27.26
N THR F 1132 -82.86 26.48 28.32
CA THR F 1132 -82.56 26.00 29.66
C THR F 1132 -83.60 25.00 30.12
N VAL F 1133 -83.13 23.83 30.56
CA VAL F 1133 -84.03 22.77 31.01
C VAL F 1133 -83.63 22.34 32.42
N ASN F 1134 -82.87 23.18 33.11
CA ASN F 1134 -82.49 22.90 34.50
C ASN F 1134 -81.98 24.18 35.14
N ILE F 1135 -82.64 24.58 36.22
CA ILE F 1135 -82.14 25.64 37.11
C ILE F 1135 -82.30 25.16 38.54
N THR F 1136 -81.20 25.13 39.29
CA THR F 1136 -81.21 24.58 40.64
C THR F 1136 -80.72 25.64 41.63
N VAL F 1137 -81.52 25.87 42.67
CA VAL F 1137 -81.13 26.71 43.80
C VAL F 1137 -81.17 25.85 45.06
N VAL F 1138 -80.01 25.61 45.66
CA VAL F 1138 -79.88 24.68 46.77
C VAL F 1138 -79.77 25.48 48.07
N GLY F 1139 -80.62 25.16 49.04
CA GLY F 1139 -80.57 25.78 50.34
C GLY F 1139 -80.09 24.82 51.42
N LEU F 1140 -80.16 25.26 52.67
CA LEU F 1140 -79.73 24.43 53.80
C LEU F 1140 -80.86 23.56 54.30
N GLY F 1141 -81.07 22.42 53.66
CA GLY F 1141 -82.15 21.50 54.01
C GLY F 1141 -82.88 20.96 52.81
N GLY F 1142 -82.75 21.63 51.68
CA GLY F 1142 -83.40 21.18 50.46
C GLY F 1142 -82.90 21.97 49.27
N LYS F 1143 -83.65 21.89 48.18
CA LYS F 1143 -83.31 22.64 46.97
C LYS F 1143 -84.53 22.76 46.08
N ALA F 1144 -84.68 23.93 45.47
CA ALA F 1144 -85.75 24.19 44.51
C ALA F 1144 -85.21 24.15 43.08
N SER F 1145 -86.11 23.89 42.14
CA SER F 1145 -85.74 23.74 40.75
C SER F 1145 -86.76 24.42 39.85
N VAL F 1146 -86.26 24.91 38.71
CA VAL F 1146 -87.08 25.45 37.63
C VAL F 1146 -86.52 24.89 36.33
N TYR F 1147 -87.22 23.95 35.71
CA TYR F 1147 -86.67 23.25 34.56
C TYR F 1147 -87.72 23.16 33.45
N TYR F 1148 -87.28 23.37 32.22
CA TYR F 1148 -88.17 23.25 31.07
C TYR F 1148 -88.19 21.80 30.60
N ASN F 1149 -89.13 21.01 31.12
CA ASN F 1149 -89.27 19.61 30.75
C ASN F 1149 -89.71 19.56 29.29
N SER F 1150 -88.79 19.13 28.42
CA SER F 1150 -89.07 19.03 27.00
C SER F 1150 -89.92 17.81 26.65
N THR F 1151 -90.00 16.82 27.54
CA THR F 1151 -90.85 15.67 27.32
C THR F 1151 -92.32 16.06 27.23
N SER F 1152 -92.76 16.99 28.10
CA SER F 1152 -94.10 17.54 28.03
C SER F 1152 -94.12 18.94 27.46
N GLY F 1153 -92.95 19.51 27.19
CA GLY F 1153 -92.87 20.88 26.70
C GLY F 1153 -93.41 21.90 27.67
N GLN F 1154 -93.17 21.69 28.96
CA GLN F 1154 -93.75 22.54 30.01
C GLN F 1154 -92.65 22.95 30.98
N THR F 1155 -92.73 24.18 31.47
CA THR F 1155 -91.80 24.67 32.47
C THR F 1155 -92.32 24.27 33.85
N VAL F 1156 -91.61 23.35 34.50
CA VAL F 1156 -92.00 22.83 35.80
C VAL F 1156 -91.16 23.51 36.87
N ILE F 1157 -91.84 24.02 37.89
CA ILE F 1157 -91.21 24.72 39.00
C ILE F 1157 -91.55 23.97 40.28
N THR F 1158 -90.52 23.56 41.03
CA THR F 1158 -90.66 22.86 42.29
C THR F 1158 -89.94 23.63 43.38
N ASN F 1159 -90.54 23.67 44.57
CA ASN F 1159 -90.03 24.43 45.69
C ASN F 1159 -88.95 23.64 46.42
N ILE F 1160 -88.54 24.13 47.60
CA ILE F 1160 -87.47 23.48 48.36
C ILE F 1160 -87.89 22.12 48.87
N TYR F 1161 -89.19 21.89 49.04
CA TYR F 1161 -89.66 20.60 49.55
C TYR F 1161 -89.56 19.48 48.52
N GLY F 1162 -89.24 19.81 47.27
CA GLY F 1162 -89.14 18.80 46.23
C GLY F 1162 -90.45 18.40 45.60
N GLN F 1163 -91.51 19.19 45.82
CA GLN F 1163 -92.83 18.89 45.28
C GLN F 1163 -93.16 19.89 44.18
N THR F 1164 -93.79 19.40 43.12
CA THR F 1164 -94.16 20.25 41.99
C THR F 1164 -95.19 21.29 42.42
N VAL F 1165 -94.83 22.57 42.28
CA VAL F 1165 -95.73 23.64 42.68
C VAL F 1165 -96.24 24.46 41.48
N ALA F 1166 -95.61 24.35 40.32
CA ALA F 1166 -96.08 25.12 39.18
C ALA F 1166 -95.75 24.39 37.88
N THR F 1167 -96.68 24.48 36.93
CA THR F 1167 -96.48 23.99 35.58
C THR F 1167 -96.97 25.04 34.60
N LEU F 1168 -96.07 25.51 33.74
CA LEU F 1168 -96.35 26.63 32.84
C LEU F 1168 -96.25 26.16 31.40
N SER F 1169 -97.19 26.62 30.57
CA SER F 1169 -97.20 26.24 29.16
C SER F 1169 -96.03 26.86 28.42
N GLY F 1170 -95.42 26.07 27.54
CA GLY F 1170 -94.32 26.55 26.72
C GLY F 1170 -93.06 26.79 27.54
N ASN F 1171 -92.11 27.48 26.91
CA ASN F 1171 -90.85 27.81 27.54
C ASN F 1171 -90.87 29.26 28.00
N VAL F 1172 -91.22 29.49 29.25
CA VAL F 1172 -91.15 30.82 29.86
C VAL F 1172 -89.72 31.16 30.26
N LEU F 1173 -88.87 30.15 30.44
CA LEU F 1173 -87.45 30.39 30.65
C LEU F 1173 -86.84 31.01 29.41
N PRO F 1174 -86.03 32.06 29.57
CA PRO F 1174 -85.36 32.64 28.41
C PRO F 1174 -84.33 31.68 27.83
N THR F 1175 -84.16 31.75 26.51
CA THR F 1175 -83.21 30.90 25.82
C THR F 1175 -81.83 31.54 25.84
N LEU F 1176 -80.89 30.87 26.51
CA LEU F 1176 -79.54 31.38 26.67
C LEU F 1176 -78.88 31.46 25.29
N THR F 1177 -78.60 32.67 24.83
CA THR F 1177 -77.99 32.87 23.54
C THR F 1177 -76.47 32.94 23.68
N GLU F 1178 -75.78 32.18 22.85
CA GLU F 1178 -74.32 32.20 22.86
C GLU F 1178 -73.80 33.57 22.48
N LEU F 1179 -72.70 33.98 23.11
CA LEU F 1179 -72.11 35.29 22.80
C LEU F 1179 -71.22 35.23 21.57
N ALA F 1180 -70.69 34.06 21.24
CA ALA F 1180 -69.79 33.93 20.09
C ALA F 1180 -69.88 32.52 19.54
N ALA F 1181 -69.42 32.35 18.30
CA ALA F 1181 -69.45 31.06 17.64
C ALA F 1181 -68.35 30.16 18.21
N GLY F 1182 -68.74 28.97 18.65
CA GLY F 1182 -67.80 28.04 19.24
C GLY F 1182 -67.10 28.55 20.48
N ASN F 1183 -67.79 29.35 21.29
CA ASN F 1183 -67.19 29.91 22.50
C ASN F 1183 -67.53 29.10 23.73
N GLY F 1184 -68.82 28.91 23.99
CA GLY F 1184 -69.25 28.13 25.14
C GLY F 1184 -69.91 28.97 26.22
N THR F 1185 -70.09 30.26 25.98
CA THR F 1185 -70.72 31.14 26.95
C THR F 1185 -72.11 31.53 26.46
N PHE F 1186 -73.12 31.24 27.26
CA PHE F 1186 -74.51 31.49 26.91
C PHE F 1186 -75.12 32.42 27.95
N THR F 1187 -75.81 33.45 27.47
CA THR F 1187 -76.27 34.53 28.33
C THR F 1187 -77.77 34.66 28.23
N GLY F 1188 -78.41 34.96 29.36
CA GLY F 1188 -79.84 35.20 29.43
C GLY F 1188 -80.17 36.19 30.52
N SER F 1189 -81.28 35.95 31.23
CA SER F 1189 -81.71 36.82 32.31
C SER F 1189 -82.43 35.99 33.38
N LEU F 1190 -82.14 36.30 34.64
CA LEU F 1190 -82.74 35.62 35.78
C LEU F 1190 -83.05 36.67 36.86
N GLN F 1191 -84.34 36.84 37.15
CA GLN F 1191 -84.74 37.77 38.20
C GLN F 1191 -85.19 37.00 39.44
N PHE F 1192 -85.12 37.65 40.60
CA PHE F 1192 -85.52 37.01 41.85
C PHE F 1192 -86.28 38.02 42.72
N THR F 1193 -87.08 37.48 43.62
CA THR F 1193 -87.85 38.29 44.57
C THR F 1193 -88.20 37.44 45.78
N ILE F 1194 -88.84 38.07 46.75
CA ILE F 1194 -89.25 37.40 47.99
C ILE F 1194 -90.75 37.60 48.17
N VAL F 1195 -91.49 36.50 48.29
CA VAL F 1195 -92.92 36.54 48.56
C VAL F 1195 -93.14 36.02 49.98
N PRO F 1196 -93.51 36.88 50.94
CA PRO F 1196 -93.65 36.41 52.33
C PRO F 1196 -94.63 35.26 52.50
N ASN F 1197 -94.29 34.33 53.39
CA ASN F 1197 -95.16 33.22 53.72
C ASN F 1197 -95.35 33.15 55.23
N ASN F 1198 -96.01 32.08 55.68
CA ASN F 1198 -96.35 31.91 57.09
C ASN F 1198 -95.57 30.75 57.67
N THR F 1199 -94.88 31.01 58.78
CA THR F 1199 -94.21 29.97 59.56
C THR F 1199 -94.00 30.50 60.97
N VAL F 1200 -94.74 29.96 61.94
CA VAL F 1200 -94.79 30.49 63.30
C VAL F 1200 -93.59 29.98 64.07
N VAL F 1201 -92.81 30.90 64.62
CA VAL F 1201 -91.70 30.58 65.50
C VAL F 1201 -92.00 31.22 66.86
N GLN F 1202 -91.99 30.41 67.92
CA GLN F 1202 -92.34 30.90 69.25
C GLN F 1202 -91.07 31.13 70.07
N ILE F 1203 -90.93 32.34 70.59
CA ILE F 1203 -89.86 32.70 71.52
C ILE F 1203 -90.47 32.77 72.91
N PRO F 1204 -90.13 31.87 73.82
CA PRO F 1204 -90.80 31.82 75.12
C PRO F 1204 -90.47 33.05 75.97
N SER F 1205 -91.38 33.35 76.89
CA SER F 1205 -91.16 34.45 77.84
C SER F 1205 -90.25 34.04 78.99
N SER F 1206 -89.89 32.76 79.10
CA SER F 1206 -88.98 32.31 80.14
C SER F 1206 -87.57 32.85 79.97
N LEU F 1207 -87.22 33.34 78.78
CA LEU F 1207 -85.90 33.93 78.53
C LEU F 1207 -85.95 35.38 78.12
N THR F 1208 -87.12 35.94 77.79
CA THR F 1208 -87.21 37.32 77.35
C THR F 1208 -88.27 38.13 78.08
N LYS F 1209 -89.07 37.49 78.94
CA LYS F 1209 -90.17 38.10 79.70
C LYS F 1209 -91.31 38.54 78.79
N THR F 1210 -91.14 38.41 77.48
CA THR F 1210 -92.19 38.73 76.50
C THR F 1210 -92.10 37.70 75.38
N SER F 1211 -93.24 37.09 75.06
CA SER F 1211 -93.27 36.08 74.01
C SER F 1211 -93.20 36.74 72.64
N PHE F 1212 -92.66 36.02 71.66
CA PHE F 1212 -92.58 36.51 70.29
C PHE F 1212 -93.03 35.43 69.32
N ALA F 1213 -94.12 35.69 68.60
CA ALA F 1213 -94.57 34.81 67.53
C ALA F 1213 -94.11 35.42 66.21
N VAL F 1214 -93.13 34.81 65.58
CA VAL F 1214 -92.47 35.39 64.41
C VAL F 1214 -92.87 34.61 63.17
N TYR F 1215 -93.44 35.32 62.20
CA TYR F 1215 -93.57 34.81 60.84
C TYR F 1215 -92.23 34.99 60.14
N THR F 1216 -91.71 33.91 59.57
CA THR F 1216 -90.33 33.86 59.10
C THR F 1216 -90.16 34.64 57.81
N ASN F 1217 -88.98 34.45 57.19
CA ASN F 1217 -88.55 35.14 55.98
C ASN F 1217 -89.64 35.20 54.92
N GLY F 1218 -90.11 34.05 54.45
CA GLY F 1218 -91.03 34.04 53.34
C GLY F 1218 -90.70 32.92 52.39
N SER F 1219 -90.70 33.23 51.10
CA SER F 1219 -90.37 32.27 50.06
C SER F 1219 -89.60 32.96 48.95
N LEU F 1220 -88.49 32.36 48.54
CA LEU F 1220 -87.76 32.85 47.38
C LEU F 1220 -88.54 32.53 46.11
N ALA F 1221 -88.65 33.50 45.21
CA ALA F 1221 -89.42 33.35 43.99
C ALA F 1221 -88.56 33.76 42.79
N ILE F 1222 -88.54 32.91 41.77
CA ILE F 1222 -87.89 33.26 40.52
C ILE F 1222 -88.85 34.11 39.70
N VAL F 1223 -88.35 35.21 39.16
CA VAL F 1223 -89.15 36.12 38.33
C VAL F 1223 -88.72 35.91 36.89
N LEU F 1224 -89.67 35.47 36.06
CA LEU F 1224 -89.47 35.20 34.65
C LEU F 1224 -90.49 36.02 33.87
N ASN F 1225 -90.04 36.74 32.86
CA ASN F 1225 -90.89 37.59 32.03
C ASN F 1225 -91.67 38.60 32.88
N GLY F 1226 -91.12 38.97 34.03
CA GLY F 1226 -91.77 39.91 34.92
C GLY F 1226 -92.75 39.31 35.91
N LYS F 1227 -92.93 38.00 35.90
CA LYS F 1227 -93.87 37.32 36.79
C LYS F 1227 -93.11 36.47 37.79
N ALA F 1228 -93.50 36.58 39.07
CA ALA F 1228 -92.83 35.85 40.13
C ALA F 1228 -93.47 34.48 40.34
N TYR F 1229 -92.64 33.53 40.77
CA TYR F 1229 -93.09 32.15 41.00
C TYR F 1229 -92.30 31.61 42.19
N SER F 1230 -93.00 31.25 43.26
CA SER F 1230 -92.35 30.88 44.51
C SER F 1230 -91.52 29.61 44.36
N LEU F 1231 -90.42 29.53 45.10
CA LEU F 1231 -89.53 28.37 45.11
C LEU F 1231 -89.31 27.81 46.50
N GLY F 1232 -90.27 27.99 47.40
CA GLY F 1232 -90.12 27.52 48.76
C GLY F 1232 -89.47 28.56 49.66
N PRO F 1233 -89.40 28.27 50.97
CA PRO F 1233 -88.89 29.26 51.92
C PRO F 1233 -87.53 29.83 51.58
N ALA F 1234 -87.41 31.16 51.66
CA ALA F 1234 -86.15 31.83 51.34
C ALA F 1234 -85.18 31.80 52.51
N GLY F 1235 -85.67 31.47 53.71
CA GLY F 1235 -84.81 31.43 54.87
C GLY F 1235 -83.64 30.47 54.74
N LEU F 1236 -83.88 29.30 54.16
CA LEU F 1236 -82.80 28.35 53.92
C LEU F 1236 -81.94 28.75 52.74
N PHE F 1237 -82.54 29.34 51.70
CA PHE F 1237 -81.80 29.77 50.52
C PHE F 1237 -80.92 30.99 50.82
N LEU F 1238 -81.46 32.00 51.47
CA LEU F 1238 -80.80 33.30 51.56
C LEU F 1238 -80.10 33.47 52.90
N LEU F 1239 -79.03 34.26 52.86
CA LEU F 1239 -78.20 34.62 53.99
C LEU F 1239 -78.16 36.14 54.09
N PRO F 1240 -78.24 36.70 55.31
CA PRO F 1240 -78.35 36.04 56.63
C PRO F 1240 -79.67 35.41 56.99
N PHE F 1241 -79.66 34.63 58.05
CA PHE F 1241 -80.89 34.20 58.73
C PHE F 1241 -80.61 34.11 60.23
N VAL F 1242 -81.67 34.16 61.03
CA VAL F 1242 -81.56 34.11 62.47
C VAL F 1242 -82.17 32.80 62.94
N THR F 1243 -81.38 31.99 63.64
CA THR F 1243 -81.84 30.70 64.14
C THR F 1243 -82.29 30.82 65.58
N TYR F 1244 -83.58 30.61 65.80
CA TYR F 1244 -84.13 30.45 67.14
C TYR F 1244 -84.66 29.03 67.27
N THR F 1245 -84.02 28.23 68.12
CA THR F 1245 -84.34 26.82 68.30
C THR F 1245 -84.34 26.08 66.96
N GLY F 1246 -83.38 26.42 66.11
CA GLY F 1246 -83.26 25.79 64.80
C GLY F 1246 -84.22 26.32 63.75
N SER F 1247 -84.94 27.39 64.03
CA SER F 1247 -85.89 27.97 63.09
C SER F 1247 -85.30 29.23 62.49
N ALA F 1248 -85.32 29.30 61.15
CA ALA F 1248 -84.66 30.41 60.45
C ALA F 1248 -85.65 31.53 60.17
N ILE F 1249 -85.26 32.76 60.49
CA ILE F 1249 -86.07 33.95 60.28
C ILE F 1249 -85.26 34.93 59.45
N GLY F 1250 -85.88 35.49 58.41
CA GLY F 1250 -85.25 36.45 57.53
C GLY F 1250 -86.07 37.70 57.34
N ALA F 1251 -85.80 38.39 56.23
CA ALA F 1251 -86.51 39.62 55.89
C ALA F 1251 -87.97 39.31 55.61
N ASN F 1252 -88.79 40.36 55.52
CA ASN F 1252 -90.23 40.23 55.31
C ASN F 1252 -90.86 39.44 56.46
N ALA F 1253 -90.20 39.41 57.61
CA ALA F 1253 -90.73 38.75 58.78
C ALA F 1253 -91.83 39.58 59.42
N THR F 1254 -92.53 38.98 60.38
CA THR F 1254 -93.59 39.66 61.11
C THR F 1254 -93.58 39.19 62.56
N ALA F 1255 -93.19 40.08 63.47
CA ALA F 1255 -93.04 39.69 64.88
C ALA F 1255 -94.25 40.19 65.66
N ILE F 1256 -95.01 39.24 66.21
CA ILE F 1256 -96.09 39.55 67.14
C ILE F 1256 -95.52 39.46 68.55
N ILE F 1257 -95.44 40.62 69.22
CA ILE F 1257 -94.93 40.72 70.58
C ILE F 1257 -96.10 40.50 71.53
N THR F 1258 -95.98 39.49 72.38
CA THR F 1258 -96.97 39.19 73.42
C THR F 1258 -96.38 39.62 74.76
N VAL F 1259 -96.90 40.70 75.31
CA VAL F 1259 -96.41 41.27 76.56
C VAL F 1259 -97.30 40.79 77.69
N SER F 1260 -96.68 40.21 78.72
CA SER F 1260 -97.37 39.75 79.92
C SER F 1260 -97.02 40.66 81.08
N ASP F 1261 -98.04 41.19 81.74
CA ASP F 1261 -97.86 42.10 82.85
C ASP F 1261 -98.98 41.88 83.86
N GLY F 1262 -98.99 42.70 84.92
CA GLY F 1262 -100.00 42.57 85.96
C GLY F 1262 -101.42 42.73 85.45
N VAL F 1263 -101.63 43.59 84.46
CA VAL F 1263 -102.93 43.70 83.81
C VAL F 1263 -103.32 42.41 83.11
N GLY F 1264 -102.38 41.71 82.49
CA GLY F 1264 -102.67 40.48 81.80
C GLY F 1264 -101.82 40.24 80.58
N THR F 1265 -102.47 40.01 79.44
CA THR F 1265 -101.78 39.71 78.19
C THR F 1265 -102.17 40.72 77.13
N SER F 1266 -101.16 41.25 76.43
CA SER F 1266 -101.39 42.17 75.33
C SER F 1266 -100.60 41.71 74.13
N THR F 1267 -101.09 42.02 72.94
CA THR F 1267 -100.45 41.60 71.69
C THR F 1267 -100.31 42.79 70.76
N THR F 1268 -99.11 42.95 70.19
CA THR F 1268 -98.85 43.96 69.18
C THR F 1268 -98.10 43.31 68.02
N GLN F 1269 -98.12 43.98 66.87
CA GLN F 1269 -97.51 43.46 65.66
C GLN F 1269 -96.53 44.45 65.08
N VAL F 1270 -95.33 43.97 64.74
CA VAL F 1270 -94.33 44.77 64.05
C VAL F 1270 -93.92 44.03 62.79
N PRO F 1271 -94.20 44.56 61.59
CA PRO F 1271 -93.75 43.89 60.36
C PRO F 1271 -92.32 44.25 60.02
N ILE F 1272 -91.53 43.23 59.72
CA ILE F 1272 -90.17 43.43 59.22
C ILE F 1272 -90.24 43.56 57.71
N THR F 1273 -89.60 44.61 57.18
CA THR F 1273 -89.64 44.89 55.75
C THR F 1273 -88.57 44.07 55.03
N ALA F 1274 -88.55 44.20 53.71
CA ALA F 1274 -87.52 43.59 52.88
C ALA F 1274 -86.23 44.41 52.90
N GLU F 1275 -86.28 45.61 53.47
CA GLU F 1275 -85.11 46.47 53.58
C GLU F 1275 -84.52 46.41 54.99
N ASN F 1276 -85.09 45.58 55.86
CA ASN F 1276 -84.58 45.42 57.22
C ASN F 1276 -83.89 44.06 57.29
N PHE F 1277 -83.27 43.68 56.17
CA PHE F 1277 -82.63 42.37 55.97
C PHE F 1277 -81.31 42.28 56.72
N THR F 1278 -80.53 43.36 56.71
CA THR F 1278 -79.55 43.73 57.74
C THR F 1278 -78.69 42.57 58.26
N PRO F 1279 -77.59 42.23 57.60
CA PRO F 1279 -76.58 41.38 58.26
C PRO F 1279 -76.02 42.05 59.50
N ILE F 1280 -75.78 41.27 60.54
CA ILE F 1280 -75.19 41.74 61.79
C ILE F 1280 -74.09 40.76 62.20
N ARG F 1281 -72.92 41.29 62.55
CA ARG F 1281 -71.77 40.49 62.93
C ARG F 1281 -71.44 40.68 64.41
N LEU F 1282 -71.14 39.58 65.10
CA LEU F 1282 -70.68 39.60 66.48
C LEU F 1282 -69.21 39.24 66.51
N ALA F 1283 -68.37 40.14 67.05
CA ALA F 1283 -66.94 39.92 67.01
C ALA F 1283 -66.30 40.12 68.38
N PRO F 1284 -65.24 39.39 68.68
CA PRO F 1284 -64.49 39.63 69.92
C PRO F 1284 -63.73 40.96 69.85
N PHE F 1285 -63.39 41.49 71.03
CA PHE F 1285 -62.70 42.77 71.09
C PHE F 1285 -61.27 42.70 70.54
N GLN F 1286 -60.65 41.52 70.58
CA GLN F 1286 -59.29 41.37 70.08
C GLN F 1286 -59.25 41.06 68.59
N VAL F 1287 -60.40 40.83 67.98
CA VAL F 1287 -60.50 40.53 66.55
C VAL F 1287 -61.00 41.78 65.83
N PRO F 1288 -60.47 42.09 64.64
CA PRO F 1288 -60.96 43.27 63.91
C PRO F 1288 -62.46 43.19 63.64
N ALA F 1289 -63.13 44.34 63.74
CA ALA F 1289 -64.56 44.43 63.54
C ALA F 1289 -64.91 45.20 62.27
N GLN F 1290 -63.98 46.01 61.75
CA GLN F 1290 -64.21 46.71 60.50
C GLN F 1290 -63.94 45.83 59.30
N VAL F 1291 -63.28 44.69 59.50
CA VAL F 1291 -63.00 43.73 58.44
C VAL F 1291 -63.97 42.57 58.58
N PRO F 1292 -64.81 42.30 57.57
CA PRO F 1292 -65.74 41.17 57.67
C PRO F 1292 -65.01 39.84 57.82
N LEU F 1293 -65.61 38.93 58.59
CA LEU F 1293 -64.98 37.64 58.85
C LEU F 1293 -65.45 36.62 57.82
N PRO F 1294 -64.56 36.14 56.94
CA PRO F 1294 -64.97 35.14 55.95
C PRO F 1294 -64.82 33.72 56.47
N ASN F 1295 -64.15 33.55 57.61
CA ASN F 1295 -63.90 32.25 58.20
C ASN F 1295 -64.91 31.92 59.28
N ALA F 1296 -66.13 32.43 59.16
CA ALA F 1296 -67.17 32.19 60.16
C ALA F 1296 -68.34 31.46 59.52
N PRO F 1297 -68.72 30.28 60.02
CA PRO F 1297 -69.90 29.60 59.50
C PRO F 1297 -71.17 30.42 59.69
N LYS F 1298 -72.24 30.01 58.98
CA LYS F 1298 -73.48 30.76 58.99
C LYS F 1298 -74.19 30.72 60.34
N LEU F 1299 -73.88 29.71 61.16
CA LEU F 1299 -74.58 29.52 62.43
C LEU F 1299 -73.80 30.03 63.63
N LYS F 1300 -72.47 30.06 63.57
CA LYS F 1300 -71.65 30.41 64.72
C LYS F 1300 -70.20 30.62 64.32
N TYR F 1301 -69.44 31.30 65.17
CA TYR F 1301 -67.99 31.37 65.05
C TYR F 1301 -67.38 31.00 66.40
N GLU F 1302 -66.54 29.97 66.38
CA GLU F 1302 -65.87 29.49 67.58
C GLU F 1302 -64.51 30.15 67.70
N TYR F 1303 -64.37 31.10 68.62
CA TYR F 1303 -63.11 31.78 68.87
C TYR F 1303 -62.27 30.93 69.81
N ASN F 1304 -61.20 30.34 69.28
CA ASN F 1304 -60.34 29.45 70.05
C ASN F 1304 -59.29 30.18 70.86
N GLY F 1305 -59.24 31.52 70.78
CA GLY F 1305 -58.30 32.28 71.56
C GLY F 1305 -58.56 32.13 73.05
N SER F 1306 -57.48 32.12 73.83
CA SER F 1306 -57.59 31.93 75.27
C SER F 1306 -58.10 33.21 75.93
N ILE F 1307 -59.16 33.07 76.73
CA ILE F 1307 -59.75 34.18 77.46
C ILE F 1307 -59.87 33.77 78.92
N VAL F 1308 -59.32 34.60 79.81
CA VAL F 1308 -59.40 34.39 81.25
C VAL F 1308 -60.18 35.54 81.86
N ILE F 1309 -61.29 35.22 82.52
CA ILE F 1309 -62.16 36.23 83.10
C ILE F 1309 -61.68 36.56 84.50
N THR F 1310 -61.23 37.79 84.70
CA THR F 1310 -60.81 38.25 86.01
C THR F 1310 -62.03 38.43 86.92
N PRO F 1311 -61.86 38.29 88.23
CA PRO F 1311 -63.01 38.47 89.14
C PRO F 1311 -63.49 39.91 89.21
N GLN F 1312 -62.74 40.85 88.62
CA GLN F 1312 -63.15 42.25 88.59
C GLN F 1312 -64.01 42.57 87.38
N GLN F 1313 -64.31 41.58 86.54
CA GLN F 1313 -65.06 41.79 85.31
C GLN F 1313 -66.40 41.08 85.39
N GLN F 1314 -67.49 41.85 85.24
CA GLN F 1314 -68.82 41.28 85.13
C GLN F 1314 -69.45 41.59 83.78
N VAL F 1315 -68.73 42.30 82.90
CA VAL F 1315 -69.21 42.64 81.58
C VAL F 1315 -68.15 42.26 80.56
N LEU F 1316 -68.58 41.73 79.42
CA LEU F 1316 -67.69 41.32 78.34
C LEU F 1316 -67.81 42.34 77.22
N LYS F 1317 -66.69 42.91 76.81
CA LYS F 1317 -66.69 43.92 75.75
C LYS F 1317 -66.60 43.23 74.39
N ILE F 1318 -67.65 43.37 73.57
CA ILE F 1318 -67.70 42.78 72.25
C ILE F 1318 -68.06 43.86 71.23
N TYR F 1319 -67.88 43.54 69.95
CA TYR F 1319 -68.23 44.45 68.89
C TYR F 1319 -69.41 43.92 68.09
N VAL F 1320 -70.37 44.81 67.82
CA VAL F 1320 -71.51 44.51 66.97
C VAL F 1320 -71.36 45.33 65.71
N THR F 1321 -71.14 44.66 64.57
CA THR F 1321 -70.94 45.33 63.30
C THR F 1321 -72.21 45.27 62.46
N SER F 1322 -72.63 46.42 61.95
CA SER F 1322 -73.83 46.54 61.14
C SER F 1322 -73.46 47.04 59.75
N ILE F 1323 -73.87 46.28 58.73
CA ILE F 1323 -73.67 46.69 57.35
C ILE F 1323 -74.86 47.50 56.84
N LEU F 1324 -76.06 47.16 57.28
CA LEU F 1324 -77.28 47.88 56.95
C LEU F 1324 -77.85 48.49 58.23
N PRO F 1325 -78.66 49.55 58.11
CA PRO F 1325 -79.15 50.24 59.31
C PRO F 1325 -79.92 49.31 60.25
N TYR F 1326 -79.72 49.52 61.55
CA TYR F 1326 -80.30 48.67 62.59
C TYR F 1326 -81.02 49.53 63.62
N PRO F 1327 -82.30 49.89 63.40
CA PRO F 1327 -82.95 50.84 64.30
C PRO F 1327 -83.57 50.22 65.55
N GLN F 1328 -83.95 48.94 65.50
CA GLN F 1328 -84.68 48.34 66.61
C GLN F 1328 -83.72 47.78 67.65
N GLU F 1329 -84.23 47.63 68.87
CA GLU F 1329 -83.46 47.16 70.01
C GLU F 1329 -83.43 45.63 70.05
N PHE F 1330 -82.50 45.09 70.85
CA PHE F 1330 -82.35 43.65 70.97
C PHE F 1330 -81.65 43.36 72.29
N GLN F 1331 -81.12 42.14 72.42
CA GLN F 1331 -80.30 41.78 73.57
C GLN F 1331 -79.30 40.72 73.14
N ILE F 1332 -78.25 40.59 73.95
CA ILE F 1332 -77.28 39.52 73.79
C ILE F 1332 -77.51 38.56 74.94
N GLN F 1333 -77.85 37.32 74.62
CA GLN F 1333 -78.00 36.28 75.63
C GLN F 1333 -76.73 35.44 75.69
N ALA F 1334 -76.24 35.24 76.91
CA ALA F 1334 -75.05 34.46 77.18
C ALA F 1334 -75.46 33.14 77.81
N PHE F 1335 -75.16 32.05 77.10
CA PHE F 1335 -75.39 30.70 77.60
C PHE F 1335 -74.04 30.10 77.95
N VAL F 1336 -73.83 29.80 79.21
CA VAL F 1336 -72.58 29.23 79.71
C VAL F 1336 -72.77 27.73 79.87
N TYR F 1337 -71.86 26.96 79.25
CA TYR F 1337 -71.82 25.52 79.36
C TYR F 1337 -70.48 25.15 79.98
N GLU F 1338 -70.43 24.01 80.66
CA GLU F 1338 -69.15 23.50 81.14
C GLU F 1338 -68.33 23.00 79.96
N ALA F 1339 -67.00 23.06 80.09
CA ALA F 1339 -66.13 22.63 79.02
C ALA F 1339 -66.33 21.16 78.68
N SER F 1340 -66.63 20.34 79.69
CA SER F 1340 -66.92 18.93 79.44
C SER F 1340 -68.30 18.74 78.83
N GLN F 1341 -69.23 19.65 79.10
CA GLN F 1341 -70.60 19.56 78.59
C GLN F 1341 -70.76 20.23 77.23
N PHE F 1342 -69.69 20.76 76.67
CA PHE F 1342 -69.72 21.39 75.35
C PHE F 1342 -68.68 20.71 74.46
N ASN F 1343 -69.10 20.32 73.26
CA ASN F 1343 -68.23 19.67 72.29
C ASN F 1343 -67.62 20.76 71.42
N VAL F 1344 -66.39 21.17 71.73
CA VAL F 1344 -65.72 22.22 70.96
C VAL F 1344 -65.32 21.72 69.58
N HIS F 1345 -65.20 20.41 69.39
CA HIS F 1345 -64.83 19.87 68.08
C HIS F 1345 -65.91 20.12 67.05
N THR F 1346 -67.17 19.93 67.42
CA THR F 1346 -68.30 20.14 66.52
C THR F 1346 -69.02 21.47 66.74
N GLY F 1347 -68.78 22.14 67.86
CA GLY F 1347 -69.42 23.41 68.13
C GLY F 1347 -70.88 23.30 68.52
N SER F 1348 -71.36 22.09 68.82
CA SER F 1348 -72.75 21.89 69.20
C SER F 1348 -72.83 21.55 70.68
N PRO F 1349 -73.75 22.16 71.42
CA PRO F 1349 -73.87 21.84 72.85
C PRO F 1349 -74.44 20.44 73.05
N THR F 1350 -73.77 19.67 73.91
CA THR F 1350 -74.17 18.32 74.22
C THR F 1350 -75.09 18.24 75.43
N ALA F 1351 -75.42 19.38 76.03
CA ALA F 1351 -76.29 19.42 77.21
C ALA F 1351 -76.88 20.82 77.34
N ALA F 1352 -77.85 20.94 78.23
CA ALA F 1352 -78.45 22.23 78.51
C ALA F 1352 -77.43 23.17 79.13
N PRO F 1353 -77.54 24.48 78.91
CA PRO F 1353 -76.58 25.42 79.50
C PRO F 1353 -76.58 25.34 81.02
N VAL F 1354 -75.38 25.41 81.61
CA VAL F 1354 -75.31 25.40 83.07
C VAL F 1354 -75.64 26.77 83.64
N TYR F 1355 -75.61 27.82 82.82
CA TYR F 1355 -76.08 29.12 83.26
C TYR F 1355 -76.57 29.92 82.07
N PHE F 1356 -77.49 30.85 82.34
CA PHE F 1356 -78.01 31.75 81.31
C PHE F 1356 -78.06 33.17 81.87
N SER F 1357 -77.79 34.13 81.00
CA SER F 1357 -77.85 35.54 81.35
C SER F 1357 -78.21 36.34 80.12
N TYR F 1358 -78.62 37.59 80.33
CA TYR F 1358 -79.02 38.45 79.23
C TYR F 1358 -78.51 39.86 79.46
N SER F 1359 -78.29 40.57 78.36
CA SER F 1359 -77.89 41.99 78.40
C SER F 1359 -78.67 42.71 77.31
N ALA F 1360 -79.58 43.59 77.72
CA ALA F 1360 -80.41 44.31 76.75
C ALA F 1360 -79.62 45.42 76.08
N VAL F 1361 -79.46 45.31 74.76
CA VAL F 1361 -78.73 46.29 73.96
C VAL F 1361 -79.77 47.11 73.20
N ARG F 1362 -79.92 48.37 73.59
CA ARG F 1362 -80.78 49.30 72.89
C ARG F 1362 -79.97 49.95 71.77
N ALA F 1363 -80.39 49.73 70.53
CA ALA F 1363 -79.64 50.19 69.37
C ALA F 1363 -79.66 51.71 69.29
N TYR F 1364 -78.57 52.33 69.72
CA TYR F 1364 -78.40 53.77 69.63
C TYR F 1364 -77.01 54.08 69.08
N PRO F 1365 -76.86 55.16 68.32
CA PRO F 1365 -75.53 55.54 67.82
C PRO F 1365 -74.60 55.92 68.95
N ALA F 1366 -73.30 55.65 68.76
CA ALA F 1366 -72.30 56.03 69.74
C ALA F 1366 -71.80 57.45 69.45
N LEU F 1367 -71.35 57.66 68.21
CA LEU F 1367 -70.95 58.98 67.75
C LEU F 1367 -72.13 59.75 67.18
N GLY F 1368 -71.93 60.48 66.09
CA GLY F 1368 -73.00 61.19 65.41
C GLY F 1368 -74.21 60.32 65.15
N ILE F 1369 -75.39 60.90 65.38
CA ILE F 1369 -76.65 60.18 65.23
C ILE F 1369 -76.87 59.87 63.76
N GLY F 1370 -77.18 58.62 63.45
CA GLY F 1370 -77.42 58.19 62.09
C GLY F 1370 -76.17 57.82 61.32
N THR F 1371 -75.12 58.63 61.40
CA THR F 1371 -73.87 58.37 60.69
C THR F 1371 -72.76 57.91 61.62
N SER F 1372 -73.09 57.23 62.71
CA SER F 1372 -72.08 56.77 63.65
C SER F 1372 -71.26 55.64 63.07
N VAL F 1373 -70.32 55.13 63.84
CA VAL F 1373 -69.46 54.02 63.43
C VAL F 1373 -70.34 52.79 63.23
N PRO F 1374 -70.14 52.02 62.16
CA PRO F 1374 -70.89 50.76 62.00
C PRO F 1374 -70.60 49.72 63.07
N ASN F 1375 -69.70 50.02 64.00
CA ASN F 1375 -69.35 49.11 65.09
C ASN F 1375 -69.84 49.71 66.40
N LEU F 1376 -70.52 48.91 67.20
CA LEU F 1376 -71.00 49.30 68.52
C LEU F 1376 -70.29 48.45 69.57
N LEU F 1377 -69.74 49.12 70.59
CA LEU F 1377 -69.08 48.43 71.69
C LEU F 1377 -70.12 48.03 72.72
N VAL F 1378 -70.41 46.73 72.81
CA VAL F 1378 -71.46 46.21 73.67
C VAL F 1378 -70.82 45.58 74.90
N TYR F 1379 -71.24 46.04 76.08
CA TYR F 1379 -70.85 45.44 77.34
C TYR F 1379 -71.89 44.39 77.72
N VAL F 1380 -71.68 43.16 77.28
CA VAL F 1380 -72.58 42.05 77.59
C VAL F 1380 -72.49 41.82 79.09
N GLN F 1381 -73.57 42.14 79.81
CA GLN F 1381 -73.61 41.98 81.25
C GLN F 1381 -74.10 40.60 81.63
N LEU F 1382 -73.83 40.20 82.87
CA LEU F 1382 -74.30 38.93 83.41
C LEU F 1382 -75.08 39.16 84.69
N GLN F 1383 -76.26 38.53 84.81
CA GLN F 1383 -77.08 38.68 86.02
C GLN F 1383 -76.52 37.84 87.16
N GLY F 1384 -75.28 38.11 87.53
CA GLY F 1384 -74.60 37.35 88.56
C GLY F 1384 -73.51 36.43 88.02
N ILE F 1385 -72.25 36.86 88.11
CA ILE F 1385 -71.16 36.01 87.63
C ILE F 1385 -70.64 35.11 88.74
N SER F 1386 -70.96 35.42 90.00
CA SER F 1386 -70.56 34.56 91.10
C SER F 1386 -71.32 33.24 91.10
N ASN F 1387 -72.42 33.16 90.33
CA ASN F 1387 -73.17 31.92 90.24
C ASN F 1387 -72.38 30.79 89.59
N LEU F 1388 -71.44 31.12 88.71
CA LEU F 1388 -70.62 30.11 88.07
C LEU F 1388 -69.31 29.91 88.82
N PRO F 1389 -69.05 28.69 89.30
CA PRO F 1389 -67.78 28.42 89.97
C PRO F 1389 -66.61 28.57 89.01
N ALA F 1390 -65.43 28.83 89.58
CA ALA F 1390 -64.22 28.99 88.78
C ALA F 1390 -63.88 27.69 88.06
N GLY F 1391 -63.52 27.81 86.79
CA GLY F 1391 -63.16 26.64 86.01
C GLY F 1391 -63.14 26.96 84.53
N LYS F 1392 -63.23 25.90 83.73
CA LYS F 1392 -63.26 26.02 82.28
C LYS F 1392 -64.70 25.97 81.78
N TYR F 1393 -65.00 26.85 80.82
CA TYR F 1393 -66.36 27.03 80.33
C TYR F 1393 -66.34 27.36 78.84
N VAL F 1394 -67.49 27.18 78.22
CA VAL F 1394 -67.75 27.63 76.85
C VAL F 1394 -68.96 28.57 76.90
N ILE F 1395 -68.77 29.79 76.43
CA ILE F 1395 -69.79 30.83 76.52
C ILE F 1395 -70.29 31.17 75.12
N VAL F 1396 -71.59 31.04 74.91
CA VAL F 1396 -72.21 31.32 73.62
C VAL F 1396 -73.01 32.60 73.74
N LEU F 1397 -72.65 33.60 72.94
CA LEU F 1397 -73.38 34.85 72.84
C LEU F 1397 -74.27 34.84 71.60
N SER F 1398 -75.56 35.05 71.81
CA SER F 1398 -76.54 34.98 70.73
C SER F 1398 -77.40 36.23 70.75
N ALA F 1399 -77.67 36.78 69.57
CA ALA F 1399 -78.51 37.97 69.49
C ALA F 1399 -79.99 37.58 69.48
N VAL F 1400 -80.69 37.95 70.55
CA VAL F 1400 -82.11 37.69 70.67
C VAL F 1400 -82.84 39.03 70.59
N PRO F 1401 -83.68 39.26 69.59
CA PRO F 1401 -84.23 40.59 69.37
C PRO F 1401 -85.50 40.85 70.18
N PHE F 1402 -85.72 42.12 70.47
CA PHE F 1402 -86.87 42.58 71.26
C PHE F 1402 -87.80 43.44 70.41
N ALA F 1403 -89.10 43.34 70.69
CA ALA F 1403 -90.11 44.26 70.18
C ALA F 1403 -90.05 44.41 68.66
N GLY F 1404 -90.40 43.34 67.94
CA GLY F 1404 -90.34 43.38 66.49
C GLY F 1404 -89.04 42.87 65.91
N GLY F 1405 -88.65 41.65 66.26
CA GLY F 1405 -87.34 41.11 65.97
C GLY F 1405 -86.87 41.30 64.55
N PRO F 1406 -85.85 42.12 64.37
CA PRO F 1406 -85.28 42.34 63.04
C PRO F 1406 -84.42 41.17 62.58
N VAL F 1407 -83.80 41.32 61.42
CA VAL F 1407 -82.95 40.29 60.84
C VAL F 1407 -81.50 40.59 61.17
N LEU F 1408 -80.73 39.54 61.45
CA LEU F 1408 -79.33 39.68 61.85
C LEU F 1408 -78.53 38.44 61.43
N SER F 1409 -77.32 38.33 62.00
CA SER F 1409 -76.60 37.07 62.15
C SER F 1409 -76.19 36.35 60.87
N GLU F 1410 -75.25 36.92 60.11
CA GLU F 1410 -74.45 36.12 59.18
C GLU F 1410 -72.96 36.36 59.41
N TYR F 1411 -72.19 35.26 59.47
CA TYR F 1411 -70.74 35.30 59.58
C TYR F 1411 -70.28 36.22 60.71
N PRO F 1412 -70.55 35.88 61.96
CA PRO F 1412 -71.26 34.69 62.45
C PRO F 1412 -72.69 34.97 62.87
N ALA F 1413 -73.43 33.92 63.25
CA ALA F 1413 -74.73 34.10 63.88
C ALA F 1413 -74.62 34.09 65.41
N GLN F 1414 -73.67 33.33 65.94
CA GLN F 1414 -73.41 33.28 67.37
C GLN F 1414 -71.91 33.40 67.60
N LEU F 1415 -71.52 33.86 68.77
CA LEU F 1415 -70.11 34.02 69.13
C LEU F 1415 -69.81 33.04 70.26
N ILE F 1416 -69.04 32.00 69.96
CA ILE F 1416 -68.81 30.91 70.91
C ILE F 1416 -67.35 31.00 71.36
N PHE F 1417 -67.14 31.46 72.59
CA PHE F 1417 -65.84 31.40 73.24
C PHE F 1417 -65.68 30.02 73.85
N THR F 1418 -64.85 29.18 73.23
CA THR F 1418 -64.73 27.78 73.63
C THR F 1418 -63.66 27.55 74.71
N ASN F 1419 -62.92 28.58 75.10
CA ASN F 1419 -61.84 28.42 76.06
C ASN F 1419 -61.93 29.44 77.18
N VAL F 1420 -63.14 29.65 77.72
CA VAL F 1420 -63.35 30.58 78.82
C VAL F 1420 -62.74 30.00 80.08
N THR F 1421 -61.95 30.79 80.79
CA THR F 1421 -61.35 30.39 82.06
C THR F 1421 -61.82 31.36 83.13
N LEU F 1422 -62.88 30.99 83.85
CA LEU F 1422 -63.40 31.84 84.90
C LEU F 1422 -62.59 31.65 86.18
N THR F 1423 -61.99 32.73 86.66
CA THR F 1423 -61.18 32.73 87.87
C THR F 1423 -61.72 33.76 88.84
N GLN F 1424 -61.93 33.36 90.09
CA GLN F 1424 -62.41 34.26 91.12
C GLN F 1424 -61.56 34.15 92.37
#